data_8GN0
#
_entry.id   8GN0
#
_cell.length_a   121.223
_cell.length_b   228.205
_cell.length_c   286.997
_cell.angle_alpha   90.000
_cell.angle_beta   90.000
_cell.angle_gamma   90.000
#
_symmetry.space_group_name_H-M   'P 21 21 21'
#
loop_
_entity.id
_entity.type
_entity.pdbx_description
1 polymer 'Photosystem II protein D1'
2 polymer 'Photosystem II CP47 reaction center protein'
3 polymer 'Photosystem II CP43 reaction center protein'
4 polymer 'Photosystem II D2 protein'
5 polymer 'Cytochrome b559 subunit alpha'
6 polymer 'Cytochrome b559 subunit beta'
7 polymer 'Photosystem II reaction center protein H'
8 polymer 'Photosystem II reaction center protein I'
9 polymer 'Photosystem II reaction center protein J'
10 polymer 'Photosystem II reaction center protein K'
11 polymer 'Photosystem II reaction center protein L'
12 polymer 'Photosystem II reaction center protein M'
13 polymer 'Photosystem II manganese-stabilizing polypeptide'
14 polymer 'Photosystem II reaction center protein T'
15 polymer 'Photosystem II 12 kDa extrinsic protein'
16 polymer 'Cytochrome c-550'
17 polymer 'Photosystem II reaction center protein Ycf12'
18 polymer 'Photosystem II reaction center protein X'
19 polymer 'Photosystem II reaction center protein Z'
20 non-polymer 'CA-MN4-O5 CLUSTER'
21 non-polymer 'FE (II) ION'
22 non-polymer 'CHLORIDE ION'
23 non-polymer 'CHLOROPHYLL A'
24 non-polymer 'PHEOPHYTIN A'
25 non-polymer BETA-CAROTENE
26 non-polymer 1,2-DI-O-ACYL-3-O-[6-DEOXY-6-SULFO-ALPHA-D-GLUCOPYRANOSYL]-SN-GLYCEROL
27 non-polymer 1,2-DISTEAROYL-MONOGALACTOSYL-DIGLYCERIDE
28 non-polymer DODECYL-BETA-D-MALTOSIDE
29 non-polymer GLYCEROL
30 non-polymer 'UNKNOWN LIGAND'
31 non-polymer 2,6-bis(chloranyl)cyclohexa-2,5-diene-1,4-dione
32 non-polymer 'BICARBONATE ION'
33 non-polymer 2,3-DIMETHYL-5-(3,7,11,15,19,23,27,31,35-NONAMETHYL-2,6,10,14,18,22,26,30,34-HEXATRIACONTANONAENYL-2,5-CYCLOHEXADIENE-1,4-DIONE-2,3-DIMETHYL-5-SOLANESYL-1,4-BENZOQUINONE
34 non-polymer 'DIMETHYL SULFOXIDE'
35 non-polymer 'CALCIUM ION'
36 non-polymer 'heptyl 1-thio-beta-D-glucopyranoside'
37 non-polymer 'DIGALACTOSYL DIACYL GLYCEROL (DGDG)'
38 non-polymer 1,2-DIPALMITOYL-PHOSPHATIDYL-GLYCEROLE
39 non-polymer 'PROTOPORPHYRIN IX CONTAINING FE'
40 non-polymer (3R)-beta,beta-caroten-3-ol
41 non-polymer 'MAGNESIUM ION'
42 non-polymer 'HEME C'
43 water water
#
loop_
_entity_poly.entity_id
_entity_poly.type
_entity_poly.pdbx_seq_one_letter_code
_entity_poly.pdbx_strand_id
1 'polypeptide(L)'
;MTTTLQRRESANLWERFCNWVTSTDNRLYVGWFGVIMIPTLLAATICFVIAFIAAPPVDIDGIREPVSGSLLYGNNIITG
AVVPSSNAIGLHFYPIWEAASLDEWLYNGGPYQLIIFHFLLGASCYMGRQWELSYRLGMRPWICVAYSAPLASAFAVFLI
YPIGQGSFSDGMPLGISGTFNFMIVFQAEHNILMHPFHQLGVAGVFGGALFCAMHGSLVTSSLIRETTETESANYGYKFG
QEEETYNIVAAHGYFGRLIFQYASFNNSRSLHFFLAAWPVVGVWFAALGISTMAFNLNGFNFNHSVIDAKGNVINTWADI
INRANLGMEVMHERNAHNFPLDLA
;
A,a
2 'polypeptide(L)'
;GLPWYRVHTVLINDPGRLIAAHLMHTALVAGWAGSMALYELATFDPSDPVLNPMWRQGMFVLPFMARLGVTGSWSGWSIT
GETGIDPGFWSFEGVALAHIVLSGLLFLAACWHWVYWDLELFRDPRTGEPALDLPKMFGIHLFLAGLLCFGFGAFHLTGL
FGPGMWVSDPYGLTGSVQPVAPEWGPDGFNPYNPGGVVAHHIAAGIVGIIAGLFHILVRPPQRLYKALRMGNIETVLSSS
IAAVFFAAFVVAGTMWYGSATTPIELFGPTRYQWDSSYFQQEINRRVQASLASGATLEEAWSAIPEKLAFYDYIGNNPAK
GGLFRTGPMNKGDGIAQAWKGHAVFRNKEGEELFVRRMPAFFESFPVILTDKNGVVKADIPFRRAESKYSFEQQGVTVSF
YGGELNGQTFTDPPTVKSYARKAIFGEIFEFDTETLNSDGIFRTSPRGWFTFAHAVFALLFFFGHIWHGARTLFRDVFSG
IDPELSPEQVEWGFYQKVGDVTTRK
;
B,b
3 'polypeptide(L)'
;NSIFATNRDQESSGFAWWAGNARLINLSGKLLGAHVAHAGLIVFWAGAMTLFELAHFIPEKPMYEQGLILIPHIATLGWG
VGPGGEVVDTFPFFVVGVVHLISSAVLGFGGVYHAIRGPETLEEYSSFFGYDWKDKNKMTTILGFHLIVLGIGALLLVAK
AMFFGGLYDTWAPGGGDVRVITNPTLDPRVIFGYLLKSPFGGEGWIVSVNNLEDVVGGHIWIGLICIAGGIWHILTTPFG
WARRAFIWSGEAYLSYSLGALSMMGFIATCFVWFNNTVYPSEFYGPTGPEASQAQAMTFLIRDQKLGANVGSAQGPTGLG
KYLMRSPTGEIIFGGETMRFWDFRGPWLEPLRGPNGLDLNKIKNDIQPWQERRAAEYMTHAPLGSLNSVGGVATEINSVN
FVSPRSWLATSHFVLAFFFLVGHLWHAGRARAAAAGFEKGIDRESEPVLSMPSLD
;
C,c
4 'polypeptide(L)'
;ERGWFDILDDWLKRDRFVFVGWSGILLFPCAYLALGGWLTGTTFVTSWYTHGLASSYLEGCNFLTVAVSTPANSMGHSLL
LLWGPEAQGDFTRWCQLGGLWTFIALHGAFGLIGFMLRQFEIARLVGVRPYNAIAFSAPIAVFVSVFLIYPLGQSSWFFA
PSFGVAAIFRFLLFFQGFHNWTLNPFHMMGVAGVLGGALLCAIHGATVENTLFQDGEGASTFRAFNPTQAEETYSMVTAN
RFWSQIFGIAFSNKRWLHFFMLFVPVTGLWMSAIGVVGLALNLRSYDFISQEIRAAEDPEFETFYTKNLLLNEGIRAWMA
PQDQP(HSK)ENFVFPEEVLPRGNAL
;
D,d
5 'polypeptide(L)'
;AGTTGERPFSDIITSVRYWVIHSITIPALFIAGWLFVSTGLAYDVFGTPRPDSYYAQEQRSIPLVTDRFEAKQQVETFLE
QLK
;
E,e
6 'polypeptide(L)' TSNTPNQEPVSYPIFTVRWVAVHTLAVPTIFFLGAIAAMQFIQR F,f
7 'polypeptide(L)' ARRTWLGDILRPLNSEYGKVAPGWGTTPLMAVFMGLFLVFLLIILEIYNSTLILDGVNVSWKA H,h
8 'polypeptide(L)' (FME)ETLKITVYIVVTFFVLLFVFGFLSGDPARNPKRKDLE I,i
9 'polypeptide(L)' MMSEGGRIPLWIVATVAGMGVIVIVGLFFYGAYAGLGSSL J,j
10 'polypeptide(L)' KLPEAYAIFDPLVDVLPVIPVLFLALAFVWQAAVGFR K,k
11 'polypeptide(L)' MEPNPNRQPVELNRTSLYLGLLLILVLALLFSSYFFN L,l
12 'polypeptide(L)' (FME)EVNQLGLIATALFVLVPSVFLIILYVQTESQQKSS M,m
13 'polypeptide(L)'
;QTLTYDDIVGTGLANKCPTLDDTARGAYPIDSSQTYRIARLCLQPTTFLVKEEPKNKRQEAEFVPTKLVTRETTSLDQIQ
GELKVNSDGSLTFVEEDGIDFQPVTVQMAGGERIPLLFTVKNLVASTQPNVTSITTSTDFKGEFNVPSYRTANFLDPKGR
GLASGYDSAIALPQAKEEELARANVKRFSLTKGQISLNVAKVDGRTGEIAGTFESEQLSDDDMGAHEPHEVKIQGVFYAS
IEPA
;
O,o
14 'polypeptide(L)' (FME)ETITYVFIFACIIALFFFAIFFREPPRITKK T,t
15 'polypeptide(L)'
;ATASTEEELVNVVDEKLGTAYGEKIDLNNTNIAAFIQYRGLYPTLAKLIVKNAPYESVEDVLNIPGLTERQKQILRENLE
HFTVTEVETALVEGGDRYNNGLYK
;
U,u
16 'polypeptide(L)'
;AELTPEVLTVPLNSEGKTITLTEKQYLEGKRLFQYACASCHVGGITKTNPSLDLRTETLALATPPRDNIEGLVDYMKNPT
TYDGEQEIAEVHPSLRSADIFPKMRNLTEKDLVAIAGHILVEPKILGDKWGGGKVYY
;
V,v
17 'polypeptide(L)' EVIAQLTMIAMIGIAGPMIIFLLAVRRGNL Y,y
18 'polypeptide(L)' TITPSLKGFFIGLLSGAVVLGLTFAVLIAISQIDKVQRSL X,x
19 'polypeptide(L)' (FME)TILFQLALAALVILSFVMVIGVPVAYASPQDWDRSKQLIFLGSGLWIALVLVVGVLNFFVV Z,z
#
loop_
_chem_comp.id
_chem_comp.type
_chem_comp.name
_chem_comp.formula
BCR non-polymer BETA-CAROTENE 'C40 H56'
BCT non-polymer 'BICARBONATE ION' 'C H O3 -1'
CA non-polymer 'CALCIUM ION' 'Ca 2'
CL non-polymer 'CHLORIDE ION' 'Cl -1'
CLA non-polymer 'CHLOROPHYLL A' 'C55 H72 Mg N4 O5'
DGD saccharide 'DIGALACTOSYL DIACYL GLYCEROL (DGDG)' 'C51 H96 O15'
DMS non-polymer 'DIMETHYL SULFOXIDE' 'C2 H6 O S'
FE2 non-polymer 'FE (II) ION' 'Fe 2'
GOL non-polymer GLYCEROL 'C3 H8 O3'
HEC non-polymer 'HEME C' 'C34 H34 Fe N4 O4'
HEM non-polymer 'PROTOPORPHYRIN IX CONTAINING FE' 'C34 H32 Fe N4 O4'
HTG D-saccharide 'heptyl 1-thio-beta-D-glucopyranoside' 'C13 H26 O5 S'
JOX non-polymer 2,6-bis(chloranyl)cyclohexa-2,5-diene-1,4-dione 'C6 H2 Cl2 O2'
LHG non-polymer 1,2-DIPALMITOYL-PHOSPHATIDYL-GLYCEROLE 'C38 H75 O10 P'
LMG non-polymer 1,2-DISTEAROYL-MONOGALACTOSYL-DIGLYCERIDE 'C45 H86 O10'
LMT D-saccharide DODECYL-BETA-D-MALTOSIDE 'C24 H46 O11'
MG non-polymer 'MAGNESIUM ION' 'Mg 2'
OEX non-polymer 'CA-MN4-O5 CLUSTER' 'Ca Mn4 O5'
PHO non-polymer 'PHEOPHYTIN A' 'C55 H74 N4 O5'
PL9 non-polymer 2,3-DIMETHYL-5-(3,7,11,15,19,23,27,31,35-NONAMETHYL-2,6,10,14,18,22,26,30,34-HEXATRIACONTANONAENYL-2,5-CYCLOHEXADIENE-1,4-DIONE-2,3-DIMETHYL-5-SOLANESYL-1,4-BENZOQUINONE 'C53 H80 O2'
RRX non-polymer (3R)-beta,beta-caroten-3-ol 'C40 H56 O'
SQD non-polymer 1,2-DI-O-ACYL-3-O-[6-DEOXY-6-SULFO-ALPHA-D-GLUCOPYRANOSYL]-SN-GLYCEROL 'C41 H78 O12 S'
UNL non-polymer 'UNKNOWN LIGAND' ?
#
# COMPACT_ATOMS: atom_id res chain seq x y z
N ALA A 11 27.68 52.89 15.18
CA ALA A 11 27.09 53.82 16.14
C ALA A 11 26.78 53.11 17.45
N ASN A 12 25.94 53.75 18.27
CA ASN A 12 25.46 53.14 19.50
C ASN A 12 24.80 51.80 19.21
N LEU A 13 24.96 50.85 20.13
CA LEU A 13 24.47 49.50 19.87
C LEU A 13 22.94 49.46 19.81
N TRP A 14 22.25 50.21 20.68
CA TRP A 14 20.80 50.34 20.57
C TRP A 14 20.40 50.93 19.23
N GLU A 15 21.15 51.92 18.76
CA GLU A 15 20.84 52.56 17.48
C GLU A 15 21.05 51.59 16.32
N ARG A 16 22.07 50.73 16.41
CA ARG A 16 22.30 49.77 15.35
C ARG A 16 21.21 48.71 15.31
N PHE A 17 20.84 48.18 16.48
CA PHE A 17 19.74 47.22 16.56
C PHE A 17 18.43 47.88 16.15
N CYS A 18 18.17 49.08 16.65
CA CYS A 18 16.96 49.80 16.26
C CYS A 18 16.87 50.00 14.76
N ASN A 19 18.02 50.26 14.11
CA ASN A 19 18.02 50.47 12.67
C ASN A 19 17.76 49.16 11.91
N TRP A 20 18.28 48.04 12.40
CA TRP A 20 17.95 46.77 11.77
C TRP A 20 16.47 46.43 11.93
N VAL A 21 15.90 46.76 13.10
CA VAL A 21 14.52 46.34 13.37
C VAL A 21 13.57 47.02 12.40
N THR A 22 13.81 48.30 12.15
CA THR A 22 12.95 49.12 11.30
C THR A 22 13.45 49.20 9.86
N SER A 23 14.41 48.35 9.48
CA SER A 23 14.97 48.46 8.14
C SER A 23 13.95 48.03 7.09
N THR A 24 13.71 48.90 6.12
CA THR A 24 12.86 48.55 4.99
C THR A 24 13.58 47.70 3.95
N ASP A 25 14.82 47.27 4.24
CA ASP A 25 15.55 46.41 3.32
C ASP A 25 15.56 44.95 3.73
N ASN A 26 15.04 44.61 4.91
CA ASN A 26 14.94 43.20 5.29
C ASN A 26 13.97 42.48 4.37
N ARG A 27 14.33 41.26 3.99
CA ARG A 27 13.49 40.46 3.10
C ARG A 27 12.08 40.31 3.65
N LEU A 28 11.97 40.11 4.96
CA LEU A 28 10.71 40.17 5.69
C LEU A 28 10.81 41.32 6.69
N TYR A 29 9.83 42.21 6.67
CA TYR A 29 9.89 43.35 7.57
C TYR A 29 9.71 42.90 9.02
N VAL A 30 10.53 43.45 9.90
CA VAL A 30 10.40 43.16 11.32
C VAL A 30 9.54 44.24 11.97
N GLY A 31 10.15 45.35 12.36
CA GLY A 31 9.42 46.46 12.95
C GLY A 31 9.08 46.21 14.41
N TRP A 32 8.55 47.25 15.06
CA TRP A 32 8.29 47.14 16.49
C TRP A 32 7.14 46.19 16.79
N PHE A 33 6.06 46.25 16.01
CA PHE A 33 5.04 45.21 16.16
C PHE A 33 5.63 43.83 15.88
N GLY A 34 6.58 43.74 14.95
CA GLY A 34 7.19 42.46 14.62
C GLY A 34 7.95 41.87 15.79
N VAL A 35 8.47 42.72 16.68
CA VAL A 35 9.19 42.28 17.86
C VAL A 35 8.29 41.47 18.79
N ILE A 36 6.99 41.78 18.84
CA ILE A 36 6.04 40.97 19.59
C ILE A 36 5.48 39.85 18.72
N MET A 37 5.22 40.15 17.45
CA MET A 37 4.59 39.19 16.55
C MET A 37 5.39 37.91 16.41
N ILE A 38 6.70 38.04 16.18
CA ILE A 38 7.53 36.91 15.78
C ILE A 38 7.62 35.87 16.90
N PRO A 39 7.96 36.23 18.14
CA PRO A 39 7.99 35.18 19.18
C PRO A 39 6.62 34.59 19.51
N THR A 40 5.55 35.40 19.55
CA THR A 40 4.24 34.86 19.90
C THR A 40 3.71 33.94 18.80
N LEU A 41 3.88 34.32 17.53
CA LEU A 41 3.43 33.43 16.46
C LEU A 41 4.29 32.17 16.39
N LEU A 42 5.58 32.26 16.69
CA LEU A 42 6.41 31.05 16.71
C LEU A 42 5.98 30.11 17.85
N ALA A 43 5.77 30.65 19.04
CA ALA A 43 5.30 29.83 20.16
C ALA A 43 3.97 29.16 19.83
N ALA A 44 3.01 29.92 19.30
CA ALA A 44 1.70 29.33 18.98
C ALA A 44 1.83 28.28 17.88
N THR A 45 2.65 28.55 16.84
CA THR A 45 2.79 27.60 15.73
C THR A 45 3.41 26.30 16.21
N ILE A 46 4.49 26.40 17.00
CA ILE A 46 5.19 25.21 17.45
C ILE A 46 4.31 24.39 18.38
N CYS A 47 3.64 25.05 19.33
CA CYS A 47 2.76 24.29 20.22
C CYS A 47 1.64 23.62 19.42
N PHE A 48 1.05 24.35 18.47
CA PHE A 48 -0.04 23.80 17.66
C PHE A 48 0.39 22.56 16.89
N VAL A 49 1.55 22.62 16.21
CA VAL A 49 1.98 21.49 15.40
C VAL A 49 2.23 20.27 16.27
N ILE A 50 2.96 20.45 17.38
CA ILE A 50 3.24 19.33 18.29
C ILE A 50 1.95 18.76 18.87
N ALA A 51 1.04 19.64 19.32
CA ALA A 51 -0.21 19.17 19.92
C ALA A 51 -1.07 18.45 18.89
N PHE A 52 -1.16 19.01 17.68
CA PHE A 52 -1.99 18.40 16.65
C PHE A 52 -1.50 17.00 16.31
N ILE A 53 -0.19 16.77 16.39
CA ILE A 53 0.37 15.47 16.06
C ILE A 53 0.30 14.53 17.26
N ALA A 54 0.66 15.00 18.45
CA ALA A 54 0.96 14.08 19.54
C ALA A 54 0.19 14.28 20.86
N ALA A 55 -0.68 15.30 20.99
CA ALA A 55 -1.29 15.54 22.31
C ALA A 55 -2.27 14.42 22.68
N PRO A 56 -2.29 14.01 23.95
CA PRO A 56 -3.29 13.02 24.39
C PRO A 56 -4.67 13.64 24.53
N PRO A 57 -5.69 12.82 24.79
CA PRO A 57 -7.08 13.32 24.85
C PRO A 57 -7.31 14.35 25.96
N VAL A 58 -8.24 15.28 25.69
CA VAL A 58 -8.49 16.45 26.52
C VAL A 58 -9.93 16.43 27.03
N ASP A 59 -10.10 16.68 28.33
CA ASP A 59 -11.42 16.67 28.97
C ASP A 59 -12.12 18.02 28.76
N ILE A 60 -12.53 18.27 27.50
CA ILE A 60 -13.05 19.59 27.11
C ILE A 60 -14.22 20.02 28.00
N ASP A 61 -15.17 19.13 28.28
CA ASP A 61 -16.39 19.54 28.98
C ASP A 61 -16.31 19.33 30.48
N GLY A 62 -15.11 19.11 31.01
CA GLY A 62 -14.93 19.03 32.44
C GLY A 62 -15.64 17.88 33.11
N ILE A 63 -16.01 16.86 32.35
CA ILE A 63 -16.77 15.75 32.91
C ILE A 63 -15.97 14.44 32.87
N ARG A 64 -14.64 14.53 32.85
CA ARG A 64 -13.78 13.34 32.84
C ARG A 64 -14.13 12.43 31.66
N GLU A 65 -14.34 13.06 30.50
CA GLU A 65 -14.69 12.37 29.25
C GLU A 65 -13.75 12.90 28.16
N PRO A 66 -12.48 12.49 28.19
CA PRO A 66 -11.48 13.17 27.34
C PRO A 66 -11.68 12.87 25.87
N VAL A 67 -11.57 13.93 25.06
CA VAL A 67 -11.81 13.87 23.62
C VAL A 67 -10.46 13.81 22.93
N SER A 68 -10.29 12.84 22.03
CA SER A 68 -9.02 12.69 21.33
C SER A 68 -8.94 13.65 20.15
N GLY A 69 -7.93 14.51 20.15
CA GLY A 69 -7.69 15.42 19.03
C GLY A 69 -6.53 15.11 18.08
N SER A 70 -5.48 14.40 18.52
CA SER A 70 -4.23 14.36 17.76
C SER A 70 -4.14 13.16 16.78
N LEU A 71 -3.25 13.31 15.79
CA LEU A 71 -3.04 12.25 14.80
C LEU A 71 -2.62 10.93 15.43
N LEU A 72 -1.63 10.97 16.35
CA LEU A 72 -1.12 9.74 16.93
C LEU A 72 -2.15 9.03 17.80
N TYR A 73 -3.15 9.75 18.31
CA TYR A 73 -4.21 9.14 19.11
C TYR A 73 -5.48 8.88 18.32
N GLY A 74 -5.35 8.61 17.02
CA GLY A 74 -6.44 8.07 16.25
C GLY A 74 -7.19 9.06 15.36
N ASN A 75 -6.63 10.23 15.08
CA ASN A 75 -7.32 11.19 14.24
C ASN A 75 -6.70 11.21 12.85
N ASN A 76 -7.45 11.72 11.88
CA ASN A 76 -6.92 12.07 10.58
C ASN A 76 -6.92 13.60 10.47
N ILE A 77 -6.57 14.11 9.29
CA ILE A 77 -6.47 15.56 9.11
C ILE A 77 -7.85 16.21 9.32
N ILE A 78 -8.92 15.53 8.91
CA ILE A 78 -10.26 16.11 8.98
C ILE A 78 -10.82 16.04 10.40
N THR A 79 -10.57 14.96 11.14
CA THR A 79 -11.14 14.85 12.48
C THR A 79 -10.25 15.49 13.54
N GLY A 80 -8.97 15.72 13.25
CA GLY A 80 -8.03 16.15 14.27
C GLY A 80 -8.25 17.58 14.72
N ALA A 81 -7.78 17.89 15.93
CA ALA A 81 -7.97 19.21 16.51
C ALA A 81 -7.01 19.37 17.68
N VAL A 82 -6.69 20.62 18.01
CA VAL A 82 -6.26 20.94 19.37
C VAL A 82 -7.54 21.31 20.15
N VAL A 83 -7.81 20.56 21.23
CA VAL A 83 -9.11 20.58 21.92
C VAL A 83 -9.14 21.70 22.96
N PRO A 84 -10.23 22.48 23.03
CA PRO A 84 -10.33 23.55 24.04
C PRO A 84 -10.15 23.07 25.47
N SER A 85 -9.74 23.99 26.35
CA SER A 85 -9.45 23.63 27.73
C SER A 85 -10.73 23.32 28.51
N SER A 86 -10.56 22.64 29.64
CA SER A 86 -11.65 22.01 30.40
C SER A 86 -12.67 23.02 30.89
N ASN A 87 -13.96 22.62 30.85
CA ASN A 87 -15.01 23.45 31.42
C ASN A 87 -14.81 23.68 32.91
N ALA A 88 -14.06 22.81 33.59
CA ALA A 88 -13.74 23.03 34.99
C ALA A 88 -12.86 24.26 35.19
N ILE A 89 -12.06 24.59 34.18
CA ILE A 89 -11.21 25.78 34.22
C ILE A 89 -12.04 27.05 34.00
N GLY A 90 -13.06 26.97 33.13
CA GLY A 90 -13.85 28.15 32.80
C GLY A 90 -12.99 29.20 32.11
N LEU A 91 -12.98 30.41 32.67
CA LEU A 91 -12.15 31.50 32.16
C LEU A 91 -10.88 31.68 32.96
N HIS A 92 -10.60 30.78 33.91
CA HIS A 92 -9.36 30.87 34.67
C HIS A 92 -8.16 30.78 33.75
N PHE A 93 -7.12 31.55 34.08
CA PHE A 93 -5.85 31.52 33.36
C PHE A 93 -5.08 30.26 33.75
N TYR A 94 -4.71 29.46 32.76
CA TYR A 94 -4.13 28.14 32.98
C TYR A 94 -2.82 27.99 32.20
N PRO A 95 -1.77 28.71 32.59
CA PRO A 95 -0.46 28.50 31.95
C PRO A 95 0.16 27.18 32.42
N ILE A 96 1.25 26.80 31.77
CA ILE A 96 1.92 25.54 32.13
C ILE A 96 2.29 25.53 33.61
N TRP A 97 2.74 26.66 34.15
CA TRP A 97 3.21 26.66 35.53
C TRP A 97 2.06 26.66 36.53
N GLU A 98 0.81 26.69 36.09
CA GLU A 98 -0.30 26.47 37.02
C GLU A 98 -0.58 24.99 37.26
N ALA A 99 -0.08 24.11 36.39
CA ALA A 99 -0.35 22.67 36.50
C ALA A 99 0.68 22.00 37.40
N ALA A 100 0.27 20.90 38.04
CA ALA A 100 1.22 20.14 38.84
C ALA A 100 2.25 19.41 37.99
N SER A 101 1.92 19.17 36.72
CA SER A 101 2.76 18.41 35.82
C SER A 101 2.25 18.65 34.41
N LEU A 102 3.13 18.38 33.43
CA LEU A 102 2.72 18.43 32.03
C LEU A 102 1.60 17.43 31.75
N ASP A 103 1.60 16.28 32.43
CA ASP A 103 0.51 15.32 32.26
C ASP A 103 -0.84 15.94 32.62
N GLU A 104 -0.88 16.64 33.76
CA GLU A 104 -2.11 17.32 34.14
C GLU A 104 -2.45 18.42 33.15
N TRP A 105 -1.44 19.22 32.77
CA TRP A 105 -1.63 20.32 31.82
C TRP A 105 -2.28 19.83 30.53
N LEU A 106 -1.83 18.69 30.02
CA LEU A 106 -2.36 18.15 28.77
C LEU A 106 -3.77 17.59 28.93
N TYR A 107 -4.04 16.88 30.03
CA TYR A 107 -5.37 16.36 30.27
C TYR A 107 -6.41 17.47 30.28
N ASN A 108 -6.04 18.63 30.82
CA ASN A 108 -7.00 19.72 31.02
C ASN A 108 -7.06 20.70 29.84
N GLY A 109 -6.34 20.43 28.76
CA GLY A 109 -6.43 21.30 27.59
C GLY A 109 -5.57 22.54 27.64
N GLY A 110 -4.49 22.51 28.41
CA GLY A 110 -3.53 23.58 28.46
C GLY A 110 -3.02 24.10 27.11
N PRO A 111 -2.67 23.21 26.18
CA PRO A 111 -2.14 23.72 24.89
C PRO A 111 -3.07 24.72 24.20
N TYR A 112 -4.39 24.49 24.28
CA TYR A 112 -5.35 25.38 23.61
C TYR A 112 -5.19 26.82 24.08
N GLN A 113 -5.14 27.04 25.40
CA GLN A 113 -4.98 28.40 25.90
C GLN A 113 -3.66 29.01 25.44
N LEU A 114 -2.57 28.27 25.58
CA LEU A 114 -1.27 28.77 25.12
C LEU A 114 -1.33 29.18 23.65
N ILE A 115 -1.93 28.33 22.80
CA ILE A 115 -1.98 28.65 21.38
C ILE A 115 -2.85 29.88 21.10
N ILE A 116 -4.10 29.89 21.60
CA ILE A 116 -4.98 30.98 21.20
C ILE A 116 -4.49 32.31 21.77
N PHE A 117 -3.89 32.33 22.96
CA PHE A 117 -3.46 33.61 23.50
C PHE A 117 -2.25 34.15 22.73
N HIS A 118 -1.26 33.30 22.43
CA HIS A 118 -0.13 33.75 21.62
C HIS A 118 -0.58 34.12 20.22
N PHE A 119 -1.51 33.34 19.64
CA PHE A 119 -1.98 33.65 18.29
C PHE A 119 -2.69 34.99 18.22
N LEU A 120 -3.62 35.25 19.16
CA LEU A 120 -4.38 36.50 19.11
C LEU A 120 -3.47 37.71 19.32
N LEU A 121 -2.50 37.60 20.24
CA LEU A 121 -1.53 38.67 20.40
CA LEU A 121 -1.51 38.66 20.40
C LEU A 121 -0.70 38.84 19.12
N GLY A 122 -0.18 37.73 18.59
CA GLY A 122 0.63 37.82 17.39
C GLY A 122 -0.15 38.35 16.20
N ALA A 123 -1.42 37.96 16.07
CA ALA A 123 -2.19 38.41 14.91
C ALA A 123 -2.58 39.88 15.04
N SER A 124 -2.86 40.35 16.26
CA SER A 124 -3.07 41.79 16.47
C SER A 124 -1.81 42.57 16.13
N CYS A 125 -0.64 42.02 16.47
CA CYS A 125 0.58 42.69 16.07
C CYS A 125 0.81 42.61 14.57
N TYR A 126 0.37 41.51 13.94
CA TYR A 126 0.38 41.43 12.48
C TYR A 126 -0.36 42.62 11.87
N MET A 127 -1.51 42.99 12.47
CA MET A 127 -2.28 44.13 11.99
C MET A 127 -1.52 45.44 12.17
N GLY A 128 -0.92 45.64 13.34
CA GLY A 128 -0.13 46.85 13.55
C GLY A 128 1.08 46.90 12.64
N ARG A 129 1.69 45.73 12.38
CA ARG A 129 2.82 45.64 11.47
C ARG A 129 2.43 46.09 10.06
N GLN A 130 1.22 45.72 9.61
CA GLN A 130 0.74 46.21 8.33
C GLN A 130 0.63 47.73 8.33
N TRP A 131 0.19 48.33 9.44
CA TRP A 131 0.23 49.80 9.48
C TRP A 131 1.67 50.29 9.41
N GLU A 132 2.55 49.66 10.18
CA GLU A 132 3.90 50.17 10.33
C GLU A 132 4.65 50.18 8.99
N LEU A 133 4.59 49.07 8.25
CA LEU A 133 5.33 49.04 6.99
C LEU A 133 4.73 50.02 5.98
N SER A 134 3.40 50.12 5.93
CA SER A 134 2.78 51.06 5.00
C SER A 134 3.26 52.49 5.25
N TYR A 135 3.44 52.84 6.52
CA TYR A 135 4.00 54.14 6.88
C TYR A 135 5.44 54.27 6.40
N ARG A 136 6.25 53.24 6.62
CA ARG A 136 7.64 53.27 6.21
C ARG A 136 7.79 53.37 4.69
N LEU A 137 6.89 52.76 3.93
CA LEU A 137 6.95 52.80 2.48
C LEU A 137 6.27 54.02 1.87
N GLY A 138 5.75 54.93 2.69
CA GLY A 138 5.06 56.10 2.20
C GLY A 138 3.71 55.81 1.58
N MET A 139 3.09 54.70 1.95
CA MET A 139 1.76 54.30 1.49
C MET A 139 0.68 54.95 2.34
N ARG A 140 -0.54 54.88 1.84
CA ARG A 140 -1.70 55.18 2.66
C ARG A 140 -1.96 54.01 3.61
N PRO A 141 -2.65 54.24 4.73
CA PRO A 141 -2.49 53.37 5.90
C PRO A 141 -3.50 52.25 6.10
N TRP A 142 -4.51 52.08 5.26
CA TRP A 142 -5.71 51.38 5.68
C TRP A 142 -5.77 49.90 5.27
N ILE A 143 -4.70 49.32 4.72
CA ILE A 143 -4.73 47.87 4.53
C ILE A 143 -4.99 47.16 5.86
N CYS A 144 -4.41 47.69 6.96
CA CYS A 144 -4.62 47.07 8.27
C CYS A 144 -6.09 47.11 8.70
N VAL A 145 -6.85 48.10 8.22
CA VAL A 145 -8.27 48.17 8.55
C VAL A 145 -9.03 47.05 7.83
N ALA A 146 -8.66 46.76 6.58
CA ALA A 146 -9.26 45.61 5.90
C ALA A 146 -8.99 44.32 6.65
N TYR A 147 -7.75 44.14 7.13
CA TYR A 147 -7.40 42.95 7.92
C TYR A 147 -8.14 42.89 9.26
N SER A 148 -8.62 44.02 9.79
CA SER A 148 -9.35 43.98 11.05
C SER A 148 -10.62 43.13 10.95
N ALA A 149 -11.14 42.90 9.74
CA ALA A 149 -12.34 42.07 9.61
C ALA A 149 -12.06 40.60 9.93
N PRO A 150 -11.14 39.91 9.24
CA PRO A 150 -10.84 38.55 9.68
C PRO A 150 -10.33 38.47 11.10
N LEU A 151 -9.51 39.44 11.53
CA LEU A 151 -8.98 39.40 12.90
C LEU A 151 -10.10 39.49 13.93
N ALA A 152 -11.04 40.44 13.76
CA ALA A 152 -12.18 40.53 14.66
C ALA A 152 -12.92 39.21 14.71
N SER A 153 -13.01 38.55 13.55
CA SER A 153 -13.70 37.27 13.51
C SER A 153 -12.98 36.23 14.36
N ALA A 154 -11.64 36.26 14.36
CA ALA A 154 -10.89 35.31 15.19
C ALA A 154 -11.06 35.64 16.67
N PHE A 155 -10.98 36.92 17.01
CA PHE A 155 -11.26 37.31 18.41
C PHE A 155 -12.63 36.84 18.84
N ALA A 156 -13.62 36.94 17.95
CA ALA A 156 -14.99 36.56 18.30
C ALA A 156 -15.06 35.09 18.72
N VAL A 157 -14.48 34.19 17.93
CA VAL A 157 -14.68 32.76 18.22
C VAL A 157 -13.67 32.19 19.23
N PHE A 158 -12.54 32.86 19.46
CA PHE A 158 -11.55 32.34 20.40
C PHE A 158 -11.56 33.05 21.74
N LEU A 159 -12.10 34.28 21.79
CA LEU A 159 -12.01 35.05 23.02
C LEU A 159 -13.38 35.60 23.47
N ILE A 160 -14.07 36.36 22.61
CA ILE A 160 -15.28 37.04 23.06
C ILE A 160 -16.36 36.01 23.41
N TYR A 161 -16.60 35.04 22.52
CA TYR A 161 -17.64 34.04 22.80
C TYR A 161 -17.33 33.26 24.08
N PRO A 162 -16.10 32.79 24.32
CA PRO A 162 -15.81 32.19 25.63
C PRO A 162 -16.11 33.11 26.82
N ILE A 163 -15.80 34.40 26.73
CA ILE A 163 -16.03 35.31 27.85
C ILE A 163 -17.52 35.39 28.16
N GLY A 164 -18.34 35.63 27.14
CA GLY A 164 -19.78 35.74 27.37
C GLY A 164 -20.38 34.48 27.95
N GLN A 165 -19.91 33.32 27.52
CA GLN A 165 -20.45 32.05 27.98
C GLN A 165 -19.75 31.53 29.23
N GLY A 166 -18.67 32.18 29.67
CA GLY A 166 -18.00 31.78 30.89
C GLY A 166 -16.98 30.66 30.80
N SER A 167 -16.52 30.27 29.59
CA SER A 167 -15.56 29.16 29.53
C SER A 167 -14.85 29.07 28.18
N PHE A 168 -13.53 28.89 28.24
CA PHE A 168 -12.79 28.61 27.01
C PHE A 168 -13.14 27.24 26.43
N SER A 169 -13.81 26.37 27.18
CA SER A 169 -14.31 25.13 26.59
C SER A 169 -15.35 25.37 25.52
N ASP A 170 -15.95 26.56 25.47
CA ASP A 170 -16.87 26.89 24.39
C ASP A 170 -16.23 27.74 23.30
N GLY A 171 -14.91 27.98 23.35
CA GLY A 171 -14.24 28.57 22.21
C GLY A 171 -14.14 27.59 21.04
N MET A 172 -13.93 28.12 19.86
CA MET A 172 -13.90 27.25 18.68
C MET A 172 -12.68 26.33 18.75
N PRO A 173 -12.86 25.02 18.54
CA PRO A 173 -11.69 24.13 18.54
C PRO A 173 -10.75 24.42 17.37
N LEU A 174 -9.47 24.10 17.57
CA LEU A 174 -8.46 24.30 16.52
C LEU A 174 -8.39 23.04 15.66
N GLY A 175 -9.44 22.84 14.85
CA GLY A 175 -9.51 21.69 13.98
C GLY A 175 -10.71 21.78 13.06
N ILE A 176 -10.69 20.92 12.04
CA ILE A 176 -11.68 21.00 10.96
C ILE A 176 -13.07 20.53 11.43
N SER A 177 -13.17 19.30 11.94
CA SER A 177 -14.46 18.81 12.44
C SER A 177 -14.86 19.54 13.70
N GLY A 178 -13.89 19.95 14.52
CA GLY A 178 -14.20 20.74 15.69
C GLY A 178 -14.86 22.06 15.31
N THR A 179 -14.45 22.64 14.18
CA THR A 179 -15.10 23.84 13.69
C THR A 179 -16.57 23.57 13.38
N PHE A 180 -16.85 22.46 12.70
CA PHE A 180 -18.24 22.12 12.40
C PHE A 180 -19.03 21.90 13.69
N ASN A 181 -18.42 21.28 14.70
CA ASN A 181 -19.09 21.08 15.98
C ASN A 181 -19.49 22.42 16.59
N PHE A 182 -18.55 23.37 16.61
CA PHE A 182 -18.84 24.71 17.11
C PHE A 182 -20.00 25.35 16.34
N MET A 183 -20.01 25.20 15.00
CA MET A 183 -21.07 25.81 14.20
C MET A 183 -22.44 25.21 14.50
N ILE A 184 -22.50 23.88 14.62
CA ILE A 184 -23.78 23.21 14.80
C ILE A 184 -24.36 23.53 16.18
N VAL A 185 -23.50 23.51 17.21
CA VAL A 185 -23.95 23.88 18.55
C VAL A 185 -24.35 25.35 18.59
N PHE A 186 -23.62 26.21 17.88
CA PHE A 186 -23.98 27.63 17.84
C PHE A 186 -25.40 27.81 17.26
N GLN A 187 -25.72 27.07 16.20
CA GLN A 187 -27.05 27.18 15.60
C GLN A 187 -28.13 26.71 16.58
N ALA A 188 -27.86 25.64 17.31
CA ALA A 188 -28.82 25.15 18.30
C ALA A 188 -29.09 26.19 19.38
N GLU A 189 -28.06 26.89 19.84
CA GLU A 189 -28.19 27.73 21.02
C GLU A 189 -28.49 29.19 20.70
N HIS A 190 -28.28 29.63 19.45
CA HIS A 190 -28.44 31.03 19.09
C HIS A 190 -29.24 31.27 17.83
N ASN A 191 -29.64 30.21 17.11
CA ASN A 191 -30.34 30.34 15.83
C ASN A 191 -29.63 31.36 14.94
N ILE A 192 -28.32 31.17 14.77
CA ILE A 192 -27.50 32.16 14.08
C ILE A 192 -27.94 32.38 12.63
N LEU A 193 -28.49 31.35 11.99
CA LEU A 193 -28.98 31.54 10.62
C LEU A 193 -30.04 32.63 10.55
N MET A 194 -30.88 32.73 11.58
CA MET A 194 -31.91 33.76 11.62
C MET A 194 -31.41 35.08 12.20
N HIS A 195 -30.08 35.25 12.35
CA HIS A 195 -29.58 36.52 12.87
C HIS A 195 -29.14 37.41 11.72
N PRO A 196 -29.60 38.67 11.67
CA PRO A 196 -29.25 39.51 10.52
C PRO A 196 -27.78 39.80 10.38
N PHE A 197 -27.00 39.78 11.46
CA PHE A 197 -25.57 40.04 11.34
C PHE A 197 -24.87 38.88 10.63
N HIS A 198 -25.29 37.64 10.88
CA HIS A 198 -24.76 36.52 10.10
C HIS A 198 -25.23 36.60 8.65
N GLN A 199 -26.49 37.03 8.43
CA GLN A 199 -26.98 37.20 7.07
C GLN A 199 -26.15 38.26 6.32
N LEU A 200 -25.83 39.37 6.99
CA LEU A 200 -24.92 40.33 6.39
C LEU A 200 -23.55 39.70 6.12
N GLY A 201 -23.10 38.83 7.03
CA GLY A 201 -21.87 38.10 6.79
C GLY A 201 -21.91 37.29 5.51
N VAL A 202 -23.02 36.55 5.30
CA VAL A 202 -23.18 35.77 4.08
C VAL A 202 -23.17 36.67 2.85
N ALA A 203 -23.93 37.76 2.90
CA ALA A 203 -23.87 38.74 1.81
C ALA A 203 -22.45 39.25 1.62
N GLY A 204 -21.70 39.36 2.72
CA GLY A 204 -20.32 39.78 2.62
C GLY A 204 -19.44 38.79 1.86
N VAL A 205 -19.54 37.49 2.19
CA VAL A 205 -18.64 36.54 1.57
C VAL A 205 -19.16 36.03 0.21
N PHE A 206 -20.47 35.81 0.07
CA PHE A 206 -21.05 35.57 -1.25
C PHE A 206 -20.81 36.74 -2.18
N GLY A 207 -21.01 37.97 -1.69
CA GLY A 207 -20.77 39.15 -2.53
C GLY A 207 -19.30 39.36 -2.82
N GLY A 208 -18.43 39.14 -1.82
CA GLY A 208 -17.00 39.24 -2.08
C GLY A 208 -16.54 38.27 -3.16
N ALA A 209 -17.02 37.03 -3.08
CA ALA A 209 -16.68 36.03 -4.09
C ALA A 209 -17.26 36.43 -5.45
N LEU A 210 -18.51 36.90 -5.48
CA LEU A 210 -19.10 37.37 -6.73
C LEU A 210 -18.27 38.50 -7.34
N PHE A 211 -17.97 39.54 -6.56
CA PHE A 211 -17.28 40.70 -7.15
C PHE A 211 -15.82 40.38 -7.48
N CYS A 212 -15.22 39.46 -6.71
CA CYS A 212 -13.90 38.91 -7.06
C CYS A 212 -13.94 38.30 -8.45
N ALA A 213 -14.91 37.42 -8.70
CA ALA A 213 -15.03 36.82 -10.03
C ALA A 213 -15.37 37.88 -11.06
N MET A 214 -16.21 38.84 -10.70
CA MET A 214 -16.62 39.89 -11.65
C MET A 214 -15.43 40.74 -12.06
N HIS A 215 -14.72 41.29 -11.07
CA HIS A 215 -13.56 42.13 -11.37
C HIS A 215 -12.50 41.34 -12.15
N GLY A 216 -12.19 40.13 -11.67
CA GLY A 216 -11.24 39.29 -12.40
C GLY A 216 -11.65 39.09 -13.84
N SER A 217 -12.93 38.79 -14.07
CA SER A 217 -13.37 38.50 -15.43
C SER A 217 -13.36 39.76 -16.29
N LEU A 218 -13.74 40.91 -15.72
CA LEU A 218 -13.83 42.13 -16.53
C LEU A 218 -12.45 42.64 -16.92
N VAL A 219 -11.49 42.62 -15.98
CA VAL A 219 -10.13 43.06 -16.31
C VAL A 219 -9.51 42.08 -17.31
N THR A 220 -9.64 40.78 -17.04
CA THR A 220 -9.12 39.78 -17.97
C THR A 220 -9.77 39.93 -19.35
N SER A 221 -11.06 40.29 -19.38
CA SER A 221 -11.74 40.41 -20.66
CA SER A 221 -11.75 40.42 -20.65
C SER A 221 -11.22 41.56 -21.49
N SER A 222 -10.62 42.57 -20.87
CA SER A 222 -10.25 43.78 -21.58
C SER A 222 -8.75 44.01 -21.63
N LEU A 223 -7.94 42.96 -21.43
CA LEU A 223 -6.51 43.05 -21.62
C LEU A 223 -6.19 43.55 -23.03
N ILE A 224 -5.27 44.48 -23.12
CA ILE A 224 -4.80 44.97 -24.42
C ILE A 224 -3.86 43.96 -25.04
N ARG A 225 -4.00 43.73 -26.34
CA ARG A 225 -3.20 42.73 -27.03
C ARG A 225 -1.74 43.15 -27.05
N GLU A 226 -0.89 42.35 -26.41
CA GLU A 226 0.55 42.58 -26.33
C GLU A 226 1.34 41.32 -26.61
N THR A 227 0.68 40.23 -27.00
CA THR A 227 1.30 38.93 -27.11
C THR A 227 0.82 38.25 -28.37
N THR A 228 1.47 37.16 -28.73
CA THR A 228 1.06 36.37 -29.87
C THR A 228 0.12 35.26 -29.41
N GLU A 229 -0.41 34.51 -30.38
CA GLU A 229 -1.43 33.51 -30.06
C GLU A 229 -0.88 32.35 -29.23
N THR A 230 0.43 32.11 -29.24
CA THR A 230 0.98 30.95 -28.54
C THR A 230 1.33 31.24 -27.09
N GLU A 231 2.02 32.35 -26.84
CA GLU A 231 2.51 32.64 -25.50
C GLU A 231 1.37 33.03 -24.56
N SER A 232 1.63 32.89 -23.26
CA SER A 232 0.69 33.34 -22.26
C SER A 232 0.47 34.84 -22.36
N ALA A 233 -0.80 35.26 -22.24
CA ALA A 233 -1.10 36.69 -22.31
C ALA A 233 -0.48 37.45 -21.15
N ASN A 234 -0.13 36.76 -20.05
CA ASN A 234 0.52 37.40 -18.91
C ASN A 234 1.85 38.02 -19.30
N TYR A 235 2.48 37.54 -20.37
CA TYR A 235 3.68 38.19 -20.89
C TYR A 235 3.41 39.60 -21.38
N GLY A 236 2.15 39.94 -21.67
CA GLY A 236 1.81 41.28 -22.12
C GLY A 236 1.90 42.35 -21.06
N TYR A 237 2.08 41.97 -19.80
CA TYR A 237 2.29 42.91 -18.70
C TYR A 237 3.69 42.72 -18.14
N LYS A 238 4.42 43.82 -17.98
CA LYS A 238 5.74 43.79 -17.37
C LYS A 238 5.66 44.48 -16.02
N PHE A 239 6.20 43.83 -15.00
CA PHE A 239 6.15 44.35 -13.63
C PHE A 239 6.73 45.76 -13.56
N GLY A 240 5.94 46.68 -13.05
CA GLY A 240 6.38 48.05 -12.87
C GLY A 240 6.21 48.95 -14.08
N GLN A 241 5.62 48.46 -15.16
CA GLN A 241 5.33 49.34 -16.29
C GLN A 241 4.30 50.40 -15.86
N GLU A 242 4.42 51.59 -16.45
CA GLU A 242 3.57 52.71 -16.04
C GLU A 242 2.19 52.65 -16.68
N GLU A 243 2.05 52.04 -17.85
CA GLU A 243 0.76 51.98 -18.53
C GLU A 243 -0.11 50.89 -17.94
N GLU A 244 -1.39 51.20 -17.74
CA GLU A 244 -2.34 50.17 -17.33
C GLU A 244 -2.47 49.12 -18.43
N THR A 245 -2.72 47.88 -18.01
CA THR A 245 -2.60 46.74 -18.91
C THR A 245 -3.94 46.33 -19.54
N TYR A 246 -5.03 46.94 -19.11
CA TYR A 246 -6.35 46.69 -19.65
C TYR A 246 -7.04 48.02 -19.92
N ASN A 247 -8.09 47.97 -20.73
CA ASN A 247 -8.87 49.16 -21.13
C ASN A 247 -10.16 49.19 -20.31
N ILE A 248 -10.16 49.99 -19.23
CA ILE A 248 -11.33 50.02 -18.36
C ILE A 248 -12.55 50.62 -19.05
N VAL A 249 -12.33 51.51 -20.02
CA VAL A 249 -13.46 52.06 -20.78
C VAL A 249 -14.15 50.95 -21.56
N ALA A 250 -13.38 50.01 -22.10
CA ALA A 250 -13.99 48.87 -22.78
C ALA A 250 -14.71 47.95 -21.79
N ALA A 251 -14.09 47.68 -20.64
CA ALA A 251 -14.72 46.84 -19.62
C ALA A 251 -16.04 47.45 -19.15
N HIS A 252 -16.07 48.76 -18.94
CA HIS A 252 -17.28 49.43 -18.47
C HIS A 252 -18.32 49.58 -19.57
N GLY A 253 -17.87 49.71 -20.83
CA GLY A 253 -18.80 49.65 -21.94
C GLY A 253 -19.49 48.30 -22.08
N TYR A 254 -18.79 47.22 -21.73
CA TYR A 254 -19.44 45.91 -21.68
C TYR A 254 -20.38 45.82 -20.49
N PHE A 255 -19.88 46.13 -19.29
CA PHE A 255 -20.66 45.89 -18.09
C PHE A 255 -21.84 46.83 -18.00
N GLY A 256 -21.68 48.07 -18.43
CA GLY A 256 -22.80 49.00 -18.46
C GLY A 256 -23.90 48.56 -19.40
N ARG A 257 -23.57 47.82 -20.45
CA ARG A 257 -24.63 47.28 -21.30
C ARG A 257 -25.21 45.98 -20.75
N LEU A 258 -24.44 45.24 -19.95
CA LEU A 258 -24.95 44.01 -19.35
C LEU A 258 -26.08 44.34 -18.38
N ILE A 259 -25.89 45.36 -17.55
CA ILE A 259 -26.93 45.84 -16.64
C ILE A 259 -27.57 47.06 -17.27
N PHE A 260 -27.22 48.24 -16.76
CA PHE A 260 -27.48 49.50 -17.43
C PHE A 260 -26.30 50.40 -17.13
N GLN A 261 -26.14 51.45 -17.94
CA GLN A 261 -24.88 52.19 -17.97
C GLN A 261 -24.47 52.70 -16.60
N TYR A 262 -25.41 53.23 -15.82
CA TYR A 262 -25.06 53.88 -14.57
C TYR A 262 -24.84 52.89 -13.44
N ALA A 263 -25.18 51.62 -13.65
CA ALA A 263 -24.89 50.61 -12.64
C ALA A 263 -23.41 50.21 -12.62
N SER A 264 -22.64 50.71 -13.57
CA SER A 264 -21.25 50.30 -13.77
C SER A 264 -20.28 51.32 -13.18
N PHE A 265 -19.13 50.82 -12.73
CA PHE A 265 -18.04 51.65 -12.22
C PHE A 265 -17.08 52.05 -13.34
N ASN A 266 -17.14 53.32 -13.76
CA ASN A 266 -16.12 53.80 -14.69
C ASN A 266 -14.84 54.21 -13.96
N ASN A 267 -14.98 54.64 -12.70
CA ASN A 267 -13.86 55.12 -11.88
C ASN A 267 -13.19 53.95 -11.18
N SER A 268 -11.93 53.68 -11.54
CA SER A 268 -11.20 52.56 -10.95
C SER A 268 -11.05 52.72 -9.44
N ARG A 269 -10.86 53.96 -8.96
CA ARG A 269 -10.69 54.15 -7.51
C ARG A 269 -11.98 53.82 -6.76
N SER A 270 -13.11 54.29 -7.29
CA SER A 270 -14.40 53.95 -6.70
CA SER A 270 -14.40 53.95 -6.68
C SER A 270 -14.65 52.45 -6.75
N LEU A 271 -14.34 51.82 -7.89
CA LEU A 271 -14.49 50.39 -8.03
C LEU A 271 -13.66 49.64 -6.99
N HIS A 272 -12.39 50.01 -6.84
CA HIS A 272 -11.55 49.27 -5.92
C HIS A 272 -11.90 49.57 -4.46
N PHE A 273 -12.44 50.78 -4.18
CA PHE A 273 -12.95 51.02 -2.84
C PHE A 273 -14.12 50.09 -2.52
N PHE A 274 -15.05 49.92 -3.47
CA PHE A 274 -16.19 49.03 -3.27
C PHE A 274 -15.74 47.60 -3.06
N LEU A 275 -14.73 47.15 -3.83
CA LEU A 275 -14.19 45.81 -3.68
C LEU A 275 -13.62 45.60 -2.29
N ALA A 276 -12.99 46.61 -1.71
CA ALA A 276 -12.53 46.49 -0.33
C ALA A 276 -13.71 46.52 0.63
N ALA A 277 -14.61 47.49 0.45
CA ALA A 277 -15.61 47.79 1.48
C ALA A 277 -16.64 46.68 1.63
N TRP A 278 -17.15 46.14 0.52
CA TRP A 278 -18.27 45.19 0.63
C TRP A 278 -17.93 43.98 1.49
N PRO A 279 -16.85 43.22 1.22
CA PRO A 279 -16.55 42.08 2.10
C PRO A 279 -16.11 42.49 3.49
N VAL A 280 -15.36 43.59 3.62
CA VAL A 280 -14.88 43.99 4.96
C VAL A 280 -16.06 44.33 5.88
N VAL A 281 -17.02 45.10 5.36
CA VAL A 281 -18.18 45.51 6.18
C VAL A 281 -19.02 44.29 6.53
N GLY A 282 -19.28 43.42 5.55
CA GLY A 282 -20.03 42.21 5.83
C GLY A 282 -19.38 41.34 6.88
N VAL A 283 -18.05 41.18 6.81
CA VAL A 283 -17.37 40.31 7.75
C VAL A 283 -17.27 40.98 9.13
N TRP A 284 -17.17 42.31 9.17
CA TRP A 284 -17.31 43.02 10.44
C TRP A 284 -18.62 42.65 11.12
N PHE A 285 -19.72 42.67 10.36
CA PHE A 285 -21.00 42.30 10.94
C PHE A 285 -21.05 40.83 11.31
N ALA A 286 -20.41 39.95 10.52
CA ALA A 286 -20.29 38.55 10.94
C ALA A 286 -19.61 38.44 12.30
N ALA A 287 -18.46 39.12 12.45
CA ALA A 287 -17.75 39.11 13.72
C ALA A 287 -18.61 39.65 14.85
N LEU A 288 -19.35 40.73 14.59
CA LEU A 288 -20.21 41.29 15.61
C LEU A 288 -21.39 40.38 15.92
N GLY A 289 -21.82 39.57 14.94
CA GLY A 289 -22.83 38.56 15.17
C GLY A 289 -22.40 37.59 16.26
N ILE A 290 -21.22 36.98 16.06
CA ILE A 290 -20.68 36.07 17.06
C ILE A 290 -20.47 36.78 18.39
N SER A 291 -19.94 38.02 18.33
CA SER A 291 -19.59 38.74 19.54
C SER A 291 -20.81 39.24 20.32
N THR A 292 -21.98 39.33 19.69
CA THR A 292 -23.17 39.72 20.42
C THR A 292 -24.05 38.53 20.79
N MET A 293 -24.07 37.47 19.97
CA MET A 293 -24.64 36.21 20.44
C MET A 293 -23.80 35.64 21.57
N ALA A 294 -22.56 36.09 21.72
CA ALA A 294 -21.75 35.77 22.89
C ALA A 294 -22.46 36.17 24.19
N PHE A 295 -23.32 37.19 24.14
CA PHE A 295 -24.12 37.62 25.28
C PHE A 295 -25.59 37.29 25.08
N ASN A 296 -25.86 36.26 24.27
CA ASN A 296 -27.17 35.62 24.16
C ASN A 296 -28.26 36.55 23.64
N LEU A 297 -27.93 37.51 22.77
CA LEU A 297 -28.93 38.19 21.96
C LEU A 297 -28.97 37.46 20.63
N ASN A 298 -29.99 36.62 20.45
CA ASN A 298 -29.93 35.57 19.46
C ASN A 298 -30.73 35.94 18.19
N GLY A 299 -30.68 35.06 17.20
CA GLY A 299 -31.40 35.29 15.96
C GLY A 299 -32.90 35.40 16.18
N PHE A 300 -33.59 35.89 15.15
CA PHE A 300 -35.04 36.04 15.23
C PHE A 300 -35.69 34.71 15.57
N ASN A 301 -36.75 34.78 16.39
CA ASN A 301 -37.49 33.61 16.86
C ASN A 301 -38.94 33.76 16.44
N PHE A 302 -39.34 33.03 15.39
CA PHE A 302 -40.72 33.03 14.94
C PHE A 302 -41.40 31.69 15.18
N ASN A 303 -40.98 30.98 16.23
CA ASN A 303 -41.56 29.70 16.58
C ASN A 303 -43.00 29.89 17.05
N HIS A 304 -43.95 29.30 16.31
CA HIS A 304 -45.39 29.41 16.60
C HIS A 304 -45.93 30.83 16.35
N SER A 305 -45.31 31.57 15.44
CA SER A 305 -45.77 32.94 15.16
C SER A 305 -47.10 32.97 14.41
N VAL A 306 -47.42 31.96 13.61
CA VAL A 306 -48.65 31.96 12.82
C VAL A 306 -49.65 31.02 13.48
N ILE A 307 -50.85 31.56 13.74
CA ILE A 307 -51.91 30.92 14.52
C ILE A 307 -53.19 31.07 13.71
N ASP A 308 -54.01 30.00 13.66
CA ASP A 308 -55.27 30.09 12.91
C ASP A 308 -56.36 30.67 13.80
N ALA A 309 -57.59 30.73 13.27
CA ALA A 309 -58.66 31.40 14.00
C ALA A 309 -58.98 30.68 15.31
N LYS A 310 -58.82 29.37 15.35
CA LYS A 310 -59.12 28.67 16.60
C LYS A 310 -57.97 28.80 17.59
N GLY A 311 -56.75 28.99 17.11
CA GLY A 311 -55.57 28.90 17.93
C GLY A 311 -54.65 27.75 17.59
N ASN A 312 -54.97 26.93 16.60
CA ASN A 312 -53.98 25.95 16.13
C ASN A 312 -52.75 26.66 15.60
N VAL A 313 -51.57 26.13 15.96
CA VAL A 313 -50.34 26.62 15.36
C VAL A 313 -50.28 26.17 13.91
N ILE A 314 -50.04 27.12 13.01
CA ILE A 314 -49.75 26.83 11.60
C ILE A 314 -48.25 26.96 11.40
N ASN A 315 -47.55 25.84 11.21
CA ASN A 315 -46.10 25.93 11.07
C ASN A 315 -45.67 26.72 9.84
N THR A 316 -44.54 27.39 9.97
CA THR A 316 -43.80 27.96 8.85
C THR A 316 -42.44 27.29 8.75
N TRP A 317 -41.66 27.72 7.76
CA TRP A 317 -40.30 27.21 7.63
C TRP A 317 -39.48 27.53 8.88
N ALA A 318 -39.80 28.61 9.59
CA ALA A 318 -39.11 28.84 10.86
C ALA A 318 -39.32 27.70 11.84
N ASP A 319 -40.52 27.10 11.86
CA ASP A 319 -40.78 26.02 12.82
C ASP A 319 -40.00 24.75 12.45
N ILE A 320 -39.81 24.47 11.16
CA ILE A 320 -38.99 23.35 10.76
C ILE A 320 -37.54 23.57 11.19
N ILE A 321 -37.01 24.79 11.00
CA ILE A 321 -35.69 25.10 11.52
C ILE A 321 -35.62 24.77 13.01
N ASN A 322 -36.65 25.18 13.75
CA ASN A 322 -36.69 24.92 15.19
C ASN A 322 -36.58 23.42 15.49
N ARG A 323 -37.29 22.59 14.71
CA ARG A 323 -37.20 21.15 14.94
C ARG A 323 -35.78 20.66 14.75
N ALA A 324 -35.06 21.14 13.71
CA ALA A 324 -33.65 20.75 13.52
C ALA A 324 -32.80 21.27 14.68
N ASN A 325 -33.02 22.51 15.10
CA ASN A 325 -32.28 23.07 16.24
C ASN A 325 -32.47 22.23 17.51
N LEU A 326 -33.70 21.73 17.73
CA LEU A 326 -33.97 20.89 18.90
C LEU A 326 -33.14 19.59 18.88
N GLY A 327 -33.09 18.93 17.72
CA GLY A 327 -32.24 17.74 17.62
C GLY A 327 -30.78 18.00 17.96
N MET A 328 -30.25 19.15 17.54
CA MET A 328 -28.89 19.50 17.92
C MET A 328 -28.79 19.73 19.41
N GLU A 329 -29.73 20.50 19.96
CA GLU A 329 -29.71 20.87 21.37
C GLU A 329 -29.75 19.65 22.26
N VAL A 330 -30.70 18.74 22.03
CA VAL A 330 -30.85 17.65 22.99
C VAL A 330 -29.69 16.66 22.92
N MET A 331 -28.96 16.60 21.80
CA MET A 331 -27.88 15.62 21.67
C MET A 331 -26.51 16.17 22.05
N HIS A 332 -26.27 17.48 21.97
CA HIS A 332 -24.92 17.97 22.17
C HIS A 332 -24.47 17.81 23.62
N GLU A 333 -23.19 17.43 23.79
CA GLU A 333 -22.61 17.24 25.12
C GLU A 333 -23.54 16.41 26.02
N ARG A 334 -23.84 15.20 25.54
CA ARG A 334 -24.95 14.37 26.01
C ARG A 334 -24.85 13.95 27.49
N ASN A 335 -23.68 14.05 28.12
CA ASN A 335 -23.53 13.67 29.51
C ASN A 335 -23.29 14.86 30.41
N ALA A 336 -23.32 16.08 29.86
CA ALA A 336 -22.88 17.27 30.60
C ALA A 336 -24.00 17.99 31.35
N HIS A 337 -25.26 17.86 30.96
CA HIS A 337 -26.32 18.66 31.57
C HIS A 337 -27.09 17.81 32.60
N ASN A 338 -27.27 18.36 33.81
CA ASN A 338 -28.03 17.73 34.87
C ASN A 338 -29.38 18.37 35.12
N PHE A 339 -29.58 19.59 34.65
CA PHE A 339 -30.77 20.37 34.92
C PHE A 339 -31.38 20.81 33.59
N PRO A 340 -32.68 21.13 33.57
CA PRO A 340 -33.41 21.10 32.30
C PRO A 340 -33.08 22.21 31.33
N LEU A 341 -32.46 23.30 31.75
CA LEU A 341 -32.18 24.41 30.85
C LEU A 341 -30.68 24.52 30.62
N ASP A 342 -30.29 24.72 29.36
CA ASP A 342 -28.90 24.97 28.98
C ASP A 342 -28.71 26.47 29.07
N LEU A 343 -28.23 26.97 30.20
CA LEU A 343 -28.19 28.42 30.44
C LEU A 343 -26.84 29.05 30.06
N ALA A 344 -25.86 28.26 29.69
CA ALA A 344 -24.65 28.77 29.03
C ALA A 344 -23.99 27.59 28.36
N GLY B 1 7.21 30.41 -25.43
CA GLY B 1 6.76 29.02 -25.39
C GLY B 1 5.31 28.83 -24.98
N LEU B 2 4.80 27.64 -25.25
CA LEU B 2 3.45 27.28 -24.84
C LEU B 2 3.40 27.00 -23.34
N PRO B 3 2.42 27.53 -22.62
CA PRO B 3 2.21 27.08 -21.24
C PRO B 3 1.65 25.67 -21.23
N TRP B 4 1.75 25.04 -20.05
CA TRP B 4 1.46 23.62 -19.93
C TRP B 4 0.03 23.28 -20.39
N TYR B 5 -0.94 24.16 -20.12
CA TYR B 5 -2.34 23.87 -20.44
C TYR B 5 -2.65 24.07 -21.92
N ARG B 6 -1.68 24.45 -22.75
CA ARG B 6 -1.87 24.59 -24.18
C ARG B 6 -1.04 23.65 -25.03
N VAL B 7 -0.32 22.69 -24.45
CA VAL B 7 0.64 21.93 -25.26
C VAL B 7 -0.05 21.26 -26.44
N HIS B 8 -1.31 20.83 -26.28
CA HIS B 8 -1.94 20.06 -27.35
C HIS B 8 -2.42 20.90 -28.52
N THR B 9 -2.36 22.23 -28.42
CA THR B 9 -2.74 23.05 -29.55
C THR B 9 -1.79 22.92 -30.73
N VAL B 10 -0.64 22.25 -30.59
CA VAL B 10 0.20 22.04 -31.78
C VAL B 10 -0.51 21.19 -32.83
N LEU B 11 -1.60 20.53 -32.46
CA LEU B 11 -2.35 19.69 -33.39
C LEU B 11 -3.34 20.47 -34.25
N ILE B 12 -3.68 21.71 -33.88
CA ILE B 12 -4.76 22.44 -34.53
C ILE B 12 -4.51 22.53 -36.03
N ASN B 13 -3.26 22.73 -36.44
CA ASN B 13 -2.94 22.96 -37.84
C ASN B 13 -2.28 21.73 -38.49
N ASP B 14 -2.42 20.56 -37.88
CA ASP B 14 -1.67 19.38 -38.30
C ASP B 14 -2.65 18.21 -38.34
N PRO B 15 -3.40 18.07 -39.44
CA PRO B 15 -4.41 17.00 -39.50
C PRO B 15 -3.84 15.62 -39.28
N GLY B 16 -2.64 15.35 -39.81
CA GLY B 16 -2.05 14.03 -39.64
C GLY B 16 -1.74 13.68 -38.21
N ARG B 17 -1.17 14.62 -37.45
CA ARG B 17 -0.84 14.30 -36.07
C ARG B 17 -2.07 14.38 -35.15
N LEU B 18 -3.08 15.15 -35.55
CA LEU B 18 -4.36 15.11 -34.85
C LEU B 18 -4.98 13.71 -34.96
N ILE B 19 -4.95 13.14 -36.17
CA ILE B 19 -5.41 11.76 -36.36
C ILE B 19 -4.56 10.81 -35.52
N ALA B 20 -3.25 11.01 -35.50
CA ALA B 20 -2.39 10.16 -34.66
C ALA B 20 -2.76 10.27 -33.18
N ALA B 21 -2.99 11.49 -32.70
CA ALA B 21 -3.40 11.66 -31.30
C ALA B 21 -4.75 11.01 -31.05
N HIS B 22 -5.67 11.12 -32.03
CA HIS B 22 -6.96 10.47 -31.87
C HIS B 22 -6.84 8.96 -31.88
N LEU B 23 -5.95 8.43 -32.73
CA LEU B 23 -5.65 7.00 -32.73
C LEU B 23 -5.10 6.57 -31.38
N MET B 24 -4.16 7.35 -30.84
CA MET B 24 -3.61 7.00 -29.54
C MET B 24 -4.71 7.00 -28.46
N HIS B 25 -5.58 8.03 -28.47
CA HIS B 25 -6.66 8.07 -27.49
C HIS B 25 -7.57 6.84 -27.64
N THR B 26 -7.93 6.51 -28.90
CA THR B 26 -8.75 5.33 -29.14
C THR B 26 -8.04 4.06 -28.65
N ALA B 27 -6.72 3.97 -28.88
CA ALA B 27 -5.99 2.79 -28.39
C ALA B 27 -6.06 2.66 -26.88
N LEU B 28 -5.94 3.77 -26.16
CA LEU B 28 -6.00 3.74 -24.70
C LEU B 28 -7.39 3.33 -24.21
N VAL B 29 -8.43 3.83 -24.86
CA VAL B 29 -9.78 3.52 -24.40
C VAL B 29 -10.10 2.04 -24.65
N ALA B 30 -9.77 1.54 -25.84
CA ALA B 30 -9.94 0.12 -26.11
C ALA B 30 -9.09 -0.71 -25.17
N GLY B 31 -7.87 -0.24 -24.87
CA GLY B 31 -7.01 -0.96 -23.95
C GLY B 31 -7.55 -0.98 -22.53
N TRP B 32 -8.18 0.12 -22.10
CA TRP B 32 -8.87 0.11 -20.82
C TRP B 32 -9.98 -0.93 -20.82
N ALA B 33 -10.80 -0.97 -21.87
CA ALA B 33 -11.90 -1.93 -21.90
C ALA B 33 -11.39 -3.36 -21.77
N GLY B 34 -10.33 -3.71 -22.50
CA GLY B 34 -9.79 -5.06 -22.42
C GLY B 34 -9.25 -5.39 -21.03
N SER B 35 -8.41 -4.50 -20.49
CA SER B 35 -7.88 -4.72 -19.14
CA SER B 35 -7.88 -4.77 -19.15
C SER B 35 -8.99 -4.80 -18.11
N MET B 36 -10.01 -3.95 -18.24
CA MET B 36 -11.10 -3.94 -17.25
C MET B 36 -11.85 -5.28 -17.28
N ALA B 37 -12.14 -5.80 -18.48
CA ALA B 37 -12.82 -7.08 -18.57
C ALA B 37 -11.98 -8.19 -17.96
N LEU B 38 -10.67 -8.17 -18.23
CA LEU B 38 -9.80 -9.20 -17.67
C LEU B 38 -9.76 -9.11 -16.15
N TYR B 39 -9.66 -7.90 -15.60
CA TYR B 39 -9.65 -7.79 -14.15
C TYR B 39 -10.97 -8.29 -13.57
N GLU B 40 -12.09 -8.01 -14.23
CA GLU B 40 -13.38 -8.46 -13.70
C GLU B 40 -13.48 -9.99 -13.79
N LEU B 41 -13.04 -10.56 -14.91
CA LEU B 41 -13.05 -12.02 -15.05
C LEU B 41 -12.16 -12.70 -14.02
N ALA B 42 -11.05 -12.06 -13.64
CA ALA B 42 -10.17 -12.61 -12.63
C ALA B 42 -10.77 -12.53 -11.22
N THR B 43 -11.83 -11.73 -11.03
CA THR B 43 -12.39 -11.55 -9.71
C THR B 43 -13.86 -11.98 -9.61
N PHE B 44 -14.54 -12.19 -10.73
CA PHE B 44 -15.98 -12.49 -10.71
C PHE B 44 -16.23 -13.92 -10.24
N ASP B 45 -17.19 -14.07 -9.32
CA ASP B 45 -17.67 -15.37 -8.88
C ASP B 45 -18.95 -15.71 -9.64
N PRO B 46 -18.95 -16.67 -10.56
CA PRO B 46 -20.14 -16.95 -11.37
C PRO B 46 -21.10 -17.97 -10.78
N SER B 47 -20.86 -18.43 -9.56
CA SER B 47 -21.57 -19.61 -9.06
C SER B 47 -22.95 -19.31 -8.49
N ASP B 48 -23.43 -18.07 -8.41
CA ASP B 48 -24.74 -17.79 -7.80
C ASP B 48 -25.38 -16.53 -8.36
N PRO B 49 -26.02 -16.63 -9.52
CA PRO B 49 -26.73 -15.45 -10.05
C PRO B 49 -27.95 -15.06 -9.24
N VAL B 50 -28.37 -15.87 -8.27
CA VAL B 50 -29.54 -15.53 -7.45
C VAL B 50 -29.17 -14.55 -6.35
N LEU B 51 -28.21 -14.91 -5.50
CA LEU B 51 -27.85 -14.06 -4.37
C LEU B 51 -26.47 -13.44 -4.47
N ASN B 52 -25.66 -13.78 -5.48
CA ASN B 52 -24.38 -13.09 -5.69
C ASN B 52 -24.20 -12.72 -7.16
N PRO B 53 -25.14 -12.00 -7.75
CA PRO B 53 -24.99 -11.61 -9.17
C PRO B 53 -23.92 -10.55 -9.34
N MET B 54 -23.64 -10.25 -10.62
CA MET B 54 -22.53 -9.36 -10.97
C MET B 54 -22.62 -8.00 -10.26
N TRP B 55 -23.83 -7.47 -10.09
CA TRP B 55 -23.97 -6.12 -9.54
C TRP B 55 -23.71 -6.07 -8.04
N ARG B 56 -23.72 -7.22 -7.35
CA ARG B 56 -23.25 -7.29 -5.97
C ARG B 56 -21.74 -7.29 -5.87
N GLN B 57 -21.03 -7.55 -6.98
CA GLN B 57 -19.60 -7.82 -6.99
C GLN B 57 -18.78 -6.67 -7.58
N GLY B 58 -19.37 -5.48 -7.72
CA GLY B 58 -18.59 -4.36 -8.23
C GLY B 58 -18.27 -4.46 -9.70
N MET B 59 -19.04 -5.24 -10.46
CA MET B 59 -18.78 -5.44 -11.87
C MET B 59 -19.34 -4.29 -12.69
N PHE B 60 -18.47 -3.67 -13.49
CA PHE B 60 -18.83 -2.48 -14.25
C PHE B 60 -18.94 -2.74 -15.75
N VAL B 61 -17.99 -3.47 -16.36
CA VAL B 61 -18.12 -3.74 -17.80
C VAL B 61 -18.82 -5.07 -18.09
N LEU B 62 -18.76 -6.04 -17.19
CA LEU B 62 -19.51 -7.29 -17.39
C LEU B 62 -20.97 -7.06 -17.78
N PRO B 63 -21.75 -6.16 -17.13
CA PRO B 63 -23.15 -5.98 -17.57
C PRO B 63 -23.29 -5.40 -18.96
N PHE B 64 -22.31 -4.62 -19.41
CA PHE B 64 -22.40 -4.07 -20.77
C PHE B 64 -22.13 -5.15 -21.82
N MET B 65 -21.27 -6.11 -21.50
CA MET B 65 -21.10 -7.24 -22.40
C MET B 65 -22.37 -8.08 -22.43
N ALA B 66 -22.94 -8.35 -21.25
CA ALA B 66 -24.16 -9.14 -21.16
C ALA B 66 -25.33 -8.44 -21.85
N ARG B 67 -25.42 -7.11 -21.71
CA ARG B 67 -26.56 -6.39 -22.26
C ARG B 67 -26.75 -6.67 -23.75
N LEU B 68 -25.64 -6.79 -24.49
CA LEU B 68 -25.68 -6.97 -25.94
C LEU B 68 -25.43 -8.40 -26.40
N GLY B 69 -25.40 -9.36 -25.48
CA GLY B 69 -25.43 -10.76 -25.88
C GLY B 69 -24.23 -11.59 -25.52
N VAL B 70 -23.19 -11.04 -24.89
CA VAL B 70 -22.06 -11.85 -24.45
C VAL B 70 -22.34 -12.29 -23.02
N THR B 71 -22.68 -13.58 -22.85
CA THR B 71 -23.10 -14.09 -21.54
C THR B 71 -22.29 -15.27 -21.04
N GLY B 72 -21.39 -15.82 -21.86
CA GLY B 72 -20.66 -17.01 -21.48
C GLY B 72 -19.16 -16.83 -21.35
N SER B 73 -18.53 -17.75 -20.63
CA SER B 73 -17.08 -17.82 -20.47
C SER B 73 -16.54 -19.03 -21.22
N TRP B 74 -15.30 -18.91 -21.72
CA TRP B 74 -14.61 -20.06 -22.28
C TRP B 74 -14.49 -21.20 -21.26
N SER B 75 -14.48 -20.88 -19.97
CA SER B 75 -14.36 -21.91 -18.94
C SER B 75 -15.66 -22.66 -18.68
N GLY B 76 -16.74 -22.37 -19.40
CA GLY B 76 -17.93 -23.20 -19.34
C GLY B 76 -19.17 -22.60 -18.68
N TRP B 77 -19.06 -21.49 -17.95
CA TRP B 77 -20.22 -20.92 -17.26
C TRP B 77 -20.89 -19.81 -18.06
N SER B 78 -22.14 -19.51 -17.67
CA SER B 78 -22.89 -18.38 -18.20
C SER B 78 -23.47 -17.57 -17.04
N ILE B 79 -23.75 -16.27 -17.28
CA ILE B 79 -24.21 -15.44 -16.19
C ILE B 79 -25.64 -15.76 -15.77
N THR B 80 -26.37 -16.50 -16.58
CA THR B 80 -27.67 -17.00 -16.12
C THR B 80 -27.55 -18.31 -15.33
N GLY B 81 -26.33 -18.71 -14.96
CA GLY B 81 -26.15 -19.86 -14.11
C GLY B 81 -26.09 -21.19 -14.82
N GLU B 82 -25.96 -21.18 -16.14
CA GLU B 82 -25.81 -22.44 -16.85
C GLU B 82 -24.37 -22.94 -16.75
N THR B 83 -24.20 -24.23 -16.94
CA THR B 83 -22.90 -24.89 -16.97
C THR B 83 -22.75 -25.62 -18.29
N GLY B 84 -21.50 -25.80 -18.72
CA GLY B 84 -21.21 -26.48 -19.96
C GLY B 84 -21.82 -25.84 -21.20
N ILE B 85 -21.62 -24.54 -21.38
CA ILE B 85 -22.06 -23.84 -22.59
C ILE B 85 -20.85 -23.59 -23.47
N ASP B 86 -21.08 -23.62 -24.79
CA ASP B 86 -20.05 -23.22 -25.74
C ASP B 86 -20.38 -21.84 -26.26
N PRO B 87 -19.74 -20.77 -25.76
CA PRO B 87 -20.00 -19.43 -26.30
C PRO B 87 -19.36 -19.20 -27.66
N GLY B 88 -18.49 -20.09 -28.13
CA GLY B 88 -17.70 -19.76 -29.30
C GLY B 88 -16.59 -18.79 -28.94
N PHE B 89 -16.10 -18.06 -29.94
CA PHE B 89 -15.04 -17.10 -29.66
C PHE B 89 -15.56 -15.94 -28.81
N TRP B 90 -16.80 -15.51 -29.00
CA TRP B 90 -17.29 -14.29 -28.38
C TRP B 90 -17.81 -14.51 -26.96
N SER B 91 -16.98 -15.11 -26.13
CA SER B 91 -17.11 -15.13 -24.69
C SER B 91 -16.62 -13.80 -24.12
N PHE B 92 -16.79 -13.63 -22.80
CA PHE B 92 -16.19 -12.47 -22.15
C PHE B 92 -14.70 -12.39 -22.44
N GLU B 93 -14.00 -13.53 -22.42
CA GLU B 93 -12.55 -13.53 -22.67
C GLU B 93 -12.25 -13.13 -24.10
N GLY B 94 -13.02 -13.62 -25.06
CA GLY B 94 -12.82 -13.23 -26.45
C GLY B 94 -13.03 -11.74 -26.65
N VAL B 95 -14.04 -11.18 -26.00
CA VAL B 95 -14.26 -9.74 -26.10
C VAL B 95 -13.05 -8.99 -25.56
N ALA B 96 -12.55 -9.41 -24.40
CA ALA B 96 -11.38 -8.74 -23.82
C ALA B 96 -10.19 -8.81 -24.75
N LEU B 97 -9.89 -10.01 -25.27
CA LEU B 97 -8.76 -10.20 -26.18
C LEU B 97 -8.91 -9.34 -27.43
N ALA B 98 -10.11 -9.33 -28.01
CA ALA B 98 -10.33 -8.49 -29.19
C ALA B 98 -10.01 -7.03 -28.91
N HIS B 99 -10.37 -6.54 -27.72
CA HIS B 99 -10.11 -5.13 -27.43
C HIS B 99 -8.62 -4.87 -27.25
N ILE B 100 -7.91 -5.83 -26.65
CA ILE B 100 -6.45 -5.71 -26.50
C ILE B 100 -5.78 -5.66 -27.87
N VAL B 101 -6.20 -6.55 -28.78
CA VAL B 101 -5.58 -6.57 -30.11
C VAL B 101 -5.89 -5.27 -30.84
N LEU B 102 -7.14 -4.80 -30.76
CA LEU B 102 -7.50 -3.52 -31.37
C LEU B 102 -6.60 -2.42 -30.85
N SER B 103 -6.42 -2.37 -29.53
CA SER B 103 -5.56 -1.37 -28.91
C SER B 103 -4.16 -1.37 -29.52
N GLY B 104 -3.58 -2.56 -29.69
CA GLY B 104 -2.25 -2.65 -30.28
C GLY B 104 -2.21 -2.15 -31.73
N LEU B 105 -3.20 -2.56 -32.53
CA LEU B 105 -3.25 -2.11 -33.92
C LEU B 105 -3.42 -0.60 -34.01
N LEU B 106 -4.30 -0.03 -33.19
CA LEU B 106 -4.49 1.42 -33.18
C LEU B 106 -3.21 2.14 -32.80
N PHE B 107 -2.49 1.58 -31.83
CA PHE B 107 -1.21 2.14 -31.38
C PHE B 107 -0.23 2.19 -32.55
N LEU B 108 -0.13 1.09 -33.29
CA LEU B 108 0.78 1.07 -34.43
C LEU B 108 0.35 2.09 -35.48
N ALA B 109 -0.96 2.21 -35.73
CA ALA B 109 -1.42 3.18 -36.71
C ALA B 109 -1.11 4.62 -36.26
N ALA B 110 -1.20 4.88 -34.95
CA ALA B 110 -0.84 6.20 -34.44
C ALA B 110 0.62 6.55 -34.75
N CYS B 111 1.52 5.58 -34.53
CA CYS B 111 2.93 5.79 -34.86
C CYS B 111 3.11 6.15 -36.33
N TRP B 112 2.46 5.40 -37.22
CA TRP B 112 2.59 5.70 -38.64
C TRP B 112 2.07 7.10 -38.95
N HIS B 113 0.91 7.46 -38.40
CA HIS B 113 0.37 8.78 -38.75
C HIS B 113 1.15 9.91 -38.10
N TRP B 114 1.83 9.62 -36.98
CA TRP B 114 2.68 10.63 -36.36
C TRP B 114 3.94 10.89 -37.21
N VAL B 115 4.58 9.82 -37.67
CA VAL B 115 5.80 9.99 -38.47
C VAL B 115 5.48 10.55 -39.84
N TYR B 116 4.48 9.99 -40.51
CA TYR B 116 4.11 10.44 -41.85
C TYR B 116 2.93 11.41 -41.78
N TRP B 117 3.16 12.54 -41.10
CA TRP B 117 2.12 13.55 -40.91
C TRP B 117 1.87 14.35 -42.18
N ASP B 118 2.88 14.48 -43.04
CA ASP B 118 2.82 15.45 -44.14
C ASP B 118 2.28 14.78 -45.41
N LEU B 119 1.03 14.35 -45.33
CA LEU B 119 0.38 13.74 -46.49
C LEU B 119 -0.29 14.80 -47.35
N GLU B 120 -0.15 14.64 -48.67
CA GLU B 120 -0.71 15.62 -49.60
C GLU B 120 -2.23 15.69 -49.46
N LEU B 121 -2.84 14.60 -48.99
CA LEU B 121 -4.28 14.60 -48.72
C LEU B 121 -4.69 15.71 -47.76
N PHE B 122 -3.83 16.06 -46.82
CA PHE B 122 -4.14 17.05 -45.79
C PHE B 122 -3.83 18.47 -46.23
N ARG B 123 -3.34 18.68 -47.46
CA ARG B 123 -2.99 20.01 -47.97
C ARG B 123 -4.08 20.50 -48.92
N ASP B 124 -4.45 21.76 -48.77
CA ASP B 124 -5.39 22.34 -49.73
C ASP B 124 -4.70 22.42 -51.09
N PRO B 125 -5.30 21.87 -52.14
CA PRO B 125 -4.63 21.87 -53.44
C PRO B 125 -4.32 23.27 -53.93
N ARG B 126 -5.22 24.23 -53.67
CA ARG B 126 -4.99 25.62 -54.11
C ARG B 126 -3.87 26.28 -53.33
N THR B 127 -3.96 26.28 -51.99
CA THR B 127 -3.08 27.12 -51.17
C THR B 127 -1.84 26.40 -50.66
N GLY B 128 -1.84 25.07 -50.63
CA GLY B 128 -0.75 24.35 -49.99
C GLY B 128 -0.77 24.37 -48.48
N GLU B 129 -1.73 25.04 -47.85
CA GLU B 129 -1.82 25.07 -46.41
C GLU B 129 -2.59 23.85 -45.91
N PRO B 130 -2.38 23.45 -44.65
CA PRO B 130 -3.21 22.39 -44.07
C PRO B 130 -4.68 22.78 -44.10
N ALA B 131 -5.53 21.83 -44.48
CA ALA B 131 -6.94 22.13 -44.66
C ALA B 131 -7.78 20.87 -44.52
N LEU B 132 -8.86 20.94 -43.75
CA LEU B 132 -9.86 19.88 -43.67
C LEU B 132 -11.21 20.47 -44.04
N ASP B 133 -11.90 19.82 -44.98
CA ASP B 133 -13.27 20.23 -45.37
C ASP B 133 -14.25 19.66 -44.34
N LEU B 134 -14.38 20.37 -43.22
CA LEU B 134 -15.21 19.87 -42.11
C LEU B 134 -16.67 19.63 -42.49
N PRO B 135 -17.34 20.48 -43.28
CA PRO B 135 -18.71 20.13 -43.70
C PRO B 135 -18.80 18.79 -44.42
N LYS B 136 -17.88 18.48 -45.37
CA LYS B 136 -18.02 17.21 -46.06
C LYS B 136 -17.65 16.06 -45.16
N MET B 137 -16.63 16.24 -44.32
CA MET B 137 -16.29 15.24 -43.32
C MET B 137 -17.48 14.89 -42.46
N PHE B 138 -18.28 15.90 -42.09
CA PHE B 138 -19.45 15.61 -41.28
C PHE B 138 -20.41 14.71 -42.04
N GLY B 139 -20.66 15.01 -43.32
CA GLY B 139 -21.57 14.19 -44.10
C GLY B 139 -21.09 12.75 -44.22
N ILE B 140 -19.80 12.56 -44.47
CA ILE B 140 -19.25 11.21 -44.59
C ILE B 140 -19.41 10.47 -43.27
N HIS B 141 -18.99 11.10 -42.18
CA HIS B 141 -19.06 10.44 -40.87
C HIS B 141 -20.49 10.19 -40.44
N LEU B 142 -21.42 11.11 -40.74
CA LEU B 142 -22.82 10.91 -40.36
C LEU B 142 -23.44 9.77 -41.16
N PHE B 143 -23.13 9.69 -42.45
CA PHE B 143 -23.59 8.59 -43.29
C PHE B 143 -23.10 7.24 -42.74
N LEU B 144 -21.82 7.16 -42.38
CA LEU B 144 -21.27 5.94 -41.80
C LEU B 144 -21.94 5.61 -40.47
N ALA B 145 -22.14 6.62 -39.61
CA ALA B 145 -22.81 6.39 -38.33
C ALA B 145 -24.23 5.88 -38.57
N GLY B 146 -24.92 6.45 -39.57
CA GLY B 146 -26.25 5.97 -39.90
C GLY B 146 -26.26 4.51 -40.28
N LEU B 147 -25.37 4.11 -41.20
CA LEU B 147 -25.28 2.72 -41.63
C LEU B 147 -25.11 1.81 -40.43
N LEU B 148 -24.16 2.15 -39.57
CA LEU B 148 -23.84 1.28 -38.45
C LEU B 148 -25.00 1.24 -37.46
N CYS B 149 -25.63 2.39 -37.24
CA CYS B 149 -26.81 2.44 -36.36
C CYS B 149 -27.93 1.58 -36.91
N PHE B 150 -28.19 1.70 -38.21
CA PHE B 150 -29.24 0.88 -38.83
C PHE B 150 -28.91 -0.60 -38.72
N GLY B 151 -27.67 -0.98 -39.04
CA GLY B 151 -27.31 -2.39 -38.98
C GLY B 151 -27.43 -2.96 -37.59
N PHE B 152 -26.99 -2.19 -36.59
CA PHE B 152 -27.11 -2.62 -35.20
C PHE B 152 -28.56 -2.94 -34.84
N GLY B 153 -29.49 -2.09 -35.26
CA GLY B 153 -30.89 -2.36 -34.96
C GLY B 153 -31.46 -3.45 -35.81
N ALA B 154 -31.19 -3.41 -37.11
CA ALA B 154 -31.89 -4.31 -38.03
C ALA B 154 -31.35 -5.73 -37.97
N PHE B 155 -30.08 -5.91 -37.59
CA PHE B 155 -29.45 -7.22 -37.61
C PHE B 155 -29.09 -7.74 -36.23
N HIS B 156 -28.36 -6.95 -35.43
CA HIS B 156 -27.91 -7.45 -34.14
C HIS B 156 -29.08 -7.57 -33.15
N LEU B 157 -29.82 -6.47 -32.95
CA LEU B 157 -30.86 -6.45 -31.93
C LEU B 157 -32.04 -7.34 -32.29
N THR B 158 -32.39 -7.44 -33.58
CA THR B 158 -33.48 -8.31 -34.01
C THR B 158 -33.12 -9.79 -33.90
N GLY B 159 -31.85 -10.13 -33.75
CA GLY B 159 -31.43 -11.50 -33.90
C GLY B 159 -31.38 -12.02 -35.32
N LEU B 160 -31.72 -11.18 -36.31
CA LEU B 160 -31.67 -11.61 -37.70
C LEU B 160 -30.26 -12.02 -38.13
N PHE B 161 -29.25 -11.30 -37.66
CA PHE B 161 -27.84 -11.66 -37.84
C PHE B 161 -27.11 -11.02 -36.66
N GLY B 162 -27.16 -11.73 -35.54
CA GLY B 162 -26.72 -11.20 -34.27
C GLY B 162 -27.47 -11.86 -33.14
N PRO B 163 -27.08 -11.55 -31.90
CA PRO B 163 -27.63 -12.30 -30.75
C PRO B 163 -28.89 -11.72 -30.13
N GLY B 164 -29.21 -10.46 -30.43
CA GLY B 164 -30.29 -9.81 -29.71
C GLY B 164 -29.80 -8.97 -28.53
N MET B 165 -30.62 -8.85 -27.49
CA MET B 165 -30.29 -8.03 -26.33
C MET B 165 -30.96 -8.61 -25.08
N TRP B 166 -30.47 -8.16 -23.92
CA TRP B 166 -31.01 -8.59 -22.63
C TRP B 166 -32.42 -8.06 -22.42
N VAL B 167 -33.34 -8.96 -22.06
CA VAL B 167 -34.69 -8.61 -21.69
C VAL B 167 -35.06 -9.44 -20.46
N SER B 168 -36.08 -8.99 -19.74
CA SER B 168 -36.45 -9.68 -18.52
C SER B 168 -37.92 -9.39 -18.22
N ASP B 169 -38.46 -10.14 -17.27
CA ASP B 169 -39.80 -9.91 -16.74
C ASP B 169 -39.77 -8.65 -15.87
N PRO B 170 -40.94 -8.12 -15.50
CA PRO B 170 -40.95 -6.87 -14.70
C PRO B 170 -40.27 -6.96 -13.35
N TYR B 171 -39.99 -8.14 -12.83
CA TYR B 171 -39.35 -8.26 -11.52
C TYR B 171 -37.93 -8.81 -11.60
N GLY B 172 -37.35 -8.89 -12.80
CA GLY B 172 -35.94 -9.25 -12.93
C GLY B 172 -35.59 -10.64 -12.42
N LEU B 173 -36.46 -11.61 -12.70
CA LEU B 173 -36.25 -12.96 -12.21
C LEU B 173 -35.73 -13.91 -13.28
N THR B 174 -36.05 -13.66 -14.55
CA THR B 174 -35.80 -14.61 -15.63
C THR B 174 -35.12 -13.95 -16.81
N GLY B 175 -34.16 -13.07 -16.55
CA GLY B 175 -33.52 -12.35 -17.64
C GLY B 175 -32.70 -13.25 -18.52
N SER B 176 -32.69 -12.92 -19.82
CA SER B 176 -31.84 -13.61 -20.78
C SER B 176 -31.70 -12.74 -22.01
N VAL B 177 -30.81 -13.14 -22.91
CA VAL B 177 -30.63 -12.48 -24.19
C VAL B 177 -31.61 -13.07 -25.19
N GLN B 178 -32.36 -12.21 -25.87
CA GLN B 178 -33.39 -12.63 -26.80
C GLN B 178 -33.36 -11.75 -28.04
N PRO B 179 -33.82 -12.28 -29.19
CA PRO B 179 -34.16 -11.40 -30.30
C PRO B 179 -35.34 -10.51 -29.94
N VAL B 180 -35.30 -9.27 -30.38
CA VAL B 180 -36.37 -8.32 -30.08
C VAL B 180 -36.85 -7.70 -31.39
N ALA B 181 -38.15 -7.80 -31.65
CA ALA B 181 -38.70 -7.16 -32.83
C ALA B 181 -38.96 -5.68 -32.57
N PRO B 182 -38.88 -4.84 -33.60
CA PRO B 182 -39.15 -3.41 -33.38
C PRO B 182 -40.60 -3.15 -33.08
N GLU B 183 -40.84 -2.15 -32.24
CA GLU B 183 -42.18 -1.66 -31.92
C GLU B 183 -42.38 -0.33 -32.63
N TRP B 184 -43.36 -0.28 -33.56
CA TRP B 184 -43.59 0.88 -34.40
C TRP B 184 -44.75 1.76 -33.98
N GLY B 185 -45.51 1.37 -32.95
CA GLY B 185 -46.55 2.20 -32.42
C GLY B 185 -46.05 3.09 -31.30
N PRO B 186 -46.95 3.85 -30.67
CA PRO B 186 -46.52 4.81 -29.63
C PRO B 186 -45.84 4.15 -28.45
N ASP B 187 -46.06 2.86 -28.19
CA ASP B 187 -45.34 2.25 -27.09
C ASP B 187 -43.85 2.09 -27.36
N GLY B 188 -43.41 2.30 -28.61
CA GLY B 188 -41.99 2.30 -28.87
C GLY B 188 -41.25 3.42 -28.15
N PHE B 189 -41.96 4.45 -27.71
CA PHE B 189 -41.35 5.57 -27.02
C PHE B 189 -41.42 5.41 -25.51
N ASN B 190 -41.99 4.31 -25.05
CA ASN B 190 -41.93 3.89 -23.65
C ASN B 190 -40.52 3.45 -23.29
N PRO B 191 -39.86 4.07 -22.30
CA PRO B 191 -38.47 3.69 -21.99
C PRO B 191 -38.30 2.26 -21.53
N TYR B 192 -39.37 1.59 -21.10
CA TYR B 192 -39.30 0.21 -20.60
C TYR B 192 -39.61 -0.80 -21.69
N ASN B 193 -39.95 -0.35 -22.90
CA ASN B 193 -40.25 -1.24 -24.01
C ASN B 193 -38.97 -1.52 -24.83
N PRO B 194 -38.42 -2.73 -24.81
CA PRO B 194 -37.18 -2.98 -25.57
C PRO B 194 -37.40 -2.90 -27.07
N GLY B 195 -38.61 -3.17 -27.54
CA GLY B 195 -38.89 -3.02 -28.96
C GLY B 195 -38.69 -1.60 -29.45
N GLY B 196 -38.84 -0.62 -28.56
CA GLY B 196 -38.57 0.76 -28.96
C GLY B 196 -37.11 1.01 -29.23
N VAL B 197 -36.22 0.30 -28.52
CA VAL B 197 -34.80 0.42 -28.76
C VAL B 197 -34.45 -0.10 -30.15
N VAL B 198 -35.08 -1.20 -30.55
CA VAL B 198 -34.84 -1.75 -31.89
C VAL B 198 -35.34 -0.77 -32.93
N ALA B 199 -36.58 -0.30 -32.78
CA ALA B 199 -37.15 0.63 -33.74
C ALA B 199 -36.34 1.91 -33.81
N HIS B 200 -35.86 2.41 -32.67
CA HIS B 200 -35.02 3.60 -32.68
C HIS B 200 -33.85 3.44 -33.63
N HIS B 201 -33.09 2.36 -33.48
CA HIS B 201 -31.85 2.24 -34.24
C HIS B 201 -32.12 2.02 -35.72
N ILE B 202 -33.24 1.39 -36.08
CA ILE B 202 -33.61 1.27 -37.49
C ILE B 202 -33.99 2.64 -38.05
N ALA B 203 -34.90 3.35 -37.38
CA ALA B 203 -35.39 4.62 -37.90
C ALA B 203 -34.33 5.71 -37.81
N ALA B 204 -33.64 5.83 -36.67
CA ALA B 204 -32.61 6.85 -36.56
C ALA B 204 -31.46 6.57 -37.52
N GLY B 205 -31.16 5.28 -37.74
CA GLY B 205 -30.11 4.95 -38.71
C GLY B 205 -30.45 5.40 -40.11
N ILE B 206 -31.68 5.11 -40.56
CA ILE B 206 -32.10 5.53 -41.90
C ILE B 206 -32.10 7.05 -42.01
N VAL B 207 -32.59 7.74 -40.98
CA VAL B 207 -32.55 9.19 -40.97
C VAL B 207 -31.10 9.67 -41.05
N GLY B 208 -30.20 8.99 -40.33
CA GLY B 208 -28.79 9.35 -40.40
C GLY B 208 -28.19 9.13 -41.78
N ILE B 209 -28.64 8.08 -42.47
CA ILE B 209 -28.15 7.80 -43.83
C ILE B 209 -28.58 8.92 -44.76
N ILE B 210 -29.85 9.33 -44.66
CA ILE B 210 -30.39 10.35 -45.54
C ILE B 210 -29.73 11.69 -45.26
N ALA B 211 -29.66 12.05 -43.97
CA ALA B 211 -29.02 13.30 -43.59
C ALA B 211 -27.55 13.29 -43.96
N GLY B 212 -26.88 12.14 -43.79
CA GLY B 212 -25.49 12.03 -44.19
C GLY B 212 -25.29 12.30 -45.67
N LEU B 213 -26.17 11.75 -46.51
CA LEU B 213 -26.08 12.04 -47.93
C LEU B 213 -26.33 13.51 -48.21
N PHE B 214 -27.29 14.11 -47.49
CA PHE B 214 -27.53 15.53 -47.66
C PHE B 214 -26.27 16.33 -47.34
N HIS B 215 -25.63 16.05 -46.20
CA HIS B 215 -24.45 16.81 -45.83
C HIS B 215 -23.24 16.48 -46.71
N ILE B 216 -23.28 15.38 -47.47
CA ILE B 216 -22.20 15.13 -48.41
C ILE B 216 -22.36 15.99 -49.65
N LEU B 217 -23.60 16.21 -50.08
CA LEU B 217 -23.90 16.78 -51.39
C LEU B 217 -24.22 18.28 -51.36
N VAL B 218 -24.69 18.83 -50.24
CA VAL B 218 -25.10 20.22 -50.18
C VAL B 218 -24.12 20.98 -49.30
N ARG B 219 -23.57 22.06 -49.84
CA ARG B 219 -22.63 22.88 -49.10
C ARG B 219 -23.39 23.72 -48.07
N PRO B 220 -22.76 24.09 -46.96
CA PRO B 220 -23.45 24.90 -45.97
C PRO B 220 -23.81 26.28 -46.56
N PRO B 221 -24.92 26.85 -46.13
CA PRO B 221 -25.22 28.23 -46.53
C PRO B 221 -24.12 29.17 -46.04
N GLN B 222 -23.79 30.15 -46.87
CA GLN B 222 -22.77 31.13 -46.48
C GLN B 222 -23.08 31.76 -45.12
N ARG B 223 -24.37 32.06 -44.86
CA ARG B 223 -24.74 32.67 -43.59
C ARG B 223 -24.37 31.78 -42.42
N LEU B 224 -24.58 30.47 -42.55
CA LEU B 224 -24.28 29.56 -41.45
C LEU B 224 -22.79 29.23 -41.37
N TYR B 225 -22.13 29.14 -42.53
CA TYR B 225 -20.69 28.90 -42.56
C TYR B 225 -19.93 29.97 -41.78
N LYS B 226 -20.30 31.23 -41.97
CA LYS B 226 -19.64 32.35 -41.30
C LYS B 226 -20.02 32.40 -39.82
N ALA B 227 -21.30 32.19 -39.50
CA ALA B 227 -21.76 32.35 -38.13
C ALA B 227 -21.24 31.25 -37.22
N LEU B 228 -21.11 30.03 -37.72
CA LEU B 228 -20.59 28.96 -36.89
C LEU B 228 -19.09 28.74 -37.10
N ARG B 229 -18.44 29.57 -37.91
CA ARG B 229 -16.99 29.50 -38.18
C ARG B 229 -16.59 28.11 -38.67
N MET B 230 -17.26 27.67 -39.74
CA MET B 230 -17.11 26.28 -40.16
C MET B 230 -15.77 25.97 -40.81
N GLY B 231 -14.94 26.98 -41.06
CA GLY B 231 -13.55 26.71 -41.39
C GLY B 231 -12.65 26.48 -40.18
N ASN B 232 -13.20 26.55 -38.96
CA ASN B 232 -12.43 26.45 -37.71
C ASN B 232 -12.78 25.13 -37.02
N ILE B 233 -11.79 24.22 -36.93
CA ILE B 233 -12.05 22.92 -36.33
C ILE B 233 -12.51 23.03 -34.88
N GLU B 234 -12.17 24.13 -34.20
CA GLU B 234 -12.62 24.28 -32.82
C GLU B 234 -14.15 24.49 -32.72
N THR B 235 -14.82 24.92 -33.79
CA THR B 235 -16.27 24.95 -33.74
C THR B 235 -16.83 23.53 -33.61
N VAL B 236 -16.21 22.56 -34.29
CA VAL B 236 -16.66 21.17 -34.20
C VAL B 236 -16.46 20.66 -32.79
N LEU B 237 -15.33 21.00 -32.18
CA LEU B 237 -15.09 20.58 -30.81
C LEU B 237 -16.17 21.14 -29.88
N SER B 238 -16.54 22.41 -30.07
CA SER B 238 -17.56 23.01 -29.22
CA SER B 238 -17.57 23.02 -29.24
C SER B 238 -18.89 22.27 -29.35
N SER B 239 -19.41 22.12 -30.57
CA SER B 239 -20.71 21.47 -30.70
C SER B 239 -20.66 20.00 -30.36
N SER B 240 -19.51 19.34 -30.61
CA SER B 240 -19.38 17.94 -30.24
C SER B 240 -19.37 17.77 -28.74
N ILE B 241 -18.68 18.64 -28.01
CA ILE B 241 -18.73 18.57 -26.56
C ILE B 241 -20.16 18.76 -26.08
N ALA B 242 -20.93 19.65 -26.74
CA ALA B 242 -22.31 19.87 -26.33
C ALA B 242 -23.16 18.61 -26.53
N ALA B 243 -23.05 17.98 -27.70
CA ALA B 243 -23.79 16.75 -27.97
C ALA B 243 -23.42 15.67 -26.97
N VAL B 244 -22.14 15.65 -26.59
CA VAL B 244 -21.66 14.57 -25.72
C VAL B 244 -22.14 14.76 -24.28
N PHE B 245 -22.22 16.01 -23.78
CA PHE B 245 -22.76 16.16 -22.43
C PHE B 245 -24.27 15.98 -22.41
N PHE B 246 -24.96 16.31 -23.50
CA PHE B 246 -26.37 15.94 -23.63
C PHE B 246 -26.52 14.42 -23.50
N ALA B 247 -25.76 13.67 -24.30
CA ALA B 247 -25.82 12.21 -24.22
C ALA B 247 -25.50 11.71 -22.82
N ALA B 248 -24.48 12.29 -22.17
CA ALA B 248 -24.06 11.78 -20.88
C ALA B 248 -25.14 12.02 -19.81
N PHE B 249 -25.84 13.16 -19.88
CA PHE B 249 -26.96 13.37 -18.96
C PHE B 249 -28.05 12.34 -19.21
N VAL B 250 -28.32 12.01 -20.48
CA VAL B 250 -29.38 11.06 -20.78
C VAL B 250 -29.06 9.69 -20.20
N VAL B 251 -27.80 9.22 -20.37
CA VAL B 251 -27.51 7.88 -19.84
C VAL B 251 -27.44 7.89 -18.33
N ALA B 252 -27.08 9.03 -17.72
CA ALA B 252 -27.18 9.12 -16.28
C ALA B 252 -28.63 8.98 -15.83
N GLY B 253 -29.56 9.62 -16.54
CA GLY B 253 -30.96 9.57 -16.18
C GLY B 253 -31.57 8.18 -16.34
N THR B 254 -31.32 7.53 -17.49
CA THR B 254 -31.92 6.21 -17.70
C THR B 254 -31.27 5.16 -16.82
N MET B 255 -30.02 5.37 -16.42
CA MET B 255 -29.44 4.47 -15.42
C MET B 255 -30.12 4.63 -14.05
N TRP B 256 -30.40 5.87 -13.65
CA TRP B 256 -30.93 6.06 -12.30
C TRP B 256 -32.42 5.70 -12.21
N TYR B 257 -33.21 6.03 -13.23
CA TYR B 257 -34.64 5.72 -13.20
C TYR B 257 -34.97 4.34 -13.76
N GLY B 258 -34.05 3.74 -14.51
CA GLY B 258 -34.33 2.43 -15.12
C GLY B 258 -34.96 2.54 -16.48
N SER B 259 -34.63 1.59 -17.35
CA SER B 259 -35.23 1.47 -18.68
C SER B 259 -34.96 0.08 -19.22
N ALA B 260 -35.47 -0.18 -20.42
CA ALA B 260 -35.17 -1.44 -21.10
C ALA B 260 -33.67 -1.67 -21.30
N THR B 261 -32.85 -0.61 -21.30
CA THR B 261 -31.40 -0.78 -21.48
C THR B 261 -30.60 -0.70 -20.19
N THR B 262 -31.23 -0.57 -19.02
CA THR B 262 -30.52 -0.65 -17.74
C THR B 262 -31.20 -1.70 -16.85
N PRO B 263 -31.18 -2.97 -17.26
CA PRO B 263 -31.95 -3.99 -16.54
C PRO B 263 -31.38 -4.30 -15.16
N ILE B 264 -32.29 -4.67 -14.24
CA ILE B 264 -31.90 -4.80 -12.84
C ILE B 264 -31.05 -6.04 -12.60
N GLU B 265 -31.14 -7.08 -13.45
CA GLU B 265 -30.26 -8.23 -13.26
C GLU B 265 -28.82 -7.93 -13.64
N LEU B 266 -28.57 -6.87 -14.40
CA LEU B 266 -27.23 -6.49 -14.79
C LEU B 266 -26.66 -5.37 -13.95
N PHE B 267 -27.49 -4.38 -13.57
CA PHE B 267 -27.02 -3.21 -12.83
C PHE B 267 -27.56 -3.12 -11.41
N GLY B 268 -28.48 -3.99 -11.02
CA GLY B 268 -29.09 -3.92 -9.71
C GLY B 268 -30.40 -3.14 -9.76
N PRO B 269 -31.17 -3.23 -8.68
CA PRO B 269 -32.46 -2.54 -8.63
C PRO B 269 -32.24 -1.03 -8.53
N THR B 270 -33.33 -0.29 -8.73
CA THR B 270 -33.28 1.16 -8.61
C THR B 270 -33.72 1.59 -7.20
N ARG B 271 -33.38 2.84 -6.85
CA ARG B 271 -33.84 3.39 -5.57
C ARG B 271 -35.35 3.55 -5.56
N TYR B 272 -35.98 3.76 -6.72
CA TYR B 272 -37.42 4.00 -6.75
C TYR B 272 -38.20 2.74 -6.46
N GLN B 273 -37.59 1.57 -6.71
CA GLN B 273 -38.24 0.32 -6.37
C GLN B 273 -38.36 0.14 -4.85
N TRP B 274 -37.37 0.63 -4.09
CA TRP B 274 -37.51 0.69 -2.64
C TRP B 274 -38.54 1.73 -2.22
N ASP B 275 -38.46 2.94 -2.80
CA ASP B 275 -39.39 4.01 -2.45
C ASP B 275 -40.85 3.57 -2.60
N SER B 276 -41.15 2.83 -3.65
CA SER B 276 -42.52 2.42 -3.92
C SER B 276 -42.85 1.02 -3.43
N SER B 277 -41.92 0.35 -2.74
CA SER B 277 -42.17 -1.00 -2.25
C SER B 277 -42.63 -1.88 -3.40
N TYR B 278 -41.95 -1.69 -4.55
CA TYR B 278 -42.31 -2.39 -5.77
C TYR B 278 -42.24 -3.91 -5.59
N PHE B 279 -41.15 -4.40 -5.00
CA PHE B 279 -41.00 -5.84 -4.80
C PHE B 279 -41.85 -6.34 -3.62
N GLN B 280 -41.98 -5.55 -2.56
CA GLN B 280 -42.82 -5.96 -1.44
C GLN B 280 -44.27 -6.18 -1.90
N GLN B 281 -44.79 -5.32 -2.78
CA GLN B 281 -46.16 -5.45 -3.25
C GLN B 281 -46.36 -6.74 -4.05
N GLU B 282 -45.38 -7.10 -4.87
CA GLU B 282 -45.46 -8.32 -5.67
C GLU B 282 -45.32 -9.57 -4.80
N ILE B 283 -44.40 -9.54 -3.84
CA ILE B 283 -44.30 -10.62 -2.87
C ILE B 283 -45.62 -10.82 -2.14
N ASN B 284 -46.17 -9.73 -1.59
CA ASN B 284 -47.45 -9.83 -0.88
CA ASN B 284 -47.45 -9.83 -0.88
C ASN B 284 -48.55 -10.36 -1.80
N ARG B 285 -48.59 -9.88 -3.05
CA ARG B 285 -49.60 -10.38 -3.99
C ARG B 285 -49.49 -11.89 -4.13
N ARG B 286 -48.28 -12.41 -4.35
CA ARG B 286 -48.11 -13.85 -4.54
CA ARG B 286 -48.11 -13.85 -4.54
C ARG B 286 -48.52 -14.62 -3.28
N VAL B 287 -48.13 -14.12 -2.10
CA VAL B 287 -48.48 -14.81 -0.86
C VAL B 287 -49.99 -14.86 -0.67
N GLN B 288 -50.68 -13.75 -0.92
CA GLN B 288 -52.14 -13.74 -0.77
C GLN B 288 -52.82 -14.61 -1.81
N ALA B 289 -52.24 -14.73 -3.01
CA ALA B 289 -52.78 -15.64 -4.00
C ALA B 289 -52.55 -17.10 -3.58
N SER B 290 -51.37 -17.39 -3.02
CA SER B 290 -51.11 -18.72 -2.48
C SER B 290 -52.12 -19.07 -1.38
N LEU B 291 -52.36 -18.13 -0.46
CA LEU B 291 -53.29 -18.40 0.63
C LEU B 291 -54.70 -18.62 0.11
N ALA B 292 -55.12 -17.83 -0.88
CA ALA B 292 -56.45 -17.98 -1.45
C ALA B 292 -56.63 -19.33 -2.11
N SER B 293 -55.55 -19.93 -2.59
CA SER B 293 -55.59 -21.25 -3.19
C SER B 293 -55.45 -22.36 -2.16
N GLY B 294 -55.56 -22.04 -0.88
CA GLY B 294 -55.58 -23.03 0.18
C GLY B 294 -54.24 -23.37 0.80
N ALA B 295 -53.18 -22.60 0.50
CA ALA B 295 -51.87 -22.89 1.07
C ALA B 295 -51.79 -22.43 2.53
N THR B 296 -50.95 -23.12 3.29
CA THR B 296 -50.63 -22.66 4.63
C THR B 296 -49.67 -21.47 4.56
N LEU B 297 -49.55 -20.77 5.68
CA LEU B 297 -48.65 -19.62 5.75
C LEU B 297 -47.22 -20.01 5.41
N GLU B 298 -46.76 -21.18 5.89
CA GLU B 298 -45.42 -21.64 5.59
C GLU B 298 -45.25 -21.96 4.10
N GLU B 299 -46.24 -22.62 3.51
CA GLU B 299 -46.17 -22.94 2.08
C GLU B 299 -46.21 -21.68 1.23
N ALA B 300 -47.09 -20.73 1.60
CA ALA B 300 -47.20 -19.50 0.83
C ALA B 300 -45.88 -18.74 0.81
N TRP B 301 -45.25 -18.57 1.97
CA TRP B 301 -43.99 -17.84 1.99
C TRP B 301 -42.83 -18.66 1.40
N SER B 302 -42.86 -19.99 1.57
CA SER B 302 -41.81 -20.81 0.96
C SER B 302 -41.92 -20.82 -0.56
N ALA B 303 -43.07 -20.47 -1.13
CA ALA B 303 -43.16 -20.38 -2.59
C ALA B 303 -42.53 -19.09 -3.15
N ILE B 304 -42.06 -18.18 -2.31
CA ILE B 304 -41.45 -16.93 -2.79
C ILE B 304 -40.00 -17.20 -3.21
N PRO B 305 -39.63 -16.90 -4.46
CA PRO B 305 -38.23 -17.10 -4.88
C PRO B 305 -37.29 -16.24 -4.05
N GLU B 306 -36.15 -16.83 -3.65
CA GLU B 306 -35.11 -16.07 -2.94
CA GLU B 306 -35.17 -16.04 -2.91
C GLU B 306 -34.72 -14.83 -3.71
N LYS B 307 -34.68 -14.92 -5.04
CA LYS B 307 -34.27 -13.77 -5.85
C LYS B 307 -35.25 -12.61 -5.71
N LEU B 308 -36.54 -12.91 -5.62
CA LEU B 308 -37.55 -11.86 -5.44
C LEU B 308 -37.43 -11.21 -4.07
N ALA B 309 -37.32 -12.04 -3.02
CA ALA B 309 -37.11 -11.53 -1.68
C ALA B 309 -35.86 -10.65 -1.59
N PHE B 310 -34.79 -11.03 -2.30
CA PHE B 310 -33.52 -10.32 -2.20
C PHE B 310 -33.61 -8.93 -2.79
N TYR B 311 -34.45 -8.73 -3.81
CA TYR B 311 -34.72 -7.39 -4.31
C TYR B 311 -35.46 -6.53 -3.29
N ASP B 312 -36.17 -7.15 -2.36
CA ASP B 312 -36.94 -6.41 -1.34
C ASP B 312 -36.09 -6.17 -0.10
N TYR B 313 -34.86 -5.67 -0.32
CA TYR B 313 -33.89 -5.51 0.75
C TYR B 313 -33.08 -4.24 0.49
N ILE B 314 -32.94 -3.40 1.51
CA ILE B 314 -32.38 -2.07 1.26
C ILE B 314 -30.90 -2.12 0.97
N GLY B 315 -30.20 -3.19 1.37
CA GLY B 315 -28.78 -3.28 1.02
C GLY B 315 -28.52 -3.36 -0.46
N ASN B 316 -29.54 -3.61 -1.27
CA ASN B 316 -29.41 -3.59 -2.72
C ASN B 316 -29.92 -2.29 -3.33
N ASN B 317 -30.38 -1.36 -2.51
CA ASN B 317 -30.85 -0.06 -2.95
C ASN B 317 -29.64 0.79 -3.29
N PRO B 318 -29.51 1.32 -4.51
CA PRO B 318 -28.30 2.08 -4.88
C PRO B 318 -28.18 3.44 -4.21
N ALA B 319 -29.21 3.88 -3.49
CA ALA B 319 -29.16 5.15 -2.82
C ALA B 319 -28.72 5.02 -1.36
N LYS B 320 -28.01 3.95 -1.01
CA LYS B 320 -27.61 3.70 0.38
C LYS B 320 -26.10 3.74 0.58
N GLY B 321 -25.34 4.18 -0.41
CA GLY B 321 -23.89 4.06 -0.38
C GLY B 321 -23.20 5.29 0.17
N GLY B 322 -21.90 5.36 -0.11
CA GLY B 322 -21.07 6.47 0.32
C GLY B 322 -19.99 6.73 -0.71
N LEU B 323 -19.61 7.99 -0.84
CA LEU B 323 -18.65 8.39 -1.87
C LEU B 323 -17.31 7.68 -1.70
N PHE B 324 -16.88 7.45 -0.47
CA PHE B 324 -15.57 6.83 -0.24
C PHE B 324 -15.66 5.44 0.33
N ARG B 325 -16.86 4.84 0.33
CA ARG B 325 -17.05 3.42 0.65
C ARG B 325 -16.87 2.65 -0.66
N THR B 326 -15.65 2.18 -0.91
CA THR B 326 -15.24 1.66 -2.21
C THR B 326 -15.52 0.17 -2.32
N GLY B 327 -15.57 -0.31 -3.57
CA GLY B 327 -15.63 -1.72 -3.84
C GLY B 327 -17.02 -2.28 -4.08
N PRO B 328 -17.14 -3.59 -4.02
CA PRO B 328 -18.43 -4.25 -4.25
C PRO B 328 -19.36 -4.10 -3.04
N MET B 329 -20.66 -4.19 -3.32
CA MET B 329 -21.64 -4.22 -2.24
C MET B 329 -21.33 -5.34 -1.25
N ASN B 330 -20.77 -6.45 -1.73
CA ASN B 330 -20.44 -7.56 -0.83
C ASN B 330 -19.44 -7.14 0.25
N LYS B 331 -18.66 -6.09 0.00
CA LYS B 331 -17.74 -5.60 1.00
C LYS B 331 -18.46 -4.96 2.20
N GLY B 332 -19.71 -4.57 2.03
CA GLY B 332 -20.44 -3.96 3.14
C GLY B 332 -21.20 -4.98 3.97
N ASP B 333 -22.39 -5.35 3.52
CA ASP B 333 -23.19 -6.27 4.32
C ASP B 333 -22.69 -7.71 4.21
N GLY B 334 -21.86 -8.04 3.23
CA GLY B 334 -21.34 -9.38 3.07
C GLY B 334 -21.85 -10.03 1.79
N ILE B 335 -21.43 -11.28 1.60
CA ILE B 335 -21.89 -12.10 0.48
C ILE B 335 -23.16 -12.82 0.93
N ALA B 336 -24.29 -12.45 0.33
CA ALA B 336 -25.56 -13.06 0.71
C ALA B 336 -25.51 -14.56 0.45
N GLN B 337 -25.96 -15.34 1.44
CA GLN B 337 -25.97 -16.80 1.39
C GLN B 337 -27.36 -17.40 1.21
N ALA B 338 -28.36 -16.88 1.94
CA ALA B 338 -29.69 -17.46 1.94
C ALA B 338 -30.68 -16.48 2.55
N TRP B 339 -31.92 -16.56 2.07
CA TRP B 339 -33.04 -15.88 2.72
C TRP B 339 -33.33 -16.56 4.06
N LYS B 340 -33.44 -15.77 5.12
CA LYS B 340 -33.84 -16.36 6.39
C LYS B 340 -35.32 -16.66 6.43
N GLY B 341 -36.08 -16.13 5.50
CA GLY B 341 -37.52 -16.23 5.56
C GLY B 341 -38.14 -14.95 6.06
N HIS B 342 -39.44 -14.89 5.92
CA HIS B 342 -40.20 -13.69 6.24
C HIS B 342 -40.49 -13.63 7.73
N ALA B 343 -40.07 -12.54 8.37
CA ALA B 343 -40.30 -12.36 9.80
C ALA B 343 -41.69 -11.78 10.05
N VAL B 344 -42.46 -12.44 10.92
CA VAL B 344 -43.76 -11.96 11.36
C VAL B 344 -43.67 -11.68 12.86
N PHE B 345 -43.90 -10.43 13.24
CA PHE B 345 -43.85 -10.05 14.64
C PHE B 345 -45.25 -10.01 15.22
N ARG B 346 -45.36 -10.37 16.50
CA ARG B 346 -46.63 -10.41 17.20
CA ARG B 346 -46.64 -10.35 17.19
C ARG B 346 -46.43 -9.94 18.64
N ASN B 347 -47.45 -9.28 19.20
CA ASN B 347 -47.36 -8.92 20.61
C ASN B 347 -48.04 -10.01 21.44
N LYS B 348 -48.10 -9.81 22.76
CA LYS B 348 -48.67 -10.84 23.63
C LYS B 348 -50.15 -11.08 23.36
N GLU B 349 -50.89 -10.06 22.88
CA GLU B 349 -52.27 -10.29 22.46
C GLU B 349 -52.38 -11.10 21.17
N GLY B 350 -51.28 -11.31 20.48
CA GLY B 350 -51.33 -12.07 19.24
C GLY B 350 -51.62 -11.25 18.00
N GLU B 351 -51.68 -9.92 18.12
N GLU B 351 -51.67 -9.93 18.10
CA GLU B 351 -51.83 -9.05 16.96
CA GLU B 351 -51.88 -9.11 16.91
C GLU B 351 -50.55 -9.08 16.12
C GLU B 351 -50.60 -8.99 16.11
N GLU B 352 -50.71 -9.12 14.79
CA GLU B 352 -49.53 -8.99 13.94
C GLU B 352 -49.06 -7.54 13.94
N LEU B 353 -47.75 -7.35 14.09
CA LEU B 353 -47.14 -6.05 14.08
C LEU B 353 -46.17 -5.95 12.91
N PHE B 354 -45.96 -4.74 12.40
CA PHE B 354 -45.14 -4.52 11.21
C PHE B 354 -44.04 -3.53 11.51
N VAL B 355 -42.79 -3.88 11.21
CA VAL B 355 -41.67 -2.98 11.46
C VAL B 355 -41.69 -1.86 10.42
N ARG B 356 -41.54 -0.62 10.89
CA ARG B 356 -41.45 0.52 9.97
C ARG B 356 -40.09 0.49 9.24
N ARG B 357 -40.14 0.44 7.92
CA ARG B 357 -38.91 0.30 7.14
C ARG B 357 -38.11 1.60 7.07
N MET B 358 -36.80 1.45 6.92
CA MET B 358 -35.87 2.56 6.78
C MET B 358 -36.02 3.23 5.41
N PRO B 359 -36.27 4.54 5.35
CA PRO B 359 -36.16 5.26 4.07
C PRO B 359 -34.71 5.48 3.69
N ALA B 360 -34.45 5.56 2.38
CA ALA B 360 -33.07 5.68 1.90
C ALA B 360 -32.34 6.87 2.49
N PHE B 361 -33.07 7.93 2.85
CA PHE B 361 -32.43 9.14 3.37
C PHE B 361 -31.64 8.90 4.66
N PHE B 362 -31.97 7.87 5.45
CA PHE B 362 -31.52 7.78 6.84
C PHE B 362 -30.36 6.81 6.99
N GLU B 363 -29.19 7.33 7.45
CA GLU B 363 -28.06 6.45 7.78
C GLU B 363 -28.40 5.53 8.94
N SER B 364 -29.26 5.97 9.86
CA SER B 364 -29.73 5.14 10.97
C SER B 364 -31.21 5.40 11.15
N PHE B 365 -31.90 4.49 11.85
CA PHE B 365 -33.34 4.60 11.93
C PHE B 365 -33.86 3.85 13.14
N PRO B 366 -34.85 4.37 13.88
CA PRO B 366 -35.34 3.66 15.06
C PRO B 366 -36.17 2.44 14.66
N VAL B 367 -36.41 1.59 15.64
CA VAL B 367 -37.22 0.39 15.46
C VAL B 367 -38.59 0.66 16.07
N ILE B 368 -39.59 0.79 15.21
CA ILE B 368 -40.97 1.06 15.60
C ILE B 368 -41.85 0.05 14.90
N LEU B 369 -42.78 -0.54 15.65
CA LEU B 369 -43.70 -1.55 15.15
C LEU B 369 -45.13 -1.04 15.28
N THR B 370 -45.91 -1.18 14.21
CA THR B 370 -47.30 -0.73 14.19
C THR B 370 -48.23 -1.91 13.90
N ASP B 371 -49.52 -1.73 14.21
CA ASP B 371 -50.52 -2.72 13.82
C ASP B 371 -50.90 -2.46 12.37
N LYS B 372 -51.88 -3.20 11.86
CA LYS B 372 -52.22 -3.06 10.45
C LYS B 372 -52.80 -1.68 10.10
N ASN B 373 -53.30 -0.94 11.09
CA ASN B 373 -53.83 0.40 10.88
C ASN B 373 -52.78 1.50 11.07
N GLY B 374 -51.52 1.16 11.31
CA GLY B 374 -50.51 2.16 11.55
C GLY B 374 -50.41 2.69 12.97
N VAL B 375 -51.13 2.10 13.93
CA VAL B 375 -51.01 2.50 15.32
C VAL B 375 -49.76 1.88 15.93
N VAL B 376 -48.96 2.70 16.63
CA VAL B 376 -47.74 2.20 17.25
C VAL B 376 -48.08 1.23 18.37
N LYS B 377 -47.39 0.10 18.40
CA LYS B 377 -47.65 -0.96 19.38
C LYS B 377 -46.40 -1.42 20.13
N ALA B 378 -45.20 -1.19 19.61
CA ALA B 378 -43.96 -1.56 20.27
C ALA B 378 -42.83 -0.77 19.63
N ASP B 379 -41.74 -0.63 20.35
CA ASP B 379 -40.56 0.02 19.80
C ASP B 379 -39.34 -0.40 20.63
N ILE B 380 -38.18 0.07 20.19
CA ILE B 380 -36.97 -0.07 21.00
C ILE B 380 -36.65 1.31 21.56
N PRO B 381 -36.83 1.53 22.85
CA PRO B 381 -36.69 2.87 23.42
C PRO B 381 -35.24 3.28 23.57
N PHE B 382 -35.05 4.60 23.57
CA PHE B 382 -33.76 5.22 23.88
C PHE B 382 -33.72 5.43 25.39
N ARG B 383 -34.39 6.45 25.91
CA ARG B 383 -34.60 6.55 27.35
C ARG B 383 -35.50 5.43 27.84
N ARG B 384 -35.11 4.79 28.93
CA ARG B 384 -35.88 3.67 29.46
C ARG B 384 -36.86 4.03 30.56
N ALA B 385 -36.61 5.11 31.31
CA ALA B 385 -37.33 5.38 32.56
C ALA B 385 -38.82 5.65 32.34
N GLU B 386 -39.22 6.03 31.13
CA GLU B 386 -40.64 6.26 30.84
C GLU B 386 -41.10 5.41 29.65
N SER B 387 -40.40 4.30 29.39
CA SER B 387 -40.77 3.44 28.27
C SER B 387 -42.13 2.81 28.50
N LYS B 388 -42.96 2.81 27.44
CA LYS B 388 -44.25 2.17 27.46
C LYS B 388 -44.41 1.06 26.42
N TYR B 389 -43.59 1.06 25.39
CA TYR B 389 -43.78 0.19 24.23
C TYR B 389 -42.66 -0.83 24.04
N SER B 390 -41.82 -1.04 25.05
CA SER B 390 -40.70 -1.94 24.90
C SER B 390 -41.20 -3.34 24.52
N PHE B 391 -40.33 -4.09 23.83
CA PHE B 391 -40.64 -5.48 23.49
C PHE B 391 -40.90 -6.31 24.74
N GLU B 392 -40.22 -5.99 25.84
CA GLU B 392 -40.44 -6.71 27.08
C GLU B 392 -41.84 -6.46 27.62
N GLN B 393 -42.27 -5.20 27.66
CA GLN B 393 -43.61 -4.90 28.17
C GLN B 393 -44.69 -5.43 27.25
N GLN B 394 -44.43 -5.44 25.94
CA GLN B 394 -45.47 -5.83 25.01
C GLN B 394 -45.43 -7.30 24.63
N GLY B 395 -44.45 -8.05 25.13
CA GLY B 395 -44.39 -9.48 24.87
C GLY B 395 -44.20 -9.82 23.41
N VAL B 396 -43.31 -9.10 22.73
CA VAL B 396 -43.15 -9.25 21.29
C VAL B 396 -42.41 -10.53 20.95
N THR B 397 -42.97 -11.31 20.03
CA THR B 397 -42.31 -12.48 19.48
C THR B 397 -42.15 -12.32 17.96
N VAL B 398 -41.34 -13.20 17.36
CA VAL B 398 -41.19 -13.23 15.91
C VAL B 398 -41.16 -14.69 15.44
N SER B 399 -42.00 -15.00 14.43
CA SER B 399 -42.03 -16.30 13.76
C SER B 399 -41.61 -16.11 12.30
N PHE B 400 -40.88 -17.08 11.75
CA PHE B 400 -40.40 -17.01 10.38
C PHE B 400 -41.16 -17.98 9.49
N TYR B 401 -41.47 -17.53 8.28
CA TYR B 401 -42.16 -18.33 7.26
C TYR B 401 -41.34 -18.26 5.98
N GLY B 402 -41.01 -19.43 5.43
CA GLY B 402 -40.08 -19.51 4.33
C GLY B 402 -38.64 -19.44 4.82
N GLY B 403 -37.72 -19.63 3.88
CA GLY B 403 -36.28 -19.49 4.10
C GLY B 403 -35.70 -20.44 5.15
N GLU B 404 -34.49 -20.10 5.58
CA GLU B 404 -33.75 -20.94 6.52
C GLU B 404 -34.52 -21.18 7.81
N LEU B 405 -35.15 -20.13 8.35
CA LEU B 405 -35.75 -20.18 9.67
C LEU B 405 -37.22 -20.58 9.64
N ASN B 406 -37.72 -21.08 8.51
CA ASN B 406 -39.11 -21.44 8.37
C ASN B 406 -39.57 -22.31 9.54
N GLY B 407 -40.73 -21.95 10.10
CA GLY B 407 -41.34 -22.69 11.17
C GLY B 407 -40.81 -22.40 12.56
N GLN B 408 -39.79 -21.57 12.69
CA GLN B 408 -39.21 -21.27 13.99
C GLN B 408 -39.84 -19.99 14.59
N THR B 409 -39.91 -19.95 15.91
CA THR B 409 -40.45 -18.82 16.65
C THR B 409 -39.43 -18.44 17.73
N PHE B 410 -39.20 -17.14 17.90
CA PHE B 410 -38.28 -16.65 18.91
C PHE B 410 -39.02 -15.75 19.89
N THR B 411 -38.74 -15.92 21.19
CA THR B 411 -39.39 -15.15 22.27
C THR B 411 -38.42 -14.39 23.15
N ASP B 412 -37.14 -14.73 23.13
CA ASP B 412 -36.14 -14.03 23.93
C ASP B 412 -36.01 -12.59 23.44
N PRO B 413 -36.29 -11.60 24.28
CA PRO B 413 -36.42 -10.22 23.78
C PRO B 413 -35.18 -9.73 23.03
N PRO B 414 -33.95 -9.97 23.53
CA PRO B 414 -32.78 -9.55 22.73
C PRO B 414 -32.72 -10.17 21.34
N THR B 415 -33.14 -11.43 21.20
CA THR B 415 -33.15 -12.06 19.88
C THR B 415 -34.22 -11.46 18.98
N VAL B 416 -35.42 -11.23 19.54
CA VAL B 416 -36.50 -10.60 18.80
C VAL B 416 -36.10 -9.20 18.38
N LYS B 417 -35.45 -8.46 19.27
CA LYS B 417 -35.01 -7.11 18.92
C LYS B 417 -33.97 -7.13 17.81
N SER B 418 -33.12 -8.16 17.80
CA SER B 418 -32.10 -8.24 16.77
C SER B 418 -32.73 -8.47 15.40
N TYR B 419 -33.75 -9.32 15.32
CA TYR B 419 -34.46 -9.48 14.06
C TYR B 419 -35.26 -8.24 13.68
N ALA B 420 -35.83 -7.52 14.65
CA ALA B 420 -36.55 -6.30 14.30
C ALA B 420 -35.61 -5.27 13.69
N ARG B 421 -34.38 -5.15 14.21
CA ARG B 421 -33.39 -4.25 13.61
C ARG B 421 -33.10 -4.60 12.15
N LYS B 422 -33.05 -5.90 11.83
CA LYS B 422 -32.84 -6.32 10.44
C LYS B 422 -34.06 -6.04 9.58
N ALA B 423 -35.26 -6.10 10.17
CA ALA B 423 -36.49 -5.92 9.41
C ALA B 423 -36.68 -4.49 8.92
N ILE B 424 -36.01 -3.51 9.53
CA ILE B 424 -36.09 -2.16 8.96
C ILE B 424 -35.41 -2.12 7.58
N PHE B 425 -34.56 -3.09 7.26
CA PHE B 425 -33.96 -3.17 5.93
C PHE B 425 -34.81 -3.98 4.94
N GLY B 426 -36.00 -4.44 5.34
CA GLY B 426 -36.76 -5.32 4.46
C GLY B 426 -36.60 -6.79 4.80
N GLU B 427 -36.62 -7.65 3.78
CA GLU B 427 -36.42 -9.08 4.03
C GLU B 427 -35.01 -9.35 4.55
N ILE B 428 -34.90 -10.40 5.36
CA ILE B 428 -33.72 -10.68 6.15
C ILE B 428 -32.95 -11.82 5.51
N PHE B 429 -31.63 -11.63 5.35
CA PHE B 429 -30.76 -12.62 4.73
C PHE B 429 -29.61 -12.97 5.66
N GLU B 430 -29.05 -14.16 5.43
CA GLU B 430 -27.79 -14.55 6.04
C GLU B 430 -26.65 -14.17 5.10
N PHE B 431 -25.59 -13.58 5.65
CA PHE B 431 -24.45 -13.09 4.89
C PHE B 431 -23.17 -13.76 5.39
N ASP B 432 -22.28 -14.05 4.45
CA ASP B 432 -20.89 -14.37 4.74
C ASP B 432 -20.11 -13.05 4.84
N THR B 433 -19.75 -12.66 6.05
CA THR B 433 -19.00 -11.42 6.28
C THR B 433 -17.51 -11.66 6.45
N GLU B 434 -17.05 -12.92 6.46
CA GLU B 434 -15.65 -13.25 6.70
C GLU B 434 -14.81 -13.24 5.43
N THR B 435 -15.34 -13.79 4.34
CA THR B 435 -14.53 -13.98 3.14
C THR B 435 -13.92 -12.67 2.68
N LEU B 436 -14.69 -11.58 2.70
CA LEU B 436 -14.18 -10.29 2.26
C LEU B 436 -13.83 -9.36 3.43
N ASN B 437 -13.85 -9.86 4.66
CA ASN B 437 -13.71 -8.99 5.84
C ASN B 437 -14.66 -7.79 5.72
N SER B 438 -15.94 -8.09 5.45
CA SER B 438 -16.92 -7.04 5.25
C SER B 438 -17.07 -6.20 6.52
N ASP B 439 -17.32 -4.90 6.33
CA ASP B 439 -17.36 -3.99 7.46
C ASP B 439 -18.77 -3.66 7.95
N GLY B 440 -19.82 -4.17 7.30
CA GLY B 440 -21.20 -3.93 7.76
C GLY B 440 -21.81 -2.59 7.36
N ILE B 441 -21.21 -1.86 6.42
CA ILE B 441 -21.65 -0.51 6.01
C ILE B 441 -22.03 -0.52 4.54
N PHE B 442 -23.22 -0.01 4.21
CA PHE B 442 -23.79 -0.18 2.87
C PHE B 442 -22.99 0.54 1.78
N ARG B 443 -22.87 -0.09 0.62
CA ARG B 443 -22.24 0.50 -0.56
C ARG B 443 -23.24 0.54 -1.72
N THR B 444 -22.98 1.40 -2.70
CA THR B 444 -23.86 1.45 -3.85
C THR B 444 -23.42 0.43 -4.90
N SER B 445 -24.29 0.22 -5.89
CA SER B 445 -24.08 -0.77 -6.95
C SER B 445 -23.47 -0.12 -8.19
N PRO B 446 -23.18 -0.89 -9.25
CA PRO B 446 -22.82 -0.27 -10.54
C PRO B 446 -23.82 0.75 -11.03
N ARG B 447 -25.11 0.56 -10.75
CA ARG B 447 -26.09 1.56 -11.16
C ARG B 447 -25.77 2.92 -10.55
N GLY B 448 -25.39 2.93 -9.26
CA GLY B 448 -25.09 4.20 -8.60
C GLY B 448 -23.78 4.80 -9.06
N TRP B 449 -22.73 3.98 -9.14
CA TRP B 449 -21.44 4.51 -9.57
C TRP B 449 -21.51 5.00 -11.01
N PHE B 450 -22.18 4.26 -11.90
CA PHE B 450 -22.35 4.74 -13.26
C PHE B 450 -23.02 6.10 -13.27
N THR B 451 -24.14 6.22 -12.54
CA THR B 451 -24.90 7.46 -12.55
C THR B 451 -24.03 8.62 -12.06
N PHE B 452 -23.30 8.40 -10.98
CA PHE B 452 -22.47 9.46 -10.41
C PHE B 452 -21.45 9.97 -11.41
N ALA B 453 -20.63 9.07 -11.97
CA ALA B 453 -19.57 9.48 -12.90
C ALA B 453 -20.15 10.19 -14.12
N HIS B 454 -21.27 9.72 -14.63
CA HIS B 454 -21.70 10.32 -15.88
C HIS B 454 -22.43 11.65 -15.67
N ALA B 455 -23.13 11.83 -14.55
CA ALA B 455 -23.69 13.15 -14.25
C ALA B 455 -22.58 14.15 -13.96
N VAL B 456 -21.55 13.73 -13.22
CA VAL B 456 -20.41 14.61 -12.97
C VAL B 456 -19.69 14.97 -14.28
N PHE B 457 -19.37 13.96 -15.11
CA PHE B 457 -18.68 14.26 -16.36
C PHE B 457 -19.53 15.14 -17.25
N ALA B 458 -20.84 14.87 -17.32
CA ALA B 458 -21.72 15.71 -18.13
C ALA B 458 -21.65 17.17 -17.70
N LEU B 459 -21.67 17.42 -16.40
CA LEU B 459 -21.64 18.79 -15.91
C LEU B 459 -20.31 19.47 -16.29
N LEU B 460 -19.19 18.75 -16.14
CA LEU B 460 -17.89 19.30 -16.48
C LEU B 460 -17.78 19.57 -17.97
N PHE B 461 -18.38 18.71 -18.78
CA PHE B 461 -18.33 18.94 -20.22
C PHE B 461 -19.17 20.15 -20.61
N PHE B 462 -20.12 20.56 -19.78
CA PHE B 462 -20.78 21.84 -20.04
C PHE B 462 -19.76 22.97 -20.03
N PHE B 463 -18.85 22.99 -19.04
CA PHE B 463 -17.81 24.01 -19.05
C PHE B 463 -16.96 23.90 -20.31
N GLY B 464 -16.55 22.67 -20.69
CA GLY B 464 -15.81 22.50 -21.94
C GLY B 464 -16.53 23.09 -23.15
N HIS B 465 -17.85 22.89 -23.25
CA HIS B 465 -18.60 23.45 -24.37
C HIS B 465 -18.53 24.97 -24.38
N ILE B 466 -18.73 25.58 -23.21
CA ILE B 466 -18.72 27.02 -23.04
C ILE B 466 -17.35 27.58 -23.40
N TRP B 467 -16.30 26.91 -22.93
CA TRP B 467 -14.93 27.35 -23.17
C TRP B 467 -14.59 27.31 -24.65
N HIS B 468 -14.76 26.16 -25.29
CA HIS B 468 -14.35 26.05 -26.70
C HIS B 468 -15.30 26.79 -27.63
N GLY B 469 -16.58 26.89 -27.28
CA GLY B 469 -17.47 27.75 -28.05
C GLY B 469 -17.06 29.21 -27.98
N ALA B 470 -16.64 29.66 -26.81
CA ALA B 470 -16.11 31.01 -26.67
C ALA B 470 -14.84 31.19 -27.50
N ARG B 471 -13.92 30.21 -27.43
CA ARG B 471 -12.68 30.29 -28.21
C ARG B 471 -12.97 30.36 -29.70
N THR B 472 -14.00 29.65 -30.16
CA THR B 472 -14.35 29.65 -31.57
C THR B 472 -14.84 31.03 -32.01
N LEU B 473 -15.82 31.58 -31.29
CA LEU B 473 -16.47 32.79 -31.74
C LEU B 473 -15.67 34.05 -31.43
N PHE B 474 -14.66 33.96 -30.59
CA PHE B 474 -13.84 35.11 -30.22
C PHE B 474 -12.36 34.87 -30.56
N ARG B 475 -12.09 34.10 -31.61
CA ARG B 475 -10.71 33.77 -31.95
C ARG B 475 -9.88 35.02 -32.25
N ASP B 476 -10.49 36.02 -32.90
CA ASP B 476 -9.77 37.25 -33.24
C ASP B 476 -9.28 38.02 -32.02
N VAL B 477 -9.82 37.78 -30.82
CA VAL B 477 -9.36 38.53 -29.66
C VAL B 477 -8.75 37.63 -28.59
N PHE B 478 -8.35 36.40 -28.95
CA PHE B 478 -7.80 35.47 -27.96
C PHE B 478 -6.58 36.06 -27.24
N SER B 479 -5.77 36.83 -27.94
CA SER B 479 -4.57 37.45 -27.38
C SER B 479 -4.83 38.79 -26.70
N GLY B 480 -6.05 39.30 -26.77
CA GLY B 480 -6.34 40.62 -26.23
C GLY B 480 -7.20 41.44 -27.16
N ILE B 481 -7.56 42.64 -26.75
CA ILE B 481 -8.42 43.50 -27.55
C ILE B 481 -7.53 44.43 -28.36
N ASP B 482 -8.13 45.12 -29.33
CA ASP B 482 -7.34 45.94 -30.23
C ASP B 482 -6.68 47.08 -29.46
N PRO B 483 -5.36 47.26 -29.57
CA PRO B 483 -4.70 48.35 -28.85
C PRO B 483 -5.22 49.72 -29.24
N GLU B 484 -5.61 49.91 -30.50
CA GLU B 484 -6.21 51.17 -30.89
C GLU B 484 -7.70 50.98 -31.09
N LEU B 485 -8.35 50.31 -30.14
CA LEU B 485 -9.79 50.10 -30.18
C LEU B 485 -10.51 51.43 -30.01
N SER B 486 -11.49 51.69 -30.88
CA SER B 486 -12.16 52.99 -30.92
C SER B 486 -12.96 53.23 -29.64
N PRO B 487 -12.64 54.25 -28.85
CA PRO B 487 -13.43 54.51 -27.62
C PRO B 487 -14.90 54.80 -27.89
N GLU B 488 -15.23 55.37 -29.04
CA GLU B 488 -16.63 55.64 -29.37
C GLU B 488 -17.44 54.36 -29.57
N GLN B 489 -16.77 53.24 -29.84
CA GLN B 489 -17.46 51.97 -30.05
C GLN B 489 -17.95 51.34 -28.75
N VAL B 490 -17.42 51.77 -27.61
CA VAL B 490 -17.81 51.23 -26.32
C VAL B 490 -18.55 52.24 -25.44
N GLU B 491 -18.49 53.53 -25.77
CA GLU B 491 -19.26 54.52 -25.04
C GLU B 491 -20.69 54.58 -25.61
N TRP B 492 -21.53 55.40 -24.99
CA TRP B 492 -22.94 55.45 -25.33
C TRP B 492 -23.26 56.65 -26.22
N GLY B 493 -24.06 56.41 -27.26
CA GLY B 493 -24.64 57.46 -28.07
C GLY B 493 -23.99 57.72 -29.41
N PHE B 494 -22.72 57.33 -29.58
CA PHE B 494 -22.03 57.59 -30.84
C PHE B 494 -22.59 56.73 -31.96
N TYR B 495 -22.78 55.45 -31.72
CA TYR B 495 -23.39 54.54 -32.68
C TYR B 495 -24.83 54.27 -32.28
N GLN B 496 -25.72 54.22 -33.29
CA GLN B 496 -27.09 53.81 -33.02
C GLN B 496 -27.18 52.34 -32.69
N LYS B 497 -26.44 51.51 -33.43
CA LYS B 497 -26.40 50.07 -33.22
C LYS B 497 -25.07 49.72 -32.56
N VAL B 498 -25.13 48.97 -31.46
CA VAL B 498 -23.95 48.68 -30.66
C VAL B 498 -22.86 48.06 -31.53
N GLY B 499 -21.69 48.67 -31.54
CA GLY B 499 -20.55 48.09 -32.22
C GLY B 499 -20.63 48.07 -33.73
N ASP B 500 -21.38 48.98 -34.34
CA ASP B 500 -21.51 49.03 -35.79
C ASP B 500 -21.05 50.41 -36.25
N VAL B 501 -19.81 50.47 -36.76
CA VAL B 501 -19.21 51.73 -37.18
C VAL B 501 -20.04 52.46 -38.22
N THR B 502 -20.88 51.74 -38.97
CA THR B 502 -21.71 52.35 -40.00
C THR B 502 -23.01 52.94 -39.47
N THR B 503 -23.18 53.06 -38.14
CA THR B 503 -24.39 53.67 -37.58
C THR B 503 -24.04 54.84 -36.67
N ARG B 504 -22.93 55.52 -36.95
CA ARG B 504 -22.58 56.72 -36.19
C ARG B 504 -23.53 57.86 -36.51
N LYS B 505 -23.84 58.67 -35.50
CA LYS B 505 -24.75 59.81 -35.64
C LYS B 505 -24.04 61.03 -36.20
N ALA C 5 -16.64 77.54 -3.25
CA ALA C 5 -17.76 78.46 -3.05
C ALA C 5 -18.23 78.44 -1.60
N THR C 6 -17.90 79.50 -0.85
CA THR C 6 -18.22 79.63 0.57
C THR C 6 -17.74 78.41 1.35
N ASN C 7 -16.48 78.01 1.08
CA ASN C 7 -15.70 76.94 1.71
C ASN C 7 -16.49 75.69 2.12
N ARG C 8 -17.74 75.56 1.69
CA ARG C 8 -18.55 74.40 2.02
C ARG C 8 -18.81 73.54 0.78
N ASP C 9 -17.72 73.14 0.11
CA ASP C 9 -17.78 72.27 -1.05
C ASP C 9 -16.43 71.58 -1.16
N GLN C 10 -16.36 70.56 -2.02
CA GLN C 10 -15.12 69.80 -2.13
C GLN C 10 -14.01 70.64 -2.74
N GLU C 11 -14.34 71.48 -3.72
CA GLU C 11 -13.31 72.24 -4.42
C GLU C 11 -12.56 73.15 -3.47
N SER C 12 -13.28 73.85 -2.59
CA SER C 12 -12.63 74.77 -1.67
C SER C 12 -11.94 74.04 -0.51
N SER C 13 -12.56 72.97 0.01
CA SER C 13 -12.10 72.37 1.25
C SER C 13 -11.22 71.15 1.04
N GLY C 14 -11.31 70.51 -0.13
CA GLY C 14 -10.63 69.27 -0.37
C GLY C 14 -11.34 68.02 0.10
N PHE C 15 -12.47 68.14 0.79
CA PHE C 15 -13.20 66.99 1.33
C PHE C 15 -14.56 66.85 0.66
N ALA C 16 -14.88 65.64 0.23
CA ALA C 16 -16.19 65.33 -0.33
C ALA C 16 -17.27 65.47 0.75
N TRP C 17 -18.53 65.57 0.29
CA TRP C 17 -19.65 65.74 1.20
C TRP C 17 -19.71 64.64 2.26
N TRP C 18 -19.33 63.40 1.90
CA TRP C 18 -19.41 62.30 2.86
C TRP C 18 -18.29 62.35 3.88
N ALA C 19 -17.30 63.21 3.68
CA ALA C 19 -16.31 63.54 4.70
C ALA C 19 -16.46 65.00 5.14
N GLY C 20 -17.69 65.51 5.06
CA GLY C 20 -17.92 66.94 5.22
C GLY C 20 -17.52 67.51 6.56
N ASN C 21 -17.63 66.72 7.64
CA ASN C 21 -17.25 67.24 8.93
C ASN C 21 -15.74 67.44 9.06
N ALA C 22 -14.94 66.83 8.19
CA ALA C 22 -13.52 67.15 8.15
C ALA C 22 -13.26 68.58 7.70
N ARG C 23 -14.24 69.24 7.06
CA ARG C 23 -14.12 70.66 6.72
C ARG C 23 -14.10 71.55 7.96
N LEU C 24 -14.39 71.02 9.15
CA LEU C 24 -14.41 71.80 10.37
C LEU C 24 -13.07 71.82 11.10
N ILE C 25 -12.06 71.09 10.61
CA ILE C 25 -10.85 70.85 11.39
C ILE C 25 -10.21 72.16 11.87
N ASN C 26 -10.20 73.18 11.02
CA ASN C 26 -9.57 74.44 11.39
C ASN C 26 -10.57 75.58 11.50
N LEU C 27 -11.82 75.26 11.83
CA LEU C 27 -12.87 76.26 12.03
C LEU C 27 -13.40 76.12 13.46
N SER C 28 -12.66 76.70 14.40
CA SER C 28 -12.92 76.47 15.82
C SER C 28 -14.35 76.85 16.21
N GLY C 29 -14.88 77.93 15.65
CA GLY C 29 -16.23 78.37 16.02
C GLY C 29 -17.31 77.39 15.60
N LYS C 30 -17.31 77.00 14.32
CA LYS C 30 -18.29 76.03 13.86
C LYS C 30 -18.06 74.66 14.48
N LEU C 31 -16.79 74.25 14.63
CA LEU C 31 -16.53 72.98 15.30
C LEU C 31 -17.02 72.99 16.74
N LEU C 32 -16.91 74.14 17.42
CA LEU C 32 -17.50 74.27 18.76
C LEU C 32 -19.00 74.04 18.71
N GLY C 33 -19.67 74.65 17.73
CA GLY C 33 -21.09 74.41 17.55
C GLY C 33 -21.43 72.94 17.36
N ALA C 34 -20.65 72.25 16.52
CA ALA C 34 -20.91 70.82 16.30
C ALA C 34 -20.83 70.04 17.61
N HIS C 35 -19.85 70.36 18.44
CA HIS C 35 -19.68 69.61 19.68
C HIS C 35 -20.80 69.94 20.68
N VAL C 36 -21.12 71.23 20.82
CA VAL C 36 -22.18 71.62 21.73
C VAL C 36 -23.51 71.06 21.26
N ALA C 37 -23.80 71.15 19.96
CA ALA C 37 -25.03 70.57 19.43
C ALA C 37 -25.08 69.07 19.69
N HIS C 38 -23.94 68.39 19.50
CA HIS C 38 -23.90 66.95 19.74
C HIS C 38 -24.09 66.62 21.21
N ALA C 39 -23.49 67.40 22.11
CA ALA C 39 -23.78 67.23 23.53
C ALA C 39 -25.27 67.36 23.80
N GLY C 40 -25.93 68.29 23.11
CA GLY C 40 -27.37 68.40 23.23
C GLY C 40 -28.10 67.12 22.87
N LEU C 41 -27.69 66.47 21.77
CA LEU C 41 -28.30 65.19 21.40
C LEU C 41 -28.16 64.16 22.50
N ILE C 42 -26.98 64.07 23.10
CA ILE C 42 -26.76 63.09 24.16
C ILE C 42 -27.70 63.34 25.32
N VAL C 43 -27.76 64.60 25.77
CA VAL C 43 -28.60 64.96 26.91
C VAL C 43 -30.08 64.81 26.55
N PHE C 44 -30.44 65.18 25.31
CA PHE C 44 -31.81 64.98 24.84
C PHE C 44 -32.23 63.53 24.99
N TRP C 45 -31.44 62.60 24.45
CA TRP C 45 -31.80 61.19 24.53
C TRP C 45 -31.93 60.76 25.99
N ALA C 46 -31.01 61.18 26.85
CA ALA C 46 -31.08 60.78 28.25
C ALA C 46 -32.41 61.22 28.87
N GLY C 47 -32.84 62.44 28.58
CA GLY C 47 -34.08 62.94 29.16
C GLY C 47 -35.32 62.31 28.55
N ALA C 48 -35.39 62.30 27.22
CA ALA C 48 -36.55 61.72 26.54
C ALA C 48 -36.67 60.22 26.80
N MET C 49 -35.56 59.48 26.72
CA MET C 49 -35.63 58.05 26.96
C MET C 49 -36.09 57.76 28.39
N THR C 50 -35.65 58.56 29.35
CA THR C 50 -36.12 58.41 30.72
C THR C 50 -37.63 58.61 30.81
N LEU C 51 -38.13 59.69 30.24
CA LEU C 51 -39.57 59.94 30.30
C LEU C 51 -40.34 58.84 29.58
N PHE C 52 -39.81 58.36 28.45
CA PHE C 52 -40.40 57.22 27.78
C PHE C 52 -40.43 56.00 28.71
N GLU C 53 -39.28 55.66 29.32
CA GLU C 53 -39.23 54.55 30.25
C GLU C 53 -40.26 54.71 31.37
N LEU C 54 -40.29 55.90 32.00
CA LEU C 54 -41.21 56.13 33.11
C LEU C 54 -42.66 56.00 32.66
N ALA C 55 -43.01 56.57 31.50
CA ALA C 55 -44.38 56.46 31.00
C ALA C 55 -44.79 55.02 30.77
N HIS C 56 -43.83 54.14 30.47
CA HIS C 56 -44.11 52.73 30.20
C HIS C 56 -43.89 51.84 31.41
N PHE C 57 -43.64 52.41 32.57
CA PHE C 57 -43.13 51.68 33.72
C PHE C 57 -44.28 51.23 34.63
N ILE C 58 -44.36 49.93 34.87
CA ILE C 58 -45.30 49.37 35.85
C ILE C 58 -44.47 49.05 37.10
N PRO C 59 -44.64 49.78 38.21
CA PRO C 59 -43.65 49.71 39.30
C PRO C 59 -43.61 48.37 40.02
N GLU C 60 -44.69 47.60 39.99
CA GLU C 60 -44.71 46.31 40.67
C GLU C 60 -44.01 45.20 39.87
N LYS C 61 -43.86 45.35 38.55
CA LYS C 61 -43.04 44.43 37.77
C LYS C 61 -41.56 44.78 37.92
N PRO C 62 -40.68 43.78 37.91
CA PRO C 62 -39.24 44.07 37.92
C PRO C 62 -38.88 44.95 36.73
N MET C 63 -37.93 45.86 36.97
CA MET C 63 -37.45 46.70 35.87
C MET C 63 -36.99 45.86 34.71
N TYR C 64 -36.28 44.77 35.00
CA TYR C 64 -35.67 44.00 33.93
C TYR C 64 -36.70 43.23 33.11
N GLU C 65 -37.95 43.16 33.56
CA GLU C 65 -39.02 42.64 32.72
C GLU C 65 -39.61 43.68 31.79
N GLN C 66 -39.10 44.92 31.81
CA GLN C 66 -39.75 46.02 31.11
C GLN C 66 -38.81 46.75 30.15
N GLY C 67 -37.67 46.15 29.82
CA GLY C 67 -36.81 46.82 28.84
C GLY C 67 -36.27 48.16 29.28
N LEU C 68 -35.94 48.30 30.55
CA LEU C 68 -35.46 49.56 31.11
C LEU C 68 -33.95 49.52 31.26
N ILE C 69 -33.26 50.57 30.82
CA ILE C 69 -31.83 50.70 31.08
C ILE C 69 -31.48 51.97 31.83
N LEU C 70 -32.31 53.02 31.80
CA LEU C 70 -31.95 54.28 32.44
C LEU C 70 -32.46 54.34 33.88
N ILE C 71 -33.71 53.98 34.10
CA ILE C 71 -34.29 53.92 35.44
C ILE C 71 -33.42 53.02 36.34
N PRO C 72 -32.93 51.86 35.86
CA PRO C 72 -31.94 51.12 36.69
C PRO C 72 -30.72 51.93 37.09
N HIS C 73 -30.20 52.78 36.19
CA HIS C 73 -29.07 53.63 36.56
C HIS C 73 -29.45 54.61 37.66
N ILE C 74 -30.65 55.19 37.57
CA ILE C 74 -31.09 56.15 38.59
C ILE C 74 -31.34 55.44 39.91
N ALA C 75 -31.98 54.27 39.87
CA ALA C 75 -32.29 53.53 41.09
C ALA C 75 -31.03 53.09 41.82
N THR C 76 -30.00 52.72 41.06
CA THR C 76 -28.75 52.29 41.68
C THR C 76 -28.12 53.40 42.50
N LEU C 77 -28.38 54.66 42.13
CA LEU C 77 -27.89 55.79 42.90
C LEU C 77 -28.70 56.04 44.16
N GLY C 78 -29.68 55.20 44.46
CA GLY C 78 -30.45 55.32 45.68
C GLY C 78 -31.73 56.09 45.53
N TRP C 79 -32.05 56.59 44.34
CA TRP C 79 -33.24 57.40 44.13
C TRP C 79 -34.44 56.53 43.79
N GLY C 80 -35.54 56.74 44.50
CA GLY C 80 -36.81 56.16 44.15
C GLY C 80 -37.07 54.75 44.64
N VAL C 81 -36.13 54.12 45.33
CA VAL C 81 -36.24 52.71 45.67
C VAL C 81 -36.01 52.49 47.16
N GLY C 82 -36.52 51.36 47.65
CA GLY C 82 -36.39 50.99 49.03
C GLY C 82 -35.82 49.60 49.18
N PRO C 83 -36.06 48.98 50.34
CA PRO C 83 -35.53 47.64 50.61
C PRO C 83 -35.89 46.65 49.50
N GLY C 84 -34.93 45.80 49.14
CA GLY C 84 -35.13 44.84 48.08
C GLY C 84 -35.20 45.41 46.69
N GLY C 85 -35.05 46.72 46.53
CA GLY C 85 -35.19 47.34 45.24
C GLY C 85 -36.60 47.72 44.86
N GLU C 86 -37.54 47.60 45.80
CA GLU C 86 -38.91 47.97 45.53
C GLU C 86 -39.02 49.46 45.28
N VAL C 87 -39.84 49.83 44.30
CA VAL C 87 -39.99 51.24 43.93
C VAL C 87 -40.92 51.89 44.94
N VAL C 88 -40.43 52.94 45.59
CA VAL C 88 -41.25 53.67 46.56
C VAL C 88 -41.71 55.03 46.04
N ASP C 89 -41.11 55.55 44.96
CA ASP C 89 -41.43 56.89 44.49
C ASP C 89 -40.85 57.16 43.12
N THR C 90 -41.71 57.34 42.11
CA THR C 90 -41.20 57.52 40.75
C THR C 90 -40.80 58.96 40.46
N PHE C 91 -41.15 59.91 41.32
CA PHE C 91 -40.84 61.31 41.03
C PHE C 91 -39.36 61.56 40.76
N PRO C 92 -38.41 61.00 41.52
CA PRO C 92 -37.00 61.20 41.15
C PRO C 92 -36.68 60.78 39.72
N PHE C 93 -37.26 59.68 39.25
CA PHE C 93 -37.09 59.29 37.85
C PHE C 93 -37.58 60.41 36.93
N PHE C 94 -38.76 60.96 37.24
CA PHE C 94 -39.34 62.05 36.46
C PHE C 94 -38.42 63.28 36.44
N VAL C 95 -37.87 63.64 37.61
CA VAL C 95 -37.00 64.80 37.71
C VAL C 95 -35.78 64.65 36.80
N VAL C 96 -35.11 63.49 36.85
CA VAL C 96 -33.93 63.27 36.03
C VAL C 96 -34.28 63.42 34.55
N GLY C 97 -35.43 62.87 34.13
CA GLY C 97 -35.81 62.96 32.73
C GLY C 97 -36.08 64.38 32.28
N VAL C 98 -36.92 65.09 33.03
CA VAL C 98 -37.30 66.46 32.67
C VAL C 98 -36.07 67.37 32.64
N VAL C 99 -35.25 67.29 33.68
CA VAL C 99 -34.13 68.23 33.79
C VAL C 99 -33.13 67.99 32.65
N HIS C 100 -32.89 66.73 32.30
CA HIS C 100 -32.05 66.47 31.12
C HIS C 100 -32.71 67.02 29.85
N LEU C 101 -34.02 66.80 29.69
CA LEU C 101 -34.71 67.25 28.47
C LEU C 101 -34.67 68.77 28.36
N ILE C 102 -34.88 69.48 29.47
CA ILE C 102 -34.81 70.95 29.44
C ILE C 102 -33.40 71.40 29.13
N SER C 103 -32.40 70.79 29.78
CA SER C 103 -31.02 71.18 29.52
C SER C 103 -30.64 70.99 28.07
N SER C 104 -31.20 69.98 27.39
CA SER C 104 -30.82 69.72 26.02
C SER C 104 -31.24 70.85 25.08
N ALA C 105 -32.31 71.57 25.41
CA ALA C 105 -32.69 72.74 24.64
C ALA C 105 -31.63 73.83 24.73
N VAL C 106 -31.04 74.01 25.92
CA VAL C 106 -29.99 75.02 26.09
C VAL C 106 -28.75 74.63 25.28
N LEU C 107 -28.33 73.37 25.39
CA LEU C 107 -27.16 72.92 24.62
C LEU C 107 -27.43 73.02 23.12
N GLY C 108 -28.63 72.61 22.70
CA GLY C 108 -28.97 72.71 21.28
C GLY C 108 -28.98 74.16 20.81
N PHE C 109 -29.51 75.06 21.64
CA PHE C 109 -29.48 76.48 21.30
C PHE C 109 -28.05 76.95 21.06
N GLY C 110 -27.15 76.66 22.00
CA GLY C 110 -25.78 77.12 21.87
C GLY C 110 -25.07 76.49 20.68
N GLY C 111 -25.24 75.19 20.49
CA GLY C 111 -24.63 74.52 19.36
C GLY C 111 -25.11 75.08 18.04
N VAL C 112 -26.42 75.29 17.91
CA VAL C 112 -26.97 75.87 16.70
C VAL C 112 -26.42 77.28 16.51
N TYR C 113 -26.42 78.09 17.57
CA TYR C 113 -25.85 79.43 17.46
C TYR C 113 -24.42 79.39 16.91
N HIS C 114 -23.55 78.62 17.58
CA HIS C 114 -22.15 78.60 17.16
C HIS C 114 -21.96 77.96 15.80
N ALA C 115 -22.83 77.01 15.43
CA ALA C 115 -22.62 76.27 14.19
C ALA C 115 -22.90 77.11 12.95
N ILE C 116 -23.88 78.02 13.01
CA ILE C 116 -24.31 78.68 11.78
C ILE C 116 -24.44 80.20 11.92
N ARG C 117 -24.38 80.73 13.15
CA ARG C 117 -24.54 82.17 13.32
C ARG C 117 -23.33 82.85 13.94
N GLY C 118 -22.64 82.21 14.89
CA GLY C 118 -21.50 82.81 15.53
C GLY C 118 -20.28 82.85 14.61
N PRO C 119 -19.17 83.38 15.13
CA PRO C 119 -17.94 83.46 14.32
C PRO C 119 -17.41 82.08 13.96
N GLU C 120 -17.10 81.90 12.68
CA GLU C 120 -16.65 80.61 12.17
C GLU C 120 -15.35 80.17 12.83
N THR C 121 -14.43 81.10 13.05
CA THR C 121 -13.18 80.84 13.76
C THR C 121 -13.16 81.70 15.00
N LEU C 122 -12.61 81.17 16.09
CA LEU C 122 -12.62 81.90 17.36
C LEU C 122 -11.35 82.72 17.58
N GLU C 123 -10.30 82.48 16.80
CA GLU C 123 -8.99 83.03 17.11
C GLU C 123 -8.97 84.55 16.98
N GLU C 124 -9.68 85.10 15.99
CA GLU C 124 -9.76 86.55 15.85
C GLU C 124 -10.56 87.16 16.99
N TYR C 125 -11.56 86.44 17.50
CA TYR C 125 -12.45 87.00 18.51
C TYR C 125 -11.86 86.90 19.91
N SER C 126 -11.23 85.78 20.25
CA SER C 126 -10.76 85.56 21.62
C SER C 126 -9.49 84.72 21.62
N SER C 127 -8.47 85.20 22.32
CA SER C 127 -7.26 84.39 22.51
C SER C 127 -7.47 83.29 23.54
N PHE C 128 -8.47 83.42 24.42
CA PHE C 128 -8.72 82.40 25.42
C PHE C 128 -9.44 81.21 24.79
N PHE C 129 -10.50 81.47 24.03
CA PHE C 129 -11.30 80.42 23.42
C PHE C 129 -10.75 79.95 22.08
N GLY C 130 -10.01 80.79 21.35
CA GLY C 130 -9.34 80.33 20.16
C GLY C 130 -8.25 79.31 20.47
N TYR C 131 -7.94 78.48 19.49
CA TYR C 131 -6.90 77.48 19.69
C TYR C 131 -6.32 77.05 18.35
N ASP C 132 -5.05 76.66 18.41
CA ASP C 132 -4.36 76.00 17.30
C ASP C 132 -4.02 74.59 17.76
N TRP C 133 -4.38 73.60 16.92
CA TRP C 133 -4.08 72.21 17.26
C TRP C 133 -2.61 72.00 17.58
N LYS C 134 -1.73 72.84 17.02
CA LYS C 134 -0.29 72.73 17.22
C LYS C 134 0.21 73.46 18.46
N ASP C 135 -0.62 74.26 19.11
CA ASP C 135 -0.19 74.96 20.33
C ASP C 135 -0.28 73.97 21.47
N LYS C 136 0.86 73.39 21.85
CA LYS C 136 0.83 72.30 22.81
C LYS C 136 0.45 72.78 24.21
N ASN C 137 0.77 74.03 24.56
CA ASN C 137 0.36 74.52 25.87
C ASN C 137 -1.16 74.71 25.93
N LYS C 138 -1.74 75.23 24.85
CA LYS C 138 -3.18 75.45 24.84
C LYS C 138 -3.94 74.14 24.87
N MET C 139 -3.43 73.10 24.19
CA MET C 139 -4.12 71.82 24.16
C MET C 139 -4.16 71.18 25.55
N THR C 140 -3.03 71.24 26.28
CA THR C 140 -3.05 70.67 27.63
C THR C 140 -3.91 71.52 28.59
N THR C 141 -3.97 72.83 28.36
CA THR C 141 -4.83 73.68 29.18
C THR C 141 -6.29 73.28 29.02
N ILE C 142 -6.74 73.06 27.79
CA ILE C 142 -8.13 72.65 27.59
C ILE C 142 -8.35 71.26 28.17
N LEU C 143 -7.39 70.35 27.94
CA LEU C 143 -7.42 69.04 28.60
C LEU C 143 -7.51 69.19 30.11
N GLY C 144 -6.74 70.11 30.69
CA GLY C 144 -6.75 70.27 32.13
C GLY C 144 -8.09 70.74 32.67
N PHE C 145 -8.70 71.73 32.01
CA PHE C 145 -10.04 72.17 32.37
C PHE C 145 -11.01 71.00 32.43
N HIS C 146 -10.97 70.15 31.40
CA HIS C 146 -11.89 69.03 31.31
C HIS C 146 -11.57 67.94 32.32
N LEU C 147 -10.29 67.75 32.64
CA LEU C 147 -9.94 66.85 33.73
C LEU C 147 -10.57 67.31 35.04
N ILE C 148 -10.53 68.62 35.31
CA ILE C 148 -11.12 69.16 36.53
C ILE C 148 -12.63 68.93 36.53
N VAL C 149 -13.28 69.14 35.38
CA VAL C 149 -14.71 68.89 35.29
C VAL C 149 -15.02 67.44 35.61
N LEU C 150 -14.27 66.51 35.01
CA LEU C 150 -14.50 65.10 35.27
C LEU C 150 -14.27 64.75 36.73
N GLY C 151 -13.21 65.32 37.32
CA GLY C 151 -12.97 65.09 38.74
C GLY C 151 -14.13 65.54 39.61
N ILE C 152 -14.69 66.73 39.30
CA ILE C 152 -15.88 67.18 40.02
C ILE C 152 -17.02 66.18 39.88
N GLY C 153 -17.23 65.67 38.66
CA GLY C 153 -18.27 64.68 38.46
C GLY C 153 -18.10 63.44 39.34
N ALA C 154 -16.87 62.93 39.43
CA ALA C 154 -16.62 61.77 40.28
C ALA C 154 -16.94 62.08 41.74
N LEU C 155 -16.62 63.29 42.20
CA LEU C 155 -16.94 63.64 43.58
C LEU C 155 -18.43 63.86 43.80
N LEU C 156 -19.19 64.17 42.75
CA LEU C 156 -20.64 64.21 42.88
C LEU C 156 -21.18 62.83 43.24
N LEU C 157 -20.61 61.78 42.66
CA LEU C 157 -20.97 60.42 43.06
C LEU C 157 -20.65 60.18 44.53
N VAL C 158 -19.48 60.61 44.98
CA VAL C 158 -19.11 60.51 46.39
C VAL C 158 -20.10 61.28 47.27
N ALA C 159 -20.40 62.53 46.88
CA ALA C 159 -21.33 63.35 47.66
C ALA C 159 -22.70 62.69 47.77
N LYS C 160 -23.20 62.13 46.68
CA LYS C 160 -24.46 61.39 46.74
C LYS C 160 -24.37 60.25 47.75
N ALA C 161 -23.27 59.49 47.70
CA ALA C 161 -23.15 58.28 48.52
C ALA C 161 -22.96 58.58 49.99
N MET C 162 -22.34 59.71 50.33
CA MET C 162 -21.94 59.99 51.70
C MET C 162 -22.79 61.03 52.39
N PHE C 163 -23.37 61.98 51.64
CA PHE C 163 -24.09 63.08 52.28
C PHE C 163 -25.49 63.32 51.73
N PHE C 164 -25.92 62.66 50.67
CA PHE C 164 -27.23 62.95 50.10
C PHE C 164 -28.02 61.66 49.86
N GLY C 165 -28.08 60.80 50.88
CA GLY C 165 -28.96 59.65 50.89
C GLY C 165 -28.30 58.30 50.64
N GLY C 166 -27.12 58.26 50.04
CA GLY C 166 -26.43 56.99 49.83
C GLY C 166 -26.71 56.37 48.46
N LEU C 167 -26.37 55.08 48.35
CA LEU C 167 -26.52 54.32 47.11
C LEU C 167 -27.27 53.03 47.41
N TYR C 168 -27.83 52.41 46.37
CA TYR C 168 -28.46 51.12 46.57
C TYR C 168 -27.39 50.06 46.78
N ASP C 169 -27.51 49.31 47.88
CA ASP C 169 -26.51 48.31 48.27
C ASP C 169 -27.16 46.93 48.22
N THR C 170 -26.89 46.21 47.13
CA THR C 170 -27.39 44.84 47.01
C THR C 170 -26.86 43.94 48.12
N TRP C 171 -25.71 44.28 48.73
CA TRP C 171 -25.09 43.46 49.76
C TRP C 171 -25.51 43.83 51.20
N ALA C 172 -26.47 44.73 51.37
CA ALA C 172 -26.77 45.22 52.71
C ALA C 172 -27.28 44.08 53.58
N PRO C 173 -26.82 43.99 54.83
CA PRO C 173 -27.29 42.93 55.73
C PRO C 173 -28.79 43.01 55.95
N GLY C 174 -29.44 41.85 55.86
CA GLY C 174 -30.89 41.80 55.90
C GLY C 174 -31.52 41.89 54.54
N GLY C 175 -30.73 42.04 53.48
CA GLY C 175 -31.27 42.21 52.14
C GLY C 175 -30.91 43.55 51.56
N GLY C 176 -30.98 43.66 50.23
CA GLY C 176 -30.68 44.91 49.55
C GLY C 176 -31.45 46.09 50.11
N ASP C 177 -30.79 47.25 50.14
CA ASP C 177 -31.38 48.47 50.66
C ASP C 177 -30.47 49.64 50.30
N VAL C 178 -31.04 50.85 50.36
CA VAL C 178 -30.26 52.07 50.23
C VAL C 178 -29.46 52.30 51.50
N ARG C 179 -28.19 52.66 51.36
CA ARG C 179 -27.32 52.77 52.51
C ARG C 179 -26.35 53.93 52.32
N VAL C 180 -26.20 54.73 53.37
CA VAL C 180 -25.21 55.81 53.37
C VAL C 180 -23.83 55.21 53.62
N ILE C 181 -22.85 55.65 52.83
CA ILE C 181 -21.49 55.13 52.95
C ILE C 181 -20.70 56.10 53.82
N THR C 182 -20.24 55.64 54.97
CA THR C 182 -19.58 56.48 55.95
C THR C 182 -18.09 56.22 56.07
N ASN C 183 -17.62 55.03 55.69
CA ASN C 183 -16.20 54.68 55.76
C ASN C 183 -15.72 54.20 54.40
N PRO C 184 -15.62 55.12 53.42
CA PRO C 184 -15.11 54.73 52.11
C PRO C 184 -13.66 54.27 52.22
N THR C 185 -13.28 53.35 51.33
CA THR C 185 -11.94 52.79 51.34
C THR C 185 -10.94 53.81 50.79
N LEU C 186 -10.01 54.25 51.64
CA LEU C 186 -8.96 55.17 51.20
C LEU C 186 -7.60 54.51 51.00
N ASP C 187 -7.41 53.30 51.53
CA ASP C 187 -6.12 52.61 51.42
C ASP C 187 -5.72 52.42 49.96
N PRO C 188 -4.63 53.06 49.52
CA PRO C 188 -4.21 52.91 48.12
C PRO C 188 -3.82 51.48 47.79
N ARG C 189 -3.36 50.72 48.78
CA ARG C 189 -3.06 49.32 48.52
C ARG C 189 -4.30 48.55 48.13
N VAL C 190 -5.48 48.94 48.62
CA VAL C 190 -6.72 48.33 48.16
C VAL C 190 -7.16 48.94 46.83
N ILE C 191 -7.25 50.27 46.77
CA ILE C 191 -7.82 50.95 45.60
C ILE C 191 -7.03 50.62 44.35
N PHE C 192 -5.72 50.78 44.40
CA PHE C 192 -4.92 50.49 43.23
C PHE C 192 -4.59 49.00 43.12
N GLY C 193 -4.71 48.26 44.23
CA GLY C 193 -4.61 46.81 44.13
C GLY C 193 -5.58 46.22 43.14
N TYR C 194 -6.79 46.78 43.03
CA TYR C 194 -7.75 46.33 42.03
C TYR C 194 -7.17 46.40 40.62
N LEU C 195 -6.39 47.46 40.34
CA LEU C 195 -5.84 47.67 39.01
C LEU C 195 -4.82 46.62 38.62
N LEU C 196 -4.26 45.88 39.59
CA LEU C 196 -3.24 44.89 39.30
C LEU C 196 -3.80 43.46 39.34
N LYS C 197 -5.09 43.31 39.52
CA LYS C 197 -5.68 41.98 39.46
C LYS C 197 -5.74 41.49 38.02
N SER C 198 -5.46 40.22 37.83
CA SER C 198 -5.61 39.59 36.54
C SER C 198 -7.04 39.78 36.02
N PRO C 199 -7.22 39.94 34.71
CA PRO C 199 -8.58 39.96 34.14
C PRO C 199 -9.21 38.60 33.97
N PHE C 200 -8.53 37.50 34.33
CA PHE C 200 -9.05 36.18 34.05
C PHE C 200 -9.93 35.67 35.20
N GLY C 201 -10.41 34.43 35.05
CA GLY C 201 -11.50 33.95 35.88
C GLY C 201 -11.12 33.88 37.35
N GLY C 202 -12.08 34.22 38.22
CA GLY C 202 -11.83 34.31 39.65
C GLY C 202 -11.06 35.54 40.07
N GLU C 203 -10.66 36.39 39.13
CA GLU C 203 -9.96 37.62 39.46
C GLU C 203 -10.73 38.82 38.91
N GLY C 204 -10.81 38.97 37.59
CA GLY C 204 -11.73 39.92 37.01
C GLY C 204 -11.32 41.37 37.06
N TRP C 205 -10.07 41.67 37.42
CA TRP C 205 -9.57 43.04 37.37
C TRP C 205 -10.53 43.97 38.12
N ILE C 206 -10.82 45.17 37.60
CA ILE C 206 -11.69 46.07 38.36
C ILE C 206 -13.15 45.62 38.32
N VAL C 207 -13.51 44.77 37.35
CA VAL C 207 -14.88 44.27 37.29
C VAL C 207 -15.24 43.49 38.55
N SER C 208 -14.25 43.10 39.34
CA SER C 208 -14.49 42.35 40.56
C SER C 208 -14.96 43.21 41.73
N VAL C 209 -15.02 44.54 41.61
CA VAL C 209 -15.33 45.35 42.80
C VAL C 209 -16.69 44.94 43.36
N ASN C 210 -16.71 44.61 44.65
CA ASN C 210 -17.84 43.87 45.20
C ASN C 210 -18.43 44.51 46.45
N ASN C 211 -18.15 45.79 46.70
CA ASN C 211 -18.68 46.52 47.85
C ASN C 211 -18.60 48.01 47.55
N LEU C 212 -19.55 48.77 48.12
CA LEU C 212 -19.67 50.19 47.81
C LEU C 212 -18.60 51.03 48.47
N GLU C 213 -18.02 50.57 49.58
CA GLU C 213 -16.94 51.34 50.19
C GLU C 213 -15.76 51.47 49.23
N ASP C 214 -15.43 50.39 48.52
CA ASP C 214 -14.39 50.45 47.50
C ASP C 214 -14.82 51.33 46.33
N VAL C 215 -16.09 51.26 45.93
CA VAL C 215 -16.58 52.10 44.83
C VAL C 215 -16.44 53.58 45.19
N VAL C 216 -16.94 53.97 46.36
CA VAL C 216 -16.89 55.37 46.75
C VAL C 216 -15.45 55.84 46.93
N GLY C 217 -14.65 55.04 47.63
CA GLY C 217 -13.24 55.39 47.82
C GLY C 217 -12.48 55.47 46.52
N GLY C 218 -12.77 54.56 45.58
CA GLY C 218 -12.17 54.66 44.27
C GLY C 218 -12.50 55.98 43.61
N HIS C 219 -13.75 56.44 43.74
CA HIS C 219 -14.12 57.69 43.09
C HIS C 219 -13.57 58.90 43.83
N ILE C 220 -13.25 58.78 45.12
CA ILE C 220 -12.52 59.83 45.81
C ILE C 220 -11.13 59.99 45.20
N TRP C 221 -10.45 58.86 45.00
CA TRP C 221 -9.12 58.90 44.40
C TRP C 221 -9.17 59.46 42.99
N ILE C 222 -10.17 59.04 42.20
CA ILE C 222 -10.25 59.50 40.81
C ILE C 222 -10.54 60.99 40.76
N GLY C 223 -11.40 61.48 41.65
CA GLY C 223 -11.70 62.91 41.66
C GLY C 223 -10.47 63.76 41.92
N LEU C 224 -9.68 63.37 42.92
CA LEU C 224 -8.47 64.12 43.24
C LEU C 224 -7.42 63.97 42.15
N ILE C 225 -7.21 62.74 41.68
CA ILE C 225 -6.27 62.50 40.58
C ILE C 225 -6.62 63.36 39.37
N CYS C 226 -7.91 63.44 39.03
CA CYS C 226 -8.32 64.22 37.86
C CYS C 226 -8.18 65.73 38.11
N ILE C 227 -8.55 66.19 39.30
CA ILE C 227 -8.39 67.60 39.64
C ILE C 227 -6.92 68.00 39.65
N ALA C 228 -6.06 67.17 40.25
CA ALA C 228 -4.63 67.45 40.28
C ALA C 228 -4.04 67.42 38.87
N GLY C 229 -4.33 66.36 38.13
CA GLY C 229 -3.83 66.27 36.76
C GLY C 229 -4.34 67.42 35.90
N GLY C 230 -5.57 67.84 36.13
CA GLY C 230 -6.09 68.99 35.40
C GLY C 230 -5.34 70.25 35.71
N ILE C 231 -5.08 70.51 36.99
CA ILE C 231 -4.27 71.65 37.38
C ILE C 231 -2.88 71.52 36.80
N TRP C 232 -2.32 70.31 36.87
CA TRP C 232 -1.01 70.02 36.27
C TRP C 232 -0.95 70.45 34.81
N HIS C 233 -1.93 70.03 34.01
CA HIS C 233 -1.88 70.32 32.59
C HIS C 233 -2.20 71.78 32.27
N ILE C 234 -2.87 72.48 33.18
CA ILE C 234 -3.07 73.91 32.97
C ILE C 234 -1.77 74.68 33.18
N LEU C 235 -0.95 74.23 34.14
CA LEU C 235 0.24 74.98 34.53
C LEU C 235 1.51 74.53 33.83
N THR C 236 1.52 73.39 33.15
CA THR C 236 2.73 72.89 32.51
C THR C 236 2.50 72.75 31.01
N THR C 237 3.58 72.37 30.31
CA THR C 237 3.59 72.11 28.89
C THR C 237 4.32 70.80 28.64
N PRO C 238 4.00 70.09 27.56
CA PRO C 238 4.53 68.73 27.40
C PRO C 238 6.06 68.68 27.42
N PHE C 239 6.58 67.63 28.04
CA PHE C 239 8.01 67.39 28.08
C PHE C 239 8.55 67.03 26.70
N GLY C 240 9.88 67.10 26.59
CA GLY C 240 10.53 66.77 25.33
C GLY C 240 10.22 65.38 24.83
N TRP C 241 10.26 64.39 25.73
CA TRP C 241 9.95 63.02 25.33
C TRP C 241 8.51 62.88 24.86
N ALA C 242 7.57 63.62 25.46
CA ALA C 242 6.20 63.60 24.98
C ALA C 242 6.09 64.28 23.61
N ARG C 243 6.81 65.39 23.43
CA ARG C 243 6.82 66.06 22.14
C ARG C 243 7.28 65.13 21.02
N ARG C 244 8.27 64.28 21.32
CA ARG C 244 8.82 63.41 20.28
C ARG C 244 7.94 62.19 20.02
N ALA C 245 7.12 61.78 21.00
CA ALA C 245 6.40 60.52 20.86
C ALA C 245 5.12 60.63 20.06
N PHE C 246 4.50 61.82 20.00
CA PHE C 246 3.15 61.96 19.49
C PHE C 246 3.10 62.83 18.25
N ILE C 247 2.09 62.57 17.42
CA ILE C 247 1.66 63.51 16.40
C ILE C 247 0.75 64.54 17.06
N TRP C 248 0.90 65.80 16.66
CA TRP C 248 0.18 66.90 17.28
C TRP C 248 -0.72 67.56 16.23
N SER C 249 -1.93 67.00 16.09
CA SER C 249 -2.90 67.46 15.11
C SER C 249 -4.30 67.08 15.60
N GLY C 250 -5.30 67.82 15.12
CA GLY C 250 -6.67 67.51 15.48
C GLY C 250 -7.03 66.05 15.24
N GLU C 251 -6.67 65.52 14.07
CA GLU C 251 -7.03 64.14 13.77
C GLU C 251 -6.30 63.15 14.68
N ALA C 252 -5.06 63.46 15.05
CA ALA C 252 -4.32 62.59 15.96
C ALA C 252 -4.96 62.56 17.34
N TYR C 253 -5.30 63.74 17.89
CA TYR C 253 -5.97 63.77 19.19
C TYR C 253 -7.28 62.99 19.15
N LEU C 254 -8.06 63.19 18.08
CA LEU C 254 -9.27 62.40 17.90
C LEU C 254 -8.97 60.91 17.98
N SER C 255 -7.92 60.46 17.28
CA SER C 255 -7.59 59.04 17.25
C SER C 255 -7.19 58.51 18.62
N TYR C 256 -6.46 59.30 19.41
CA TYR C 256 -6.13 58.85 20.77
C TYR C 256 -7.40 58.62 21.58
N SER C 257 -8.35 59.56 21.49
CA SER C 257 -9.60 59.47 22.23
C SER C 257 -10.44 58.30 21.74
N LEU C 258 -10.41 58.03 20.43
CA LEU C 258 -11.15 56.89 19.91
C LEU C 258 -10.63 55.58 20.50
N GLY C 259 -9.30 55.45 20.59
CA GLY C 259 -8.72 54.27 21.24
C GLY C 259 -9.14 54.17 22.71
N ALA C 260 -9.14 55.29 23.41
CA ALA C 260 -9.57 55.30 24.81
C ALA C 260 -11.03 54.86 24.96
N LEU C 261 -11.93 55.44 24.14
CA LEU C 261 -13.33 55.08 24.27
C LEU C 261 -13.59 53.63 23.86
N SER C 262 -12.84 53.12 22.88
CA SER C 262 -12.97 51.71 22.51
C SER C 262 -12.67 50.82 23.71
N MET C 263 -11.53 51.06 24.35
CA MET C 263 -11.15 50.35 25.58
C MET C 263 -12.26 50.47 26.64
N MET C 264 -12.76 51.69 26.86
CA MET C 264 -13.78 51.89 27.88
C MET C 264 -15.05 51.12 27.52
N GLY C 265 -15.44 51.14 26.25
CA GLY C 265 -16.58 50.36 25.81
C GLY C 265 -16.44 48.87 26.13
N PHE C 266 -15.27 48.30 25.85
CA PHE C 266 -15.04 46.89 26.16
C PHE C 266 -15.12 46.64 27.66
N ILE C 267 -14.54 47.54 28.45
CA ILE C 267 -14.60 47.40 29.90
C ILE C 267 -16.06 47.44 30.38
N ALA C 268 -16.83 48.40 29.88
CA ALA C 268 -18.24 48.51 30.28
C ALA C 268 -19.02 47.26 29.92
N THR C 269 -18.74 46.68 28.74
CA THR C 269 -19.36 45.42 28.35
C THR C 269 -19.14 44.36 29.41
N CYS C 270 -17.89 44.20 29.87
CA CYS C 270 -17.62 43.18 30.88
C CYS C 270 -18.24 43.55 32.22
N PHE C 271 -18.26 44.84 32.55
CA PHE C 271 -18.85 45.27 33.83
C PHE C 271 -20.31 44.85 33.92
N VAL C 272 -21.11 45.16 32.90
CA VAL C 272 -22.54 44.89 32.99
C VAL C 272 -22.84 43.41 32.85
N TRP C 273 -21.92 42.64 32.27
CA TRP C 273 -22.17 41.21 32.10
C TRP C 273 -21.84 40.43 33.36
N PHE C 274 -20.83 40.83 34.12
CA PHE C 274 -20.37 40.07 35.27
C PHE C 274 -20.67 40.72 36.61
N ASN C 275 -20.64 42.03 36.72
CA ASN C 275 -20.71 42.68 38.01
C ASN C 275 -22.17 42.87 38.46
N ASN C 276 -22.47 42.47 39.69
CA ASN C 276 -23.80 42.64 40.26
C ASN C 276 -23.79 43.54 41.47
N THR C 277 -22.75 44.36 41.64
CA THR C 277 -22.71 45.34 42.72
C THR C 277 -23.14 46.72 42.24
N VAL C 278 -22.46 47.27 41.23
CA VAL C 278 -22.87 48.54 40.64
C VAL C 278 -23.87 48.36 39.51
N TYR C 279 -24.17 47.12 39.13
CA TYR C 279 -25.32 46.78 38.30
C TYR C 279 -26.13 45.77 39.11
N PRO C 280 -26.92 46.24 40.08
CA PRO C 280 -27.64 45.32 40.97
C PRO C 280 -28.60 44.43 40.19
N SER C 281 -28.64 43.15 40.55
CA SER C 281 -29.51 42.21 39.85
C SER C 281 -30.98 42.50 40.11
N GLU C 282 -31.29 43.21 41.21
CA GLU C 282 -32.66 43.66 41.45
C GLU C 282 -33.18 44.55 40.35
N PHE C 283 -32.29 45.32 39.70
CA PHE C 283 -32.69 46.28 38.66
C PHE C 283 -32.33 45.82 37.27
N TYR C 284 -31.19 45.14 37.11
CA TYR C 284 -30.68 44.77 35.80
C TYR C 284 -30.97 43.33 35.43
N GLY C 285 -31.52 42.53 36.34
CA GLY C 285 -31.65 41.10 36.15
C GLY C 285 -30.39 40.38 36.55
N PRO C 286 -30.45 39.05 36.68
CA PRO C 286 -29.26 38.28 37.07
C PRO C 286 -28.23 38.25 35.95
N THR C 287 -26.97 38.07 36.34
CA THR C 287 -25.94 37.83 35.34
C THR C 287 -26.08 36.42 34.78
N GLY C 288 -25.43 36.20 33.64
CA GLY C 288 -25.34 34.89 33.06
C GLY C 288 -24.87 33.85 34.07
N PRO C 289 -23.71 34.08 34.69
CA PRO C 289 -23.25 33.20 35.77
C PRO C 289 -24.30 33.00 36.86
N GLU C 290 -24.92 34.10 37.28
CA GLU C 290 -25.87 34.06 38.39
C GLU C 290 -27.05 33.14 38.07
N ALA C 291 -27.62 33.29 36.87
CA ALA C 291 -28.81 32.51 36.53
C ALA C 291 -28.46 31.03 36.41
N SER C 292 -27.27 30.73 35.87
CA SER C 292 -26.83 29.34 35.77
C SER C 292 -26.63 28.74 37.17
N GLN C 293 -26.01 29.48 38.08
CA GLN C 293 -25.92 29.01 39.46
C GLN C 293 -27.31 28.81 40.09
N ALA C 294 -28.23 29.75 39.82
CA ALA C 294 -29.57 29.71 40.39
C ALA C 294 -30.34 28.45 39.98
N GLN C 295 -30.11 27.96 38.75
CA GLN C 295 -30.77 26.74 38.32
C GLN C 295 -30.30 25.55 39.16
N ALA C 296 -28.99 25.45 39.36
CA ALA C 296 -28.46 24.36 40.18
C ALA C 296 -29.02 24.43 41.60
N MET C 297 -29.07 25.64 42.16
CA MET C 297 -29.67 25.83 43.48
C MET C 297 -31.13 25.40 43.50
N THR C 298 -31.89 25.79 42.48
CA THR C 298 -33.30 25.45 42.42
C THR C 298 -33.51 23.95 42.49
N PHE C 299 -32.74 23.17 41.70
CA PHE C 299 -33.03 21.74 41.70
C PHE C 299 -32.40 21.02 42.87
N LEU C 300 -31.29 21.53 43.41
CA LEU C 300 -30.83 21.06 44.70
C LEU C 300 -31.94 21.19 45.75
N ILE C 301 -32.55 22.37 45.83
CA ILE C 301 -33.62 22.58 46.80
C ILE C 301 -34.77 21.62 46.54
N ARG C 302 -35.24 21.55 45.29
CA ARG C 302 -36.38 20.71 44.98
C ARG C 302 -36.08 19.25 45.32
N ASP C 303 -34.94 18.74 44.85
CA ASP C 303 -34.64 17.32 45.00
C ASP C 303 -34.37 16.96 46.46
N GLN C 304 -33.67 17.82 47.19
CA GLN C 304 -33.48 17.60 48.63
C GLN C 304 -34.81 17.62 49.39
N LYS C 305 -35.76 18.46 48.98
CA LYS C 305 -37.09 18.40 49.60
C LYS C 305 -37.77 17.07 49.36
N LEU C 306 -37.48 16.43 48.23
CA LEU C 306 -38.02 15.11 47.91
C LEU C 306 -37.27 14.00 48.63
N GLY C 307 -36.18 14.30 49.33
CA GLY C 307 -35.44 13.32 50.10
C GLY C 307 -34.04 13.00 49.59
N ALA C 308 -33.56 13.66 48.54
CA ALA C 308 -32.22 13.36 48.03
C ALA C 308 -31.14 13.82 49.01
N ASN C 309 -30.09 13.01 49.13
CA ASN C 309 -28.89 13.42 49.85
C ASN C 309 -27.94 14.03 48.81
N VAL C 310 -27.98 15.37 48.72
CA VAL C 310 -27.32 16.06 47.62
C VAL C 310 -25.80 16.00 47.71
N GLY C 311 -25.24 15.72 48.89
CA GLY C 311 -23.79 15.61 49.00
C GLY C 311 -23.25 14.33 48.40
N SER C 312 -23.99 13.24 48.54
CA SER C 312 -23.52 11.92 48.09
C SER C 312 -24.10 11.50 46.75
N ALA C 313 -24.89 12.35 46.10
CA ALA C 313 -25.56 12.00 44.85
C ALA C 313 -24.56 12.08 43.69
N GLN C 314 -24.19 10.93 43.17
CA GLN C 314 -23.29 10.83 42.04
C GLN C 314 -24.05 11.04 40.74
N GLY C 315 -23.59 11.96 39.91
CA GLY C 315 -24.21 12.16 38.61
C GLY C 315 -23.70 11.18 37.57
N PRO C 316 -24.32 11.20 36.39
CA PRO C 316 -23.96 10.22 35.32
C PRO C 316 -22.48 10.14 35.00
N THR C 317 -21.76 11.26 35.03
CA THR C 317 -20.34 11.26 34.69
C THR C 317 -19.47 10.73 35.81
N GLY C 318 -20.01 10.61 37.02
CA GLY C 318 -19.22 10.32 38.19
C GLY C 318 -18.94 11.52 39.07
N LEU C 319 -18.95 12.72 38.51
CA LEU C 319 -18.98 13.95 39.29
C LEU C 319 -20.32 14.09 40.01
N GLY C 320 -20.29 14.77 41.16
CA GLY C 320 -21.51 15.02 41.93
C GLY C 320 -22.59 15.65 41.07
N LYS C 321 -23.82 15.16 41.21
CA LYS C 321 -24.91 15.69 40.41
C LYS C 321 -25.26 17.11 40.83
N TYR C 322 -25.15 17.42 42.13
CA TYR C 322 -25.46 18.74 42.65
C TYR C 322 -24.25 19.49 43.13
N LEU C 323 -23.27 18.77 43.68
CA LEU C 323 -22.12 19.39 44.33
C LEU C 323 -20.84 18.67 43.91
N MET C 324 -19.79 19.45 43.72
CA MET C 324 -18.50 18.90 43.35
C MET C 324 -17.44 19.84 43.88
N ARG C 325 -16.18 19.57 43.52
CA ARG C 325 -15.05 20.42 43.89
C ARG C 325 -14.58 21.23 42.69
N SER C 326 -14.20 22.49 42.93
CA SER C 326 -13.44 23.29 41.99
C SER C 326 -12.03 22.68 41.84
N PRO C 327 -11.27 23.11 40.83
CA PRO C 327 -9.89 22.60 40.69
C PRO C 327 -9.02 22.86 41.91
N THR C 328 -9.39 23.77 42.81
CA THR C 328 -8.62 24.00 44.02
C THR C 328 -9.35 23.51 45.27
N GLY C 329 -10.42 22.73 45.11
CA GLY C 329 -10.97 21.97 46.19
C GLY C 329 -12.26 22.53 46.78
N GLU C 330 -12.58 23.79 46.50
CA GLU C 330 -13.78 24.42 47.05
C GLU C 330 -15.04 23.67 46.60
N ILE C 331 -16.01 23.58 47.51
CA ILE C 331 -17.29 22.95 47.18
C ILE C 331 -18.13 23.93 46.35
N ILE C 332 -18.60 23.45 45.19
CA ILE C 332 -19.28 24.26 44.18
C ILE C 332 -20.45 23.47 43.59
N PHE C 333 -21.34 24.19 42.91
CA PHE C 333 -22.45 23.55 42.22
C PHE C 333 -21.95 22.73 41.03
N GLY C 334 -22.58 21.58 40.80
CA GLY C 334 -22.20 20.68 39.72
C GLY C 334 -23.03 20.92 38.46
N GLY C 335 -22.85 20.03 37.49
CA GLY C 335 -23.38 20.25 36.16
C GLY C 335 -22.54 21.28 35.42
N GLU C 336 -23.08 21.79 34.31
CA GLU C 336 -22.29 22.69 33.47
C GLU C 336 -21.87 23.94 34.22
N THR C 337 -22.65 24.34 35.23
CA THR C 337 -22.38 25.56 35.98
C THR C 337 -21.09 25.46 36.80
N MET C 338 -20.39 24.33 36.74
CA MET C 338 -19.06 24.23 37.33
C MET C 338 -18.15 25.36 36.85
N ARG C 339 -18.38 25.87 35.64
CA ARG C 339 -17.59 26.97 35.11
C ARG C 339 -17.87 28.29 35.84
N PHE C 340 -19.01 28.39 36.54
CA PHE C 340 -19.42 29.67 37.10
C PHE C 340 -19.16 29.76 38.60
N TRP C 341 -18.25 28.93 39.12
CA TRP C 341 -18.09 28.86 40.56
C TRP C 341 -17.47 30.13 41.16
N ASP C 342 -16.91 31.02 40.34
CA ASP C 342 -16.46 32.32 40.79
C ASP C 342 -17.62 33.27 41.10
N PHE C 343 -18.85 32.89 40.73
CA PHE C 343 -19.99 33.77 40.98
C PHE C 343 -20.15 34.03 42.48
N ARG C 344 -20.53 35.26 42.83
CA ARG C 344 -20.92 35.61 44.20
C ARG C 344 -22.14 36.52 44.17
N GLY C 345 -23.11 36.24 45.04
CA GLY C 345 -24.32 37.03 45.13
C GLY C 345 -25.00 36.92 46.48
N PRO C 346 -25.75 37.95 46.87
CA PRO C 346 -26.30 37.98 48.24
C PRO C 346 -27.25 36.84 48.54
N TRP C 347 -27.94 36.28 47.54
CA TRP C 347 -28.84 35.18 47.82
C TRP C 347 -28.10 33.85 48.04
N LEU C 348 -26.83 33.76 47.63
CA LEU C 348 -26.07 32.52 47.72
C LEU C 348 -25.04 32.50 48.83
N GLU C 349 -24.44 33.64 49.16
CA GLU C 349 -23.37 33.66 50.16
C GLU C 349 -23.73 33.12 51.55
N PRO C 350 -24.96 33.26 52.07
CA PRO C 350 -25.26 32.63 53.38
C PRO C 350 -24.97 31.13 53.41
N LEU C 351 -24.94 30.46 52.27
CA LEU C 351 -24.67 29.03 52.24
C LEU C 351 -23.19 28.71 52.12
N ARG C 352 -22.33 29.71 52.03
CA ARG C 352 -20.91 29.47 51.76
C ARG C 352 -20.10 29.59 53.04
N GLY C 353 -19.30 28.57 53.33
CA GLY C 353 -18.36 28.65 54.43
C GLY C 353 -16.94 28.70 53.90
N PRO C 354 -15.96 28.52 54.80
CA PRO C 354 -14.56 28.68 54.39
C PRO C 354 -14.11 27.72 53.28
N ASN C 355 -14.72 26.55 53.14
CA ASN C 355 -14.33 25.59 52.12
C ASN C 355 -15.26 25.60 50.91
N GLY C 356 -16.11 26.60 50.80
CA GLY C 356 -17.09 26.64 49.75
C GLY C 356 -18.49 26.39 50.28
N LEU C 357 -19.37 25.97 49.38
CA LEU C 357 -20.74 25.65 49.76
C LEU C 357 -20.71 24.63 50.89
N ASP C 358 -21.47 24.92 51.94
CA ASP C 358 -21.44 24.16 53.17
C ASP C 358 -22.64 23.22 53.22
N LEU C 359 -22.37 21.92 53.25
CA LEU C 359 -23.46 20.94 53.17
C LEU C 359 -24.41 21.02 54.37
N ASN C 360 -23.90 21.40 55.54
CA ASN C 360 -24.77 21.54 56.71
CA ASN C 360 -24.77 21.54 56.71
C ASN C 360 -25.73 22.69 56.53
N LYS C 361 -25.24 23.83 56.02
CA LYS C 361 -26.11 24.96 55.77
C LYS C 361 -27.11 24.65 54.66
N ILE C 362 -26.66 23.93 53.63
CA ILE C 362 -27.55 23.51 52.54
C ILE C 362 -28.68 22.63 53.08
N LYS C 363 -28.35 21.71 53.99
CA LYS C 363 -29.35 20.77 54.51
C LYS C 363 -30.36 21.45 55.44
N ASN C 364 -29.96 22.51 56.14
CA ASN C 364 -30.73 23.03 57.25
C ASN C 364 -31.12 24.50 57.14
N ASP C 365 -30.40 25.32 56.36
CA ASP C 365 -30.53 26.77 56.49
C ASP C 365 -31.03 27.48 55.25
N ILE C 366 -31.45 26.76 54.22
CA ILE C 366 -31.96 27.44 53.02
C ILE C 366 -33.35 28.01 53.32
N GLN C 367 -33.47 29.36 53.24
CA GLN C 367 -34.70 30.09 53.53
C GLN C 367 -35.59 30.18 52.30
N PRO C 368 -36.90 30.33 52.51
CA PRO C 368 -37.81 30.52 51.38
C PRO C 368 -37.42 31.66 50.45
N TRP C 369 -36.90 32.78 50.99
CA TRP C 369 -36.53 33.88 50.12
C TRP C 369 -35.38 33.49 49.19
N GLN C 370 -34.51 32.56 49.62
CA GLN C 370 -33.45 32.11 48.73
C GLN C 370 -34.02 31.23 47.61
N GLU C 371 -34.97 30.36 47.93
CA GLU C 371 -35.62 29.57 46.90
C GLU C 371 -36.35 30.48 45.90
N ARG C 372 -37.03 31.52 46.39
CA ARG C 372 -37.72 32.46 45.50
C ARG C 372 -36.75 33.14 44.57
N ARG C 373 -35.67 33.69 45.12
CA ARG C 373 -34.71 34.43 44.32
C ARG C 373 -34.04 33.53 43.28
N ALA C 374 -33.67 32.31 43.66
CA ALA C 374 -33.04 31.40 42.71
C ALA C 374 -34.01 31.04 41.59
N ALA C 375 -35.29 30.87 41.92
CA ALA C 375 -36.27 30.53 40.89
C ALA C 375 -36.48 31.69 39.94
N GLU C 376 -36.59 32.90 40.49
CA GLU C 376 -36.68 34.13 39.69
C GLU C 376 -35.47 34.28 38.77
N TYR C 377 -34.26 34.12 39.31
CA TYR C 377 -33.09 34.39 38.48
C TYR C 377 -32.88 33.30 37.42
N MET C 378 -33.16 32.05 37.77
CA MET C 378 -33.10 30.95 36.80
C MET C 378 -34.05 31.18 35.63
N THR C 379 -35.23 31.76 35.89
CA THR C 379 -36.21 31.95 34.82
C THR C 379 -36.12 33.32 34.18
N HIS C 380 -35.13 34.13 34.55
CA HIS C 380 -34.83 35.40 33.89
C HIS C 380 -33.38 35.43 33.48
N ALA C 381 -32.85 34.28 33.09
CA ALA C 381 -31.49 34.23 32.59
C ALA C 381 -31.37 35.17 31.39
N PRO C 382 -30.22 35.80 31.22
CA PRO C 382 -30.10 36.72 30.07
C PRO C 382 -29.89 35.98 28.76
N LEU C 383 -30.96 35.33 28.28
CA LEU C 383 -31.00 34.66 26.99
C LEU C 383 -32.30 35.03 26.31
N GLY C 384 -32.23 35.39 25.03
CA GLY C 384 -33.43 35.76 24.31
C GLY C 384 -33.09 36.15 22.89
N SER C 385 -34.14 36.27 22.07
CA SER C 385 -34.02 36.53 20.65
C SER C 385 -34.03 38.03 20.33
N LEU C 386 -33.63 38.36 19.09
CA LEU C 386 -33.56 39.76 18.68
C LEU C 386 -34.94 40.44 18.67
N ASN C 387 -36.01 39.69 18.35
CA ASN C 387 -37.37 40.21 18.51
C ASN C 387 -37.92 40.03 19.94
N SER C 388 -37.05 39.78 20.93
CA SER C 388 -37.41 39.79 22.35
C SER C 388 -38.36 38.66 22.75
N VAL C 389 -38.13 37.46 22.22
CA VAL C 389 -38.71 36.23 22.77
C VAL C 389 -37.71 35.68 23.80
N GLY C 390 -38.13 35.67 25.06
CA GLY C 390 -37.24 35.19 26.11
C GLY C 390 -37.07 33.69 26.08
N GLY C 391 -35.90 33.23 26.49
CA GLY C 391 -35.61 31.82 26.60
C GLY C 391 -34.47 31.41 25.68
N VAL C 392 -34.24 30.09 25.63
CA VAL C 392 -33.27 29.54 24.69
C VAL C 392 -33.79 29.71 23.26
N ALA C 393 -32.91 29.48 22.28
CA ALA C 393 -33.26 29.72 20.89
C ALA C 393 -34.41 28.81 20.42
N THR C 394 -34.62 27.68 21.05
CA THR C 394 -35.67 26.76 20.65
C THR C 394 -36.99 27.02 21.35
N GLU C 395 -37.03 28.02 22.23
CA GLU C 395 -38.25 28.41 22.94
C GLU C 395 -39.38 28.80 21.99
N ILE C 396 -40.62 28.49 22.38
CA ILE C 396 -41.78 29.01 21.65
C ILE C 396 -42.07 30.43 22.10
N ASN C 397 -42.78 31.17 21.25
CA ASN C 397 -43.24 32.50 21.64
C ASN C 397 -44.15 32.39 22.85
N SER C 398 -44.06 33.38 23.74
CA SER C 398 -44.91 33.57 24.91
C SER C 398 -44.38 34.69 25.78
N VAL C 399 -43.10 34.62 26.14
CA VAL C 399 -42.48 35.53 27.09
C VAL C 399 -41.72 36.60 26.33
N ASN C 400 -42.08 37.84 26.60
CA ASN C 400 -41.49 39.03 25.97
C ASN C 400 -40.34 39.47 26.88
N PHE C 401 -39.13 38.99 26.60
CA PHE C 401 -38.01 39.25 27.51
C PHE C 401 -36.67 39.17 26.78
N VAL C 402 -35.88 40.23 26.90
CA VAL C 402 -34.43 40.16 26.74
C VAL C 402 -33.81 40.99 27.86
N SER C 403 -32.88 40.40 28.58
CA SER C 403 -32.31 41.02 29.76
C SER C 403 -31.68 42.37 29.42
N PRO C 404 -31.82 43.37 30.29
CA PRO C 404 -31.01 44.59 30.18
C PRO C 404 -29.50 44.34 30.07
N ARG C 405 -28.99 43.29 30.72
CA ARG C 405 -27.56 43.01 30.64
C ARG C 405 -27.16 42.61 29.23
N SER C 406 -28.03 41.89 28.50
CA SER C 406 -27.69 41.55 27.12
C SER C 406 -27.74 42.77 26.21
N TRP C 407 -28.77 43.60 26.35
CA TRP C 407 -28.84 44.82 25.54
C TRP C 407 -27.61 45.70 25.76
N LEU C 408 -27.24 45.91 27.03
CA LEU C 408 -26.13 46.81 27.34
C LEU C 408 -24.79 46.24 26.90
N ALA C 409 -24.61 44.92 27.06
CA ALA C 409 -23.36 44.29 26.70
C ALA C 409 -23.16 44.26 25.18
N THR C 410 -24.18 43.83 24.44
CA THR C 410 -24.03 43.71 22.99
C THR C 410 -23.83 45.07 22.36
N SER C 411 -24.66 46.05 22.76
CA SER C 411 -24.56 47.39 22.19
C SER C 411 -23.17 47.98 22.38
N HIS C 412 -22.60 47.81 23.57
CA HIS C 412 -21.32 48.45 23.81
C HIS C 412 -20.14 47.65 23.25
N PHE C 413 -20.30 46.34 23.04
CA PHE C 413 -19.26 45.66 22.26
C PHE C 413 -19.27 46.15 20.81
N VAL C 414 -20.45 46.28 20.21
CA VAL C 414 -20.55 46.80 18.86
C VAL C 414 -19.92 48.18 18.77
N LEU C 415 -20.30 49.08 19.68
CA LEU C 415 -19.74 50.42 19.69
C LEU C 415 -18.23 50.40 19.94
N ALA C 416 -17.78 49.61 20.93
CA ALA C 416 -16.35 49.54 21.24
C ALA C 416 -15.55 49.03 20.04
N PHE C 417 -16.09 48.03 19.32
CA PHE C 417 -15.35 47.50 18.19
C PHE C 417 -15.19 48.56 17.12
N PHE C 418 -16.29 49.21 16.74
CA PHE C 418 -16.20 50.20 15.68
C PHE C 418 -15.35 51.38 16.09
N PHE C 419 -15.28 51.69 17.39
CA PHE C 419 -14.40 52.75 17.84
C PHE C 419 -12.93 52.32 17.79
N LEU C 420 -12.64 51.03 17.91
CA LEU C 420 -11.29 50.54 17.63
C LEU C 420 -10.96 50.73 16.15
N VAL C 421 -11.90 50.38 15.28
CA VAL C 421 -11.71 50.61 13.85
C VAL C 421 -11.49 52.09 13.57
N GLY C 422 -12.33 52.94 14.17
CA GLY C 422 -12.15 54.37 14.01
C GLY C 422 -10.80 54.85 14.49
N HIS C 423 -10.31 54.28 15.61
CA HIS C 423 -8.97 54.63 16.08
C HIS C 423 -7.91 54.29 15.02
N LEU C 424 -7.96 53.08 14.48
CA LEU C 424 -7.00 52.69 13.45
C LEU C 424 -7.10 53.60 12.24
N TRP C 425 -8.33 53.86 11.78
CA TRP C 425 -8.53 54.72 10.62
C TRP C 425 -7.88 56.07 10.82
N HIS C 426 -8.22 56.75 11.93
CA HIS C 426 -7.75 58.12 12.11
C HIS C 426 -6.29 58.17 12.56
N ALA C 427 -5.83 57.19 13.34
CA ALA C 427 -4.40 57.17 13.71
C ALA C 427 -3.53 57.00 12.48
N GLY C 428 -3.86 56.03 11.63
CA GLY C 428 -3.12 55.83 10.40
C GLY C 428 -3.18 57.04 9.47
N ARG C 429 -4.33 57.71 9.45
CA ARG C 429 -4.46 58.89 8.60
C ARG C 429 -3.66 60.06 9.15
N ALA C 430 -3.72 60.28 10.47
CA ALA C 430 -2.98 61.39 11.06
C ALA C 430 -1.48 61.21 10.87
N ARG C 431 -1.00 59.97 10.93
CA ARG C 431 0.41 59.70 10.68
C ARG C 431 0.77 59.98 9.23
N ALA C 432 -0.05 59.52 8.28
CA ALA C 432 0.25 59.76 6.88
C ALA C 432 0.14 61.24 6.52
N ALA C 433 -0.86 61.94 7.09
CA ALA C 433 -1.01 63.36 6.81
C ALA C 433 0.14 64.16 7.39
N ALA C 434 0.58 63.84 8.61
CA ALA C 434 1.72 64.56 9.19
C ALA C 434 3.00 64.33 8.40
N ALA C 435 3.13 63.17 7.76
CA ALA C 435 4.30 62.88 6.93
C ALA C 435 4.09 63.27 5.47
N GLY C 436 2.89 63.71 5.10
CA GLY C 436 2.65 64.27 3.79
C GLY C 436 2.36 63.30 2.67
N PHE C 437 1.83 62.11 2.95
CA PHE C 437 1.43 61.21 1.87
C PHE C 437 0.05 60.61 2.10
N GLU C 438 -0.84 61.35 2.77
CA GLU C 438 -2.20 60.85 2.97
C GLU C 438 -3.05 60.93 1.70
N LYS C 439 -2.62 61.67 0.68
CA LYS C 439 -3.32 61.74 -0.59
C LYS C 439 -2.75 60.82 -1.66
N GLY C 440 -1.71 60.04 -1.35
CA GLY C 440 -1.12 59.10 -2.28
C GLY C 440 0.36 59.34 -2.52
N ILE C 441 0.93 58.52 -3.40
CA ILE C 441 2.37 58.50 -3.64
C ILE C 441 2.70 59.52 -4.73
N ASP C 442 3.73 60.34 -4.50
CA ASP C 442 4.25 61.24 -5.55
C ASP C 442 4.85 60.40 -6.67
N ARG C 443 4.28 60.48 -7.87
CA ARG C 443 4.77 59.68 -8.99
C ARG C 443 6.25 59.91 -9.23
N GLU C 444 6.70 61.16 -9.14
CA GLU C 444 8.10 61.47 -9.43
C GLU C 444 9.02 61.22 -8.25
N SER C 445 8.49 60.91 -7.07
CA SER C 445 9.29 60.69 -5.87
C SER C 445 8.77 59.46 -5.15
N GLU C 446 8.68 58.35 -5.86
CA GLU C 446 8.13 57.14 -5.28
C GLU C 446 9.16 56.49 -4.37
N PRO C 447 8.97 56.51 -3.05
CA PRO C 447 9.98 55.97 -2.13
C PRO C 447 10.55 54.61 -2.51
N VAL C 448 9.70 53.63 -2.84
CA VAL C 448 10.17 52.28 -3.08
C VAL C 448 11.16 52.23 -4.24
N LEU C 449 10.98 53.11 -5.23
CA LEU C 449 11.91 53.13 -6.35
C LEU C 449 13.32 53.54 -5.93
N SER C 450 13.47 54.21 -4.79
CA SER C 450 14.79 54.60 -4.31
CA SER C 450 14.78 54.61 -4.30
C SER C 450 15.37 53.59 -3.33
N MET C 451 14.72 52.42 -3.14
CA MET C 451 15.22 51.43 -2.22
C MET C 451 15.90 50.30 -2.97
N PRO C 452 16.93 49.69 -2.38
CA PRO C 452 17.53 48.52 -3.00
C PRO C 452 16.52 47.38 -3.05
N SER C 453 16.70 46.50 -4.04
CA SER C 453 15.83 45.34 -4.16
C SER C 453 15.97 44.42 -2.95
N LEU C 454 14.87 43.73 -2.64
CA LEU C 454 14.90 42.71 -1.60
C LEU C 454 15.71 41.49 -2.03
N ASP C 455 15.68 41.17 -3.33
CA ASP C 455 16.43 40.04 -3.87
C ASP C 455 16.69 40.24 -5.35
N ARG D 2 -30.01 44.23 -45.21
CA ARG D 2 -30.50 43.34 -46.25
C ARG D 2 -31.94 42.92 -45.96
N GLY D 3 -32.13 41.64 -45.62
CA GLY D 3 -33.43 41.06 -45.35
C GLY D 3 -34.00 41.38 -43.97
N TRP D 4 -35.19 40.82 -43.72
CA TRP D 4 -35.87 41.06 -42.45
C TRP D 4 -35.06 40.59 -41.25
N PHE D 5 -34.31 39.49 -41.40
CA PHE D 5 -33.46 39.04 -40.30
C PHE D 5 -32.46 40.12 -39.91
N ASP D 6 -31.83 40.74 -40.90
CA ASP D 6 -30.87 41.80 -40.65
C ASP D 6 -31.54 43.05 -40.09
N ILE D 7 -32.74 43.38 -40.58
CA ILE D 7 -33.49 44.50 -40.01
C ILE D 7 -33.82 44.21 -38.56
N LEU D 8 -34.28 42.99 -38.27
CA LEU D 8 -34.58 42.62 -36.88
C LEU D 8 -33.32 42.69 -36.04
N ASP D 9 -32.20 42.18 -36.57
CA ASP D 9 -30.92 42.25 -35.87
C ASP D 9 -30.56 43.69 -35.52
N ASP D 10 -30.76 44.62 -36.46
CA ASP D 10 -30.51 46.04 -36.23
C ASP D 10 -31.27 46.55 -35.01
N TRP D 11 -32.59 46.36 -35.00
CA TRP D 11 -33.41 46.87 -33.91
C TRP D 11 -33.04 46.21 -32.58
N LEU D 12 -32.73 44.90 -32.62
CA LEU D 12 -32.39 44.21 -31.39
C LEU D 12 -31.13 44.78 -30.74
N LYS D 13 -30.15 45.19 -31.55
CA LYS D 13 -28.84 45.57 -31.04
C LYS D 13 -28.64 47.08 -30.95
N ARG D 14 -29.72 47.87 -31.04
CA ARG D 14 -29.60 49.31 -30.87
C ARG D 14 -29.06 49.66 -29.49
N ASP D 15 -28.23 50.70 -29.43
CA ASP D 15 -27.79 51.23 -28.15
C ASP D 15 -28.97 51.91 -27.47
N ARG D 16 -29.33 51.44 -26.28
CA ARG D 16 -30.43 52.01 -25.53
C ARG D 16 -30.16 51.80 -24.04
N PHE D 17 -31.03 52.39 -23.21
CA PHE D 17 -30.80 52.31 -21.77
C PHE D 17 -30.70 50.86 -21.31
N VAL D 18 -31.58 50.00 -21.80
CA VAL D 18 -31.54 48.57 -21.49
C VAL D 18 -31.33 47.83 -22.81
N PHE D 19 -30.13 47.29 -22.99
CA PHE D 19 -29.81 46.54 -24.19
C PHE D 19 -30.72 45.32 -24.29
N VAL D 20 -31.21 45.03 -25.50
CA VAL D 20 -32.11 43.89 -25.66
C VAL D 20 -31.34 42.71 -26.26
N GLY D 21 -31.03 42.78 -27.55
CA GLY D 21 -30.30 41.72 -28.22
C GLY D 21 -31.16 40.50 -28.49
N TRP D 22 -30.60 39.59 -29.30
CA TRP D 22 -31.25 38.31 -29.53
C TRP D 22 -31.42 37.54 -28.24
N SER D 23 -30.41 37.56 -27.38
CA SER D 23 -30.50 36.86 -26.11
C SER D 23 -31.62 37.41 -25.23
N GLY D 24 -31.99 38.68 -25.45
CA GLY D 24 -33.04 39.28 -24.65
C GLY D 24 -34.41 38.64 -24.85
N ILE D 25 -34.63 38.03 -26.03
CA ILE D 25 -35.91 37.39 -26.30
C ILE D 25 -36.13 36.21 -25.37
N LEU D 26 -35.06 35.52 -24.98
CA LEU D 26 -35.12 34.47 -23.98
C LEU D 26 -35.01 35.01 -22.56
N LEU D 27 -34.09 35.94 -22.33
CA LEU D 27 -33.75 36.38 -20.98
C LEU D 27 -34.91 37.11 -20.32
N PHE D 28 -35.50 38.09 -21.00
CA PHE D 28 -36.40 39.02 -20.30
C PHE D 28 -37.71 38.35 -19.89
N PRO D 29 -38.42 37.61 -20.74
CA PRO D 29 -39.61 36.91 -20.25
C PRO D 29 -39.31 35.92 -19.13
N CYS D 30 -38.23 35.12 -19.24
CA CYS D 30 -38.00 34.09 -18.24
C CYS D 30 -37.51 34.68 -16.91
N ALA D 31 -36.65 35.70 -16.97
CA ALA D 31 -36.23 36.39 -15.74
C ALA D 31 -37.43 37.05 -15.07
N TYR D 32 -38.24 37.77 -15.86
CA TYR D 32 -39.39 38.47 -15.31
C TYR D 32 -40.38 37.49 -14.70
N LEU D 33 -40.62 36.36 -15.36
CA LEU D 33 -41.58 35.39 -14.84
C LEU D 33 -41.04 34.69 -13.60
N ALA D 34 -39.74 34.38 -13.57
CA ALA D 34 -39.18 33.79 -12.36
C ALA D 34 -39.29 34.75 -11.19
N LEU D 35 -38.94 36.02 -11.40
CA LEU D 35 -39.03 36.96 -10.30
C LEU D 35 -40.48 37.24 -9.94
N GLY D 36 -41.33 37.45 -10.95
CA GLY D 36 -42.73 37.69 -10.68
C GLY D 36 -43.38 36.50 -9.98
N GLY D 37 -43.05 35.28 -10.42
CA GLY D 37 -43.56 34.11 -9.76
C GLY D 37 -43.18 34.06 -8.28
N TRP D 38 -41.93 34.43 -7.98
CA TRP D 38 -41.48 34.39 -6.58
C TRP D 38 -42.22 35.42 -5.74
N LEU D 39 -42.37 36.64 -6.27
CA LEU D 39 -43.10 37.68 -5.56
C LEU D 39 -44.58 37.31 -5.42
N THR D 40 -45.18 36.79 -6.49
CA THR D 40 -46.57 36.36 -6.41
C THR D 40 -46.76 35.29 -5.33
N GLY D 41 -45.93 34.25 -5.33
CA GLY D 41 -46.10 33.17 -4.38
C GLY D 41 -45.87 33.59 -2.94
N THR D 42 -44.75 34.28 -2.68
CA THR D 42 -44.43 34.73 -1.32
C THR D 42 -45.45 35.74 -0.81
N THR D 43 -46.19 36.41 -1.68
CA THR D 43 -47.16 37.38 -1.22
C THR D 43 -48.52 36.74 -0.95
N PHE D 44 -48.92 35.80 -1.80
CA PHE D 44 -50.31 35.35 -1.83
C PHE D 44 -50.53 33.84 -1.67
N VAL D 45 -49.51 32.99 -1.79
CA VAL D 45 -49.69 31.55 -2.02
C VAL D 45 -49.27 30.74 -0.79
N THR D 46 -50.09 29.76 -0.40
CA THR D 46 -49.83 28.90 0.75
C THR D 46 -48.94 27.70 0.39
N SER D 47 -48.48 27.01 1.42
CA SER D 47 -47.86 25.68 1.28
C SER D 47 -48.59 24.65 2.14
N TRP D 48 -49.86 24.91 2.42
CA TRP D 48 -50.62 24.05 3.33
C TRP D 48 -50.79 22.65 2.76
N TYR D 49 -51.09 22.55 1.46
CA TYR D 49 -51.44 21.26 0.86
C TYR D 49 -50.22 20.46 0.44
N THR D 50 -49.07 21.10 0.26
CA THR D 50 -47.84 20.40 -0.11
C THR D 50 -46.96 20.11 1.10
N HIS D 51 -46.91 21.00 2.08
CA HIS D 51 -46.02 20.85 3.23
C HIS D 51 -46.72 20.93 4.57
N GLY D 52 -47.99 21.35 4.61
CA GLY D 52 -48.55 21.73 5.89
C GLY D 52 -47.92 22.98 6.47
N LEU D 53 -47.58 23.96 5.63
CA LEU D 53 -46.91 25.17 6.09
C LEU D 53 -47.60 26.42 5.53
N ALA D 54 -47.67 27.47 6.36
CA ALA D 54 -47.94 28.81 5.84
C ALA D 54 -46.67 29.41 5.27
N SER D 55 -46.80 30.18 4.16
CA SER D 55 -45.57 30.59 3.49
C SER D 55 -45.69 31.93 2.75
N SER D 56 -46.72 32.72 3.04
CA SER D 56 -46.98 33.96 2.31
C SER D 56 -47.26 35.08 3.29
N TYR D 57 -47.11 36.33 2.82
CA TYR D 57 -47.51 37.50 3.62
C TYR D 57 -48.99 37.42 3.96
N LEU D 58 -49.82 36.95 3.01
CA LEU D 58 -51.26 36.89 3.22
C LEU D 58 -51.60 36.07 4.46
N GLU D 59 -50.83 35.04 4.75
CA GLU D 59 -51.08 34.17 5.89
C GLU D 59 -50.39 34.65 7.16
N GLY D 60 -49.54 35.68 7.08
CA GLY D 60 -48.86 36.20 8.25
C GLY D 60 -47.37 35.99 8.31
N CYS D 61 -46.75 35.38 7.31
CA CYS D 61 -45.30 35.26 7.29
C CYS D 61 -44.65 36.61 7.03
N ASN D 62 -43.37 36.71 7.38
CA ASN D 62 -42.59 37.91 7.13
C ASN D 62 -41.55 37.61 6.03
N PHE D 63 -40.69 38.59 5.74
CA PHE D 63 -39.75 38.42 4.64
C PHE D 63 -38.83 37.22 4.86
N LEU D 64 -38.46 36.93 6.10
CA LEU D 64 -37.56 35.82 6.37
C LEU D 64 -38.26 34.46 6.24
N THR D 65 -39.58 34.37 6.44
CA THR D 65 -40.21 33.04 6.47
C THR D 65 -41.11 32.74 5.28
N VAL D 66 -41.43 33.72 4.43
CA VAL D 66 -42.19 33.39 3.22
C VAL D 66 -41.33 32.51 2.31
N ALA D 67 -42.02 31.75 1.45
CA ALA D 67 -41.34 30.93 0.46
C ALA D 67 -42.31 30.55 -0.64
N VAL D 68 -41.75 30.22 -1.81
CA VAL D 68 -42.46 29.39 -2.77
C VAL D 68 -41.93 27.97 -2.56
N SER D 69 -42.77 27.10 -2.02
CA SER D 69 -42.31 25.79 -1.57
C SER D 69 -42.45 24.75 -2.67
N THR D 70 -41.64 23.70 -2.55
CA THR D 70 -41.68 22.59 -3.50
C THR D 70 -43.03 21.88 -3.46
N PRO D 71 -43.38 21.16 -4.53
CA PRO D 71 -44.63 20.39 -4.53
C PRO D 71 -44.55 19.22 -3.57
N ALA D 72 -45.71 18.61 -3.30
CA ALA D 72 -45.75 17.44 -2.43
C ALA D 72 -44.92 16.30 -3.03
N ASN D 73 -44.36 15.46 -2.16
CA ASN D 73 -43.56 14.33 -2.60
C ASN D 73 -44.32 13.43 -3.59
N SER D 74 -45.65 13.37 -3.47
CA SER D 74 -46.44 12.52 -4.35
C SER D 74 -46.51 13.05 -5.77
N MET D 75 -46.12 14.31 -6.01
CA MET D 75 -45.96 14.78 -7.39
C MET D 75 -44.74 14.16 -8.09
N GLY D 76 -43.82 13.55 -7.35
CA GLY D 76 -42.63 13.00 -8.01
C GLY D 76 -41.80 14.09 -8.66
N HIS D 77 -41.37 13.85 -9.90
CA HIS D 77 -40.64 14.86 -10.67
C HIS D 77 -41.49 15.42 -11.79
N SER D 78 -42.80 15.42 -11.59
CA SER D 78 -43.71 16.01 -12.55
C SER D 78 -43.27 17.43 -12.89
N LEU D 79 -43.35 17.77 -14.17
CA LEU D 79 -43.10 19.14 -14.59
C LEU D 79 -44.15 20.08 -14.03
N LEU D 80 -45.34 19.56 -13.71
CA LEU D 80 -46.40 20.36 -13.10
C LEU D 80 -46.77 21.56 -13.96
N LEU D 81 -46.88 21.32 -15.27
CA LEU D 81 -47.34 22.36 -16.18
C LEU D 81 -48.78 22.74 -15.83
N LEU D 82 -49.12 24.01 -16.04
CA LEU D 82 -50.48 24.46 -15.75
C LEU D 82 -51.51 23.63 -16.51
N TRP D 83 -51.24 23.32 -17.78
CA TRP D 83 -52.14 22.53 -18.63
C TRP D 83 -51.93 21.02 -18.47
N GLY D 84 -51.04 20.61 -17.56
CA GLY D 84 -50.72 19.22 -17.38
C GLY D 84 -51.82 18.42 -16.69
N PRO D 85 -51.59 17.13 -16.52
CA PRO D 85 -52.64 16.25 -15.99
C PRO D 85 -52.92 16.45 -14.50
N GLU D 86 -52.05 17.14 -13.75
CA GLU D 86 -52.30 17.36 -12.33
C GLU D 86 -53.24 18.54 -12.11
N ALA D 87 -52.95 19.69 -12.74
CA ALA D 87 -53.80 20.86 -12.54
C ALA D 87 -54.89 20.98 -13.58
N GLN D 88 -54.69 20.41 -14.78
CA GLN D 88 -55.69 20.39 -15.84
C GLN D 88 -56.21 21.80 -16.16
N GLY D 89 -55.32 22.79 -16.09
CA GLY D 89 -55.68 24.14 -16.45
C GLY D 89 -56.27 24.96 -15.31
N ASP D 90 -56.45 24.37 -14.13
CA ASP D 90 -57.02 25.09 -12.99
C ASP D 90 -55.90 25.87 -12.31
N PHE D 91 -55.94 27.20 -12.46
CA PHE D 91 -54.87 28.03 -11.90
C PHE D 91 -54.81 27.93 -10.38
N THR D 92 -55.97 27.95 -9.72
CA THR D 92 -56.02 27.85 -8.26
C THR D 92 -55.46 26.53 -7.76
N ARG D 93 -55.96 25.41 -8.31
CA ARG D 93 -55.41 24.10 -7.94
C ARG D 93 -53.92 24.05 -8.19
N TRP D 94 -53.49 24.62 -9.32
CA TRP D 94 -52.07 24.62 -9.67
C TRP D 94 -51.23 25.27 -8.58
N CYS D 95 -51.69 26.42 -8.05
CA CYS D 95 -50.95 27.07 -6.97
C CYS D 95 -50.93 26.20 -5.72
N GLN D 96 -52.06 25.56 -5.41
CA GLN D 96 -52.15 24.72 -4.22
C GLN D 96 -51.26 23.48 -4.34
N LEU D 97 -51.00 23.01 -5.56
CA LEU D 97 -50.18 21.81 -5.80
C LEU D 97 -48.68 22.09 -5.85
N GLY D 98 -48.28 23.36 -5.81
CA GLY D 98 -46.87 23.70 -5.92
C GLY D 98 -46.41 24.02 -7.33
N GLY D 99 -47.36 24.34 -8.22
CA GLY D 99 -47.01 24.65 -9.59
C GLY D 99 -46.04 25.81 -9.72
N LEU D 100 -46.13 26.80 -8.81
CA LEU D 100 -45.24 27.95 -8.88
C LEU D 100 -43.78 27.55 -8.68
N TRP D 101 -43.50 26.43 -7.99
CA TRP D 101 -42.11 26.04 -7.78
C TRP D 101 -41.44 25.60 -9.08
N THR D 102 -42.07 24.69 -9.83
CA THR D 102 -41.48 24.29 -11.10
C THR D 102 -41.50 25.44 -12.09
N PHE D 103 -42.53 26.28 -12.04
CA PHE D 103 -42.59 27.51 -12.83
C PHE D 103 -41.35 28.37 -12.62
N ILE D 104 -41.01 28.63 -11.36
CA ILE D 104 -39.86 29.48 -11.06
C ILE D 104 -38.56 28.77 -11.41
N ALA D 105 -38.45 27.49 -11.05
CA ALA D 105 -37.21 26.76 -11.32
C ALA D 105 -36.93 26.67 -12.81
N LEU D 106 -37.95 26.38 -13.62
CA LEU D 106 -37.71 26.19 -15.05
C LEU D 106 -37.52 27.52 -15.79
N HIS D 107 -38.37 28.52 -15.51
CA HIS D 107 -38.14 29.85 -16.10
C HIS D 107 -36.83 30.42 -15.59
N GLY D 108 -36.50 30.15 -14.32
CA GLY D 108 -35.23 30.62 -13.79
C GLY D 108 -34.04 30.03 -14.52
N ALA D 109 -34.09 28.72 -14.81
CA ALA D 109 -33.01 28.07 -15.52
C ALA D 109 -32.84 28.65 -16.92
N PHE D 110 -33.96 28.84 -17.64
CA PHE D 110 -33.87 29.40 -18.98
C PHE D 110 -33.50 30.88 -18.91
N GLY D 111 -33.87 31.57 -17.84
CA GLY D 111 -33.41 32.93 -17.67
C GLY D 111 -31.90 32.99 -17.50
N LEU D 112 -31.34 32.03 -16.73
CA LEU D 112 -29.90 31.98 -16.55
C LEU D 112 -29.17 31.68 -17.86
N ILE D 113 -29.72 30.77 -18.67
CA ILE D 113 -29.20 30.56 -20.02
C ILE D 113 -29.23 31.87 -20.80
N GLY D 114 -30.36 32.58 -20.73
CA GLY D 114 -30.45 33.83 -21.44
C GLY D 114 -29.45 34.87 -20.97
N PHE D 115 -29.20 34.92 -19.66
CA PHE D 115 -28.26 35.90 -19.14
C PHE D 115 -26.83 35.62 -19.62
N MET D 116 -26.42 34.35 -19.62
CA MET D 116 -25.09 34.02 -20.09
C MET D 116 -24.96 34.24 -21.60
N LEU D 117 -26.03 33.96 -22.36
CA LEU D 117 -26.03 34.32 -23.77
C LEU D 117 -25.88 35.82 -23.95
N ARG D 118 -26.52 36.60 -23.06
CA ARG D 118 -26.36 38.05 -23.09
C ARG D 118 -24.90 38.44 -22.91
N GLN D 119 -24.21 37.79 -21.97
CA GLN D 119 -22.81 38.11 -21.73
C GLN D 119 -21.94 37.82 -22.95
N PHE D 120 -22.20 36.70 -23.63
CA PHE D 120 -21.50 36.44 -24.89
C PHE D 120 -21.85 37.49 -25.92
N GLU D 121 -23.15 37.77 -26.09
CA GLU D 121 -23.60 38.64 -27.16
C GLU D 121 -23.04 40.05 -26.99
N ILE D 122 -23.01 40.56 -25.75
CA ILE D 122 -22.49 41.91 -25.56
C ILE D 122 -20.97 41.94 -25.73
N ALA D 123 -20.26 40.96 -25.15
CA ALA D 123 -18.83 40.87 -25.36
C ALA D 123 -18.49 40.88 -26.85
N ARG D 124 -19.25 40.13 -27.65
CA ARG D 124 -18.98 40.09 -29.08
C ARG D 124 -19.21 41.44 -29.72
N LEU D 125 -20.23 42.16 -29.25
CA LEU D 125 -20.58 43.44 -29.88
C LEU D 125 -19.61 44.55 -29.52
N VAL D 126 -19.10 44.57 -28.29
CA VAL D 126 -18.15 45.62 -27.92
C VAL D 126 -16.71 45.23 -28.18
N GLY D 127 -16.43 43.96 -28.46
CA GLY D 127 -15.09 43.54 -28.82
C GLY D 127 -14.21 43.08 -27.68
N VAL D 128 -14.77 42.52 -26.61
CA VAL D 128 -13.96 42.01 -25.52
C VAL D 128 -14.04 40.49 -25.48
N ARG D 129 -13.06 39.88 -24.83
CA ARG D 129 -13.06 38.44 -24.63
C ARG D 129 -14.15 38.08 -23.62
N PRO D 130 -14.85 36.95 -23.79
CA PRO D 130 -16.04 36.66 -22.98
C PRO D 130 -15.74 35.93 -21.67
N TYR D 131 -14.78 36.42 -20.90
CA TYR D 131 -14.46 35.77 -19.63
C TYR D 131 -15.57 35.96 -18.60
N ASN D 132 -16.32 37.05 -18.68
CA ASN D 132 -17.44 37.26 -17.77
C ASN D 132 -18.47 36.15 -17.90
N ALA D 133 -18.83 35.81 -19.14
CA ALA D 133 -19.71 34.67 -19.39
C ALA D 133 -19.09 33.39 -18.84
N ILE D 134 -17.80 33.18 -19.10
CA ILE D 134 -17.12 32.00 -18.56
C ILE D 134 -17.19 31.98 -17.03
N ALA D 135 -16.99 33.11 -16.38
CA ALA D 135 -17.07 33.11 -14.92
C ALA D 135 -18.48 32.76 -14.45
N PHE D 136 -19.51 33.20 -15.20
CA PHE D 136 -20.90 32.94 -14.86
C PHE D 136 -21.25 31.45 -14.93
N SER D 137 -20.41 30.62 -15.55
CA SER D 137 -20.69 29.19 -15.56
C SER D 137 -20.73 28.60 -14.15
N ALA D 138 -20.05 29.24 -13.19
CA ALA D 138 -20.12 28.74 -11.81
C ALA D 138 -21.50 28.95 -11.20
N PRO D 139 -22.09 30.17 -11.17
CA PRO D 139 -23.50 30.28 -10.74
C PRO D 139 -24.40 29.27 -11.42
N ILE D 140 -24.21 29.03 -12.72
CA ILE D 140 -25.08 28.11 -13.43
C ILE D 140 -24.89 26.67 -12.96
N ALA D 141 -23.64 26.25 -12.76
CA ALA D 141 -23.38 24.92 -12.22
C ALA D 141 -24.02 24.73 -10.85
N VAL D 142 -23.95 25.76 -9.99
CA VAL D 142 -24.59 25.67 -8.68
C VAL D 142 -26.10 25.57 -8.84
N PHE D 143 -26.69 26.42 -9.68
CA PHE D 143 -28.16 26.40 -9.79
C PHE D 143 -28.64 25.05 -10.32
N VAL D 144 -28.01 24.55 -11.38
CA VAL D 144 -28.44 23.32 -12.03
C VAL D 144 -28.22 22.11 -11.12
N SER D 145 -27.10 22.08 -10.39
CA SER D 145 -26.86 20.92 -9.53
C SER D 145 -27.81 20.91 -8.33
N VAL D 146 -28.07 22.07 -7.73
CA VAL D 146 -28.84 22.15 -6.48
C VAL D 146 -30.35 22.10 -6.74
N PHE D 147 -30.84 22.84 -7.73
CA PHE D 147 -32.28 22.96 -7.94
C PHE D 147 -32.84 21.96 -8.94
N LEU D 148 -31.98 21.30 -9.72
CA LEU D 148 -32.45 20.34 -10.72
C LEU D 148 -31.85 18.95 -10.49
N ILE D 149 -30.53 18.80 -10.53
CA ILE D 149 -29.95 17.46 -10.43
C ILE D 149 -30.22 16.85 -9.07
N TYR D 150 -30.01 17.63 -7.99
CA TYR D 150 -30.18 17.05 -6.65
C TYR D 150 -31.57 16.46 -6.48
N PRO D 151 -32.68 17.19 -6.68
CA PRO D 151 -34.00 16.57 -6.55
C PRO D 151 -34.26 15.46 -7.55
N LEU D 152 -33.70 15.57 -8.77
CA LEU D 152 -33.90 14.51 -9.77
C LEU D 152 -33.29 13.18 -9.32
N GLY D 153 -32.22 13.22 -8.53
CA GLY D 153 -31.71 11.98 -7.97
C GLY D 153 -32.50 11.49 -6.76
N GLN D 154 -33.19 12.39 -6.08
CA GLN D 154 -33.96 12.05 -4.90
C GLN D 154 -35.37 11.62 -5.32
N SER D 155 -36.29 11.51 -4.37
CA SER D 155 -37.58 10.91 -4.70
C SER D 155 -38.46 11.85 -5.50
N SER D 156 -38.26 13.16 -5.38
CA SER D 156 -39.19 14.10 -5.99
C SER D 156 -38.66 15.52 -5.85
N TRP D 157 -39.36 16.45 -6.52
CA TRP D 157 -39.07 17.86 -6.32
C TRP D 157 -39.21 18.29 -4.86
N PHE D 158 -40.00 17.57 -4.05
CA PHE D 158 -40.22 17.96 -2.65
C PHE D 158 -38.91 18.27 -1.92
N PHE D 159 -37.85 17.55 -2.24
CA PHE D 159 -36.58 17.66 -1.52
C PHE D 159 -35.59 18.61 -2.19
N ALA D 160 -36.00 19.31 -3.24
CA ALA D 160 -35.27 20.47 -3.73
C ALA D 160 -35.34 21.61 -2.70
N PRO D 161 -34.50 22.63 -2.83
CA PRO D 161 -34.69 23.82 -1.99
C PRO D 161 -35.98 24.52 -2.37
N SER D 162 -36.72 24.93 -1.34
CA SER D 162 -37.82 25.86 -1.55
C SER D 162 -37.26 27.29 -1.63
N PHE D 163 -37.95 28.12 -2.41
CA PHE D 163 -37.47 29.48 -2.71
C PHE D 163 -37.88 30.42 -1.58
N GLY D 164 -37.07 30.45 -0.54
CA GLY D 164 -37.33 31.39 0.54
C GLY D 164 -36.16 31.42 1.50
N VAL D 165 -36.12 32.48 2.31
CA VAL D 165 -34.97 32.68 3.19
C VAL D 165 -34.87 31.55 4.23
N ALA D 166 -35.90 31.42 5.07
CA ALA D 166 -35.86 30.37 6.08
C ALA D 166 -35.92 28.98 5.45
N ALA D 167 -36.64 28.84 4.33
CA ALA D 167 -36.65 27.55 3.62
C ALA D 167 -35.24 27.12 3.23
N ILE D 168 -34.40 28.07 2.83
CA ILE D 168 -33.03 27.72 2.45
C ILE D 168 -32.20 27.32 3.67
N PHE D 169 -32.42 28.01 4.81
CA PHE D 169 -31.75 27.62 6.05
C PHE D 169 -32.09 26.19 6.43
N ARG D 170 -33.37 25.82 6.28
CA ARG D 170 -33.76 24.43 6.53
C ARG D 170 -32.98 23.48 5.63
N PHE D 171 -32.80 23.86 4.36
CA PHE D 171 -32.05 23.04 3.40
C PHE D 171 -30.61 22.82 3.88
N LEU D 172 -29.95 23.89 4.34
CA LEU D 172 -28.63 23.74 4.95
C LEU D 172 -28.63 22.71 6.08
N LEU D 173 -29.59 22.84 7.00
CA LEU D 173 -29.59 21.98 8.19
C LEU D 173 -29.93 20.54 7.84
N PHE D 174 -30.85 20.33 6.90
CA PHE D 174 -31.11 18.99 6.38
C PHE D 174 -29.83 18.37 5.83
N PHE D 175 -29.04 19.15 5.07
CA PHE D 175 -27.83 18.59 4.48
C PHE D 175 -26.81 18.24 5.55
N GLN D 176 -26.77 18.99 6.65
CA GLN D 176 -25.88 18.59 7.74
C GLN D 176 -26.36 17.28 8.37
N GLY D 177 -27.63 17.21 8.74
CA GLY D 177 -28.09 16.06 9.51
C GLY D 177 -28.15 14.77 8.71
N PHE D 178 -28.58 14.86 7.45
CA PHE D 178 -28.78 13.69 6.60
C PHE D 178 -27.57 13.35 5.74
N HIS D 179 -26.85 14.36 5.24
CA HIS D 179 -25.73 14.12 4.32
C HIS D 179 -24.36 14.31 4.98
N ASN D 180 -24.29 14.85 6.20
CA ASN D 180 -23.02 15.28 6.81
C ASN D 180 -22.19 16.11 5.81
N TRP D 181 -22.87 17.07 5.17
CA TRP D 181 -22.30 17.81 4.04
C TRP D 181 -21.06 18.62 4.42
N THR D 182 -20.94 19.08 5.68
CA THR D 182 -19.69 19.78 6.03
C THR D 182 -18.47 18.88 5.90
N LEU D 183 -18.64 17.57 6.07
CA LEU D 183 -17.52 16.65 5.94
C LEU D 183 -17.07 16.44 4.49
N ASN D 184 -17.79 16.96 3.50
CA ASN D 184 -17.55 16.56 2.13
C ASN D 184 -16.40 17.37 1.52
N PRO D 185 -15.34 16.73 1.03
CA PRO D 185 -14.20 17.51 0.50
C PRO D 185 -14.57 18.41 -0.68
N PHE D 186 -15.63 18.10 -1.44
CA PHE D 186 -16.03 19.04 -2.48
C PHE D 186 -16.71 20.28 -1.90
N HIS D 187 -17.44 20.16 -0.79
CA HIS D 187 -17.96 21.36 -0.13
C HIS D 187 -16.83 22.18 0.45
N MET D 188 -15.86 21.51 1.08
CA MET D 188 -14.70 22.22 1.64
C MET D 188 -13.98 23.04 0.57
N MET D 189 -13.85 22.50 -0.64
CA MET D 189 -13.23 23.27 -1.72
C MET D 189 -14.10 24.45 -2.10
N GLY D 190 -15.43 24.27 -2.06
CA GLY D 190 -16.30 25.39 -2.31
C GLY D 190 -16.10 26.49 -1.27
N VAL D 191 -16.02 26.10 0.00
CA VAL D 191 -15.80 27.07 1.06
C VAL D 191 -14.50 27.82 0.82
N ALA D 192 -13.43 27.10 0.53
CA ALA D 192 -12.15 27.74 0.27
C ALA D 192 -12.25 28.72 -0.89
N GLY D 193 -12.99 28.35 -1.94
CA GLY D 193 -13.12 29.25 -3.08
C GLY D 193 -13.95 30.48 -2.77
N VAL D 194 -15.02 30.32 -1.98
CA VAL D 194 -15.84 31.48 -1.63
C VAL D 194 -15.09 32.39 -0.66
N LEU D 195 -14.55 31.80 0.43
CA LEU D 195 -13.85 32.60 1.42
C LEU D 195 -12.55 33.20 0.85
N GLY D 196 -11.81 32.41 0.06
CA GLY D 196 -10.62 32.94 -0.61
C GLY D 196 -10.98 34.00 -1.62
N GLY D 197 -12.13 33.86 -2.27
CA GLY D 197 -12.59 34.92 -3.16
C GLY D 197 -12.90 36.21 -2.42
N ALA D 198 -13.59 36.12 -1.28
CA ALA D 198 -13.87 37.31 -0.49
C ALA D 198 -12.57 37.94 0.01
N LEU D 199 -11.61 37.11 0.43
CA LEU D 199 -10.31 37.62 0.82
C LEU D 199 -9.65 38.38 -0.35
N LEU D 200 -9.59 37.75 -1.53
CA LEU D 200 -8.96 38.42 -2.69
C LEU D 200 -9.68 39.72 -3.00
N CYS D 201 -11.01 39.72 -2.94
CA CYS D 201 -11.78 40.94 -3.18
C CYS D 201 -11.35 42.05 -2.23
N ALA D 202 -11.29 41.74 -0.92
CA ALA D 202 -10.95 42.73 0.09
C ALA D 202 -9.50 43.17 -0.03
N ILE D 203 -8.59 42.22 -0.22
CA ILE D 203 -7.17 42.55 -0.19
C ILE D 203 -6.79 43.32 -1.43
N HIS D 204 -7.37 42.97 -2.58
CA HIS D 204 -7.04 43.70 -3.82
C HIS D 204 -7.59 45.13 -3.78
N GLY D 205 -8.86 45.28 -3.40
CA GLY D 205 -9.43 46.62 -3.27
C GLY D 205 -8.65 47.49 -2.29
N ALA D 206 -8.33 46.93 -1.12
CA ALA D 206 -7.58 47.69 -0.10
C ALA D 206 -6.18 48.03 -0.58
N THR D 207 -5.53 47.12 -1.30
CA THR D 207 -4.16 47.37 -1.78
C THR D 207 -4.13 48.49 -2.80
N VAL D 208 -5.00 48.43 -3.83
CA VAL D 208 -5.08 49.51 -4.81
C VAL D 208 -5.31 50.84 -4.10
N GLU D 209 -6.30 50.87 -3.19
CA GLU D 209 -6.67 52.13 -2.56
C GLU D 209 -5.58 52.68 -1.65
N ASN D 210 -4.64 51.87 -1.19
CA ASN D 210 -3.60 52.34 -0.29
C ASN D 210 -2.21 52.39 -0.94
N THR D 211 -2.13 52.19 -2.27
CA THR D 211 -0.93 52.48 -3.06
C THR D 211 -1.25 53.43 -4.20
N LEU D 212 -2.33 54.20 -4.09
CA LEU D 212 -2.65 55.22 -5.09
C LEU D 212 -1.51 56.22 -5.22
N PHE D 213 -1.29 56.69 -6.45
CA PHE D 213 -0.50 57.89 -6.67
C PHE D 213 -1.32 59.12 -6.34
N GLN D 214 -0.65 60.18 -5.88
CA GLN D 214 -1.35 61.43 -5.70
C GLN D 214 -1.48 62.07 -7.07
N ASP D 215 -2.67 61.97 -7.66
CA ASP D 215 -2.93 62.53 -8.98
C ASP D 215 -3.88 63.72 -8.90
N GLY D 216 -4.06 64.28 -7.70
CA GLY D 216 -4.90 65.45 -7.49
C GLY D 216 -4.58 66.09 -6.17
N GLU D 217 -5.21 67.24 -5.91
CA GLU D 217 -4.96 67.96 -4.67
C GLU D 217 -5.98 67.65 -3.58
N GLY D 218 -7.10 67.01 -3.91
CA GLY D 218 -8.13 66.78 -2.92
C GLY D 218 -7.72 65.72 -1.91
N ALA D 219 -8.14 65.95 -0.65
CA ALA D 219 -7.99 64.94 0.39
C ALA D 219 -8.94 63.76 0.20
N SER D 220 -10.03 63.95 -0.53
CA SER D 220 -10.84 62.85 -1.02
C SER D 220 -10.32 62.49 -2.40
N THR D 221 -9.80 61.27 -2.56
CA THR D 221 -8.92 60.96 -3.67
C THR D 221 -9.61 60.37 -4.90
N PHE D 222 -10.94 60.26 -4.88
CA PHE D 222 -11.67 59.62 -5.98
C PHE D 222 -11.69 60.47 -7.24
N ARG D 223 -11.70 61.79 -7.11
CA ARG D 223 -11.79 62.63 -8.30
C ARG D 223 -10.52 62.59 -9.13
N ALA D 224 -9.40 62.15 -8.56
CA ALA D 224 -8.13 62.13 -9.29
C ALA D 224 -7.95 60.85 -10.10
N PHE D 225 -8.96 60.50 -10.90
CA PHE D 225 -8.87 59.40 -11.85
C PHE D 225 -9.64 59.74 -13.12
N ASN D 226 -9.09 59.33 -14.26
CA ASN D 226 -9.73 59.52 -15.57
C ASN D 226 -9.72 58.19 -16.29
N PRO D 227 -10.88 57.66 -16.70
CA PRO D 227 -10.91 56.29 -17.27
C PRO D 227 -10.05 56.13 -18.49
N THR D 228 -9.89 57.19 -19.28
CA THR D 228 -9.09 57.10 -20.49
C THR D 228 -7.60 57.26 -20.24
N GLN D 229 -7.18 57.56 -19.02
CA GLN D 229 -5.77 57.82 -18.75
C GLN D 229 -4.94 56.58 -19.08
N ALA D 230 -3.69 56.82 -19.49
CA ALA D 230 -2.82 55.70 -19.83
C ALA D 230 -2.19 55.08 -18.60
N GLU D 231 -1.97 55.86 -17.54
CA GLU D 231 -1.11 55.47 -16.43
C GLU D 231 -1.87 54.67 -15.38
N GLU D 232 -1.20 53.69 -14.78
CA GLU D 232 -1.74 53.02 -13.62
C GLU D 232 -2.04 54.04 -12.52
N THR D 233 -3.18 53.86 -11.83
CA THR D 233 -3.59 54.80 -10.79
C THR D 233 -2.96 54.51 -9.43
N TYR D 234 -2.36 53.33 -9.28
CA TYR D 234 -1.67 52.92 -8.05
C TYR D 234 -0.34 52.31 -8.45
N SER D 235 0.56 52.20 -7.47
CA SER D 235 1.91 51.72 -7.71
C SER D 235 1.99 50.21 -7.50
N MET D 236 2.09 49.47 -8.61
CA MET D 236 2.29 48.02 -8.52
C MET D 236 3.61 47.68 -7.87
N VAL D 237 4.64 48.52 -8.10
CA VAL D 237 5.95 48.25 -7.49
C VAL D 237 5.88 48.38 -5.98
N THR D 238 5.22 49.44 -5.48
CA THR D 238 5.13 49.59 -4.03
C THR D 238 4.25 48.51 -3.40
N ALA D 239 3.12 48.20 -4.05
CA ALA D 239 2.27 47.13 -3.55
C ALA D 239 3.05 45.82 -3.47
N ASN D 240 3.86 45.55 -4.49
CA ASN D 240 4.62 44.30 -4.50
C ASN D 240 5.63 44.26 -3.37
N ARG D 241 6.32 45.38 -3.12
CA ARG D 241 7.30 45.36 -2.03
C ARG D 241 6.61 45.19 -0.68
N PHE D 242 5.49 45.90 -0.47
CA PHE D 242 4.77 45.80 0.80
C PHE D 242 4.40 44.36 1.11
N TRP D 243 3.75 43.69 0.17
CA TRP D 243 3.28 42.35 0.46
C TRP D 243 4.43 41.36 0.54
N SER D 244 5.49 41.56 -0.25
CA SER D 244 6.66 40.69 -0.14
C SER D 244 7.23 40.73 1.27
N GLN D 245 7.30 41.91 1.87
CA GLN D 245 7.87 42.05 3.20
C GLN D 245 6.87 41.68 4.30
N ILE D 246 5.56 41.85 4.06
CA ILE D 246 4.56 41.54 5.08
C ILE D 246 4.28 40.05 5.11
N PHE D 247 3.99 39.47 3.94
CA PHE D 247 3.45 38.13 3.82
C PHE D 247 4.46 37.13 3.24
N GLY D 248 5.52 37.60 2.61
CA GLY D 248 6.55 36.73 2.06
C GLY D 248 6.45 36.64 0.56
N ILE D 249 5.24 36.67 0.02
CA ILE D 249 5.04 36.64 -1.42
C ILE D 249 4.06 37.75 -1.80
N ALA D 250 4.13 38.16 -3.05
CA ALA D 250 3.27 39.18 -3.60
C ALA D 250 3.03 38.89 -5.08
N PHE D 251 1.92 39.41 -5.59
CA PHE D 251 1.77 39.48 -7.03
C PHE D 251 2.83 40.40 -7.63
N SER D 252 3.29 40.07 -8.83
CA SER D 252 4.05 41.01 -9.65
C SER D 252 3.47 41.19 -11.03
N ASN D 253 2.59 40.29 -11.48
CA ASN D 253 1.95 40.35 -12.79
C ASN D 253 0.46 40.64 -12.60
N LYS D 254 0.03 41.82 -13.03
CA LYS D 254 -1.36 42.26 -12.88
C LYS D 254 -2.32 41.41 -13.70
N ARG D 255 -1.87 40.84 -14.81
CA ARG D 255 -2.75 39.99 -15.59
C ARG D 255 -2.99 38.67 -14.88
N TRP D 256 -1.94 38.10 -14.29
CA TRP D 256 -2.11 36.90 -13.48
C TRP D 256 -3.02 37.16 -12.29
N LEU D 257 -2.79 38.27 -11.57
CA LEU D 257 -3.61 38.64 -10.43
C LEU D 257 -5.10 38.59 -10.78
N HIS D 258 -5.47 39.27 -11.87
CA HIS D 258 -6.89 39.37 -12.17
C HIS D 258 -7.44 38.08 -12.73
N PHE D 259 -6.62 37.29 -13.44
CA PHE D 259 -7.09 35.95 -13.80
C PHE D 259 -7.30 35.11 -12.55
N PHE D 260 -6.39 35.21 -11.58
CA PHE D 260 -6.51 34.43 -10.35
C PHE D 260 -7.78 34.79 -9.60
N MET D 261 -8.19 36.06 -9.66
CA MET D 261 -9.43 36.48 -9.00
C MET D 261 -10.65 35.88 -9.68
N LEU D 262 -10.62 35.69 -11.00
CA LEU D 262 -11.64 34.88 -11.66
C LEU D 262 -11.55 33.42 -11.20
N PHE D 263 -10.33 32.85 -11.23
CA PHE D 263 -10.16 31.41 -11.06
C PHE D 263 -10.66 30.91 -9.70
N VAL D 264 -10.35 31.65 -8.64
CA VAL D 264 -10.52 31.11 -7.29
C VAL D 264 -12.00 30.89 -6.93
N PRO D 265 -12.87 31.92 -6.95
CA PRO D 265 -14.27 31.66 -6.59
C PRO D 265 -15.00 30.80 -7.61
N VAL D 266 -14.67 30.93 -8.90
CA VAL D 266 -15.33 30.13 -9.94
C VAL D 266 -15.05 28.64 -9.73
N THR D 267 -13.78 28.29 -9.49
CA THR D 267 -13.42 26.89 -9.26
C THR D 267 -14.07 26.36 -7.98
N GLY D 268 -14.09 27.18 -6.93
CA GLY D 268 -14.74 26.75 -5.69
C GLY D 268 -16.20 26.37 -5.91
N LEU D 269 -16.95 27.21 -6.63
CA LEU D 269 -18.37 26.89 -6.85
C LEU D 269 -18.53 25.65 -7.71
N TRP D 270 -17.67 25.46 -8.72
CA TRP D 270 -17.72 24.25 -9.54
C TRP D 270 -17.48 23.01 -8.70
N MET D 271 -16.53 23.06 -7.77
CA MET D 271 -16.30 21.93 -6.90
C MET D 271 -17.52 21.63 -6.02
N SER D 272 -18.17 22.67 -5.47
CA SER D 272 -19.31 22.38 -4.61
C SER D 272 -20.42 21.72 -5.41
N ALA D 273 -20.57 22.13 -6.68
CA ALA D 273 -21.59 21.54 -7.53
C ALA D 273 -21.35 20.05 -7.72
N ILE D 274 -20.08 19.64 -7.80
CA ILE D 274 -19.77 18.22 -7.96
C ILE D 274 -20.19 17.44 -6.72
N GLY D 275 -19.90 17.97 -5.53
CA GLY D 275 -20.34 17.30 -4.31
C GLY D 275 -21.85 17.12 -4.24
N VAL D 276 -22.60 18.14 -4.69
CA VAL D 276 -24.07 18.07 -4.66
C VAL D 276 -24.58 17.03 -5.65
N VAL D 277 -23.95 16.92 -6.82
CA VAL D 277 -24.30 15.84 -7.75
C VAL D 277 -24.17 14.48 -7.05
N GLY D 278 -23.12 14.31 -6.24
CA GLY D 278 -23.01 13.09 -5.44
C GLY D 278 -24.14 12.93 -4.43
N LEU D 279 -24.50 14.03 -3.74
CA LEU D 279 -25.57 13.95 -2.75
C LEU D 279 -26.91 13.66 -3.39
N ALA D 280 -27.07 13.93 -4.70
CA ALA D 280 -28.30 13.55 -5.38
C ALA D 280 -28.56 12.05 -5.27
N LEU D 281 -27.50 11.25 -5.14
CA LEU D 281 -27.56 9.81 -5.06
C LEU D 281 -27.32 9.30 -3.65
N ASN D 282 -27.36 10.19 -2.65
CA ASN D 282 -26.89 9.92 -1.29
C ASN D 282 -25.47 9.42 -1.26
N LEU D 283 -24.69 9.74 -2.29
CA LEU D 283 -23.27 9.37 -2.33
CA LEU D 283 -23.27 9.37 -2.31
C LEU D 283 -22.50 10.41 -1.50
N ARG D 284 -22.56 10.23 -0.19
CA ARG D 284 -22.03 11.18 0.80
C ARG D 284 -20.60 10.86 1.21
N SER D 285 -19.89 11.89 1.68
CA SER D 285 -18.79 11.69 2.63
C SER D 285 -19.42 11.81 4.01
N TYR D 286 -20.08 10.71 4.42
CA TYR D 286 -20.78 10.70 5.70
C TYR D 286 -19.88 10.22 6.85
N ASP D 287 -19.08 9.17 6.63
CA ASP D 287 -18.35 8.52 7.71
C ASP D 287 -16.89 8.32 7.33
N PHE D 288 -16.06 8.09 8.36
CA PHE D 288 -14.73 7.51 8.20
C PHE D 288 -14.80 6.10 8.79
N ILE D 289 -14.66 5.09 7.93
CA ILE D 289 -14.86 3.72 8.39
C ILE D 289 -13.93 3.37 9.55
N SER D 290 -12.68 3.82 9.49
CA SER D 290 -11.75 3.45 10.55
C SER D 290 -12.16 4.04 11.90
N GLN D 291 -12.69 5.28 11.89
CA GLN D 291 -13.23 5.86 13.11
C GLN D 291 -14.34 5.01 13.67
N GLU D 292 -15.25 4.54 12.81
CA GLU D 292 -16.42 3.82 13.27
C GLU D 292 -16.04 2.46 13.85
N ILE D 293 -15.06 1.77 13.24
CA ILE D 293 -14.61 0.49 13.76
C ILE D 293 -13.99 0.67 15.14
N ARG D 294 -13.11 1.68 15.27
CA ARG D 294 -12.48 1.92 16.56
C ARG D 294 -13.52 2.30 17.61
N ALA D 295 -14.44 3.22 17.27
CA ALA D 295 -15.40 3.72 18.24
C ALA D 295 -16.38 2.62 18.66
N ALA D 296 -16.76 1.75 17.71
CA ALA D 296 -17.68 0.65 18.06
C ALA D 296 -17.06 -0.30 19.07
N GLU D 297 -15.77 -0.60 18.92
CA GLU D 297 -15.08 -1.56 19.78
C GLU D 297 -14.54 -0.94 21.06
N ASP D 298 -14.32 0.38 21.07
CA ASP D 298 -13.66 1.06 22.19
C ASP D 298 -14.57 2.20 22.67
N PRO D 299 -15.38 1.97 23.70
CA PRO D 299 -16.31 3.02 24.16
C PRO D 299 -15.65 4.18 24.87
N GLU D 300 -14.32 4.22 24.99
CA GLU D 300 -13.67 5.43 25.48
C GLU D 300 -13.13 6.31 24.38
N PHE D 301 -13.24 5.90 23.12
CA PHE D 301 -12.69 6.64 22.01
C PHE D 301 -13.68 7.67 21.52
N GLU D 302 -13.28 8.94 21.54
CA GLU D 302 -14.17 10.04 21.12
C GLU D 302 -13.39 11.11 20.38
N THR D 303 -13.95 11.58 19.27
CA THR D 303 -13.36 12.68 18.50
C THR D 303 -14.45 13.67 18.15
N PHE D 304 -14.07 14.85 17.64
CA PHE D 304 -15.11 15.76 17.16
C PHE D 304 -15.91 15.16 16.02
N TYR D 305 -15.35 14.19 15.28
CA TYR D 305 -16.12 13.55 14.23
C TYR D 305 -17.26 12.70 14.82
N THR D 306 -16.97 11.90 15.86
CA THR D 306 -18.08 11.15 16.46
C THR D 306 -19.07 12.08 17.16
N LYS D 307 -18.61 13.20 17.71
CA LYS D 307 -19.56 14.12 18.34
C LYS D 307 -20.54 14.68 17.33
N ASN D 308 -20.08 14.98 16.11
CA ASN D 308 -20.97 15.61 15.14
C ASN D 308 -22.02 14.63 14.62
N LEU D 309 -21.70 13.34 14.54
CA LEU D 309 -22.69 12.37 14.10
C LEU D 309 -23.83 12.24 15.11
N LEU D 310 -23.54 12.39 16.41
CA LEU D 310 -24.60 12.42 17.41
C LEU D 310 -25.54 13.60 17.17
N LEU D 311 -24.98 14.77 16.82
CA LEU D 311 -25.80 15.93 16.43
C LEU D 311 -26.66 15.61 15.21
N ASN D 312 -26.07 15.00 14.18
CA ASN D 312 -26.85 14.63 12.99
C ASN D 312 -28.00 13.70 13.35
N GLU D 313 -27.74 12.72 14.21
CA GLU D 313 -28.78 11.78 14.62
C GLU D 313 -29.92 12.50 15.33
N GLY D 314 -29.60 13.52 16.13
CA GLY D 314 -30.65 14.36 16.71
C GLY D 314 -31.43 15.10 15.64
N ILE D 315 -30.73 15.75 14.70
CA ILE D 315 -31.40 16.49 13.63
C ILE D 315 -32.39 15.59 12.91
N ARG D 316 -31.95 14.40 12.50
CA ARG D 316 -32.82 13.50 11.73
C ARG D 316 -34.07 13.15 12.53
N ALA D 317 -33.90 12.70 13.78
CA ALA D 317 -35.06 12.19 14.51
C ALA D 317 -36.01 13.31 14.89
N TRP D 318 -35.49 14.49 15.22
CA TRP D 318 -36.34 15.56 15.70
C TRP D 318 -36.96 16.35 14.55
N MET D 319 -36.34 16.37 13.37
CA MET D 319 -36.90 17.19 12.31
C MET D 319 -37.75 16.40 11.31
N ALA D 320 -37.50 15.11 11.12
CA ALA D 320 -38.14 14.37 10.03
C ALA D 320 -39.67 14.33 10.09
N PRO D 321 -40.33 14.11 11.24
CA PRO D 321 -41.81 13.97 11.20
C PRO D 321 -42.49 15.20 10.62
N GLN D 322 -42.07 16.40 10.98
CA GLN D 322 -42.69 17.59 10.42
C GLN D 322 -42.07 17.97 9.07
N ASP D 323 -40.78 17.66 8.87
CA ASP D 323 -40.14 18.05 7.61
C ASP D 323 -40.54 17.14 6.46
N GLN D 324 -40.92 15.88 6.73
CA GLN D 324 -41.30 14.92 5.70
C GLN D 324 -42.69 14.35 5.98
N PRO D 325 -43.75 15.18 5.93
CA PRO D 325 -45.10 14.76 6.38
C PRO D 325 -45.68 13.60 5.59
C HSK D 326 -45.32 10.93 4.08
O HSK D 326 -45.89 9.86 3.78
CA HSK D 326 -45.79 12.26 3.53
CA HSK D 326 -45.81 12.25 3.54
N HSK D 326 -45.30 13.41 4.33
CB HSK D 326 -45.35 12.39 2.07
CB HSK D 326 -45.40 12.38 2.07
CG HSK D 326 -43.87 12.69 2.07
CG HSK D 326 -43.91 12.36 1.97
CD2 HSK D 326 -42.85 11.76 1.94
CD2 HSK D 326 -43.06 11.28 1.74
NE2 HSK D 326 -41.69 12.44 2.02
NE2 HSK D 326 -41.78 11.75 1.75
CE1 HSK D 326 -41.98 13.75 2.19
CE1 HSK D 326 -41.79 13.08 1.98
ND1 HSK D 326 -43.31 13.88 2.22
ND1 HSK D 326 -43.08 13.38 2.10
OM HSK D 326 -43.54 14.71 2.35
N GLU D 327 -44.32 10.94 4.95
CA GLU D 327 -43.82 9.68 5.54
C GLU D 327 -44.70 9.22 6.71
N ASN D 328 -45.54 10.12 7.23
CA ASN D 328 -46.38 9.82 8.39
C ASN D 328 -45.57 9.24 9.52
N PHE D 329 -44.41 9.83 9.81
CA PHE D 329 -43.59 9.35 10.91
C PHE D 329 -44.29 9.63 12.25
N VAL D 330 -44.46 8.60 13.08
CA VAL D 330 -44.81 8.77 14.48
C VAL D 330 -43.67 8.17 15.29
N PHE D 331 -42.89 9.03 15.94
CA PHE D 331 -41.76 8.61 16.76
C PHE D 331 -42.18 8.80 18.20
N PRO D 332 -42.62 7.74 18.91
CA PRO D 332 -42.98 7.92 20.33
C PRO D 332 -41.82 8.51 21.11
N GLU D 333 -42.16 9.34 22.10
CA GLU D 333 -41.18 10.02 22.94
C GLU D 333 -39.99 9.15 23.33
N GLU D 334 -40.26 7.90 23.73
CA GLU D 334 -39.20 7.05 24.26
C GLU D 334 -38.12 6.72 23.23
N VAL D 335 -38.42 6.82 21.92
CA VAL D 335 -37.40 6.48 20.93
C VAL D 335 -36.54 7.67 20.54
N LEU D 336 -36.88 8.89 20.94
CA LEU D 336 -36.12 10.03 20.48
C LEU D 336 -34.73 10.05 21.13
N PRO D 337 -33.66 10.15 20.34
CA PRO D 337 -32.31 10.31 20.93
C PRO D 337 -32.22 11.65 21.66
N ARG D 338 -31.72 11.60 22.89
CA ARG D 338 -31.53 12.77 23.74
C ARG D 338 -30.40 12.46 24.72
N GLY D 339 -29.59 13.47 25.02
CA GLY D 339 -28.66 13.37 26.13
C GLY D 339 -29.37 13.51 27.46
N ASN D 340 -28.56 13.63 28.52
CA ASN D 340 -29.12 13.76 29.86
C ASN D 340 -29.83 15.11 29.99
N ALA D 341 -30.99 15.09 30.66
CA ALA D 341 -31.73 16.28 31.10
C ALA D 341 -32.42 17.02 29.95
N LEU D 342 -31.69 17.39 28.92
CA LEU D 342 -32.24 18.17 27.82
C LEU D 342 -33.27 17.35 27.04
N THR E 3 -26.26 58.26 -22.08
CA THR E 3 -26.43 59.13 -23.25
C THR E 3 -26.91 58.33 -24.47
N THR E 4 -28.02 57.62 -24.31
CA THR E 4 -28.56 56.75 -25.37
C THR E 4 -29.84 57.28 -25.99
N GLY E 5 -30.21 58.54 -25.72
CA GLY E 5 -31.31 59.16 -26.42
C GLY E 5 -32.61 59.24 -25.65
N GLU E 6 -32.75 58.53 -24.54
CA GLU E 6 -33.98 58.60 -23.75
C GLU E 6 -33.91 59.80 -22.82
N ARG E 7 -35.08 60.34 -22.48
CA ARG E 7 -35.13 61.48 -21.59
C ARG E 7 -34.56 61.07 -20.23
N PRO E 8 -33.76 61.92 -19.58
CA PRO E 8 -33.21 61.55 -18.28
C PRO E 8 -34.30 61.39 -17.22
N PHE E 9 -34.09 60.43 -16.32
CA PHE E 9 -35.06 60.21 -15.24
C PHE E 9 -35.19 61.44 -14.35
N SER E 10 -34.09 62.13 -14.10
CA SER E 10 -34.14 63.34 -13.27
C SER E 10 -35.03 64.40 -13.90
N ASP E 11 -34.93 64.56 -15.23
CA ASP E 11 -35.88 65.44 -15.92
CA ASP E 11 -35.87 65.42 -15.94
C ASP E 11 -37.31 64.98 -15.70
N ILE E 12 -37.56 63.68 -15.81
CA ILE E 12 -38.93 63.16 -15.77
C ILE E 12 -39.55 63.34 -14.39
N ILE E 13 -38.88 62.84 -13.34
CA ILE E 13 -39.50 62.82 -12.02
C ILE E 13 -39.50 64.17 -11.31
N THR E 14 -38.91 65.19 -11.90
CA THR E 14 -39.02 66.55 -11.40
C THR E 14 -39.96 67.42 -12.20
N SER E 15 -40.63 66.86 -13.21
CA SER E 15 -41.59 67.62 -13.99
C SER E 15 -42.97 67.53 -13.35
N VAL E 16 -43.78 68.57 -13.60
CA VAL E 16 -45.11 68.63 -13.02
C VAL E 16 -46.04 67.64 -13.73
N ARG E 17 -45.86 67.47 -15.05
CA ARG E 17 -46.73 66.55 -15.78
C ARG E 17 -46.57 65.13 -15.29
N TYR E 18 -45.33 64.72 -14.96
CA TYR E 18 -45.13 63.38 -14.40
C TYR E 18 -45.96 63.21 -13.14
N TRP E 19 -45.89 64.17 -12.22
CA TRP E 19 -46.59 64.03 -10.95
C TRP E 19 -48.09 64.27 -11.09
N VAL E 20 -48.52 64.93 -12.17
CA VAL E 20 -49.96 65.01 -12.42
C VAL E 20 -50.48 63.63 -12.82
N ILE E 21 -49.77 62.96 -13.72
CA ILE E 21 -50.17 61.61 -14.11
C ILE E 21 -50.12 60.66 -12.92
N HIS E 22 -48.98 60.62 -12.24
CA HIS E 22 -48.75 59.59 -11.24
C HIS E 22 -49.31 59.93 -9.86
N SER E 23 -49.82 61.14 -9.67
CA SER E 23 -50.64 61.36 -8.48
C SER E 23 -51.99 60.66 -8.60
N ILE E 24 -52.38 60.27 -9.81
CA ILE E 24 -53.56 59.44 -10.01
C ILE E 24 -53.21 57.95 -10.04
N THR E 25 -52.23 57.56 -10.87
CA THR E 25 -52.02 56.15 -11.17
C THR E 25 -51.44 55.40 -9.98
N ILE E 26 -50.46 55.98 -9.30
CA ILE E 26 -49.84 55.29 -8.17
C ILE E 26 -50.84 55.00 -7.06
N PRO E 27 -51.59 55.99 -6.54
CA PRO E 27 -52.59 55.65 -5.50
C PRO E 27 -53.69 54.73 -6.00
N ALA E 28 -54.07 54.81 -7.27
CA ALA E 28 -55.09 53.91 -7.81
C ALA E 28 -54.60 52.45 -7.79
N LEU E 29 -53.36 52.21 -8.20
CA LEU E 29 -52.83 50.85 -8.12
C LEU E 29 -52.76 50.39 -6.67
N PHE E 30 -52.30 51.27 -5.78
CA PHE E 30 -52.19 50.93 -4.37
C PHE E 30 -53.54 50.55 -3.78
N ILE E 31 -54.58 51.30 -4.13
CA ILE E 31 -55.93 51.02 -3.62
C ILE E 31 -56.47 49.75 -4.24
N ALA E 32 -56.23 49.54 -5.53
CA ALA E 32 -56.64 48.29 -6.16
C ALA E 32 -56.00 47.08 -5.49
N GLY E 33 -54.72 47.19 -5.14
CA GLY E 33 -54.07 46.10 -4.44
C GLY E 33 -54.64 45.88 -3.05
N TRP E 34 -54.91 46.96 -2.33
CA TRP E 34 -55.56 46.88 -1.02
C TRP E 34 -56.87 46.11 -1.11
N LEU E 35 -57.76 46.52 -2.02
CA LEU E 35 -59.07 45.90 -2.17
C LEU E 35 -58.96 44.44 -2.58
N PHE E 36 -57.96 44.09 -3.38
CA PHE E 36 -57.72 42.69 -3.75
C PHE E 36 -57.64 41.82 -2.50
N VAL E 37 -57.04 42.35 -1.43
CA VAL E 37 -56.96 41.64 -0.16
C VAL E 37 -58.22 41.86 0.68
N SER E 38 -58.66 43.12 0.84
CA SER E 38 -59.72 43.41 1.81
C SER E 38 -61.06 42.78 1.41
N THR E 39 -61.30 42.58 0.12
CA THR E 39 -62.50 41.91 -0.35
C THR E 39 -62.40 40.39 -0.26
N GLY E 40 -61.23 39.85 0.07
CA GLY E 40 -61.03 38.41 0.10
C GLY E 40 -60.74 37.76 -1.23
N LEU E 41 -60.66 38.54 -2.32
CA LEU E 41 -60.48 37.95 -3.64
C LEU E 41 -59.14 37.23 -3.75
N ALA E 42 -58.11 37.75 -3.08
CA ALA E 42 -56.82 37.08 -3.11
C ALA E 42 -56.91 35.63 -2.61
N TYR E 43 -57.71 35.38 -1.56
CA TYR E 43 -57.85 34.01 -1.07
C TYR E 43 -58.38 33.08 -2.17
N ASP E 44 -59.38 33.54 -2.92
CA ASP E 44 -60.04 32.64 -3.86
C ASP E 44 -59.27 32.47 -5.16
N VAL E 45 -58.51 33.48 -5.57
CA VAL E 45 -57.70 33.37 -6.77
C VAL E 45 -56.60 32.32 -6.57
N PHE E 46 -55.93 32.38 -5.43
CA PHE E 46 -54.76 31.55 -5.18
C PHE E 46 -55.06 30.31 -4.33
N GLY E 47 -56.28 30.17 -3.81
CA GLY E 47 -56.63 29.02 -3.00
C GLY E 47 -55.95 29.00 -1.65
N THR E 48 -55.68 30.17 -1.08
CA THR E 48 -55.00 30.28 0.20
C THR E 48 -56.03 30.22 1.32
N PRO E 49 -55.83 29.39 2.34
CA PRO E 49 -56.82 29.31 3.44
C PRO E 49 -56.91 30.62 4.21
N ARG E 50 -58.16 31.02 4.50
CA ARG E 50 -58.42 32.02 5.51
C ARG E 50 -58.09 31.46 6.89
N PRO E 51 -57.92 32.32 7.91
CA PRO E 51 -57.59 31.81 9.25
C PRO E 51 -58.57 30.77 9.77
N ASP E 52 -59.83 30.80 9.36
CA ASP E 52 -60.77 29.78 9.85
C ASP E 52 -60.88 28.58 8.92
N SER E 53 -59.92 28.40 8.01
CA SER E 53 -60.07 27.42 6.95
C SER E 53 -58.91 26.47 6.81
N TYR E 54 -57.95 26.48 7.74
CA TYR E 54 -56.89 25.48 7.71
C TYR E 54 -57.38 24.13 8.16
N TYR E 55 -58.32 24.09 9.10
CA TYR E 55 -58.80 22.87 9.72
C TYR E 55 -60.31 22.92 9.85
N ALA E 56 -60.94 21.75 9.83
CA ALA E 56 -62.28 21.68 10.35
C ALA E 56 -62.22 21.74 11.88
N GLN E 57 -63.41 21.85 12.50
CA GLN E 57 -63.48 22.20 13.93
C GLN E 57 -62.83 21.13 14.81
N GLU E 58 -63.04 19.85 14.51
CA GLU E 58 -62.47 18.78 15.33
C GLU E 58 -61.38 17.99 14.61
N GLN E 59 -60.98 18.42 13.42
CA GLN E 59 -59.90 17.74 12.71
C GLN E 59 -58.55 18.05 13.35
N ARG E 60 -57.64 17.08 13.28
CA ARG E 60 -56.28 17.26 13.77
C ARG E 60 -55.24 16.88 12.74
N SER E 61 -55.64 16.52 11.52
CA SER E 61 -54.72 16.05 10.49
C SER E 61 -54.68 17.07 9.35
N ILE E 62 -53.48 17.37 8.89
CA ILE E 62 -53.27 18.37 7.83
C ILE E 62 -53.69 17.79 6.50
N PRO E 63 -54.35 18.55 5.62
CA PRO E 63 -54.83 17.97 4.34
C PRO E 63 -53.74 17.85 3.29
N LEU E 64 -52.78 16.96 3.55
CA LEU E 64 -51.65 16.77 2.65
C LEU E 64 -52.07 16.03 1.38
N VAL E 65 -51.62 16.54 0.22
CA VAL E 65 -51.87 15.86 -1.04
C VAL E 65 -50.99 14.62 -1.13
N THR E 66 -51.61 13.48 -1.49
CA THR E 66 -50.91 12.19 -1.50
C THR E 66 -51.02 11.44 -2.82
N ASP E 67 -51.83 11.92 -3.77
CA ASP E 67 -52.04 11.29 -5.07
C ASP E 67 -51.65 12.29 -6.15
N ARG E 68 -50.83 11.84 -7.12
CA ARG E 68 -50.32 12.78 -8.11
C ARG E 68 -51.41 13.25 -9.07
N PHE E 69 -52.18 12.31 -9.63
CA PHE E 69 -53.12 12.65 -10.70
C PHE E 69 -54.52 12.93 -10.18
N GLU E 70 -54.89 12.43 -9.01
CA GLU E 70 -56.13 12.81 -8.36
C GLU E 70 -55.90 13.87 -7.28
N ALA E 71 -54.77 14.58 -7.34
CA ALA E 71 -54.48 15.63 -6.36
C ALA E 71 -55.46 16.79 -6.48
N LYS E 72 -55.73 17.24 -7.71
CA LYS E 72 -56.70 18.30 -7.93
C LYS E 72 -58.03 17.97 -7.25
N GLN E 73 -58.50 16.72 -7.41
CA GLN E 73 -59.73 16.30 -6.76
C GLN E 73 -59.54 16.11 -5.25
N GLN E 74 -58.31 15.81 -4.81
CA GLN E 74 -58.05 15.62 -3.39
C GLN E 74 -58.23 16.92 -2.62
N VAL E 75 -57.68 18.02 -3.13
CA VAL E 75 -57.87 19.32 -2.49
C VAL E 75 -59.35 19.68 -2.49
N GLU E 76 -60.04 19.35 -3.58
CA GLU E 76 -61.47 19.63 -3.67
C GLU E 76 -62.24 18.92 -2.57
N THR E 77 -61.83 17.71 -2.22
CA THR E 77 -62.48 16.97 -1.14
C THR E 77 -62.09 17.53 0.23
N PHE E 78 -60.80 17.84 0.41
CA PHE E 78 -60.36 18.46 1.66
C PHE E 78 -61.06 19.80 1.90
N LEU E 79 -61.31 20.56 0.82
CA LEU E 79 -61.96 21.86 0.95
C LEU E 79 -63.44 21.72 1.29
N GLU E 80 -64.11 20.69 0.78
CA GLU E 80 -65.54 20.52 1.01
C GLU E 80 -65.85 20.03 2.41
N GLN E 81 -64.86 19.50 3.13
CA GLN E 81 -65.03 19.07 4.51
C GLN E 81 -64.97 20.22 5.51
N LEU E 82 -64.69 21.44 5.07
CA LEU E 82 -64.63 22.59 5.96
C LEU E 82 -66.01 23.19 6.20
N SER F 11 -36.86 67.64 -27.40
CA SER F 11 -37.63 66.65 -28.16
C SER F 11 -37.22 65.23 -27.77
N TYR F 12 -37.95 64.64 -26.83
CA TYR F 12 -37.71 63.31 -26.32
C TYR F 12 -38.93 62.41 -26.56
N PRO F 13 -38.72 61.14 -26.89
CA PRO F 13 -39.84 60.19 -26.93
C PRO F 13 -40.29 59.82 -25.53
N ILE F 14 -41.52 59.30 -25.44
CA ILE F 14 -42.13 58.99 -24.16
C ILE F 14 -42.24 57.49 -23.94
N PHE F 15 -42.66 56.73 -24.95
CA PHE F 15 -42.85 55.29 -24.82
C PHE F 15 -41.68 54.61 -25.53
N THR F 16 -40.76 54.06 -24.73
CA THR F 16 -39.54 53.43 -25.15
C THR F 16 -39.40 52.06 -24.50
N VAL F 17 -38.37 51.32 -24.94
CA VAL F 17 -38.02 50.07 -24.28
C VAL F 17 -37.82 50.30 -22.79
N ARG F 18 -37.10 51.38 -22.44
CA ARG F 18 -36.90 51.69 -21.03
C ARG F 18 -38.24 51.91 -20.32
N TRP F 19 -39.16 52.62 -20.98
CA TRP F 19 -40.47 52.90 -20.40
C TRP F 19 -41.19 51.61 -20.04
N VAL F 20 -41.26 50.66 -20.97
CA VAL F 20 -41.94 49.40 -20.71
C VAL F 20 -41.28 48.65 -19.56
N ALA F 21 -39.94 48.56 -19.59
CA ALA F 21 -39.24 47.82 -18.55
C ALA F 21 -39.51 48.42 -17.16
N VAL F 22 -39.49 49.75 -17.07
CA VAL F 22 -39.82 50.42 -15.81
C VAL F 22 -41.20 49.98 -15.32
N HIS F 23 -42.20 50.05 -16.19
CA HIS F 23 -43.57 49.84 -15.73
C HIS F 23 -43.91 48.36 -15.49
N THR F 24 -43.32 47.43 -16.24
CA THR F 24 -43.57 46.01 -15.92
C THR F 24 -43.11 45.69 -14.51
N LEU F 25 -42.15 46.44 -13.98
CA LEU F 25 -41.72 46.27 -12.59
C LEU F 25 -42.51 47.17 -11.64
N ALA F 26 -42.73 48.43 -12.01
CA ALA F 26 -43.26 49.42 -11.07
C ALA F 26 -44.76 49.27 -10.86
N VAL F 27 -45.50 48.94 -11.93
CA VAL F 27 -46.94 48.78 -11.80
C VAL F 27 -47.30 47.64 -10.85
N PRO F 28 -46.76 46.42 -11.00
CA PRO F 28 -47.05 45.38 -9.99
C PRO F 28 -46.54 45.71 -8.60
N THR F 29 -45.39 46.36 -8.49
CA THR F 29 -44.84 46.65 -7.16
C THR F 29 -45.82 47.48 -6.32
N ILE F 30 -46.44 48.49 -6.92
CA ILE F 30 -47.37 49.35 -6.16
C ILE F 30 -48.63 48.58 -5.81
N PHE F 31 -49.16 47.80 -6.76
CA PHE F 31 -50.29 46.93 -6.47
C PHE F 31 -49.98 46.00 -5.31
N PHE F 32 -48.83 45.33 -5.36
CA PHE F 32 -48.45 44.41 -4.29
C PHE F 32 -48.28 45.12 -2.95
N LEU F 33 -47.65 46.31 -2.97
CA LEU F 33 -47.47 47.04 -1.73
C LEU F 33 -48.80 47.44 -1.12
N GLY F 34 -49.80 47.74 -1.98
CA GLY F 34 -51.13 47.99 -1.46
C GLY F 34 -51.74 46.75 -0.84
N ALA F 35 -51.54 45.59 -1.48
CA ALA F 35 -52.02 44.33 -0.91
C ALA F 35 -51.36 44.04 0.45
N ILE F 36 -50.03 44.10 0.50
CA ILE F 36 -49.31 43.77 1.73
C ILE F 36 -49.68 44.75 2.84
N ALA F 37 -49.92 46.02 2.51
CA ALA F 37 -50.35 46.98 3.51
C ALA F 37 -51.71 46.58 4.10
N ALA F 38 -52.67 46.19 3.25
CA ALA F 38 -53.98 45.76 3.73
C ALA F 38 -53.86 44.55 4.66
N MET F 39 -52.91 43.66 4.37
CA MET F 39 -52.73 42.47 5.19
C MET F 39 -52.35 42.79 6.63
N GLN F 40 -51.74 43.96 6.88
CA GLN F 40 -51.32 44.27 8.23
C GLN F 40 -52.50 44.45 9.17
N PHE F 41 -53.72 44.50 8.64
CA PHE F 41 -54.92 44.69 9.44
C PHE F 41 -55.79 43.45 9.48
N ILE F 42 -55.35 42.35 8.88
CA ILE F 42 -56.05 41.07 9.03
C ILE F 42 -55.77 40.52 10.41
N GLN F 43 -56.82 40.09 11.10
CA GLN F 43 -56.70 39.39 12.37
C GLN F 43 -57.25 37.98 12.22
N ARG F 44 -56.68 37.06 12.99
CA ARG F 44 -57.18 35.69 12.94
C ARG F 44 -58.57 35.66 13.57
N ALA G 1 4.94 17.71 -49.39
CA ALA G 1 3.98 16.72 -48.92
C ALA G 1 4.10 15.42 -49.71
N ARG G 2 3.62 14.33 -49.14
CA ARG G 2 3.77 13.01 -49.73
C ARG G 2 2.43 12.54 -50.29
N ARG G 3 2.44 12.17 -51.56
CA ARG G 3 1.29 11.48 -52.12
C ARG G 3 1.39 10.00 -51.81
N THR G 4 0.24 9.36 -51.60
CA THR G 4 0.15 7.92 -51.49
C THR G 4 -1.01 7.44 -52.35
N TRP G 5 -1.03 6.13 -52.60
CA TRP G 5 -2.13 5.53 -53.35
C TRP G 5 -3.47 5.81 -52.67
N LEU G 6 -3.56 5.56 -51.36
CA LEU G 6 -4.80 5.83 -50.65
C LEU G 6 -5.10 7.34 -50.63
N GLY G 7 -4.07 8.16 -50.41
CA GLY G 7 -4.28 9.61 -50.43
C GLY G 7 -4.79 10.12 -51.77
N ASP G 8 -4.26 9.58 -52.87
CA ASP G 8 -4.74 10.00 -54.19
C ASP G 8 -6.20 9.60 -54.39
N ILE G 9 -6.60 8.46 -53.83
CA ILE G 9 -7.98 8.00 -53.94
C ILE G 9 -8.92 8.89 -53.12
N LEU G 10 -8.53 9.25 -51.89
CA LEU G 10 -9.37 10.07 -51.03
C LEU G 10 -9.33 11.55 -51.37
N ARG G 11 -8.35 12.00 -52.16
CA ARG G 11 -8.13 13.42 -52.38
C ARG G 11 -9.38 14.22 -52.74
N PRO G 12 -10.27 13.78 -53.63
CA PRO G 12 -11.43 14.62 -53.96
C PRO G 12 -12.35 14.87 -52.76
N LEU G 13 -12.42 13.95 -51.80
CA LEU G 13 -13.28 14.16 -50.63
C LEU G 13 -12.77 15.27 -49.72
N ASN G 14 -11.52 15.70 -49.86
CA ASN G 14 -11.00 16.78 -49.03
C ASN G 14 -10.56 17.95 -49.90
N SER G 15 -11.38 18.33 -50.87
CA SER G 15 -11.00 19.33 -51.84
C SER G 15 -11.85 20.60 -51.81
N GLU G 16 -13.02 20.58 -51.15
CA GLU G 16 -13.94 21.71 -51.21
C GLU G 16 -13.91 22.57 -49.95
N TYR G 17 -12.77 22.65 -49.26
CA TYR G 17 -12.65 23.52 -48.09
C TYR G 17 -13.11 24.94 -48.43
N GLY G 18 -13.96 25.50 -47.58
CA GLY G 18 -14.43 26.85 -47.79
C GLY G 18 -15.57 27.03 -48.76
N LYS G 19 -15.97 25.99 -49.49
CA LYS G 19 -17.06 26.15 -50.45
C LYS G 19 -18.40 26.26 -49.73
N VAL G 20 -19.23 27.23 -50.13
CA VAL G 20 -20.51 27.49 -49.47
C VAL G 20 -21.62 27.59 -50.52
N ALA G 21 -22.86 27.39 -50.05
CA ALA G 21 -23.98 27.75 -50.90
C ALA G 21 -24.36 29.21 -50.67
N PRO G 22 -24.89 29.90 -51.68
CA PRO G 22 -25.05 31.35 -51.56
C PRO G 22 -26.11 31.73 -50.52
N GLY G 23 -25.79 32.76 -49.74
CA GLY G 23 -26.79 33.37 -48.87
C GLY G 23 -27.26 32.46 -47.76
N TRP G 24 -28.58 32.40 -47.58
CA TRP G 24 -29.18 31.60 -46.52
C TRP G 24 -29.37 30.15 -46.91
N GLY G 25 -29.27 29.84 -48.21
CA GLY G 25 -29.30 28.45 -48.64
C GLY G 25 -30.51 27.70 -48.09
N THR G 26 -30.23 26.55 -47.46
CA THR G 26 -31.27 25.71 -46.90
C THR G 26 -31.55 26.00 -45.42
N THR G 27 -31.17 27.18 -44.92
CA THR G 27 -31.47 27.53 -43.54
C THR G 27 -32.95 27.38 -43.18
N PRO G 28 -33.92 27.80 -44.01
CA PRO G 28 -35.33 27.60 -43.60
C PRO G 28 -35.69 26.14 -43.40
N LEU G 29 -35.30 25.28 -44.33
CA LEU G 29 -35.52 23.84 -44.16
C LEU G 29 -34.86 23.31 -42.90
N MET G 30 -33.63 23.75 -42.63
CA MET G 30 -32.93 23.31 -41.43
C MET G 30 -33.71 23.70 -40.17
N ALA G 31 -34.27 24.91 -40.15
CA ALA G 31 -35.05 25.38 -39.01
C ALA G 31 -36.28 24.52 -38.80
N VAL G 32 -36.91 24.06 -39.89
CA VAL G 32 -38.08 23.18 -39.77
C VAL G 32 -37.70 21.90 -39.03
N PHE G 33 -36.64 21.23 -39.50
CA PHE G 33 -36.24 19.99 -38.83
C PHE G 33 -35.84 20.24 -37.39
N MET G 34 -35.27 21.41 -37.09
CA MET G 34 -34.91 21.71 -35.70
C MET G 34 -36.17 21.81 -34.83
N GLY G 35 -37.22 22.45 -35.36
CA GLY G 35 -38.45 22.56 -34.60
C GLY G 35 -39.12 21.22 -34.37
N LEU G 36 -39.21 20.40 -35.43
CA LEU G 36 -39.76 19.06 -35.26
C LEU G 36 -38.96 18.28 -34.23
N PHE G 37 -37.64 18.38 -34.26
CA PHE G 37 -36.82 17.66 -33.30
C PHE G 37 -37.09 18.14 -31.88
N LEU G 38 -37.27 19.46 -31.71
CA LEU G 38 -37.54 20.00 -30.38
C LEU G 38 -38.87 19.48 -29.84
N VAL G 39 -39.91 19.46 -30.69
CA VAL G 39 -41.19 18.88 -30.29
C VAL G 39 -41.02 17.41 -29.96
N PHE G 40 -40.22 16.70 -30.77
CA PHE G 40 -39.97 15.27 -30.53
C PHE G 40 -39.34 15.04 -29.16
N LEU G 41 -38.30 15.79 -28.83
CA LEU G 41 -37.67 15.64 -27.51
C LEU G 41 -38.65 15.98 -26.41
N LEU G 42 -39.46 17.03 -26.62
CA LEU G 42 -40.48 17.38 -25.64
C LEU G 42 -41.46 16.22 -25.41
N ILE G 43 -41.85 15.55 -26.50
CA ILE G 43 -42.79 14.44 -26.40
C ILE G 43 -42.20 13.30 -25.57
N ILE G 44 -41.01 12.82 -25.94
CA ILE G 44 -40.44 11.68 -25.22
C ILE G 44 -40.14 12.05 -23.77
N LEU G 45 -39.78 13.31 -23.52
CA LEU G 45 -39.54 13.75 -22.15
C LEU G 45 -40.81 13.67 -21.33
N GLU G 46 -41.94 14.15 -21.87
CA GLU G 46 -43.17 14.20 -21.10
C GLU G 46 -43.79 12.82 -20.94
N ILE G 47 -43.54 11.91 -21.89
CA ILE G 47 -43.93 10.51 -21.71
C ILE G 47 -43.15 9.89 -20.55
N TYR G 48 -41.83 10.10 -20.55
CA TYR G 48 -41.01 9.61 -19.45
C TYR G 48 -41.44 10.25 -18.12
N ASN G 49 -41.85 11.52 -18.15
CA ASN G 49 -42.20 12.28 -16.96
C ASN G 49 -43.60 11.95 -16.44
N SER G 50 -44.42 11.22 -17.22
CA SER G 50 -45.84 10.99 -16.96
C SER G 50 -46.64 12.29 -16.98
N THR G 51 -46.13 13.30 -17.69
CA THR G 51 -46.93 14.49 -18.03
C THR G 51 -47.76 14.26 -19.29
N LEU G 52 -47.27 13.41 -20.21
CA LEU G 52 -48.02 12.98 -21.38
C LEU G 52 -48.29 11.49 -21.23
N ILE G 53 -49.56 11.12 -21.15
CA ILE G 53 -49.99 9.76 -20.84
C ILE G 53 -50.84 9.26 -22.00
N LEU G 54 -50.38 8.20 -22.66
CA LEU G 54 -51.03 7.69 -23.86
C LEU G 54 -51.61 6.29 -23.62
N ASP G 55 -52.66 5.98 -24.37
CA ASP G 55 -53.25 4.64 -24.36
C ASP G 55 -52.22 3.61 -24.81
N GLY G 56 -52.09 2.54 -24.03
CA GLY G 56 -51.15 1.47 -24.34
C GLY G 56 -49.70 1.80 -24.10
N VAL G 57 -49.41 2.91 -23.42
CA VAL G 57 -48.04 3.32 -23.09
C VAL G 57 -47.97 3.41 -21.57
N ASN G 58 -47.64 2.29 -20.92
CA ASN G 58 -47.48 2.24 -19.46
C ASN G 58 -46.00 2.36 -19.13
N VAL G 59 -45.57 3.57 -18.73
CA VAL G 59 -44.18 3.83 -18.41
C VAL G 59 -43.83 3.23 -17.05
N SER G 60 -43.51 1.95 -17.02
CA SER G 60 -43.22 1.20 -15.81
C SER G 60 -42.48 -0.05 -16.22
N TRP G 61 -41.76 -0.63 -15.26
CA TRP G 61 -41.20 -1.97 -15.46
C TRP G 61 -42.29 -2.93 -15.92
N LYS G 62 -43.53 -2.74 -15.45
CA LYS G 62 -44.67 -3.57 -15.82
C LYS G 62 -45.04 -3.43 -17.30
N ALA G 63 -44.15 -2.88 -18.10
CA ALA G 63 -44.36 -2.79 -19.55
C ALA G 63 -43.06 -2.50 -20.25
N FME H 1 8.25 24.13 37.54
CN FME H 1 9.36 24.04 36.81
O1 FME H 1 9.98 25.05 36.53
CA FME H 1 7.22 25.07 37.17
CB FME H 1 5.89 24.67 37.78
CG FME H 1 5.47 23.31 37.21
SD FME H 1 5.41 23.33 35.43
CE FME H 1 4.49 21.91 34.91
C FME H 1 7.58 26.47 37.57
O FME H 1 7.36 27.41 36.78
N GLU H 2 8.15 26.65 38.76
CA GLU H 2 8.52 27.98 39.23
C GLU H 2 9.64 28.58 38.35
N THR H 3 10.62 27.75 38.00
CA THR H 3 11.70 28.20 37.11
C THR H 3 11.16 28.54 35.73
N LEU H 4 10.25 27.73 35.22
CA LEU H 4 9.61 28.03 33.94
C LEU H 4 8.87 29.37 33.98
N LYS H 5 8.10 29.60 35.05
CA LYS H 5 7.35 30.85 35.19
C LYS H 5 8.27 32.06 35.19
N ILE H 6 9.33 32.01 35.98
CA ILE H 6 10.28 33.12 36.05
C ILE H 6 10.93 33.35 34.70
N THR H 7 11.36 32.26 34.04
CA THR H 7 11.95 32.37 32.72
C THR H 7 11.00 33.09 31.76
N VAL H 8 9.75 32.62 31.68
CA VAL H 8 8.78 33.22 30.76
C VAL H 8 8.53 34.67 31.13
N TYR H 9 8.44 34.96 32.44
CA TYR H 9 8.25 36.34 32.88
C TYR H 9 9.40 37.23 32.42
N ILE H 10 10.63 36.70 32.47
CA ILE H 10 11.78 37.49 32.02
C ILE H 10 11.72 37.70 30.51
N VAL H 11 11.48 36.63 29.75
CA VAL H 11 11.37 36.70 28.30
C VAL H 11 10.32 37.74 27.88
N VAL H 12 9.12 37.65 28.46
CA VAL H 12 8.04 38.54 28.04
C VAL H 12 8.40 39.99 28.35
N THR H 13 8.97 40.25 29.53
CA THR H 13 9.34 41.61 29.89
C THR H 13 10.34 42.19 28.90
N PHE H 14 11.33 41.39 28.51
CA PHE H 14 12.32 41.83 27.54
C PHE H 14 11.67 42.33 26.25
N PHE H 15 10.81 41.50 25.66
CA PHE H 15 10.20 41.85 24.38
C PHE H 15 9.25 43.04 24.53
N VAL H 16 8.48 43.07 25.63
CA VAL H 16 7.57 44.20 25.84
C VAL H 16 8.36 45.49 26.01
N LEU H 17 9.48 45.43 26.74
CA LEU H 17 10.30 46.62 26.89
C LEU H 17 10.87 47.06 25.55
N LEU H 18 11.36 46.11 24.75
CA LEU H 18 11.79 46.42 23.39
C LEU H 18 10.69 47.13 22.61
N PHE H 19 9.46 46.60 22.70
CA PHE H 19 8.35 47.19 21.95
C PHE H 19 8.11 48.63 22.39
N VAL H 20 8.07 48.87 23.70
CA VAL H 20 7.73 50.21 24.20
C VAL H 20 8.87 51.18 23.92
N PHE H 21 10.10 50.79 24.25
CA PHE H 21 11.24 51.65 23.96
C PHE H 21 11.45 51.83 22.47
N GLY H 22 11.09 50.82 21.67
CA GLY H 22 11.22 50.95 20.22
C GLY H 22 10.37 52.07 19.65
N PHE H 23 9.09 52.12 20.03
CA PHE H 23 8.21 53.19 19.52
C PHE H 23 8.47 54.53 20.17
N LEU H 24 9.25 54.58 21.26
CA LEU H 24 9.66 55.86 21.82
C LEU H 24 10.84 56.45 21.06
N SER H 25 11.66 55.62 20.43
CA SER H 25 12.84 56.06 19.70
C SER H 25 12.45 56.62 18.32
N GLY H 26 11.81 57.80 18.35
CA GLY H 26 11.52 58.58 17.16
C GLY H 26 10.86 57.86 16.00
N ASP H 27 9.74 57.18 16.27
CA ASP H 27 9.03 56.43 15.22
C ASP H 27 8.33 57.34 14.21
N PRO H 28 7.75 58.49 14.61
CA PRO H 28 7.24 59.43 13.59
C PRO H 28 8.27 59.81 12.53
N ALA H 29 9.55 59.92 12.88
CA ALA H 29 10.59 60.33 11.93
C ALA H 29 11.04 59.23 10.99
N ARG H 30 10.52 58.00 11.14
CA ARG H 30 10.91 56.89 10.28
C ARG H 30 9.88 56.70 9.15
N ASN H 31 9.83 57.70 8.28
CA ASN H 31 8.99 57.69 7.10
C ASN H 31 9.82 58.22 5.93
N PRO H 32 9.40 57.95 4.69
CA PRO H 32 10.21 58.43 3.56
C PRO H 32 9.91 59.87 3.15
N GLY I 5 -40.23 70.37 -17.12
CA GLY I 5 -39.31 69.33 -16.69
C GLY I 5 -38.17 69.84 -15.84
N GLY I 6 -38.50 70.18 -14.59
CA GLY I 6 -37.51 70.73 -13.67
C GLY I 6 -38.13 71.52 -12.53
N ARG I 7 -39.44 71.71 -12.61
CA ARG I 7 -40.15 72.59 -11.68
C ARG I 7 -40.04 72.13 -10.22
N ILE I 8 -40.03 70.83 -9.97
CA ILE I 8 -40.03 70.29 -8.60
C ILE I 8 -38.59 69.92 -8.22
N PRO I 9 -38.03 70.51 -7.16
CA PRO I 9 -36.61 70.27 -6.83
C PRO I 9 -36.35 68.82 -6.44
N LEU I 10 -35.22 68.31 -6.92
CA LEU I 10 -34.91 66.89 -6.74
C LEU I 10 -34.77 66.52 -5.27
N TRP I 11 -34.38 67.47 -4.41
CA TRP I 11 -34.20 67.14 -3.00
C TRP I 11 -35.53 66.97 -2.29
N ILE I 12 -36.59 67.63 -2.75
CA ILE I 12 -37.90 67.42 -2.15
C ILE I 12 -38.46 66.06 -2.56
N VAL I 13 -38.31 65.71 -3.84
CA VAL I 13 -38.74 64.39 -4.30
C VAL I 13 -38.05 63.31 -3.50
N ALA I 14 -36.72 63.40 -3.37
CA ALA I 14 -35.97 62.39 -2.63
C ALA I 14 -36.42 62.34 -1.17
N THR I 15 -36.68 63.51 -0.56
CA THR I 15 -37.13 63.53 0.83
C THR I 15 -38.52 62.92 0.96
N VAL I 16 -39.46 63.36 0.10
CA VAL I 16 -40.83 62.84 0.18
C VAL I 16 -40.84 61.34 -0.10
N ALA I 17 -40.13 60.92 -1.15
CA ALA I 17 -40.10 59.50 -1.50
C ALA I 17 -39.47 58.67 -0.39
N GLY I 18 -38.39 59.15 0.21
CA GLY I 18 -37.77 58.43 1.30
C GLY I 18 -38.71 58.31 2.50
N MET I 19 -39.46 59.37 2.79
CA MET I 19 -40.40 59.33 3.91
C MET I 19 -41.50 58.31 3.67
N GLY I 20 -41.96 58.18 2.43
CA GLY I 20 -42.97 57.17 2.14
C GLY I 20 -42.48 55.76 2.38
N VAL I 21 -41.23 55.48 2.00
CA VAL I 21 -40.65 54.17 2.26
C VAL I 21 -40.60 53.89 3.76
N ILE I 22 -40.19 54.88 4.55
CA ILE I 22 -40.14 54.70 6.01
C ILE I 22 -41.53 54.41 6.55
N VAL I 23 -42.54 55.11 6.05
CA VAL I 23 -43.91 54.89 6.52
C VAL I 23 -44.37 53.47 6.22
N ILE I 24 -44.14 53.01 4.99
CA ILE I 24 -44.68 51.71 4.59
C ILE I 24 -43.92 50.58 5.27
N VAL I 25 -42.60 50.72 5.42
CA VAL I 25 -41.83 49.71 6.15
C VAL I 25 -42.20 49.75 7.62
N GLY I 26 -42.40 50.94 8.17
CA GLY I 26 -42.87 51.04 9.55
C GLY I 26 -44.18 50.29 9.76
N LEU I 27 -45.13 50.44 8.83
CA LEU I 27 -46.38 49.70 8.92
C LEU I 27 -46.13 48.19 8.92
N PHE I 28 -45.19 47.71 8.09
CA PHE I 28 -44.90 46.28 8.04
C PHE I 28 -44.34 45.79 9.37
N PHE I 29 -43.52 46.61 10.03
CA PHE I 29 -43.02 46.21 11.35
C PHE I 29 -44.12 46.28 12.40
N TYR I 30 -45.00 47.28 12.32
CA TYR I 30 -46.17 47.29 13.18
C TYR I 30 -46.97 45.99 13.05
N GLY I 31 -47.16 45.51 11.82
CA GLY I 31 -47.92 44.30 11.59
C GLY I 31 -47.26 43.05 12.13
N ALA I 32 -45.95 43.08 12.35
CA ALA I 32 -45.29 41.96 13.00
C ALA I 32 -45.77 41.76 14.43
N TYR I 33 -46.35 42.80 15.03
CA TYR I 33 -46.79 42.75 16.42
C TYR I 33 -48.29 42.68 16.58
N ALA I 34 -49.05 42.63 15.49
CA ALA I 34 -50.51 42.67 15.57
C ALA I 34 -51.10 41.80 14.46
N GLY I 35 -52.26 41.21 14.74
CA GLY I 35 -52.92 40.36 13.76
C GLY I 35 -52.10 39.13 13.41
N LEU I 36 -52.24 38.69 12.17
CA LEU I 36 -51.57 37.49 11.71
C LEU I 36 -50.07 37.61 11.86
N GLY I 37 -49.42 36.51 12.26
CA GLY I 37 -47.98 36.46 12.39
C GLY I 37 -47.44 37.08 13.67
N SER I 38 -48.32 37.56 14.55
CA SER I 38 -47.91 38.22 15.77
C SER I 38 -47.68 37.25 16.92
N SER I 39 -47.98 35.96 16.71
CA SER I 39 -47.96 34.88 17.70
C SER I 39 -49.06 34.96 18.74
N LEU I 40 -49.92 35.99 18.71
CA LEU I 40 -50.94 36.16 19.75
C LEU I 40 -52.31 35.60 19.35
N LYS J 1 -45.61 54.94 35.15
CA LYS J 1 -46.41 55.92 34.44
C LYS J 1 -45.96 57.34 34.79
N LEU J 2 -46.26 58.31 33.91
CA LEU J 2 -46.05 59.71 34.24
C LEU J 2 -47.06 60.14 35.30
N PRO J 3 -46.75 61.18 36.07
CA PRO J 3 -47.75 61.73 36.99
C PRO J 3 -49.01 62.10 36.22
N GLU J 4 -50.16 61.96 36.87
CA GLU J 4 -51.42 61.97 36.16
C GLU J 4 -51.66 63.29 35.42
N ALA J 5 -51.19 64.41 35.98
CA ALA J 5 -51.39 65.70 35.31
C ALA J 5 -50.70 65.77 33.95
N TYR J 6 -49.75 64.89 33.66
CA TYR J 6 -49.03 64.88 32.40
C TYR J 6 -49.56 63.84 31.42
N ALA J 7 -50.54 63.02 31.83
CA ALA J 7 -50.99 61.88 31.03
C ALA J 7 -51.38 62.27 29.61
N ILE J 8 -51.90 63.49 29.42
CA ILE J 8 -52.32 63.94 28.09
C ILE J 8 -51.15 64.08 27.13
N PHE J 9 -49.92 64.14 27.64
CA PHE J 9 -48.74 64.24 26.80
C PHE J 9 -48.10 62.89 26.53
N ASP J 10 -48.67 61.80 27.03
CA ASP J 10 -48.15 60.46 26.77
C ASP J 10 -47.84 60.20 25.30
N PRO J 11 -48.72 60.52 24.34
CA PRO J 11 -48.38 60.23 22.93
C PRO J 11 -47.17 61.01 22.45
N LEU J 12 -47.00 62.24 22.93
CA LEU J 12 -45.80 63.00 22.61
C LEU J 12 -44.57 62.34 23.22
N VAL J 13 -44.65 61.97 24.50
CA VAL J 13 -43.54 61.32 25.19
C VAL J 13 -43.16 60.01 24.50
N ASP J 14 -44.13 59.32 23.92
CA ASP J 14 -43.84 58.05 23.25
C ASP J 14 -42.98 58.21 22.01
N VAL J 15 -42.87 59.42 21.45
CA VAL J 15 -42.19 59.64 20.17
CA VAL J 15 -42.17 59.61 20.19
C VAL J 15 -40.88 60.41 20.32
N LEU J 16 -40.71 61.19 21.39
CA LEU J 16 -39.49 61.98 21.56
C LEU J 16 -38.19 61.20 21.42
N PRO J 17 -38.02 59.98 21.94
CA PRO J 17 -36.71 59.33 21.88
C PRO J 17 -36.14 59.17 20.50
N VAL J 18 -36.96 59.15 19.44
CA VAL J 18 -36.42 58.89 18.12
C VAL J 18 -35.94 60.16 17.43
N ILE J 19 -36.22 61.34 17.98
CA ILE J 19 -35.85 62.62 17.39
C ILE J 19 -34.35 62.67 17.05
N PRO J 20 -33.44 62.22 17.93
CA PRO J 20 -32.01 62.22 17.52
C PRO J 20 -31.75 61.54 16.18
N VAL J 21 -32.40 60.41 15.91
CA VAL J 21 -32.23 59.76 14.61
C VAL J 21 -32.64 60.71 13.49
N LEU J 22 -33.67 61.53 13.73
CA LEU J 22 -34.11 62.49 12.72
C LEU J 22 -33.03 63.51 12.38
N PHE J 23 -32.15 63.82 13.34
CA PHE J 23 -31.05 64.74 13.03
C PHE J 23 -30.09 64.14 12.01
N LEU J 24 -29.82 62.84 12.10
CA LEU J 24 -28.98 62.19 11.10
C LEU J 24 -29.63 62.24 9.72
N ALA J 25 -30.94 62.01 9.66
CA ALA J 25 -31.63 62.08 8.37
C ALA J 25 -31.66 63.51 7.85
N LEU J 26 -31.84 64.49 8.74
CA LEU J 26 -31.88 65.88 8.33
C LEU J 26 -30.59 66.31 7.63
N ALA J 27 -29.44 65.76 8.04
CA ALA J 27 -28.18 66.13 7.38
C ALA J 27 -28.22 65.75 5.90
N PHE J 28 -28.87 64.63 5.57
CA PHE J 28 -28.96 64.22 4.18
C PHE J 28 -29.97 65.05 3.39
N VAL J 29 -31.05 65.50 4.04
CA VAL J 29 -31.97 66.44 3.39
C VAL J 29 -31.26 67.74 3.08
N TRP J 30 -30.53 68.26 4.07
CA TRP J 30 -29.76 69.49 3.88
C TRP J 30 -28.74 69.32 2.75
N GLN J 31 -28.00 68.20 2.75
CA GLN J 31 -26.98 68.02 1.73
C GLN J 31 -27.60 67.87 0.34
N ALA J 32 -28.74 67.19 0.24
CA ALA J 32 -29.43 67.10 -1.04
C ALA J 32 -29.84 68.48 -1.53
N ALA J 33 -30.26 69.35 -0.61
CA ALA J 33 -30.68 70.69 -0.98
C ALA J 33 -29.53 71.52 -1.53
N VAL J 34 -28.29 71.22 -1.15
CA VAL J 34 -27.13 71.92 -1.71
C VAL J 34 -26.35 71.02 -2.67
N GLY J 35 -27.00 69.98 -3.21
CA GLY J 35 -26.42 69.18 -4.25
C GLY J 35 -25.21 68.36 -3.86
N PHE J 36 -25.02 68.09 -2.56
CA PHE J 36 -23.89 67.30 -2.08
C PHE J 36 -22.57 67.90 -2.57
N ARG J 37 -22.48 69.21 -2.56
CA ARG J 37 -21.35 69.91 -3.18
C ARG J 37 -20.06 69.71 -2.40
N MET K 1 13.56 12.51 -41.96
CA MET K 1 12.18 12.96 -42.04
C MET K 1 12.09 14.47 -41.84
N GLU K 2 11.37 15.14 -42.75
CA GLU K 2 11.25 16.59 -42.75
C GLU K 2 10.76 17.10 -41.40
N PRO K 3 11.27 18.23 -40.91
CA PRO K 3 10.85 18.70 -39.58
C PRO K 3 9.42 19.22 -39.60
N ASN K 4 8.70 18.95 -38.51
CA ASN K 4 7.31 19.38 -38.42
C ASN K 4 7.26 20.84 -38.02
N PRO K 5 6.67 21.71 -38.84
CA PRO K 5 6.70 23.15 -38.52
C PRO K 5 5.73 23.55 -37.43
N ASN K 6 4.95 22.61 -36.90
CA ASN K 6 3.97 22.92 -35.87
C ASN K 6 4.51 22.72 -34.47
N ARG K 7 5.74 22.23 -34.33
CA ARG K 7 6.34 22.04 -33.02
C ARG K 7 6.51 23.39 -32.32
N GLN K 8 6.39 23.37 -31.00
CA GLN K 8 6.54 24.56 -30.18
C GLN K 8 7.28 24.17 -28.91
N PRO K 9 8.10 25.06 -28.36
CA PRO K 9 8.66 24.82 -27.03
C PRO K 9 7.60 25.00 -25.95
N VAL K 10 7.80 24.30 -24.83
CA VAL K 10 6.90 24.34 -23.70
C VAL K 10 7.63 25.01 -22.54
N GLU K 11 6.90 25.81 -21.76
CA GLU K 11 7.49 26.52 -20.63
C GLU K 11 6.63 26.40 -19.38
N LEU K 12 7.32 26.35 -18.24
CA LEU K 12 6.71 26.44 -16.91
C LEU K 12 7.69 27.22 -16.05
N ASN K 13 7.33 28.43 -15.64
CA ASN K 13 8.25 29.25 -14.87
C ASN K 13 8.24 28.80 -13.40
N ARG K 14 9.14 29.39 -12.59
CA ARG K 14 9.31 28.90 -11.23
C ARG K 14 8.07 29.17 -10.37
N THR K 15 7.43 30.32 -10.55
CA THR K 15 6.21 30.61 -9.81
C THR K 15 5.14 29.57 -10.11
N SER K 16 4.98 29.21 -11.39
CA SER K 16 3.98 28.20 -11.75
C SER K 16 4.31 26.88 -11.11
N LEU K 17 5.61 26.55 -11.02
CA LEU K 17 6.02 25.36 -10.29
C LEU K 17 5.56 25.42 -8.83
N TYR K 18 5.84 26.54 -8.15
CA TYR K 18 5.47 26.65 -6.74
C TYR K 18 3.95 26.59 -6.59
N LEU K 19 3.22 27.31 -7.46
CA LEU K 19 1.76 27.28 -7.42
C LEU K 19 1.24 25.87 -7.65
N GLY K 20 1.81 25.17 -8.65
CA GLY K 20 1.35 23.81 -8.92
C GLY K 20 1.63 22.85 -7.78
N LEU K 21 2.83 22.92 -7.22
CA LEU K 21 3.16 22.04 -6.10
C LEU K 21 2.25 22.33 -4.90
N LEU K 22 1.95 23.61 -4.66
CA LEU K 22 1.02 23.95 -3.58
C LEU K 22 -0.35 23.33 -3.81
N LEU K 23 -0.89 23.52 -5.02
CA LEU K 23 -2.18 22.92 -5.37
C LEU K 23 -2.15 21.42 -5.10
N ILE K 24 -1.11 20.74 -5.58
CA ILE K 24 -1.05 19.29 -5.50
CA ILE K 24 -1.07 19.29 -5.49
C ILE K 24 -0.93 18.84 -4.04
N LEU K 25 -0.01 19.46 -3.30
CA LEU K 25 0.22 19.05 -1.92
C LEU K 25 -1.01 19.34 -1.05
N VAL K 26 -1.69 20.47 -1.28
CA VAL K 26 -2.86 20.80 -0.46
C VAL K 26 -4.03 19.90 -0.83
N LEU K 27 -4.21 19.59 -2.13
CA LEU K 27 -5.23 18.60 -2.51
C LEU K 27 -4.96 17.26 -1.84
N ALA K 28 -3.69 16.83 -1.81
CA ALA K 28 -3.35 15.59 -1.14
C ALA K 28 -3.62 15.65 0.36
N LEU K 29 -3.24 16.76 1.00
CA LEU K 29 -3.51 16.91 2.44
C LEU K 29 -5.00 16.84 2.71
N LEU K 30 -5.80 17.35 1.78
CA LEU K 30 -7.26 17.34 1.92
C LEU K 30 -7.85 15.97 1.64
N PHE K 31 -7.46 15.33 0.53
CA PHE K 31 -8.11 14.08 0.14
C PHE K 31 -7.53 12.85 0.81
N SER K 32 -6.32 12.93 1.39
CA SER K 32 -5.69 11.72 1.92
C SER K 32 -6.55 11.06 3.01
N SER K 33 -7.19 11.85 3.89
CA SER K 33 -8.02 11.26 4.95
C SER K 33 -9.10 10.37 4.36
N TYR K 34 -9.65 10.75 3.21
CA TYR K 34 -10.74 10.00 2.61
C TYR K 34 -10.24 8.78 1.88
N PHE K 35 -8.98 8.83 1.39
CA PHE K 35 -8.34 7.65 0.82
C PHE K 35 -8.04 6.62 1.89
N PHE K 36 -7.56 7.05 3.07
CA PHE K 36 -7.38 6.12 4.18
C PHE K 36 -8.72 5.66 4.75
N ASN K 37 -9.70 6.57 4.80
CA ASN K 37 -11.07 6.25 5.29
C ASN K 37 -11.04 5.63 6.70
N FME L 1 -5.57 2.08 13.97
CN FME L 1 -5.68 1.23 15.01
O1 FME L 1 -6.44 1.42 15.96
CA FME L 1 -6.73 2.41 13.16
CB FME L 1 -6.74 3.91 12.79
CG FME L 1 -6.68 4.88 13.99
SD FME L 1 -8.03 4.65 15.12
CE FME L 1 -9.44 5.33 14.30
C FME L 1 -6.79 1.56 11.91
O FME L 1 -5.78 1.44 11.19
N GLU L 2 -7.95 0.97 11.63
CA GLU L 2 -8.08 0.10 10.46
C GLU L 2 -8.36 0.91 9.19
N VAL L 3 -7.31 1.55 8.67
CA VAL L 3 -7.46 2.34 7.46
C VAL L 3 -7.36 1.44 6.22
N ASN L 4 -7.83 1.96 5.09
CA ASN L 4 -7.71 1.26 3.82
C ASN L 4 -6.23 1.18 3.42
N GLN L 5 -5.78 -0.03 3.09
CA GLN L 5 -4.38 -0.24 2.77
CA GLN L 5 -4.37 -0.22 2.78
C GLN L 5 -3.97 0.50 1.49
N LEU L 6 -4.87 0.55 0.51
CA LEU L 6 -4.61 1.29 -0.73
C LEU L 6 -4.57 2.80 -0.54
N GLY L 7 -4.93 3.31 0.64
CA GLY L 7 -4.84 4.74 0.85
C GLY L 7 -3.43 5.28 0.71
N LEU L 8 -2.43 4.50 1.12
CA LEU L 8 -1.04 4.95 1.06
C LEU L 8 -0.57 5.09 -0.39
N ILE L 9 -0.76 4.03 -1.19
CA ILE L 9 -0.33 4.10 -2.58
C ILE L 9 -1.15 5.16 -3.33
N ALA L 10 -2.44 5.28 -3.02
CA ALA L 10 -3.27 6.30 -3.66
C ALA L 10 -2.74 7.70 -3.36
N THR L 11 -2.42 7.99 -2.10
CA THR L 11 -1.89 9.31 -1.76
C THR L 11 -0.51 9.53 -2.39
N ALA L 12 0.35 8.51 -2.38
CA ALA L 12 1.71 8.67 -2.88
C ALA L 12 1.71 9.00 -4.36
N LEU L 13 0.93 8.26 -5.15
CA LEU L 13 0.88 8.54 -6.59
C LEU L 13 0.18 9.86 -6.85
N PHE L 14 -0.84 10.17 -6.04
CA PHE L 14 -1.56 11.44 -6.19
C PHE L 14 -0.61 12.62 -6.07
N VAL L 15 0.32 12.55 -5.12
CA VAL L 15 1.34 13.59 -5.00
C VAL L 15 2.37 13.48 -6.11
N LEU L 16 2.94 12.27 -6.30
CA LEU L 16 4.17 12.09 -7.06
CA LEU L 16 4.18 12.16 -7.06
C LEU L 16 3.96 12.36 -8.54
N VAL L 17 2.90 11.79 -9.11
CA VAL L 17 2.74 11.83 -10.57
C VAL L 17 2.61 13.28 -11.05
N PRO L 18 1.64 14.09 -10.57
CA PRO L 18 1.60 15.48 -11.05
C PRO L 18 2.77 16.32 -10.59
N SER L 19 3.33 16.07 -9.40
CA SER L 19 4.49 16.85 -8.98
C SER L 19 5.67 16.64 -9.93
N VAL L 20 5.94 15.38 -10.30
CA VAL L 20 7.10 15.16 -11.20
C VAL L 20 6.82 15.75 -12.57
N PHE L 21 5.57 15.68 -13.03
CA PHE L 21 5.20 16.35 -14.28
C PHE L 21 5.60 17.82 -14.25
N LEU L 22 5.29 18.52 -13.15
CA LEU L 22 5.67 19.93 -13.06
C LEU L 22 7.18 20.10 -12.98
N ILE L 23 7.86 19.24 -12.23
CA ILE L 23 9.32 19.35 -12.10
C ILE L 23 10.00 19.12 -13.45
N ILE L 24 9.54 18.13 -14.22
CA ILE L 24 10.05 17.90 -15.57
C ILE L 24 9.91 19.17 -16.41
N LEU L 25 8.73 19.80 -16.38
CA LEU L 25 8.51 20.98 -17.20
C LEU L 25 9.35 22.15 -16.73
N TYR L 26 9.45 22.33 -15.40
CA TYR L 26 10.24 23.45 -14.87
C TYR L 26 11.71 23.33 -15.27
N VAL L 27 12.30 22.16 -15.04
CA VAL L 27 13.73 21.99 -15.26
C VAL L 27 14.08 22.17 -16.74
N GLN L 28 13.28 21.60 -17.65
CA GLN L 28 13.58 21.80 -19.06
C GLN L 28 13.31 23.23 -19.52
N THR L 29 12.52 24.01 -18.75
CA THR L 29 12.40 25.44 -19.04
C THR L 29 13.68 26.18 -18.64
N GLU L 30 14.20 25.90 -17.45
CA GLU L 30 15.45 26.52 -17.00
C GLU L 30 16.61 26.24 -17.95
N SER L 31 16.65 25.04 -18.54
CA SER L 31 17.79 24.69 -19.36
C SER L 31 17.73 25.27 -20.78
N GLN L 32 16.59 25.84 -21.17
CA GLN L 32 16.52 26.48 -22.49
C GLN L 32 17.36 27.75 -22.50
N GLN L 33 17.95 28.03 -23.66
CA GLN L 33 18.87 29.16 -23.80
C GLN L 33 18.21 30.50 -23.49
N GLN M 1 -9.13 35.94 63.65
CA GLN M 1 -8.03 35.10 63.18
C GLN M 1 -8.55 33.87 62.45
N THR M 2 -9.87 33.69 62.48
CA THR M 2 -10.50 32.56 61.80
C THR M 2 -10.59 32.84 60.30
N LEU M 3 -10.26 31.83 59.49
CA LEU M 3 -10.14 32.06 58.06
C LEU M 3 -11.51 31.99 57.39
N THR M 4 -11.70 32.83 56.38
CA THR M 4 -12.93 32.89 55.61
C THR M 4 -12.70 32.34 54.22
N TYR M 5 -13.80 32.20 53.48
CA TYR M 5 -13.72 31.69 52.10
C TYR M 5 -12.72 32.48 51.28
N ASP M 6 -12.69 33.81 51.44
CA ASP M 6 -11.80 34.61 50.60
C ASP M 6 -10.34 34.45 50.99
N ASP M 7 -10.06 34.08 52.24
CA ASP M 7 -8.70 33.70 52.64
C ASP M 7 -8.26 32.39 52.01
N ILE M 8 -9.21 31.53 51.65
CA ILE M 8 -8.90 30.16 51.27
C ILE M 8 -9.05 29.91 49.77
N VAL M 9 -9.89 30.69 49.06
CA VAL M 9 -10.25 30.32 47.70
C VAL M 9 -9.03 30.35 46.81
N GLY M 10 -8.84 29.28 46.02
CA GLY M 10 -7.71 29.15 45.13
C GLY M 10 -6.41 28.70 45.77
N THR M 11 -6.34 28.55 47.09
CA THR M 11 -5.07 28.18 47.71
C THR M 11 -4.79 26.69 47.67
N GLY M 12 -5.81 25.85 47.50
CA GLY M 12 -5.68 24.42 47.67
C GLY M 12 -6.01 23.93 49.07
N LEU M 13 -6.11 24.83 50.06
CA LEU M 13 -6.46 24.40 51.41
C LEU M 13 -7.85 23.77 51.47
N ALA M 14 -8.76 24.15 50.56
CA ALA M 14 -10.10 23.57 50.59
C ALA M 14 -10.09 22.07 50.34
N ASN M 15 -9.04 21.54 49.71
CA ASN M 15 -8.92 20.10 49.52
C ASN M 15 -8.09 19.41 50.61
N LYS M 16 -7.73 20.12 51.67
CA LYS M 16 -6.89 19.57 52.72
C LYS M 16 -7.73 19.34 53.98
N CYS M 17 -7.54 18.17 54.62
CA CYS M 17 -8.26 17.91 55.87
C CYS M 17 -7.57 18.64 57.03
N PRO M 18 -8.33 18.97 58.09
CA PRO M 18 -7.70 19.59 59.27
C PRO M 18 -6.61 18.73 59.87
N THR M 19 -5.67 19.40 60.54
CA THR M 19 -4.61 18.72 61.26
C THR M 19 -4.72 19.08 62.73
N LEU M 20 -4.08 18.29 63.58
CA LEU M 20 -4.06 18.54 65.01
C LEU M 20 -2.64 18.84 65.46
N ASP M 21 -2.52 19.66 66.51
CA ASP M 21 -1.22 20.00 67.06
C ASP M 21 -0.47 18.74 67.45
N ASP M 22 0.86 18.86 67.54
CA ASP M 22 1.67 17.77 68.05
C ASP M 22 1.39 17.48 69.52
N THR M 23 0.69 18.40 70.21
CA THR M 23 0.30 18.19 71.60
C THR M 23 -0.91 17.28 71.73
N ALA M 24 -1.58 16.95 70.63
CA ALA M 24 -2.82 16.17 70.68
C ALA M 24 -2.48 14.69 70.76
N ARG M 25 -2.12 14.26 71.97
CA ARG M 25 -1.81 12.86 72.26
C ARG M 25 -2.63 12.37 73.45
N GLY M 26 -3.88 12.83 73.52
CA GLY M 26 -4.76 12.50 74.63
C GLY M 26 -5.62 11.28 74.39
N ALA M 27 -6.79 11.27 75.05
CA ALA M 27 -7.71 10.14 75.02
C ALA M 27 -9.12 10.67 75.17
N TYR M 28 -10.03 10.20 74.31
CA TYR M 28 -11.42 10.63 74.37
C TYR M 28 -12.26 9.54 75.01
N PRO M 29 -12.82 9.76 76.20
CA PRO M 29 -13.53 8.69 76.89
C PRO M 29 -14.80 8.29 76.17
N ILE M 30 -15.08 6.99 76.16
CA ILE M 30 -16.32 6.45 75.62
C ILE M 30 -17.17 5.92 76.76
N ASP M 31 -18.38 6.48 76.90
CA ASP M 31 -19.38 6.01 77.86
C ASP M 31 -20.32 5.06 77.14
N SER M 32 -20.29 3.77 77.52
CA SER M 32 -21.05 2.76 76.80
C SER M 32 -22.55 2.99 76.86
N SER M 33 -23.01 3.93 77.68
CA SER M 33 -24.41 4.26 77.77
C SER M 33 -24.76 5.52 76.99
N GLN M 34 -23.77 6.23 76.48
CA GLN M 34 -24.03 7.41 75.66
C GLN M 34 -23.94 7.02 74.19
N THR M 35 -24.74 7.70 73.37
CA THR M 35 -24.71 7.54 71.93
C THR M 35 -23.83 8.62 71.32
N TYR M 36 -23.17 8.26 70.23
CA TYR M 36 -22.18 9.13 69.60
C TYR M 36 -22.40 9.13 68.10
N ARG M 37 -21.88 10.17 67.45
CA ARG M 37 -21.82 10.16 66.01
C ARG M 37 -20.48 10.78 65.60
N ILE M 38 -20.08 10.52 64.37
CA ILE M 38 -19.02 11.28 63.75
C ILE M 38 -19.68 12.44 63.02
N ALA M 39 -19.48 13.67 63.53
CA ALA M 39 -20.07 14.83 62.88
C ALA M 39 -19.34 15.20 61.59
N ARG M 40 -18.05 14.88 61.47
CA ARG M 40 -17.32 15.19 60.24
C ARG M 40 -16.14 14.24 60.10
N LEU M 41 -16.13 13.49 59.01
CA LEU M 41 -14.99 12.67 58.61
C LEU M 41 -14.45 13.23 57.30
N CYS M 42 -13.14 13.41 57.23
CA CYS M 42 -12.46 13.98 56.07
C CYS M 42 -11.31 13.05 55.69
N LEU M 43 -11.20 12.71 54.40
CA LEU M 43 -10.12 11.84 53.92
C LEU M 43 -9.40 12.55 52.79
N GLN M 44 -8.11 12.80 52.98
CA GLN M 44 -7.31 13.53 52.01
C GLN M 44 -6.28 12.58 51.40
N PRO M 45 -6.47 12.13 50.16
CA PRO M 45 -5.48 11.22 49.56
C PRO M 45 -4.18 11.95 49.25
N THR M 46 -3.07 11.32 49.62
CA THR M 46 -1.75 11.82 49.29
C THR M 46 -1.01 10.95 48.28
N THR M 47 -1.44 9.71 48.08
CA THR M 47 -0.78 8.82 47.14
C THR M 47 -1.82 7.91 46.50
N PHE M 48 -1.76 7.78 45.18
CA PHE M 48 -2.52 6.79 44.44
C PHE M 48 -1.55 5.78 43.83
N LEU M 49 -1.72 4.50 44.17
CA LEU M 49 -0.92 3.44 43.60
C LEU M 49 -1.82 2.48 42.82
N VAL M 50 -1.36 2.04 41.67
CA VAL M 50 -2.11 1.11 40.83
C VAL M 50 -1.32 -0.19 40.71
N LYS M 51 -2.01 -1.30 40.93
CA LYS M 51 -1.37 -2.61 40.84
C LYS M 51 -1.09 -2.93 39.38
N GLU M 52 0.17 -3.21 39.07
CA GLU M 52 0.55 -3.57 37.70
C GLU M 52 0.02 -4.95 37.36
N GLU M 53 -0.23 -5.18 36.08
CA GLU M 53 -0.81 -6.45 35.63
C GLU M 53 0.19 -7.22 34.78
N PRO M 54 0.88 -8.21 35.33
CA PRO M 54 1.97 -8.88 34.61
C PRO M 54 1.50 -10.00 33.70
N LYS M 55 2.34 -10.30 32.71
CA LYS M 55 2.00 -11.30 31.69
C LYS M 55 2.06 -12.72 32.24
N ASN M 56 3.04 -13.00 33.11
CA ASN M 56 3.18 -14.32 33.73
C ASN M 56 2.57 -14.26 35.12
N LYS M 57 1.58 -15.13 35.37
CA LYS M 57 0.86 -15.12 36.63
C LYS M 57 1.65 -15.77 37.76
N ARG M 58 2.89 -16.20 37.48
CA ARG M 58 3.80 -16.61 38.54
C ARG M 58 4.46 -15.40 39.19
N GLN M 59 4.69 -14.34 38.43
CA GLN M 59 5.32 -13.14 38.96
C GLN M 59 4.36 -12.36 39.85
N GLU M 60 4.83 -11.97 41.03
CA GLU M 60 4.02 -11.19 41.96
C GLU M 60 3.95 -9.74 41.51
N ALA M 61 2.74 -9.22 41.36
CA ALA M 61 2.54 -7.85 40.93
C ALA M 61 2.77 -6.85 42.07
N GLU M 62 3.21 -5.66 41.70
CA GLU M 62 3.48 -4.61 42.67
C GLU M 62 2.66 -3.37 42.36
N PHE M 63 2.52 -2.53 43.37
CA PHE M 63 1.84 -1.24 43.25
C PHE M 63 2.84 -0.18 42.77
N VAL M 64 2.51 0.49 41.68
CA VAL M 64 3.43 1.47 41.11
C VAL M 64 2.87 2.87 41.29
N PRO M 65 3.72 3.90 41.26
CA PRO M 65 3.21 5.27 41.40
C PRO M 65 2.49 5.74 40.15
N THR M 66 1.72 6.80 40.35
CA THR M 66 0.92 7.41 39.30
C THR M 66 0.99 8.92 39.47
N LYS M 67 0.62 9.64 38.42
CA LYS M 67 0.52 11.09 38.48
C LYS M 67 -0.95 11.47 38.45
N LEU M 68 -1.38 12.27 39.42
CA LEU M 68 -2.75 12.76 39.45
C LEU M 68 -2.93 13.83 38.38
N VAL M 69 -3.93 13.67 37.51
CA VAL M 69 -4.14 14.66 36.45
C VAL M 69 -5.43 15.45 36.61
N THR M 70 -6.21 15.21 37.66
CA THR M 70 -7.48 15.90 37.84
C THR M 70 -7.44 16.96 38.95
N ARG M 71 -6.24 17.36 39.39
CA ARG M 71 -6.05 18.52 40.24
C ARG M 71 -6.66 18.32 41.62
N GLU M 72 -6.83 19.39 42.40
CA GLU M 72 -7.07 19.26 43.84
C GLU M 72 -8.57 19.07 44.10
N THR M 73 -9.05 17.91 43.65
CA THR M 73 -10.47 17.58 43.60
C THR M 73 -10.72 16.19 44.18
N THR M 74 -9.87 15.75 45.11
CA THR M 74 -9.78 14.34 45.45
C THR M 74 -10.32 13.97 46.82
N SER M 75 -10.55 14.93 47.72
CA SER M 75 -10.79 14.59 49.11
C SER M 75 -12.26 14.28 49.35
N LEU M 76 -12.49 13.40 50.31
CA LEU M 76 -13.83 13.13 50.81
C LEU M 76 -14.02 13.92 52.10
N ASP M 77 -15.20 14.50 52.27
CA ASP M 77 -15.36 15.38 53.41
C ASP M 77 -16.85 15.55 53.74
N GLN M 78 -17.09 16.20 54.88
CA GLN M 78 -18.44 16.41 55.41
C GLN M 78 -19.19 15.08 55.57
N ILE M 79 -18.45 14.01 55.84
CA ILE M 79 -19.04 12.68 56.03
C ILE M 79 -19.48 12.56 57.48
N GLN M 80 -20.68 12.03 57.68
CA GLN M 80 -21.20 11.86 59.03
C GLN M 80 -21.92 10.52 59.12
N GLY M 81 -22.13 10.08 60.36
CA GLY M 81 -22.81 8.82 60.59
C GLY M 81 -22.77 8.44 62.05
N GLU M 82 -23.50 7.38 62.36
CA GLU M 82 -23.60 6.93 63.75
C GLU M 82 -22.31 6.25 64.16
N LEU M 83 -21.92 6.43 65.42
CA LEU M 83 -20.76 5.76 66.01
C LEU M 83 -21.28 4.86 67.13
N LYS M 84 -21.45 3.57 66.83
CA LYS M 84 -22.06 2.64 67.78
C LYS M 84 -21.04 2.13 68.79
N VAL M 85 -21.50 1.93 70.03
CA VAL M 85 -20.73 1.22 71.04
C VAL M 85 -21.29 -0.20 71.08
N ASN M 86 -20.48 -1.17 70.68
CA ASN M 86 -20.88 -2.56 70.65
C ASN M 86 -20.74 -3.19 72.03
N SER M 87 -21.42 -4.34 72.22
CA SER M 87 -21.44 -4.95 73.55
C SER M 87 -20.07 -5.39 74.00
N ASP M 88 -19.18 -5.72 73.06
CA ASP M 88 -17.82 -6.08 73.44
C ASP M 88 -16.90 -4.86 73.62
N GLY M 89 -17.45 -3.64 73.64
CA GLY M 89 -16.65 -2.45 73.81
C GLY M 89 -16.06 -1.87 72.53
N SER M 90 -16.16 -2.57 71.41
CA SER M 90 -15.69 -1.98 70.18
C SER M 90 -16.64 -0.88 69.70
N LEU M 91 -16.14 -0.04 68.80
CA LEU M 91 -16.92 1.01 68.18
C LEU M 91 -17.12 0.68 66.70
N THR M 92 -18.32 0.96 66.19
CA THR M 92 -18.60 0.79 64.77
C THR M 92 -19.15 2.08 64.21
N PHE M 93 -18.48 2.62 63.20
CA PHE M 93 -18.96 3.77 62.46
C PHE M 93 -19.77 3.28 61.27
N VAL M 94 -20.98 3.82 61.13
CA VAL M 94 -21.92 3.47 60.06
C VAL M 94 -22.13 4.75 59.24
N GLU M 95 -21.47 4.83 58.08
CA GLU M 95 -21.55 6.04 57.26
C GLU M 95 -22.97 6.23 56.74
N GLU M 96 -23.51 7.44 56.91
CA GLU M 96 -24.85 7.74 56.41
C GLU M 96 -24.87 8.73 55.26
N ASP M 97 -24.01 9.75 55.28
CA ASP M 97 -24.15 10.81 54.27
C ASP M 97 -22.84 11.59 54.18
N GLY M 98 -22.74 12.40 53.13
CA GLY M 98 -21.65 13.32 53.00
C GLY M 98 -21.08 13.32 51.60
N ILE M 99 -20.02 14.09 51.38
CA ILE M 99 -19.32 14.09 50.10
C ILE M 99 -18.35 12.92 50.14
N ASP M 100 -18.88 11.71 49.84
CA ASP M 100 -18.22 10.46 50.16
C ASP M 100 -17.68 9.75 48.93
N PHE M 101 -17.47 10.48 47.84
CA PHE M 101 -16.90 9.97 46.59
C PHE M 101 -16.26 11.13 45.86
N GLN M 102 -15.24 10.82 45.04
CA GLN M 102 -14.65 11.75 44.08
C GLN M 102 -14.19 10.94 42.87
N PRO M 103 -14.62 11.29 41.67
CA PRO M 103 -13.94 10.73 40.49
C PRO M 103 -12.53 11.26 40.46
N VAL M 104 -11.59 10.37 40.13
CA VAL M 104 -10.16 10.67 40.12
C VAL M 104 -9.54 9.98 38.90
N THR M 105 -8.72 10.70 38.15
CA THR M 105 -7.92 10.09 37.08
C THR M 105 -6.45 10.26 37.41
N VAL M 106 -5.74 9.13 37.48
CA VAL M 106 -4.29 9.10 37.65
C VAL M 106 -3.67 8.49 36.40
N GLN M 107 -2.39 8.76 36.19
CA GLN M 107 -1.72 8.39 34.96
C GLN M 107 -0.46 7.59 35.28
N MET M 108 -0.35 6.41 34.67
CA MET M 108 0.84 5.59 34.88
C MET M 108 1.99 6.08 33.99
N ALA M 109 3.20 5.69 34.38
CA ALA M 109 4.33 5.81 33.46
C ALA M 109 3.96 5.21 32.13
N GLY M 110 4.22 5.96 31.06
CA GLY M 110 3.83 5.53 29.74
C GLY M 110 2.52 6.12 29.24
N GLY M 111 1.71 6.72 30.12
CA GLY M 111 0.57 7.50 29.70
C GLY M 111 -0.80 6.89 29.98
N GLU M 112 -0.86 5.62 30.39
CA GLU M 112 -2.16 5.00 30.62
C GLU M 112 -2.90 5.70 31.76
N ARG M 113 -4.11 6.13 31.47
CA ARG M 113 -4.93 6.83 32.46
C ARG M 113 -5.83 5.84 33.18
N ILE M 114 -5.89 5.96 34.51
CA ILE M 114 -6.71 5.12 35.38
C ILE M 114 -7.76 5.99 36.06
N PRO M 115 -9.00 6.02 35.56
CA PRO M 115 -10.08 6.67 36.33
C PRO M 115 -10.61 5.74 37.40
N LEU M 116 -10.96 6.32 38.54
CA LEU M 116 -11.56 5.57 39.63
C LEU M 116 -12.51 6.48 40.40
N LEU M 117 -13.47 5.84 41.06
CA LEU M 117 -14.38 6.53 41.95
C LEU M 117 -13.83 6.33 43.36
N PHE M 118 -12.93 7.22 43.77
CA PHE M 118 -12.40 7.15 45.11
C PHE M 118 -13.54 7.42 46.10
N THR M 119 -13.81 6.48 47.01
CA THR M 119 -15.06 6.54 47.78
C THR M 119 -14.97 5.76 49.09
N VAL M 120 -15.88 6.10 50.02
CA VAL M 120 -16.15 5.23 51.17
C VAL M 120 -17.66 5.05 51.32
N LYS M 121 -18.38 4.99 50.19
CA LYS M 121 -19.84 4.89 50.22
C LYS M 121 -20.30 3.68 51.03
N ASN M 122 -21.27 3.91 51.94
CA ASN M 122 -21.84 2.89 52.80
C ASN M 122 -20.80 2.25 53.69
N LEU M 123 -19.81 3.03 54.14
CA LEU M 123 -18.75 2.48 54.97
C LEU M 123 -19.28 1.99 56.31
N VAL M 124 -18.82 0.81 56.72
CA VAL M 124 -18.98 0.29 58.07
C VAL M 124 -17.58 -0.12 58.55
N ALA M 125 -17.11 0.54 59.60
CA ALA M 125 -15.75 0.31 60.06
C ALA M 125 -15.74 0.22 61.58
N SER M 126 -14.97 -0.74 62.10
CA SER M 126 -14.98 -1.04 63.52
C SER M 126 -13.57 -1.05 64.10
N THR M 127 -13.51 -0.78 65.40
CA THR M 127 -12.29 -0.80 66.19
C THR M 127 -12.06 -2.18 66.79
N GLN M 128 -10.96 -2.31 67.54
CA GLN M 128 -10.73 -3.46 68.39
CA GLN M 128 -10.77 -3.49 68.36
C GLN M 128 -11.75 -3.46 69.54
N PRO M 129 -11.94 -4.61 70.20
CA PRO M 129 -12.86 -4.62 71.36
C PRO M 129 -12.33 -3.77 72.51
N ASN M 130 -13.24 -3.46 73.44
CA ASN M 130 -12.87 -2.84 74.72
C ASN M 130 -12.20 -1.48 74.53
N VAL M 131 -12.85 -0.61 73.76
CA VAL M 131 -12.36 0.75 73.56
C VAL M 131 -13.08 1.63 74.58
N THR M 132 -12.53 1.69 75.79
CA THR M 132 -13.08 2.60 76.79
C THR M 132 -12.70 4.05 76.52
N SER M 133 -11.60 4.28 75.80
CA SER M 133 -11.24 5.62 75.33
C SER M 133 -10.58 5.50 73.97
N ILE M 134 -10.78 6.52 73.13
CA ILE M 134 -10.12 6.57 71.84
C ILE M 134 -8.73 7.18 72.05
N THR M 135 -7.69 6.45 71.62
CA THR M 135 -6.29 6.84 71.82
C THR M 135 -5.53 6.68 70.51
N THR M 136 -4.23 7.00 70.54
CA THR M 136 -3.40 6.80 69.36
C THR M 136 -3.18 5.33 69.03
N SER M 137 -3.71 4.41 69.85
CA SER M 137 -3.64 2.99 69.56
C SER M 137 -4.94 2.47 68.95
N THR M 138 -5.99 3.28 68.89
CA THR M 138 -7.23 2.86 68.28
C THR M 138 -7.07 2.78 66.76
N ASP M 139 -7.67 1.75 66.16
CA ASP M 139 -7.70 1.58 64.72
C ASP M 139 -9.13 1.32 64.28
N PHE M 140 -9.46 1.72 63.06
CA PHE M 140 -10.73 1.37 62.43
C PHE M 140 -10.43 0.56 61.19
N LYS M 141 -11.14 -0.54 61.00
CA LYS M 141 -11.00 -1.32 59.78
C LYS M 141 -12.40 -1.56 59.23
N GLY M 142 -12.56 -1.46 57.91
CA GLY M 142 -13.92 -1.62 57.43
C GLY M 142 -14.00 -1.83 55.94
N GLU M 143 -15.23 -2.04 55.47
CA GLU M 143 -15.55 -2.19 54.07
C GLU M 143 -16.56 -1.14 53.65
N PHE M 144 -16.57 -0.86 52.34
CA PHE M 144 -17.48 0.10 51.73
C PHE M 144 -17.86 -0.43 50.35
N ASN M 145 -18.85 0.22 49.74
CA ASN M 145 -19.30 -0.13 48.40
C ASN M 145 -18.65 0.76 47.35
N VAL M 146 -18.42 0.19 46.18
CA VAL M 146 -17.84 0.88 45.04
C VAL M 146 -18.80 0.66 43.87
N PRO M 147 -19.75 1.57 43.66
CA PRO M 147 -20.63 1.44 42.49
C PRO M 147 -19.91 1.88 41.21
N SER M 148 -20.58 1.62 40.09
CA SER M 148 -20.06 2.00 38.80
C SER M 148 -19.62 3.48 38.78
N TYR M 149 -18.47 3.73 38.17
CA TYR M 149 -17.90 5.07 38.06
C TYR M 149 -18.82 6.01 37.29
N ARG M 150 -19.39 5.56 36.18
CA ARG M 150 -20.51 6.25 35.54
C ARG M 150 -21.82 5.65 36.03
N THR M 151 -22.86 6.49 36.17
CA THR M 151 -24.16 5.95 36.55
C THR M 151 -24.96 5.64 35.29
N ALA M 152 -26.20 5.17 35.46
CA ALA M 152 -26.85 4.38 34.41
C ALA M 152 -27.24 5.17 33.16
N ASN M 153 -27.37 6.50 33.24
CA ASN M 153 -27.70 7.30 32.04
C ASN M 153 -26.52 7.59 31.13
N PHE M 154 -25.29 7.34 31.60
CA PHE M 154 -24.12 7.77 30.84
C PHE M 154 -24.07 7.12 29.45
N LEU M 155 -23.90 7.95 28.42
CA LEU M 155 -23.86 7.50 27.03
C LEU M 155 -22.42 7.55 26.54
N ASP M 156 -21.96 6.48 25.88
CA ASP M 156 -20.62 6.45 25.30
C ASP M 156 -20.59 7.28 24.01
N PRO M 157 -19.40 7.46 23.39
CA PRO M 157 -19.31 8.39 22.24
C PRO M 157 -20.13 7.97 21.03
N LYS M 158 -20.61 6.73 20.96
CA LYS M 158 -21.51 6.35 19.89
C LYS M 158 -22.96 6.34 20.37
N GLY M 159 -23.24 6.91 21.54
CA GLY M 159 -24.60 7.04 22.00
C GLY M 159 -25.19 5.81 22.65
N ARG M 160 -24.37 4.82 23.02
CA ARG M 160 -24.84 3.60 23.67
C ARG M 160 -24.80 3.77 25.18
N GLY M 161 -25.80 3.22 25.87
CA GLY M 161 -25.85 3.28 27.32
C GLY M 161 -26.71 2.17 27.91
N LEU M 162 -26.88 2.25 29.24
CA LEU M 162 -27.60 1.25 30.02
C LEU M 162 -29.08 1.62 30.21
N ALA M 163 -29.33 2.72 30.94
CA ALA M 163 -30.69 3.25 31.16
C ALA M 163 -31.15 4.20 30.05
N SER M 164 -30.27 4.53 29.12
CA SER M 164 -30.63 5.33 27.95
C SER M 164 -29.71 4.91 26.82
N GLY M 165 -29.94 5.44 25.62
CA GLY M 165 -29.01 5.27 24.53
C GLY M 165 -29.35 4.13 23.58
N TYR M 166 -28.55 4.05 22.52
CA TYR M 166 -28.71 2.97 21.56
C TYR M 166 -28.27 1.65 22.18
N ASP M 167 -28.80 0.55 21.66
CA ASP M 167 -28.38 -0.77 22.12
C ASP M 167 -27.54 -1.50 21.07
N SER M 168 -27.07 -0.81 20.04
CA SER M 168 -26.22 -1.45 19.04
C SER M 168 -25.25 -0.41 18.50
N ALA M 169 -24.36 -0.87 17.65
CA ALA M 169 -23.40 0.00 16.95
C ALA M 169 -24.08 0.45 15.66
N ILE M 170 -24.81 1.57 15.73
CA ILE M 170 -25.65 1.97 14.60
C ILE M 170 -24.82 2.40 13.39
N ALA M 171 -23.54 2.72 13.55
CA ALA M 171 -22.73 3.09 12.38
C ALA M 171 -22.30 1.88 11.55
N LEU M 172 -22.52 0.67 12.05
CA LEU M 172 -22.18 -0.57 11.35
C LEU M 172 -23.48 -1.37 11.19
N PRO M 173 -24.40 -0.89 10.37
CA PRO M 173 -25.78 -1.43 10.40
C PRO M 173 -25.85 -2.94 10.17
N GLN M 174 -24.94 -3.51 9.39
CA GLN M 174 -24.99 -4.93 9.08
C GLN M 174 -23.78 -5.71 9.63
N ALA M 175 -23.05 -5.18 10.60
CA ALA M 175 -21.98 -5.98 11.20
C ALA M 175 -22.59 -7.04 12.11
N LYS M 176 -21.80 -8.09 12.37
CA LYS M 176 -22.28 -9.14 13.26
C LYS M 176 -22.24 -8.68 14.71
N GLU M 177 -23.30 -8.98 15.46
CA GLU M 177 -23.45 -8.37 16.78
C GLU M 177 -22.61 -9.04 17.85
N GLU M 178 -22.32 -10.34 17.69
CA GLU M 178 -21.71 -11.13 18.78
C GLU M 178 -20.38 -10.54 19.21
N GLU M 179 -19.56 -10.16 18.24
CA GLU M 179 -18.22 -9.64 18.53
C GLU M 179 -18.25 -8.29 19.22
N LEU M 180 -19.36 -7.56 19.15
CA LEU M 180 -19.47 -6.23 19.76
C LEU M 180 -20.28 -6.26 21.06
N ALA M 181 -20.64 -7.45 21.53
CA ALA M 181 -21.58 -7.55 22.64
C ALA M 181 -21.06 -6.84 23.89
N ARG M 182 -19.78 -7.03 24.20
CA ARG M 182 -19.21 -6.42 25.40
C ARG M 182 -19.23 -4.88 25.32
N ALA M 183 -19.09 -4.31 24.12
CA ALA M 183 -19.17 -2.87 23.97
C ALA M 183 -20.62 -2.39 23.86
N ASN M 184 -21.51 -3.22 23.30
CA ASN M 184 -22.90 -2.83 23.08
C ASN M 184 -23.76 -2.95 24.35
N VAL M 185 -23.50 -3.94 25.20
CA VAL M 185 -24.39 -4.26 26.32
C VAL M 185 -23.74 -3.71 27.58
N LYS M 186 -24.21 -2.55 28.05
CA LYS M 186 -23.61 -1.88 29.18
C LYS M 186 -24.01 -2.58 30.48
N ARG M 187 -23.05 -2.69 31.39
CA ARG M 187 -23.23 -3.37 32.66
C ARG M 187 -22.78 -2.46 33.79
N PHE M 188 -23.46 -2.58 34.93
CA PHE M 188 -23.30 -1.68 36.05
C PHE M 188 -22.56 -2.41 37.16
N SER M 189 -21.34 -1.98 37.44
CA SER M 189 -20.52 -2.64 38.44
C SER M 189 -20.94 -2.26 39.88
N LEU M 190 -20.83 -3.23 40.78
CA LEU M 190 -20.91 -2.94 42.22
C LEU M 190 -19.96 -3.90 42.93
N THR M 191 -18.89 -3.36 43.53
CA THR M 191 -17.89 -4.18 44.20
C THR M 191 -17.58 -3.58 45.57
N LYS M 192 -16.74 -4.27 46.33
CA LYS M 192 -16.40 -3.91 47.70
C LYS M 192 -15.00 -3.34 47.75
N GLY M 193 -14.76 -2.36 48.61
CA GLY M 193 -13.43 -1.89 48.93
C GLY M 193 -13.16 -2.08 50.42
N GLN M 194 -11.89 -1.95 50.80
CA GLN M 194 -11.49 -2.07 52.21
C GLN M 194 -10.65 -0.86 52.61
N ILE M 195 -10.75 -0.47 53.88
CA ILE M 195 -10.05 0.70 54.38
C ILE M 195 -9.60 0.46 55.82
N SER M 196 -8.40 0.92 56.14
CA SER M 196 -7.92 0.98 57.52
C SER M 196 -7.64 2.43 57.90
N LEU M 197 -8.04 2.82 59.10
CA LEU M 197 -7.75 4.14 59.64
C LEU M 197 -6.89 3.97 60.88
N ASN M 198 -5.69 4.54 60.85
CA ASN M 198 -4.75 4.49 61.97
C ASN M 198 -4.78 5.84 62.68
N VAL M 199 -5.26 5.86 63.91
CA VAL M 199 -5.30 7.10 64.68
C VAL M 199 -3.89 7.48 65.11
N ALA M 200 -3.49 8.73 64.85
CA ALA M 200 -2.19 9.23 65.25
C ALA M 200 -2.26 10.37 66.25
N LYS M 201 -3.36 11.11 66.29
CA LYS M 201 -3.51 12.23 67.21
C LYS M 201 -4.93 12.23 67.74
N VAL M 202 -5.10 12.60 69.01
CA VAL M 202 -6.40 12.67 69.67
C VAL M 202 -6.42 13.91 70.55
N ASP M 203 -7.44 14.74 70.38
CA ASP M 203 -7.74 15.84 71.30
C ASP M 203 -8.86 15.35 72.22
N GLY M 204 -8.49 14.93 73.43
CA GLY M 204 -9.47 14.40 74.36
C GLY M 204 -10.56 15.40 74.72
N ARG M 205 -10.24 16.69 74.71
CA ARG M 205 -11.22 17.70 75.10
C ARG M 205 -12.28 17.91 74.02
N THR M 206 -11.88 17.87 72.75
CA THR M 206 -12.77 18.28 71.67
C THR M 206 -13.41 17.12 70.91
N GLY M 207 -13.02 15.87 71.16
CA GLY M 207 -13.52 14.78 70.34
C GLY M 207 -12.90 14.67 68.95
N GLU M 208 -11.87 15.46 68.65
CA GLU M 208 -11.23 15.42 67.35
C GLU M 208 -10.14 14.36 67.32
N ILE M 209 -10.05 13.66 66.19
CA ILE M 209 -8.97 12.70 65.96
C ILE M 209 -8.47 12.89 64.54
N ALA M 210 -7.23 12.45 64.32
CA ALA M 210 -6.64 12.52 62.99
C ALA M 210 -5.59 11.44 62.87
N GLY M 211 -5.30 11.07 61.63
CA GLY M 211 -4.27 10.07 61.39
C GLY M 211 -4.06 9.78 59.91
N THR M 212 -3.67 8.56 59.60
CA THR M 212 -3.42 8.15 58.23
C THR M 212 -4.41 7.03 57.88
N PHE M 213 -4.65 6.86 56.59
CA PHE M 213 -5.51 5.77 56.14
C PHE M 213 -4.88 5.08 54.94
N GLU M 214 -5.28 3.84 54.75
CA GLU M 214 -4.98 3.13 53.53
C GLU M 214 -6.24 2.44 53.06
N SER M 215 -6.58 2.63 51.80
CA SER M 215 -7.76 1.96 51.26
CA SER M 215 -7.78 2.03 51.23
C SER M 215 -7.41 1.30 49.94
N GLU M 216 -8.15 0.24 49.63
CA GLU M 216 -7.97 -0.50 48.39
C GLU M 216 -9.33 -0.75 47.76
N GLN M 217 -9.41 -0.57 46.44
CA GLN M 217 -10.67 -0.67 45.72
C GLN M 217 -10.35 -0.80 44.24
N LEU M 218 -11.38 -1.17 43.46
CA LEU M 218 -11.22 -1.28 42.01
C LEU M 218 -11.48 0.06 41.31
N SER M 219 -10.88 0.22 40.13
CA SER M 219 -11.01 1.42 39.33
C SER M 219 -12.21 1.30 38.38
N ASP M 220 -12.38 2.31 37.52
CA ASP M 220 -13.46 2.33 36.53
C ASP M 220 -13.34 1.15 35.56
N ASP M 221 -14.45 0.48 35.30
CA ASP M 221 -14.48 -0.58 34.30
C ASP M 221 -15.20 -0.18 33.02
N ASP M 222 -15.55 1.12 32.88
CA ASP M 222 -16.19 1.66 31.68
C ASP M 222 -17.47 0.90 31.33
N MET M 223 -18.32 0.73 32.34
CA MET M 223 -19.62 0.08 32.20
CA MET M 223 -19.62 0.07 32.21
C MET M 223 -19.49 -1.32 31.61
N GLY M 224 -18.47 -2.05 32.07
CA GLY M 224 -18.25 -3.43 31.65
C GLY M 224 -17.40 -3.61 30.39
N ALA M 225 -16.88 -2.54 29.81
CA ALA M 225 -16.13 -2.68 28.56
C ALA M 225 -14.73 -3.27 28.77
N HIS M 226 -14.13 -3.09 29.93
CA HIS M 226 -12.78 -3.62 30.14
C HIS M 226 -12.63 -3.96 31.62
N GLU M 227 -11.57 -4.71 31.92
CA GLU M 227 -11.32 -5.11 33.30
C GLU M 227 -10.84 -3.90 34.10
N PRO M 228 -11.30 -3.72 35.33
CA PRO M 228 -10.78 -2.64 36.17
C PRO M 228 -9.41 -2.99 36.73
N HIS M 229 -8.74 -1.99 37.28
CA HIS M 229 -7.47 -2.16 37.97
C HIS M 229 -7.67 -2.03 39.47
N GLU M 230 -6.77 -2.66 40.23
CA GLU M 230 -6.75 -2.52 41.66
C GLU M 230 -6.00 -1.25 42.03
N VAL M 231 -6.57 -0.45 42.94
CA VAL M 231 -5.95 0.82 43.32
C VAL M 231 -5.74 0.81 44.81
N LYS M 232 -4.61 1.34 45.24
CA LYS M 232 -4.33 1.57 46.66
C LYS M 232 -4.25 3.08 46.85
N ILE M 233 -5.00 3.59 47.81
CA ILE M 233 -5.02 5.02 48.12
C ILE M 233 -4.52 5.20 49.55
N GLN M 234 -3.55 6.09 49.73
CA GLN M 234 -3.04 6.41 51.05
C GLN M 234 -3.18 7.90 51.28
N GLY M 235 -3.40 8.29 52.52
CA GLY M 235 -3.53 9.69 52.83
C GLY M 235 -3.73 9.92 54.31
N VAL M 236 -4.24 11.08 54.63
CA VAL M 236 -4.48 11.45 56.02
C VAL M 236 -5.97 11.64 56.21
N PHE M 237 -6.42 11.52 57.45
CA PHE M 237 -7.84 11.71 57.73
C PHE M 237 -7.99 12.54 58.99
N TYR M 238 -9.17 13.13 59.12
CA TYR M 238 -9.58 13.90 60.28
C TYR M 238 -11.02 13.49 60.58
N ALA M 239 -11.36 13.42 61.87
CA ALA M 239 -12.72 13.13 62.30
C ALA M 239 -13.01 13.88 63.58
N SER M 240 -14.24 14.40 63.70
CA SER M 240 -14.73 14.95 64.95
C SER M 240 -15.86 14.06 65.45
N ILE M 241 -15.74 13.62 66.69
CA ILE M 241 -16.71 12.74 67.34
C ILE M 241 -17.50 13.59 68.32
N GLU M 242 -18.81 13.42 68.32
CA GLU M 242 -19.69 14.21 69.16
C GLU M 242 -20.71 13.31 69.86
N PRO M 243 -21.09 13.62 71.10
CA PRO M 243 -22.30 13.02 71.68
C PRO M 243 -23.48 13.29 70.77
N ALA M 244 -24.31 12.26 70.57
CA ALA M 244 -25.46 12.41 69.69
C ALA M 244 -26.79 12.25 70.41
N FME N 1 1.29 4.51 9.65
CN FME N 1 1.69 5.33 10.62
O1 FME N 1 1.99 6.49 10.36
CA FME N 1 1.50 4.84 8.25
CB FME N 1 1.19 3.60 7.40
CG FME N 1 0.15 3.79 6.30
SD FME N 1 -0.42 2.24 5.68
CE FME N 1 0.78 0.98 5.98
C FME N 1 0.70 6.05 7.84
O FME N 1 1.22 6.90 7.03
N GLU N 2 -0.53 6.18 8.34
CA GLU N 2 -1.37 7.31 7.92
C GLU N 2 -0.82 8.58 8.56
N THR N 3 -0.47 8.50 9.85
CA THR N 3 0.15 9.64 10.53
C THR N 3 1.40 10.10 9.81
N ILE N 4 2.27 9.15 9.44
CA ILE N 4 3.49 9.52 8.71
C ILE N 4 3.13 10.22 7.40
N THR N 5 2.12 9.69 6.70
CA THR N 5 1.71 10.31 5.43
C THR N 5 1.23 11.75 5.64
N TYR N 6 0.37 11.97 6.65
CA TYR N 6 -0.15 13.32 6.90
C TYR N 6 0.98 14.29 7.25
N VAL N 7 1.89 13.88 8.14
CA VAL N 7 2.98 14.76 8.56
C VAL N 7 3.97 15.00 7.42
N PHE N 8 4.19 13.99 6.57
CA PHE N 8 5.07 14.18 5.42
C PHE N 8 4.53 15.26 4.48
N ILE N 9 3.24 15.18 4.13
CA ILE N 9 2.69 16.19 3.21
C ILE N 9 2.76 17.58 3.84
N PHE N 10 2.39 17.68 5.12
CA PHE N 10 2.50 18.96 5.82
C PHE N 10 3.93 19.49 5.76
N ALA N 11 4.91 18.64 6.08
CA ALA N 11 6.31 19.06 6.05
C ALA N 11 6.74 19.53 4.66
N CYS N 12 6.28 18.86 3.60
CA CYS N 12 6.62 19.31 2.23
C CYS N 12 6.06 20.71 1.96
N ILE N 13 4.85 20.98 2.47
CA ILE N 13 4.21 22.28 2.27
C ILE N 13 5.02 23.39 2.95
N ILE N 14 5.48 23.12 4.18
CA ILE N 14 6.31 24.10 4.88
C ILE N 14 7.63 24.32 4.15
N ALA N 15 8.23 23.24 3.64
CA ALA N 15 9.44 23.42 2.83
C ALA N 15 9.13 24.26 1.60
N LEU N 16 8.00 23.97 0.95
CA LEU N 16 7.60 24.78 -0.20
C LEU N 16 7.46 26.26 0.17
N PHE N 17 6.87 26.56 1.33
CA PHE N 17 6.80 27.97 1.78
C PHE N 17 8.18 28.61 1.77
N PHE N 18 9.17 27.90 2.32
CA PHE N 18 10.52 28.45 2.47
C PHE N 18 11.13 28.77 1.10
N PHE N 19 11.01 27.85 0.14
CA PHE N 19 11.57 28.09 -1.19
C PHE N 19 10.78 29.15 -1.95
N ALA N 20 9.45 29.14 -1.81
CA ALA N 20 8.63 30.11 -2.53
C ALA N 20 8.93 31.53 -2.08
N ILE N 21 9.32 31.69 -0.82
CA ILE N 21 9.63 33.01 -0.27
C ILE N 21 11.08 33.38 -0.53
N PHE N 22 12.01 32.55 -0.08
CA PHE N 22 13.42 32.92 -0.11
C PHE N 22 14.12 32.58 -1.42
N PHE N 23 13.57 31.66 -2.18
CA PHE N 23 14.11 31.27 -3.48
C PHE N 23 13.10 31.51 -4.59
N ARG N 24 12.35 32.61 -4.46
CA ARG N 24 11.41 33.02 -5.47
C ARG N 24 12.14 33.56 -6.70
N GLU N 25 11.42 33.56 -7.81
CA GLU N 25 11.84 34.29 -8.99
C GLU N 25 11.79 35.79 -8.67
N PRO N 26 12.91 36.51 -8.63
CA PRO N 26 12.90 37.89 -8.12
C PRO N 26 12.14 38.81 -9.06
N PRO N 27 11.26 39.65 -8.53
CA PRO N 27 10.56 40.64 -9.37
C PRO N 27 11.56 41.67 -9.91
N ARG N 28 11.48 41.93 -11.21
CA ARG N 28 12.40 42.84 -11.88
C ARG N 28 11.60 43.89 -12.63
N ILE N 29 11.97 45.16 -12.47
CA ILE N 29 11.21 46.27 -13.04
C ILE N 29 11.55 46.45 -14.52
N THR N 30 10.53 46.75 -15.32
CA THR N 30 10.67 47.05 -16.74
C THR N 30 9.55 47.97 -17.23
N GLU O 8 -24.63 -15.09 28.74
CA GLU O 8 -24.72 -13.93 27.88
C GLU O 8 -24.71 -12.62 28.66
N LEU O 9 -24.42 -11.54 27.94
CA LEU O 9 -24.40 -10.18 28.49
C LEU O 9 -25.80 -9.59 28.34
N VAL O 10 -26.33 -9.02 29.41
CA VAL O 10 -27.73 -8.60 29.45
C VAL O 10 -27.82 -7.17 29.95
N ASN O 11 -28.67 -6.38 29.32
CA ASN O 11 -29.01 -5.06 29.84
C ASN O 11 -30.04 -5.24 30.94
N VAL O 12 -29.65 -4.96 32.21
CA VAL O 12 -30.54 -5.26 33.32
C VAL O 12 -31.74 -4.31 33.35
N VAL O 13 -31.65 -3.12 32.77
CA VAL O 13 -32.81 -2.25 32.79
C VAL O 13 -33.86 -2.74 31.80
N ASP O 14 -33.44 -3.13 30.58
CA ASP O 14 -34.39 -3.71 29.64
C ASP O 14 -35.06 -4.96 30.21
N GLU O 15 -34.28 -5.81 30.88
CA GLU O 15 -34.85 -7.00 31.51
C GLU O 15 -35.87 -6.63 32.58
N LYS O 16 -35.56 -5.63 33.40
CA LYS O 16 -36.51 -5.18 34.41
C LYS O 16 -37.83 -4.72 33.79
N LEU O 17 -37.79 -4.22 32.54
CA LEU O 17 -39.04 -3.82 31.88
C LEU O 17 -39.95 -5.02 31.62
N GLY O 18 -39.42 -6.24 31.61
CA GLY O 18 -40.24 -7.43 31.47
C GLY O 18 -40.84 -7.97 32.74
N THR O 19 -40.61 -7.34 33.90
CA THR O 19 -41.22 -7.72 35.16
C THR O 19 -42.33 -6.72 35.50
N ALA O 20 -42.90 -6.85 36.71
CA ALA O 20 -43.94 -5.93 37.15
C ALA O 20 -43.46 -4.48 37.21
N TYR O 21 -42.14 -4.25 37.26
CA TYR O 21 -41.61 -2.89 37.17
C TYR O 21 -42.07 -2.18 35.90
N GLY O 22 -42.26 -2.92 34.82
CA GLY O 22 -42.74 -2.34 33.57
C GLY O 22 -44.23 -2.10 33.49
N GLU O 23 -44.97 -2.45 34.54
CA GLU O 23 -46.42 -2.34 34.57
C GLU O 23 -46.95 -1.52 35.71
N LYS O 24 -46.21 -1.42 36.82
CA LYS O 24 -46.70 -0.76 38.02
C LYS O 24 -45.58 0.08 38.61
N ILE O 25 -45.94 0.87 39.62
CA ILE O 25 -44.93 1.59 40.40
C ILE O 25 -44.26 0.60 41.33
N ASP O 26 -42.96 0.37 41.12
CA ASP O 26 -42.17 -0.54 41.92
C ASP O 26 -41.64 0.23 43.12
N LEU O 27 -42.11 -0.12 44.32
CA LEU O 27 -41.76 0.63 45.53
C LEU O 27 -40.27 0.57 45.83
N ASN O 28 -39.55 -0.39 45.24
CA ASN O 28 -38.13 -0.60 45.49
C ASN O 28 -37.21 0.05 44.47
N ASN O 29 -37.75 0.56 43.37
CA ASN O 29 -36.90 0.92 42.24
C ASN O 29 -37.35 2.18 41.49
N THR O 30 -38.66 2.37 41.35
CA THR O 30 -39.17 3.35 40.41
C THR O 30 -38.86 4.76 40.88
N ASN O 31 -38.49 5.62 39.92
CA ASN O 31 -38.21 7.03 40.21
C ASN O 31 -39.44 7.71 40.82
N ILE O 32 -39.19 8.70 41.68
CA ILE O 32 -40.23 9.27 42.53
C ILE O 32 -41.29 10.04 41.73
N ALA O 33 -40.97 10.54 40.53
CA ALA O 33 -41.96 11.30 39.77
C ALA O 33 -43.12 10.42 39.31
N ALA O 34 -42.95 9.10 39.29
CA ALA O 34 -44.06 8.22 38.90
C ALA O 34 -45.23 8.27 39.87
N PHE O 35 -45.01 8.69 41.12
CA PHE O 35 -46.12 8.74 42.08
C PHE O 35 -47.13 9.84 41.76
N ILE O 36 -46.82 10.73 40.80
CA ILE O 36 -47.75 11.75 40.37
C ILE O 36 -48.93 11.17 39.58
N GLN O 37 -48.82 9.93 39.08
CA GLN O 37 -49.89 9.33 38.29
C GLN O 37 -51.18 9.09 39.06
N TYR O 38 -51.14 9.03 40.40
CA TYR O 38 -52.33 8.70 41.18
C TYR O 38 -52.52 9.75 42.27
N ARG O 39 -53.79 9.96 42.64
CA ARG O 39 -54.15 11.02 43.57
C ARG O 39 -53.53 10.80 44.95
N GLY O 40 -52.94 11.86 45.51
CA GLY O 40 -52.57 11.89 46.92
C GLY O 40 -51.22 11.32 47.29
N LEU O 41 -50.44 10.81 46.33
CA LEU O 41 -49.17 10.16 46.64
C LEU O 41 -47.98 11.10 46.65
N TYR O 42 -48.05 12.23 45.94
CA TYR O 42 -46.89 13.08 45.71
C TYR O 42 -47.15 14.47 46.23
N PRO O 43 -46.19 15.08 46.92
CA PRO O 43 -44.85 14.53 47.15
C PRO O 43 -44.64 13.84 48.51
N THR O 44 -45.60 13.95 49.43
CA THR O 44 -45.36 13.60 50.84
C THR O 44 -45.21 12.10 51.04
N LEU O 45 -46.21 11.32 50.60
CA LEU O 45 -46.09 9.87 50.70
C LEU O 45 -44.95 9.34 49.83
N ALA O 46 -44.78 9.91 48.61
CA ALA O 46 -43.72 9.43 47.73
C ALA O 46 -42.36 9.57 48.38
N LYS O 47 -42.11 10.69 49.06
CA LYS O 47 -40.86 10.86 49.77
C LYS O 47 -40.68 9.76 50.81
N LEU O 48 -41.73 9.52 51.63
CA LEU O 48 -41.63 8.50 52.66
C LEU O 48 -41.43 7.11 52.08
N ILE O 49 -42.12 6.80 50.98
CA ILE O 49 -41.98 5.48 50.38
C ILE O 49 -40.55 5.25 49.91
N VAL O 50 -39.96 6.25 49.22
CA VAL O 50 -38.61 6.09 48.71
C VAL O 50 -37.60 6.02 49.86
N LYS O 51 -37.78 6.85 50.89
CA LYS O 51 -36.84 6.87 52.02
C LYS O 51 -36.82 5.53 52.76
N ASN O 52 -37.96 4.85 52.85
CA ASN O 52 -38.06 3.65 53.67
C ASN O 52 -37.98 2.37 52.83
N ALA O 53 -37.69 2.47 51.55
CA ALA O 53 -37.46 1.30 50.72
C ALA O 53 -36.18 0.61 51.16
N PRO O 54 -36.00 -0.69 50.83
CA PRO O 54 -36.90 -1.57 50.09
C PRO O 54 -37.89 -2.30 50.97
N TYR O 55 -38.89 -2.92 50.33
CA TYR O 55 -39.99 -3.59 51.01
C TYR O 55 -40.07 -5.01 50.51
N GLU O 56 -40.33 -5.95 51.43
CA GLU O 56 -40.51 -7.35 51.07
C GLU O 56 -41.82 -7.57 50.33
N SER O 57 -42.84 -6.77 50.63
CA SER O 57 -44.09 -6.86 49.90
C SER O 57 -44.74 -5.49 49.88
N VAL O 58 -45.73 -5.35 49.00
CA VAL O 58 -46.42 -4.07 48.83
C VAL O 58 -47.08 -3.61 50.14
N GLU O 59 -47.71 -4.53 50.87
CA GLU O 59 -48.37 -4.13 52.11
C GLU O 59 -47.40 -3.60 53.15
N ASP O 60 -46.10 -3.92 53.05
CA ASP O 60 -45.15 -3.40 54.02
C ASP O 60 -45.07 -1.89 54.00
N VAL O 61 -45.51 -1.25 52.91
CA VAL O 61 -45.52 0.21 52.87
C VAL O 61 -46.43 0.77 53.96
N LEU O 62 -47.42 -0.01 54.41
CA LEU O 62 -48.30 0.45 55.49
C LEU O 62 -47.59 0.56 56.84
N ASN O 63 -46.38 0.02 56.97
CA ASN O 63 -45.69 -0.02 58.26
C ASN O 63 -44.72 1.14 58.45
N ILE O 64 -44.64 2.07 57.50
CA ILE O 64 -43.84 3.28 57.65
C ILE O 64 -44.29 4.02 58.90
N PRO O 65 -43.40 4.29 59.85
CA PRO O 65 -43.81 4.97 61.07
C PRO O 65 -44.23 6.41 60.80
N GLY O 66 -45.18 6.88 61.62
CA GLY O 66 -45.59 8.26 61.57
C GLY O 66 -46.73 8.58 60.64
N LEU O 67 -47.20 7.61 59.85
CA LEU O 67 -48.30 7.84 58.93
C LEU O 67 -49.56 8.33 59.66
N THR O 68 -50.21 9.35 59.09
CA THR O 68 -51.52 9.75 59.56
C THR O 68 -52.56 8.76 59.05
N GLU O 69 -53.75 8.80 59.68
CA GLU O 69 -54.81 7.87 59.32
C GLU O 69 -55.23 8.04 57.86
N ARG O 70 -55.35 9.29 57.41
CA ARG O 70 -55.69 9.51 56.00
C ARG O 70 -54.56 9.03 55.09
N GLN O 71 -53.30 9.22 55.49
CA GLN O 71 -52.18 8.74 54.68
C GLN O 71 -52.24 7.23 54.50
N LYS O 72 -52.55 6.51 55.57
CA LYS O 72 -52.68 5.06 55.49
C LYS O 72 -53.81 4.65 54.56
N GLN O 73 -54.92 5.40 54.59
CA GLN O 73 -56.03 5.05 53.71
CA GLN O 73 -56.05 5.10 53.72
C GLN O 73 -55.69 5.34 52.25
N ILE O 74 -54.97 6.43 51.98
CA ILE O 74 -54.52 6.67 50.61
C ILE O 74 -53.61 5.54 50.15
N LEU O 75 -52.73 5.06 51.02
CA LEU O 75 -51.87 3.94 50.63
C LEU O 75 -52.69 2.70 50.31
N ARG O 76 -53.67 2.38 51.17
CA ARG O 76 -54.50 1.19 50.97
C ARG O 76 -55.25 1.25 49.65
N GLU O 77 -55.78 2.43 49.30
CA GLU O 77 -56.49 2.59 48.05
C GLU O 77 -55.61 2.39 46.83
N ASN O 78 -54.29 2.55 46.97
CA ASN O 78 -53.39 2.50 45.83
C ASN O 78 -52.49 1.27 45.80
N LEU O 79 -52.68 0.29 46.71
CA LEU O 79 -51.80 -0.89 46.68
C LEU O 79 -51.93 -1.65 45.37
N GLU O 80 -53.13 -1.70 44.80
CA GLU O 80 -53.33 -2.32 43.50
C GLU O 80 -52.46 -1.71 42.40
N HIS O 81 -51.97 -0.48 42.58
CA HIS O 81 -51.10 0.14 41.59
C HIS O 81 -49.62 -0.02 41.92
N PHE O 82 -49.29 -0.70 43.02
CA PHE O 82 -47.91 -0.87 43.44
C PHE O 82 -47.45 -2.30 43.18
N THR O 83 -46.13 -2.47 43.08
CA THR O 83 -45.48 -3.78 43.06
C THR O 83 -44.16 -3.66 43.81
N VAL O 84 -43.51 -4.80 44.04
CA VAL O 84 -42.13 -4.83 44.51
C VAL O 84 -41.35 -5.86 43.69
N THR O 85 -40.15 -5.47 43.27
CA THR O 85 -39.17 -6.40 42.72
C THR O 85 -37.86 -6.17 43.45
N GLU O 86 -36.89 -7.05 43.19
CA GLU O 86 -35.55 -6.90 43.74
C GLU O 86 -34.98 -5.53 43.39
N VAL O 87 -34.31 -4.93 44.37
CA VAL O 87 -33.61 -3.68 44.13
C VAL O 87 -32.62 -3.86 42.99
N GLU O 88 -32.70 -2.98 41.99
CA GLU O 88 -31.73 -2.97 40.90
C GLU O 88 -30.75 -1.84 41.12
N THR O 89 -29.48 -2.20 41.36
CA THR O 89 -28.44 -1.22 41.68
C THR O 89 -28.42 -0.06 40.69
N ALA O 90 -28.59 -0.35 39.38
CA ALA O 90 -28.47 0.69 38.37
C ALA O 90 -29.63 1.68 38.39
N LEU O 91 -30.77 1.30 38.95
CA LEU O 91 -31.90 2.21 39.07
C LEU O 91 -31.89 3.01 40.36
N VAL O 92 -31.13 2.60 41.38
CA VAL O 92 -31.18 3.29 42.66
C VAL O 92 -29.88 3.99 43.02
N GLU O 93 -28.78 3.71 42.32
CA GLU O 93 -27.56 4.48 42.53
C GLU O 93 -27.70 5.89 41.97
N GLY O 94 -26.75 6.75 42.32
CA GLY O 94 -26.70 8.10 41.78
C GLY O 94 -27.82 9.02 42.23
N GLY O 95 -28.55 8.65 43.29
CA GLY O 95 -29.75 9.39 43.66
C GLY O 95 -30.81 9.38 42.59
N ASP O 96 -30.78 8.40 41.67
CA ASP O 96 -31.65 8.44 40.51
C ASP O 96 -33.13 8.26 40.85
N ARG O 97 -33.47 7.69 42.01
CA ARG O 97 -34.88 7.63 42.38
C ARG O 97 -35.45 9.01 42.69
N TYR O 98 -34.60 9.98 43.02
CA TYR O 98 -35.03 11.35 43.28
C TYR O 98 -34.93 12.24 42.05
N ASN O 99 -34.01 11.93 41.15
CA ASN O 99 -33.84 12.69 39.92
C ASN O 99 -33.12 11.76 38.95
N ASN O 100 -33.83 11.25 37.95
CA ASN O 100 -33.24 10.29 37.03
C ASN O 100 -32.80 10.94 35.72
N GLY O 101 -32.60 12.25 35.72
CA GLY O 101 -32.16 12.97 34.55
C GLY O 101 -33.22 13.19 33.48
N LEU O 102 -34.46 12.79 33.73
CA LEU O 102 -35.58 13.07 32.82
C LEU O 102 -36.40 14.23 33.33
N TYR O 103 -36.61 15.22 32.47
CA TYR O 103 -37.60 16.24 32.75
C TYR O 103 -38.71 16.07 31.72
N LYS O 104 -39.23 17.16 31.17
CA LYS O 104 -40.17 17.01 30.05
C LYS O 104 -39.41 16.60 28.77
N ALA P 1 -61.48 26.22 11.33
CA ALA P 1 -61.70 26.08 12.76
C ALA P 1 -61.80 27.46 13.42
N GLU P 2 -62.62 27.53 14.48
CA GLU P 2 -62.90 28.77 15.19
C GLU P 2 -62.86 28.54 16.69
N LEU P 3 -62.66 29.63 17.43
CA LEU P 3 -62.79 29.63 18.88
C LEU P 3 -64.26 29.86 19.23
N THR P 4 -65.04 28.76 19.37
CA THR P 4 -66.50 28.75 19.54
C THR P 4 -66.91 28.75 21.01
N PRO P 5 -68.18 29.09 21.30
CA PRO P 5 -68.66 28.98 22.69
C PRO P 5 -68.45 27.61 23.33
N GLU P 6 -68.59 26.52 22.56
CA GLU P 6 -68.30 25.19 23.09
C GLU P 6 -66.83 25.06 23.53
N VAL P 7 -65.88 25.54 22.72
CA VAL P 7 -64.48 25.49 23.15
C VAL P 7 -64.30 26.28 24.44
N LEU P 8 -64.96 27.43 24.55
CA LEU P 8 -64.82 28.32 25.71
C LEU P 8 -65.69 27.91 26.90
N THR P 9 -66.36 26.75 26.84
CA THR P 9 -67.16 26.26 27.96
C THR P 9 -66.31 25.28 28.76
N VAL P 10 -66.09 25.59 30.04
CA VAL P 10 -65.15 24.84 30.87
C VAL P 10 -65.83 24.55 32.21
N PRO P 11 -65.35 23.55 32.95
CA PRO P 11 -65.97 23.25 34.24
C PRO P 11 -65.77 24.39 35.23
N LEU P 12 -66.86 24.80 35.87
CA LEU P 12 -66.79 25.83 36.90
C LEU P 12 -66.41 25.25 38.26
N ASN P 13 -66.95 24.09 38.61
CA ASN P 13 -66.73 23.54 39.94
C ASN P 13 -66.66 22.02 39.85
N SER P 14 -66.39 21.40 41.00
CA SER P 14 -66.20 19.95 41.03
C SER P 14 -67.51 19.19 40.88
N GLU P 15 -68.65 19.86 40.93
CA GLU P 15 -69.94 19.21 40.86
C GLU P 15 -70.48 19.08 39.43
N GLY P 16 -69.82 19.66 38.43
CA GLY P 16 -70.24 19.51 37.04
C GLY P 16 -70.94 20.70 36.42
N LYS P 17 -71.08 21.82 37.14
CA LYS P 17 -71.53 23.05 36.52
C LYS P 17 -70.44 23.58 35.57
N THR P 18 -70.85 24.02 34.38
CA THR P 18 -69.93 24.62 33.43
C THR P 18 -70.10 26.12 33.39
N ILE P 19 -69.16 26.79 32.73
CA ILE P 19 -69.25 28.23 32.52
C ILE P 19 -68.68 28.52 31.14
N THR P 20 -69.33 29.41 30.39
CA THR P 20 -68.93 29.73 29.03
C THR P 20 -68.23 31.08 29.05
N LEU P 21 -66.93 31.08 28.79
CA LEU P 21 -66.18 32.32 28.82
C LEU P 21 -66.39 33.10 27.53
N THR P 22 -66.26 34.42 27.63
CA THR P 22 -66.28 35.25 26.44
C THR P 22 -64.92 35.27 25.77
N GLU P 23 -64.91 35.66 24.49
CA GLU P 23 -63.64 35.88 23.80
C GLU P 23 -62.83 36.99 24.47
N LYS P 24 -63.50 37.99 25.02
CA LYS P 24 -62.81 39.01 25.80
C LYS P 24 -62.09 38.37 26.99
N GLN P 25 -62.78 37.47 27.70
CA GLN P 25 -62.17 36.77 28.81
C GLN P 25 -60.98 35.94 28.35
N TYR P 26 -61.14 35.20 27.25
CA TYR P 26 -60.05 34.38 26.74
C TYR P 26 -58.82 35.23 26.47
N LEU P 27 -59.02 36.38 25.80
CA LEU P 27 -57.91 37.30 25.55
C LEU P 27 -57.31 37.80 26.85
N GLU P 28 -58.17 38.19 27.80
CA GLU P 28 -57.67 38.65 29.09
C GLU P 28 -56.85 37.56 29.77
N GLY P 29 -57.34 36.31 29.70
CA GLY P 29 -56.63 35.22 30.35
C GLY P 29 -55.25 34.98 29.80
N LYS P 30 -55.11 34.99 28.47
CA LYS P 30 -53.79 34.83 27.86
C LYS P 30 -52.86 35.98 28.26
N ARG P 31 -53.37 37.21 28.22
CA ARG P 31 -52.57 38.38 28.59
C ARG P 31 -52.09 38.28 30.04
N LEU P 32 -53.00 37.95 30.95
CA LEU P 32 -52.65 37.90 32.37
C LEU P 32 -51.78 36.70 32.70
N PHE P 33 -52.01 35.57 32.04
CA PHE P 33 -51.13 34.42 32.23
C PHE P 33 -49.69 34.75 31.80
N GLN P 34 -49.53 35.44 30.66
CA GLN P 34 -48.20 35.89 30.26
C GLN P 34 -47.63 36.86 31.27
N TYR P 35 -48.45 37.81 31.75
CA TYR P 35 -47.98 38.80 32.70
C TYR P 35 -47.43 38.16 33.98
N ALA P 36 -48.14 37.17 34.52
CA ALA P 36 -47.84 36.70 35.87
C ALA P 36 -47.35 35.26 35.97
N CYS P 37 -47.44 34.45 34.91
CA CYS P 37 -47.23 33.01 35.04
C CYS P 37 -46.28 32.39 34.01
N ALA P 38 -46.27 32.93 32.79
CA ALA P 38 -45.59 32.26 31.68
C ALA P 38 -44.09 32.12 31.92
N SER P 39 -43.49 32.98 32.74
CA SER P 39 -42.05 32.86 33.00
C SER P 39 -41.70 31.48 33.55
N CYS P 40 -42.63 30.84 34.25
CA CYS P 40 -42.41 29.45 34.63
C CYS P 40 -43.29 28.45 33.91
N HIS P 41 -44.46 28.85 33.41
CA HIS P 41 -45.43 27.90 32.90
C HIS P 41 -45.67 28.02 31.39
N VAL P 42 -44.75 28.64 30.64
CA VAL P 42 -44.92 28.78 29.19
C VAL P 42 -45.29 27.43 28.58
N GLY P 43 -46.34 27.41 27.76
CA GLY P 43 -46.70 26.15 27.12
C GLY P 43 -47.31 25.10 28.02
N GLY P 44 -47.65 25.44 29.27
CA GLY P 44 -48.29 24.48 30.15
C GLY P 44 -47.35 23.58 30.93
N ILE P 45 -46.04 23.79 30.86
CA ILE P 45 -45.11 23.05 31.70
C ILE P 45 -44.76 23.87 32.93
N THR P 46 -43.73 23.46 33.67
CA THR P 46 -43.27 24.17 34.86
C THR P 46 -41.75 24.10 34.89
N LYS P 47 -41.08 25.22 34.57
CA LYS P 47 -39.63 25.20 34.35
C LYS P 47 -38.87 24.86 35.62
N THR P 48 -39.33 25.33 36.77
CA THR P 48 -38.62 25.07 38.01
C THR P 48 -39.05 23.78 38.68
N ASN P 49 -39.99 23.03 38.08
CA ASN P 49 -40.35 21.69 38.55
C ASN P 49 -41.07 20.95 37.44
N PRO P 50 -40.34 20.39 36.48
CA PRO P 50 -40.98 19.80 35.28
C PRO P 50 -41.86 18.60 35.56
N SER P 51 -41.83 18.04 36.77
CA SER P 51 -42.69 16.92 37.13
C SER P 51 -44.16 17.29 37.17
N LEU P 52 -44.49 18.57 37.37
CA LEU P 52 -45.87 19.02 37.50
C LEU P 52 -46.19 19.94 36.32
N ASP P 53 -47.24 19.62 35.58
CA ASP P 53 -47.61 20.44 34.43
C ASP P 53 -49.03 20.97 34.61
N LEU P 54 -49.52 21.71 33.61
CA LEU P 54 -50.85 22.31 33.72
C LEU P 54 -51.88 21.61 32.84
N ARG P 55 -51.62 20.35 32.45
CA ARG P 55 -52.59 19.57 31.71
C ARG P 55 -53.83 19.34 32.57
N THR P 56 -54.99 19.25 31.91
CA THR P 56 -56.24 19.11 32.66
C THR P 56 -56.27 17.80 33.45
N GLU P 57 -55.73 16.72 32.89
CA GLU P 57 -55.73 15.45 33.61
C GLU P 57 -54.80 15.50 34.82
N THR P 58 -53.68 16.22 34.71
CA THR P 58 -52.83 16.39 35.88
C THR P 58 -53.57 17.17 36.96
N LEU P 59 -54.23 18.26 36.56
CA LEU P 59 -55.02 19.06 37.49
C LEU P 59 -56.16 18.27 38.10
N ALA P 60 -56.77 17.37 37.32
CA ALA P 60 -57.89 16.58 37.86
C ALA P 60 -57.43 15.67 38.98
N LEU P 61 -56.18 15.20 38.94
CA LEU P 61 -55.67 14.28 39.96
C LEU P 61 -54.98 14.99 41.11
N ALA P 62 -54.85 16.31 41.06
CA ALA P 62 -54.33 17.06 42.20
C ALA P 62 -55.31 17.03 43.36
N THR P 63 -54.81 17.36 44.55
CA THR P 63 -55.65 17.48 45.75
C THR P 63 -55.52 18.87 46.33
N PRO P 64 -56.62 19.62 46.53
CA PRO P 64 -57.96 19.32 46.01
C PRO P 64 -57.92 19.44 44.47
N PRO P 65 -58.95 18.94 43.78
CA PRO P 65 -58.89 18.93 42.31
C PRO P 65 -58.78 20.34 41.75
N ARG P 66 -57.93 20.48 40.74
CA ARG P 66 -57.65 21.79 40.15
C ARG P 66 -58.12 21.88 38.69
N ASP P 67 -58.93 20.92 38.23
CA ASP P 67 -59.39 20.89 36.84
C ASP P 67 -60.70 21.66 36.65
N ASN P 68 -60.87 22.76 37.38
CA ASN P 68 -62.06 23.60 37.25
C ASN P 68 -61.74 25.00 37.76
N ILE P 69 -62.64 25.92 37.45
CA ILE P 69 -62.39 27.35 37.73
C ILE P 69 -62.18 27.59 39.21
N GLU P 70 -63.08 27.06 40.05
CA GLU P 70 -62.96 27.29 41.49
C GLU P 70 -61.64 26.73 42.03
N GLY P 71 -61.26 25.53 41.59
CA GLY P 71 -60.01 24.95 42.02
C GLY P 71 -58.81 25.79 41.63
N LEU P 72 -58.79 26.29 40.39
CA LEU P 72 -57.67 27.10 39.94
C LEU P 72 -57.64 28.45 40.64
N VAL P 73 -58.81 29.06 40.85
CA VAL P 73 -58.89 30.35 41.53
C VAL P 73 -58.39 30.21 42.97
N ASP P 74 -58.80 29.14 43.66
CA ASP P 74 -58.29 28.87 45.00
C ASP P 74 -56.77 28.69 44.99
N TYR P 75 -56.25 27.99 43.99
CA TYR P 75 -54.80 27.79 43.91
C TYR P 75 -54.06 29.12 43.84
N MET P 76 -54.61 30.09 43.09
CA MET P 76 -53.94 31.38 42.96
C MET P 76 -54.05 32.22 44.21
N LYS P 77 -54.91 31.84 45.17
CA LYS P 77 -54.98 32.48 46.48
C LYS P 77 -54.14 31.78 47.54
N ASN P 78 -54.09 30.44 47.48
CA ASN P 78 -53.51 29.64 48.55
C ASN P 78 -52.98 28.34 47.96
N PRO P 79 -51.88 28.41 47.21
CA PRO P 79 -51.39 27.23 46.50
C PRO P 79 -50.85 26.16 47.44
N THR P 80 -50.99 24.91 47.01
CA THR P 80 -50.61 23.75 47.79
C THR P 80 -49.74 22.81 46.97
N THR P 81 -49.05 21.90 47.66
CA THR P 81 -48.42 20.81 46.95
C THR P 81 -49.49 19.94 46.29
N TYR P 82 -49.02 19.05 45.41
CA TYR P 82 -49.94 18.25 44.60
C TYR P 82 -50.87 17.40 45.45
N ASP P 83 -50.45 16.99 46.64
CA ASP P 83 -51.32 16.23 47.53
C ASP P 83 -52.09 17.10 48.50
N GLY P 84 -52.03 18.43 48.36
CA GLY P 84 -52.74 19.32 49.28
C GLY P 84 -52.15 19.39 50.67
N GLU P 85 -51.01 18.71 50.93
CA GLU P 85 -50.48 18.59 52.29
C GLU P 85 -49.80 19.86 52.78
N GLN P 86 -49.21 20.66 51.89
CA GLN P 86 -48.40 21.82 52.28
C GLN P 86 -48.83 23.07 51.53
N GLU P 87 -48.92 24.19 52.26
CA GLU P 87 -49.16 25.49 51.67
C GLU P 87 -47.85 26.13 51.25
N ILE P 88 -47.76 26.54 49.98
CA ILE P 88 -46.50 26.93 49.38
C ILE P 88 -46.50 28.40 48.94
N ALA P 89 -47.36 29.22 49.55
CA ALA P 89 -47.45 30.62 49.15
C ALA P 89 -46.11 31.34 49.30
N GLU P 90 -45.24 30.88 50.20
CA GLU P 90 -43.94 31.53 50.38
C GLU P 90 -43.00 31.35 49.20
N VAL P 91 -43.25 30.36 48.33
CA VAL P 91 -42.40 30.12 47.16
C VAL P 91 -43.18 30.04 45.87
N HIS P 92 -44.51 30.21 45.90
CA HIS P 92 -45.31 30.24 44.68
C HIS P 92 -46.16 31.49 44.69
N PRO P 93 -46.20 32.26 43.61
CA PRO P 93 -46.99 33.51 43.59
C PRO P 93 -48.46 33.26 43.90
N SER P 94 -49.04 34.16 44.70
CA SER P 94 -50.44 34.02 45.11
C SER P 94 -50.89 35.35 45.71
N LEU P 95 -52.21 35.52 45.80
CA LEU P 95 -52.73 36.72 46.46
C LEU P 95 -52.27 36.79 47.91
N ARG P 96 -52.14 35.63 48.55
CA ARG P 96 -51.65 35.58 49.93
C ARG P 96 -50.21 36.06 50.04
N SER P 97 -49.41 35.85 49.01
CA SER P 97 -48.01 36.24 49.06
C SER P 97 -47.71 37.41 48.11
N ALA P 98 -48.70 38.27 47.89
CA ALA P 98 -48.53 39.40 46.99
C ALA P 98 -47.47 40.39 47.50
N ASP P 99 -47.14 40.34 48.80
CA ASP P 99 -46.06 41.18 49.30
C ASP P 99 -44.70 40.78 48.73
N ILE P 100 -44.46 39.49 48.49
CA ILE P 100 -43.18 39.03 47.96
C ILE P 100 -43.25 38.65 46.48
N PHE P 101 -44.46 38.52 45.93
CA PHE P 101 -44.67 38.32 44.49
C PHE P 101 -45.47 39.53 44.02
N PRO P 102 -44.82 40.66 43.80
CA PRO P 102 -45.55 41.93 43.65
C PRO P 102 -46.44 41.98 42.42
N LYS P 103 -46.19 41.16 41.39
CA LYS P 103 -47.10 41.15 40.25
C LYS P 103 -48.49 40.63 40.61
N MET P 104 -48.65 39.99 41.77
CA MET P 104 -49.98 39.56 42.20
C MET P 104 -50.77 40.68 42.86
N ARG P 105 -50.12 41.80 43.18
CA ARG P 105 -50.73 42.84 44.01
C ARG P 105 -51.96 43.46 43.35
N ASN P 106 -52.01 43.51 42.03
CA ASN P 106 -53.11 44.16 41.34
C ASN P 106 -53.91 43.18 40.50
N LEU P 107 -53.88 41.89 40.84
CA LEU P 107 -54.73 40.91 40.19
C LEU P 107 -56.04 40.87 40.95
N THR P 108 -57.14 41.15 40.26
CA THR P 108 -58.46 41.10 40.85
C THR P 108 -59.05 39.69 40.72
N GLU P 109 -60.14 39.48 41.44
CA GLU P 109 -60.87 38.22 41.34
C GLU P 109 -61.23 37.91 39.90
N LYS P 110 -61.66 38.94 39.15
CA LYS P 110 -61.97 38.76 37.74
C LYS P 110 -60.75 38.31 36.96
N ASP P 111 -59.57 38.85 37.31
CA ASP P 111 -58.35 38.43 36.65
C ASP P 111 -58.05 36.96 36.93
N LEU P 112 -58.23 36.54 38.18
CA LEU P 112 -57.99 35.14 38.53
C LEU P 112 -58.89 34.23 37.73
N VAL P 113 -60.17 34.60 37.58
CA VAL P 113 -61.05 33.76 36.77
C VAL P 113 -60.56 33.69 35.33
N ALA P 114 -60.09 34.82 34.78
CA ALA P 114 -59.59 34.83 33.40
C ALA P 114 -58.35 33.95 33.24
N ILE P 115 -57.40 34.04 34.18
CA ILE P 115 -56.24 33.16 34.14
C ILE P 115 -56.66 31.71 34.25
N ALA P 116 -57.59 31.40 35.15
CA ALA P 116 -58.06 30.02 35.26
C ALA P 116 -58.69 29.55 33.96
N GLY P 117 -59.49 30.41 33.32
CA GLY P 117 -60.11 30.03 32.07
C GLY P 117 -59.09 29.77 30.98
N HIS P 118 -57.99 30.52 30.96
CA HIS P 118 -56.93 30.28 29.99
C HIS P 118 -56.33 28.89 30.18
N ILE P 119 -56.01 28.53 31.42
CA ILE P 119 -55.39 27.24 31.69
C ILE P 119 -56.30 26.09 31.26
N LEU P 120 -57.62 26.26 31.38
CA LEU P 120 -58.50 25.17 30.99
C LEU P 120 -58.78 25.15 29.49
N VAL P 121 -58.81 26.31 28.84
CA VAL P 121 -59.17 26.34 27.42
C VAL P 121 -57.99 25.91 26.55
N GLU P 122 -56.78 26.32 26.90
CA GLU P 122 -55.62 26.09 26.04
C GLU P 122 -55.40 24.63 25.65
N PRO P 123 -55.47 23.64 26.55
CA PRO P 123 -55.38 22.25 26.09
C PRO P 123 -56.48 21.84 25.14
N LYS P 124 -57.67 22.45 25.24
CA LYS P 124 -58.73 22.17 24.29
C LYS P 124 -58.39 22.63 22.88
N ILE P 125 -57.49 23.60 22.75
CA ILE P 125 -57.01 24.03 21.44
C ILE P 125 -55.80 23.24 21.02
N LEU P 126 -54.78 23.19 21.89
CA LEU P 126 -53.47 22.68 21.58
C LEU P 126 -53.30 21.19 21.84
N GLY P 127 -54.21 20.55 22.56
CA GLY P 127 -54.03 19.13 22.87
C GLY P 127 -52.75 18.84 23.63
N ASP P 128 -52.12 17.72 23.30
CA ASP P 128 -50.94 17.25 24.02
C ASP P 128 -49.77 18.22 23.95
N LYS P 129 -49.79 19.18 23.00
CA LYS P 129 -48.78 20.24 23.00
CA LYS P 129 -48.77 20.22 23.01
C LYS P 129 -48.80 21.01 24.32
N TRP P 130 -49.99 21.27 24.85
CA TRP P 130 -50.11 21.93 26.13
C TRP P 130 -49.57 20.98 27.20
N GLY P 131 -48.54 21.42 27.92
CA GLY P 131 -47.87 20.58 28.89
C GLY P 131 -46.93 19.56 28.29
N GLY P 132 -46.72 19.58 26.98
CA GLY P 132 -45.87 18.56 26.38
C GLY P 132 -44.39 18.89 26.38
N GLY P 133 -44.03 20.16 26.50
CA GLY P 133 -42.63 20.50 26.39
C GLY P 133 -42.12 20.43 24.94
N LYS P 134 -40.79 20.47 24.83
CA LYS P 134 -40.11 20.66 23.55
C LYS P 134 -40.37 19.53 22.55
N VAL P 135 -40.69 18.32 23.02
CA VAL P 135 -41.04 17.23 22.11
C VAL P 135 -42.15 17.66 21.15
N TYR P 136 -43.04 18.53 21.61
CA TYR P 136 -44.22 18.91 20.86
C TYR P 136 -44.11 20.28 20.18
N TYR P 137 -42.95 20.94 20.25
CA TYR P 137 -42.82 22.26 19.63
C TYR P 137 -43.04 22.19 18.12
N GLU Q 1 -54.03 56.72 22.36
CA GLU Q 1 -54.53 56.96 21.02
C GLU Q 1 -53.42 56.84 19.98
N VAL Q 2 -53.62 55.94 19.01
CA VAL Q 2 -52.69 55.84 17.90
C VAL Q 2 -52.75 57.08 17.01
N ILE Q 3 -53.90 57.75 16.96
CA ILE Q 3 -54.02 58.98 16.19
C ILE Q 3 -53.11 60.06 16.76
N ALA Q 4 -53.08 60.18 18.09
CA ALA Q 4 -52.27 61.21 18.72
C ALA Q 4 -50.78 60.97 18.46
N GLN Q 5 -50.32 59.74 18.63
CA GLN Q 5 -48.90 59.44 18.42
C GLN Q 5 -48.48 59.73 16.98
N LEU Q 6 -49.32 59.37 16.01
CA LEU Q 6 -48.96 59.58 14.61
C LEU Q 6 -48.95 61.06 14.25
N THR Q 7 -49.84 61.85 14.84
CA THR Q 7 -49.86 63.28 14.56
C THR Q 7 -48.60 63.97 15.09
N MET Q 8 -48.15 63.56 16.27
CA MET Q 8 -46.93 64.14 16.83
C MET Q 8 -45.73 63.84 15.95
N ILE Q 9 -45.53 62.56 15.60
CA ILE Q 9 -44.37 62.20 14.78
C ILE Q 9 -44.46 62.84 13.39
N ALA Q 10 -45.68 63.07 12.90
CA ALA Q 10 -45.83 63.74 11.61
C ALA Q 10 -45.41 65.20 11.71
N MET Q 11 -45.78 65.88 12.79
CA MET Q 11 -45.41 67.29 12.96
C MET Q 11 -43.93 67.43 13.29
N ILE Q 12 -43.42 66.58 14.20
CA ILE Q 12 -41.99 66.59 14.49
C ILE Q 12 -41.19 66.26 13.24
N GLY Q 13 -41.65 65.27 12.47
CA GLY Q 13 -40.89 64.85 11.30
C GLY Q 13 -40.85 65.88 10.20
N ILE Q 14 -41.95 66.61 10.00
CA ILE Q 14 -42.00 67.66 8.98
C ILE Q 14 -41.14 68.86 9.38
N ALA Q 15 -40.89 69.06 10.68
CA ALA Q 15 -40.14 70.23 11.13
C ALA Q 15 -38.78 70.34 10.46
N GLY Q 16 -38.09 69.22 10.28
CA GLY Q 16 -36.76 69.21 9.70
C GLY Q 16 -36.75 69.71 8.28
N PRO Q 17 -37.43 69.01 7.37
CA PRO Q 17 -37.51 69.49 5.99
C PRO Q 17 -38.14 70.86 5.86
N MET Q 18 -38.95 71.29 6.83
CA MET Q 18 -39.55 72.61 6.76
C MET Q 18 -38.51 73.70 6.94
N ILE Q 19 -37.54 73.49 7.83
CA ILE Q 19 -36.45 74.45 7.98
C ILE Q 19 -35.69 74.58 6.67
N ILE Q 20 -35.35 73.43 6.06
CA ILE Q 20 -34.63 73.43 4.79
C ILE Q 20 -35.47 74.09 3.71
N PHE Q 21 -36.76 73.76 3.66
CA PHE Q 21 -37.62 74.32 2.62
C PHE Q 21 -37.76 75.83 2.77
N LEU Q 22 -37.98 76.32 4.00
CA LEU Q 22 -38.13 77.75 4.21
C LEU Q 22 -36.86 78.50 3.83
N LEU Q 23 -35.69 77.93 4.15
CA LEU Q 23 -34.43 78.58 3.82
C LEU Q 23 -34.16 78.57 2.32
N ALA Q 24 -34.48 77.46 1.64
CA ALA Q 24 -34.29 77.41 0.19
C ALA Q 24 -35.13 78.45 -0.52
N VAL Q 25 -36.36 78.68 -0.03
CA VAL Q 25 -37.22 79.69 -0.64
C VAL Q 25 -36.71 81.08 -0.35
N ARG Q 26 -36.32 81.34 0.90
CA ARG Q 26 -35.76 82.63 1.29
C ARG Q 26 -34.31 82.79 0.84
N ARG Q 27 -33.79 81.86 0.03
CA ARG Q 27 -32.40 81.88 -0.44
C ARG Q 27 -31.41 82.10 0.69
N GLY Q 28 -31.62 81.39 1.79
CA GLY Q 28 -30.83 81.58 2.98
C GLY Q 28 -29.47 80.87 2.93
N ASN Q 29 -28.77 80.96 4.06
CA ASN Q 29 -27.38 80.52 4.17
C ASN Q 29 -27.26 79.02 4.40
N LEU Q 30 -27.85 78.26 3.48
CA LEU Q 30 -27.73 76.80 3.52
C LEU Q 30 -26.31 76.32 3.23
N THR R 1 -57.04 6.49 -28.80
CA THR R 1 -57.47 7.79 -29.32
C THR R 1 -56.66 8.92 -28.69
N ILE R 2 -57.34 10.02 -28.35
CA ILE R 2 -56.70 11.21 -27.81
C ILE R 2 -57.03 11.31 -26.33
N THR R 3 -56.02 11.14 -25.48
CA THR R 3 -56.20 11.22 -24.04
C THR R 3 -56.31 12.67 -23.59
N PRO R 4 -56.83 12.92 -22.38
CA PRO R 4 -56.86 14.30 -21.87
C PRO R 4 -55.47 14.93 -21.78
N SER R 5 -54.44 14.15 -21.44
CA SER R 5 -53.11 14.75 -21.34
C SER R 5 -52.50 14.98 -22.73
N LEU R 6 -52.91 14.20 -23.74
CA LEU R 6 -52.51 14.53 -25.10
C LEU R 6 -53.17 15.81 -25.56
N LYS R 7 -54.46 15.98 -25.22
CA LYS R 7 -55.14 17.25 -25.49
C LYS R 7 -54.45 18.40 -24.77
N GLY R 8 -54.09 18.19 -23.50
CA GLY R 8 -53.35 19.21 -22.78
C GLY R 8 -52.00 19.50 -23.42
N PHE R 9 -51.33 18.45 -23.91
CA PHE R 9 -50.08 18.65 -24.63
C PHE R 9 -50.27 19.57 -25.84
N PHE R 10 -51.35 19.35 -26.61
CA PHE R 10 -51.60 20.23 -27.75
C PHE R 10 -51.90 21.65 -27.31
N ILE R 11 -52.62 21.81 -26.19
CA ILE R 11 -52.87 23.15 -25.67
C ILE R 11 -51.56 23.83 -25.32
N GLY R 12 -50.66 23.10 -24.67
CA GLY R 12 -49.34 23.65 -24.36
C GLY R 12 -48.56 24.02 -25.61
N LEU R 13 -48.54 23.11 -26.59
CA LEU R 13 -47.79 23.35 -27.81
C LEU R 13 -48.31 24.59 -28.55
N LEU R 14 -49.63 24.65 -28.75
CA LEU R 14 -50.24 25.79 -29.42
C LEU R 14 -50.06 27.08 -28.63
N SER R 15 -50.23 27.03 -27.31
CA SER R 15 -49.99 28.21 -26.48
C SER R 15 -48.57 28.73 -26.65
N GLY R 16 -47.58 27.84 -26.58
CA GLY R 16 -46.21 28.27 -26.81
C GLY R 16 -45.99 28.80 -28.21
N ALA R 17 -46.59 28.15 -29.21
CA ALA R 17 -46.46 28.64 -30.58
C ALA R 17 -47.02 30.05 -30.73
N VAL R 18 -48.12 30.34 -30.04
CA VAL R 18 -48.74 31.65 -30.15
C VAL R 18 -47.87 32.71 -29.49
N VAL R 19 -47.41 32.44 -28.27
CA VAL R 19 -46.53 33.38 -27.57
C VAL R 19 -45.30 33.68 -28.42
N LEU R 20 -44.68 32.64 -28.99
CA LEU R 20 -43.54 32.84 -29.87
C LEU R 20 -43.94 33.56 -31.15
N GLY R 21 -45.07 33.16 -31.74
CA GLY R 21 -45.50 33.81 -32.96
C GLY R 21 -45.76 35.29 -32.79
N LEU R 22 -46.52 35.64 -31.75
CA LEU R 22 -46.84 37.05 -31.49
C LEU R 22 -45.59 37.86 -31.20
N THR R 23 -44.67 37.30 -30.40
CA THR R 23 -43.44 38.01 -30.07
C THR R 23 -42.65 38.37 -31.32
N PHE R 24 -42.39 37.39 -32.19
CA PHE R 24 -41.61 37.68 -33.38
C PHE R 24 -42.37 38.57 -34.36
N ALA R 25 -43.69 38.43 -34.43
CA ALA R 25 -44.47 39.31 -35.30
C ALA R 25 -44.40 40.75 -34.83
N VAL R 26 -44.50 40.98 -33.52
CA VAL R 26 -44.40 42.33 -32.98
C VAL R 26 -43.00 42.89 -33.17
N LEU R 27 -41.97 42.08 -32.86
CA LEU R 27 -40.59 42.54 -32.99
C LEU R 27 -40.25 42.89 -34.44
N ILE R 28 -40.61 42.01 -35.37
CA ILE R 28 -40.33 42.27 -36.78
C ILE R 28 -41.05 43.53 -37.24
N ALA R 29 -42.32 43.69 -36.82
CA ALA R 29 -43.08 44.87 -37.22
C ALA R 29 -42.44 46.15 -36.68
N ILE R 30 -42.07 46.14 -35.40
CA ILE R 30 -41.39 47.29 -34.80
C ILE R 30 -40.06 47.55 -35.52
N SER R 31 -39.31 46.48 -35.84
CA SER R 31 -38.01 46.67 -36.47
C SER R 31 -38.14 47.30 -37.87
N GLN R 32 -39.22 46.99 -38.59
CA GLN R 32 -39.38 47.55 -39.93
C GLN R 32 -39.70 49.04 -39.89
N ILE R 33 -40.44 49.47 -38.86
CA ILE R 33 -40.80 50.88 -38.73
C ILE R 33 -39.58 51.72 -38.34
N ASP R 34 -38.95 51.37 -37.21
CA ASP R 34 -37.89 52.19 -36.63
C ASP R 34 -36.51 51.67 -37.08
N LYS R 35 -36.21 51.95 -38.34
CA LYS R 35 -34.97 51.49 -38.94
C LYS R 35 -33.79 52.36 -38.53
N VAL R 36 -32.65 51.71 -38.27
CA VAL R 36 -31.42 52.45 -38.05
C VAL R 36 -31.04 53.19 -39.34
N GLN R 37 -30.52 54.41 -39.18
CA GLN R 37 -30.17 55.24 -40.33
C GLN R 37 -28.68 55.12 -40.63
N ARG R 38 -28.36 54.81 -41.89
CA ARG R 38 -26.97 54.70 -42.33
C ARG R 38 -26.67 55.71 -43.43
N FME S 1 -55.88 75.31 39.46
CN FME S 1 -56.82 75.82 38.67
O1 FME S 1 -56.53 76.18 37.54
CA FME S 1 -54.51 75.31 39.01
CB FME S 1 -53.56 75.04 40.17
CG FME S 1 -53.74 76.10 41.26
SD FME S 1 -52.37 77.21 41.24
CE FME S 1 -52.95 78.84 40.91
C FME S 1 -54.30 74.29 37.93
O FME S 1 -53.41 74.45 37.08
N THR S 2 -55.12 73.24 37.93
CA THR S 2 -55.00 72.17 36.95
C THR S 2 -55.11 72.66 35.50
N ILE S 3 -56.03 73.59 35.22
CA ILE S 3 -56.12 74.13 33.88
C ILE S 3 -55.00 75.11 33.59
N LEU S 4 -54.64 75.94 34.58
CA LEU S 4 -53.57 76.91 34.39
C LEU S 4 -52.25 76.22 34.10
N PHE S 5 -51.96 75.13 34.83
CA PHE S 5 -50.79 74.30 34.58
C PHE S 5 -50.83 73.69 33.18
N GLN S 6 -51.94 73.01 32.85
CA GLN S 6 -52.07 72.38 31.54
C GLN S 6 -51.98 73.41 30.42
N LEU S 7 -52.41 74.64 30.68
CA LEU S 7 -52.29 75.69 29.68
C LEU S 7 -50.84 76.10 29.51
N ALA S 8 -50.12 76.27 30.62
CA ALA S 8 -48.74 76.70 30.54
C ALA S 8 -47.87 75.63 29.89
N LEU S 9 -48.15 74.35 30.15
CA LEU S 9 -47.38 73.29 29.52
C LEU S 9 -47.66 73.23 28.01
N ALA S 10 -48.92 73.39 27.61
CA ALA S 10 -49.23 73.40 26.19
C ALA S 10 -48.60 74.62 25.50
N ALA S 11 -48.58 75.77 26.19
CA ALA S 11 -47.88 76.92 25.66
C ALA S 11 -46.39 76.63 25.48
N LEU S 12 -45.76 76.03 26.49
CA LEU S 12 -44.35 75.68 26.40
C LEU S 12 -44.08 74.75 25.22
N VAL S 13 -44.96 73.77 24.99
CA VAL S 13 -44.79 72.87 23.86
C VAL S 13 -44.90 73.64 22.55
N ILE S 14 -45.90 74.53 22.46
CA ILE S 14 -46.10 75.31 21.24
C ILE S 14 -44.92 76.25 21.01
N LEU S 15 -44.54 77.02 22.03
CA LEU S 15 -43.39 77.93 21.86
C LEU S 15 -42.13 77.17 21.47
N SER S 16 -41.91 76.00 22.05
CA SER S 16 -40.75 75.19 21.70
C SER S 16 -40.78 74.83 20.21
N PHE S 17 -41.94 74.39 19.72
CA PHE S 17 -42.05 74.02 18.31
C PHE S 17 -41.79 75.21 17.40
N VAL S 18 -42.25 76.39 17.81
CA VAL S 18 -42.00 77.60 17.04
C VAL S 18 -40.51 77.96 17.03
N MET S 19 -39.85 77.86 18.19
CA MET S 19 -38.42 78.14 18.26
C MET S 19 -37.60 77.13 17.46
N VAL S 20 -38.01 75.84 17.49
CA VAL S 20 -37.24 74.80 16.82
C VAL S 20 -37.15 75.07 15.33
N ILE S 21 -38.22 75.59 14.74
CA ILE S 21 -38.20 75.95 13.34
C ILE S 21 -37.63 77.35 13.14
N GLY S 22 -38.05 78.29 13.99
CA GLY S 22 -37.78 79.70 13.73
C GLY S 22 -36.33 80.10 13.97
N VAL S 23 -35.71 79.54 15.00
CA VAL S 23 -34.35 79.98 15.35
C VAL S 23 -33.35 79.62 14.26
N PRO S 24 -33.29 78.37 13.76
CA PRO S 24 -32.36 78.10 12.64
C PRO S 24 -32.70 78.90 11.38
N VAL S 25 -33.97 79.11 11.08
CA VAL S 25 -34.33 79.89 9.90
C VAL S 25 -33.82 81.32 10.04
N ALA S 26 -34.08 81.94 11.19
CA ALA S 26 -33.63 83.30 11.43
C ALA S 26 -32.11 83.42 11.34
N TYR S 27 -31.39 82.50 11.99
CA TYR S 27 -29.93 82.55 11.99
C TYR S 27 -29.36 82.49 10.57
N ALA S 28 -30.06 81.81 9.65
CA ALA S 28 -29.55 81.56 8.31
C ALA S 28 -30.19 82.44 7.25
N SER S 29 -31.01 83.41 7.64
CA SER S 29 -31.73 84.30 6.74
C SER S 29 -30.98 85.62 6.57
N PRO S 30 -30.88 86.11 5.33
CA PRO S 30 -30.14 87.36 5.08
C PRO S 30 -30.79 88.60 5.68
N GLN S 31 -32.02 88.89 5.29
CA GLN S 31 -32.71 90.11 5.70
C GLN S 31 -33.60 89.85 6.90
N ASP S 32 -34.23 90.93 7.38
CA ASP S 32 -35.16 90.92 8.52
C ASP S 32 -34.54 90.34 9.77
N TRP S 33 -33.21 90.40 9.88
CA TRP S 33 -32.50 89.91 11.05
C TRP S 33 -32.77 90.76 12.27
N ASP S 34 -32.93 92.08 12.09
CA ASP S 34 -33.10 92.99 13.22
C ASP S 34 -34.35 92.64 14.01
N ARG S 35 -35.48 92.41 13.33
CA ARG S 35 -36.66 91.91 14.02
C ARG S 35 -36.46 90.46 14.45
N SER S 36 -35.74 89.66 13.66
CA SER S 36 -35.51 88.26 14.01
C SER S 36 -34.74 88.14 15.33
N LYS S 37 -33.64 88.89 15.46
CA LYS S 37 -32.84 88.83 16.68
C LYS S 37 -33.67 89.24 17.90
N GLN S 38 -34.54 90.24 17.73
CA GLN S 38 -35.39 90.65 18.83
C GLN S 38 -36.36 89.54 19.21
N LEU S 39 -36.94 88.88 18.21
CA LEU S 39 -37.88 87.80 18.47
C LEU S 39 -37.19 86.63 19.16
N ILE S 40 -35.98 86.29 18.74
CA ILE S 40 -35.25 85.20 19.38
C ILE S 40 -35.02 85.52 20.86
N PHE S 41 -34.68 86.78 21.16
CA PHE S 41 -34.55 87.20 22.55
C PHE S 41 -35.85 87.02 23.33
N LEU S 42 -36.95 87.53 22.77
CA LEU S 42 -38.24 87.43 23.45
C LEU S 42 -38.67 85.98 23.60
N GLY S 43 -38.55 85.20 22.52
CA GLY S 43 -38.85 83.78 22.61
C GLY S 43 -38.08 83.08 23.69
N SER S 44 -36.76 83.32 23.77
CA SER S 44 -35.94 82.65 24.77
C SER S 44 -36.37 83.02 26.18
N GLY S 45 -36.48 84.31 26.47
CA GLY S 45 -36.89 84.73 27.80
C GLY S 45 -38.25 84.20 28.18
N LEU S 46 -39.19 84.20 27.24
CA LEU S 46 -40.50 83.63 27.51
C LEU S 46 -40.43 82.12 27.74
N TRP S 47 -39.60 81.43 26.95
CA TRP S 47 -39.43 79.99 27.12
C TRP S 47 -38.91 79.65 28.50
N ILE S 48 -37.86 80.35 28.94
CA ILE S 48 -37.31 80.12 30.28
C ILE S 48 -38.37 80.38 31.34
N ALA S 49 -39.14 81.46 31.19
CA ALA S 49 -40.20 81.76 32.14
C ALA S 49 -41.24 80.64 32.18
N LEU S 50 -41.57 80.08 31.01
CA LEU S 50 -42.60 79.05 30.97
C LEU S 50 -42.13 77.78 31.65
N VAL S 51 -40.84 77.42 31.48
CA VAL S 51 -40.29 76.27 32.19
C VAL S 51 -40.41 76.46 33.70
N LEU S 52 -40.12 77.67 34.18
CA LEU S 52 -40.24 77.94 35.62
C LEU S 52 -41.68 77.84 36.09
N VAL S 53 -42.63 78.35 35.30
CA VAL S 53 -44.03 78.31 35.69
C VAL S 53 -44.50 76.86 35.82
N VAL S 54 -44.21 76.06 34.78
CA VAL S 54 -44.60 74.66 34.80
C VAL S 54 -43.93 73.93 35.96
N GLY S 55 -42.67 74.25 36.23
CA GLY S 55 -41.96 73.59 37.33
C GLY S 55 -42.57 73.88 38.68
N VAL S 56 -42.98 75.12 38.92
CA VAL S 56 -43.62 75.46 40.19
C VAL S 56 -45.02 74.85 40.26
N LEU S 57 -45.83 75.10 39.23
CA LEU S 57 -47.21 74.61 39.23
C LEU S 57 -47.28 73.09 39.33
N ASN S 58 -46.22 72.40 38.89
CA ASN S 58 -46.16 70.95 39.03
C ASN S 58 -46.51 70.52 40.45
N PHE S 59 -46.04 71.26 41.45
CA PHE S 59 -46.22 70.83 42.83
C PHE S 59 -47.59 71.19 43.38
N PHE S 60 -48.49 71.68 42.53
CA PHE S 60 -49.88 71.94 42.90
C PHE S 60 -50.85 71.12 42.06
N VAL S 61 -50.36 70.17 41.29
CA VAL S 61 -51.22 69.31 40.45
C VAL S 61 -50.76 67.87 40.62
N VAL S 62 -49.64 67.68 41.32
CA VAL S 62 -49.19 66.35 41.70
C VAL S 62 -49.32 66.22 43.20
N ALA T 11 6.31 -5.04 -62.62
CA ALA T 11 6.81 -6.40 -62.40
C ALA T 11 5.75 -7.26 -61.73
N ASN T 12 5.91 -8.58 -61.81
CA ASN T 12 4.98 -9.47 -61.14
CA ASN T 12 5.00 -9.49 -61.14
C ASN T 12 5.21 -9.43 -59.63
N LEU T 13 4.20 -9.91 -58.89
CA LEU T 13 4.20 -9.70 -57.45
C LEU T 13 5.20 -10.60 -56.71
N TRP T 14 5.40 -11.84 -57.19
CA TRP T 14 6.40 -12.69 -56.55
C TRP T 14 7.77 -12.01 -56.53
N GLU T 15 8.10 -11.28 -57.60
CA GLU T 15 9.39 -10.58 -57.64
C GLU T 15 9.45 -9.45 -56.63
N ARG T 16 8.36 -8.68 -56.50
CA ARG T 16 8.35 -7.54 -55.59
C ARG T 16 8.37 -8.00 -54.13
N PHE T 17 7.57 -9.03 -53.82
CA PHE T 17 7.57 -9.61 -52.48
C PHE T 17 8.93 -10.19 -52.13
N CYS T 18 9.52 -10.98 -53.04
CA CYS T 18 10.86 -11.52 -52.81
C CYS T 18 11.90 -10.42 -52.63
N ASN T 19 11.76 -9.31 -53.34
CA ASN T 19 12.70 -8.21 -53.17
C ASN T 19 12.51 -7.56 -51.81
N TRP T 20 11.25 -7.45 -51.38
CA TRP T 20 11.02 -6.93 -50.04
C TRP T 20 11.55 -7.88 -48.96
N VAL T 21 11.44 -9.19 -49.19
CA VAL T 21 11.86 -10.13 -48.15
C VAL T 21 13.36 -10.04 -47.93
N THR T 22 14.12 -9.95 -49.02
CA THR T 22 15.57 -9.94 -48.97
C THR T 22 16.17 -8.54 -48.98
N SER T 23 15.35 -7.51 -48.78
CA SER T 23 15.83 -6.14 -48.82
C SER T 23 16.77 -5.84 -47.66
N THR T 24 17.96 -5.32 -47.98
CA THR T 24 18.86 -4.80 -46.96
C THR T 24 18.46 -3.41 -46.47
N ASP T 25 17.30 -2.91 -46.88
CA ASP T 25 16.85 -1.60 -46.40
C ASP T 25 15.77 -1.68 -45.34
N ASN T 26 15.23 -2.86 -45.04
CA ASN T 26 14.28 -2.98 -43.96
C ASN T 26 14.95 -2.70 -42.62
N ARG T 27 14.23 -1.97 -41.74
CA ARG T 27 14.78 -1.63 -40.42
C ARG T 27 15.17 -2.88 -39.65
N LEU T 28 14.39 -3.94 -39.77
CA LEU T 28 14.73 -5.26 -39.27
C LEU T 28 14.77 -6.19 -40.47
N TYR T 29 15.88 -6.91 -40.63
CA TYR T 29 16.01 -7.77 -41.80
C TYR T 29 15.04 -8.93 -41.67
N VAL T 30 14.36 -9.24 -42.78
CA VAL T 30 13.44 -10.38 -42.79
C VAL T 30 14.23 -11.58 -43.33
N GLY T 31 14.33 -11.69 -44.65
CA GLY T 31 15.06 -12.77 -45.27
C GLY T 31 14.27 -14.06 -45.26
N TRP T 32 14.82 -15.08 -45.94
CA TRP T 32 14.10 -16.33 -46.05
C TRP T 32 14.05 -17.09 -44.71
N PHE T 33 15.16 -17.12 -43.96
CA PHE T 33 15.08 -17.68 -42.62
C PHE T 33 14.08 -16.92 -41.77
N GLY T 34 13.98 -15.61 -41.99
CA GLY T 34 13.03 -14.78 -41.27
C GLY T 34 11.58 -15.12 -41.58
N VAL T 35 11.30 -15.67 -42.76
CA VAL T 35 9.93 -16.06 -43.09
C VAL T 35 9.44 -17.17 -42.13
N ILE T 36 10.34 -18.03 -41.65
CA ILE T 36 10.03 -19.06 -40.66
C ILE T 36 10.21 -18.53 -39.23
N MET T 37 11.28 -17.75 -39.00
CA MET T 37 11.60 -17.26 -37.67
C MET T 37 10.47 -16.42 -37.10
N ILE T 38 9.93 -15.49 -37.89
CA ILE T 38 9.00 -14.50 -37.37
C ILE T 38 7.70 -15.14 -36.87
N PRO T 39 7.01 -15.99 -37.66
CA PRO T 39 5.77 -16.60 -37.12
C PRO T 39 6.03 -17.55 -35.96
N THR T 40 7.10 -18.35 -36.00
CA THR T 40 7.32 -19.30 -34.91
C THR T 40 7.71 -18.59 -33.60
N LEU T 41 8.55 -17.56 -33.67
CA LEU T 41 8.88 -16.85 -32.43
C LEU T 41 7.67 -16.09 -31.89
N LEU T 42 6.82 -15.55 -32.77
CA LEU T 42 5.61 -14.87 -32.28
C LEU T 42 4.67 -15.85 -31.61
N ALA T 43 4.46 -17.03 -32.21
CA ALA T 43 3.62 -18.05 -31.58
C ALA T 43 4.19 -18.45 -30.22
N ALA T 44 5.50 -18.72 -30.17
CA ALA T 44 6.12 -19.13 -28.92
C ALA T 44 6.00 -18.02 -27.87
N THR T 45 6.24 -16.77 -28.28
CA THR T 45 6.23 -15.65 -27.34
C THR T 45 4.82 -15.42 -26.79
N ILE T 46 3.81 -15.42 -27.67
CA ILE T 46 2.44 -15.15 -27.24
C ILE T 46 1.95 -16.25 -26.30
N CYS T 47 2.16 -17.51 -26.70
CA CYS T 47 1.74 -18.61 -25.84
C CYS T 47 2.43 -18.56 -24.48
N PHE T 48 3.74 -18.27 -24.49
CA PHE T 48 4.50 -18.19 -23.25
C PHE T 48 3.94 -17.13 -22.31
N VAL T 49 3.68 -15.92 -22.82
CA VAL T 49 3.22 -14.83 -21.96
C VAL T 49 1.85 -15.16 -21.37
N ILE T 50 0.93 -15.65 -22.21
CA ILE T 50 -0.39 -16.02 -21.74
C ILE T 50 -0.29 -17.15 -20.71
N ALA T 51 0.54 -18.17 -20.97
CA ALA T 51 0.69 -19.27 -20.04
C ALA T 51 1.32 -18.83 -18.72
N PHE T 52 2.37 -18.03 -18.80
CA PHE T 52 3.02 -17.57 -17.59
C PHE T 52 2.05 -16.78 -16.71
N ILE T 53 1.11 -16.06 -17.32
CA ILE T 53 0.19 -15.26 -16.52
C ILE T 53 -0.99 -16.10 -16.02
N ALA T 54 -1.58 -16.95 -16.87
CA ALA T 54 -2.92 -17.46 -16.60
C ALA T 54 -3.11 -18.97 -16.66
N ALA T 55 -2.09 -19.76 -17.01
CA ALA T 55 -2.30 -21.19 -17.20
C ALA T 55 -2.60 -21.87 -15.88
N PRO T 56 -3.51 -22.85 -15.87
CA PRO T 56 -3.80 -23.60 -14.62
C PRO T 56 -2.70 -24.60 -14.31
N PRO T 57 -2.76 -25.27 -13.15
CA PRO T 57 -1.69 -26.22 -12.80
C PRO T 57 -1.59 -27.39 -13.77
N VAL T 58 -0.36 -27.90 -13.92
CA VAL T 58 0.01 -28.88 -14.93
C VAL T 58 0.55 -30.13 -14.24
N ASP T 59 0.09 -31.30 -14.68
CA ASP T 59 0.52 -32.58 -14.08
C ASP T 59 1.85 -33.04 -14.68
N ILE T 60 2.93 -32.35 -14.32
CA ILE T 60 4.23 -32.59 -14.99
C ILE T 60 4.64 -34.05 -14.89
N ASP T 61 4.52 -34.65 -13.71
CA ASP T 61 5.08 -35.99 -13.55
C ASP T 61 4.08 -37.10 -13.81
N GLY T 62 2.94 -36.78 -14.42
CA GLY T 62 2.00 -37.82 -14.84
C GLY T 62 1.40 -38.60 -13.69
N ILE T 63 1.43 -38.06 -12.47
CA ILE T 63 0.93 -38.74 -11.28
C ILE T 63 -0.29 -38.00 -10.70
N ARG T 64 -1.00 -37.23 -11.53
CA ARG T 64 -2.20 -36.49 -11.10
C ARG T 64 -1.88 -35.61 -9.90
N GLU T 65 -0.74 -34.93 -9.98
CA GLU T 65 -0.27 -34.03 -8.92
C GLU T 65 0.10 -32.71 -9.57
N PRO T 66 -0.89 -31.91 -9.93
CA PRO T 66 -0.61 -30.76 -10.81
C PRO T 66 0.16 -29.67 -10.10
N VAL T 67 1.15 -29.13 -10.79
CA VAL T 67 2.05 -28.12 -10.27
C VAL T 67 1.63 -26.77 -10.84
N SER T 68 1.44 -25.78 -9.98
CA SER T 68 1.04 -24.45 -10.41
C SER T 68 2.24 -23.65 -10.90
N GLY T 69 2.17 -23.15 -12.14
CA GLY T 69 3.22 -22.31 -12.70
C GLY T 69 2.90 -20.83 -12.88
N SER T 70 1.63 -20.46 -13.04
CA SER T 70 1.29 -19.13 -13.51
C SER T 70 1.07 -18.14 -12.36
N LEU T 71 1.20 -16.85 -12.70
CA LEU T 71 1.04 -15.78 -11.73
C LEU T 71 -0.35 -15.79 -11.09
N LEU T 72 -1.40 -15.95 -11.90
CA LEU T 72 -2.76 -15.89 -11.37
C LEU T 72 -3.08 -17.06 -10.46
N TYR T 73 -2.34 -18.18 -10.57
CA TYR T 73 -2.56 -19.31 -9.68
C TYR T 73 -1.53 -19.37 -8.55
N GLY T 74 -1.06 -18.21 -8.10
CA GLY T 74 -0.31 -18.13 -6.86
C GLY T 74 1.21 -18.06 -6.98
N ASN T 75 1.74 -17.73 -8.14
CA ASN T 75 3.20 -17.60 -8.29
C ASN T 75 3.63 -16.14 -8.33
N ASN T 76 4.91 -15.92 -8.08
CA ASN T 76 5.53 -14.63 -8.37
C ASN T 76 6.50 -14.80 -9.57
N ILE T 77 7.28 -13.75 -9.87
CA ILE T 77 8.18 -13.81 -11.03
C ILE T 77 9.23 -14.91 -10.83
N ILE T 78 9.68 -15.12 -9.59
CA ILE T 78 10.75 -16.07 -9.31
C ILE T 78 10.24 -17.52 -9.30
N THR T 79 9.03 -17.78 -8.79
CA THR T 79 8.52 -19.14 -8.72
C THR T 79 7.76 -19.56 -9.98
N GLY T 80 7.33 -18.61 -10.81
CA GLY T 80 6.47 -18.95 -11.93
C GLY T 80 7.22 -19.66 -13.03
N ALA T 81 6.46 -20.40 -13.84
CA ALA T 81 7.05 -21.18 -14.91
C ALA T 81 5.94 -21.60 -15.86
N VAL T 82 6.31 -21.87 -17.12
CA VAL T 82 5.48 -22.74 -17.94
C VAL T 82 5.96 -24.16 -17.67
N VAL T 83 5.07 -25.01 -17.19
CA VAL T 83 5.43 -26.32 -16.64
C VAL T 83 5.54 -27.36 -17.76
N PRO T 84 6.62 -28.18 -17.78
CA PRO T 84 6.76 -29.22 -18.80
C PRO T 84 5.58 -30.19 -18.89
N SER T 85 5.42 -30.81 -20.05
CA SER T 85 4.27 -31.69 -20.30
C SER T 85 4.39 -32.99 -19.52
N SER T 86 3.23 -33.66 -19.39
CA SER T 86 3.05 -34.77 -18.48
C SER T 86 3.97 -35.95 -18.81
N ASN T 87 4.48 -36.61 -17.77
CA ASN T 87 5.25 -37.83 -17.98
C ASN T 87 4.44 -38.94 -18.64
N ALA T 88 3.11 -38.92 -18.52
CA ALA T 88 2.28 -39.90 -19.22
C ALA T 88 2.36 -39.73 -20.73
N ILE T 89 2.64 -38.50 -21.20
CA ILE T 89 2.83 -38.24 -22.63
C ILE T 89 4.19 -38.75 -23.08
N GLY T 90 5.20 -38.60 -22.23
CA GLY T 90 6.55 -39.00 -22.62
C GLY T 90 7.06 -38.15 -23.78
N LEU T 91 7.47 -38.80 -24.87
CA LEU T 91 7.92 -38.11 -26.07
C LEU T 91 6.85 -38.03 -27.16
N HIS T 92 5.63 -38.48 -26.88
CA HIS T 92 4.55 -38.38 -27.84
C HIS T 92 4.31 -36.92 -28.21
N PHE T 93 4.00 -36.68 -29.48
CA PHE T 93 3.68 -35.34 -29.98
C PHE T 93 2.29 -34.94 -29.50
N TYR T 94 2.17 -33.80 -28.81
CA TYR T 94 0.93 -33.40 -28.15
C TYR T 94 0.48 -32.00 -28.59
N PRO T 95 0.05 -31.85 -29.84
CA PRO T 95 -0.50 -30.56 -30.27
C PRO T 95 -1.91 -30.35 -29.71
N ILE T 96 -2.40 -29.10 -29.87
CA ILE T 96 -3.72 -28.78 -29.35
C ILE T 96 -4.78 -29.74 -29.89
N TRP T 97 -4.69 -30.08 -31.18
CA TRP T 97 -5.75 -30.89 -31.79
C TRP T 97 -5.69 -32.35 -31.41
N GLU T 98 -4.68 -32.76 -30.61
CA GLU T 98 -4.69 -34.09 -30.01
C GLU T 98 -5.52 -34.16 -28.74
N ALA T 99 -5.82 -33.02 -28.13
CA ALA T 99 -6.57 -33.02 -26.88
C ALA T 99 -8.06 -33.01 -27.16
N ALA T 100 -8.83 -33.58 -26.22
CA ALA T 100 -10.28 -33.52 -26.35
C ALA T 100 -10.82 -32.12 -26.12
N SER T 101 -10.05 -31.27 -25.45
CA SER T 101 -10.49 -29.93 -25.09
C SER T 101 -9.25 -29.14 -24.65
N LEU T 102 -9.39 -27.81 -24.67
CA LEU T 102 -8.34 -26.97 -24.08
C LEU T 102 -8.12 -27.30 -22.61
N ASP T 103 -9.19 -27.65 -21.88
CA ASP T 103 -9.05 -28.00 -20.47
C ASP T 103 -8.11 -29.19 -20.31
N GLU T 104 -8.28 -30.24 -21.11
CA GLU T 104 -7.35 -31.37 -21.06
C GLU T 104 -5.94 -30.94 -21.47
N TRP T 105 -5.84 -30.19 -22.57
CA TRP T 105 -4.53 -29.74 -23.06
C TRP T 105 -3.76 -28.99 -21.98
N LEU T 106 -4.43 -28.10 -21.25
CA LEU T 106 -3.76 -27.31 -20.22
C LEU T 106 -3.32 -28.17 -19.04
N TYR T 107 -4.19 -29.09 -18.61
CA TYR T 107 -3.85 -30.00 -17.51
C TYR T 107 -2.59 -30.82 -17.82
N ASN T 108 -2.44 -31.23 -19.07
CA ASN T 108 -1.36 -32.14 -19.44
C ASN T 108 -0.09 -31.44 -19.91
N GLY T 109 -0.01 -30.11 -19.83
CA GLY T 109 1.19 -29.40 -20.21
C GLY T 109 1.37 -29.13 -21.69
N GLY T 110 0.29 -29.08 -22.47
CA GLY T 110 0.35 -28.72 -23.87
C GLY T 110 1.12 -27.45 -24.21
N PRO T 111 0.87 -26.33 -23.50
CA PRO T 111 1.59 -25.09 -23.85
C PRO T 111 3.10 -25.28 -23.91
N TYR T 112 3.66 -26.08 -23.00
CA TYR T 112 5.12 -26.27 -22.96
C TYR T 112 5.63 -26.80 -24.30
N GLN T 113 4.99 -27.85 -24.83
CA GLN T 113 5.43 -28.39 -26.11
C GLN T 113 5.28 -27.36 -27.22
N LEU T 114 4.14 -26.65 -27.25
CA LEU T 114 3.94 -25.64 -28.27
C LEU T 114 5.07 -24.60 -28.24
N ILE T 115 5.40 -24.13 -27.04
CA ILE T 115 6.41 -23.09 -26.89
C ILE T 115 7.79 -23.60 -27.29
N ILE T 116 8.23 -24.75 -26.74
CA ILE T 116 9.62 -25.11 -27.00
C ILE T 116 9.82 -25.52 -28.47
N PHE T 117 8.84 -26.15 -29.12
CA PHE T 117 9.07 -26.54 -30.50
C PHE T 117 9.11 -25.31 -31.42
N HIS T 118 8.19 -24.35 -31.21
CA HIS T 118 8.24 -23.10 -31.99
C HIS T 118 9.51 -22.33 -31.65
N PHE T 119 9.90 -22.30 -30.37
CA PHE T 119 11.11 -21.58 -30.01
C PHE T 119 12.35 -22.19 -30.68
N LEU T 120 12.48 -23.52 -30.61
CA LEU T 120 13.69 -24.13 -31.19
C LEU T 120 13.75 -23.93 -32.69
N LEU T 121 12.61 -24.03 -33.39
CA LEU T 121 12.61 -23.76 -34.82
CA LEU T 121 12.62 -23.77 -34.82
C LEU T 121 12.94 -22.30 -35.10
N GLY T 122 12.28 -21.39 -34.38
CA GLY T 122 12.55 -19.97 -34.59
C GLY T 122 13.98 -19.59 -34.31
N ALA T 123 14.58 -20.18 -33.26
CA ALA T 123 15.95 -19.84 -32.89
C ALA T 123 16.97 -20.42 -33.87
N SER T 124 16.70 -21.61 -34.42
CA SER T 124 17.54 -22.13 -35.48
C SER T 124 17.49 -21.23 -36.71
N CYS T 125 16.31 -20.70 -37.02
CA CYS T 125 16.21 -19.76 -38.14
C CYS T 125 16.89 -18.44 -37.82
N TYR T 126 16.82 -18.00 -36.56
CA TYR T 126 17.61 -16.85 -36.13
C TYR T 126 19.09 -17.04 -36.49
N MET T 127 19.61 -18.24 -36.29
CA MET T 127 21.01 -18.53 -36.63
C MET T 127 21.24 -18.44 -38.15
N GLY T 128 20.34 -19.04 -38.94
CA GLY T 128 20.49 -18.93 -40.39
C GLY T 128 20.36 -17.49 -40.87
N ARG T 129 19.46 -16.74 -40.24
CA ARG T 129 19.28 -15.34 -40.57
C ARG T 129 20.57 -14.55 -40.34
N GLN T 130 21.29 -14.86 -39.26
CA GLN T 130 22.59 -14.24 -39.06
C GLN T 130 23.55 -14.57 -40.22
N TRP T 131 23.56 -15.83 -40.69
CA TRP T 131 24.36 -16.11 -41.89
C TRP T 131 23.84 -15.29 -43.06
N GLU T 132 22.51 -15.26 -43.24
CA GLU T 132 21.94 -14.67 -44.45
C GLU T 132 22.28 -13.20 -44.56
N LEU T 133 22.05 -12.42 -43.50
CA LEU T 133 22.31 -10.98 -43.60
C LEU T 133 23.80 -10.68 -43.79
N SER T 134 24.67 -11.45 -43.12
CA SER T 134 26.11 -11.23 -43.29
C SER T 134 26.50 -11.42 -44.75
N TYR T 135 25.89 -12.41 -45.41
CA TYR T 135 26.12 -12.63 -46.84
C TYR T 135 25.64 -11.44 -47.65
N ARG T 136 24.43 -10.94 -47.35
CA ARG T 136 23.85 -9.82 -48.09
C ARG T 136 24.65 -8.55 -47.87
N LEU T 137 25.25 -8.39 -46.69
CA LEU T 137 26.03 -7.19 -46.42
C LEU T 137 27.49 -7.32 -46.87
N GLY T 138 27.86 -8.45 -47.45
CA GLY T 138 29.25 -8.65 -47.84
C GLY T 138 30.21 -8.88 -46.68
N MET T 139 29.71 -9.35 -45.54
CA MET T 139 30.55 -9.66 -44.38
C MET T 139 31.08 -11.07 -44.48
N ARG T 140 32.03 -11.39 -43.59
CA ARG T 140 32.43 -12.77 -43.38
C ARG T 140 31.34 -13.49 -42.57
N PRO T 141 31.28 -14.82 -42.65
CA PRO T 141 30.02 -15.52 -42.34
C PRO T 141 29.83 -16.06 -40.93
N TRP T 142 30.80 -15.99 -40.02
CA TRP T 142 30.82 -16.93 -38.90
C TRP T 142 30.21 -16.41 -37.59
N ILE T 143 29.58 -15.24 -37.58
CA ILE T 143 28.85 -14.82 -36.38
C ILE T 143 27.84 -15.89 -35.98
N CYS T 144 27.19 -16.51 -36.98
CA CYS T 144 26.21 -17.54 -36.69
C CYS T 144 26.85 -18.75 -35.99
N VAL T 145 28.14 -18.98 -36.22
CA VAL T 145 28.84 -20.08 -35.56
C VAL T 145 29.00 -19.78 -34.06
N ALA T 146 29.28 -18.53 -33.72
CA ALA T 146 29.34 -18.13 -32.32
C ALA T 146 27.99 -18.36 -31.63
N TYR T 147 26.91 -17.96 -32.30
CA TYR T 147 25.57 -18.14 -31.76
C TYR T 147 25.18 -19.61 -31.65
N SER T 148 25.84 -20.49 -32.41
CA SER T 148 25.51 -21.91 -32.28
C SER T 148 25.81 -22.44 -30.89
N ALA T 149 26.65 -21.74 -30.10
CA ALA T 149 26.94 -22.24 -28.76
C ALA T 149 25.74 -22.08 -27.82
N PRO T 150 25.18 -20.88 -27.61
CA PRO T 150 23.93 -20.82 -26.81
C PRO T 150 22.79 -21.62 -27.43
N LEU T 151 22.67 -21.62 -28.76
CA LEU T 151 21.60 -22.37 -29.40
C LEU T 151 21.72 -23.86 -29.11
N ALA T 152 22.94 -24.40 -29.24
CA ALA T 152 23.18 -25.81 -28.90
C ALA T 152 22.79 -26.10 -27.47
N SER T 153 23.05 -25.15 -26.57
CA SER T 153 22.69 -25.34 -25.16
C SER T 153 21.17 -25.39 -24.98
N ALA T 154 20.43 -24.55 -25.72
CA ALA T 154 18.98 -24.59 -25.60
C ALA T 154 18.43 -25.91 -26.14
N PHE T 155 18.95 -26.38 -27.29
CA PHE T 155 18.58 -27.71 -27.78
C PHE T 155 18.87 -28.78 -26.73
N ALA T 156 19.98 -28.67 -26.01
CA ALA T 156 20.33 -29.71 -25.05
C ALA T 156 19.27 -29.83 -23.97
N VAL T 157 18.84 -28.70 -23.38
CA VAL T 157 17.97 -28.80 -22.22
C VAL T 157 16.49 -28.92 -22.58
N PHE T 158 16.11 -28.56 -23.82
CA PHE T 158 14.71 -28.64 -24.21
C PHE T 158 14.39 -29.84 -25.09
N LEU T 159 15.38 -30.42 -25.77
CA LEU T 159 15.07 -31.50 -26.72
C LEU T 159 15.92 -32.74 -26.49
N ILE T 160 17.25 -32.60 -26.48
CA ILE T 160 18.09 -33.78 -26.43
C ILE T 160 17.94 -34.51 -25.10
N TYR T 161 18.01 -33.77 -23.99
CA TYR T 161 17.87 -34.43 -22.69
C TYR T 161 16.52 -35.12 -22.57
N PRO T 162 15.38 -34.49 -22.92
CA PRO T 162 14.12 -35.26 -22.95
C PRO T 162 14.16 -36.51 -23.82
N ILE T 163 14.80 -36.45 -25.00
CA ILE T 163 14.86 -37.63 -25.86
C ILE T 163 15.60 -38.76 -25.15
N GLY T 164 16.78 -38.44 -24.59
CA GLY T 164 17.55 -39.47 -23.92
C GLY T 164 16.80 -40.09 -22.75
N GLN T 165 16.09 -39.27 -21.98
CA GLN T 165 15.39 -39.77 -20.81
C GLN T 165 13.98 -40.26 -21.13
N GLY T 166 13.51 -40.07 -22.35
CA GLY T 166 12.22 -40.59 -22.75
C GLY T 166 11.02 -39.71 -22.42
N SER T 167 11.22 -38.44 -22.05
CA SER T 167 10.05 -37.65 -21.70
C SER T 167 10.35 -36.16 -21.71
N PHE T 168 9.44 -35.40 -22.31
CA PHE T 168 9.50 -33.95 -22.20
C PHE T 168 9.23 -33.45 -20.79
N SER T 169 8.70 -34.29 -19.89
CA SER T 169 8.57 -33.89 -18.49
C SER T 169 9.93 -33.70 -17.82
N ASP T 170 11.00 -34.21 -18.42
CA ASP T 170 12.35 -33.96 -17.90
C ASP T 170 13.08 -32.87 -18.67
N GLY T 171 12.40 -32.18 -19.59
CA GLY T 171 12.97 -30.99 -20.19
C GLY T 171 13.00 -29.83 -19.21
N MET T 172 13.88 -28.85 -19.48
CA MET T 172 14.03 -27.77 -18.51
C MET T 172 12.74 -26.95 -18.47
N PRO T 173 12.18 -26.67 -17.30
CA PRO T 173 10.98 -25.82 -17.23
C PRO T 173 11.26 -24.40 -17.65
N LEU T 174 10.21 -23.72 -18.15
CA LEU T 174 10.34 -22.33 -18.61
C LEU T 174 10.05 -21.38 -17.44
N GLY T 175 10.97 -21.36 -16.49
CA GLY T 175 10.83 -20.48 -15.35
C GLY T 175 12.08 -20.49 -14.51
N ILE T 176 12.15 -19.50 -13.62
CA ILE T 176 13.38 -19.26 -12.86
C ILE T 176 13.63 -20.35 -11.82
N SER T 177 12.64 -20.60 -10.94
CA SER T 177 12.80 -21.68 -9.96
C SER T 177 12.76 -23.05 -10.63
N GLY T 178 11.98 -23.20 -11.70
CA GLY T 178 11.98 -24.45 -12.43
C GLY T 178 13.35 -24.78 -13.01
N THR T 179 14.10 -23.76 -13.44
CA THR T 179 15.48 -23.98 -13.89
C THR T 179 16.33 -24.56 -12.76
N PHE T 180 16.21 -23.99 -11.55
CA PHE T 180 17.00 -24.50 -10.43
C PHE T 180 16.63 -25.94 -10.11
N ASN T 181 15.34 -26.28 -10.20
CA ASN T 181 14.89 -27.66 -9.99
C ASN T 181 15.56 -28.59 -10.99
N PHE T 182 15.57 -28.19 -12.25
CA PHE T 182 16.25 -28.96 -13.28
C PHE T 182 17.73 -29.16 -12.93
N MET T 183 18.40 -28.10 -12.46
CA MET T 183 19.84 -28.22 -12.17
C MET T 183 20.10 -29.16 -11.01
N ILE T 184 19.29 -29.07 -9.94
CA ILE T 184 19.52 -29.88 -8.74
C ILE T 184 19.23 -31.35 -9.02
N VAL T 185 18.12 -31.63 -9.73
CA VAL T 185 17.82 -33.01 -10.08
C VAL T 185 18.91 -33.55 -11.00
N PHE T 186 19.41 -32.71 -11.91
CA PHE T 186 20.47 -33.12 -12.83
C PHE T 186 21.73 -33.53 -12.07
N GLN T 187 22.10 -32.76 -11.03
CA GLN T 187 23.27 -33.10 -10.23
C GLN T 187 23.08 -34.43 -9.50
N ALA T 188 21.88 -34.67 -8.97
CA ALA T 188 21.59 -35.93 -8.29
C ALA T 188 21.72 -37.12 -9.22
N GLU T 189 21.29 -36.97 -10.47
CA GLU T 189 21.20 -38.09 -11.37
C GLU T 189 22.40 -38.25 -12.30
N HIS T 190 23.25 -37.23 -12.42
CA HIS T 190 24.39 -37.31 -13.34
C HIS T 190 25.71 -36.82 -12.74
N ASN T 191 25.72 -36.28 -11.52
CA ASN T 191 26.92 -35.69 -10.91
C ASN T 191 27.61 -34.74 -11.90
N ILE T 192 26.82 -33.81 -12.44
CA ILE T 192 27.32 -32.98 -13.54
C ILE T 192 28.54 -32.14 -13.10
N LEU T 193 28.61 -31.76 -11.82
CA LEU T 193 29.77 -31.00 -11.36
C LEU T 193 31.07 -31.78 -11.62
N MET T 194 31.03 -33.10 -11.48
CA MET T 194 32.21 -33.92 -11.69
C MET T 194 32.39 -34.34 -13.15
N HIS T 195 31.65 -33.72 -14.09
CA HIS T 195 31.82 -34.06 -15.50
C HIS T 195 32.76 -33.05 -16.18
N PRO T 196 33.78 -33.51 -16.91
CA PRO T 196 34.75 -32.55 -17.47
C PRO T 196 34.15 -31.60 -18.49
N PHE T 197 33.07 -31.99 -19.18
CA PHE T 197 32.47 -31.08 -20.16
C PHE T 197 31.77 -29.91 -19.46
N HIS T 198 31.14 -30.16 -18.30
CA HIS T 198 30.60 -29.04 -17.54
C HIS T 198 31.72 -28.19 -16.98
N GLN T 199 32.81 -28.82 -16.52
CA GLN T 199 33.95 -28.05 -16.04
C GLN T 199 34.52 -27.16 -17.14
N LEU T 200 34.57 -27.68 -18.37
CA LEU T 200 34.96 -26.83 -19.51
C LEU T 200 33.95 -25.70 -19.71
N GLY T 201 32.66 -26.01 -19.51
CA GLY T 201 31.65 -24.96 -19.58
C GLY T 201 31.94 -23.83 -18.61
N VAL T 202 32.25 -24.18 -17.37
CA VAL T 202 32.54 -23.18 -16.35
C VAL T 202 33.76 -22.36 -16.75
N ALA T 203 34.83 -23.06 -17.19
CA ALA T 203 36.01 -22.36 -17.70
C ALA T 203 35.63 -21.43 -18.84
N GLY T 204 34.67 -21.85 -19.66
CA GLY T 204 34.23 -20.99 -20.75
C GLY T 204 33.57 -19.70 -20.28
N VAL T 205 32.64 -19.79 -19.32
CA VAL T 205 31.91 -18.59 -18.92
C VAL T 205 32.67 -17.78 -17.85
N PHE T 206 33.36 -18.43 -16.91
CA PHE T 206 34.30 -17.71 -16.03
C PHE T 206 35.37 -17.03 -16.88
N GLY T 207 35.95 -17.76 -17.85
CA GLY T 207 36.96 -17.17 -18.71
C GLY T 207 36.39 -16.10 -19.64
N GLY T 208 35.19 -16.34 -20.19
CA GLY T 208 34.57 -15.32 -21.00
C GLY T 208 34.34 -14.03 -20.24
N ALA T 209 33.86 -14.14 -19.00
CA ALA T 209 33.64 -12.95 -18.17
C ALA T 209 34.95 -12.27 -17.82
N LEU T 210 35.97 -13.05 -17.46
CA LEU T 210 37.30 -12.50 -17.20
C LEU T 210 37.83 -11.72 -18.41
N PHE T 211 37.82 -12.34 -19.58
CA PHE T 211 38.42 -11.67 -20.74
C PHE T 211 37.57 -10.49 -21.20
N CYS T 212 36.25 -10.58 -21.03
CA CYS T 212 35.39 -9.43 -21.25
C CYS T 212 35.86 -8.23 -20.44
N ALA T 213 36.01 -8.42 -19.13
CA ALA T 213 36.46 -7.34 -18.25
C ALA T 213 37.86 -6.89 -18.62
N MET T 214 38.73 -7.84 -18.95
CA MET T 214 40.11 -7.54 -19.28
C MET T 214 40.19 -6.68 -20.54
N HIS T 215 39.56 -7.14 -21.63
CA HIS T 215 39.58 -6.38 -22.88
C HIS T 215 38.94 -5.00 -22.69
N GLY T 216 37.77 -4.95 -22.06
CA GLY T 216 37.18 -3.67 -21.76
C GLY T 216 38.10 -2.75 -20.99
N SER T 217 38.76 -3.27 -19.96
CA SER T 217 39.61 -2.41 -19.14
C SER T 217 40.84 -1.96 -19.92
N LEU T 218 41.42 -2.84 -20.75
CA LEU T 218 42.65 -2.46 -21.46
C LEU T 218 42.37 -1.42 -22.54
N VAL T 219 41.30 -1.58 -23.32
CA VAL T 219 40.98 -0.58 -24.33
C VAL T 219 40.61 0.74 -23.67
N THR T 220 39.75 0.69 -22.65
CA THR T 220 39.38 1.91 -21.92
C THR T 220 40.62 2.58 -21.33
N SER T 221 41.58 1.79 -20.83
CA SER T 221 42.80 2.37 -20.26
CA SER T 221 42.79 2.37 -20.25
C SER T 221 43.58 3.17 -21.27
N SER T 222 43.45 2.87 -22.56
CA SER T 222 44.32 3.42 -23.59
CA SER T 222 44.32 3.42 -23.59
C SER T 222 43.59 4.32 -24.58
N LEU T 223 42.42 4.84 -24.20
CA LEU T 223 41.73 5.79 -25.07
C LEU T 223 42.62 7.01 -25.31
N ILE T 224 42.70 7.44 -26.56
CA ILE T 224 43.47 8.64 -26.89
C ILE T 224 42.70 9.87 -26.44
N ARG T 225 43.42 10.85 -25.87
CA ARG T 225 42.75 12.02 -25.31
C ARG T 225 42.12 12.86 -26.41
N GLU T 226 40.79 12.99 -26.37
CA GLU T 226 40.04 13.77 -27.35
C GLU T 226 39.01 14.67 -26.69
N THR T 227 38.97 14.72 -25.36
CA THR T 227 37.91 15.39 -24.63
C THR T 227 38.51 16.19 -23.48
N THR T 228 37.70 17.07 -22.90
CA THR T 228 38.08 17.84 -21.73
C THR T 228 37.66 17.10 -20.45
N GLU T 229 38.02 17.66 -19.29
CA GLU T 229 37.79 16.97 -18.02
C GLU T 229 36.32 16.84 -17.66
N THR T 230 35.43 17.68 -18.22
CA THR T 230 34.04 17.64 -17.79
C THR T 230 33.21 16.65 -18.59
N GLU T 231 33.37 16.64 -19.92
CA GLU T 231 32.52 15.81 -20.78
C GLU T 231 32.91 14.33 -20.69
N SER T 232 31.96 13.48 -21.07
CA SER T 232 32.22 12.05 -21.17
C SER T 232 33.29 11.79 -22.23
N ALA T 233 34.20 10.86 -21.93
CA ALA T 233 35.25 10.48 -22.87
C ALA T 233 34.70 9.79 -24.12
N ASN T 234 33.47 9.22 -24.04
CA ASN T 234 32.85 8.58 -25.19
C ASN T 234 32.64 9.55 -26.35
N TYR T 235 32.50 10.85 -26.04
CA TYR T 235 32.39 11.86 -27.09
C TYR T 235 33.65 11.95 -27.92
N GLY T 236 34.77 11.41 -27.41
CA GLY T 236 36.02 11.36 -28.16
C GLY T 236 36.04 10.38 -29.32
N TYR T 237 35.00 9.57 -29.45
CA TYR T 237 34.85 8.67 -30.59
C TYR T 237 33.61 9.08 -31.38
N LYS T 238 33.77 9.21 -32.69
CA LYS T 238 32.67 9.49 -33.59
C LYS T 238 32.37 8.25 -34.43
N PHE T 239 31.09 7.87 -34.46
CA PHE T 239 30.65 6.69 -35.19
C PHE T 239 31.12 6.75 -36.65
N GLY T 240 31.83 5.71 -37.07
CA GLY T 240 32.31 5.61 -38.44
C GLY T 240 33.64 6.26 -38.74
N GLN T 241 34.34 6.79 -37.73
CA GLN T 241 35.66 7.37 -37.97
C GLN T 241 36.65 6.31 -38.42
N GLU T 242 37.62 6.75 -39.24
CA GLU T 242 38.57 5.81 -39.81
C GLU T 242 39.68 5.43 -38.83
N GLU T 243 40.02 6.32 -37.90
CA GLU T 243 41.10 6.06 -36.97
C GLU T 243 40.61 5.24 -35.79
N GLU T 244 41.42 4.25 -35.39
CA GLU T 244 41.12 3.54 -34.16
C GLU T 244 41.19 4.51 -32.99
N THR T 245 40.35 4.27 -31.98
CA THR T 245 40.12 5.26 -30.93
C THR T 245 41.01 5.05 -29.71
N TYR T 246 41.80 3.98 -29.68
CA TYR T 246 42.71 3.68 -28.58
C TYR T 246 44.07 3.24 -29.13
N ASN T 247 45.07 3.31 -28.27
CA ASN T 247 46.46 2.96 -28.60
C ASN T 247 46.74 1.54 -28.10
N ILE T 248 46.63 0.56 -28.99
CA ILE T 248 46.84 -0.84 -28.57
C ILE T 248 48.30 -1.09 -28.18
N VAL T 249 49.24 -0.33 -28.74
CA VAL T 249 50.64 -0.48 -28.34
C VAL T 249 50.81 -0.11 -26.87
N ALA T 250 50.12 0.95 -26.42
CA ALA T 250 50.17 1.33 -25.01
C ALA T 250 49.50 0.28 -24.13
N ALA T 251 48.35 -0.25 -24.57
CA ALA T 251 47.65 -1.24 -23.78
C ALA T 251 48.52 -2.47 -23.54
N HIS T 252 49.18 -2.95 -24.59
CA HIS T 252 50.01 -4.15 -24.49
C HIS T 252 51.37 -3.87 -23.84
N GLY T 253 51.89 -2.64 -23.94
CA GLY T 253 53.05 -2.29 -23.13
C GLY T 253 52.73 -2.37 -21.65
N TYR T 254 51.48 -2.07 -21.28
CA TYR T 254 51.02 -2.31 -19.91
C TYR T 254 50.88 -3.80 -19.64
N PHE T 255 50.17 -4.50 -20.53
CA PHE T 255 49.81 -5.88 -20.24
C PHE T 255 51.03 -6.79 -20.23
N GLY T 256 51.98 -6.53 -21.14
CA GLY T 256 53.21 -7.31 -21.16
C GLY T 256 54.06 -7.13 -19.92
N ARG T 257 54.00 -5.95 -19.29
CA ARG T 257 54.69 -5.82 -18.01
C ARG T 257 53.86 -6.39 -16.86
N LEU T 258 52.54 -6.45 -17.00
CA LEU T 258 51.72 -7.02 -15.93
C LEU T 258 51.99 -8.51 -15.76
N ILE T 259 52.07 -9.25 -16.86
CA ILE T 259 52.43 -10.66 -16.84
C ILE T 259 53.91 -10.78 -17.25
N PHE T 260 54.15 -11.14 -18.51
CA PHE T 260 55.47 -11.03 -19.11
C PHE T 260 55.30 -10.71 -20.59
N GLN T 261 56.41 -10.30 -21.21
CA GLN T 261 56.37 -9.63 -22.51
C GLN T 261 55.59 -10.44 -23.56
N TYR T 262 55.79 -11.75 -23.59
CA TYR T 262 55.19 -12.56 -24.64
C TYR T 262 53.77 -13.00 -24.35
N ALA T 263 53.24 -12.75 -23.14
CA ALA T 263 51.90 -13.20 -22.80
C ALA T 263 50.80 -12.41 -23.50
N SER T 264 51.14 -11.39 -24.27
CA SER T 264 50.17 -10.46 -24.82
C SER T 264 49.78 -10.82 -26.24
N PHE T 265 48.52 -10.53 -26.59
CA PHE T 265 48.04 -10.61 -27.97
C PHE T 265 48.30 -9.26 -28.59
N ASN T 266 49.40 -9.12 -29.33
CA ASN T 266 49.68 -7.85 -29.97
C ASN T 266 48.81 -7.67 -31.20
N ASN T 267 48.45 -8.75 -31.86
CA ASN T 267 47.64 -8.72 -33.06
C ASN T 267 46.18 -8.62 -32.66
N SER T 268 45.55 -7.48 -32.97
CA SER T 268 44.15 -7.30 -32.59
C SER T 268 43.26 -8.38 -33.19
N ARG T 269 43.60 -8.88 -34.39
CA ARG T 269 42.78 -9.91 -35.00
C ARG T 269 42.89 -11.24 -34.24
N SER T 270 44.10 -11.62 -33.81
CA SER T 270 44.24 -12.78 -32.93
C SER T 270 43.55 -12.55 -31.59
N LEU T 271 43.71 -11.34 -31.02
CA LEU T 271 43.04 -11.02 -29.77
C LEU T 271 41.53 -11.22 -29.91
N HIS T 272 40.93 -10.66 -30.95
CA HIS T 272 39.47 -10.73 -31.05
C HIS T 272 39.03 -12.13 -31.45
N PHE T 273 39.84 -12.88 -32.22
CA PHE T 273 39.51 -14.29 -32.46
C PHE T 273 39.48 -15.07 -31.14
N PHE T 274 40.47 -14.86 -30.28
CA PHE T 274 40.50 -15.55 -29.00
C PHE T 274 39.29 -15.20 -28.15
N LEU T 275 38.91 -13.91 -28.15
CA LEU T 275 37.72 -13.50 -27.40
C LEU T 275 36.49 -14.24 -27.88
N ALA T 276 36.39 -14.48 -29.18
CA ALA T 276 35.28 -15.28 -29.69
C ALA T 276 35.43 -16.75 -29.30
N ALA T 277 36.63 -17.31 -29.50
CA ALA T 277 36.79 -18.76 -29.44
C ALA T 277 36.66 -19.31 -28.02
N TRP T 278 37.27 -18.64 -27.02
CA TRP T 278 37.29 -19.22 -25.68
C TRP T 278 35.89 -19.47 -25.13
N PRO T 279 34.98 -18.48 -25.05
CA PRO T 279 33.65 -18.80 -24.50
C PRO T 279 32.83 -19.69 -25.42
N VAL T 280 32.94 -19.52 -26.74
CA VAL T 280 32.16 -20.35 -27.66
C VAL T 280 32.55 -21.82 -27.51
N VAL T 281 33.85 -22.11 -27.44
CA VAL T 281 34.29 -23.51 -27.31
C VAL T 281 33.86 -24.06 -25.95
N GLY T 282 34.09 -23.32 -24.88
CA GLY T 282 33.64 -23.77 -23.57
C GLY T 282 32.15 -24.07 -23.52
N VAL T 283 31.34 -23.21 -24.15
CA VAL T 283 29.88 -23.43 -24.11
C VAL T 283 29.46 -24.57 -25.03
N TRP T 284 30.20 -24.80 -26.13
CA TRP T 284 30.01 -26.02 -26.93
C TRP T 284 30.14 -27.25 -26.04
N PHE T 285 31.19 -27.29 -25.23
CA PHE T 285 31.38 -28.44 -24.36
C PHE T 285 30.30 -28.51 -23.28
N ALA T 286 29.85 -27.36 -22.75
CA ALA T 286 28.72 -27.40 -21.80
C ALA T 286 27.50 -28.04 -22.44
N ALA T 287 27.14 -27.60 -23.64
CA ALA T 287 26.02 -28.19 -24.36
C ALA T 287 26.23 -29.68 -24.59
N LEU T 288 27.46 -30.07 -24.94
CA LEU T 288 27.74 -31.48 -25.17
C LEU T 288 27.69 -32.29 -23.88
N GLY T 289 28.04 -31.66 -22.74
CA GLY T 289 27.84 -32.30 -21.45
C GLY T 289 26.39 -32.70 -21.21
N ILE T 290 25.48 -31.73 -21.32
CA ILE T 290 24.06 -32.01 -21.16
C ILE T 290 23.60 -33.05 -22.18
N SER T 291 24.03 -32.92 -23.43
CA SER T 291 23.58 -33.80 -24.50
C SER T 291 24.14 -35.21 -24.40
N THR T 292 25.22 -35.42 -23.64
CA THR T 292 25.74 -36.77 -23.47
C THR T 292 25.35 -37.37 -22.13
N MET T 293 25.24 -36.55 -21.08
CA MET T 293 24.58 -37.05 -19.89
C MET T 293 23.11 -37.37 -20.18
N ALA T 294 22.56 -36.83 -21.27
CA ALA T 294 21.24 -37.22 -21.75
C ALA T 294 21.14 -38.73 -22.01
N PHE T 295 22.25 -39.37 -22.33
CA PHE T 295 22.31 -40.81 -22.53
C PHE T 295 23.08 -41.47 -21.39
N ASN T 296 23.09 -40.80 -20.23
CA ASN T 296 23.54 -41.34 -18.95
C ASN T 296 25.02 -41.74 -18.96
N LEU T 297 25.86 -41.04 -19.71
CA LEU T 297 27.31 -41.15 -19.48
C LEU T 297 27.65 -40.00 -18.55
N ASN T 298 27.84 -40.32 -17.26
CA ASN T 298 27.75 -39.31 -16.21
C ASN T 298 29.13 -38.84 -15.75
N GLY T 299 29.12 -37.89 -14.81
CA GLY T 299 30.35 -37.36 -14.25
C GLY T 299 31.16 -38.43 -13.53
N PHE T 300 32.44 -38.11 -13.28
CA PHE T 300 33.32 -39.05 -12.59
C PHE T 300 32.71 -39.48 -11.25
N ASN T 301 32.91 -40.76 -10.92
CA ASN T 301 32.40 -41.37 -9.70
C ASN T 301 33.61 -41.89 -8.93
N PHE T 302 34.01 -41.17 -7.88
CA PHE T 302 35.07 -41.62 -6.97
C PHE T 302 34.51 -41.98 -5.60
N ASN T 303 33.27 -42.46 -5.55
CA ASN T 303 32.62 -42.86 -4.30
C ASN T 303 33.31 -44.10 -3.75
N HIS T 304 33.92 -43.96 -2.56
CA HIS T 304 34.66 -45.02 -1.88
C HIS T 304 35.93 -45.42 -2.64
N SER T 305 36.50 -44.47 -3.40
CA SER T 305 37.71 -44.78 -4.17
C SER T 305 38.92 -44.98 -3.28
N VAL T 306 38.96 -44.37 -2.10
CA VAL T 306 40.12 -44.46 -1.21
C VAL T 306 39.79 -45.39 -0.05
N ILE T 307 40.65 -46.40 0.15
CA ILE T 307 40.44 -47.51 1.08
C ILE T 307 41.70 -47.66 1.92
N ASP T 308 41.56 -47.89 3.22
CA ASP T 308 42.77 -48.07 4.03
C ASP T 308 43.24 -49.52 3.96
N ALA T 309 44.32 -49.82 4.69
CA ALA T 309 44.94 -51.15 4.57
C ALA T 309 43.99 -52.27 5.00
N LYS T 310 43.12 -52.02 5.99
CA LYS T 310 42.17 -53.04 6.40
C LYS T 310 41.00 -53.18 5.43
N GLY T 311 40.69 -52.11 4.71
CA GLY T 311 39.49 -52.08 3.90
C GLY T 311 38.48 -51.06 4.36
N ASN T 312 38.72 -50.30 5.43
CA ASN T 312 37.83 -49.20 5.75
C ASN T 312 37.83 -48.18 4.61
N VAL T 313 36.65 -47.66 4.29
CA VAL T 313 36.56 -46.54 3.36
C VAL T 313 37.06 -45.28 4.05
N ILE T 314 38.00 -44.59 3.40
CA ILE T 314 38.46 -43.27 3.80
C ILE T 314 37.79 -42.26 2.87
N ASN T 315 36.85 -41.49 3.42
CA ASN T 315 36.11 -40.53 2.60
C ASN T 315 37.02 -39.44 2.03
N THR T 316 36.66 -38.97 0.84
CA THR T 316 37.20 -37.74 0.25
C THR T 316 36.06 -36.75 0.04
N TRP T 317 36.42 -35.58 -0.47
CA TRP T 317 35.39 -34.60 -0.81
C TRP T 317 34.39 -35.16 -1.82
N ALA T 318 34.81 -36.10 -2.68
CA ALA T 318 33.86 -36.73 -3.58
C ALA T 318 32.76 -37.46 -2.81
N ASP T 319 33.11 -38.10 -1.68
CA ASP T 319 32.10 -38.80 -0.91
C ASP T 319 31.11 -37.84 -0.25
N ILE T 320 31.57 -36.65 0.15
CA ILE T 320 30.65 -35.64 0.69
C ILE T 320 29.69 -35.17 -0.39
N ILE T 321 30.20 -34.91 -1.60
CA ILE T 321 29.33 -34.58 -2.73
C ILE T 321 28.25 -35.66 -2.88
N ASN T 322 28.68 -36.93 -2.81
CA ASN T 322 27.74 -38.03 -2.93
C ASN T 322 26.63 -37.96 -1.85
N ARG T 323 26.98 -37.58 -0.62
CA ARG T 323 25.95 -37.47 0.43
C ARG T 323 24.93 -36.39 0.08
N ALA T 324 25.39 -35.25 -0.46
CA ALA T 324 24.45 -34.23 -0.89
C ALA T 324 23.59 -34.72 -2.05
N ASN T 325 24.22 -35.39 -3.04
CA ASN T 325 23.48 -35.95 -4.17
C ASN T 325 22.40 -36.92 -3.70
N LEU T 326 22.71 -37.74 -2.69
CA LEU T 326 21.72 -38.67 -2.17
C LEU T 326 20.50 -37.94 -1.62
N GLY T 327 20.72 -36.88 -0.85
CA GLY T 327 19.59 -36.10 -0.33
C GLY T 327 18.69 -35.56 -1.42
N MET T 328 19.29 -35.10 -2.53
CA MET T 328 18.51 -34.65 -3.69
C MET T 328 17.74 -35.82 -4.30
N GLU T 329 18.43 -36.92 -4.51
CA GLU T 329 17.84 -38.08 -5.18
C GLU T 329 16.63 -38.60 -4.42
N VAL T 330 16.76 -38.82 -3.11
CA VAL T 330 15.65 -39.47 -2.41
C VAL T 330 14.45 -38.55 -2.28
N MET T 331 14.63 -37.23 -2.35
CA MET T 331 13.50 -36.34 -2.16
C MET T 331 12.80 -35.95 -3.45
N HIS T 332 13.47 -35.98 -4.60
CA HIS T 332 12.88 -35.41 -5.81
C HIS T 332 11.70 -36.27 -6.28
N GLU T 333 10.65 -35.61 -6.74
CA GLU T 333 9.44 -36.29 -7.23
C GLU T 333 9.01 -37.40 -6.26
N ARG T 334 8.75 -36.96 -5.02
CA ARG T 334 8.63 -37.86 -3.88
C ARG T 334 7.51 -38.88 -4.01
N ASN T 335 6.55 -38.67 -4.91
CA ASN T 335 5.46 -39.63 -5.05
C ASN T 335 5.50 -40.41 -6.36
N ALA T 336 6.54 -40.23 -7.18
CA ALA T 336 6.56 -40.77 -8.54
C ALA T 336 7.19 -42.15 -8.68
N HIS T 337 8.04 -42.57 -7.74
CA HIS T 337 8.80 -43.82 -7.90
C HIS T 337 8.18 -44.93 -7.06
N ASN T 338 7.94 -46.10 -7.69
CA ASN T 338 7.44 -47.27 -6.98
C ASN T 338 8.48 -48.36 -6.80
N PHE T 339 9.58 -48.30 -7.54
CA PHE T 339 10.59 -49.35 -7.56
C PHE T 339 11.94 -48.75 -7.21
N PRO T 340 12.90 -49.58 -6.76
CA PRO T 340 14.06 -49.02 -6.02
C PRO T 340 15.06 -48.23 -6.86
N LEU T 341 15.09 -48.40 -8.18
CA LEU T 341 16.09 -47.72 -9.01
C LEU T 341 15.40 -46.67 -9.87
N ASP T 342 15.99 -45.47 -9.91
CA ASP T 342 15.53 -44.39 -10.79
C ASP T 342 16.29 -44.57 -12.09
N LEU T 343 15.68 -45.27 -13.05
CA LEU T 343 16.37 -45.66 -14.27
C LEU T 343 16.16 -44.69 -15.43
N ALA T 344 15.30 -43.69 -15.26
CA ALA T 344 15.24 -42.52 -16.13
C ALA T 344 14.48 -41.46 -15.37
N GLY U 1 28.57 18.83 -21.71
CA GLY U 1 27.97 18.81 -20.40
C GLY U 1 28.46 17.67 -19.50
N LEU U 2 28.18 17.80 -18.20
CA LEU U 2 28.54 16.78 -17.22
C LEU U 2 27.59 15.60 -17.34
N PRO U 3 28.09 14.38 -17.37
CA PRO U 3 27.20 13.22 -17.26
C PRO U 3 26.61 13.14 -15.86
N TRP U 4 25.53 12.37 -15.73
CA TRP U 4 24.77 12.40 -14.49
C TRP U 4 25.62 12.01 -13.30
N TYR U 5 26.55 11.06 -13.47
CA TYR U 5 27.35 10.56 -12.36
C TYR U 5 28.49 11.50 -11.97
N ARG U 6 28.64 12.66 -12.63
CA ARG U 6 29.67 13.63 -12.27
C ARG U 6 29.12 14.97 -11.77
N VAL U 7 27.81 15.11 -11.56
CA VAL U 7 27.23 16.44 -11.28
C VAL U 7 27.88 17.08 -10.07
N HIS U 8 28.25 16.29 -9.06
CA HIS U 8 28.75 16.89 -7.83
C HIS U 8 30.19 17.35 -7.94
N THR U 9 30.88 17.08 -9.05
CA THR U 9 32.26 17.56 -9.18
C THR U 9 32.36 19.07 -9.29
N VAL U 10 31.24 19.78 -9.48
CA VAL U 10 31.27 21.23 -9.49
C VAL U 10 31.73 21.79 -8.16
N LEU U 11 31.77 20.97 -7.11
CA LEU U 11 32.20 21.43 -5.80
C LEU U 11 33.71 21.39 -5.61
N ILE U 12 34.44 20.71 -6.49
CA ILE U 12 35.87 20.43 -6.27
C ILE U 12 36.67 21.72 -6.09
N ASN U 13 36.36 22.75 -6.86
CA ASN U 13 37.11 24.00 -6.79
CA ASN U 13 37.09 24.01 -6.82
C ASN U 13 36.30 25.14 -6.15
N ASP U 14 35.33 24.78 -5.29
CA ASP U 14 34.43 25.74 -4.67
C ASP U 14 34.31 25.39 -3.19
N PRO U 15 35.26 25.84 -2.36
CA PRO U 15 35.23 25.46 -0.94
C PRO U 15 33.96 25.89 -0.20
N GLY U 16 33.43 27.07 -0.52
CA GLY U 16 32.22 27.52 0.16
C GLY U 16 31.03 26.62 -0.10
N ARG U 17 30.84 26.22 -1.36
CA ARG U 17 29.70 25.35 -1.66
C ARG U 17 29.95 23.91 -1.26
N LEU U 18 31.21 23.50 -1.19
CA LEU U 18 31.52 22.20 -0.62
C LEU U 18 31.09 22.15 0.84
N ILE U 19 31.42 23.21 1.60
CA ILE U 19 30.94 23.31 2.97
C ILE U 19 29.41 23.29 3.01
N ALA U 20 28.77 24.04 2.09
CA ALA U 20 27.31 24.04 2.05
C ALA U 20 26.76 22.63 1.82
N ALA U 21 27.38 21.89 0.89
CA ALA U 21 26.95 20.51 0.64
C ALA U 21 27.17 19.64 1.86
N HIS U 22 28.31 19.80 2.52
CA HIS U 22 28.60 19.02 3.72
C HIS U 22 27.64 19.39 4.85
N LEU U 23 27.29 20.67 4.96
CA LEU U 23 26.27 21.09 5.90
C LEU U 23 24.93 20.42 5.60
N MET U 24 24.52 20.40 4.33
CA MET U 24 23.25 19.79 3.97
C MET U 24 23.25 18.31 4.31
N HIS U 25 24.34 17.60 3.98
CA HIS U 25 24.45 16.18 4.33
C HIS U 25 24.34 15.99 5.83
N THR U 26 25.04 16.81 6.60
CA THR U 26 24.96 16.72 8.05
C THR U 26 23.54 16.96 8.53
N ALA U 27 22.84 17.91 7.92
CA ALA U 27 21.45 18.17 8.30
C ALA U 27 20.56 16.96 8.05
N LEU U 28 20.76 16.29 6.89
CA LEU U 28 19.95 15.12 6.58
C LEU U 28 20.22 13.97 7.55
N VAL U 29 21.49 13.75 7.91
CA VAL U 29 21.82 12.67 8.81
C VAL U 29 21.24 12.94 10.20
N ALA U 30 21.42 14.17 10.70
CA ALA U 30 20.85 14.52 12.01
C ALA U 30 19.32 14.44 11.99
N GLY U 31 18.70 14.84 10.88
CA GLY U 31 17.25 14.74 10.76
C GLY U 31 16.77 13.30 10.75
N TRP U 32 17.54 12.42 10.12
CA TRP U 32 17.21 11.00 10.16
C TRP U 32 17.23 10.48 11.60
N ALA U 33 18.27 10.83 12.35
CA ALA U 33 18.39 10.36 13.72
C ALA U 33 17.19 10.82 14.56
N GLY U 34 16.79 12.08 14.40
CA GLY U 34 15.61 12.57 15.11
C GLY U 34 14.33 11.88 14.68
N SER U 35 14.11 11.78 13.36
CA SER U 35 12.92 11.10 12.86
C SER U 35 12.89 9.64 13.30
N MET U 36 14.05 8.97 13.26
CA MET U 36 14.10 7.56 13.61
C MET U 36 13.75 7.35 15.06
N ALA U 37 14.29 8.20 15.94
CA ALA U 37 14.00 8.08 17.36
C ALA U 37 12.52 8.32 17.64
N LEU U 38 11.91 9.32 16.97
CA LEU U 38 10.48 9.59 17.18
C LEU U 38 9.63 8.41 16.72
N TYR U 39 9.96 7.82 15.58
CA TYR U 39 9.22 6.66 15.10
C TYR U 39 9.36 5.49 16.06
N GLU U 40 10.55 5.30 16.64
CA GLU U 40 10.71 4.20 17.57
C GLU U 40 9.91 4.44 18.83
N LEU U 41 9.94 5.68 19.35
CA LEU U 41 9.16 6.02 20.54
C LEU U 41 7.67 5.82 20.32
N ALA U 42 7.18 6.05 19.10
CA ALA U 42 5.78 5.84 18.78
C ALA U 42 5.43 4.36 18.69
N THR U 43 6.41 3.48 18.61
CA THR U 43 6.11 2.08 18.45
C THR U 43 6.64 1.24 19.59
N PHE U 44 7.52 1.78 20.43
CA PHE U 44 8.18 0.98 21.45
C PHE U 44 7.21 0.69 22.61
N ASP U 45 7.15 -0.58 23.00
CA ASP U 45 6.41 -1.00 24.19
C ASP U 45 7.37 -1.12 25.36
N PRO U 46 7.29 -0.22 26.35
CA PRO U 46 8.25 -0.24 27.47
C PRO U 46 7.85 -1.13 28.64
N SER U 47 6.78 -1.92 28.52
CA SER U 47 6.19 -2.52 29.71
C SER U 47 6.86 -3.82 30.16
N ASP U 48 7.84 -4.36 29.43
CA ASP U 48 8.42 -5.65 29.80
C ASP U 48 9.85 -5.77 29.30
N PRO U 49 10.82 -5.21 30.03
CA PRO U 49 12.23 -5.41 29.64
C PRO U 49 12.73 -6.84 29.82
N VAL U 50 11.94 -7.73 30.42
CA VAL U 50 12.37 -9.12 30.57
C VAL U 50 12.10 -9.93 29.30
N LEU U 51 10.85 -9.97 28.84
CA LEU U 51 10.51 -10.81 27.69
C LEU U 51 10.13 -10.02 26.45
N ASN U 52 10.05 -8.67 26.55
CA ASN U 52 9.87 -7.85 25.36
C ASN U 52 10.79 -6.63 25.38
N PRO U 53 12.09 -6.83 25.53
CA PRO U 53 13.02 -5.69 25.47
C PRO U 53 13.11 -5.14 24.05
N MET U 54 13.83 -4.01 23.95
CA MET U 54 13.90 -3.25 22.70
C MET U 54 14.39 -4.11 21.52
N TRP U 55 15.34 -5.02 21.75
CA TRP U 55 15.94 -5.73 20.63
C TRP U 55 14.99 -6.78 20.03
N ARG U 56 13.93 -7.15 20.76
CA ARG U 56 12.84 -7.97 20.23
C ARG U 56 11.89 -7.16 19.36
N GLN U 57 11.94 -5.84 19.46
CA GLN U 57 10.96 -4.95 18.87
C GLN U 57 11.52 -4.23 17.66
N GLY U 58 12.67 -4.66 17.15
CA GLY U 58 13.19 -4.02 15.95
C GLY U 58 13.70 -2.62 16.17
N MET U 59 14.09 -2.29 17.40
CA MET U 59 14.57 -0.95 17.73
C MET U 59 16.03 -0.83 17.33
N PHE U 60 16.36 0.21 16.56
CA PHE U 60 17.69 0.40 16.02
C PHE U 60 18.45 1.53 16.69
N VAL U 61 17.83 2.70 16.89
CA VAL U 61 18.55 3.81 17.53
C VAL U 61 18.35 3.87 19.06
N LEU U 62 17.23 3.35 19.58
CA LEU U 62 17.04 3.26 21.03
C LEU U 62 18.24 2.65 21.76
N PRO U 63 18.81 1.51 21.34
CA PRO U 63 19.98 0.98 22.08
C PRO U 63 21.19 1.90 22.08
N PHE U 64 21.35 2.74 21.05
CA PHE U 64 22.49 3.65 21.02
C PHE U 64 22.31 4.82 21.98
N MET U 65 21.07 5.30 22.17
CA MET U 65 20.84 6.30 23.20
C MET U 65 21.09 5.70 24.58
N ALA U 66 20.60 4.48 24.79
CA ALA U 66 20.80 3.82 26.08
C ALA U 66 22.26 3.53 26.36
N ARG U 67 23.02 3.14 25.33
CA ARG U 67 24.41 2.77 25.53
C ARG U 67 25.18 3.89 26.24
N LEU U 68 24.88 5.14 25.90
CA LEU U 68 25.60 6.28 26.44
C LEU U 68 24.86 6.99 27.57
N GLY U 69 23.77 6.42 28.08
CA GLY U 69 23.17 6.96 29.31
C GLY U 69 21.78 7.55 29.16
N VAL U 70 21.16 7.59 27.99
CA VAL U 70 19.78 8.05 27.89
C VAL U 70 18.88 6.83 28.00
N THR U 71 18.22 6.69 29.14
CA THR U 71 17.43 5.52 29.46
C THR U 71 15.98 5.83 29.81
N GLY U 72 15.61 7.10 29.96
CA GLY U 72 14.27 7.42 30.41
C GLY U 72 13.43 8.18 29.40
N SER U 73 12.10 8.13 29.60
CA SER U 73 11.13 8.90 28.81
C SER U 73 10.54 10.02 29.66
N TRP U 74 10.19 11.13 29.00
CA TRP U 74 9.43 12.17 29.70
C TRP U 74 8.10 11.65 30.24
N SER U 75 7.63 10.50 29.75
CA SER U 75 6.35 9.94 30.18
CA SER U 75 6.36 9.91 30.15
C SER U 75 6.48 9.05 31.41
N GLY U 76 7.67 8.96 32.01
CA GLY U 76 7.85 8.35 33.30
C GLY U 76 8.54 6.99 33.32
N TRP U 77 8.66 6.30 32.18
CA TRP U 77 9.26 4.98 32.22
C TRP U 77 10.75 5.05 31.92
N SER U 78 11.46 3.97 32.28
CA SER U 78 12.86 3.77 31.93
C SER U 78 13.04 2.39 31.32
N ILE U 79 14.11 2.22 30.53
CA ILE U 79 14.28 0.94 29.87
C ILE U 79 14.71 -0.15 30.83
N THR U 80 15.18 0.20 32.02
CA THR U 80 15.42 -0.85 33.01
C THR U 80 14.15 -1.23 33.77
N GLY U 81 12.98 -0.74 33.35
CA GLY U 81 11.73 -1.14 33.96
C GLY U 81 11.31 -0.38 35.20
N GLU U 82 11.97 0.74 35.51
CA GLU U 82 11.55 1.55 36.65
C GLU U 82 10.38 2.47 36.29
N THR U 83 9.70 2.93 37.32
CA THR U 83 8.59 3.85 37.21
C THR U 83 8.90 5.12 38.00
N GLY U 84 8.26 6.22 37.59
CA GLY U 84 8.43 7.50 38.26
C GLY U 84 9.87 7.98 38.32
N ILE U 85 10.56 7.98 37.18
CA ILE U 85 11.91 8.54 37.10
C ILE U 85 11.81 9.89 36.39
N ASP U 86 12.66 10.83 36.82
CA ASP U 86 12.77 12.11 36.12
C ASP U 86 14.07 12.10 35.33
N PRO U 87 14.02 11.88 34.02
CA PRO U 87 15.25 11.93 33.21
C PRO U 87 15.74 13.35 32.96
N GLY U 88 14.97 14.37 33.32
CA GLY U 88 15.32 15.70 32.92
C GLY U 88 15.02 15.90 31.43
N PHE U 89 15.71 16.89 30.85
CA PHE U 89 15.48 17.14 29.43
C PHE U 89 16.00 15.99 28.58
N TRP U 90 17.11 15.35 28.98
CA TRP U 90 17.78 14.37 28.12
C TRP U 90 17.13 12.99 28.25
N SER U 91 15.83 12.97 28.00
CA SER U 91 15.10 11.74 27.74
C SER U 91 15.30 11.34 26.27
N PHE U 92 14.76 10.18 25.87
CA PHE U 92 14.73 9.82 24.46
C PHE U 92 14.11 10.93 23.63
N GLU U 93 13.01 11.53 24.13
CA GLU U 93 12.32 12.60 23.40
C GLU U 93 13.18 13.86 23.30
N GLY U 94 13.86 14.24 24.38
CA GLY U 94 14.73 15.39 24.30
C GLY U 94 15.87 15.19 23.30
N VAL U 95 16.44 13.99 23.29
CA VAL U 95 17.48 13.66 22.30
C VAL U 95 16.91 13.81 20.89
N ALA U 96 15.73 13.24 20.66
CA ALA U 96 15.13 13.34 19.33
C ALA U 96 14.90 14.79 18.95
N LEU U 97 14.32 15.57 19.87
CA LEU U 97 14.08 16.98 19.60
C LEU U 97 15.36 17.73 19.31
N ALA U 98 16.41 17.50 20.09
CA ALA U 98 17.68 18.17 19.84
C ALA U 98 18.20 17.88 18.44
N HIS U 99 18.02 16.65 17.96
CA HIS U 99 18.53 16.32 16.64
C HIS U 99 17.73 17.01 15.54
N ILE U 100 16.41 17.12 15.72
CA ILE U 100 15.58 17.83 14.74
C ILE U 100 15.98 19.30 14.66
N VAL U 101 16.17 19.94 15.82
CA VAL U 101 16.55 21.34 15.84
C VAL U 101 17.91 21.53 15.21
N LEU U 102 18.87 20.67 15.56
CA LEU U 102 20.18 20.70 14.93
C LEU U 102 20.05 20.61 13.41
N SER U 103 19.24 19.67 12.94
CA SER U 103 19.04 19.52 11.49
C SER U 103 18.61 20.83 10.85
N GLY U 104 17.66 21.53 11.49
CA GLY U 104 17.17 22.79 10.95
C GLY U 104 18.24 23.88 10.89
N LEU U 105 19.02 24.01 11.96
CA LEU U 105 20.07 25.03 11.98
C LEU U 105 21.14 24.72 10.92
N LEU U 106 21.54 23.45 10.80
CA LEU U 106 22.52 23.08 9.79
C LEU U 106 21.98 23.37 8.41
N PHE U 107 20.70 23.10 8.19
CA PHE U 107 20.05 23.41 6.91
C PHE U 107 20.14 24.90 6.60
N LEU U 108 19.80 25.74 7.58
CA LEU U 108 19.91 27.18 7.36
C LEU U 108 21.34 27.60 7.09
N ALA U 109 22.30 27.02 7.82
CA ALA U 109 23.70 27.34 7.55
C ALA U 109 24.13 26.91 6.15
N ALA U 110 23.60 25.79 5.66
CA ALA U 110 23.91 25.36 4.29
C ALA U 110 23.45 26.42 3.28
N CYS U 111 22.24 26.96 3.45
CA CYS U 111 21.76 28.01 2.56
C CYS U 111 22.70 29.21 2.54
N TRP U 112 23.15 29.66 3.71
CA TRP U 112 24.04 30.82 3.76
C TRP U 112 25.34 30.56 3.01
N HIS U 113 25.96 29.40 3.25
CA HIS U 113 27.26 29.14 2.63
C HIS U 113 27.12 28.86 1.13
N TRP U 114 25.95 28.39 0.69
CA TRP U 114 25.72 28.22 -0.74
C TRP U 114 25.61 29.58 -1.44
N VAL U 115 24.86 30.51 -0.84
CA VAL U 115 24.69 31.83 -1.44
C VAL U 115 25.99 32.63 -1.36
N TYR U 116 26.63 32.65 -0.18
CA TYR U 116 27.85 33.41 0.03
C TYR U 116 29.08 32.52 -0.07
N TRP U 117 29.25 31.91 -1.25
CA TRP U 117 30.34 30.98 -1.47
C TRP U 117 31.67 31.70 -1.62
N ASP U 118 31.65 32.96 -2.06
CA ASP U 118 32.86 33.64 -2.48
C ASP U 118 33.44 34.44 -1.32
N LEU U 119 33.89 33.71 -0.31
CA LEU U 119 34.53 34.33 0.85
C LEU U 119 36.03 34.43 0.60
N GLU U 120 36.61 35.57 0.99
CA GLU U 120 38.03 35.77 0.79
C GLU U 120 38.86 34.74 1.54
N LEU U 121 38.31 34.16 2.62
CA LEU U 121 38.98 33.10 3.34
C LEU U 121 39.39 31.93 2.44
N PHE U 122 38.60 31.65 1.41
CA PHE U 122 38.82 30.53 0.51
C PHE U 122 39.74 30.86 -0.67
N ARG U 123 40.24 32.09 -0.77
CA ARG U 123 41.08 32.50 -1.88
C ARG U 123 42.55 32.53 -1.46
N ASP U 124 43.40 32.00 -2.32
CA ASP U 124 44.82 32.12 -2.07
C ASP U 124 45.23 33.58 -2.23
N PRO U 125 45.89 34.18 -1.24
CA PRO U 125 46.25 35.60 -1.37
C PRO U 125 47.17 35.89 -2.54
N ARG U 126 48.15 35.01 -2.78
CA ARG U 126 49.10 35.24 -3.87
C ARG U 126 48.42 35.12 -5.23
N THR U 127 47.74 34.00 -5.48
CA THR U 127 47.25 33.69 -6.81
C THR U 127 45.83 34.17 -7.06
N GLY U 128 45.05 34.40 -6.01
CA GLY U 128 43.63 34.70 -6.16
C GLY U 128 42.76 33.51 -6.48
N GLU U 129 43.33 32.32 -6.63
CA GLU U 129 42.55 31.13 -6.92
C GLU U 129 42.00 30.52 -5.64
N PRO U 130 40.94 29.71 -5.73
CA PRO U 130 40.47 28.97 -4.55
C PRO U 130 41.57 28.06 -4.01
N ALA U 131 41.72 28.07 -2.69
CA ALA U 131 42.81 27.32 -2.08
C ALA U 131 42.41 26.92 -0.67
N LEU U 132 42.64 25.65 -0.34
CA LEU U 132 42.51 25.14 1.02
C LEU U 132 43.85 24.55 1.42
N ASP U 133 44.39 24.97 2.56
CA ASP U 133 45.62 24.38 3.08
C ASP U 133 45.27 23.08 3.79
N LEU U 134 45.14 22.02 3.00
CA LEU U 134 44.69 20.73 3.54
C LEU U 134 45.60 20.18 4.63
N PRO U 135 46.92 20.27 4.55
CA PRO U 135 47.74 19.80 5.70
C PRO U 135 47.40 20.50 7.00
N LYS U 136 47.24 21.83 7.00
CA LYS U 136 46.94 22.51 8.26
C LYS U 136 45.51 22.23 8.71
N MET U 137 44.57 22.15 7.77
CA MET U 137 43.21 21.76 8.12
C MET U 137 43.20 20.42 8.84
N PHE U 138 44.03 19.47 8.39
CA PHE U 138 44.08 18.18 9.07
C PHE U 138 44.56 18.34 10.51
N GLY U 139 45.60 19.15 10.73
CA GLY U 139 46.06 19.36 12.09
C GLY U 139 45.01 19.98 12.98
N ILE U 140 44.30 20.99 12.47
CA ILE U 140 43.25 21.65 13.24
C ILE U 140 42.16 20.65 13.60
N HIS U 141 41.65 19.93 12.59
CA HIS U 141 40.56 18.98 12.82
C HIS U 141 41.00 17.81 13.69
N LEU U 142 42.26 17.36 13.55
CA LEU U 142 42.74 16.25 14.40
C LEU U 142 42.86 16.71 15.84
N PHE U 143 43.35 17.93 16.05
CA PHE U 143 43.41 18.49 17.40
C PHE U 143 42.02 18.55 18.04
N LEU U 144 41.02 19.02 17.28
CA LEU U 144 39.65 19.08 17.79
C LEU U 144 39.11 17.69 18.09
N ALA U 145 39.36 16.74 17.19
CA ALA U 145 38.92 15.37 17.43
C ALA U 145 39.55 14.81 18.71
N GLY U 146 40.83 15.09 18.92
CA GLY U 146 41.50 14.64 20.14
C GLY U 146 40.87 15.22 21.39
N LEU U 147 40.62 16.54 21.37
CA LEU U 147 40.01 17.19 22.53
CA LEU U 147 40.02 17.18 22.53
C LEU U 147 38.65 16.58 22.85
N LEU U 148 37.81 16.42 21.82
CA LEU U 148 36.48 15.86 22.07
C LEU U 148 36.59 14.40 22.51
N CYS U 149 37.51 13.63 21.91
CA CYS U 149 37.71 12.24 22.29
C CYS U 149 38.17 12.12 23.74
N PHE U 150 39.12 12.97 24.14
CA PHE U 150 39.58 12.97 25.51
C PHE U 150 38.45 13.33 26.48
N GLY U 151 37.72 14.41 26.17
CA GLY U 151 36.65 14.83 27.05
C GLY U 151 35.56 13.78 27.17
N PHE U 152 35.22 13.13 26.05
CA PHE U 152 34.23 12.06 26.09
C PHE U 152 34.66 10.97 27.06
N GLY U 153 35.94 10.62 27.05
CA GLY U 153 36.46 9.60 27.94
C GLY U 153 36.62 10.07 29.37
N ALA U 154 37.18 11.26 29.57
CA ALA U 154 37.55 11.71 30.91
C ALA U 154 36.37 12.22 31.73
N PHE U 155 35.32 12.70 31.07
CA PHE U 155 34.17 13.27 31.78
C PHE U 155 32.89 12.47 31.59
N HIS U 156 32.52 12.15 30.37
CA HIS U 156 31.25 11.46 30.15
C HIS U 156 31.31 10.02 30.66
N LEU U 157 32.29 9.24 30.17
CA LEU U 157 32.30 7.81 30.47
C LEU U 157 32.66 7.55 31.93
N THR U 158 33.53 8.37 32.53
CA THR U 158 33.86 8.21 33.95
C THR U 158 32.71 8.59 34.87
N GLY U 159 31.71 9.30 34.36
CA GLY U 159 30.72 9.90 35.23
C GLY U 159 31.20 11.14 35.98
N LEU U 160 32.46 11.53 35.79
CA LEU U 160 32.99 12.71 36.46
C LEU U 160 32.16 13.95 36.09
N PHE U 161 31.73 14.05 34.84
CA PHE U 161 30.81 15.08 34.41
C PHE U 161 30.05 14.50 33.21
N GLY U 162 29.03 13.71 33.51
CA GLY U 162 28.33 12.91 32.51
C GLY U 162 27.75 11.65 33.11
N PRO U 163 27.04 10.86 32.31
CA PRO U 163 26.25 9.76 32.88
C PRO U 163 26.99 8.43 32.99
N GLY U 164 28.12 8.26 32.29
CA GLY U 164 28.77 6.96 32.24
C GLY U 164 28.31 6.18 31.03
N MET U 165 28.28 4.85 31.13
CA MET U 165 27.90 4.02 29.99
C MET U 165 27.20 2.77 30.49
N TRP U 166 26.49 2.11 29.57
CA TRP U 166 25.80 0.88 29.89
C TRP U 166 26.79 -0.24 30.18
N VAL U 167 26.60 -0.92 31.32
CA VAL U 167 27.37 -2.10 31.69
C VAL U 167 26.42 -3.14 32.27
N SER U 168 26.86 -4.40 32.31
CA SER U 168 26.01 -5.47 32.80
C SER U 168 26.87 -6.62 33.31
N ASP U 169 26.20 -7.56 33.98
CA ASP U 169 26.82 -8.80 34.40
C ASP U 169 27.07 -9.67 33.16
N PRO U 170 27.85 -10.74 33.28
CA PRO U 170 28.16 -11.55 32.09
C PRO U 170 26.95 -12.20 31.42
N TYR U 171 25.78 -12.24 32.06
CA TYR U 171 24.62 -12.89 31.48
C TYR U 171 23.51 -11.92 31.12
N GLY U 172 23.79 -10.62 31.12
CA GLY U 172 22.85 -9.64 30.60
C GLY U 172 21.55 -9.58 31.37
N LEU U 173 21.63 -9.71 32.69
CA LEU U 173 20.46 -9.75 33.56
C LEU U 173 20.23 -8.46 34.32
N THR U 174 21.27 -7.70 34.62
CA THR U 174 21.17 -6.56 35.52
C THR U 174 21.79 -5.31 34.92
N GLY U 175 21.57 -5.09 33.63
CA GLY U 175 22.24 -3.98 32.95
C GLY U 175 21.74 -2.63 33.44
N SER U 176 22.66 -1.67 33.51
CA SER U 176 22.31 -0.29 33.83
C SER U 176 23.44 0.62 33.38
N VAL U 177 23.17 1.92 33.43
CA VAL U 177 24.18 2.93 33.15
C VAL U 177 24.95 3.20 34.43
N GLN U 178 26.28 3.13 34.35
CA GLN U 178 27.14 3.33 35.50
C GLN U 178 28.34 4.15 35.07
N PRO U 179 28.93 4.91 35.97
CA PRO U 179 30.28 5.44 35.73
C PRO U 179 31.29 4.30 35.63
N VAL U 180 32.26 4.46 34.75
CA VAL U 180 33.28 3.43 34.52
C VAL U 180 34.66 4.06 34.64
N ALA U 181 35.53 3.46 35.53
CA ALA U 181 36.89 3.98 35.64
C ALA U 181 37.78 3.35 34.56
N PRO U 182 38.80 4.06 34.09
CA PRO U 182 39.66 3.48 33.05
C PRO U 182 40.49 2.34 33.61
N GLU U 183 40.71 1.35 32.76
CA GLU U 183 41.58 0.22 33.05
C GLU U 183 42.90 0.42 32.30
N TRP U 184 44.00 0.58 33.04
CA TRP U 184 45.30 0.91 32.46
C TRP U 184 46.23 -0.28 32.36
N GLY U 185 45.83 -1.46 32.81
CA GLY U 185 46.61 -2.65 32.61
C GLY U 185 46.23 -3.35 31.32
N PRO U 186 46.83 -4.52 31.06
CA PRO U 186 46.55 -5.22 29.79
C PRO U 186 45.10 -5.61 29.61
N ASP U 187 44.31 -5.70 30.67
CA ASP U 187 42.90 -6.02 30.45
C ASP U 187 42.13 -4.88 29.78
N GLY U 188 42.71 -3.68 29.70
CA GLY U 188 42.07 -2.62 28.94
C GLY U 188 41.92 -2.95 27.47
N PHE U 189 42.67 -3.92 26.96
CA PHE U 189 42.57 -4.31 25.57
C PHE U 189 41.68 -5.53 25.36
N ASN U 190 41.12 -6.07 26.43
CA ASN U 190 40.06 -7.06 26.36
C ASN U 190 38.79 -6.38 25.83
N PRO U 191 38.21 -6.84 24.72
CA PRO U 191 37.03 -6.14 24.18
C PRO U 191 35.82 -6.17 25.11
N TYR U 192 35.80 -7.06 26.11
CA TYR U 192 34.65 -7.15 27.00
C TYR U 192 34.83 -6.34 28.28
N ASN U 193 36.00 -5.70 28.45
CA ASN U 193 36.26 -4.86 29.62
C ASN U 193 35.81 -3.43 29.32
N PRO U 194 34.77 -2.92 29.97
CA PRO U 194 34.35 -1.53 29.67
C PRO U 194 35.36 -0.48 30.11
N GLY U 195 36.14 -0.75 31.16
CA GLY U 195 37.18 0.19 31.53
C GLY U 195 38.19 0.42 30.43
N GLY U 196 38.36 -0.57 29.54
CA GLY U 196 39.21 -0.37 28.38
C GLY U 196 38.67 0.66 27.41
N VAL U 197 37.34 0.78 27.33
CA VAL U 197 36.74 1.80 26.48
C VAL U 197 37.06 3.19 27.02
N VAL U 198 37.01 3.35 28.35
CA VAL U 198 37.31 4.63 28.96
C VAL U 198 38.78 4.98 28.74
N ALA U 199 39.67 4.04 29.05
CA ALA U 199 41.10 4.29 28.89
C ALA U 199 41.45 4.62 27.45
N HIS U 200 40.87 3.89 26.50
CA HIS U 200 41.09 4.21 25.08
C HIS U 200 40.82 5.68 24.78
N HIS U 201 39.66 6.19 25.19
CA HIS U 201 39.30 7.54 24.77
C HIS U 201 40.16 8.59 25.47
N ILE U 202 40.60 8.31 26.71
CA ILE U 202 41.54 9.22 27.38
C ILE U 202 42.89 9.19 26.66
N ALA U 203 43.44 8.00 26.45
CA ALA U 203 44.79 7.90 25.90
C ALA U 203 44.81 8.27 24.42
N ALA U 204 43.90 7.72 23.62
CA ALA U 204 43.89 8.06 22.20
C ALA U 204 43.55 9.54 22.00
N GLY U 205 42.71 10.11 22.86
CA GLY U 205 42.43 11.53 22.79
C GLY U 205 43.67 12.39 22.99
N ILE U 206 44.46 12.06 24.02
CA ILE U 206 45.70 12.79 24.29
C ILE U 206 46.65 12.67 23.10
N VAL U 207 46.77 11.47 22.54
CA VAL U 207 47.59 11.26 21.36
C VAL U 207 47.07 12.10 20.20
N GLY U 208 45.75 12.18 20.05
CA GLY U 208 45.18 12.98 18.97
C GLY U 208 45.47 14.47 19.16
N ILE U 209 45.48 14.94 20.40
CA ILE U 209 45.83 16.33 20.67
C ILE U 209 47.28 16.61 20.29
N ILE U 210 48.19 15.70 20.66
CA ILE U 210 49.61 15.89 20.39
C ILE U 210 49.88 15.82 18.89
N ALA U 211 49.37 14.77 18.23
CA ALA U 211 49.55 14.66 16.79
C ALA U 211 48.90 15.84 16.09
N GLY U 212 47.76 16.29 16.59
CA GLY U 212 47.12 17.46 16.01
C GLY U 212 48.01 18.68 16.07
N LEU U 213 48.66 18.91 17.22
CA LEU U 213 49.59 20.04 17.31
C LEU U 213 50.75 19.85 16.36
N PHE U 214 51.25 18.61 16.23
CA PHE U 214 52.29 18.35 15.25
C PHE U 214 51.82 18.72 13.85
N HIS U 215 50.64 18.22 13.45
CA HIS U 215 50.21 18.49 12.09
C HIS U 215 49.83 19.96 11.90
N ILE U 216 49.60 20.71 12.98
CA ILE U 216 49.39 22.15 12.85
C ILE U 216 50.72 22.86 12.64
N LEU U 217 51.79 22.38 13.28
CA LEU U 217 53.03 23.13 13.35
C LEU U 217 54.09 22.70 12.35
N VAL U 218 54.08 21.46 11.87
CA VAL U 218 55.14 20.95 10.98
C VAL U 218 54.58 20.72 9.59
N ARG U 219 55.21 21.32 8.59
CA ARG U 219 54.78 21.17 7.21
C ARG U 219 55.12 19.79 6.67
N PRO U 220 54.32 19.28 5.74
CA PRO U 220 54.59 17.96 5.18
C PRO U 220 55.93 17.96 4.47
N PRO U 221 56.63 16.83 4.48
CA PRO U 221 57.81 16.71 3.62
C PRO U 221 57.42 16.89 2.16
N GLN U 222 58.31 17.56 1.43
CA GLN U 222 58.11 17.73 -0.01
C GLN U 222 57.92 16.38 -0.71
N ARG U 223 58.69 15.37 -0.31
CA ARG U 223 58.52 14.04 -0.90
C ARG U 223 57.10 13.52 -0.68
N LEU U 224 56.52 13.75 0.51
CA LEU U 224 55.20 13.21 0.77
C LEU U 224 54.12 14.09 0.16
N TYR U 225 54.30 15.42 0.19
CA TYR U 225 53.34 16.32 -0.44
C TYR U 225 53.14 15.97 -1.90
N LYS U 226 54.24 15.68 -2.60
CA LYS U 226 54.20 15.39 -4.03
C LYS U 226 53.61 14.00 -4.28
N ALA U 227 54.07 13.00 -3.50
CA ALA U 227 53.64 11.63 -3.73
C ALA U 227 52.18 11.40 -3.35
N LEU U 228 51.66 12.10 -2.35
CA LEU U 228 50.26 11.93 -2.00
C LEU U 228 49.36 13.00 -2.58
N ARG U 229 49.89 13.90 -3.41
CA ARG U 229 49.10 14.95 -4.08
C ARG U 229 48.31 15.79 -3.07
N MET U 230 49.06 16.35 -2.13
CA MET U 230 48.45 17.05 -1.01
C MET U 230 47.85 18.39 -1.41
N GLY U 231 48.08 18.87 -2.63
CA GLY U 231 47.28 19.97 -3.11
C GLY U 231 45.96 19.56 -3.73
N ASN U 232 45.68 18.26 -3.81
CA ASN U 232 44.48 17.75 -4.48
C ASN U 232 43.52 17.24 -3.40
N ILE U 233 42.38 17.92 -3.24
CA ILE U 233 41.45 17.52 -2.19
C ILE U 233 40.93 16.10 -2.41
N GLU U 234 40.97 15.59 -3.63
CA GLU U 234 40.53 14.22 -3.84
C GLU U 234 41.44 13.21 -3.16
N THR U 235 42.68 13.58 -2.85
CA THR U 235 43.51 12.68 -2.06
C THR U 235 42.91 12.48 -0.68
N VAL U 236 42.39 13.55 -0.10
CA VAL U 236 41.78 13.41 1.23
C VAL U 236 40.56 12.51 1.14
N LEU U 237 39.79 12.63 0.06
CA LEU U 237 38.63 11.75 -0.09
C LEU U 237 39.05 10.29 -0.15
N SER U 238 40.18 10.01 -0.82
CA SER U 238 40.64 8.63 -0.94
CA SER U 238 40.66 8.64 -0.95
C SER U 238 41.03 8.04 0.40
N SER U 239 41.90 8.72 1.15
CA SER U 239 42.34 8.14 2.42
C SER U 239 41.23 8.18 3.49
N SER U 240 40.34 9.18 3.46
CA SER U 240 39.24 9.21 4.41
C SER U 240 38.29 8.05 4.18
N ILE U 241 37.98 7.75 2.91
CA ILE U 241 37.13 6.59 2.61
C ILE U 241 37.79 5.31 3.13
N ALA U 242 39.11 5.20 3.01
CA ALA U 242 39.79 4.01 3.51
C ALA U 242 39.66 3.90 5.03
N ALA U 243 39.90 4.99 5.76
CA ALA U 243 39.72 4.97 7.22
C ALA U 243 38.29 4.58 7.57
N VAL U 244 37.33 5.04 6.78
CA VAL U 244 35.95 4.80 7.12
C VAL U 244 35.56 3.35 6.85
N PHE U 245 36.13 2.72 5.80
CA PHE U 245 35.74 1.32 5.61
C PHE U 245 36.45 0.44 6.62
N PHE U 246 37.65 0.83 7.05
CA PHE U 246 38.28 0.15 8.17
C PHE U 246 37.40 0.22 9.40
N ALA U 247 36.97 1.43 9.77
CA ALA U 247 36.08 1.59 10.91
C ALA U 247 34.79 0.78 10.75
N ALA U 248 34.23 0.77 9.54
CA ALA U 248 32.96 0.05 9.35
C ALA U 248 33.13 -1.45 9.55
N PHE U 249 34.24 -2.01 9.09
CA PHE U 249 34.51 -3.43 9.34
C PHE U 249 34.68 -3.71 10.83
N VAL U 250 35.36 -2.82 11.55
CA VAL U 250 35.57 -3.01 12.98
C VAL U 250 34.21 -3.02 13.72
N VAL U 251 33.32 -2.07 13.43
CA VAL U 251 32.08 -2.03 14.19
C VAL U 251 31.16 -3.18 13.78
N ALA U 252 31.26 -3.63 12.52
CA ALA U 252 30.53 -4.85 12.14
C ALA U 252 31.05 -6.05 12.93
N GLY U 253 32.37 -6.14 13.08
CA GLY U 253 32.94 -7.26 13.79
C GLY U 253 32.57 -7.31 15.26
N THR U 254 32.68 -6.18 15.96
CA THR U 254 32.35 -6.18 17.38
C THR U 254 30.86 -6.29 17.62
N MET U 255 30.03 -5.84 16.66
CA MET U 255 28.61 -6.11 16.80
C MET U 255 28.32 -7.61 16.70
N TRP U 256 28.99 -8.30 15.78
CA TRP U 256 28.64 -9.70 15.57
C TRP U 256 29.19 -10.61 16.66
N TYR U 257 30.42 -10.36 17.12
CA TYR U 257 31.02 -11.18 18.16
C TYR U 257 30.72 -10.68 19.57
N GLY U 258 30.28 -9.45 19.72
CA GLY U 258 30.05 -8.91 21.05
C GLY U 258 31.27 -8.21 21.61
N SER U 259 31.01 -7.18 22.40
CA SER U 259 32.02 -6.46 23.16
C SER U 259 31.31 -5.67 24.24
N ALA U 260 32.10 -5.01 25.08
CA ALA U 260 31.55 -4.12 26.09
C ALA U 260 30.70 -3.02 25.48
N THR U 261 30.87 -2.70 24.19
CA THR U 261 30.07 -1.63 23.59
C THR U 261 28.91 -2.16 22.76
N THR U 262 28.66 -3.46 22.73
CA THR U 262 27.45 -4.02 22.10
C THR U 262 26.74 -4.95 23.07
N PRO U 263 26.20 -4.42 24.18
CA PRO U 263 25.67 -5.27 25.23
C PRO U 263 24.40 -5.99 24.80
N ILE U 264 24.19 -7.18 25.39
CA ILE U 264 23.12 -8.04 24.90
C ILE U 264 21.73 -7.55 25.31
N GLU U 265 21.62 -6.74 26.36
CA GLU U 265 20.33 -6.16 26.71
C GLU U 265 19.92 -5.04 25.75
N LEU U 266 20.86 -4.51 24.97
CA LEU U 266 20.53 -3.47 24.02
C LEU U 266 20.40 -4.00 22.60
N PHE U 267 21.24 -4.94 22.20
CA PHE U 267 21.21 -5.43 20.82
C PHE U 267 20.75 -6.87 20.71
N GLY U 268 20.59 -7.57 21.82
CA GLY U 268 20.23 -8.97 21.82
C GLY U 268 21.47 -9.84 21.94
N PRO U 269 21.28 -11.14 22.18
CA PRO U 269 22.42 -12.05 22.30
C PRO U 269 23.09 -12.27 20.95
N THR U 270 24.29 -12.86 21.01
CA THR U 270 25.07 -13.18 19.82
C THR U 270 24.79 -14.62 19.36
N ARG U 271 25.13 -14.91 18.11
CA ARG U 271 25.01 -16.29 17.64
C ARG U 271 25.97 -17.22 18.38
N TYR U 272 27.10 -16.72 18.86
CA TYR U 272 28.08 -17.62 19.47
C TYR U 272 27.63 -18.08 20.84
N GLN U 273 26.75 -17.32 21.49
CA GLN U 273 26.23 -17.78 22.77
C GLN U 273 25.35 -19.01 22.59
N TRP U 274 24.62 -19.10 21.46
CA TRP U 274 23.90 -20.34 21.14
C TRP U 274 24.88 -21.45 20.77
N ASP U 275 25.88 -21.14 19.91
CA ASP U 275 26.85 -22.17 19.49
C ASP U 275 27.51 -22.84 20.69
N SER U 276 27.89 -22.06 21.70
CA SER U 276 28.62 -22.63 22.83
C SER U 276 27.71 -22.98 23.99
N SER U 277 26.40 -22.83 23.83
CA SER U 277 25.42 -23.13 24.90
C SER U 277 25.77 -22.33 26.16
N TYR U 278 26.13 -21.07 25.94
CA TYR U 278 26.57 -20.18 27.03
C TYR U 278 25.49 -20.01 28.09
N PHE U 279 24.26 -19.74 27.68
CA PHE U 279 23.23 -19.54 28.70
C PHE U 279 22.77 -20.87 29.29
N GLN U 280 22.67 -21.92 28.48
CA GLN U 280 22.30 -23.23 29.02
C GLN U 280 23.27 -23.69 30.10
N GLN U 281 24.58 -23.45 29.93
CA GLN U 281 25.54 -23.87 30.94
C GLN U 281 25.33 -23.12 32.24
N GLU U 282 25.04 -21.82 32.16
CA GLU U 282 24.84 -21.06 33.38
C GLU U 282 23.53 -21.46 34.06
N ILE U 283 22.47 -21.69 33.28
CA ILE U 283 21.22 -22.20 33.83
C ILE U 283 21.47 -23.53 34.56
N ASN U 284 22.15 -24.48 33.89
CA ASN U 284 22.40 -25.77 34.53
CA ASN U 284 22.42 -25.77 34.53
C ASN U 284 23.27 -25.61 35.78
N ARG U 285 24.21 -24.66 35.76
CA ARG U 285 25.05 -24.44 36.93
C ARG U 285 24.22 -23.98 38.12
N ARG U 286 23.25 -23.08 37.89
CA ARG U 286 22.41 -22.59 38.97
CA ARG U 286 22.42 -22.60 38.98
C ARG U 286 21.47 -23.69 39.49
N VAL U 287 20.93 -24.50 38.58
CA VAL U 287 20.03 -25.58 38.97
C VAL U 287 20.78 -26.58 39.86
N GLN U 288 22.00 -26.93 39.49
CA GLN U 288 22.76 -27.91 40.26
C GLN U 288 23.21 -27.35 41.61
N ALA U 289 23.44 -26.03 41.69
CA ALA U 289 23.77 -25.44 42.99
C ALA U 289 22.55 -25.43 43.89
N SER U 290 21.38 -25.10 43.33
CA SER U 290 20.13 -25.19 44.08
C SER U 290 19.88 -26.61 44.58
N LEU U 291 20.05 -27.61 43.72
CA LEU U 291 19.81 -28.99 44.14
C LEU U 291 20.78 -29.42 45.23
N ALA U 292 22.05 -29.02 45.10
CA ALA U 292 23.03 -29.39 46.11
C ALA U 292 22.70 -28.81 47.47
N SER U 293 22.02 -27.66 47.50
CA SER U 293 21.62 -27.03 48.75
C SER U 293 20.28 -27.52 49.27
N GLY U 294 19.76 -28.62 48.73
CA GLY U 294 18.55 -29.23 49.23
C GLY U 294 17.26 -28.82 48.57
N ALA U 295 17.31 -28.12 47.42
CA ALA U 295 16.07 -27.75 46.76
C ALA U 295 15.47 -28.96 46.05
N THR U 296 14.15 -28.95 45.91
CA THR U 296 13.52 -29.90 45.01
C THR U 296 13.73 -29.46 43.56
N LEU U 297 13.49 -30.37 42.63
CA LEU U 297 13.65 -30.04 41.22
C LEU U 297 12.77 -28.87 40.83
N GLU U 298 11.53 -28.83 41.34
CA GLU U 298 10.62 -27.73 41.04
C GLU U 298 11.15 -26.40 41.58
N GLU U 299 11.69 -26.41 42.80
CA GLU U 299 12.24 -25.20 43.38
C GLU U 299 13.49 -24.75 42.64
N ALA U 300 14.37 -25.70 42.28
CA ALA U 300 15.61 -25.37 41.59
C ALA U 300 15.33 -24.65 40.28
N TRP U 301 14.41 -25.20 39.46
CA TRP U 301 14.11 -24.57 38.19
C TRP U 301 13.29 -23.30 38.37
N SER U 302 12.42 -23.23 39.39
CA SER U 302 11.65 -22.03 39.62
C SER U 302 12.52 -20.85 40.04
N ALA U 303 13.72 -21.12 40.57
CA ALA U 303 14.65 -20.05 40.88
C ALA U 303 15.38 -19.48 39.66
N ILE U 304 15.18 -20.04 38.47
CA ILE U 304 15.83 -19.52 37.26
C ILE U 304 15.08 -18.30 36.78
N PRO U 305 15.75 -17.15 36.61
CA PRO U 305 15.05 -15.97 36.08
C PRO U 305 14.55 -16.22 34.66
N GLU U 306 13.32 -15.77 34.40
CA GLU U 306 12.75 -15.85 33.06
CA GLU U 306 12.78 -15.92 33.05
C GLU U 306 13.67 -15.25 32.02
N LYS U 307 14.37 -14.18 32.40
CA LYS U 307 15.21 -13.45 31.47
C LYS U 307 16.38 -14.33 31.01
N LEU U 308 16.92 -15.12 31.94
CA LEU U 308 18.02 -16.03 31.63
C LEU U 308 17.53 -17.17 30.74
N ALA U 309 16.40 -17.78 31.09
CA ALA U 309 15.84 -18.83 30.24
C ALA U 309 15.59 -18.31 28.82
N PHE U 310 15.17 -17.05 28.71
CA PHE U 310 14.83 -16.49 27.40
C PHE U 310 16.06 -16.33 26.52
N TYR U 311 17.23 -16.06 27.11
CA TYR U 311 18.45 -16.03 26.31
C TYR U 311 18.80 -17.40 25.75
N ASP U 312 18.35 -18.47 26.42
CA ASP U 312 18.66 -19.83 26.00
C ASP U 312 17.61 -20.37 25.04
N TYR U 313 17.27 -19.56 24.03
CA TYR U 313 16.20 -19.85 23.09
C TYR U 313 16.61 -19.37 21.70
N ILE U 314 16.48 -20.24 20.69
CA ILE U 314 17.07 -19.92 19.40
C ILE U 314 16.33 -18.80 18.68
N GLY U 315 15.08 -18.53 19.02
CA GLY U 315 14.39 -17.42 18.37
C GLY U 315 15.00 -16.06 18.67
N ASN U 316 15.90 -15.99 19.64
CA ASN U 316 16.65 -14.77 19.91
C ASN U 316 18.06 -14.82 19.35
N ASN U 317 18.43 -15.90 18.67
CA ASN U 317 19.73 -16.02 18.02
C ASN U 317 19.73 -15.20 16.75
N PRO U 318 20.64 -14.22 16.61
CA PRO U 318 20.59 -13.34 15.42
C PRO U 318 20.96 -14.03 14.11
N ALA U 319 21.40 -15.28 14.13
CA ALA U 319 21.75 -16.00 12.92
C ALA U 319 20.61 -16.89 12.43
N LYS U 320 19.37 -16.60 12.81
CA LYS U 320 18.24 -17.44 12.43
C LYS U 320 17.26 -16.71 11.50
N GLY U 321 17.64 -15.55 10.97
CA GLY U 321 16.74 -14.69 10.22
C GLY U 321 16.78 -14.90 8.72
N GLY U 322 16.27 -13.92 7.99
CA GLY U 322 16.20 -13.95 6.54
C GLY U 322 16.28 -12.55 5.95
N LEU U 323 16.86 -12.46 4.73
CA LEU U 323 17.13 -11.16 4.11
C LEU U 323 15.85 -10.35 3.91
N PHE U 324 14.75 -11.00 3.59
CA PHE U 324 13.51 -10.28 3.34
C PHE U 324 12.43 -10.55 4.38
N ARG U 325 12.80 -11.15 5.52
CA ARG U 325 11.90 -11.29 6.68
C ARG U 325 12.07 -10.02 7.52
N THR U 326 11.21 -9.06 7.26
CA THR U 326 11.40 -7.70 7.75
C THR U 326 10.74 -7.47 9.12
N GLY U 327 11.21 -6.45 9.81
CA GLY U 327 10.55 -5.98 11.00
C GLY U 327 11.14 -6.58 12.26
N PRO U 328 10.38 -6.46 13.35
CA PRO U 328 10.88 -6.93 14.66
C PRO U 328 10.82 -8.44 14.77
N MET U 329 11.67 -8.98 15.65
CA MET U 329 11.59 -10.40 15.95
C MET U 329 10.19 -10.81 16.41
N ASN U 330 9.46 -9.91 17.09
CA ASN U 330 8.11 -10.25 17.56
C ASN U 330 7.17 -10.62 16.42
N LYS U 331 7.43 -10.14 15.20
CA LYS U 331 6.63 -10.46 14.02
C LYS U 331 6.76 -11.93 13.60
N GLY U 332 7.81 -12.61 14.03
CA GLY U 332 8.01 -14.01 13.71
C GLY U 332 7.42 -14.96 14.74
N ASP U 333 8.15 -15.23 15.83
CA ASP U 333 7.61 -16.18 16.78
C ASP U 333 6.51 -15.59 17.67
N GLY U 334 6.38 -14.27 17.73
CA GLY U 334 5.36 -13.59 18.52
C GLY U 334 5.98 -12.76 19.64
N ILE U 335 5.09 -12.13 20.42
CA ILE U 335 5.52 -11.36 21.59
C ILE U 335 5.56 -12.35 22.75
N ALA U 336 6.76 -12.60 23.28
CA ALA U 336 6.91 -13.55 24.37
C ALA U 336 6.15 -13.08 25.59
N GLN U 337 5.42 -14.01 26.22
CA GLN U 337 4.58 -13.73 27.38
C GLN U 337 5.14 -14.31 28.66
N ALA U 338 5.60 -15.54 28.64
CA ALA U 338 6.01 -16.22 29.86
C ALA U 338 6.82 -17.44 29.49
N TRP U 339 7.75 -17.78 30.37
CA TRP U 339 8.43 -19.07 30.30
C TRP U 339 7.44 -20.17 30.62
N LYS U 340 7.39 -21.21 29.78
CA LYS U 340 6.55 -22.34 30.15
C LYS U 340 7.17 -23.18 31.24
N GLY U 341 8.46 -23.01 31.52
CA GLY U 341 9.18 -23.90 32.40
C GLY U 341 10.06 -24.85 31.62
N HIS U 342 10.93 -25.55 32.35
CA HIS U 342 11.89 -26.47 31.76
C HIS U 342 11.25 -27.84 31.53
N ALA U 343 11.31 -28.30 30.28
CA ALA U 343 10.76 -29.60 29.90
C ALA U 343 11.78 -30.69 30.15
N VAL U 344 11.37 -31.73 30.89
CA VAL U 344 12.18 -32.92 31.13
C VAL U 344 11.46 -34.09 30.49
N PHE U 345 12.12 -34.75 29.55
CA PHE U 345 11.56 -35.88 28.84
C PHE U 345 12.07 -37.19 29.44
N ARG U 346 11.18 -38.18 29.49
CA ARG U 346 11.54 -39.49 30.00
CA ARG U 346 11.51 -39.50 30.03
C ARG U 346 10.81 -40.56 29.19
N ASN U 347 11.45 -41.72 29.05
CA ASN U 347 10.80 -42.85 28.40
C ASN U 347 10.05 -43.70 29.45
N LYS U 348 9.48 -44.82 29.00
CA LYS U 348 8.67 -45.64 29.91
C LYS U 348 9.51 -46.23 31.04
N GLU U 349 10.80 -46.47 30.79
CA GLU U 349 11.69 -46.95 31.85
C GLU U 349 12.00 -45.86 32.87
N GLY U 350 11.62 -44.61 32.61
CA GLY U 350 11.88 -43.52 33.53
C GLY U 350 13.21 -42.81 33.36
N GLU U 351 14.02 -43.16 32.35
CA GLU U 351 15.29 -42.48 32.18
CA GLU U 351 15.30 -42.50 32.14
C GLU U 351 15.09 -41.15 31.45
N GLU U 352 15.84 -40.15 31.89
CA GLU U 352 15.73 -38.81 31.32
C GLU U 352 16.36 -38.78 29.93
N LEU U 353 15.66 -38.16 28.99
CA LEU U 353 16.10 -38.01 27.61
C LEU U 353 16.24 -36.53 27.29
N PHE U 354 17.14 -36.22 26.36
CA PHE U 354 17.47 -34.83 26.01
C PHE U 354 17.26 -34.62 24.51
N VAL U 355 16.51 -33.57 24.18
CA VAL U 355 16.23 -33.24 22.79
C VAL U 355 17.47 -32.62 22.15
N ARG U 356 17.84 -33.11 20.99
CA ARG U 356 18.97 -32.56 20.25
C ARG U 356 18.60 -31.17 19.73
N ARG U 357 19.35 -30.16 20.12
CA ARG U 357 19.00 -28.80 19.74
C ARG U 357 19.35 -28.50 18.28
N MET U 358 18.61 -27.56 17.72
CA MET U 358 18.81 -27.11 16.36
C MET U 358 20.06 -26.24 16.24
N PRO U 359 21.01 -26.57 15.37
CA PRO U 359 22.08 -25.60 15.05
C PRO U 359 21.57 -24.47 14.18
N ALA U 360 22.22 -23.31 14.31
CA ALA U 360 21.76 -22.12 13.57
C ALA U 360 21.72 -22.36 12.05
N PHE U 361 22.55 -23.27 11.53
CA PHE U 361 22.60 -23.49 10.09
C PHE U 361 21.29 -24.00 9.47
N PHE U 362 20.41 -24.62 10.27
CA PHE U 362 19.32 -25.45 9.76
C PHE U 362 17.98 -24.72 9.81
N GLU U 363 17.36 -24.52 8.64
CA GLU U 363 16.01 -23.95 8.61
C GLU U 363 14.98 -24.90 9.25
N SER U 364 15.21 -26.20 9.15
CA SER U 364 14.36 -27.20 9.77
C SER U 364 15.26 -28.26 10.38
N PHE U 365 14.72 -29.06 11.31
CA PHE U 365 15.59 -29.99 12.01
C PHE U 365 14.75 -31.14 12.59
N PRO U 366 15.23 -32.37 12.55
CA PRO U 366 14.44 -33.48 13.09
C PRO U 366 14.40 -33.46 14.63
N VAL U 367 13.49 -34.27 15.17
CA VAL U 367 13.32 -34.41 16.61
C VAL U 367 13.93 -35.75 17.03
N ILE U 368 15.07 -35.68 17.72
CA ILE U 368 15.83 -36.85 18.16
C ILE U 368 16.17 -36.65 19.63
N LEU U 369 15.96 -37.67 20.45
CA LEU U 369 16.18 -37.61 21.89
C LEU U 369 17.22 -38.64 22.26
N THR U 370 18.20 -38.25 23.08
CA THR U 370 19.27 -39.14 23.54
C THR U 370 19.28 -39.24 25.06
N ASP U 371 19.95 -40.28 25.57
CA ASP U 371 20.17 -40.35 27.01
C ASP U 371 21.38 -39.49 27.34
N LYS U 372 21.82 -39.51 28.60
CA LYS U 372 22.92 -38.64 28.99
C LYS U 372 24.21 -38.97 28.28
N ASN U 373 24.35 -40.19 27.75
CA ASN U 373 25.55 -40.60 27.00
C ASN U 373 25.45 -40.34 25.51
N GLY U 374 24.37 -39.72 25.04
CA GLY U 374 24.22 -39.48 23.63
C GLY U 374 23.70 -40.65 22.81
N VAL U 375 23.28 -41.74 23.45
CA VAL U 375 22.68 -42.84 22.72
C VAL U 375 21.24 -42.47 22.38
N VAL U 376 20.86 -42.64 21.12
CA VAL U 376 19.50 -42.29 20.71
C VAL U 376 18.51 -43.21 21.41
N LYS U 377 17.45 -42.62 21.93
CA LYS U 377 16.42 -43.36 22.65
C LYS U 377 15.01 -43.12 22.13
N ALA U 378 14.78 -42.03 21.40
CA ALA U 378 13.47 -41.75 20.83
C ALA U 378 13.64 -40.71 19.74
N ASP U 379 12.67 -40.67 18.82
CA ASP U 379 12.66 -39.66 17.78
C ASP U 379 11.24 -39.54 17.24
N ILE U 380 11.06 -38.61 16.32
CA ILE U 380 9.83 -38.51 15.54
C ILE U 380 10.13 -39.01 14.14
N PRO U 381 9.61 -40.16 13.74
CA PRO U 381 10.00 -40.75 12.45
C PRO U 381 9.33 -40.05 11.28
N PHE U 382 10.00 -40.14 10.12
CA PHE U 382 9.48 -39.74 8.82
C PHE U 382 8.70 -40.94 8.26
N ARG U 383 9.42 -41.91 7.70
CA ARG U 383 8.79 -43.19 7.38
C ARG U 383 8.37 -43.93 8.66
N ARG U 384 7.15 -44.46 8.66
CA ARG U 384 6.62 -45.14 9.84
C ARG U 384 6.82 -46.65 9.81
N ALA U 385 6.91 -47.25 8.62
CA ALA U 385 6.80 -48.70 8.54
C ALA U 385 7.96 -49.43 9.22
N GLU U 386 9.10 -48.78 9.44
CA GLU U 386 10.22 -49.42 10.13
C GLU U 386 10.64 -48.63 11.35
N SER U 387 9.73 -47.84 11.90
CA SER U 387 10.03 -47.04 13.08
C SER U 387 10.34 -47.93 14.28
N LYS U 388 11.39 -47.58 15.00
CA LYS U 388 11.73 -48.26 16.24
C LYS U 388 11.75 -47.35 17.46
N TYR U 389 11.85 -46.04 17.26
CA TYR U 389 12.11 -45.10 18.35
C TYR U 389 10.98 -44.11 18.56
N SER U 390 9.81 -44.34 17.98
CA SER U 390 8.71 -43.38 18.11
C SER U 390 8.38 -43.16 19.58
N PHE U 391 7.85 -41.96 19.87
CA PHE U 391 7.41 -41.67 21.22
C PHE U 391 6.38 -42.68 21.68
N GLU U 392 5.57 -43.19 20.75
CA GLU U 392 4.55 -44.18 21.11
C GLU U 392 5.21 -45.49 21.55
N GLN U 393 6.21 -45.96 20.80
CA GLN U 393 6.87 -47.21 21.19
C GLN U 393 7.67 -47.06 22.47
N GLN U 394 8.25 -45.90 22.72
CA GLN U 394 9.16 -45.72 23.84
C GLN U 394 8.48 -45.14 25.07
N GLY U 395 7.19 -44.82 24.97
CA GLY U 395 6.41 -44.32 26.10
C GLY U 395 6.86 -42.97 26.61
N VAL U 396 7.22 -42.06 25.70
CA VAL U 396 7.86 -40.81 26.10
C VAL U 396 6.84 -39.90 26.78
N THR U 397 7.21 -39.37 27.94
CA THR U 397 6.44 -38.34 28.64
C THR U 397 7.29 -37.09 28.80
N VAL U 398 6.65 -35.99 29.16
CA VAL U 398 7.37 -34.75 29.45
C VAL U 398 6.77 -34.14 30.72
N SER U 399 7.64 -33.76 31.65
CA SER U 399 7.26 -33.03 32.84
C SER U 399 7.96 -31.67 32.86
N PHE U 400 7.27 -30.65 33.35
CA PHE U 400 7.78 -29.29 33.39
C PHE U 400 8.14 -28.87 34.81
N TYR U 401 9.25 -28.17 34.94
CA TYR U 401 9.72 -27.66 36.22
C TYR U 401 10.04 -26.18 36.07
N GLY U 402 9.48 -25.35 36.96
CA GLY U 402 9.53 -23.91 36.81
C GLY U 402 8.48 -23.43 35.82
N GLY U 403 8.37 -22.09 35.71
CA GLY U 403 7.49 -21.45 34.72
C GLY U 403 6.01 -21.82 34.85
N GLU U 404 5.26 -21.47 33.79
CA GLU U 404 3.81 -21.62 33.80
C GLU U 404 3.38 -23.06 34.07
N LEU U 405 4.05 -24.04 33.46
CA LEU U 405 3.62 -25.42 33.53
C LEU U 405 4.25 -26.18 34.68
N ASN U 406 4.90 -25.48 35.62
CA ASN U 406 5.58 -26.15 36.72
C ASN U 406 4.67 -27.17 37.37
N GLY U 407 5.21 -28.36 37.59
CA GLY U 407 4.50 -29.44 38.24
C GLY U 407 3.63 -30.28 37.33
N GLN U 408 3.49 -29.93 36.05
CA GLN U 408 2.60 -30.68 35.19
C GLN U 408 3.35 -31.74 34.39
N THR U 409 2.66 -32.84 34.08
CA THR U 409 3.20 -33.94 33.31
C THR U 409 2.25 -34.25 32.17
N PHE U 410 2.80 -34.49 30.97
CA PHE U 410 2.00 -34.82 29.80
C PHE U 410 2.42 -36.20 29.27
N THR U 411 1.41 -37.01 28.90
CA THR U 411 1.62 -38.36 28.39
C THR U 411 0.99 -38.61 27.02
N ASP U 412 0.06 -37.78 26.60
CA ASP U 412 -0.56 -37.93 25.28
C ASP U 412 0.50 -37.72 24.19
N PRO U 413 0.77 -38.71 23.35
CA PRO U 413 1.95 -38.63 22.44
C PRO U 413 1.95 -37.40 21.55
N PRO U 414 0.84 -37.01 20.91
CA PRO U 414 0.89 -35.76 20.12
C PRO U 414 1.28 -34.54 20.95
N THR U 415 0.81 -34.46 22.19
CA THR U 415 1.19 -33.33 23.04
C THR U 415 2.67 -33.39 23.44
N VAL U 416 3.16 -34.57 23.79
CA VAL U 416 4.57 -34.73 24.11
C VAL U 416 5.44 -34.42 22.89
N LYS U 417 5.02 -34.88 21.71
CA LYS U 417 5.78 -34.60 20.49
C LYS U 417 5.79 -33.11 20.18
N SER U 418 4.68 -32.44 20.47
CA SER U 418 4.59 -31.01 20.19
C SER U 418 5.54 -30.21 21.07
N TYR U 419 5.69 -30.59 22.35
CA TYR U 419 6.67 -29.92 23.21
C TYR U 419 8.10 -30.26 22.80
N ALA U 420 8.35 -31.49 22.35
CA ALA U 420 9.68 -31.85 21.90
C ALA U 420 10.10 -31.02 20.68
N ARG U 421 9.15 -30.72 19.78
CA ARG U 421 9.44 -29.83 18.65
C ARG U 421 9.84 -28.43 19.10
N LYS U 422 9.24 -27.94 20.19
CA LYS U 422 9.67 -26.64 20.74
C LYS U 422 11.04 -26.74 21.41
N ALA U 423 11.36 -27.90 21.99
CA ALA U 423 12.62 -28.03 22.72
C ALA U 423 13.85 -28.00 21.81
N ILE U 424 13.70 -28.27 20.51
CA ILE U 424 14.87 -28.14 19.66
C ILE U 424 15.32 -26.69 19.60
N PHE U 425 14.43 -25.74 19.94
CA PHE U 425 14.76 -24.32 19.96
C PHE U 425 15.34 -23.87 21.29
N GLY U 426 15.54 -24.77 22.25
CA GLY U 426 15.97 -24.39 23.59
C GLY U 426 14.81 -24.33 24.58
N GLU U 427 14.87 -23.40 25.53
CA GLU U 427 13.79 -23.25 26.52
C GLU U 427 12.50 -22.82 25.83
N ILE U 428 11.37 -23.25 26.40
CA ILE U 428 10.07 -23.14 25.74
C ILE U 428 9.28 -21.97 26.35
N PHE U 429 8.74 -21.13 25.47
CA PHE U 429 8.01 -19.93 25.89
C PHE U 429 6.61 -19.91 25.28
N GLU U 430 5.72 -19.21 25.97
CA GLU U 430 4.40 -18.89 25.43
C GLU U 430 4.44 -17.52 24.76
N PHE U 431 3.84 -17.42 23.58
CA PHE U 431 3.89 -16.22 22.76
C PHE U 431 2.48 -15.72 22.43
N ASP U 432 2.33 -14.41 22.39
CA ASP U 432 1.18 -13.75 21.79
C ASP U 432 1.49 -13.61 20.29
N THR U 433 0.85 -14.44 19.47
CA THR U 433 1.02 -14.40 18.03
C THR U 433 -0.07 -13.60 17.32
N GLU U 434 -1.08 -13.12 18.07
CA GLU U 434 -2.23 -12.44 17.48
C GLU U 434 -2.01 -10.93 17.31
N THR U 435 -1.40 -10.27 18.29
CA THR U 435 -1.33 -8.82 18.27
C THR U 435 -0.69 -8.32 16.98
N LEU U 436 0.38 -8.96 16.55
CA LEU U 436 1.08 -8.53 15.33
C LEU U 436 0.75 -9.38 14.13
N ASN U 437 -0.20 -10.32 14.25
CA ASN U 437 -0.41 -11.32 13.21
C ASN U 437 0.92 -11.98 12.82
N SER U 438 1.64 -12.48 13.83
CA SER U 438 2.95 -13.08 13.60
C SER U 438 2.83 -14.33 12.72
N ASP U 439 3.85 -14.56 11.90
CA ASP U 439 3.79 -15.64 10.93
C ASP U 439 4.55 -16.90 11.37
N GLY U 440 5.20 -16.88 12.53
CA GLY U 440 5.92 -18.05 13.02
C GLY U 440 7.28 -18.30 12.39
N ILE U 441 7.86 -17.33 11.68
CA ILE U 441 9.12 -17.52 10.95
C ILE U 441 10.19 -16.61 11.55
N PHE U 442 11.34 -17.18 11.91
CA PHE U 442 12.32 -16.44 12.71
C PHE U 442 12.88 -15.26 11.94
N ARG U 443 13.11 -14.16 12.67
CA ARG U 443 13.74 -12.96 12.14
C ARG U 443 15.00 -12.64 12.95
N THR U 444 15.89 -11.82 12.38
CA THR U 444 17.08 -11.44 13.13
C THR U 444 16.82 -10.18 13.96
N SER U 445 17.77 -9.90 14.84
CA SER U 445 17.70 -8.76 15.76
C SER U 445 18.42 -7.53 15.21
N PRO U 446 18.38 -6.40 15.93
CA PRO U 446 19.25 -5.27 15.56
C PRO U 446 20.72 -5.65 15.46
N ARG U 447 21.17 -6.61 16.26
CA ARG U 447 22.57 -7.05 16.14
C ARG U 447 22.84 -7.58 14.74
N GLY U 448 21.90 -8.37 14.20
CA GLY U 448 22.10 -8.92 12.87
C GLY U 448 22.01 -7.85 11.79
N TRP U 449 21.00 -6.98 11.89
CA TRP U 449 20.80 -5.96 10.85
C TRP U 449 21.95 -4.96 10.84
N PHE U 450 22.41 -4.52 12.03
CA PHE U 450 23.55 -3.62 12.06
C PHE U 450 24.75 -4.23 11.35
N THR U 451 25.08 -5.48 11.71
CA THR U 451 26.24 -6.16 11.13
C THR U 451 26.12 -6.27 9.62
N PHE U 452 24.95 -6.68 9.13
CA PHE U 452 24.77 -6.80 7.68
C PHE U 452 25.03 -5.48 6.99
N ALA U 453 24.31 -4.42 7.41
CA ALA U 453 24.43 -3.14 6.74
C ALA U 453 25.87 -2.64 6.75
N HIS U 454 26.59 -2.84 7.87
CA HIS U 454 27.91 -2.24 7.96
C HIS U 454 28.99 -3.07 7.27
N ALA U 455 28.85 -4.39 7.23
CA ALA U 455 29.78 -5.16 6.40
C ALA U 455 29.56 -4.88 4.91
N VAL U 456 28.30 -4.77 4.46
CA VAL U 456 28.05 -4.45 3.05
C VAL U 456 28.57 -3.07 2.70
N PHE U 457 28.25 -2.05 3.52
CA PHE U 457 28.73 -0.70 3.25
C PHE U 457 30.25 -0.65 3.26
N ALA U 458 30.89 -1.37 4.18
CA ALA U 458 32.35 -1.37 4.25
C ALA U 458 32.95 -1.90 2.97
N LEU U 459 32.40 -3.00 2.45
CA LEU U 459 32.91 -3.59 1.22
C LEU U 459 32.72 -2.64 0.05
N LEU U 460 31.56 -1.99 -0.04
CA LEU U 460 31.33 -1.04 -1.12
C LEU U 460 32.28 0.16 -1.01
N PHE U 461 32.59 0.59 0.22
CA PHE U 461 33.50 1.72 0.36
C PHE U 461 34.93 1.36 -0.02
N PHE U 462 35.29 0.06 0.01
CA PHE U 462 36.57 -0.32 -0.56
C PHE U 462 36.65 0.10 -2.02
N PHE U 463 35.58 -0.12 -2.79
CA PHE U 463 35.57 0.35 -4.17
C PHE U 463 35.73 1.87 -4.25
N GLY U 464 34.98 2.62 -3.40
CA GLY U 464 35.14 4.06 -3.40
C GLY U 464 36.57 4.50 -3.16
N HIS U 465 37.27 3.83 -2.24
CA HIS U 465 38.66 4.18 -1.95
C HIS U 465 39.56 3.97 -3.16
N ILE U 466 39.45 2.81 -3.80
CA ILE U 466 40.23 2.48 -4.98
C ILE U 466 39.93 3.46 -6.10
N TRP U 467 38.65 3.77 -6.29
CA TRP U 467 38.24 4.67 -7.36
C TRP U 467 38.84 6.06 -7.18
N HIS U 468 38.64 6.67 -6.01
CA HIS U 468 39.13 8.04 -5.82
C HIS U 468 40.64 8.06 -5.62
N GLY U 469 41.22 6.99 -5.08
CA GLY U 469 42.67 6.89 -5.05
C GLY U 469 43.27 6.87 -6.45
N ALA U 470 42.62 6.15 -7.36
CA ALA U 470 43.06 6.17 -8.75
C ALA U 470 42.91 7.56 -9.37
N ARG U 471 41.75 8.21 -9.15
CA ARG U 471 41.54 9.54 -9.70
C ARG U 471 42.60 10.51 -9.20
N THR U 472 43.03 10.34 -7.94
CA THR U 472 44.03 11.23 -7.39
C THR U 472 45.37 11.03 -8.07
N LEU U 473 45.82 9.77 -8.18
CA LEU U 473 47.16 9.50 -8.65
C LEU U 473 47.28 9.53 -10.17
N PHE U 474 46.16 9.53 -10.90
CA PHE U 474 46.19 9.54 -12.35
C PHE U 474 45.42 10.74 -12.93
N ARG U 475 45.41 11.86 -12.21
CA ARG U 475 44.61 13.00 -12.65
C ARG U 475 45.03 13.48 -14.04
N ASP U 476 46.33 13.44 -14.34
CA ASP U 476 46.81 13.91 -15.65
C ASP U 476 46.31 13.10 -16.83
N VAL U 477 45.82 11.87 -16.63
CA VAL U 477 45.39 11.07 -17.76
C VAL U 477 43.90 10.73 -17.70
N PHE U 478 43.12 11.48 -16.89
CA PHE U 478 41.71 11.19 -16.74
C PHE U 478 40.96 11.25 -18.07
N SER U 479 41.32 12.19 -18.94
CA SER U 479 40.65 12.35 -20.23
C SER U 479 41.24 11.48 -21.34
N GLY U 480 42.33 10.77 -21.07
CA GLY U 480 42.98 9.93 -22.05
C GLY U 480 44.48 10.14 -22.07
N ILE U 481 45.15 9.31 -22.85
CA ILE U 481 46.60 9.37 -22.98
C ILE U 481 46.98 10.04 -24.30
N ASP U 482 48.23 10.45 -24.40
CA ASP U 482 48.71 10.94 -25.69
C ASP U 482 49.17 9.76 -26.55
N PRO U 483 48.73 9.67 -27.82
CA PRO U 483 49.17 8.57 -28.70
C PRO U 483 50.67 8.56 -28.95
N ASN V 1 68.75 -25.50 -49.23
CA ASN V 1 68.36 -24.36 -50.05
C ASN V 1 67.46 -23.38 -49.25
N SER V 2 66.24 -23.17 -49.72
CA SER V 2 65.34 -22.20 -49.12
C SER V 2 64.19 -22.91 -48.43
N ILE V 3 63.83 -22.45 -47.22
CA ILE V 3 62.70 -23.02 -46.51
C ILE V 3 61.40 -22.71 -47.23
N PHE V 4 61.39 -21.70 -48.10
CA PHE V 4 60.18 -21.27 -48.79
C PHE V 4 60.11 -21.74 -50.23
N ALA V 5 61.01 -22.64 -50.63
CA ALA V 5 61.17 -22.99 -52.05
C ALA V 5 60.03 -23.85 -52.60
N THR V 6 59.28 -24.55 -51.75
CA THR V 6 58.21 -25.40 -52.24
C THR V 6 56.91 -24.61 -52.23
N ASN V 7 55.84 -25.24 -52.72
CA ASN V 7 54.50 -24.67 -52.60
C ASN V 7 53.81 -25.05 -51.30
N ARG V 8 54.54 -25.61 -50.34
CA ARG V 8 53.96 -26.12 -49.09
C ARG V 8 54.24 -25.15 -47.95
N ASP V 9 53.78 -23.92 -48.13
CA ASP V 9 53.98 -22.90 -47.13
C ASP V 9 52.90 -21.85 -47.31
N GLN V 10 52.78 -20.96 -46.33
CA GLN V 10 51.76 -19.92 -46.41
C GLN V 10 52.07 -18.95 -47.55
N GLU V 11 53.35 -18.64 -47.75
CA GLU V 11 53.73 -17.64 -48.75
C GLU V 11 53.23 -18.02 -50.14
N SER V 12 53.33 -19.30 -50.51
CA SER V 12 52.83 -19.72 -51.81
C SER V 12 51.32 -19.95 -51.81
N SER V 13 50.77 -20.54 -50.73
CA SER V 13 49.42 -21.08 -50.79
C SER V 13 48.33 -20.15 -50.29
N GLY V 14 48.68 -19.14 -49.48
CA GLY V 14 47.68 -18.31 -48.87
C GLY V 14 47.08 -18.87 -47.58
N PHE V 15 47.41 -20.10 -47.21
CA PHE V 15 46.86 -20.72 -45.99
C PHE V 15 47.98 -20.99 -44.99
N ALA V 16 47.72 -20.62 -43.73
CA ALA V 16 48.60 -20.92 -42.62
C ALA V 16 48.66 -22.42 -42.37
N TRP V 17 49.69 -22.85 -41.62
CA TRP V 17 49.89 -24.27 -41.33
C TRP V 17 48.65 -24.90 -40.68
N TRP V 18 47.95 -24.14 -39.85
CA TRP V 18 46.80 -24.70 -39.15
C TRP V 18 45.58 -24.85 -40.05
N ALA V 19 45.62 -24.27 -41.25
CA ALA V 19 44.64 -24.57 -42.29
C ALA V 19 45.32 -25.26 -43.47
N GLY V 20 46.39 -26.01 -43.18
CA GLY V 20 47.27 -26.50 -44.22
C GLY V 20 46.60 -27.42 -45.23
N ASN V 21 45.62 -28.21 -44.79
CA ASN V 21 44.98 -29.12 -45.72
C ASN V 21 44.12 -28.40 -46.76
N ALA V 22 43.79 -27.13 -46.51
CA ALA V 22 43.18 -26.31 -47.56
C ALA V 22 44.14 -26.04 -48.71
N ARG V 23 45.44 -26.21 -48.51
CA ARG V 23 46.38 -26.08 -49.63
C ARG V 23 46.19 -27.17 -50.67
N LEU V 24 45.41 -28.20 -50.36
CA LEU V 24 45.22 -29.32 -51.28
C LEU V 24 44.04 -29.13 -52.22
N ILE V 25 43.28 -28.03 -52.09
CA ILE V 25 42.01 -27.90 -52.79
C ILE V 25 42.17 -28.13 -54.29
N ASN V 26 43.25 -27.63 -54.89
CA ASN V 26 43.47 -27.78 -56.33
C ASN V 26 44.67 -28.68 -56.65
N LEU V 27 44.99 -29.62 -55.77
CA LEU V 27 46.08 -30.57 -56.03
C LEU V 27 45.50 -31.97 -56.01
N SER V 28 44.89 -32.38 -57.13
CA SER V 28 44.10 -33.59 -57.15
C SER V 28 44.91 -34.82 -56.74
N GLY V 29 46.18 -34.91 -57.14
CA GLY V 29 46.96 -36.09 -56.82
C GLY V 29 47.22 -36.23 -55.33
N LYS V 30 47.75 -35.18 -54.70
CA LYS V 30 48.02 -35.25 -53.26
C LYS V 30 46.71 -35.37 -52.47
N LEU V 31 45.68 -34.63 -52.89
CA LEU V 31 44.38 -34.75 -52.23
C LEU V 31 43.84 -36.16 -52.34
N LEU V 32 44.07 -36.82 -53.47
CA LEU V 32 43.69 -38.23 -53.58
C LEU V 32 44.44 -39.06 -52.54
N GLY V 33 45.75 -38.86 -52.42
CA GLY V 33 46.52 -39.55 -51.39
C GLY V 33 45.99 -39.29 -49.99
N ALA V 34 45.64 -38.03 -49.68
CA ALA V 34 45.10 -37.72 -48.37
C ALA V 34 43.85 -38.54 -48.11
N HIS V 35 42.99 -38.66 -49.13
CA HIS V 35 41.75 -39.40 -48.95
C HIS V 35 42.02 -40.90 -48.81
N VAL V 36 42.89 -41.45 -49.66
CA VAL V 36 43.18 -42.88 -49.57
C VAL V 36 43.88 -43.21 -48.26
N ALA V 37 44.85 -42.38 -47.85
CA ALA V 37 45.52 -42.62 -46.57
C ALA V 37 44.53 -42.60 -45.41
N HIS V 38 43.59 -41.65 -45.42
CA HIS V 38 42.61 -41.57 -44.34
C HIS V 38 41.69 -42.77 -44.34
N ALA V 39 41.29 -43.25 -45.52
CA ALA V 39 40.53 -44.50 -45.59
C ALA V 39 41.31 -45.62 -44.92
N GLY V 40 42.63 -45.65 -45.13
CA GLY V 40 43.45 -46.63 -44.43
C GLY V 40 43.35 -46.54 -42.92
N LEU V 41 43.36 -45.31 -42.38
CA LEU V 41 43.18 -45.14 -40.94
C LEU V 41 41.86 -45.73 -40.47
N ILE V 42 40.77 -45.47 -41.23
CA ILE V 42 39.46 -46.01 -40.86
C ILE V 42 39.51 -47.53 -40.82
N VAL V 43 40.02 -48.12 -41.90
CA VAL V 43 40.10 -49.58 -42.00
C VAL V 43 41.07 -50.13 -40.97
N PHE V 44 42.18 -49.43 -40.72
CA PHE V 44 43.11 -49.84 -39.67
C PHE V 44 42.39 -49.96 -38.33
N TRP V 45 41.68 -48.91 -37.93
CA TRP V 45 41.01 -48.95 -36.64
C TRP V 45 40.03 -50.11 -36.57
N ALA V 46 39.24 -50.33 -37.62
CA ALA V 46 38.27 -51.44 -37.60
C ALA V 46 38.96 -52.77 -37.36
N GLY V 47 40.09 -52.99 -38.05
CA GLY V 47 40.79 -54.25 -37.89
C GLY V 47 41.48 -54.35 -36.54
N ALA V 48 42.26 -53.34 -36.18
CA ALA V 48 42.99 -53.38 -34.93
C ALA V 48 42.04 -53.39 -33.72
N MET V 49 40.97 -52.58 -33.76
CA MET V 49 40.04 -52.57 -32.63
C MET V 49 39.37 -53.92 -32.45
N THR V 50 39.04 -54.60 -33.56
CA THR V 50 38.43 -55.92 -33.47
C THR V 50 39.37 -56.92 -32.80
N LEU V 51 40.64 -56.94 -33.21
CA LEU V 51 41.57 -57.88 -32.61
C LEU V 51 41.76 -57.59 -31.12
N PHE V 52 41.80 -56.30 -30.76
CA PHE V 52 41.86 -55.93 -29.36
C PHE V 52 40.65 -56.46 -28.60
N GLU V 53 39.44 -56.21 -29.13
CA GLU V 53 38.22 -56.72 -28.51
C GLU V 53 38.29 -58.23 -28.35
N LEU V 54 38.64 -58.94 -29.42
CA LEU V 54 38.73 -60.40 -29.34
C LEU V 54 39.75 -60.83 -28.30
N ALA V 55 40.91 -60.18 -28.27
CA ALA V 55 41.94 -60.55 -27.28
C ALA V 55 41.43 -60.35 -25.84
N HIS V 56 40.50 -59.41 -25.63
CA HIS V 56 40.00 -59.13 -24.31
C HIS V 56 38.66 -59.82 -24.04
N PHE V 57 38.23 -60.69 -24.95
CA PHE V 57 36.86 -61.19 -24.96
C PHE V 57 36.79 -62.51 -24.19
N ILE V 58 35.92 -62.54 -23.18
CA ILE V 58 35.57 -63.76 -22.46
C ILE V 58 34.20 -64.20 -22.98
N PRO V 59 34.10 -65.28 -23.76
CA PRO V 59 32.86 -65.53 -24.51
C PRO V 59 31.68 -65.91 -23.65
N GLU V 60 31.87 -66.43 -22.44
CA GLU V 60 30.73 -66.80 -21.62
C GLU V 60 30.09 -65.59 -20.96
N LYS V 61 30.86 -64.51 -20.80
CA LYS V 61 30.41 -63.23 -20.27
C LYS V 61 29.63 -62.47 -21.36
N PRO V 62 28.58 -61.73 -21.01
CA PRO V 62 27.88 -60.91 -22.02
C PRO V 62 28.83 -59.92 -22.68
N MET V 63 28.68 -59.72 -24.00
CA MET V 63 29.49 -58.72 -24.70
C MET V 63 29.35 -57.36 -24.03
N TYR V 64 28.11 -56.98 -23.67
CA TYR V 64 27.87 -55.65 -23.13
C TYR V 64 28.46 -55.47 -21.74
N GLU V 65 28.94 -56.53 -21.11
CA GLU V 65 29.71 -56.39 -19.88
C GLU V 65 31.19 -56.16 -20.14
N GLN V 66 31.62 -56.12 -21.40
CA GLN V 66 33.05 -56.15 -21.71
C GLN V 66 33.50 -54.99 -22.58
N GLY V 67 32.71 -53.92 -22.66
CA GLY V 67 33.13 -52.73 -23.40
C GLY V 67 33.37 -52.97 -24.87
N LEU V 68 32.54 -53.82 -25.49
CA LEU V 68 32.70 -54.18 -26.90
C LEU V 68 31.69 -53.42 -27.75
N ILE V 69 32.15 -52.86 -28.87
CA ILE V 69 31.25 -52.26 -29.83
C ILE V 69 31.38 -52.86 -31.22
N LEU V 70 32.50 -53.49 -31.58
CA LEU V 70 32.66 -54.03 -32.92
C LEU V 70 32.19 -55.48 -33.04
N ILE V 71 32.63 -56.34 -32.13
CA ILE V 71 32.15 -57.72 -32.11
C ILE V 71 30.62 -57.75 -32.09
N PRO V 72 29.92 -56.88 -31.33
CA PRO V 72 28.45 -56.82 -31.49
C PRO V 72 27.99 -56.55 -32.92
N HIS V 73 28.68 -55.68 -33.67
CA HIS V 73 28.32 -55.47 -35.06
C HIS V 73 28.50 -56.75 -35.88
N ILE V 74 29.57 -57.49 -35.65
CA ILE V 74 29.80 -58.72 -36.41
C ILE V 74 28.78 -59.77 -36.01
N ALA V 75 28.49 -59.87 -34.71
CA ALA V 75 27.52 -60.86 -34.24
C ALA V 75 26.13 -60.59 -34.78
N THR V 76 25.75 -59.31 -34.93
CA THR V 76 24.43 -58.99 -35.44
C THR V 76 24.24 -59.47 -36.87
N LEU V 77 25.34 -59.56 -37.63
CA LEU V 77 25.32 -60.08 -39.00
C LEU V 77 25.26 -61.59 -39.06
N GLY V 78 25.15 -62.29 -37.92
CA GLY V 78 25.02 -63.73 -37.91
C GLY V 78 26.30 -64.51 -37.72
N TRP V 79 27.44 -63.84 -37.60
CA TRP V 79 28.72 -64.53 -37.50
C TRP V 79 29.06 -64.83 -36.04
N GLY V 80 29.42 -66.08 -35.78
CA GLY V 80 29.98 -66.47 -34.50
C GLY V 80 29.00 -66.78 -33.38
N VAL V 81 27.69 -66.68 -33.63
CA VAL V 81 26.72 -66.75 -32.55
C VAL V 81 25.60 -67.73 -32.88
N GLY V 82 24.96 -68.22 -31.81
CA GLY V 82 23.86 -69.16 -31.92
C GLY V 82 22.64 -68.70 -31.13
N PRO V 83 21.79 -69.65 -30.74
CA PRO V 83 20.56 -69.30 -30.02
C PRO V 83 20.83 -68.42 -28.81
N GLY V 84 19.98 -67.41 -28.63
CA GLY V 84 20.16 -66.48 -27.53
C GLY V 84 21.36 -65.56 -27.64
N GLY V 85 22.15 -65.64 -28.71
CA GLY V 85 23.34 -64.84 -28.82
C GLY V 85 24.58 -65.45 -28.20
N GLU V 86 24.52 -66.71 -27.78
CA GLU V 86 25.70 -67.34 -27.20
C GLU V 86 26.79 -67.47 -28.25
N VAL V 87 28.02 -67.18 -27.85
CA VAL V 87 29.15 -67.26 -28.77
C VAL V 87 29.52 -68.71 -28.98
N VAL V 88 29.46 -69.17 -30.23
CA VAL V 88 29.79 -70.54 -30.56
C VAL V 88 31.15 -70.67 -31.24
N ASP V 89 31.72 -69.57 -31.74
CA ASP V 89 32.95 -69.59 -32.51
C ASP V 89 33.48 -68.18 -32.69
N THR V 90 34.65 -67.89 -32.11
CA THR V 90 35.23 -66.55 -32.21
C THR V 90 36.01 -66.34 -33.49
N PHE V 91 36.28 -67.41 -34.24
CA PHE V 91 37.09 -67.28 -35.45
C PHE V 91 36.54 -66.27 -36.46
N PRO V 92 35.23 -66.20 -36.73
CA PRO V 92 34.75 -65.13 -37.63
C PRO V 92 35.14 -63.74 -37.18
N PHE V 93 35.07 -63.46 -35.86
CA PHE V 93 35.57 -62.20 -35.33
C PHE V 93 37.04 -62.00 -35.71
N PHE V 94 37.85 -63.05 -35.55
CA PHE V 94 39.26 -62.98 -35.89
C PHE V 94 39.47 -62.67 -37.36
N VAL V 95 38.71 -63.32 -38.24
CA VAL V 95 38.86 -63.09 -39.67
C VAL V 95 38.56 -61.64 -40.02
N VAL V 96 37.44 -61.11 -39.52
CA VAL V 96 37.06 -59.74 -39.84
C VAL V 96 38.16 -58.77 -39.42
N GLY V 97 38.71 -58.97 -38.21
CA GLY V 97 39.76 -58.08 -37.73
C GLY V 97 41.03 -58.18 -38.56
N VAL V 98 41.51 -59.41 -38.80
CA VAL V 98 42.73 -59.58 -39.58
C VAL V 98 42.56 -59.00 -40.98
N VAL V 99 41.45 -59.34 -41.64
CA VAL V 99 41.32 -58.94 -43.04
C VAL V 99 41.25 -57.42 -43.17
N HIS V 100 40.53 -56.74 -42.26
CA HIS V 100 40.57 -55.28 -42.27
C HIS V 100 41.99 -54.77 -42.03
N LEU V 101 42.70 -55.36 -41.07
CA LEU V 101 44.02 -54.86 -40.73
C LEU V 101 44.98 -54.99 -41.90
N ILE V 102 44.95 -56.13 -42.60
CA ILE V 102 45.78 -56.31 -43.79
C ILE V 102 45.37 -55.33 -44.88
N SER V 103 44.07 -55.15 -45.07
CA SER V 103 43.59 -54.22 -46.09
C SER V 103 44.09 -52.79 -45.83
N SER V 104 44.22 -52.40 -44.55
CA SER V 104 44.64 -51.04 -44.25
C SER V 104 46.09 -50.80 -44.67
N ALA V 105 46.91 -51.86 -44.70
CA ALA V 105 48.26 -51.72 -45.23
C ALA V 105 48.26 -51.35 -46.71
N VAL V 106 47.34 -51.94 -47.49
CA VAL V 106 47.25 -51.61 -48.91
C VAL V 106 46.79 -50.17 -49.10
N LEU V 107 45.74 -49.77 -48.37
CA LEU V 107 45.24 -48.41 -48.48
C LEU V 107 46.30 -47.40 -48.06
N GLY V 108 47.00 -47.68 -46.95
CA GLY V 108 48.06 -46.78 -46.53
C GLY V 108 49.17 -46.66 -47.55
N PHE V 109 49.57 -47.79 -48.15
CA PHE V 109 50.57 -47.74 -49.20
C PHE V 109 50.14 -46.79 -50.31
N GLY V 110 48.93 -46.99 -50.84
CA GLY V 110 48.48 -46.14 -51.92
C GLY V 110 48.32 -44.69 -51.51
N GLY V 111 47.79 -44.46 -50.31
CA GLY V 111 47.66 -43.08 -49.84
C GLY V 111 49.01 -42.40 -49.70
N VAL V 112 49.98 -43.09 -49.10
CA VAL V 112 51.31 -42.51 -48.96
C VAL V 112 51.94 -42.25 -50.34
N TYR V 113 51.84 -43.24 -51.23
CA TYR V 113 52.35 -43.06 -52.58
C TYR V 113 51.77 -41.81 -53.25
N HIS V 114 50.44 -41.72 -53.30
CA HIS V 114 49.82 -40.59 -53.97
C HIS V 114 50.09 -39.27 -53.25
N ALA V 115 50.28 -39.33 -51.93
CA ALA V 115 50.44 -38.10 -51.15
C ALA V 115 51.79 -37.44 -51.38
N ILE V 116 52.86 -38.23 -51.54
CA ILE V 116 54.19 -37.64 -51.54
C ILE V 116 55.06 -38.06 -52.72
N ARG V 117 54.71 -39.10 -53.47
CA ARG V 117 55.56 -39.55 -54.56
C ARG V 117 54.91 -39.42 -55.93
N GLY V 118 53.60 -39.69 -56.05
CA GLY V 118 52.93 -39.61 -57.32
C GLY V 118 52.69 -38.16 -57.74
N PRO V 119 52.07 -37.99 -58.90
CA PRO V 119 51.84 -36.63 -59.42
C PRO V 119 50.91 -35.83 -58.52
N GLU V 120 51.33 -34.58 -58.23
CA GLU V 120 50.56 -33.68 -57.37
C GLU V 120 49.20 -33.35 -57.95
N THR V 121 49.14 -33.16 -59.26
CA THR V 121 47.90 -32.92 -59.97
C THR V 121 47.71 -34.06 -60.95
N LEU V 122 46.46 -34.50 -61.14
CA LEU V 122 46.22 -35.63 -62.00
C LEU V 122 45.86 -35.24 -63.42
N GLU V 123 45.51 -33.98 -63.65
CA GLU V 123 44.90 -33.58 -64.91
C GLU V 123 45.86 -33.76 -66.08
N GLU V 124 47.15 -33.51 -65.87
CA GLU V 124 48.12 -33.68 -66.93
C GLU V 124 48.32 -35.16 -67.26
N TYR V 125 48.21 -36.03 -66.26
CA TYR V 125 48.46 -37.46 -66.48
C TYR V 125 47.24 -38.18 -67.04
N SER V 126 46.05 -37.83 -66.56
CA SER V 126 44.86 -38.57 -66.98
C SER V 126 43.68 -37.63 -67.07
N SER V 127 42.98 -37.67 -68.21
CA SER V 127 41.76 -36.90 -68.35
C SER V 127 40.61 -37.54 -67.58
N PHE V 128 40.69 -38.85 -67.29
CA PHE V 128 39.65 -39.54 -66.54
C PHE V 128 39.78 -39.27 -65.04
N PHE V 129 40.98 -39.41 -64.49
CA PHE V 129 41.18 -39.24 -63.06
C PHE V 129 41.36 -37.79 -62.66
N GLY V 130 41.82 -36.94 -63.56
CA GLY V 130 41.82 -35.51 -63.28
C GLY V 130 40.41 -34.98 -63.21
N TYR V 131 40.25 -33.88 -62.49
CA TYR V 131 38.94 -33.26 -62.34
C TYR V 131 39.12 -31.79 -62.00
N ASP V 132 38.14 -31.00 -62.43
CA ASP V 132 37.98 -29.61 -62.05
C ASP V 132 36.69 -29.48 -61.25
N TRP V 133 36.78 -28.88 -60.05
CA TRP V 133 35.60 -28.75 -59.20
C TRP V 133 34.43 -28.10 -59.92
N LYS V 134 34.72 -27.23 -60.90
CA LYS V 134 33.69 -26.51 -61.63
C LYS V 134 33.11 -27.30 -62.79
N ASP V 135 33.70 -28.45 -63.13
CA ASP V 135 33.16 -29.31 -64.19
C ASP V 135 32.02 -30.12 -63.60
N LYS V 136 30.79 -29.67 -63.87
CA LYS V 136 29.64 -30.25 -63.20
C LYS V 136 29.35 -31.66 -63.69
N ASN V 137 29.72 -31.96 -64.94
CA ASN V 137 29.53 -33.30 -65.47
C ASN V 137 30.52 -34.27 -64.85
N LYS V 138 31.76 -33.84 -64.66
CA LYS V 138 32.76 -34.72 -64.05
C LYS V 138 32.42 -34.97 -62.58
N MET V 139 31.90 -33.95 -61.90
CA MET V 139 31.54 -34.11 -60.49
C MET V 139 30.41 -35.11 -60.34
N THR V 140 29.39 -35.04 -61.20
CA THR V 140 28.30 -36.01 -61.08
C THR V 140 28.74 -37.40 -61.47
N THR V 141 29.66 -37.53 -62.42
CA THR V 141 30.18 -38.84 -62.81
C THR V 141 30.88 -39.52 -61.64
N ILE V 142 31.72 -38.78 -60.92
CA ILE V 142 32.40 -39.36 -59.77
C ILE V 142 31.40 -39.63 -58.64
N LEU V 143 30.47 -38.71 -58.40
CA LEU V 143 29.37 -38.99 -57.49
C LEU V 143 28.66 -40.27 -57.88
N GLY V 144 28.41 -40.45 -59.18
CA GLY V 144 27.70 -41.64 -59.64
C GLY V 144 28.45 -42.93 -59.38
N PHE V 145 29.76 -42.94 -59.68
CA PHE V 145 30.59 -44.10 -59.38
C PHE V 145 30.44 -44.51 -57.92
N HIS V 146 30.53 -43.54 -57.02
CA HIS V 146 30.46 -43.84 -55.61
C HIS V 146 29.05 -44.26 -55.20
N LEU V 147 28.02 -43.72 -55.86
CA LEU V 147 26.66 -44.22 -55.62
C LEU V 147 26.56 -45.70 -55.97
N ILE V 148 27.13 -46.09 -57.10
CA ILE V 148 27.09 -47.50 -57.51
C ILE V 148 27.80 -48.37 -56.50
N VAL V 149 28.94 -47.89 -55.99
CA VAL V 149 29.67 -48.63 -54.96
C VAL V 149 28.81 -48.83 -53.72
N LEU V 150 28.14 -47.77 -53.26
CA LEU V 150 27.31 -47.86 -52.07
C LEU V 150 26.13 -48.82 -52.29
N GLY V 151 25.52 -48.78 -53.48
CA GLY V 151 24.45 -49.71 -53.78
C GLY V 151 24.88 -51.16 -53.68
N ILE V 152 26.07 -51.48 -54.19
CA ILE V 152 26.63 -52.81 -54.04
C ILE V 152 26.76 -53.16 -52.56
N GLY V 153 27.25 -52.20 -51.75
CA GLY V 153 27.39 -52.45 -50.33
C GLY V 153 26.08 -52.85 -49.67
N ALA V 154 25.01 -52.13 -49.99
CA ALA V 154 23.71 -52.47 -49.42
C ALA V 154 23.30 -53.89 -49.82
N LEU V 155 23.57 -54.27 -51.08
CA LEU V 155 23.23 -55.61 -51.55
C LEU V 155 24.12 -56.69 -50.93
N LEU V 156 25.30 -56.33 -50.43
CA LEU V 156 26.09 -57.29 -49.67
C LEU V 156 25.37 -57.69 -48.38
N LEU V 157 24.74 -56.73 -47.71
CA LEU V 157 23.92 -57.05 -46.55
C LEU V 157 22.79 -57.99 -46.94
N VAL V 158 22.12 -57.71 -48.06
CA VAL V 158 21.05 -58.57 -48.55
C VAL V 158 21.58 -59.97 -48.81
N ALA V 159 22.73 -60.07 -49.49
CA ALA V 159 23.31 -61.37 -49.79
C ALA V 159 23.63 -62.16 -48.52
N LYS V 160 24.21 -61.50 -47.52
CA LYS V 160 24.44 -62.16 -46.24
C LYS V 160 23.13 -62.70 -45.66
N ALA V 161 22.09 -61.86 -45.64
CA ALA V 161 20.85 -62.22 -44.96
C ALA V 161 20.08 -63.31 -45.70
N MET V 162 20.23 -63.40 -47.02
CA MET V 162 19.42 -64.30 -47.83
C MET V 162 20.16 -65.52 -48.32
N PHE V 163 21.47 -65.44 -48.53
CA PHE V 163 22.20 -66.55 -49.13
C PHE V 163 23.44 -66.98 -48.36
N PHE V 164 23.89 -66.24 -47.36
CA PHE V 164 25.14 -66.59 -46.70
C PHE V 164 24.98 -66.62 -45.19
N GLY V 165 23.96 -67.34 -44.73
CA GLY V 165 23.81 -67.67 -43.32
C GLY V 165 22.72 -66.91 -42.59
N GLY V 166 22.31 -65.75 -43.09
CA GLY V 166 21.25 -65.00 -42.44
C GLY V 166 21.79 -63.93 -41.50
N LEU V 167 20.89 -63.45 -40.64
CA LEU V 167 21.23 -62.42 -39.66
C LEU V 167 20.78 -62.87 -38.29
N TYR V 168 21.30 -62.22 -37.25
CA TYR V 168 20.77 -62.51 -35.91
C TYR V 168 19.40 -61.87 -35.77
N ASP V 169 18.41 -62.68 -35.39
CA ASP V 169 17.02 -62.24 -35.29
C ASP V 169 16.59 -62.34 -33.83
N THR V 170 16.60 -61.20 -33.13
CA THR V 170 16.16 -61.18 -31.73
C THR V 170 14.70 -61.57 -31.59
N TRP V 171 13.91 -61.47 -32.66
CA TRP V 171 12.48 -61.75 -32.63
C TRP V 171 12.14 -63.19 -33.04
N ALA V 172 13.14 -64.03 -33.25
CA ALA V 172 12.87 -65.36 -33.80
C ALA V 172 12.01 -66.17 -32.83
N PRO V 173 11.00 -66.88 -33.33
CA PRO V 173 10.18 -67.71 -32.43
C PRO V 173 11.03 -68.76 -31.72
N GLY V 174 10.78 -68.90 -30.42
CA GLY V 174 11.58 -69.77 -29.57
C GLY V 174 12.76 -69.10 -28.91
N GLY V 175 12.97 -67.81 -29.16
CA GLY V 175 14.12 -67.10 -28.64
C GLY V 175 15.00 -66.60 -29.76
N GLY V 176 15.81 -65.58 -29.49
CA GLY V 176 16.72 -65.04 -30.47
C GLY V 176 17.60 -66.11 -31.09
N ASP V 177 17.87 -65.99 -32.38
CA ASP V 177 18.67 -66.96 -33.11
C ASP V 177 19.03 -66.38 -34.47
N VAL V 178 20.03 -66.98 -35.10
CA VAL V 178 20.36 -66.60 -36.47
C VAL V 178 19.29 -67.14 -37.41
N ARG V 179 18.86 -66.32 -38.36
CA ARG V 179 17.76 -66.73 -39.24
C ARG V 179 18.03 -66.24 -40.66
N VAL V 180 17.85 -67.12 -41.63
CA VAL V 180 17.95 -66.78 -43.04
C VAL V 180 16.66 -66.07 -43.44
N ILE V 181 16.78 -64.96 -44.17
CA ILE V 181 15.62 -64.18 -44.59
C ILE V 181 15.25 -64.56 -46.02
N THR V 182 14.03 -65.06 -46.21
CA THR V 182 13.57 -65.54 -47.51
C THR V 182 12.49 -64.69 -48.16
N ASN V 183 11.73 -63.90 -47.40
CA ASN V 183 10.66 -63.06 -47.93
C ASN V 183 10.86 -61.61 -47.51
N PRO V 184 11.89 -60.94 -48.05
CA PRO V 184 12.09 -59.54 -47.70
C PRO V 184 10.91 -58.69 -48.15
N THR V 185 10.63 -57.64 -47.38
CA THR V 185 9.50 -56.77 -47.69
C THR V 185 9.87 -55.90 -48.89
N LEU V 186 9.15 -56.09 -50.00
CA LEU V 186 9.36 -55.28 -51.19
C LEU V 186 8.25 -54.26 -51.41
N ASP V 187 7.12 -54.39 -50.72
CA ASP V 187 6.00 -53.47 -50.87
C ASP V 187 6.46 -52.05 -50.60
N PRO V 188 6.41 -51.15 -51.59
CA PRO V 188 6.86 -49.77 -51.34
C PRO V 188 6.03 -49.03 -50.31
N ARG V 189 4.75 -49.37 -50.16
CA ARG V 189 3.93 -48.73 -49.13
C ARG V 189 4.47 -49.01 -47.74
N VAL V 190 5.12 -50.16 -47.54
CA VAL V 190 5.77 -50.43 -46.26
C VAL V 190 7.14 -49.75 -46.20
N ILE V 191 7.98 -49.99 -47.21
CA ILE V 191 9.36 -49.53 -47.15
C ILE V 191 9.42 -48.02 -46.97
N PHE V 192 8.71 -47.28 -47.81
CA PHE V 192 8.74 -45.83 -47.71
C PHE V 192 7.75 -45.28 -46.69
N GLY V 193 6.75 -46.08 -46.29
CA GLY V 193 5.93 -45.69 -45.16
C GLY V 193 6.74 -45.37 -43.94
N TYR V 194 7.85 -46.09 -43.73
CA TYR V 194 8.77 -45.78 -42.64
C TYR V 194 9.27 -44.35 -42.73
N LEU V 195 9.62 -43.91 -43.95
CA LEU V 195 10.17 -42.56 -44.11
C LEU V 195 9.16 -41.48 -43.79
N LEU V 196 7.87 -41.79 -43.78
CA LEU V 196 6.84 -40.80 -43.50
C LEU V 196 6.26 -40.87 -42.09
N LYS V 197 6.77 -41.75 -41.24
CA LYS V 197 6.32 -41.79 -39.85
C LYS V 197 6.92 -40.63 -39.08
N SER V 198 6.11 -40.07 -38.18
CA SER V 198 6.57 -39.06 -37.25
C SER V 198 7.80 -39.57 -36.48
N PRO V 199 8.77 -38.70 -36.17
CA PRO V 199 9.86 -39.09 -35.28
C PRO V 199 9.48 -39.06 -33.79
N PHE V 200 8.24 -38.74 -33.45
CA PHE V 200 7.87 -38.57 -32.05
C PHE V 200 7.46 -39.89 -31.41
N GLY V 201 7.06 -39.83 -30.15
CA GLY V 201 6.91 -41.04 -29.35
C GLY V 201 5.82 -41.95 -29.90
N GLY V 202 6.08 -43.26 -29.83
CA GLY V 202 5.18 -44.24 -30.37
C GLY V 202 5.22 -44.36 -31.87
N GLU V 203 6.05 -43.54 -32.55
CA GLU V 203 6.20 -43.63 -34.00
C GLU V 203 7.66 -43.89 -34.34
N GLY V 204 8.57 -42.96 -34.08
CA GLY V 204 9.98 -43.24 -34.18
C GLY V 204 10.57 -43.26 -35.57
N TRP V 205 9.83 -42.81 -36.60
CA TRP V 205 10.39 -42.69 -37.94
C TRP V 205 11.03 -44.01 -38.35
N ILE V 206 12.20 -43.99 -38.98
CA ILE V 206 12.81 -45.25 -39.37
C ILE V 206 13.41 -46.02 -38.20
N VAL V 207 13.67 -45.35 -37.07
CA VAL V 207 14.22 -46.04 -35.89
C VAL V 207 13.26 -47.11 -35.38
N SER V 208 11.99 -47.08 -35.81
CA SER V 208 11.02 -48.06 -35.34
C SER V 208 11.12 -49.41 -36.05
N VAL V 209 12.01 -49.58 -37.03
CA VAL V 209 12.03 -50.83 -37.79
C VAL V 209 12.25 -51.99 -36.84
N ASN V 210 11.34 -52.97 -36.89
CA ASN V 210 11.25 -53.95 -35.82
C ASN V 210 11.25 -55.39 -36.33
N ASN V 211 11.68 -55.62 -37.56
CA ASN V 211 11.75 -56.97 -38.08
C ASN V 211 12.72 -56.99 -39.25
N LEU V 212 13.36 -58.14 -39.44
CA LEU V 212 14.45 -58.23 -40.42
C LEU V 212 13.94 -58.24 -41.84
N GLU V 213 12.71 -58.68 -42.08
CA GLU V 213 12.17 -58.65 -43.44
C GLU V 213 12.09 -57.21 -43.96
N ASP V 214 11.67 -56.26 -43.11
CA ASP V 214 11.67 -54.86 -43.50
C ASP V 214 13.10 -54.34 -43.68
N VAL V 215 14.03 -54.74 -42.80
CA VAL V 215 15.41 -54.28 -42.94
C VAL V 215 15.99 -54.75 -44.26
N VAL V 216 15.88 -56.04 -44.54
CA VAL V 216 16.45 -56.59 -45.77
C VAL V 216 15.78 -55.97 -46.99
N GLY V 217 14.45 -55.87 -46.96
CA GLY V 217 13.73 -55.27 -48.07
C GLY V 217 14.11 -53.82 -48.30
N GLY V 218 14.28 -53.06 -47.21
CA GLY V 218 14.77 -51.70 -47.34
C GLY V 218 16.13 -51.63 -48.03
N HIS V 219 17.01 -52.58 -47.70
CA HIS V 219 18.34 -52.54 -48.31
C HIS V 219 18.31 -53.01 -49.76
N ILE V 220 17.32 -53.80 -50.16
CA ILE V 220 17.12 -54.09 -51.58
C ILE V 220 16.74 -52.81 -52.32
N TRP V 221 15.79 -52.05 -51.76
CA TRP V 221 15.38 -50.80 -52.39
C TRP V 221 16.53 -49.79 -52.45
N ILE V 222 17.29 -49.66 -51.36
CA ILE V 222 18.39 -48.70 -51.33
C ILE V 222 19.48 -49.11 -52.31
N GLY V 223 19.76 -50.41 -52.40
CA GLY V 223 20.77 -50.86 -53.33
C GLY V 223 20.46 -50.47 -54.76
N LEU V 224 19.21 -50.71 -55.19
CA LEU V 224 18.81 -50.38 -56.55
C LEU V 224 18.73 -48.88 -56.76
N ILE V 225 18.14 -48.15 -55.80
CA ILE V 225 18.09 -46.69 -55.89
C ILE V 225 19.48 -46.10 -56.10
N CYS V 226 20.47 -46.61 -55.35
CA CYS V 226 21.82 -46.05 -55.44
C CYS V 226 22.49 -46.42 -56.76
N ILE V 227 22.32 -47.65 -57.21
CA ILE V 227 22.88 -48.07 -58.50
C ILE V 227 22.22 -47.30 -59.64
N ALA V 228 20.89 -47.13 -59.57
CA ALA V 228 20.17 -46.37 -60.58
C ALA V 228 20.60 -44.91 -60.60
N GLY V 229 20.62 -44.28 -59.43
CA GLY V 229 21.06 -42.89 -59.35
C GLY V 229 22.48 -42.71 -59.83
N GLY V 230 23.36 -43.67 -59.54
CA GLY V 230 24.72 -43.60 -60.02
C GLY V 230 24.80 -43.61 -61.53
N ILE V 231 24.04 -44.51 -62.17
CA ILE V 231 23.98 -44.54 -63.62
C ILE V 231 23.44 -43.21 -64.15
N TRP V 232 22.39 -42.70 -63.53
CA TRP V 232 21.83 -41.40 -63.90
C TRP V 232 22.91 -40.31 -63.90
N HIS V 233 23.69 -40.22 -62.82
CA HIS V 233 24.64 -39.13 -62.72
C HIS V 233 25.86 -39.30 -63.63
N ILE V 234 26.19 -40.53 -64.02
CA ILE V 234 27.27 -40.72 -64.96
C ILE V 234 26.85 -40.28 -66.36
N LEU V 235 25.58 -40.50 -66.72
CA LEU V 235 25.08 -40.25 -68.06
C LEU V 235 24.44 -38.88 -68.23
N THR V 236 24.23 -38.14 -67.15
CA THR V 236 23.58 -36.84 -67.23
C THR V 236 24.49 -35.76 -66.64
N THR V 237 24.00 -34.52 -66.73
CA THR V 237 24.62 -33.34 -66.19
C THR V 237 23.53 -32.53 -65.49
N PRO V 238 23.87 -31.75 -64.47
CA PRO V 238 22.83 -31.10 -63.67
C PRO V 238 21.93 -30.20 -64.51
N PHE V 239 20.64 -30.22 -64.19
CA PHE V 239 19.69 -29.35 -64.86
C PHE V 239 19.95 -27.90 -64.51
N GLY V 240 19.38 -27.00 -65.32
CA GLY V 240 19.55 -25.58 -65.09
C GLY V 240 19.13 -25.15 -63.70
N TRP V 241 17.98 -25.64 -63.23
CA TRP V 241 17.52 -25.27 -61.90
C TRP V 241 18.50 -25.74 -60.82
N ALA V 242 19.16 -26.88 -61.04
CA ALA V 242 20.18 -27.33 -60.10
C ALA V 242 21.41 -26.44 -60.16
N ARG V 243 21.82 -26.04 -61.37
CA ARG V 243 22.97 -25.15 -61.50
C ARG V 243 22.76 -23.84 -60.76
N ARG V 244 21.54 -23.31 -60.78
CA ARG V 244 21.29 -22.01 -60.17
C ARG V 244 21.14 -22.11 -58.65
N ALA V 245 20.81 -23.30 -58.14
CA ALA V 245 20.50 -23.45 -56.72
C ALA V 245 21.74 -23.62 -55.85
N PHE V 246 22.85 -24.10 -56.41
CA PHE V 246 24.01 -24.54 -55.64
C PHE V 246 25.24 -23.71 -55.96
N ILE V 247 26.14 -23.61 -54.99
CA ILE V 247 27.52 -23.20 -55.24
C ILE V 247 28.31 -24.42 -55.71
N TRP V 248 29.19 -24.22 -56.69
CA TRP V 248 29.93 -25.31 -57.31
C TRP V 248 31.42 -25.11 -57.03
N SER V 249 31.88 -25.64 -55.91
CA SER V 249 33.29 -25.53 -55.51
C SER V 249 33.59 -26.69 -54.57
N GLY V 250 34.88 -27.02 -54.47
CA GLY V 250 35.31 -28.06 -53.55
C GLY V 250 34.81 -27.84 -52.14
N GLU V 251 34.93 -26.60 -51.63
CA GLU V 251 34.53 -26.34 -50.26
C GLU V 251 33.01 -26.47 -50.08
N ALA V 252 32.24 -26.05 -51.09
CA ALA V 252 30.79 -26.18 -50.99
C ALA V 252 30.38 -27.64 -50.99
N TYR V 253 30.99 -28.46 -51.87
CA TYR V 253 30.67 -29.88 -51.86
C TYR V 253 30.99 -30.50 -50.52
N LEU V 254 32.15 -30.14 -49.95
CA LEU V 254 32.50 -30.58 -48.60
C LEU V 254 31.40 -30.19 -47.61
N SER V 255 30.94 -28.94 -47.68
CA SER V 255 29.95 -28.47 -46.73
C SER V 255 28.64 -29.24 -46.88
N TYR V 256 28.24 -29.57 -48.11
CA TYR V 256 27.02 -30.35 -48.27
C TYR V 256 27.16 -31.70 -47.59
N SER V 257 28.29 -32.38 -47.81
CA SER V 257 28.50 -33.69 -47.20
C SER V 257 28.57 -33.60 -45.67
N LEU V 258 29.15 -32.51 -45.15
CA LEU V 258 29.19 -32.34 -43.70
C LEU V 258 27.79 -32.25 -43.12
N GLY V 259 26.90 -31.52 -43.79
CA GLY V 259 25.52 -31.47 -43.33
C GLY V 259 24.86 -32.84 -43.37
N ALA V 260 25.11 -33.60 -44.43
CA ALA V 260 24.56 -34.95 -44.53
C ALA V 260 25.08 -35.84 -43.40
N LEU V 261 26.39 -35.84 -43.17
CA LEU V 261 26.93 -36.73 -42.14
C LEU V 261 26.48 -36.32 -40.74
N SER V 262 26.29 -35.03 -40.49
CA SER V 262 25.76 -34.60 -39.21
C SER V 262 24.37 -35.18 -38.98
N MET V 263 23.50 -35.01 -39.96
CA MET V 263 22.17 -35.61 -39.88
C MET V 263 22.27 -37.11 -39.61
N MET V 264 23.13 -37.80 -40.34
CA MET V 264 23.26 -39.24 -40.18
C MET V 264 23.76 -39.60 -38.77
N GLY V 265 24.72 -38.84 -38.25
CA GLY V 265 25.18 -39.09 -36.90
C GLY V 265 24.07 -39.00 -35.87
N PHE V 266 23.23 -37.96 -35.98
CA PHE V 266 22.11 -37.80 -35.06
C PHE V 266 21.13 -38.97 -35.19
N ILE V 267 20.87 -39.41 -36.43
CA ILE V 267 20.02 -40.57 -36.66
C ILE V 267 20.63 -41.80 -36.02
N ALA V 268 21.93 -42.01 -36.21
CA ALA V 268 22.59 -43.17 -35.61
C ALA V 268 22.49 -43.14 -34.08
N THR V 269 22.60 -41.96 -33.48
CA THR V 269 22.44 -41.81 -32.03
C THR V 269 21.10 -42.36 -31.59
N CYS V 270 20.03 -41.97 -32.28
CA CYS V 270 18.69 -42.42 -31.92
C CYS V 270 18.52 -43.91 -32.19
N PHE V 271 19.13 -44.40 -33.27
CA PHE V 271 19.00 -45.81 -33.61
C PHE V 271 19.53 -46.70 -32.48
N VAL V 272 20.75 -46.43 -32.02
CA VAL V 272 21.35 -47.29 -31.01
C VAL V 272 20.72 -47.05 -29.64
N TRP V 273 20.04 -45.93 -29.44
CA TRP V 273 19.43 -45.67 -28.13
C TRP V 273 18.07 -46.37 -28.01
N PHE V 274 17.29 -46.41 -29.09
CA PHE V 274 15.93 -46.94 -29.02
C PHE V 274 15.75 -48.29 -29.69
N ASN V 275 16.47 -48.57 -30.78
CA ASN V 275 16.19 -49.77 -31.57
C ASN V 275 16.88 -50.99 -30.97
N ASN V 276 16.12 -52.08 -30.78
CA ASN V 276 16.68 -53.34 -30.29
C ASN V 276 16.54 -54.48 -31.29
N THR V 277 16.32 -54.15 -32.57
CA THR V 277 16.25 -55.14 -33.64
C THR V 277 17.58 -55.24 -34.40
N VAL V 278 18.06 -54.13 -34.95
CA VAL V 278 19.37 -54.15 -35.60
C VAL V 278 20.49 -53.85 -34.63
N TYR V 279 20.17 -53.51 -33.38
CA TYR V 279 21.10 -53.49 -32.26
C TYR V 279 20.51 -54.41 -31.20
N PRO V 280 20.68 -55.72 -31.35
CA PRO V 280 20.04 -56.66 -30.42
C PRO V 280 20.52 -56.45 -28.99
N SER V 281 19.57 -56.49 -28.04
CA SER V 281 19.95 -56.26 -26.65
C SER V 281 20.82 -57.39 -26.12
N GLU V 282 20.78 -58.56 -26.75
CA GLU V 282 21.70 -59.65 -26.39
C GLU V 282 23.16 -59.23 -26.53
N PHE V 283 23.45 -58.33 -27.47
CA PHE V 283 24.82 -57.92 -27.76
C PHE V 283 25.17 -56.54 -27.26
N TYR V 284 24.21 -55.60 -27.30
CA TYR V 284 24.44 -54.20 -26.94
C TYR V 284 23.96 -53.85 -25.55
N GLY V 285 23.29 -54.77 -24.85
CA GLY V 285 22.62 -54.46 -23.61
C GLY V 285 21.24 -53.92 -23.86
N PRO V 286 20.42 -53.83 -22.80
CA PRO V 286 19.05 -53.31 -22.99
C PRO V 286 19.06 -51.82 -23.30
N THR V 287 18.02 -51.37 -24.00
CA THR V 287 17.85 -49.94 -24.14
C THR V 287 17.41 -49.34 -22.81
N GLY V 288 17.52 -48.00 -22.72
CA GLY V 288 17.06 -47.25 -21.58
C GLY V 288 15.60 -47.52 -21.24
N PRO V 289 14.72 -47.34 -22.23
CA PRO V 289 13.32 -47.77 -22.04
C PRO V 289 13.21 -49.22 -21.57
N GLU V 290 13.99 -50.12 -22.20
CA GLU V 290 13.90 -51.56 -21.94
C GLU V 290 14.24 -51.89 -20.49
N ALA V 291 15.32 -51.32 -19.98
CA ALA V 291 15.73 -51.64 -18.60
C ALA V 291 14.72 -51.11 -17.60
N SER V 292 14.14 -49.93 -17.88
CA SER V 292 13.13 -49.35 -17.00
C SER V 292 11.87 -50.20 -16.95
N GLN V 293 11.40 -50.66 -18.12
CA GLN V 293 10.29 -51.61 -18.14
C GLN V 293 10.64 -52.89 -17.39
N ALA V 294 11.88 -53.36 -17.57
CA ALA V 294 12.31 -54.60 -16.94
C ALA V 294 12.28 -54.50 -15.43
N GLN V 295 12.54 -53.31 -14.87
CA GLN V 295 12.44 -53.15 -13.42
C GLN V 295 11.02 -53.33 -12.93
N ALA V 296 10.04 -52.69 -13.60
CA ALA V 296 8.66 -52.86 -13.20
C ALA V 296 8.24 -54.31 -13.33
N MET V 297 8.70 -54.98 -14.38
CA MET V 297 8.47 -56.40 -14.56
C MET V 297 8.99 -57.19 -13.36
N THR V 298 10.25 -56.93 -12.98
CA THR V 298 10.89 -57.67 -11.90
C THR V 298 10.07 -57.61 -10.62
N PHE V 299 9.60 -56.43 -10.24
CA PHE V 299 8.90 -56.32 -8.96
C PHE V 299 7.45 -56.73 -9.08
N LEU V 300 6.84 -56.60 -10.26
CA LEU V 300 5.56 -57.27 -10.47
C LEU V 300 5.68 -58.76 -10.17
N ILE V 301 6.70 -59.40 -10.75
CA ILE V 301 6.91 -60.83 -10.57
C ILE V 301 7.15 -61.16 -9.10
N ARG V 302 8.07 -60.43 -8.47
CA ARG V 302 8.39 -60.71 -7.07
C ARG V 302 7.16 -60.56 -6.18
N ASP V 303 6.46 -59.43 -6.30
CA ASP V 303 5.34 -59.16 -5.40
C ASP V 303 4.16 -60.08 -5.67
N GLN V 304 3.91 -60.40 -6.95
CA GLN V 304 2.86 -61.35 -7.26
C GLN V 304 3.16 -62.73 -6.69
N LYS V 305 4.43 -63.12 -6.67
CA LYS V 305 4.80 -64.38 -6.04
C LYS V 305 4.50 -64.35 -4.55
N LEU V 306 4.55 -63.17 -3.92
CA LEU V 306 4.23 -63.02 -2.51
C LEU V 306 2.74 -62.97 -2.23
N GLY V 307 1.90 -62.91 -3.26
CA GLY V 307 0.46 -62.90 -3.09
C GLY V 307 -0.23 -61.62 -3.52
N ALA V 308 0.51 -60.63 -4.04
CA ALA V 308 -0.10 -59.38 -4.45
C ALA V 308 -1.01 -59.58 -5.65
N ASN V 309 -2.15 -58.90 -5.64
CA ASN V 309 -3.04 -58.81 -6.79
C ASN V 309 -2.64 -57.56 -7.55
N VAL V 310 -1.77 -57.75 -8.55
CA VAL V 310 -1.10 -56.61 -9.16
C VAL V 310 -2.03 -55.77 -10.02
N GLY V 311 -3.16 -56.33 -10.47
CA GLY V 311 -4.12 -55.54 -11.21
C GLY V 311 -4.89 -54.56 -10.35
N SER V 312 -5.19 -54.94 -9.10
CA SER V 312 -5.99 -54.08 -8.23
C SER V 312 -5.14 -53.26 -7.26
N ALA V 313 -3.82 -53.39 -7.32
CA ALA V 313 -2.97 -52.69 -6.35
C ALA V 313 -2.87 -51.21 -6.73
N GLN V 314 -3.48 -50.37 -5.91
CA GLN V 314 -3.42 -48.93 -6.05
C GLN V 314 -2.11 -48.40 -5.44
N GLY V 315 -1.40 -47.58 -6.20
CA GLY V 315 -0.20 -46.95 -5.70
C GLY V 315 -0.50 -45.65 -4.95
N PRO V 316 0.56 -45.08 -4.37
CA PRO V 316 0.38 -43.87 -3.54
C PRO V 316 -0.34 -42.73 -4.23
N THR V 317 -0.10 -42.53 -5.51
CA THR V 317 -0.73 -41.44 -6.25
C THR V 317 -2.17 -41.72 -6.60
N GLY V 318 -2.61 -42.98 -6.50
CA GLY V 318 -3.92 -43.40 -6.98
C GLY V 318 -3.88 -44.15 -8.29
N LEU V 319 -2.85 -43.90 -9.09
CA LEU V 319 -2.53 -44.75 -10.23
C LEU V 319 -2.07 -46.12 -9.76
N GLY V 320 -2.28 -47.12 -10.61
CA GLY V 320 -1.82 -48.46 -10.31
C GLY V 320 -0.33 -48.53 -9.99
N LYS V 321 0.01 -49.28 -8.96
CA LYS V 321 1.40 -49.41 -8.55
C LYS V 321 2.20 -50.21 -9.57
N TYR V 322 1.58 -51.23 -10.17
CA TYR V 322 2.26 -52.08 -11.14
C TYR V 322 1.72 -51.90 -12.56
N LEU V 323 0.42 -51.62 -12.70
CA LEU V 323 -0.23 -51.55 -14.00
C LEU V 323 -1.16 -50.34 -14.01
N MET V 324 -1.22 -49.68 -15.17
CA MET V 324 -2.08 -48.52 -15.39
C MET V 324 -2.45 -48.45 -16.88
N ARG V 325 -3.10 -47.37 -17.27
CA ARG V 325 -3.46 -47.17 -18.67
C ARG V 325 -2.58 -46.09 -19.28
N SER V 326 -2.20 -46.30 -20.54
CA SER V 326 -1.61 -45.24 -21.36
C SER V 326 -2.66 -44.17 -21.61
N PRO V 327 -2.27 -43.02 -22.15
CA PRO V 327 -3.29 -42.00 -22.47
C PRO V 327 -4.34 -42.48 -23.46
N THR V 328 -4.10 -43.55 -24.21
CA THR V 328 -5.12 -44.07 -25.10
C THR V 328 -5.70 -45.41 -24.64
N GLY V 329 -5.45 -45.81 -23.39
CA GLY V 329 -6.19 -46.88 -22.75
C GLY V 329 -5.45 -48.20 -22.62
N GLU V 330 -4.35 -48.39 -23.35
CA GLU V 330 -3.60 -49.64 -23.29
C GLU V 330 -3.10 -49.88 -21.88
N ILE V 331 -3.12 -51.15 -21.45
CA ILE V 331 -2.59 -51.52 -20.13
C ILE V 331 -1.06 -51.53 -20.21
N ILE V 332 -0.42 -50.80 -19.30
CA ILE V 332 1.02 -50.56 -19.33
C ILE V 332 1.58 -50.67 -17.92
N PHE V 333 2.90 -50.76 -17.81
CA PHE V 333 3.54 -50.79 -16.51
C PHE V 333 3.41 -49.44 -15.82
N GLY V 334 3.25 -49.46 -14.49
CA GLY V 334 3.11 -48.24 -13.72
C GLY V 334 4.44 -47.75 -13.15
N GLY V 335 4.36 -46.69 -12.34
CA GLY V 335 5.56 -45.97 -11.94
C GLY V 335 6.09 -45.06 -13.04
N GLU V 336 7.32 -44.57 -12.86
CA GLU V 336 7.88 -43.62 -13.83
C GLU V 336 7.94 -44.22 -15.22
N THR V 337 8.05 -45.54 -15.32
CA THR V 337 8.15 -46.20 -16.60
C THR V 337 6.89 -46.07 -17.43
N MET V 338 5.85 -45.38 -16.93
CA MET V 338 4.72 -45.03 -17.77
C MET V 338 5.17 -44.30 -19.04
N ARG V 339 6.29 -43.59 -18.98
CA ARG V 339 6.79 -42.89 -20.16
C ARG V 339 7.30 -43.84 -21.23
N PHE V 340 7.61 -45.09 -20.87
CA PHE V 340 8.29 -46.02 -21.77
C PHE V 340 7.34 -47.09 -22.34
N TRP V 341 6.05 -46.83 -22.34
CA TRP V 341 5.09 -47.86 -22.73
C TRP V 341 5.14 -48.18 -24.21
N ASP V 342 5.82 -47.35 -25.03
CA ASP V 342 6.04 -47.68 -26.44
C ASP V 342 7.09 -48.76 -26.62
N PHE V 343 7.81 -49.11 -25.55
CA PHE V 343 8.83 -50.14 -25.65
C PHE V 343 8.21 -51.47 -26.10
N ARG V 344 8.96 -52.19 -26.95
CA ARG V 344 8.62 -53.53 -27.38
C ARG V 344 9.89 -54.37 -27.35
N GLY V 345 9.80 -55.59 -26.82
CA GLY V 345 10.94 -56.48 -26.77
C GLY V 345 10.48 -57.91 -26.67
N PRO V 346 11.29 -58.86 -27.14
CA PRO V 346 10.83 -60.27 -27.22
C PRO V 346 10.55 -60.92 -25.88
N TRP V 347 11.20 -60.49 -24.79
CA TRP V 347 10.95 -61.06 -23.48
C TRP V 347 9.63 -60.58 -22.89
N LEU V 348 9.06 -59.50 -23.39
CA LEU V 348 7.83 -58.92 -22.84
C LEU V 348 6.60 -59.16 -23.70
N GLU V 349 6.75 -59.22 -25.03
CA GLU V 349 5.58 -59.36 -25.90
C GLU V 349 4.70 -60.59 -25.63
N PRO V 350 5.21 -61.74 -25.16
CA PRO V 350 4.28 -62.84 -24.85
C PRO V 350 3.21 -62.47 -23.85
N LEU V 351 3.44 -61.45 -23.02
CA LEU V 351 2.48 -60.99 -22.03
C LEU V 351 1.52 -59.94 -22.57
N ARG V 352 1.63 -59.56 -23.85
CA ARG V 352 0.83 -58.48 -24.40
C ARG V 352 -0.29 -59.02 -25.30
N GLY V 353 -1.51 -58.54 -25.08
CA GLY V 353 -2.61 -58.82 -25.97
C GLY V 353 -3.13 -57.58 -26.67
N PRO V 354 -4.31 -57.72 -27.30
CA PRO V 354 -4.85 -56.61 -28.09
C PRO V 354 -5.08 -55.33 -27.30
N ASN V 355 -5.33 -55.43 -25.99
CA ASN V 355 -5.55 -54.24 -25.17
C ASN V 355 -4.33 -53.86 -24.35
N GLY V 356 -3.18 -54.46 -24.62
CA GLY V 356 -2.00 -54.18 -23.83
C GLY V 356 -1.61 -55.36 -22.98
N LEU V 357 -0.87 -55.07 -21.91
CA LEU V 357 -0.46 -56.14 -21.01
C LEU V 357 -1.71 -56.88 -20.53
N ASP V 358 -1.65 -58.21 -20.61
CA ASP V 358 -2.79 -59.09 -20.34
C ASP V 358 -2.67 -59.65 -18.93
N LEU V 359 -3.63 -59.29 -18.08
CA LEU V 359 -3.58 -59.64 -16.66
C LEU V 359 -3.66 -61.15 -16.44
N ASN V 360 -4.48 -61.87 -17.23
CA ASN V 360 -4.49 -63.32 -17.16
C ASN V 360 -3.11 -63.90 -17.48
N LYS V 361 -2.49 -63.45 -18.57
CA LYS V 361 -1.16 -63.95 -18.93
C LYS V 361 -0.13 -63.58 -17.87
N ILE V 362 -0.24 -62.38 -17.31
CA ILE V 362 0.65 -61.98 -16.22
C ILE V 362 0.48 -62.90 -15.02
N LYS V 363 -0.77 -63.25 -14.68
CA LYS V 363 -1.01 -64.09 -13.51
C LYS V 363 -0.51 -65.52 -13.71
N ASN V 364 -0.50 -66.02 -14.93
CA ASN V 364 -0.34 -67.46 -15.13
C ASN V 364 0.82 -67.87 -16.01
N ASP V 365 1.34 -67.00 -16.88
CA ASP V 365 2.20 -67.46 -17.96
C ASP V 365 3.62 -66.90 -17.94
N ILE V 366 4.03 -66.17 -16.91
CA ILE V 366 5.39 -65.64 -16.91
C ILE V 366 6.37 -66.78 -16.63
N GLN V 367 7.25 -67.02 -17.56
CA GLN V 367 8.23 -68.09 -17.51
C GLN V 367 9.49 -67.64 -16.78
N PRO V 368 10.23 -68.60 -16.22
CA PRO V 368 11.52 -68.26 -15.59
C PRO V 368 12.50 -67.51 -16.51
N TRP V 369 12.58 -67.85 -17.80
CA TRP V 369 13.51 -67.13 -18.65
C TRP V 369 13.13 -65.65 -18.78
N GLN V 370 11.84 -65.33 -18.67
CA GLN V 370 11.44 -63.93 -18.69
C GLN V 370 11.87 -63.24 -17.40
N GLU V 371 11.71 -63.90 -16.25
CA GLU V 371 12.19 -63.33 -14.99
C GLU V 371 13.69 -63.12 -15.04
N ARG V 372 14.42 -64.08 -15.59
CA ARG V 372 15.88 -63.94 -15.73
C ARG V 372 16.22 -62.74 -16.57
N ARG V 373 15.60 -62.65 -17.75
CA ARG V 373 15.93 -61.57 -18.69
C ARG V 373 15.57 -60.23 -18.09
N ALA V 374 14.40 -60.12 -17.43
CA ALA V 374 14.01 -58.84 -16.84
C ALA V 374 15.00 -58.41 -15.76
N ALA V 375 15.48 -59.36 -14.95
CA ALA V 375 16.41 -59.05 -13.87
C ALA V 375 17.77 -58.64 -14.43
N GLU V 376 18.24 -59.35 -15.44
CA GLU V 376 19.47 -58.99 -16.14
C GLU V 376 19.38 -57.58 -16.73
N TYR V 377 18.27 -57.26 -17.41
CA TYR V 377 18.19 -55.97 -18.08
C TYR V 377 18.01 -54.83 -17.08
N MET V 378 17.25 -55.07 -16.00
CA MET V 378 17.12 -54.08 -14.95
C MET V 378 18.48 -53.72 -14.34
N THR V 379 19.37 -54.72 -14.18
CA THR V 379 20.68 -54.51 -13.56
C THR V 379 21.79 -54.21 -14.57
N HIS V 380 21.44 -54.04 -15.84
CA HIS V 380 22.38 -53.55 -16.83
C HIS V 380 21.79 -52.36 -17.59
N ALA V 381 21.01 -51.55 -16.89
CA ALA V 381 20.48 -50.34 -17.50
C ALA V 381 21.63 -49.46 -17.99
N PRO V 382 21.42 -48.72 -19.09
CA PRO V 382 22.51 -47.87 -19.61
C PRO V 382 22.69 -46.59 -18.80
N LEU V 383 23.21 -46.75 -17.59
CA LEU V 383 23.57 -45.67 -16.68
C LEU V 383 24.93 -46.00 -16.08
N GLY V 384 25.81 -45.00 -16.03
CA GLY V 384 27.16 -45.25 -15.49
C GLY V 384 27.99 -44.00 -15.61
N SER V 385 29.14 -44.02 -14.93
CA SER V 385 30.00 -42.84 -14.88
C SER V 385 31.04 -42.86 -16.00
N LEU V 386 31.68 -41.71 -16.20
CA LEU V 386 32.69 -41.60 -17.25
C LEU V 386 33.87 -42.53 -16.99
N ASN V 387 34.23 -42.79 -15.73
CA ASN V 387 35.23 -43.79 -15.41
C ASN V 387 34.65 -45.21 -15.31
N SER V 388 33.44 -45.42 -15.85
CA SER V 388 32.84 -46.74 -16.02
C SER V 388 32.51 -47.41 -14.68
N VAL V 389 32.00 -46.63 -13.74
CA VAL V 389 31.34 -47.17 -12.55
C VAL V 389 29.86 -47.33 -12.90
N GLY V 390 29.39 -48.56 -13.00
CA GLY V 390 28.02 -48.77 -13.40
C GLY V 390 27.04 -48.37 -12.32
N GLY V 391 25.87 -47.89 -12.75
CA GLY V 391 24.77 -47.54 -11.87
C GLY V 391 24.44 -46.06 -11.93
N VAL V 392 23.52 -45.66 -11.04
CA VAL V 392 23.16 -44.26 -10.87
C VAL V 392 24.38 -43.48 -10.36
N ALA V 393 24.31 -42.16 -10.42
CA ALA V 393 25.47 -41.34 -10.04
C ALA V 393 25.85 -41.50 -8.56
N THR V 394 24.93 -41.92 -7.69
CA THR V 394 25.26 -42.08 -6.28
C THR V 394 25.75 -43.48 -5.94
N GLU V 395 25.84 -44.37 -6.92
CA GLU V 395 26.35 -45.72 -6.72
C GLU V 395 27.77 -45.69 -6.17
N ILE V 396 28.09 -46.65 -5.31
CA ILE V 396 29.46 -46.84 -4.86
C ILE V 396 30.25 -47.64 -5.90
N ASN V 397 31.57 -47.52 -5.86
CA ASN V 397 32.40 -48.34 -6.74
C ASN V 397 32.17 -49.82 -6.47
N SER V 398 32.20 -50.62 -7.55
CA SER V 398 32.09 -52.08 -7.53
C SER V 398 31.92 -52.65 -8.93
N VAL V 399 30.97 -52.13 -9.69
CA VAL V 399 30.61 -52.68 -10.98
C VAL V 399 31.28 -51.83 -12.07
N ASN V 400 32.06 -52.49 -12.91
CA ASN V 400 32.79 -51.86 -14.02
C ASN V 400 31.90 -51.97 -15.25
N PHE V 401 31.09 -50.94 -15.51
CA PHE V 401 30.08 -51.06 -16.57
C PHE V 401 29.66 -49.69 -17.09
N VAL V 402 29.79 -49.50 -18.40
CA VAL V 402 29.00 -48.51 -19.15
C VAL V 402 28.51 -49.19 -20.42
N SER V 403 27.21 -49.11 -20.63
CA SER V 403 26.57 -49.83 -21.73
C SER V 403 27.18 -49.42 -23.06
N PRO V 404 27.36 -50.37 -23.99
CA PRO V 404 27.69 -50.01 -25.37
C PRO V 404 26.71 -48.99 -25.95
N ARG V 405 25.44 -49.00 -25.53
CA ARG V 405 24.50 -48.04 -26.09
C ARG V 405 24.83 -46.62 -25.65
N SER V 406 25.31 -46.42 -24.42
CA SER V 406 25.69 -45.08 -24.00
C SER V 406 26.95 -44.61 -24.71
N TRP V 407 27.96 -45.47 -24.81
CA TRP V 407 29.19 -45.11 -25.54
C TRP V 407 28.88 -44.72 -26.99
N LEU V 408 28.10 -45.55 -27.68
CA LEU V 408 27.82 -45.27 -29.08
C LEU V 408 26.94 -44.04 -29.24
N ALA V 409 25.97 -43.84 -28.33
CA ALA V 409 25.06 -42.69 -28.47
C ALA V 409 25.78 -41.37 -28.20
N THR V 410 26.55 -41.30 -27.12
CA THR V 410 27.21 -40.05 -26.75
C THR V 410 28.27 -39.66 -27.79
N SER V 411 29.11 -40.62 -28.19
CA SER V 411 30.14 -40.36 -29.19
C SER V 411 29.52 -39.83 -30.48
N HIS V 412 28.43 -40.43 -30.93
CA HIS V 412 27.91 -39.98 -32.20
C HIS V 412 27.06 -38.72 -32.10
N PHE V 413 26.53 -38.40 -30.90
CA PHE V 413 25.97 -37.06 -30.76
C PHE V 413 27.05 -35.99 -30.81
N VAL V 414 28.16 -36.20 -30.11
CA VAL V 414 29.27 -35.25 -30.13
C VAL V 414 29.75 -35.04 -31.56
N LEU V 415 29.98 -36.15 -32.29
CA LEU V 415 30.45 -36.05 -33.66
C LEU V 415 29.42 -35.34 -34.55
N ALA V 416 28.14 -35.73 -34.43
CA ALA V 416 27.12 -35.10 -35.26
C ALA V 416 27.05 -33.60 -35.02
N PHE V 417 27.14 -33.18 -33.76
CA PHE V 417 27.04 -31.74 -33.48
C PHE V 417 28.20 -30.98 -34.11
N PHE V 418 29.43 -31.44 -33.90
CA PHE V 418 30.57 -30.73 -34.48
C PHE V 418 30.55 -30.77 -35.99
N PHE V 419 29.98 -31.83 -36.57
CA PHE V 419 29.85 -31.84 -38.02
C PHE V 419 28.79 -30.86 -38.51
N LEU V 420 27.78 -30.57 -37.68
CA LEU V 420 26.88 -29.46 -38.00
C LEU V 420 27.62 -28.14 -37.97
N VAL V 421 28.47 -27.94 -36.97
CA VAL V 421 29.30 -26.73 -36.91
C VAL V 421 30.18 -26.63 -38.16
N GLY V 422 30.83 -27.73 -38.53
CA GLY V 422 31.65 -27.73 -39.74
C GLY V 422 30.84 -27.39 -40.98
N HIS V 423 29.61 -27.91 -41.08
CA HIS V 423 28.74 -27.56 -42.19
C HIS V 423 28.52 -26.06 -42.25
N LEU V 424 28.15 -25.45 -41.11
CA LEU V 424 27.95 -24.00 -41.08
C LEU V 424 29.24 -23.28 -41.47
N TRP V 425 30.36 -23.70 -40.88
CA TRP V 425 31.64 -23.06 -41.15
C TRP V 425 31.96 -23.06 -42.64
N HIS V 426 31.94 -24.24 -43.26
CA HIS V 426 32.37 -24.36 -44.65
C HIS V 426 31.29 -23.88 -45.62
N ALA V 427 30.00 -24.01 -45.25
CA ALA V 427 28.95 -23.46 -46.09
C ALA V 427 29.04 -21.95 -46.15
N GLY V 428 29.13 -21.30 -44.98
CA GLY V 428 29.27 -19.84 -44.97
C GLY V 428 30.54 -19.38 -45.67
N ARG V 429 31.64 -20.13 -45.51
CA ARG V 429 32.88 -19.74 -46.17
C ARG V 429 32.78 -19.95 -47.68
N ALA V 430 32.19 -21.06 -48.12
CA ALA V 430 32.08 -21.31 -49.55
C ALA V 430 31.22 -20.24 -50.24
N ARG V 431 30.15 -19.80 -49.59
CA ARG V 431 29.31 -18.74 -50.15
C ARG V 431 30.07 -17.42 -50.24
N ALA V 432 30.81 -17.09 -49.18
CA ALA V 432 31.57 -15.84 -49.15
C ALA V 432 32.69 -15.86 -50.17
N ALA V 433 33.33 -17.02 -50.36
CA ALA V 433 34.43 -17.13 -51.32
C ALA V 433 33.93 -17.03 -52.76
N ALA V 434 32.81 -17.67 -53.06
CA ALA V 434 32.25 -17.59 -54.40
C ALA V 434 31.83 -16.16 -54.74
N ALA V 435 31.47 -15.36 -53.72
CA ALA V 435 31.10 -13.96 -53.93
C ALA V 435 32.28 -13.01 -53.79
N GLY V 436 33.44 -13.50 -53.38
CA GLY V 436 34.65 -12.70 -53.35
C GLY V 436 34.87 -11.81 -52.14
N PHE V 437 34.31 -12.16 -50.96
CA PHE V 437 34.66 -11.32 -49.81
C PHE V 437 34.99 -12.16 -48.57
N GLU V 438 35.53 -13.38 -48.77
CA GLU V 438 35.89 -14.23 -47.63
C GLU V 438 37.16 -13.75 -46.93
N LYS V 439 37.91 -12.83 -47.52
CA LYS V 439 39.09 -12.28 -46.88
C LYS V 439 38.83 -10.94 -46.21
N GLY V 440 37.59 -10.48 -46.21
CA GLY V 440 37.24 -9.23 -45.57
C GLY V 440 36.60 -8.26 -46.54
N ILE V 441 36.29 -7.09 -46.02
CA ILE V 441 35.57 -6.07 -46.77
C ILE V 441 36.56 -5.19 -47.54
N ASP V 442 36.27 -4.94 -48.82
CA ASP V 442 37.05 -4.01 -49.63
C ASP V 442 36.87 -2.58 -49.09
N ARG V 443 37.96 -1.98 -48.58
CA ARG V 443 37.85 -0.65 -47.99
C ARG V 443 37.32 0.37 -49.00
N GLU V 444 37.77 0.28 -50.25
CA GLU V 444 37.35 1.27 -51.23
C GLU V 444 35.97 0.97 -51.79
N SER V 445 35.39 -0.20 -51.52
CA SER V 445 34.10 -0.58 -52.07
C SER V 445 33.26 -1.26 -50.99
N GLU V 446 33.07 -0.57 -49.87
CA GLU V 446 32.34 -1.13 -48.75
C GLU V 446 30.83 -1.13 -49.00
N PRO V 447 30.21 -2.30 -49.20
CA PRO V 447 28.77 -2.34 -49.51
C PRO V 447 27.88 -1.46 -48.64
N VAL V 448 28.01 -1.52 -47.32
CA VAL V 448 27.10 -0.79 -46.44
C VAL V 448 27.17 0.72 -46.68
N LEU V 449 28.34 1.24 -47.04
CA LEU V 449 28.45 2.69 -47.30
C LEU V 449 27.64 3.12 -48.52
N SER V 450 27.33 2.21 -49.43
CA SER V 450 26.42 2.55 -50.51
C SER V 450 24.96 2.41 -50.15
N MET V 451 24.63 1.87 -48.93
CA MET V 451 23.21 1.67 -48.67
C MET V 451 22.61 2.89 -47.99
N PRO V 452 21.33 3.14 -48.21
CA PRO V 452 20.65 4.19 -47.44
C PRO V 452 20.61 3.81 -45.97
N SER V 453 20.54 4.84 -45.12
CA SER V 453 20.41 4.63 -43.68
C SER V 453 19.14 3.88 -43.34
N LEU V 454 19.18 3.12 -42.24
CA LEU V 454 17.97 2.50 -41.74
C LEU V 454 17.02 3.54 -41.18
N ASP V 455 17.56 4.60 -40.61
CA ASP V 455 16.78 5.69 -40.05
C ASP V 455 17.64 6.95 -40.00
N GLU W 1 74.83 12.86 -5.41
CA GLU W 1 74.66 11.46 -5.06
C GLU W 1 73.20 11.17 -4.67
N ARG W 2 72.52 10.40 -5.50
CA ARG W 2 71.13 10.02 -5.24
C ARG W 2 71.04 9.20 -3.96
N GLY W 3 69.93 9.36 -3.22
CA GLY W 3 69.79 8.62 -1.99
C GLY W 3 69.41 7.18 -2.27
N TRP W 4 69.48 6.37 -1.21
CA TRP W 4 69.25 4.94 -1.38
C TRP W 4 67.83 4.64 -1.85
N PHE W 5 66.85 5.42 -1.39
CA PHE W 5 65.47 5.18 -1.82
C PHE W 5 65.34 5.34 -3.32
N ASP W 6 65.95 6.40 -3.87
CA ASP W 6 65.87 6.64 -5.31
C ASP W 6 66.64 5.58 -6.09
N ILE W 7 67.78 5.12 -5.55
CA ILE W 7 68.54 4.05 -6.20
C ILE W 7 67.72 2.77 -6.24
N LEU W 8 67.10 2.41 -5.10
CA LEU W 8 66.26 1.23 -5.06
C LEU W 8 65.06 1.37 -5.99
N ASP W 9 64.42 2.54 -6.00
CA ASP W 9 63.30 2.78 -6.91
C ASP W 9 63.71 2.54 -8.35
N ASP W 10 64.91 3.03 -8.71
CA ASP W 10 65.47 2.79 -10.05
C ASP W 10 65.55 1.29 -10.35
N TRP W 11 66.21 0.53 -9.46
CA TRP W 11 66.37 -0.89 -9.72
C TRP W 11 65.02 -1.61 -9.76
N LEU W 12 64.08 -1.22 -8.90
CA LEU W 12 62.78 -1.90 -8.85
C LEU W 12 62.02 -1.72 -10.16
N LYS W 13 62.13 -0.54 -10.78
CA LYS W 13 61.30 -0.20 -11.93
C LYS W 13 62.04 -0.39 -13.25
N ARG W 14 63.19 -1.03 -13.23
CA ARG W 14 63.91 -1.31 -14.46
C ARG W 14 63.05 -2.17 -15.38
N ASP W 15 63.19 -1.92 -16.67
CA ASP W 15 62.55 -2.78 -17.66
C ASP W 15 63.28 -4.13 -17.68
N ARG W 16 62.55 -5.20 -17.46
CA ARG W 16 63.14 -6.53 -17.52
C ARG W 16 62.04 -7.51 -17.90
N PHE W 17 62.42 -8.77 -18.14
CA PHE W 17 61.45 -9.75 -18.60
C PHE W 17 60.27 -9.87 -17.64
N VAL W 18 60.54 -9.85 -16.34
CA VAL W 18 59.51 -9.90 -15.31
C VAL W 18 59.64 -8.61 -14.51
N PHE W 19 58.68 -7.70 -14.68
CA PHE W 19 58.70 -6.44 -13.95
C PHE W 19 58.54 -6.71 -12.46
N VAL W 20 59.31 -6.00 -11.64
CA VAL W 20 59.27 -6.17 -10.19
C VAL W 20 58.42 -5.09 -9.53
N GLY W 21 58.96 -3.87 -9.46
CA GLY W 21 58.26 -2.76 -8.85
C GLY W 21 58.25 -2.83 -7.34
N TRP W 22 57.83 -1.74 -6.68
CA TRP W 22 57.63 -1.78 -5.24
C TRP W 22 56.56 -2.82 -4.89
N SER W 23 55.50 -2.88 -5.69
CA SER W 23 54.43 -3.84 -5.42
C SER W 23 54.94 -5.27 -5.46
N GLY W 24 56.02 -5.52 -6.19
CA GLY W 24 56.55 -6.89 -6.27
C GLY W 24 57.09 -7.40 -4.94
N ILE W 25 57.51 -6.50 -4.05
CA ILE W 25 58.01 -6.93 -2.74
C ILE W 25 56.90 -7.61 -1.95
N LEU W 26 55.66 -7.18 -2.11
CA LEU W 26 54.52 -7.83 -1.49
C LEU W 26 53.97 -8.97 -2.35
N LEU W 27 53.84 -8.74 -3.66
CA LEU W 27 53.13 -9.68 -4.53
C LEU W 27 53.85 -11.02 -4.63
N PHE W 28 55.16 -10.99 -4.89
CA PHE W 28 55.84 -12.22 -5.28
C PHE W 28 55.97 -13.22 -4.15
N PRO W 29 56.43 -12.85 -2.94
CA PRO W 29 56.40 -13.84 -1.85
C PRO W 29 55.01 -14.37 -1.55
N CYS W 30 54.01 -13.49 -1.46
CA CYS W 30 52.67 -13.95 -1.05
C CYS W 30 52.01 -14.79 -2.13
N ALA W 31 52.15 -14.41 -3.40
CA ALA W 31 51.64 -15.26 -4.48
C ALA W 31 52.34 -16.61 -4.48
N TYR W 32 53.65 -16.60 -4.34
CA TYR W 32 54.39 -17.84 -4.40
C TYR W 32 54.03 -18.75 -3.23
N LEU W 33 53.90 -18.18 -2.04
CA LEU W 33 53.58 -19.00 -0.88
C LEU W 33 52.16 -19.53 -0.96
N ALA W 34 51.22 -18.73 -1.45
CA ALA W 34 49.86 -19.21 -1.64
C ALA W 34 49.81 -20.37 -2.62
N LEU W 35 50.49 -20.23 -3.76
CA LEU W 35 50.50 -21.31 -4.75
C LEU W 35 51.31 -22.50 -4.25
N GLY W 36 52.48 -22.23 -3.67
CA GLY W 36 53.28 -23.31 -3.13
C GLY W 36 52.57 -24.06 -2.03
N GLY W 37 51.89 -23.33 -1.14
CA GLY W 37 51.12 -23.97 -0.11
C GLY W 37 50.06 -24.89 -0.67
N TRP W 38 49.38 -24.46 -1.73
CA TRP W 38 48.33 -25.30 -2.32
C TRP W 38 48.91 -26.56 -2.95
N LEU W 39 50.03 -26.44 -3.66
CA LEU W 39 50.63 -27.63 -4.26
C LEU W 39 51.16 -28.56 -3.18
N THR W 40 51.83 -28.03 -2.17
CA THR W 40 52.32 -28.85 -1.07
C THR W 40 51.18 -29.62 -0.40
N GLY W 41 50.11 -28.92 0.00
CA GLY W 41 49.03 -29.57 0.72
C GLY W 41 48.31 -30.62 -0.10
N THR W 42 47.91 -30.27 -1.33
CA THR W 42 47.22 -31.23 -2.18
C THR W 42 48.12 -32.40 -2.57
N THR W 43 49.45 -32.25 -2.45
CA THR W 43 50.31 -33.37 -2.80
C THR W 43 50.58 -34.26 -1.59
N PHE W 44 50.74 -33.66 -0.41
CA PHE W 44 51.29 -34.40 0.73
C PHE W 44 50.44 -34.43 2.00
N VAL W 45 49.42 -33.57 2.13
CA VAL W 45 48.81 -33.29 3.45
C VAL W 45 47.40 -33.85 3.52
N THR W 46 47.06 -34.46 4.65
CA THR W 46 45.77 -35.07 4.89
C THR W 46 44.75 -34.05 5.40
N SER W 47 43.48 -34.47 5.43
CA SER W 47 42.42 -33.79 6.16
C SER W 47 41.77 -34.73 7.18
N TRP W 48 42.53 -35.74 7.62
CA TRP W 48 41.97 -36.77 8.51
C TRP W 48 41.55 -36.17 9.84
N TYR W 49 42.37 -35.29 10.41
CA TYR W 49 42.14 -34.80 11.78
C TYR W 49 41.18 -33.63 11.85
N THR W 50 40.99 -32.91 10.76
CA THR W 50 40.08 -31.78 10.68
C THR W 50 38.73 -32.16 10.12
N HIS W 51 38.68 -33.10 9.17
CA HIS W 51 37.43 -33.44 8.47
C HIS W 51 37.12 -34.92 8.42
N GLY W 52 38.05 -35.80 8.80
CA GLY W 52 37.88 -37.21 8.52
C GLY W 52 37.93 -37.52 7.03
N LEU W 53 38.80 -36.82 6.29
CA LEU W 53 38.88 -36.97 4.84
C LEU W 53 40.33 -37.16 4.40
N ALA W 54 40.53 -38.03 3.41
CA ALA W 54 41.77 -38.01 2.65
C ALA W 54 41.69 -36.90 1.61
N SER W 55 42.81 -36.20 1.38
CA SER W 55 42.76 -35.01 0.53
C SER W 55 44.05 -34.76 -0.26
N SER W 56 44.92 -35.75 -0.42
CA SER W 56 46.22 -35.56 -1.05
C SER W 56 46.49 -36.67 -2.08
N TYR W 57 47.40 -36.36 -3.02
CA TYR W 57 47.90 -37.40 -3.91
C TYR W 57 48.54 -38.54 -3.10
N LEU W 58 49.27 -38.19 -2.04
CA LEU W 58 49.94 -39.20 -1.21
C LEU W 58 48.96 -40.22 -0.66
N GLU W 59 47.72 -39.81 -0.38
CA GLU W 59 46.70 -40.70 0.16
C GLU W 59 45.89 -41.44 -0.91
N GLY W 60 46.06 -41.10 -2.19
CA GLY W 60 45.31 -41.76 -3.26
C GLY W 60 44.28 -40.88 -3.95
N CYS W 61 44.13 -39.62 -3.56
CA CYS W 61 43.21 -38.73 -4.26
C CYS W 61 43.77 -38.36 -5.64
N ASN W 62 42.88 -37.86 -6.50
CA ASN W 62 43.29 -37.38 -7.81
C ASN W 62 43.10 -35.86 -7.87
N PHE W 63 43.38 -35.29 -9.04
CA PHE W 63 43.36 -33.84 -9.18
C PHE W 63 41.99 -33.27 -8.86
N LEU W 64 40.93 -34.00 -9.21
CA LEU W 64 39.59 -33.50 -8.90
C LEU W 64 39.27 -33.58 -7.42
N THR W 65 39.90 -34.50 -6.67
CA THR W 65 39.45 -34.69 -5.30
C THR W 65 40.44 -34.22 -4.24
N VAL W 66 41.67 -33.86 -4.61
CA VAL W 66 42.59 -33.28 -3.62
C VAL W 66 42.09 -31.91 -3.15
N ALA W 67 42.56 -31.50 -1.98
CA ALA W 67 42.23 -30.18 -1.47
C ALA W 67 43.18 -29.83 -0.33
N VAL W 68 43.32 -28.53 -0.09
CA VAL W 68 43.78 -28.05 1.20
C VAL W 68 42.53 -27.67 1.98
N SER W 69 42.21 -28.45 3.03
CA SER W 69 40.92 -28.31 3.69
C SER W 69 41.02 -27.35 4.87
N THR W 70 39.86 -26.77 5.22
CA THR W 70 39.74 -25.85 6.33
C THR W 70 40.07 -26.52 7.66
N PRO W 71 40.46 -25.75 8.67
CA PRO W 71 40.74 -26.34 9.99
C PRO W 71 39.45 -26.81 10.65
N ALA W 72 39.62 -27.58 11.72
CA ALA W 72 38.49 -28.13 12.44
C ALA W 72 37.63 -27.01 13.06
N ASN W 73 36.32 -27.27 13.15
CA ASN W 73 35.43 -26.26 13.71
C ASN W 73 35.86 -25.83 15.10
N SER W 74 36.57 -26.69 15.82
CA SER W 74 37.01 -26.34 17.17
C SER W 74 38.12 -25.30 17.16
N MET W 75 38.75 -25.05 16.02
CA MET W 75 39.72 -23.95 15.93
C MET W 75 39.06 -22.57 15.95
N GLY W 76 37.76 -22.49 15.72
CA GLY W 76 37.12 -21.18 15.65
C GLY W 76 37.65 -20.38 14.47
N HIS W 77 37.96 -19.11 14.71
CA HIS W 77 38.56 -18.24 13.71
C HIS W 77 40.02 -17.95 14.03
N SER W 78 40.66 -18.87 14.74
CA SER W 78 42.08 -18.75 15.03
C SER W 78 42.87 -18.47 13.75
N LEU W 79 43.81 -17.52 13.85
CA LEU W 79 44.72 -17.27 12.74
C LEU W 79 45.58 -18.48 12.46
N LEU W 80 45.78 -19.32 13.48
CA LEU W 80 46.47 -20.60 13.33
C LEU W 80 47.89 -20.39 12.80
N LEU W 81 48.58 -19.40 13.37
CA LEU W 81 49.97 -19.15 13.01
C LEU W 81 50.83 -20.34 13.42
N LEU W 82 51.88 -20.62 12.64
CA LEU W 82 52.75 -21.73 12.97
C LEU W 82 53.31 -21.60 14.39
N TRP W 83 53.67 -20.37 14.80
CA TRP W 83 54.16 -20.11 16.15
C TRP W 83 53.03 -19.84 17.15
N GLY W 84 51.78 -19.97 16.74
CA GLY W 84 50.67 -19.66 17.59
C GLY W 84 50.47 -20.68 18.70
N PRO W 85 49.45 -20.46 19.53
CA PRO W 85 49.25 -21.34 20.69
C PRO W 85 48.71 -22.70 20.31
N GLU W 86 48.18 -22.87 19.10
CA GLU W 86 47.64 -24.18 18.73
C GLU W 86 48.74 -25.13 18.29
N ALA W 87 49.60 -24.69 17.36
CA ALA W 87 50.67 -25.56 16.86
C ALA W 87 51.97 -25.41 17.63
N GLN W 88 52.18 -24.26 18.28
CA GLN W 88 53.36 -24.04 19.13
C GLN W 88 54.67 -24.36 18.41
N GLY W 89 54.74 -24.02 17.13
CA GLY W 89 55.96 -24.18 16.37
C GLY W 89 56.16 -25.52 15.71
N ASP W 90 55.26 -26.47 15.95
CA ASP W 90 55.40 -27.81 15.37
C ASP W 90 54.81 -27.83 13.96
N PHE W 91 55.68 -27.91 12.96
CA PHE W 91 55.23 -27.88 11.56
C PHE W 91 54.29 -29.04 11.24
N THR W 92 54.64 -30.25 11.69
CA THR W 92 53.80 -31.41 11.41
C THR W 92 52.41 -31.25 12.04
N ARG W 93 52.36 -30.90 13.34
CA ARG W 93 51.07 -30.63 13.96
C ARG W 93 50.32 -29.55 13.21
N TRP W 94 51.05 -28.49 12.82
CA TRP W 94 50.44 -27.37 12.12
C TRP W 94 49.72 -27.82 10.86
N CYS W 95 50.33 -28.73 10.07
CA CYS W 95 49.64 -29.24 8.89
C CYS W 95 48.41 -30.05 9.28
N GLN W 96 48.55 -30.90 10.30
CA GLN W 96 47.44 -31.75 10.74
C GLN W 96 46.29 -30.93 11.28
N LEU W 97 46.57 -29.76 11.85
CA LEU W 97 45.53 -28.89 12.39
C LEU W 97 44.89 -28.01 11.34
N GLY W 98 45.38 -28.02 10.10
CA GLY W 98 44.83 -27.15 9.08
C GLY W 98 45.53 -25.82 8.94
N GLY W 99 46.75 -25.68 9.45
CA GLY W 99 47.46 -24.42 9.32
C GLY W 99 47.64 -23.98 7.88
N LEU W 100 47.77 -24.93 6.96
CA LEU W 100 47.96 -24.55 5.55
C LEU W 100 46.77 -23.79 4.98
N TRP W 101 45.57 -23.99 5.54
CA TRP W 101 44.41 -23.28 4.98
C TRP W 101 44.50 -21.78 5.29
N THR W 102 44.73 -21.40 6.55
CA THR W 102 44.89 -19.98 6.86
C THR W 102 46.17 -19.44 6.22
N PHE W 103 47.21 -20.28 6.12
CA PHE W 103 48.42 -19.90 5.38
C PHE W 103 48.09 -19.45 3.96
N ILE W 104 47.33 -20.27 3.23
CA ILE W 104 47.01 -19.94 1.84
C ILE W 104 46.01 -18.79 1.76
N ALA W 105 44.98 -18.80 2.60
CA ALA W 105 43.97 -17.74 2.53
C ALA W 105 44.58 -16.38 2.80
N LEU W 106 45.47 -16.29 3.79
CA LEU W 106 46.04 -15.00 4.18
C LEU W 106 47.15 -14.56 3.22
N HIS W 107 48.06 -15.46 2.84
CA HIS W 107 49.02 -15.08 1.82
C HIS W 107 48.32 -14.80 0.49
N GLY W 108 47.25 -15.54 0.19
CA GLY W 108 46.48 -15.25 -1.01
C GLY W 108 45.86 -13.87 -1.00
N ALA W 109 45.29 -13.46 0.14
CA ALA W 109 44.69 -12.14 0.22
C ALA W 109 45.74 -11.05 0.02
N PHE W 110 46.88 -11.19 0.68
CA PHE W 110 47.92 -10.17 0.53
C PHE W 110 48.52 -10.22 -0.86
N GLY W 111 48.59 -11.41 -1.46
CA GLY W 111 49.03 -11.49 -2.85
C GLY W 111 48.07 -10.77 -3.80
N LEU W 112 46.76 -10.91 -3.56
CA LEU W 112 45.79 -10.21 -4.40
C LEU W 112 45.95 -8.70 -4.24
N ILE W 113 46.19 -8.24 -3.01
CA ILE W 113 46.52 -6.83 -2.79
C ILE W 113 47.75 -6.44 -3.61
N GLY W 114 48.80 -7.26 -3.56
CA GLY W 114 50.01 -6.95 -4.30
C GLY W 114 49.78 -6.88 -5.80
N PHE W 115 48.92 -7.76 -6.33
CA PHE W 115 48.68 -7.78 -7.78
C PHE W 115 47.94 -6.52 -8.23
N MET W 116 46.94 -6.10 -7.47
CA MET W 116 46.22 -4.88 -7.82
C MET W 116 47.13 -3.65 -7.65
N LEU W 117 48.00 -3.67 -6.64
CA LEU W 117 49.02 -2.61 -6.55
C LEU W 117 49.94 -2.64 -7.77
N ARG W 118 50.28 -3.84 -8.24
CA ARG W 118 51.06 -3.98 -9.46
C ARG W 118 50.34 -3.36 -10.64
N GLN W 119 49.03 -3.59 -10.75
CA GLN W 119 48.27 -3.03 -11.86
C GLN W 119 48.32 -1.51 -11.82
N PHE W 120 48.19 -0.91 -10.62
CA PHE W 120 48.34 0.53 -10.48
C PHE W 120 49.74 0.99 -10.85
N GLU W 121 50.76 0.31 -10.31
CA GLU W 121 52.14 0.77 -10.48
C GLU W 121 52.56 0.74 -11.95
N ILE W 122 52.17 -0.30 -12.67
CA ILE W 122 52.53 -0.38 -14.08
C ILE W 122 51.74 0.63 -14.90
N ALA W 123 50.43 0.76 -14.64
CA ALA W 123 49.65 1.79 -15.30
C ALA W 123 50.30 3.16 -15.14
N ARG W 124 50.77 3.47 -13.93
CA ARG W 124 51.39 4.77 -13.69
C ARG W 124 52.69 4.92 -14.47
N LEU W 125 53.45 3.83 -14.60
CA LEU W 125 54.75 3.91 -15.25
C LEU W 125 54.61 4.06 -16.76
N VAL W 126 53.66 3.37 -17.38
CA VAL W 126 53.50 3.51 -18.83
C VAL W 126 52.56 4.65 -19.20
N GLY W 127 51.80 5.19 -18.25
CA GLY W 127 50.96 6.33 -18.54
C GLY W 127 49.55 6.01 -19.01
N VAL W 128 48.98 4.88 -18.61
CA VAL W 128 47.62 4.56 -19.00
C VAL W 128 46.72 4.72 -17.78
N ARG W 129 45.43 4.89 -18.03
CA ARG W 129 44.47 4.97 -16.93
C ARG W 129 44.30 3.61 -16.28
N PRO W 130 44.11 3.54 -14.96
CA PRO W 130 44.19 2.27 -14.23
C PRO W 130 42.86 1.51 -14.17
N TYR W 131 42.18 1.40 -15.32
CA TYR W 131 40.90 0.69 -15.32
C TYR W 131 41.08 -0.81 -15.10
N ASN W 132 42.21 -1.37 -15.53
CA ASN W 132 42.48 -2.78 -15.25
C ASN W 132 42.51 -3.04 -13.76
N ALA W 133 43.17 -2.15 -13.00
CA ALA W 133 43.12 -2.24 -11.55
C ALA W 133 41.69 -2.11 -11.03
N ILE W 134 40.92 -1.15 -11.55
CA ILE W 134 39.54 -0.98 -11.11
C ILE W 134 38.75 -2.27 -11.35
N ALA W 135 38.92 -2.87 -12.52
CA ALA W 135 38.18 -4.10 -12.85
C ALA W 135 38.56 -5.24 -11.91
N PHE W 136 39.83 -5.30 -11.48
CA PHE W 136 40.27 -6.37 -10.59
C PHE W 136 39.63 -6.30 -9.21
N SER W 137 39.02 -5.18 -8.85
CA SER W 137 38.33 -5.09 -7.56
C SER W 137 37.22 -6.13 -7.45
N ALA W 138 36.68 -6.60 -8.59
CA ALA W 138 35.64 -7.62 -8.54
C ALA W 138 36.17 -8.97 -8.05
N PRO W 139 37.24 -9.55 -8.65
CA PRO W 139 37.86 -10.74 -8.03
C PRO W 139 38.18 -10.56 -6.55
N ILE W 140 38.68 -9.39 -6.17
CA ILE W 140 39.03 -9.16 -4.78
C ILE W 140 37.78 -9.17 -3.91
N ALA W 141 36.70 -8.53 -4.36
CA ALA W 141 35.46 -8.56 -3.61
C ALA W 141 34.95 -9.98 -3.43
N VAL W 142 35.07 -10.80 -4.47
CA VAL W 142 34.65 -12.19 -4.38
C VAL W 142 35.52 -12.94 -3.36
N PHE W 143 36.83 -12.80 -3.47
CA PHE W 143 37.71 -13.55 -2.60
C PHE W 143 37.49 -13.16 -1.13
N VAL W 144 37.42 -11.86 -0.87
CA VAL W 144 37.29 -11.39 0.51
C VAL W 144 35.93 -11.80 1.09
N SER W 145 34.87 -11.70 0.29
CA SER W 145 33.54 -12.03 0.83
C SER W 145 33.42 -13.54 1.05
N VAL W 146 33.94 -14.36 0.15
CA VAL W 146 33.74 -15.80 0.22
C VAL W 146 34.71 -16.46 1.20
N PHE W 147 35.99 -16.08 1.16
CA PHE W 147 36.98 -16.80 1.95
C PHE W 147 37.26 -16.17 3.30
N LEU W 148 36.85 -14.92 3.53
CA LEU W 148 37.12 -14.29 4.81
C LEU W 148 35.83 -13.88 5.52
N ILE W 149 35.01 -13.01 4.92
CA ILE W 149 33.83 -12.50 5.61
C ILE W 149 32.86 -13.63 5.91
N TYR W 150 32.59 -14.50 4.91
CA TYR W 150 31.61 -15.57 5.11
C TYR W 150 31.97 -16.48 6.29
N PRO W 151 33.16 -17.08 6.37
CA PRO W 151 33.49 -17.88 7.56
C PRO W 151 33.53 -17.07 8.84
N LEU W 152 33.94 -15.80 8.76
CA LEU W 152 33.97 -14.95 9.95
C LEU W 152 32.56 -14.70 10.47
N GLY W 153 31.54 -14.73 9.61
CA GLY W 153 30.18 -14.67 10.12
C GLY W 153 29.67 -15.98 10.68
N GLN W 154 30.26 -17.10 10.24
CA GLN W 154 29.83 -18.42 10.68
C GLN W 154 30.61 -18.81 11.94
N SER W 155 30.50 -20.07 12.34
CA SER W 155 31.09 -20.49 13.61
C SER W 155 32.60 -20.59 13.56
N SER W 156 33.20 -20.79 12.38
CA SER W 156 34.64 -21.01 12.29
C SER W 156 35.08 -21.03 10.83
N TRP W 157 36.40 -21.07 10.62
CA TRP W 157 36.96 -21.26 9.28
C TRP W 157 36.50 -22.57 8.65
N PHE W 158 36.11 -23.56 9.46
CA PHE W 158 35.69 -24.86 8.96
C PHE W 158 34.69 -24.74 7.81
N PHE W 159 33.80 -23.75 7.88
CA PHE W 159 32.74 -23.62 6.89
C PHE W 159 33.08 -22.67 5.74
N ALA W 160 34.31 -22.17 5.67
CA ALA W 160 34.82 -21.53 4.47
C ALA W 160 34.96 -22.56 3.35
N PRO W 161 35.18 -22.13 2.10
CA PRO W 161 35.52 -23.12 1.07
C PRO W 161 36.89 -23.70 1.35
N SER W 162 37.00 -25.01 1.20
CA SER W 162 38.30 -25.65 1.15
C SER W 162 38.89 -25.53 -0.26
N PHE W 163 40.23 -25.45 -0.34
CA PHE W 163 40.91 -25.19 -1.61
C PHE W 163 41.08 -26.49 -2.40
N GLY W 164 40.06 -26.84 -3.17
CA GLY W 164 40.13 -28.01 -4.04
C GLY W 164 38.94 -28.07 -4.96
N VAL W 165 39.06 -28.87 -6.01
CA VAL W 165 38.02 -28.90 -7.04
C VAL W 165 36.73 -29.47 -6.46
N ALA W 166 36.76 -30.72 -5.99
CA ALA W 166 35.59 -31.36 -5.41
C ALA W 166 35.16 -30.66 -4.12
N ALA W 167 36.12 -30.15 -3.34
CA ALA W 167 35.77 -29.37 -2.15
C ALA W 167 34.92 -28.16 -2.51
N ILE W 168 35.24 -27.50 -3.64
CA ILE W 168 34.48 -26.34 -4.07
C ILE W 168 33.09 -26.76 -4.54
N PHE W 169 32.98 -27.90 -5.23
CA PHE W 169 31.66 -28.40 -5.61
C PHE W 169 30.79 -28.64 -4.37
N ARG W 170 31.37 -29.24 -3.32
CA ARG W 170 30.64 -29.43 -2.08
C ARG W 170 30.12 -28.09 -1.53
N PHE W 171 30.95 -27.06 -1.58
CA PHE W 171 30.57 -25.72 -1.12
C PHE W 171 29.35 -25.21 -1.87
N LEU W 172 29.34 -25.38 -3.20
CA LEU W 172 28.16 -25.03 -3.99
C LEU W 172 26.92 -25.74 -3.46
N LEU W 173 27.00 -27.05 -3.24
CA LEU W 173 25.82 -27.82 -2.87
C LEU W 173 25.38 -27.49 -1.45
N PHE W 174 26.34 -27.28 -0.54
CA PHE W 174 26.01 -26.78 0.78
C PHE W 174 25.20 -25.48 0.69
N PHE W 175 25.61 -24.57 -0.20
CA PHE W 175 24.92 -23.30 -0.31
C PHE W 175 23.51 -23.48 -0.87
N GLN W 176 23.32 -24.46 -1.75
CA GLN W 176 21.96 -24.75 -2.20
C GLN W 176 21.10 -25.29 -1.05
N GLY W 177 21.59 -26.31 -0.33
CA GLY W 177 20.76 -26.97 0.66
C GLY W 177 20.49 -26.12 1.89
N PHE W 178 21.51 -25.40 2.37
CA PHE W 178 21.34 -24.64 3.61
C PHE W 178 20.90 -23.20 3.38
N HIS W 179 21.41 -22.54 2.32
CA HIS W 179 21.13 -21.13 2.11
C HIS W 179 20.09 -20.86 1.03
N ASN W 180 19.66 -21.88 0.27
CA ASN W 180 18.85 -21.66 -0.94
C ASN W 180 19.45 -20.53 -1.79
N TRP W 181 20.78 -20.61 -2.00
CA TRP W 181 21.53 -19.51 -2.62
C TRP W 181 21.06 -19.19 -4.03
N THR W 182 20.55 -20.18 -4.78
CA THR W 182 20.04 -19.88 -6.12
C THR W 182 18.86 -18.92 -6.09
N LEU W 183 18.06 -18.90 -5.00
CA LEU W 183 16.93 -17.98 -4.88
C LEU W 183 17.35 -16.55 -4.57
N ASN W 184 18.63 -16.28 -4.36
CA ASN W 184 19.08 -14.99 -3.85
C ASN W 184 19.23 -14.01 -5.01
N PRO W 185 18.53 -12.87 -5.00
CA PRO W 185 18.66 -11.93 -6.13
C PRO W 185 20.07 -11.40 -6.32
N PHE W 186 20.89 -11.36 -5.28
CA PHE W 186 22.28 -10.94 -5.50
C PHE W 186 23.09 -12.01 -6.22
N HIS W 187 22.80 -13.30 -5.97
CA HIS W 187 23.45 -14.33 -6.78
C HIS W 187 22.97 -14.25 -8.23
N MET W 188 21.66 -14.05 -8.42
CA MET W 188 21.08 -13.92 -9.75
C MET W 188 21.74 -12.78 -10.53
N MET W 189 22.00 -11.64 -9.89
CA MET W 189 22.69 -10.57 -10.62
C MET W 189 24.10 -10.99 -10.99
N GLY W 190 24.76 -11.75 -10.10
CA GLY W 190 26.07 -12.29 -10.43
C GLY W 190 26.03 -13.21 -11.64
N VAL W 191 25.04 -14.11 -11.68
CA VAL W 191 24.91 -14.99 -12.85
C VAL W 191 24.74 -14.16 -14.12
N ALA W 192 23.89 -13.13 -14.07
CA ALA W 192 23.67 -12.27 -15.24
C ALA W 192 24.96 -11.58 -15.66
N GLY W 193 25.77 -11.14 -14.69
CA GLY W 193 27.04 -10.50 -15.05
C GLY W 193 28.05 -11.47 -15.65
N VAL W 194 28.09 -12.70 -15.14
CA VAL W 194 29.05 -13.67 -15.67
C VAL W 194 28.60 -14.16 -17.04
N LEU W 195 27.34 -14.60 -17.14
CA LEU W 195 26.83 -15.06 -18.42
C LEU W 195 26.77 -13.91 -19.43
N GLY W 196 26.38 -12.71 -18.97
CA GLY W 196 26.40 -11.56 -19.87
C GLY W 196 27.79 -11.19 -20.31
N GLY W 197 28.78 -11.33 -19.41
CA GLY W 197 30.16 -11.07 -19.80
C GLY W 197 30.66 -12.04 -20.85
N ALA W 198 30.40 -13.34 -20.65
CA ALA W 198 30.79 -14.33 -21.65
C ALA W 198 30.09 -14.07 -22.97
N LEU W 199 28.82 -13.64 -22.93
CA LEU W 199 28.11 -13.26 -24.14
C LEU W 199 28.79 -12.09 -24.84
N LEU W 200 29.08 -11.03 -24.10
CA LEU W 200 29.77 -9.88 -24.69
C LEU W 200 31.11 -10.29 -25.26
N CYS W 201 31.85 -11.13 -24.54
CA CYS W 201 33.15 -11.59 -25.02
C CYS W 201 33.02 -12.28 -26.37
N ALA W 202 32.08 -13.23 -26.47
CA ALA W 202 31.94 -14.00 -27.70
C ALA W 202 31.45 -13.14 -28.86
N ILE W 203 30.47 -12.29 -28.61
CA ILE W 203 29.82 -11.56 -29.68
C ILE W 203 30.73 -10.46 -30.19
N HIS W 204 31.51 -9.83 -29.30
CA HIS W 204 32.44 -8.80 -29.74
C HIS W 204 33.57 -9.40 -30.54
N GLY W 205 34.19 -10.47 -30.03
CA GLY W 205 35.23 -11.13 -30.81
C GLY W 205 34.74 -11.59 -32.15
N ALA W 206 33.56 -12.24 -32.17
CA ALA W 206 33.03 -12.74 -33.43
C ALA W 206 32.71 -11.61 -34.40
N THR W 207 32.17 -10.49 -33.90
CA THR W 207 31.78 -9.36 -34.75
C THR W 207 33.01 -8.73 -35.42
N VAL W 208 34.04 -8.40 -34.64
CA VAL W 208 35.27 -7.86 -35.21
C VAL W 208 35.80 -8.81 -36.29
N GLU W 209 35.86 -10.10 -35.97
CA GLU W 209 36.44 -11.08 -36.88
C GLU W 209 35.61 -11.28 -38.15
N ASN W 210 34.35 -10.89 -38.15
CA ASN W 210 33.52 -11.06 -39.32
C ASN W 210 33.13 -9.74 -39.97
N THR W 211 33.73 -8.63 -39.52
CA THR W 211 33.62 -7.35 -40.24
C THR W 211 35.00 -6.78 -40.56
N LEU W 212 36.02 -7.63 -40.58
CA LEU W 212 37.37 -7.19 -40.94
C LEU W 212 37.39 -6.62 -42.35
N PHE W 213 38.18 -5.56 -42.53
CA PHE W 213 38.54 -5.14 -43.87
C PHE W 213 39.57 -6.11 -44.46
N GLN W 214 39.54 -6.26 -45.78
CA GLN W 214 40.58 -7.07 -46.43
C GLN W 214 41.83 -6.21 -46.56
N ASP W 215 42.78 -6.40 -45.66
CA ASP W 215 43.99 -5.60 -45.67
C ASP W 215 45.20 -6.40 -46.14
N GLY W 216 44.97 -7.55 -46.75
CA GLY W 216 46.03 -8.40 -47.28
C GLY W 216 45.44 -9.39 -48.26
N GLU W 217 46.31 -10.18 -48.89
CA GLU W 217 45.91 -11.20 -49.85
C GLU W 217 45.75 -12.60 -49.26
N GLY W 218 46.20 -12.84 -48.03
CA GLY W 218 46.14 -14.19 -47.48
C GLY W 218 44.73 -14.62 -47.16
N ALA W 219 44.44 -15.90 -47.38
CA ALA W 219 43.17 -16.47 -46.94
C ALA W 219 43.11 -16.60 -45.42
N SER W 220 44.28 -16.67 -44.77
CA SER W 220 44.37 -16.51 -43.32
C SER W 220 44.59 -15.02 -43.06
N THR W 221 43.64 -14.40 -42.37
CA THR W 221 43.55 -12.93 -42.35
C THR W 221 44.30 -12.29 -41.19
N PHE W 222 44.97 -13.09 -40.34
CA PHE W 222 45.66 -12.55 -39.17
C PHE W 222 46.88 -11.72 -39.57
N ARG W 223 47.56 -12.07 -40.67
CA ARG W 223 48.77 -11.35 -41.01
C ARG W 223 48.51 -9.91 -41.44
N ALA W 224 47.28 -9.58 -41.85
CA ALA W 224 46.96 -8.24 -42.33
C ALA W 224 46.60 -7.29 -41.20
N PHE W 225 47.43 -7.25 -40.15
CA PHE W 225 47.25 -6.27 -39.08
C PHE W 225 48.61 -5.83 -38.55
N ASN W 226 48.73 -4.55 -38.25
CA ASN W 226 49.95 -3.99 -37.66
C ASN W 226 49.56 -3.15 -36.45
N PRO W 227 50.10 -3.44 -35.25
CA PRO W 227 49.62 -2.72 -34.06
C PRO W 227 49.78 -1.21 -34.15
N THR W 228 50.76 -0.71 -34.89
CA THR W 228 50.94 0.73 -34.99
C THR W 228 50.00 1.38 -36.00
N GLN W 229 49.25 0.60 -36.78
CA GLN W 229 48.42 1.18 -37.83
C GLN W 229 47.38 2.13 -37.24
N ALA W 230 47.05 3.17 -38.02
CA ALA W 230 46.09 4.17 -37.56
C ALA W 230 44.64 3.72 -37.73
N GLU W 231 44.37 2.88 -38.72
CA GLU W 231 43.02 2.59 -39.14
C GLU W 231 42.41 1.43 -38.36
N GLU W 232 41.12 1.53 -38.08
CA GLU W 232 40.39 0.38 -37.53
C GLU W 232 40.56 -0.80 -38.46
N THR W 233 40.72 -1.98 -37.87
CA THR W 233 40.94 -3.19 -38.66
C THR W 233 39.61 -3.82 -39.11
N TYR W 234 38.50 -3.37 -38.56
CA TYR W 234 37.17 -3.83 -38.93
C TYR W 234 36.26 -2.64 -39.12
N SER W 235 35.11 -2.86 -39.77
CA SER W 235 34.18 -1.79 -40.11
C SER W 235 33.12 -1.63 -39.02
N MET W 236 33.23 -0.55 -38.24
CA MET W 236 32.21 -0.27 -37.23
C MET W 236 30.87 -0.01 -37.87
N VAL W 237 30.86 0.61 -39.05
CA VAL W 237 29.62 0.96 -39.73
C VAL W 237 28.88 -0.29 -40.18
N THR W 238 29.61 -1.25 -40.76
CA THR W 238 28.97 -2.49 -41.17
C THR W 238 28.52 -3.32 -39.97
N ALA W 239 29.35 -3.39 -38.92
CA ALA W 239 28.94 -4.08 -37.70
C ALA W 239 27.66 -3.48 -37.13
N ASN W 240 27.58 -2.14 -37.11
CA ASN W 240 26.40 -1.47 -36.56
C ASN W 240 25.16 -1.78 -37.38
N ARG W 241 25.29 -1.80 -38.71
CA ARG W 241 24.10 -2.07 -39.53
C ARG W 241 23.62 -3.50 -39.33
N PHE W 242 24.56 -4.46 -39.30
CA PHE W 242 24.20 -5.86 -39.12
C PHE W 242 23.41 -6.07 -37.84
N TRP W 243 23.93 -5.59 -36.71
CA TRP W 243 23.24 -5.88 -35.44
C TRP W 243 21.95 -5.10 -35.31
N SER W 244 21.90 -3.88 -35.86
CA SER W 244 20.66 -3.11 -35.88
C SER W 244 19.53 -3.87 -36.56
N GLN W 245 19.84 -4.50 -37.70
CA GLN W 245 18.85 -5.24 -38.48
C GLN W 245 18.57 -6.62 -37.92
N ILE W 246 19.55 -7.26 -37.26
CA ILE W 246 19.37 -8.60 -36.71
C ILE W 246 18.65 -8.54 -35.36
N PHE W 247 19.15 -7.68 -34.48
CA PHE W 247 18.77 -7.67 -33.07
C PHE W 247 17.95 -6.44 -32.69
N GLY W 248 17.96 -5.38 -33.51
CA GLY W 248 17.18 -4.20 -33.25
C GLY W 248 18.01 -3.04 -32.73
N ILE W 249 19.04 -3.33 -31.95
CA ILE W 249 19.95 -2.30 -31.48
C ILE W 249 21.39 -2.78 -31.71
N ALA W 250 22.29 -1.80 -31.77
CA ALA W 250 23.70 -2.07 -31.99
C ALA W 250 24.50 -1.01 -31.26
N PHE W 251 25.73 -1.36 -30.91
CA PHE W 251 26.67 -0.32 -30.51
C PHE W 251 26.95 0.61 -31.69
N SER W 252 27.15 1.89 -31.41
CA SER W 252 27.73 2.80 -32.36
C SER W 252 28.96 3.51 -31.83
N ASN W 253 29.19 3.48 -30.51
CA ASN W 253 30.33 4.13 -29.87
C ASN W 253 31.28 3.06 -29.35
N LYS W 254 32.47 2.98 -29.94
CA LYS W 254 33.44 1.96 -29.56
C LYS W 254 33.96 2.13 -28.13
N ARG W 255 34.00 3.37 -27.63
CA ARG W 255 34.43 3.58 -26.27
C ARG W 255 33.39 3.10 -25.27
N TRP W 256 32.12 3.43 -25.52
CA TRP W 256 31.05 2.90 -24.69
C TRP W 256 31.06 1.37 -24.73
N LEU W 257 31.19 0.80 -25.92
CA LEU W 257 31.23 -0.66 -26.06
C LEU W 257 32.24 -1.24 -25.09
N HIS W 258 33.47 -0.72 -25.11
CA HIS W 258 34.50 -1.37 -24.30
C HIS W 258 34.34 -1.04 -22.82
N PHE W 259 33.82 0.14 -22.47
CA PHE W 259 33.52 0.37 -21.06
C PHE W 259 32.42 -0.57 -20.58
N PHE W 260 31.39 -0.79 -21.40
CA PHE W 260 30.32 -1.71 -21.02
C PHE W 260 30.87 -3.11 -20.77
N MET W 261 31.91 -3.51 -21.51
CA MET W 261 32.50 -4.83 -21.31
C MET W 261 33.22 -4.92 -19.97
N LEU W 262 33.84 -3.83 -19.50
CA LEU W 262 34.31 -3.80 -18.12
C LEU W 262 33.12 -3.85 -17.14
N PHE W 263 32.12 -3.01 -17.38
CA PHE W 263 31.06 -2.78 -16.38
C PHE W 263 30.26 -4.06 -16.06
N VAL W 264 29.92 -4.86 -17.07
CA VAL W 264 28.95 -5.93 -16.87
C VAL W 264 29.49 -7.02 -15.94
N PRO W 265 30.59 -7.70 -16.27
CA PRO W 265 31.06 -8.76 -15.37
C PRO W 265 31.55 -8.24 -14.03
N VAL W 266 32.19 -7.06 -14.00
CA VAL W 266 32.68 -6.49 -12.76
C VAL W 266 31.51 -6.20 -11.81
N THR W 267 30.45 -5.58 -12.32
CA THR W 267 29.29 -5.30 -11.48
C THR W 267 28.62 -6.60 -11.02
N GLY W 268 28.52 -7.59 -11.90
CA GLY W 268 27.95 -8.85 -11.50
C GLY W 268 28.67 -9.49 -10.31
N LEU W 269 30.00 -9.56 -10.39
CA LEU W 269 30.74 -10.20 -9.29
C LEU W 269 30.55 -9.41 -7.99
N TRP W 270 30.53 -8.08 -8.08
CA TRP W 270 30.32 -7.25 -6.89
C TRP W 270 28.95 -7.53 -6.27
N MET W 271 27.92 -7.69 -7.09
CA MET W 271 26.61 -8.04 -6.54
C MET W 271 26.65 -9.39 -5.84
N SER W 272 27.34 -10.39 -6.43
CA SER W 272 27.39 -11.69 -5.78
C SER W 272 28.10 -11.60 -4.43
N ALA W 273 29.16 -10.79 -4.34
CA ALA W 273 29.84 -10.63 -3.06
C ALA W 273 28.89 -10.08 -1.99
N ILE W 274 28.00 -9.16 -2.35
CA ILE W 274 27.07 -8.62 -1.36
C ILE W 274 26.16 -9.71 -0.83
N GLY W 275 25.64 -10.56 -1.73
CA GLY W 275 24.81 -11.66 -1.28
C GLY W 275 25.53 -12.59 -0.31
N VAL W 276 26.80 -12.88 -0.59
CA VAL W 276 27.56 -13.75 0.30
C VAL W 276 27.76 -13.11 1.67
N VAL W 277 27.97 -11.78 1.71
CA VAL W 277 28.06 -11.10 3.00
C VAL W 277 26.79 -11.33 3.83
N GLY W 278 25.61 -11.28 3.18
CA GLY W 278 24.39 -11.64 3.88
C GLY W 278 24.40 -13.08 4.37
N LEU W 279 24.87 -14.00 3.52
CA LEU W 279 24.91 -15.39 3.94
C LEU W 279 25.88 -15.63 5.09
N ALA W 280 26.87 -14.74 5.28
CA ALA W 280 27.76 -14.87 6.44
C ALA W 280 26.98 -14.90 7.74
N LEU W 281 25.81 -14.24 7.75
CA LEU W 281 24.92 -14.08 8.90
C LEU W 281 23.67 -14.95 8.81
N ASN W 282 23.65 -15.89 7.86
CA ASN W 282 22.46 -16.65 7.50
C ASN W 282 21.31 -15.75 7.09
N LEU W 283 21.61 -14.51 6.69
CA LEU W 283 20.61 -13.60 6.15
CA LEU W 283 20.59 -13.61 6.16
C LEU W 283 20.33 -14.00 4.71
N ARG W 284 19.58 -15.08 4.56
CA ARG W 284 19.30 -15.73 3.29
C ARG W 284 18.06 -15.19 2.60
N SER W 285 18.04 -15.38 1.29
CA SER W 285 16.78 -15.39 0.53
CA SER W 285 16.78 -15.39 0.54
C SER W 285 16.31 -16.84 0.51
N TYR W 286 15.78 -17.29 1.66
CA TYR W 286 15.44 -18.71 1.74
C TYR W 286 14.02 -18.98 1.30
N ASP W 287 13.06 -18.15 1.72
CA ASP W 287 11.65 -18.46 1.55
C ASP W 287 10.88 -17.27 0.98
N PHE W 288 9.70 -17.57 0.44
CA PHE W 288 8.66 -16.58 0.18
C PHE W 288 7.53 -16.85 1.19
N ILE W 289 7.30 -15.92 2.12
CA ILE W 289 6.38 -16.19 3.22
C ILE W 289 4.99 -16.51 2.69
N SER W 290 4.53 -15.77 1.67
CA SER W 290 3.19 -16.00 1.13
C SER W 290 3.03 -17.41 0.56
N GLN W 291 4.07 -17.92 -0.10
CA GLN W 291 4.05 -19.32 -0.56
C GLN W 291 3.90 -20.27 0.61
N GLU W 292 4.60 -20.02 1.71
CA GLU W 292 4.58 -20.97 2.81
C GLU W 292 3.24 -20.95 3.52
N ILE W 293 2.63 -19.77 3.66
CA ILE W 293 1.31 -19.71 4.29
C ILE W 293 0.29 -20.47 3.43
N ARG W 294 0.34 -20.26 2.11
CA ARG W 294 -0.60 -20.94 1.22
C ARG W 294 -0.40 -22.45 1.25
N ALA W 295 0.86 -22.90 1.13
CA ALA W 295 1.13 -24.33 1.06
C ALA W 295 0.83 -25.01 2.38
N ALA W 296 1.12 -24.35 3.51
CA ALA W 296 0.82 -24.96 4.81
C ALA W 296 -0.70 -25.18 4.98
N GLU W 297 -1.50 -24.25 4.48
CA GLU W 297 -2.95 -24.33 4.61
C GLU W 297 -3.63 -25.16 3.52
N ASP W 298 -3.00 -25.30 2.35
CA ASP W 298 -3.62 -25.90 1.18
C ASP W 298 -2.71 -27.00 0.63
N PRO W 299 -2.94 -28.27 1.01
CA PRO W 299 -2.03 -29.36 0.58
C PRO W 299 -2.11 -29.72 -0.89
N GLU W 300 -2.91 -29.05 -1.71
CA GLU W 300 -2.87 -29.28 -3.15
C GLU W 300 -2.07 -28.22 -3.90
N PHE W 301 -1.54 -27.22 -3.21
CA PHE W 301 -0.81 -26.14 -3.83
C PHE W 301 0.68 -26.49 -3.92
N GLU W 302 1.21 -26.53 -5.14
CA GLU W 302 2.60 -26.90 -5.35
C GLU W 302 3.21 -26.03 -6.45
N THR W 303 4.44 -25.55 -6.21
CA THR W 303 5.20 -24.79 -7.19
C THR W 303 6.61 -25.35 -7.27
N PHE W 304 7.37 -24.91 -8.29
CA PHE W 304 8.77 -25.31 -8.34
C PHE W 304 9.53 -24.79 -7.13
N TYR W 305 9.04 -23.71 -6.53
CA TYR W 305 9.67 -23.21 -5.31
C TYR W 305 9.48 -24.19 -4.14
N THR W 306 8.28 -24.74 -3.95
CA THR W 306 8.14 -25.71 -2.86
C THR W 306 8.87 -27.01 -3.20
N LYS W 307 8.94 -27.37 -4.49
CA LYS W 307 9.68 -28.58 -4.86
C LYS W 307 11.15 -28.46 -4.49
N ASN W 308 11.75 -27.28 -4.68
CA ASN W 308 13.18 -27.13 -4.42
C ASN W 308 13.51 -27.17 -2.94
N LEU W 309 12.59 -26.71 -2.08
CA LEU W 309 12.82 -26.79 -0.64
C LEU W 309 12.86 -28.24 -0.16
N LEU W 310 12.06 -29.12 -0.77
CA LEU W 310 12.13 -30.54 -0.43
C LEU W 310 13.50 -31.10 -0.75
N LEU W 311 14.05 -30.72 -1.91
CA LEU W 311 15.40 -31.10 -2.25
C LEU W 311 16.40 -30.59 -1.21
N ASN W 312 16.26 -29.31 -0.83
CA ASN W 312 17.16 -28.75 0.19
C ASN W 312 17.09 -29.53 1.49
N GLU W 313 15.88 -29.88 1.94
CA GLU W 313 15.74 -30.64 3.17
C GLU W 313 16.41 -32.00 3.03
N GLY W 314 16.32 -32.59 1.83
CA GLY W 314 17.08 -33.80 1.59
C GLY W 314 18.58 -33.56 1.70
N ILE W 315 19.08 -32.51 1.04
CA ILE W 315 20.51 -32.25 1.12
C ILE W 315 20.97 -32.14 2.57
N ARG W 316 20.28 -31.33 3.37
CA ARG W 316 20.72 -31.08 4.74
C ARG W 316 20.79 -32.38 5.54
N ALA W 317 19.72 -33.17 5.51
CA ALA W 317 19.67 -34.37 6.36
C ALA W 317 20.67 -35.42 5.91
N TRP W 318 20.88 -35.57 4.60
CA TRP W 318 21.73 -36.65 4.11
C TRP W 318 23.22 -36.28 4.10
N MET W 319 23.56 -35.00 4.03
CA MET W 319 24.97 -34.61 4.00
C MET W 319 25.50 -34.15 5.36
N ALA W 320 24.66 -33.64 6.26
CA ALA W 320 25.19 -33.01 7.47
C ALA W 320 26.00 -33.93 8.37
N PRO W 321 25.63 -35.20 8.61
CA PRO W 321 26.44 -36.01 9.55
C PRO W 321 27.89 -36.16 9.13
N GLN W 322 28.16 -36.44 7.85
CA GLN W 322 29.55 -36.58 7.41
C GLN W 322 30.18 -35.24 7.11
N ASP W 323 29.40 -34.25 6.65
CA ASP W 323 29.95 -32.94 6.31
C ASP W 323 30.23 -32.09 7.55
N GLN W 324 29.53 -32.34 8.68
CA GLN W 324 29.73 -31.59 9.93
C GLN W 324 30.04 -32.54 11.07
N PRO W 325 31.19 -33.24 11.02
CA PRO W 325 31.45 -34.30 11.98
C PRO W 325 31.53 -33.82 13.42
C HSK W 326 30.68 -31.99 15.73
O HSK W 326 30.60 -31.73 16.95
CA HSK W 326 32.03 -32.04 15.04
CA HSK W 326 32.03 -32.04 15.04
N HSK W 326 31.93 -32.57 13.65
CB HSK W 326 32.66 -30.66 15.03
CB HSK W 326 32.65 -30.65 15.02
CG HSK W 326 32.01 -29.81 13.96
CG HSK W 326 31.78 -29.73 14.21
CD2 HSK W 326 31.13 -28.77 14.19
CD2 HSK W 326 30.83 -28.82 14.68
NE2 HSK W 326 30.78 -28.28 12.97
NE2 HSK W 326 30.27 -28.20 13.59
CE1 HSK W 326 31.43 -28.99 12.02
CE1 HSK W 326 30.84 -28.69 12.45
ND1 HSK W 326 32.17 -29.92 12.64
ND1 HSK W 326 31.71 -29.58 12.88
OM HSK W 326 32.54 -30.34 11.98
N GLU W 327 29.60 -32.09 14.96
CA GLU W 327 28.25 -32.05 15.54
C GLU W 327 27.86 -33.42 16.09
N ASN W 328 28.58 -34.46 15.70
CA ASN W 328 28.25 -35.84 16.08
C ASN W 328 26.78 -36.14 15.83
N PHE W 329 26.30 -35.78 14.64
CA PHE W 329 24.93 -36.09 14.26
C PHE W 329 24.75 -37.58 14.11
N VAL W 330 23.75 -38.14 14.79
CA VAL W 330 23.27 -39.49 14.54
C VAL W 330 21.80 -39.36 14.16
N PHE W 331 21.51 -39.58 12.88
CA PHE W 331 20.14 -39.51 12.35
C PHE W 331 19.70 -40.95 12.10
N PRO W 332 18.93 -41.57 13.00
CA PRO W 332 18.44 -42.92 12.73
C PRO W 332 17.69 -42.93 11.41
N GLU W 333 17.78 -44.05 10.69
CA GLU W 333 17.14 -44.20 9.40
C GLU W 333 15.73 -43.64 9.35
N GLU W 334 14.91 -43.94 10.38
CA GLU W 334 13.51 -43.60 10.31
C GLU W 334 13.27 -42.10 10.24
N VAL W 335 14.23 -41.26 10.65
CA VAL W 335 13.97 -39.81 10.59
C VAL W 335 14.40 -39.18 9.26
N LEU W 336 15.11 -39.90 8.42
CA LEU W 336 15.62 -39.30 7.19
C LEU W 336 14.49 -39.00 6.21
N PRO W 337 14.38 -37.77 5.72
CA PRO W 337 13.37 -37.46 4.69
C PRO W 337 13.68 -38.23 3.42
N ARG W 338 12.67 -38.93 2.89
CA ARG W 338 12.78 -39.70 1.66
C ARG W 338 11.41 -39.77 1.03
N GLY W 339 11.37 -39.71 -0.30
CA GLY W 339 10.15 -40.01 -1.02
C GLY W 339 9.89 -41.51 -1.08
N ASN W 340 8.88 -41.87 -1.87
CA ASN W 340 8.52 -43.28 -2.02
C ASN W 340 9.62 -44.03 -2.74
N ALA W 341 9.88 -45.25 -2.29
CA ALA W 341 10.77 -46.21 -2.94
C ALA W 341 12.26 -45.84 -2.87
N LEU W 342 12.63 -44.64 -3.30
CA LEU W 342 14.06 -44.25 -3.33
C LEU W 342 14.63 -44.06 -1.91
N GLY X 5 69.75 -6.66 -22.70
CA GLY X 5 68.66 -7.59 -22.47
C GLY X 5 69.08 -9.03 -22.26
N GLU X 6 68.15 -9.86 -21.81
CA GLU X 6 68.38 -11.27 -21.58
C GLU X 6 68.13 -12.09 -22.84
N ARG X 7 68.87 -13.18 -22.97
CA ARG X 7 68.76 -14.05 -24.14
C ARG X 7 67.39 -14.71 -24.23
N PRO X 8 66.85 -14.88 -25.43
CA PRO X 8 65.56 -15.54 -25.59
C PRO X 8 65.60 -16.99 -25.10
N PHE X 9 64.48 -17.43 -24.52
CA PHE X 9 64.37 -18.82 -24.05
C PHE X 9 64.57 -19.81 -25.20
N SER X 10 64.11 -19.46 -26.40
CA SER X 10 64.31 -20.35 -27.54
C SER X 10 65.78 -20.59 -27.84
N ASP X 11 66.64 -19.61 -27.57
CA ASP X 11 68.08 -19.81 -27.71
C ASP X 11 68.66 -20.68 -26.61
N ILE X 12 68.07 -20.63 -25.41
CA ILE X 12 68.63 -21.37 -24.28
C ILE X 12 68.32 -22.85 -24.40
N ILE X 13 67.04 -23.21 -24.56
CA ILE X 13 66.67 -24.63 -24.52
C ILE X 13 67.06 -25.39 -25.77
N THR X 14 67.61 -24.71 -26.78
CA THR X 14 68.19 -25.41 -27.93
C THR X 14 69.71 -25.42 -27.91
N SER X 15 70.34 -24.91 -26.86
CA SER X 15 71.79 -24.94 -26.74
C SER X 15 72.23 -26.22 -26.02
N VAL X 16 73.48 -26.61 -26.28
CA VAL X 16 74.01 -27.84 -25.70
C VAL X 16 74.33 -27.65 -24.23
N ARG X 17 74.79 -26.45 -23.84
CA ARG X 17 75.14 -26.23 -22.44
C ARG X 17 73.92 -26.38 -21.53
N TYR X 18 72.77 -25.87 -21.97
CA TYR X 18 71.54 -26.03 -21.19
C TYR X 18 71.24 -27.50 -20.95
N TRP X 19 71.34 -28.31 -22.01
CA TRP X 19 71.00 -29.72 -21.87
C TRP X 19 72.09 -30.52 -21.16
N VAL X 20 73.33 -30.02 -21.11
CA VAL X 20 74.36 -30.68 -20.29
C VAL X 20 74.07 -30.45 -18.81
N ILE X 21 73.75 -29.21 -18.44
CA ILE X 21 73.42 -28.89 -17.05
C ILE X 21 72.17 -29.66 -16.63
N HIS X 22 71.11 -29.57 -17.41
CA HIS X 22 69.82 -30.06 -16.98
C HIS X 22 69.60 -31.54 -17.27
N SER X 23 70.49 -32.19 -18.02
CA SER X 23 70.44 -33.65 -18.07
C SER X 23 70.92 -34.28 -16.78
N ILE X 24 71.59 -33.50 -15.93
CA ILE X 24 71.93 -33.95 -14.58
C ILE X 24 70.89 -33.50 -13.56
N THR X 25 70.56 -32.20 -13.55
CA THR X 25 69.80 -31.65 -12.42
C THR X 25 68.36 -32.14 -12.44
N ILE X 26 67.73 -32.20 -13.62
CA ILE X 26 66.35 -32.64 -13.72
C ILE X 26 66.16 -34.07 -13.23
N PRO X 27 66.90 -35.07 -13.72
CA PRO X 27 66.69 -36.42 -13.17
C PRO X 27 67.03 -36.50 -11.70
N ALA X 28 68.00 -35.70 -11.23
CA ALA X 28 68.34 -35.70 -9.81
C ALA X 28 67.16 -35.22 -8.97
N LEU X 29 66.52 -34.11 -9.36
CA LEU X 29 65.37 -33.64 -8.62
C LEU X 29 64.25 -34.66 -8.65
N PHE X 30 64.02 -35.26 -9.82
CA PHE X 30 62.96 -36.28 -9.97
C PHE X 30 63.21 -37.44 -9.02
N ILE X 31 64.47 -37.88 -8.91
CA ILE X 31 64.82 -39.02 -8.07
C ILE X 31 64.69 -38.65 -6.59
N ALA X 32 65.11 -37.44 -6.22
CA ALA X 32 64.94 -36.99 -4.85
C ALA X 32 63.46 -36.94 -4.45
N GLY X 33 62.59 -36.49 -5.36
CA GLY X 33 61.17 -36.48 -5.06
C GLY X 33 60.59 -37.87 -4.94
N TRP X 34 61.01 -38.78 -5.83
CA TRP X 34 60.64 -40.18 -5.73
C TRP X 34 61.00 -40.74 -4.35
N LEU X 35 62.27 -40.61 -3.96
CA LEU X 35 62.73 -41.17 -2.70
C LEU X 35 62.04 -40.54 -1.49
N PHE X 36 61.71 -39.25 -1.57
CA PHE X 36 61.00 -38.58 -0.50
C PHE X 36 59.75 -39.36 -0.13
N VAL X 37 59.09 -39.95 -1.14
CA VAL X 37 57.91 -40.76 -0.93
C VAL X 37 58.30 -42.21 -0.64
N SER X 38 59.19 -42.80 -1.45
CA SER X 38 59.44 -44.23 -1.34
C SER X 38 60.09 -44.61 -0.02
N THR X 39 60.85 -43.70 0.59
CA THR X 39 61.42 -43.95 1.91
C THR X 39 60.41 -43.72 3.03
N GLY X 40 59.23 -43.20 2.73
CA GLY X 40 58.22 -42.91 3.72
C GLY X 40 58.40 -41.58 4.44
N LEU X 41 59.42 -40.80 4.08
CA LEU X 41 59.68 -39.55 4.78
C LEU X 41 58.54 -38.54 4.62
N ALA X 42 57.87 -38.51 3.46
CA ALA X 42 56.77 -37.58 3.28
C ALA X 42 55.69 -37.80 4.34
N TYR X 43 55.39 -39.06 4.69
CA TYR X 43 54.41 -39.31 5.74
C TYR X 43 54.78 -38.60 7.03
N ASP X 44 56.06 -38.67 7.41
CA ASP X 44 56.44 -38.18 8.73
C ASP X 44 56.63 -36.67 8.76
N VAL X 45 57.04 -36.06 7.64
CA VAL X 45 57.17 -34.61 7.60
C VAL X 45 55.81 -33.94 7.73
N PHE X 46 54.83 -34.43 6.98
CA PHE X 46 53.54 -33.75 6.94
C PHE X 46 52.49 -34.36 7.88
N GLY X 47 52.80 -35.49 8.52
CA GLY X 47 51.87 -36.12 9.44
C GLY X 47 50.69 -36.79 8.78
N THR X 48 50.89 -37.32 7.60
CA THR X 48 49.84 -37.97 6.82
C THR X 48 49.77 -39.46 7.16
N PRO X 49 48.58 -40.00 7.45
CA PRO X 49 48.50 -41.42 7.79
C PRO X 49 48.91 -42.29 6.60
N ARG X 50 49.73 -43.32 6.89
CA ARG X 50 49.91 -44.44 5.99
C ARG X 50 48.60 -45.25 5.93
N PRO X 51 48.44 -46.12 4.93
CA PRO X 51 47.19 -46.90 4.83
C PRO X 51 46.82 -47.67 6.12
N ASP X 52 47.78 -48.07 6.92
CA ASP X 52 47.49 -48.83 8.14
C ASP X 52 47.39 -47.93 9.37
N SER X 53 47.25 -46.62 9.19
CA SER X 53 47.38 -45.70 10.32
C SER X 53 46.21 -44.73 10.44
N TYR X 54 45.13 -44.94 9.70
CA TYR X 54 43.92 -44.13 9.88
C TYR X 54 43.15 -44.54 11.13
N TYR X 55 43.15 -45.84 11.45
CA TYR X 55 42.34 -46.38 12.54
C TYR X 55 43.17 -47.38 13.33
N ALA X 56 42.83 -47.53 14.61
CA ALA X 56 43.27 -48.70 15.34
C ALA X 56 42.48 -49.92 14.86
N GLN X 57 42.90 -51.11 15.31
CA GLN X 57 42.40 -52.34 14.68
C GLN X 57 40.89 -52.52 14.87
N GLU X 58 40.37 -52.24 16.07
CA GLU X 58 38.95 -52.39 16.34
C GLU X 58 38.25 -51.06 16.55
N GLN X 59 38.95 -49.95 16.29
CA GLN X 59 38.36 -48.63 16.39
C GLN X 59 37.42 -48.36 15.23
N ARG X 60 36.36 -47.59 15.51
CA ARG X 60 35.41 -47.19 14.49
C ARG X 60 35.13 -45.69 14.49
N SER X 61 35.83 -44.90 15.30
CA SER X 61 35.57 -43.48 15.44
C SER X 61 36.75 -42.69 14.87
N ILE X 62 36.45 -41.67 14.07
CA ILE X 62 37.49 -40.87 13.42
C ILE X 62 38.15 -39.95 14.44
N PRO X 63 39.47 -39.77 14.41
CA PRO X 63 40.16 -38.94 15.43
C PRO X 63 40.04 -37.45 15.15
N LEU X 64 38.81 -36.95 15.21
CA LEU X 64 38.53 -35.54 14.96
CA LEU X 64 38.53 -35.54 14.95
C LEU X 64 38.95 -34.69 16.16
N VAL X 65 39.61 -33.57 15.88
CA VAL X 65 40.10 -32.67 16.93
C VAL X 65 38.94 -31.83 17.47
N THR X 66 38.83 -31.76 18.80
CA THR X 66 37.71 -31.09 19.45
C THR X 66 38.11 -30.01 20.44
N ASP X 67 39.39 -29.85 20.73
CA ASP X 67 39.89 -28.86 21.68
C ASP X 67 40.82 -27.93 20.93
N ARG X 68 40.59 -26.61 21.05
CA ARG X 68 41.36 -25.66 20.25
C ARG X 68 42.81 -25.58 20.73
N PHE X 69 43.03 -25.43 22.03
CA PHE X 69 44.36 -25.17 22.55
C PHE X 69 45.10 -26.43 22.99
N GLU X 70 44.38 -27.51 23.28
CA GLU X 70 44.97 -28.82 23.51
C GLU X 70 44.89 -29.71 22.27
N ALA X 71 44.68 -29.11 21.08
CA ALA X 71 44.58 -29.89 19.85
C ALA X 71 45.88 -30.61 19.54
N LYS X 72 47.01 -29.92 19.68
CA LYS X 72 48.32 -30.53 19.49
C LYS X 72 48.47 -31.79 20.36
N GLN X 73 48.09 -31.69 21.64
CA GLN X 73 48.14 -32.86 22.51
C GLN X 73 47.08 -33.89 22.14
N GLN X 74 45.95 -33.43 21.57
CA GLN X 74 44.89 -34.34 21.17
C GLN X 74 45.34 -35.23 20.01
N VAL X 75 45.98 -34.65 18.99
CA VAL X 75 46.50 -35.46 17.90
C VAL X 75 47.57 -36.43 18.41
N GLU X 76 48.40 -35.97 19.34
CA GLU X 76 49.44 -36.83 19.91
C GLU X 76 48.85 -38.03 20.63
N THR X 77 47.70 -37.84 21.28
CA THR X 77 47.05 -38.95 21.98
C THR X 77 46.42 -39.93 21.00
N PHE X 78 45.74 -39.43 19.97
CA PHE X 78 45.16 -40.30 18.94
C PHE X 78 46.24 -41.15 18.26
N LEU X 79 47.43 -40.59 18.07
CA LEU X 79 48.49 -41.30 17.37
C LEU X 79 49.04 -42.46 18.20
N GLU X 80 49.12 -42.27 19.52
CA GLU X 80 49.66 -43.32 20.37
C GLU X 80 48.67 -44.44 20.64
N GLN X 81 47.38 -44.22 20.39
CA GLN X 81 46.37 -45.26 20.53
C GLN X 81 46.34 -46.22 19.35
N LEU X 82 47.16 -46.00 18.31
CA LEU X 82 47.15 -46.90 17.16
C LEU X 82 47.98 -48.16 17.41
N LYS X 83 49.00 -48.07 18.26
CA LYS X 83 49.84 -49.21 18.59
C LYS X 83 49.04 -50.30 19.31
N PRO Y 13 78.72 -15.80 -8.69
CA PRO Y 13 77.88 -16.08 -9.86
C PRO Y 13 76.88 -14.96 -10.15
N ILE Y 14 76.36 -14.90 -11.39
CA ILE Y 14 75.48 -13.83 -11.84
C ILE Y 14 74.08 -14.40 -12.07
N PHE Y 15 73.14 -14.03 -11.21
CA PHE Y 15 71.75 -14.44 -11.34
C PHE Y 15 70.91 -13.27 -11.83
N THR Y 16 69.75 -13.57 -12.41
CA THR Y 16 68.85 -12.54 -12.88
C THR Y 16 67.47 -12.80 -12.29
N VAL Y 17 66.62 -11.77 -12.35
CA VAL Y 17 65.25 -11.92 -11.87
C VAL Y 17 64.54 -13.03 -12.63
N ARG Y 18 64.70 -13.05 -13.97
CA ARG Y 18 64.06 -14.09 -14.76
C ARG Y 18 64.56 -15.48 -14.37
N TRP Y 19 65.88 -15.62 -14.18
CA TRP Y 19 66.44 -16.91 -13.77
C TRP Y 19 65.85 -17.36 -12.43
N VAL Y 20 65.83 -16.47 -11.45
CA VAL Y 20 65.29 -16.81 -10.14
C VAL Y 20 63.82 -17.20 -10.27
N ALA Y 21 63.05 -16.41 -11.02
CA ALA Y 21 61.63 -16.70 -11.17
C ALA Y 21 61.40 -18.07 -11.80
N VAL Y 22 62.16 -18.39 -12.83
CA VAL Y 22 62.05 -19.69 -13.47
C VAL Y 22 62.30 -20.82 -12.47
N HIS Y 23 63.40 -20.73 -11.71
CA HIS Y 23 63.78 -21.89 -10.91
C HIS Y 23 62.95 -22.03 -9.64
N THR Y 24 62.49 -20.93 -9.05
CA THR Y 24 61.59 -21.07 -7.90
C THR Y 24 60.34 -21.86 -8.27
N LEU Y 25 59.93 -21.83 -9.53
CA LEU Y 25 58.81 -22.67 -9.95
C LEU Y 25 59.24 -24.05 -10.43
N ALA Y 26 60.32 -24.11 -11.24
CA ALA Y 26 60.66 -25.34 -11.95
C ALA Y 26 61.32 -26.38 -11.06
N VAL Y 27 62.18 -25.96 -10.13
CA VAL Y 27 62.86 -26.93 -9.27
C VAL Y 27 61.85 -27.71 -8.42
N PRO Y 28 60.93 -27.07 -7.68
CA PRO Y 28 59.94 -27.87 -6.94
C PRO Y 28 59.03 -28.68 -7.85
N THR Y 29 58.67 -28.16 -9.03
CA THR Y 29 57.78 -28.89 -9.93
C THR Y 29 58.34 -30.27 -10.28
N ILE Y 30 59.65 -30.34 -10.58
CA ILE Y 30 60.24 -31.62 -10.95
C ILE Y 30 60.31 -32.54 -9.72
N PHE Y 31 60.68 -31.97 -8.57
CA PHE Y 31 60.67 -32.73 -7.33
C PHE Y 31 59.29 -33.32 -7.06
N PHE Y 32 58.24 -32.51 -7.17
CA PHE Y 32 56.88 -32.97 -6.92
C PHE Y 32 56.47 -34.05 -7.91
N LEU Y 33 56.85 -33.88 -9.18
CA LEU Y 33 56.48 -34.87 -10.18
C LEU Y 33 57.12 -36.21 -9.89
N GLY Y 34 58.35 -36.22 -9.35
CA GLY Y 34 58.95 -37.47 -8.95
C GLY Y 34 58.23 -38.09 -7.77
N ALA Y 35 57.84 -37.25 -6.80
CA ALA Y 35 57.07 -37.72 -5.65
C ALA Y 35 55.76 -38.35 -6.10
N ILE Y 36 55.00 -37.63 -6.95
CA ILE Y 36 53.70 -38.13 -7.38
C ILE Y 36 53.87 -39.38 -8.25
N ALA Y 37 54.94 -39.45 -9.04
CA ALA Y 37 55.21 -40.66 -9.81
C ALA Y 37 55.40 -41.85 -8.88
N ALA Y 38 56.17 -41.65 -7.81
CA ALA Y 38 56.40 -42.73 -6.86
C ALA Y 38 55.09 -43.19 -6.22
N MET Y 39 54.18 -42.25 -5.94
CA MET Y 39 52.93 -42.61 -5.30
C MET Y 39 52.09 -43.56 -6.14
N GLN Y 40 52.29 -43.59 -7.46
CA GLN Y 40 51.48 -44.48 -8.30
C GLN Y 40 51.72 -45.95 -8.01
N PHE Y 41 52.77 -46.29 -7.26
CA PHE Y 41 53.10 -47.68 -6.96
C PHE Y 41 52.87 -48.05 -5.50
N ILE Y 42 52.32 -47.14 -4.71
CA ILE Y 42 51.94 -47.46 -3.34
C ILE Y 42 50.67 -48.30 -3.37
N GLN Y 43 50.68 -49.38 -2.59
CA GLN Y 43 49.50 -50.19 -2.38
C GLN Y 43 49.07 -50.10 -0.93
N ARG Y 44 47.77 -50.23 -0.69
CA ARG Y 44 47.28 -50.19 0.68
C ARG Y 44 47.69 -51.48 1.41
N ALA Z 1 36.06 38.60 -4.30
CA ALA Z 1 35.81 37.90 -3.05
C ALA Z 1 35.21 38.84 -2.00
N ARG Z 2 34.70 38.27 -0.91
CA ARG Z 2 34.02 39.01 0.15
CA ARG Z 2 34.03 39.02 0.15
C ARG Z 2 34.70 38.71 1.48
N ARG Z 3 35.13 39.78 2.17
CA ARG Z 3 35.74 39.65 3.48
C ARG Z 3 34.66 39.74 4.56
N THR Z 4 34.85 38.98 5.64
CA THR Z 4 33.99 39.04 6.82
C THR Z 4 34.84 39.12 8.08
N TRP Z 5 34.19 39.46 9.19
CA TRP Z 5 34.87 39.52 10.48
C TRP Z 5 35.47 38.17 10.85
N LEU Z 6 34.68 37.09 10.78
CA LEU Z 6 35.21 35.77 11.07
C LEU Z 6 36.24 35.35 10.03
N GLY Z 7 35.99 35.67 8.75
CA GLY Z 7 36.98 35.34 7.73
C GLY Z 7 38.32 35.99 7.99
N ASP Z 8 38.32 37.23 8.46
CA ASP Z 8 39.59 37.89 8.76
C ASP Z 8 40.30 37.22 9.92
N ILE Z 9 39.55 36.72 10.90
CA ILE Z 9 40.16 36.07 12.06
C ILE Z 9 40.81 34.75 11.65
N LEU Z 10 40.12 33.96 10.84
CA LEU Z 10 40.63 32.66 10.43
C LEU Z 10 41.70 32.73 9.36
N ARG Z 11 41.91 33.91 8.74
CA ARG Z 11 42.81 34.02 7.59
C ARG Z 11 44.16 33.34 7.77
N PRO Z 12 44.88 33.52 8.88
CA PRO Z 12 46.20 32.87 8.96
C PRO Z 12 46.13 31.35 8.91
N LEU Z 13 45.06 30.74 9.41
CA LEU Z 13 44.98 29.28 9.38
C LEU Z 13 44.88 28.72 7.96
N ASN Z 14 44.50 29.54 6.98
CA ASN Z 14 44.42 29.05 5.61
C ASN Z 14 45.35 29.83 4.71
N SER Z 15 46.59 30.06 5.14
CA SER Z 15 47.50 30.93 4.42
C SER Z 15 48.74 30.24 3.86
N GLU Z 16 49.10 29.06 4.34
CA GLU Z 16 50.34 28.40 3.93
C GLU Z 16 50.08 27.29 2.91
N TYR Z 17 49.09 27.47 2.05
CA TYR Z 17 48.81 26.52 0.97
C TYR Z 17 50.07 26.24 0.16
N GLY Z 18 50.36 24.96 -0.06
CA GLY Z 18 51.49 24.56 -0.87
C GLY Z 18 52.83 24.57 -0.19
N LYS Z 19 52.93 25.11 1.03
CA LYS Z 19 54.22 25.19 1.71
C LYS Z 19 54.68 23.82 2.18
N VAL Z 20 55.96 23.51 1.95
CA VAL Z 20 56.49 22.19 2.28
C VAL Z 20 57.78 22.33 3.09
N ALA Z 21 58.10 21.28 3.78
CA ALA Z 21 59.39 21.11 4.40
C ALA Z 21 60.33 20.44 3.41
N PRO Z 22 61.62 20.76 3.46
CA PRO Z 22 62.55 20.29 2.42
C PRO Z 22 62.78 18.79 2.47
N GLY Z 23 62.82 18.18 1.29
CA GLY Z 23 63.28 16.81 1.17
C GLY Z 23 62.36 15.80 1.85
N TRP Z 24 62.98 14.89 2.61
CA TRP Z 24 62.22 13.85 3.29
C TRP Z 24 61.63 14.28 4.62
N GLY Z 25 62.10 15.41 5.17
CA GLY Z 25 61.52 15.97 6.38
C GLY Z 25 61.41 14.95 7.51
N THR Z 26 60.23 14.85 8.09
CA THR Z 26 59.99 13.94 9.21
C THR Z 26 59.48 12.57 8.76
N THR Z 27 59.66 12.21 7.49
CA THR Z 27 59.26 10.89 7.02
C THR Z 27 59.82 9.74 7.85
N PRO Z 28 61.10 9.72 8.24
CA PRO Z 28 61.58 8.59 9.05
C PRO Z 28 60.83 8.43 10.36
N LEU Z 29 60.62 9.53 11.08
CA LEU Z 29 59.82 9.47 12.30
C LEU Z 29 58.43 8.94 12.02
N MET Z 30 57.81 9.41 10.93
CA MET Z 30 56.49 8.92 10.56
C MET Z 30 56.51 7.42 10.31
N ALA Z 31 57.57 6.92 9.67
CA ALA Z 31 57.70 5.50 9.43
C ALA Z 31 57.75 4.72 10.74
N VAL Z 32 58.41 5.28 11.76
CA VAL Z 32 58.47 4.63 13.07
C VAL Z 32 57.07 4.49 13.65
N PHE Z 33 56.32 5.58 13.71
CA PHE Z 33 54.97 5.55 14.27
C PHE Z 33 54.04 4.62 13.49
N MET Z 34 54.21 4.54 12.16
CA MET Z 34 53.38 3.62 11.39
C MET Z 34 53.66 2.18 11.79
N GLY Z 35 54.94 1.85 11.99
CA GLY Z 35 55.30 0.51 12.43
C GLY Z 35 54.79 0.21 13.82
N LEU Z 36 54.94 1.16 14.74
CA LEU Z 36 54.36 1.01 16.07
C LEU Z 36 52.86 0.77 15.97
N PHE Z 37 52.16 1.55 15.14
CA PHE Z 37 50.72 1.41 14.99
C PHE Z 37 50.35 0.04 14.43
N LEU Z 38 51.14 -0.44 13.46
CA LEU Z 38 50.86 -1.75 12.89
C LEU Z 38 51.04 -2.86 13.92
N VAL Z 39 52.10 -2.78 14.74
CA VAL Z 39 52.29 -3.74 15.81
C VAL Z 39 51.13 -3.68 16.80
N PHE Z 40 50.68 -2.47 17.14
CA PHE Z 40 49.56 -2.31 18.06
C PHE Z 40 48.30 -2.99 17.52
N LEU Z 41 47.97 -2.74 16.26
CA LEU Z 41 46.79 -3.38 15.66
C LEU Z 41 46.94 -4.90 15.68
N LEU Z 42 48.15 -5.38 15.38
CA LEU Z 42 48.40 -6.81 15.44
C LEU Z 42 48.15 -7.35 16.85
N ILE Z 43 48.56 -6.60 17.87
CA ILE Z 43 48.36 -7.04 19.26
C ILE Z 43 46.87 -7.13 19.58
N ILE Z 44 46.12 -6.04 19.37
CA ILE Z 44 44.71 -6.06 19.76
C ILE Z 44 43.95 -7.09 18.93
N LEU Z 45 44.35 -7.30 17.67
CA LEU Z 45 43.69 -8.33 16.87
C LEU Z 45 43.96 -9.72 17.45
N GLU Z 46 45.19 -10.00 17.85
CA GLU Z 46 45.50 -11.34 18.32
C GLU Z 46 44.92 -11.58 19.71
N ILE Z 47 44.74 -10.53 20.51
CA ILE Z 47 44.06 -10.70 21.79
C ILE Z 47 42.59 -11.06 21.57
N TYR Z 48 41.91 -10.31 20.70
CA TYR Z 48 40.52 -10.61 20.37
C TYR Z 48 40.38 -12.00 19.76
N ASN Z 49 41.39 -12.43 18.98
CA ASN Z 49 41.38 -13.68 18.26
C ASN Z 49 41.76 -14.88 19.13
N SER Z 50 42.26 -14.65 20.34
CA SER Z 50 42.83 -15.70 21.21
C SER Z 50 44.07 -16.35 20.61
N THR Z 51 44.78 -15.62 19.73
CA THR Z 51 46.11 -16.05 19.34
C THR Z 51 47.15 -15.57 20.35
N LEU Z 52 46.89 -14.42 20.99
CA LEU Z 52 47.72 -13.90 22.07
C LEU Z 52 46.89 -13.92 23.35
N ILE Z 53 47.33 -14.71 24.34
CA ILE Z 53 46.56 -14.96 25.55
C ILE Z 53 47.37 -14.49 26.75
N LEU Z 54 46.85 -13.52 27.48
CA LEU Z 54 47.59 -12.90 28.58
C LEU Z 54 46.96 -13.22 29.93
N ASP Z 55 47.82 -13.30 30.95
CA ASP Z 55 47.36 -13.51 32.32
C ASP Z 55 46.43 -12.38 32.74
N GLY Z 56 45.26 -12.75 33.24
CA GLY Z 56 44.27 -11.78 33.66
C GLY Z 56 43.52 -11.11 32.53
N VAL Z 57 43.63 -11.63 31.31
CA VAL Z 57 42.90 -11.08 30.16
C VAL Z 57 42.02 -12.21 29.63
N ASN Z 58 40.81 -12.33 30.16
CA ASN Z 58 39.85 -13.35 29.75
C ASN Z 58 38.95 -12.74 28.68
N VAL Z 59 39.25 -13.02 27.41
CA VAL Z 59 38.46 -12.48 26.31
C VAL Z 59 37.14 -13.23 26.27
N SER Z 60 36.20 -12.78 27.10
CA SER Z 60 34.89 -13.42 27.23
C SER Z 60 33.94 -12.43 27.89
N TRP Z 61 32.65 -12.67 27.69
CA TRP Z 61 31.65 -11.94 28.47
C TRP Z 61 31.97 -12.05 29.96
N LYS Z 62 32.51 -13.20 30.39
CA LYS Z 62 32.93 -13.42 31.77
C LYS Z 62 34.10 -12.53 32.19
N ALA Z 63 34.40 -11.48 31.41
CA ALA Z 63 35.41 -10.49 31.77
C ALA Z 63 35.26 -9.24 30.92
N FME AA 1 -11.30 -29.03 -33.16
CN FME AA 1 -11.62 -27.83 -33.61
O1 FME AA 1 -11.00 -27.34 -34.55
CA FME AA 1 -9.91 -29.46 -33.21
CB FME AA 1 -9.69 -30.61 -32.25
CG FME AA 1 -9.97 -30.15 -30.82
SD FME AA 1 -8.82 -28.90 -30.29
CE FME AA 1 -8.96 -28.78 -28.53
C FME AA 1 -9.52 -29.83 -34.61
O FME AA 1 -8.38 -29.54 -35.03
N GLU AA 2 -10.42 -30.46 -35.34
CA GLU AA 2 -10.13 -30.86 -36.71
C GLU AA 2 -9.89 -29.62 -37.58
N THR AA 3 -10.75 -28.61 -37.40
CA THR AA 3 -10.59 -27.36 -38.13
C THR AA 3 -9.30 -26.64 -37.75
N LEU AA 4 -8.97 -26.63 -36.46
CA LEU AA 4 -7.70 -26.04 -36.03
C LEU AA 4 -6.53 -26.75 -36.69
N LYS AA 5 -6.56 -28.08 -36.71
CA LYS AA 5 -5.47 -28.85 -37.31
C LYS AA 5 -5.29 -28.49 -38.79
N ILE AA 6 -6.38 -28.48 -39.55
CA ILE AA 6 -6.29 -28.18 -40.98
C ILE AA 6 -5.73 -26.77 -41.17
N THR AA 7 -6.27 -25.80 -40.43
CA THR AA 7 -5.79 -24.43 -40.49
C THR AA 7 -4.28 -24.34 -40.22
N VAL AA 8 -3.82 -24.96 -39.13
CA VAL AA 8 -2.39 -24.89 -38.83
C VAL AA 8 -1.59 -25.57 -39.94
N TYR AA 9 -2.10 -26.69 -40.47
CA TYR AA 9 -1.40 -27.37 -41.55
C TYR AA 9 -1.29 -26.48 -42.78
N ILE AA 10 -2.34 -25.72 -43.08
CA ILE AA 10 -2.30 -24.81 -44.22
C ILE AA 10 -1.29 -23.70 -43.99
N VAL AA 11 -1.39 -23.05 -42.83
CA VAL AA 11 -0.46 -21.99 -42.45
C VAL AA 11 0.98 -22.45 -42.58
N VAL AA 12 1.30 -23.61 -42.00
CA VAL AA 12 2.67 -24.09 -41.97
C VAL AA 12 3.16 -24.37 -43.39
N THR AA 13 2.32 -25.02 -44.20
CA THR AA 13 2.70 -25.34 -45.57
C THR AA 13 3.03 -24.07 -46.35
N PHE AA 14 2.22 -23.03 -46.18
CA PHE AA 14 2.46 -21.76 -46.85
C PHE AA 14 3.87 -21.25 -46.57
N PHE AA 15 4.21 -21.15 -45.28
CA PHE AA 15 5.50 -20.54 -44.93
C PHE AA 15 6.68 -21.40 -45.39
N VAL AA 16 6.55 -22.73 -45.27
CA VAL AA 16 7.63 -23.63 -45.70
C VAL AA 16 7.86 -23.50 -47.20
N LEU AA 17 6.78 -23.34 -47.97
CA LEU AA 17 6.93 -23.12 -49.41
C LEU AA 17 7.61 -21.81 -49.71
N LEU AA 18 7.20 -20.73 -49.03
CA LEU AA 18 7.90 -19.46 -49.18
C LEU AA 18 9.39 -19.64 -48.92
N PHE AA 19 9.73 -20.37 -47.87
CA PHE AA 19 11.14 -20.61 -47.54
C PHE AA 19 11.85 -21.33 -48.67
N VAL AA 20 11.23 -22.38 -49.22
CA VAL AA 20 11.93 -23.21 -50.19
C VAL AA 20 12.06 -22.48 -51.53
N PHE AA 21 10.97 -21.89 -52.01
CA PHE AA 21 11.02 -21.16 -53.26
C PHE AA 21 11.88 -19.92 -53.15
N GLY AA 22 11.91 -19.29 -51.96
CA GLY AA 22 12.75 -18.12 -51.77
C GLY AA 22 14.22 -18.41 -51.99
N PHE AA 23 14.73 -19.48 -51.38
CA PHE AA 23 16.14 -19.83 -51.58
C PHE AA 23 16.41 -20.44 -52.94
N LEU AA 24 15.38 -20.84 -53.69
CA LEU AA 24 15.57 -21.24 -55.08
C LEU AA 24 15.64 -20.04 -56.01
N SER AA 25 15.02 -18.92 -55.61
CA SER AA 25 14.96 -17.72 -56.45
C SER AA 25 16.30 -16.98 -56.42
N GLY AA 26 17.30 -17.63 -57.04
CA GLY AA 26 18.60 -17.03 -57.29
C GLY AA 26 19.24 -16.37 -56.08
N ASP AA 27 19.31 -17.10 -54.97
CA ASP AA 27 19.87 -16.58 -53.72
C ASP AA 27 21.39 -16.39 -53.80
N PRO AA 28 22.14 -17.27 -54.50
CA PRO AA 28 23.56 -16.96 -54.71
C PRO AA 28 23.81 -15.60 -55.35
N ALA AA 29 22.95 -15.17 -56.27
CA ALA AA 29 23.13 -13.89 -56.95
C ALA AA 29 22.67 -12.69 -56.13
N ARG AA 30 22.08 -12.92 -54.95
CA ARG AA 30 21.64 -11.82 -54.09
C ARG AA 30 22.70 -11.50 -53.04
N ASN AA 31 23.84 -11.04 -53.53
CA ASN AA 31 24.96 -10.60 -52.71
C ASN AA 31 25.50 -9.31 -53.32
N PRO AA 32 26.25 -8.51 -52.55
CA PRO AA 32 26.81 -7.27 -53.08
C PRO AA 32 28.14 -7.48 -53.79
N MET BA 2 78.63 -23.85 -26.85
CA MET BA 2 77.85 -24.47 -25.79
C MET BA 2 76.54 -23.74 -25.57
N SER BA 3 76.60 -22.40 -25.51
CA SER BA 3 75.43 -21.56 -25.33
C SER BA 3 74.79 -21.15 -26.65
N GLU BA 4 75.19 -21.76 -27.76
CA GLU BA 4 74.68 -21.37 -29.06
C GLU BA 4 73.23 -21.82 -29.21
N GLY BA 5 72.33 -20.85 -29.41
CA GLY BA 5 70.94 -21.15 -29.68
C GLY BA 5 70.67 -21.73 -31.06
N GLY BA 6 70.07 -22.91 -31.12
CA GLY BA 6 69.77 -23.57 -32.38
C GLY BA 6 70.54 -24.83 -32.65
N ARG BA 7 71.57 -25.14 -31.84
CA ARG BA 7 72.38 -26.32 -32.08
C ARG BA 7 71.54 -27.60 -32.01
N ILE BA 8 70.59 -27.65 -31.09
CA ILE BA 8 69.66 -28.77 -30.97
C ILE BA 8 68.34 -28.32 -31.58
N PRO BA 9 67.85 -28.98 -32.62
CA PRO BA 9 66.70 -28.43 -33.35
C PRO BA 9 65.46 -28.35 -32.46
N LEU BA 10 64.74 -27.22 -32.59
CA LEU BA 10 63.61 -26.95 -31.70
C LEU BA 10 62.50 -27.96 -31.86
N TRP BA 11 62.38 -28.60 -33.03
CA TRP BA 11 61.31 -29.56 -33.21
C TRP BA 11 61.59 -30.87 -32.47
N ILE BA 12 62.86 -31.21 -32.28
CA ILE BA 12 63.21 -32.40 -31.50
C ILE BA 12 62.96 -32.16 -30.02
N VAL BA 13 63.30 -30.96 -29.54
CA VAL BA 13 63.03 -30.61 -28.15
C VAL BA 13 61.54 -30.75 -27.84
N ALA BA 14 60.69 -30.16 -28.69
CA ALA BA 14 59.25 -30.22 -28.46
C ALA BA 14 58.72 -31.64 -28.51
N THR BA 15 59.23 -32.46 -29.43
CA THR BA 15 58.77 -33.84 -29.53
C THR BA 15 59.12 -34.62 -28.27
N VAL BA 16 60.38 -34.53 -27.84
CA VAL BA 16 60.83 -35.29 -26.67
C VAL BA 16 60.11 -34.83 -25.42
N ALA BA 17 60.01 -33.51 -25.22
CA ALA BA 17 59.35 -32.99 -24.05
C ALA BA 17 57.87 -33.37 -24.05
N GLY BA 18 57.23 -33.28 -25.21
CA GLY BA 18 55.83 -33.70 -25.30
C GLY BA 18 55.63 -35.16 -24.98
N MET BA 19 56.56 -36.01 -25.44
CA MET BA 19 56.47 -37.44 -25.14
C MET BA 19 56.65 -37.68 -23.65
N GLY BA 20 57.55 -36.92 -23.01
CA GLY BA 20 57.72 -37.05 -21.57
C GLY BA 20 56.46 -36.65 -20.83
N VAL BA 21 55.81 -35.58 -21.27
CA VAL BA 21 54.54 -35.16 -20.66
C VAL BA 21 53.53 -36.28 -20.77
N ILE BA 22 53.44 -36.90 -21.95
CA ILE BA 22 52.49 -37.99 -22.17
C ILE BA 22 52.81 -39.17 -21.26
N VAL BA 23 54.09 -39.51 -21.11
CA VAL BA 23 54.49 -40.65 -20.30
C VAL BA 23 54.08 -40.44 -18.84
N ILE BA 24 54.38 -39.26 -18.28
CA ILE BA 24 54.13 -39.03 -16.85
C ILE BA 24 52.63 -38.92 -16.58
N VAL BA 25 51.88 -38.29 -17.48
CA VAL BA 25 50.43 -38.23 -17.33
C VAL BA 25 49.82 -39.61 -17.48
N GLY BA 26 50.34 -40.40 -18.43
CA GLY BA 26 49.91 -41.78 -18.56
C GLY BA 26 50.12 -42.59 -17.29
N LEU BA 27 51.28 -42.42 -16.64
CA LEU BA 27 51.52 -43.11 -15.37
C LEU BA 27 50.48 -42.69 -14.32
N PHE BA 28 50.11 -41.41 -14.30
CA PHE BA 28 49.11 -40.93 -13.35
C PHE BA 28 47.76 -41.59 -13.61
N PHE BA 29 47.42 -41.81 -14.87
CA PHE BA 29 46.17 -42.50 -15.17
C PHE BA 29 46.25 -43.98 -14.83
N TYR BA 30 47.40 -44.62 -15.11
CA TYR BA 30 47.59 -45.99 -14.64
C TYR BA 30 47.35 -46.09 -13.14
N GLY BA 31 47.88 -45.14 -12.38
CA GLY BA 31 47.73 -45.19 -10.93
C GLY BA 31 46.30 -45.02 -10.46
N ALA BA 32 45.44 -44.41 -11.28
CA ALA BA 32 44.03 -44.33 -10.94
C ALA BA 32 43.37 -45.71 -10.90
N TYR BA 33 43.97 -46.73 -11.54
CA TYR BA 33 43.41 -48.07 -11.58
C TYR BA 33 44.18 -49.08 -10.72
N ALA BA 34 45.22 -48.65 -10.02
CA ALA BA 34 46.02 -49.59 -9.23
C ALA BA 34 46.50 -48.91 -7.95
N GLY BA 35 46.64 -49.71 -6.89
CA GLY BA 35 47.11 -49.18 -5.62
C GLY BA 35 46.11 -48.20 -5.01
N LEU BA 36 46.63 -47.21 -4.29
CA LEU BA 36 45.78 -46.25 -3.61
C LEU BA 36 44.88 -45.51 -4.59
N GLY BA 37 43.63 -45.29 -4.18
CA GLY BA 37 42.68 -44.53 -4.98
C GLY BA 37 42.00 -45.32 -6.06
N SER BA 38 42.28 -46.61 -6.19
CA SER BA 38 41.73 -47.45 -7.24
C SER BA 38 40.38 -48.05 -6.87
N SER BA 39 39.92 -47.84 -5.64
CA SER BA 39 38.71 -48.39 -5.01
C SER BA 39 38.83 -49.89 -4.74
N LEU BA 40 39.94 -50.52 -5.09
CA LEU BA 40 40.10 -51.95 -4.91
C LEU BA 40 40.87 -52.31 -3.66
N LYS CA 1 39.46 -64.55 -26.22
CA LYS CA 1 40.91 -64.51 -26.47
C LYS CA 1 41.21 -64.75 -27.97
N LEU CA 2 42.40 -64.35 -28.39
CA LEU CA 2 42.87 -64.69 -29.73
C LEU CA 2 43.13 -66.20 -29.80
N PRO CA 3 43.08 -66.78 -31.01
CA PRO CA 3 43.45 -68.19 -31.14
C PRO CA 3 44.84 -68.42 -30.55
N GLU CA 4 45.04 -69.61 -29.99
CA GLU CA 4 46.18 -69.82 -29.10
C GLU CA 4 47.53 -69.67 -29.80
N ALA CA 5 47.61 -70.02 -31.08
CA ALA CA 5 48.89 -69.87 -31.78
C ALA CA 5 49.34 -68.41 -31.85
N TYR CA 6 48.42 -67.46 -31.64
CA TYR CA 6 48.73 -66.03 -31.72
C TYR CA 6 48.96 -65.41 -30.35
N ALA CA 7 48.77 -66.18 -29.26
CA ALA CA 7 48.77 -65.60 -27.92
C ALA CA 7 50.02 -64.79 -27.63
N ILE CA 8 51.16 -65.18 -28.21
CA ILE CA 8 52.40 -64.47 -27.95
C ILE CA 8 52.35 -63.05 -28.49
N PHE CA 9 51.39 -62.74 -29.37
CA PHE CA 9 51.26 -61.41 -29.92
C PHE CA 9 50.26 -60.55 -29.18
N ASP CA 10 49.63 -61.09 -28.12
CA ASP CA 10 48.68 -60.32 -27.31
C ASP CA 10 49.20 -58.94 -26.92
N PRO CA 11 50.45 -58.76 -26.46
CA PRO CA 11 50.90 -57.40 -26.12
C PRO CA 11 50.94 -56.45 -27.31
N LEU CA 12 51.26 -56.94 -28.50
CA LEU CA 12 51.21 -56.08 -29.68
C LEU CA 12 49.77 -55.71 -30.01
N VAL CA 13 48.86 -56.69 -30.00
CA VAL CA 13 47.45 -56.43 -30.27
C VAL CA 13 46.89 -55.40 -29.28
N ASP CA 14 47.39 -55.39 -28.05
CA ASP CA 14 46.88 -54.43 -27.07
C ASP CA 14 47.23 -52.98 -27.41
N VAL CA 15 48.28 -52.75 -28.21
CA VAL CA 15 48.70 -51.37 -28.49
C VAL CA 15 48.28 -50.87 -29.87
N LEU CA 16 48.00 -51.74 -30.83
CA LEU CA 16 47.65 -51.30 -32.17
C LEU CA 16 46.49 -50.30 -32.24
N PRO CA 17 45.40 -50.42 -31.48
CA PRO CA 17 44.28 -49.51 -31.68
C PRO CA 17 44.63 -48.04 -31.54
N VAL CA 18 45.70 -47.69 -30.81
CA VAL CA 18 46.01 -46.28 -30.62
C VAL CA 18 46.87 -45.70 -31.75
N ILE CA 19 47.38 -46.53 -32.65
CA ILE CA 19 48.24 -46.00 -33.71
C ILE CA 19 47.60 -44.86 -34.50
N PRO CA 20 46.32 -44.92 -34.91
CA PRO CA 20 45.73 -43.76 -35.59
C PRO CA 20 45.94 -42.45 -34.83
N VAL CA 21 45.85 -42.46 -33.51
CA VAL CA 21 46.11 -41.26 -32.73
C VAL CA 21 47.52 -40.75 -32.98
N LEU CA 22 48.48 -41.66 -33.09
CA LEU CA 22 49.86 -41.26 -33.34
C LEU CA 22 50.00 -40.48 -34.65
N PHE CA 23 49.15 -40.78 -35.65
CA PHE CA 23 49.23 -40.07 -36.93
C PHE CA 23 48.86 -38.60 -36.78
N LEU CA 24 47.85 -38.30 -35.96
CA LEU CA 24 47.55 -36.90 -35.68
C LEU CA 24 48.73 -36.21 -35.02
N ALA CA 25 49.39 -36.91 -34.10
CA ALA CA 25 50.54 -36.36 -33.40
C ALA CA 25 51.73 -36.17 -34.34
N LEU CA 26 51.93 -37.12 -35.25
CA LEU CA 26 53.02 -37.03 -36.23
C LEU CA 26 52.89 -35.78 -37.10
N ALA CA 27 51.66 -35.35 -37.40
CA ALA CA 27 51.49 -34.17 -38.24
C ALA CA 27 52.14 -32.93 -37.60
N PHE CA 28 52.08 -32.83 -36.27
CA PHE CA 28 52.67 -31.70 -35.58
C PHE CA 28 54.19 -31.82 -35.47
N VAL CA 29 54.72 -33.04 -35.34
CA VAL CA 29 56.17 -33.23 -35.39
C VAL CA 29 56.70 -32.81 -36.76
N TRP CA 30 56.03 -33.28 -37.82
CA TRP CA 30 56.41 -32.93 -39.17
C TRP CA 30 56.34 -31.42 -39.38
N GLN CA 31 55.25 -30.79 -38.95
CA GLN CA 31 55.09 -29.35 -39.17
C GLN CA 31 56.16 -28.57 -38.41
N ALA CA 32 56.51 -29.03 -37.20
CA ALA CA 32 57.57 -28.38 -36.46
C ALA CA 32 58.91 -28.46 -37.20
N ALA CA 33 59.16 -29.58 -37.87
CA ALA CA 33 60.41 -29.77 -38.58
C ALA CA 33 60.55 -28.81 -39.76
N VAL CA 34 59.44 -28.33 -40.32
CA VAL CA 34 59.50 -27.36 -41.40
C VAL CA 34 59.07 -25.97 -40.91
N GLY CA 35 59.16 -25.74 -39.60
CA GLY CA 35 58.95 -24.41 -39.05
C GLY CA 35 57.55 -23.85 -39.18
N PHE CA 36 56.54 -24.72 -39.34
CA PHE CA 36 55.14 -24.29 -39.48
C PHE CA 36 54.98 -23.26 -40.59
N ARG CA 37 55.73 -23.46 -41.67
CA ARG CA 37 55.88 -22.46 -42.73
C ARG CA 37 54.62 -22.27 -43.56
N GLU DA 2 26.68 37.89 -7.35
CA GLU DA 2 27.67 37.57 -8.37
C GLU DA 2 27.58 36.08 -8.75
N PRO DA 3 27.70 35.78 -10.04
CA PRO DA 3 27.49 34.41 -10.51
C PRO DA 3 28.64 33.47 -10.17
N ASN DA 4 28.29 32.21 -9.88
CA ASN DA 4 29.28 31.21 -9.52
C ASN DA 4 29.90 30.61 -10.78
N PRO DA 5 31.23 30.70 -10.95
CA PRO DA 5 31.85 30.18 -12.19
C PRO DA 5 32.04 28.66 -12.21
N ASN DA 6 31.68 27.96 -11.16
CA ASN DA 6 31.88 26.52 -11.11
C ASN DA 6 30.70 25.72 -11.63
N ARG DA 7 29.59 26.38 -11.97
CA ARG DA 7 28.43 25.70 -12.52
C ARG DA 7 28.74 25.12 -13.91
N GLN DA 8 28.08 24.02 -14.22
CA GLN DA 8 28.20 23.32 -15.49
C GLN DA 8 26.82 22.77 -15.86
N PRO DA 9 26.51 22.70 -17.15
CA PRO DA 9 25.28 21.99 -17.55
C PRO DA 9 25.44 20.48 -17.41
N VAL DA 10 24.29 19.81 -17.34
CA VAL DA 10 24.22 18.37 -17.18
CA VAL DA 10 24.21 18.37 -17.18
C VAL DA 10 23.52 17.80 -18.42
N GLU DA 11 23.90 16.57 -18.78
CA GLU DA 11 23.39 15.95 -19.99
C GLU DA 11 23.06 14.48 -19.74
N LEU DA 12 22.00 14.02 -20.40
CA LEU DA 12 21.63 12.60 -20.45
C LEU DA 12 21.04 12.37 -21.83
N ASN DA 13 21.74 11.60 -22.65
CA ASN DA 13 21.29 11.43 -24.03
C ASN DA 13 20.22 10.33 -24.07
N ARG DA 14 19.61 10.15 -25.24
CA ARG DA 14 18.46 9.25 -25.30
C ARG DA 14 18.87 7.81 -25.03
N THR DA 15 20.01 7.39 -25.56
CA THR DA 15 20.50 6.04 -25.30
C THR DA 15 20.70 5.82 -23.81
N SER DA 16 21.27 6.80 -23.10
CA SER DA 16 21.43 6.65 -21.65
C SER DA 16 20.09 6.56 -20.94
N LEU DA 17 19.09 7.32 -21.41
CA LEU DA 17 17.74 7.19 -20.85
C LEU DA 17 17.23 5.77 -21.03
N TYR DA 18 17.34 5.21 -22.24
CA TYR DA 18 16.86 3.86 -22.49
C TYR DA 18 17.60 2.84 -21.63
N LEU DA 19 18.93 2.97 -21.53
CA LEU DA 19 19.72 2.06 -20.70
C LEU DA 19 19.31 2.14 -19.23
N GLY DA 20 19.15 3.35 -18.72
CA GLY DA 20 18.73 3.52 -17.32
C GLY DA 20 17.33 2.99 -17.05
N LEU DA 21 16.38 3.26 -17.95
CA LEU DA 21 15.04 2.72 -17.74
C LEU DA 21 15.04 1.21 -17.73
N LEU DA 22 15.88 0.60 -18.60
CA LEU DA 22 16.01 -0.86 -18.62
C LEU DA 22 16.57 -1.40 -17.31
N LEU DA 23 17.68 -0.82 -16.85
CA LEU DA 23 18.23 -1.17 -15.54
C LEU DA 23 17.17 -1.08 -14.44
N ILE DA 24 16.45 0.05 -14.37
CA ILE DA 24 15.47 0.25 -13.30
CA ILE DA 24 15.47 0.25 -13.30
C ILE DA 24 14.33 -0.75 -13.41
N LEU DA 25 13.79 -0.92 -14.61
CA LEU DA 25 12.61 -1.78 -14.75
C LEU DA 25 12.97 -3.23 -14.49
N VAL DA 26 14.16 -3.67 -14.93
CA VAL DA 26 14.55 -5.05 -14.75
C VAL DA 26 14.90 -5.32 -13.29
N LEU DA 27 15.58 -4.38 -12.62
CA LEU DA 27 15.80 -4.52 -11.18
C LEU DA 27 14.46 -4.64 -10.46
N ALA DA 28 13.49 -3.81 -10.83
CA ALA DA 28 12.16 -3.87 -10.22
C ALA DA 28 11.48 -5.20 -10.50
N LEU DA 29 11.59 -5.69 -11.73
CA LEU DA 29 11.03 -7.01 -12.04
C LEU DA 29 11.72 -8.08 -11.19
N LEU DA 30 13.00 -7.89 -10.89
CA LEU DA 30 13.75 -8.86 -10.11
C LEU DA 30 13.43 -8.78 -8.62
N PHE DA 31 13.44 -7.57 -8.06
CA PHE DA 31 13.28 -7.44 -6.62
C PHE DA 31 11.84 -7.43 -6.13
N SER DA 32 10.87 -7.16 -7.01
CA SER DA 32 9.49 -7.01 -6.54
C SER DA 32 8.98 -8.26 -5.81
N SER DA 33 9.30 -9.46 -6.33
CA SER DA 33 8.84 -10.70 -5.67
C SER DA 33 9.31 -10.75 -4.22
N TYR DA 34 10.50 -10.23 -3.95
CA TYR DA 34 11.02 -10.28 -2.59
C TYR DA 34 10.42 -9.18 -1.72
N PHE DA 35 10.02 -8.06 -2.34
CA PHE DA 35 9.27 -7.04 -1.62
C PHE DA 35 7.88 -7.54 -1.25
N PHE DA 36 7.19 -8.24 -2.17
CA PHE DA 36 5.90 -8.81 -1.79
C PHE DA 36 6.07 -9.99 -0.84
N ASN DA 37 7.13 -10.79 -1.03
CA ASN DA 37 7.45 -11.91 -0.16
C ASN DA 37 6.28 -12.90 0.03
N FME EA 1 -3.09 -14.93 -2.10
CN FME EA 1 -3.99 -15.90 -1.89
O1 FME EA 1 -3.71 -16.97 -1.35
CA FME EA 1 -1.76 -14.98 -1.51
CB FME EA 1 -0.69 -14.89 -2.61
CG FME EA 1 -0.93 -15.95 -3.69
SD FME EA 1 -0.79 -17.58 -3.01
CE FME EA 1 0.92 -17.99 -2.76
C FME EA 1 -1.56 -13.88 -0.51
O FME EA 1 -1.85 -12.72 -0.78
N GLU EA 2 -1.04 -14.22 0.66
CA GLU EA 2 -0.85 -13.21 1.69
C GLU EA 2 0.51 -12.51 1.58
N VAL EA 3 0.59 -11.58 0.63
CA VAL EA 3 1.83 -10.85 0.41
C VAL EA 3 1.93 -9.68 1.38
N ASN EA 4 3.15 -9.17 1.56
CA ASN EA 4 3.40 -7.98 2.36
C ASN EA 4 2.74 -6.75 1.71
N GLN EA 5 1.96 -6.02 2.50
CA GLN EA 5 1.20 -4.89 1.95
C GLN EA 5 2.12 -3.79 1.47
N LEU EA 6 3.24 -3.55 2.16
CA LEU EA 6 4.22 -2.57 1.72
C LEU EA 6 4.94 -2.98 0.44
N GLY EA 7 4.76 -4.21 -0.04
CA GLY EA 7 5.43 -4.60 -1.27
C GLY EA 7 5.03 -3.72 -2.45
N LEU EA 8 3.77 -3.30 -2.48
CA LEU EA 8 3.26 -2.50 -3.61
C LEU EA 8 3.89 -1.10 -3.63
N ILE EA 9 3.86 -0.41 -2.50
CA ILE EA 9 4.43 0.94 -2.48
C ILE EA 9 5.95 0.86 -2.66
N ALA EA 10 6.60 -0.16 -2.08
CA ALA EA 10 8.04 -0.32 -2.28
C ALA EA 10 8.39 -0.47 -3.76
N THR EA 11 7.67 -1.35 -4.47
CA THR EA 11 7.94 -1.53 -5.90
C THR EA 11 7.63 -0.27 -6.68
N ALA EA 12 6.52 0.39 -6.35
CA ALA EA 12 6.10 1.57 -7.11
C ALA EA 12 7.12 2.68 -6.97
N LEU EA 13 7.59 2.95 -5.74
CA LEU EA 13 8.59 4.00 -5.58
C LEU EA 13 9.92 3.58 -6.18
N PHE EA 14 10.27 2.29 -6.07
CA PHE EA 14 11.51 1.78 -6.64
C PHE EA 14 11.57 2.05 -8.13
N VAL EA 15 10.46 1.86 -8.85
CA VAL EA 15 10.42 2.18 -10.28
C VAL EA 15 10.37 3.68 -10.51
N LEU EA 16 9.49 4.39 -9.79
CA LEU EA 16 9.13 5.74 -10.22
CA LEU EA 16 9.13 5.75 -10.20
C LEU EA 16 10.24 6.74 -9.89
N VAL EA 17 10.80 6.67 -8.69
CA VAL EA 17 11.76 7.69 -8.28
C VAL EA 17 12.96 7.73 -9.23
N PRO EA 18 13.72 6.63 -9.43
CA PRO EA 18 14.83 6.73 -10.39
C PRO EA 18 14.39 6.91 -11.84
N SER EA 19 13.26 6.36 -12.28
CA SER EA 19 12.83 6.60 -13.67
C SER EA 19 12.59 8.09 -13.90
N VAL EA 20 11.92 8.76 -12.96
CA VAL EA 20 11.61 10.19 -13.09
C VAL EA 20 12.89 11.01 -13.07
N PHE EA 21 13.83 10.62 -12.21
CA PHE EA 21 15.14 11.27 -12.22
C PHE EA 21 15.77 11.24 -13.61
N LEU EA 22 15.72 10.10 -14.29
CA LEU EA 22 16.30 10.04 -15.63
C LEU EA 22 15.50 10.85 -16.63
N ILE EA 23 14.16 10.81 -16.52
CA ILE EA 23 13.32 11.55 -17.45
C ILE EA 23 13.56 13.05 -17.33
N ILE EA 24 13.68 13.55 -16.09
CA ILE EA 24 14.02 14.95 -15.90
C ILE EA 24 15.31 15.31 -16.62
N LEU EA 25 16.36 14.50 -16.46
CA LEU EA 25 17.66 14.82 -17.07
C LEU EA 25 17.59 14.76 -18.58
N TYR EA 26 16.89 13.78 -19.13
CA TYR EA 26 16.79 13.64 -20.59
C TYR EA 26 16.08 14.86 -21.19
N VAL EA 27 14.91 15.20 -20.66
CA VAL EA 27 14.07 16.25 -21.25
C VAL EA 27 14.79 17.60 -21.20
N GLN EA 28 15.43 17.91 -20.07
CA GLN EA 28 16.17 19.17 -20.02
C GLN EA 28 17.43 19.11 -20.88
N THR EA 29 17.91 17.92 -21.25
CA THR EA 29 18.99 17.89 -22.24
C THR EA 29 18.45 18.23 -23.62
N GLU EA 30 17.31 17.63 -24.00
CA GLU EA 30 16.70 17.89 -25.30
C GLU EA 30 16.36 19.37 -25.49
N SER EA 31 15.96 20.06 -24.41
CA SER EA 31 15.52 21.44 -24.53
C SER EA 31 16.67 22.44 -24.59
N GLN EA 32 17.90 22.01 -24.35
CA GLN EA 32 19.04 22.92 -24.48
C GLN EA 32 19.24 23.30 -25.94
N GLN EA 33 19.71 24.53 -26.15
CA GLN EA 33 19.84 25.07 -27.50
C GLN EA 33 20.74 24.20 -28.36
N LYS EA 34 20.27 23.87 -29.56
CA LYS EA 34 21.01 23.02 -30.48
C LYS EA 34 21.43 23.81 -31.73
N THR FA 2 -10.02 -60.11 -36.92
CA THR FA 2 -9.66 -60.03 -35.50
C THR FA 2 -8.43 -59.14 -35.27
N LEU FA 3 -8.54 -58.26 -34.27
CA LEU FA 3 -7.56 -57.20 -34.06
C LEU FA 3 -6.40 -57.64 -33.17
N THR FA 4 -5.23 -57.09 -33.45
CA THR FA 4 -4.01 -57.29 -32.67
C THR FA 4 -3.65 -55.99 -31.97
N TYR FA 5 -2.65 -56.06 -31.09
CA TYR FA 5 -2.19 -54.85 -30.40
C TYR FA 5 -1.80 -53.75 -31.38
N ASP FA 6 -1.11 -54.11 -32.46
CA ASP FA 6 -0.66 -53.07 -33.37
C ASP FA 6 -1.81 -52.47 -34.17
N ASP FA 7 -2.89 -53.22 -34.38
CA ASP FA 7 -4.11 -52.63 -34.94
C ASP FA 7 -4.76 -51.61 -34.01
N ILE FA 8 -4.52 -51.73 -32.70
CA ILE FA 8 -5.30 -51.00 -31.71
C ILE FA 8 -4.52 -49.84 -31.09
N VAL FA 9 -3.19 -49.93 -31.01
CA VAL FA 9 -2.44 -49.02 -30.16
C VAL FA 9 -2.63 -47.59 -30.68
N GLY FA 10 -2.91 -46.67 -29.75
CA GLY FA 10 -3.08 -45.27 -30.07
C GLY FA 10 -4.44 -44.86 -30.59
N THR FA 11 -5.35 -45.80 -30.86
CA THR FA 11 -6.65 -45.45 -31.41
C THR FA 11 -7.66 -45.00 -30.36
N GLY FA 12 -7.44 -45.35 -29.09
CA GLY FA 12 -8.44 -45.16 -28.06
C GLY FA 12 -9.34 -46.36 -27.84
N LEU FA 13 -9.30 -47.34 -28.75
CA LEU FA 13 -10.14 -48.53 -28.60
C LEU FA 13 -9.79 -49.33 -27.34
N ALA FA 14 -8.55 -49.24 -26.85
CA ALA FA 14 -8.16 -49.99 -25.67
C ALA FA 14 -8.93 -49.57 -24.43
N ASN FA 15 -9.49 -48.35 -24.41
CA ASN FA 15 -10.28 -47.88 -23.29
C ASN FA 15 -11.77 -48.16 -23.48
N LYS FA 16 -12.15 -48.98 -24.45
CA LYS FA 16 -13.56 -49.27 -24.71
C LYS FA 16 -13.88 -50.71 -24.37
N CYS FA 17 -15.05 -50.93 -23.72
CA CYS FA 17 -15.41 -52.30 -23.41
C CYS FA 17 -15.92 -53.03 -24.65
N PRO FA 18 -15.77 -54.35 -24.70
CA PRO FA 18 -16.35 -55.11 -25.82
C PRO FA 18 -17.85 -54.87 -25.90
N THR FA 19 -18.39 -55.02 -27.09
CA THR FA 19 -19.81 -54.88 -27.34
C THR FA 19 -20.40 -56.16 -27.91
N LEU FA 20 -21.72 -56.25 -27.84
CA LEU FA 20 -22.47 -57.36 -28.39
C LEU FA 20 -23.38 -56.86 -29.51
N ASP FA 21 -23.61 -57.72 -30.50
CA ASP FA 21 -24.44 -57.39 -31.65
C ASP FA 21 -25.85 -56.96 -31.21
N ASP FA 22 -26.52 -56.23 -32.11
CA ASP FA 22 -27.93 -55.93 -31.88
C ASP FA 22 -28.80 -57.18 -31.89
N THR FA 23 -28.28 -58.29 -32.41
CA THR FA 23 -28.99 -59.56 -32.43
C THR FA 23 -28.91 -60.30 -31.10
N ALA FA 24 -28.08 -59.84 -30.15
CA ALA FA 24 -27.87 -60.54 -28.89
C ALA FA 24 -28.99 -60.18 -27.93
N ARG FA 25 -30.15 -60.82 -28.13
CA ARG FA 25 -31.33 -60.62 -27.30
C ARG FA 25 -31.84 -61.96 -26.78
N GLY FA 26 -30.93 -62.87 -26.47
CA GLY FA 26 -31.27 -64.20 -26.00
C GLY FA 26 -31.37 -64.28 -24.49
N ALA FA 27 -31.09 -65.48 -23.96
CA ALA FA 27 -31.19 -65.74 -22.53
C ALA FA 27 -30.20 -66.81 -22.14
N TYR FA 28 -29.45 -66.56 -21.06
CA TYR FA 28 -28.42 -67.48 -20.60
C TYR FA 28 -28.95 -68.31 -19.45
N PRO FA 29 -29.09 -69.63 -19.63
CA PRO FA 29 -29.72 -70.45 -18.58
C PRO FA 29 -28.82 -70.59 -17.36
N ILE FA 30 -29.44 -70.54 -16.19
CA ILE FA 30 -28.74 -70.74 -14.92
C ILE FA 30 -29.18 -72.10 -14.37
N ASP FA 31 -28.23 -73.00 -14.17
CA ASP FA 31 -28.48 -74.29 -13.55
C ASP FA 31 -28.08 -74.18 -12.08
N SER FA 32 -29.07 -74.28 -11.19
CA SER FA 32 -28.86 -74.01 -9.77
C SER FA 32 -27.90 -74.98 -9.09
N SER FA 33 -27.49 -76.07 -9.74
CA SER FA 33 -26.55 -77.01 -9.12
C SER FA 33 -25.12 -76.83 -9.60
N GLN FA 34 -24.88 -76.00 -10.61
CA GLN FA 34 -23.54 -75.68 -11.09
C GLN FA 34 -23.06 -74.37 -10.47
N THR FA 35 -21.76 -74.25 -10.32
CA THR FA 35 -21.16 -73.01 -9.85
C THR FA 35 -20.78 -72.14 -11.04
N TYR FA 36 -20.84 -70.83 -10.84
CA TYR FA 36 -20.57 -69.85 -11.89
C TYR FA 36 -19.60 -68.79 -11.40
N ARG FA 37 -18.93 -68.17 -12.38
CA ARG FA 37 -17.98 -67.09 -12.18
C ARG FA 37 -18.17 -66.02 -13.25
N ILE FA 38 -17.75 -64.80 -12.93
CA ILE FA 38 -17.55 -63.75 -13.92
C ILE FA 38 -16.09 -63.84 -14.33
N ALA FA 39 -15.83 -64.30 -15.57
CA ALA FA 39 -14.46 -64.37 -16.05
C ALA FA 39 -13.92 -62.99 -16.44
N ARG FA 40 -14.80 -62.07 -16.84
CA ARG FA 40 -14.35 -60.73 -17.22
C ARG FA 40 -15.51 -59.76 -17.08
N LEU FA 41 -15.33 -58.73 -16.27
CA LEU FA 41 -16.26 -57.61 -16.19
C LEU FA 41 -15.53 -56.34 -16.64
N CYS FA 42 -16.17 -55.56 -17.50
CA CYS FA 42 -15.59 -54.32 -18.04
C CYS FA 42 -16.60 -53.20 -17.88
N LEU FA 43 -16.15 -52.07 -17.35
CA LEU FA 43 -17.00 -50.89 -17.18
C LEU FA 43 -16.34 -49.69 -17.84
N GLN FA 44 -17.04 -49.08 -18.80
CA GLN FA 44 -16.54 -47.96 -19.58
C GLN FA 44 -17.39 -46.73 -19.28
N PRO FA 45 -16.89 -45.78 -18.50
CA PRO FA 45 -17.68 -44.57 -18.20
C PRO FA 45 -17.78 -43.65 -19.41
N THR FA 46 -18.99 -43.16 -19.68
CA THR FA 46 -19.23 -42.21 -20.77
C THR FA 46 -19.62 -40.81 -20.28
N THR FA 47 -20.02 -40.69 -19.01
CA THR FA 47 -20.43 -39.40 -18.46
C THR FA 47 -20.03 -39.36 -17.00
N PHE FA 48 -19.39 -38.27 -16.59
CA PHE FA 48 -19.14 -37.98 -15.18
C PHE FA 48 -19.93 -36.75 -14.78
N LEU FA 49 -20.79 -36.89 -13.77
CA LEU FA 49 -21.57 -35.78 -13.23
C LEU FA 49 -21.20 -35.55 -11.79
N VAL FA 50 -21.11 -34.28 -11.40
CA VAL FA 50 -20.77 -33.89 -10.04
C VAL FA 50 -21.94 -33.12 -9.45
N LYS FA 51 -22.34 -33.51 -8.25
CA LYS FA 51 -23.44 -32.84 -7.56
C LYS FA 51 -22.98 -31.46 -7.10
N GLU FA 52 -23.68 -30.41 -7.53
CA GLU FA 52 -23.30 -29.08 -7.07
C GLU FA 52 -23.63 -28.91 -5.60
N GLU FA 53 -22.88 -28.03 -4.94
CA GLU FA 53 -23.06 -27.82 -3.52
C GLU FA 53 -23.59 -26.41 -3.29
N PRO FA 54 -24.89 -26.25 -3.05
CA PRO FA 54 -25.51 -24.92 -2.99
C PRO FA 54 -25.41 -24.31 -1.60
N LYS FA 55 -25.56 -22.98 -1.57
CA LYS FA 55 -25.38 -22.23 -0.32
C LYS FA 55 -26.57 -22.44 0.62
N ASN FA 56 -27.79 -22.49 0.10
CA ASN FA 56 -28.98 -22.73 0.90
C ASN FA 56 -29.42 -24.18 0.72
N LYS FA 57 -29.53 -24.91 1.83
CA LYS FA 57 -29.87 -26.32 1.80
C LYS FA 57 -31.36 -26.59 1.60
N ARG FA 58 -32.17 -25.57 1.34
CA ARG FA 58 -33.57 -25.84 0.99
C ARG FA 58 -33.70 -26.25 -0.47
N GLN FA 59 -32.89 -25.68 -1.35
CA GLN FA 59 -32.93 -26.06 -2.75
C GLN FA 59 -32.21 -27.39 -2.96
N GLU FA 60 -32.82 -28.26 -3.73
CA GLU FA 60 -32.23 -29.57 -4.01
C GLU FA 60 -31.07 -29.39 -4.98
N ALA FA 61 -29.91 -29.92 -4.61
CA ALA FA 61 -28.72 -29.79 -5.44
C ALA FA 61 -28.82 -30.69 -6.68
N GLU FA 62 -28.18 -30.26 -7.75
CA GLU FA 62 -28.26 -31.00 -8.99
C GLU FA 62 -26.87 -31.45 -9.44
N PHE FA 63 -26.88 -32.50 -10.25
CA PHE FA 63 -25.67 -33.04 -10.85
C PHE FA 63 -25.40 -32.30 -12.14
N VAL FA 64 -24.18 -31.76 -12.28
CA VAL FA 64 -23.84 -30.94 -13.43
C VAL FA 64 -22.83 -31.67 -14.33
N PRO FA 65 -22.75 -31.35 -15.61
CA PRO FA 65 -21.77 -32.01 -16.48
C PRO FA 65 -20.38 -31.51 -16.19
N THR FA 66 -19.39 -32.30 -16.61
CA THR FA 66 -17.99 -31.99 -16.36
C THR FA 66 -17.18 -32.35 -17.61
N LYS FA 67 -15.96 -31.83 -17.66
CA LYS FA 67 -15.02 -32.14 -18.74
C LYS FA 67 -13.89 -33.02 -18.21
N LEU FA 68 -13.71 -34.18 -18.86
CA LEU FA 68 -12.63 -35.09 -18.52
C LEU FA 68 -11.28 -34.53 -19.00
N VAL FA 69 -10.31 -34.45 -18.09
CA VAL FA 69 -9.00 -33.88 -18.45
C VAL FA 69 -7.88 -34.90 -18.40
N THR FA 70 -8.15 -36.16 -18.04
CA THR FA 70 -7.10 -37.16 -17.90
C THR FA 70 -7.12 -38.18 -19.03
N ARG FA 71 -7.83 -37.90 -20.13
CA ARG FA 71 -7.76 -38.65 -21.37
C ARG FA 71 -8.34 -40.06 -21.23
N GLU FA 72 -8.07 -40.94 -22.20
CA GLU FA 72 -8.78 -42.22 -22.30
CA GLU FA 72 -8.78 -42.22 -22.29
C GLU FA 72 -8.15 -43.25 -21.35
N THR FA 73 -8.25 -42.95 -20.04
CA THR FA 73 -7.63 -43.74 -18.98
C THR FA 73 -8.64 -44.15 -17.91
N THR FA 74 -9.91 -44.27 -18.28
CA THR FA 74 -10.98 -44.24 -17.29
C THR FA 74 -11.64 -45.59 -17.01
N SER FA 75 -11.43 -46.60 -17.85
CA SER FA 75 -12.26 -47.80 -17.77
C SER FA 75 -11.71 -48.83 -16.79
N LEU FA 76 -12.63 -49.60 -16.21
CA LEU FA 76 -12.31 -50.77 -15.40
C LEU FA 76 -12.49 -52.02 -16.22
N ASP FA 77 -11.59 -52.98 -16.05
CA ASP FA 77 -11.62 -54.17 -16.90
C ASP FA 77 -10.88 -55.31 -16.22
N GLN FA 78 -10.99 -56.49 -16.83
CA GLN FA 78 -10.34 -57.72 -16.37
C GLN FA 78 -10.69 -58.02 -14.92
N ILE FA 79 -11.88 -57.59 -14.53
CA ILE FA 79 -12.42 -57.85 -13.20
C ILE FA 79 -13.06 -59.23 -13.22
N GLN FA 80 -12.81 -60.02 -12.16
CA GLN FA 80 -13.36 -61.36 -12.09
C GLN FA 80 -13.83 -61.63 -10.67
N GLY FA 81 -14.63 -62.67 -10.53
CA GLY FA 81 -15.18 -63.00 -9.23
C GLY FA 81 -16.23 -64.07 -9.29
N GLU FA 82 -16.65 -64.49 -8.10
CA GLU FA 82 -17.65 -65.55 -7.98
C GLU FA 82 -19.03 -65.01 -8.33
N LEU FA 83 -19.84 -65.85 -8.99
CA LEU FA 83 -21.23 -65.54 -9.30
C LEU FA 83 -22.12 -66.58 -8.59
N LYS FA 84 -22.62 -66.22 -7.41
CA LYS FA 84 -23.38 -67.18 -6.60
C LYS FA 84 -24.82 -67.29 -7.06
N VAL FA 85 -25.38 -68.50 -6.96
CA VAL FA 85 -26.80 -68.70 -7.08
C VAL FA 85 -27.37 -68.80 -5.67
N ASN FA 86 -28.18 -67.82 -5.28
CA ASN FA 86 -28.76 -67.78 -3.95
C ASN FA 86 -29.99 -68.66 -3.88
N SER FA 87 -30.41 -68.99 -2.66
CA SER FA 87 -31.51 -69.93 -2.52
C SER FA 87 -32.80 -69.37 -3.10
N ASP FA 88 -32.97 -68.05 -3.13
CA ASP FA 88 -34.17 -67.46 -3.72
C ASP FA 88 -34.08 -67.31 -5.24
N GLY FA 89 -33.06 -67.90 -5.86
CA GLY FA 89 -32.91 -67.84 -7.30
C GLY FA 89 -32.21 -66.61 -7.82
N SER FA 90 -31.94 -65.63 -6.97
CA SER FA 90 -31.16 -64.49 -7.41
C SER FA 90 -29.70 -64.89 -7.59
N LEU FA 91 -28.96 -64.05 -8.30
CA LEU FA 91 -27.53 -64.22 -8.47
C LEU FA 91 -26.81 -63.11 -7.74
N THR FA 92 -25.67 -63.44 -7.13
CA THR FA 92 -24.82 -62.44 -6.47
C THR FA 92 -23.40 -62.51 -7.03
N PHE FA 93 -22.92 -61.37 -7.54
CA PHE FA 93 -21.53 -61.27 -7.99
C PHE FA 93 -20.68 -60.74 -6.86
N VAL FA 94 -19.58 -61.45 -6.57
CA VAL FA 94 -18.64 -61.08 -5.51
C VAL FA 94 -17.30 -60.81 -6.19
N GLU FA 95 -16.96 -59.54 -6.35
CA GLU FA 95 -15.73 -59.17 -7.03
C GLU FA 95 -14.53 -59.62 -6.23
N GLU FA 96 -13.58 -60.29 -6.90
CA GLU FA 96 -12.37 -60.76 -6.24
C GLU FA 96 -11.11 -60.02 -6.67
N ASP FA 97 -10.96 -59.67 -7.95
CA ASP FA 97 -9.71 -59.13 -8.44
C ASP FA 97 -9.94 -58.40 -9.76
N GLY FA 98 -8.93 -57.64 -10.18
CA GLY FA 98 -8.95 -57.02 -11.49
C GLY FA 98 -8.50 -55.58 -11.48
N ILE FA 99 -8.53 -54.94 -12.65
CA ILE FA 99 -8.21 -53.53 -12.76
C ILE FA 99 -9.48 -52.78 -12.40
N ASP FA 100 -9.72 -52.62 -11.11
CA ASP FA 100 -11.05 -52.27 -10.60
C ASP FA 100 -11.11 -50.85 -10.08
N PHE FA 101 -10.17 -50.01 -10.48
CA PHE FA 101 -10.11 -48.61 -10.09
C PHE FA 101 -9.35 -47.85 -11.17
N GLN FA 102 -9.70 -46.57 -11.34
CA GLN FA 102 -8.95 -45.66 -12.18
C GLN FA 102 -9.04 -44.31 -11.51
N PRO FA 103 -7.93 -43.65 -11.24
CA PRO FA 103 -8.01 -42.23 -10.89
C PRO FA 103 -8.47 -41.44 -12.12
N VAL FA 104 -9.36 -40.49 -11.87
CA VAL FA 104 -10.01 -39.69 -12.90
C VAL FA 104 -10.08 -38.26 -12.38
N THR FA 105 -9.73 -37.30 -13.22
CA THR FA 105 -9.98 -35.90 -12.89
C THR FA 105 -10.92 -35.28 -13.92
N VAL FA 106 -12.03 -34.74 -13.44
CA VAL FA 106 -12.96 -33.99 -14.28
C VAL FA 106 -12.97 -32.55 -13.81
N GLN FA 107 -13.40 -31.67 -14.70
CA GLN FA 107 -13.36 -30.24 -14.45
C GLN FA 107 -14.76 -29.66 -14.58
N MET FA 108 -15.14 -28.84 -13.61
CA MET FA 108 -16.44 -28.22 -13.65
CA MET FA 108 -16.43 -28.18 -13.59
C MET FA 108 -16.37 -26.89 -14.39
N ALA FA 109 -17.53 -26.43 -14.84
CA ALA FA 109 -17.61 -25.10 -15.43
C ALA FA 109 -16.98 -24.11 -14.45
N GLY FA 110 -16.09 -23.27 -14.95
CA GLY FA 110 -15.38 -22.37 -14.08
C GLY FA 110 -14.00 -22.84 -13.68
N GLY FA 111 -13.70 -24.12 -13.88
CA GLY FA 111 -12.33 -24.60 -13.74
C GLY FA 111 -12.05 -25.48 -12.54
N GLU FA 112 -12.97 -25.59 -11.58
CA GLU FA 112 -12.67 -26.42 -10.42
C GLU FA 112 -12.48 -27.87 -10.85
N ARG FA 113 -11.35 -28.44 -10.45
CA ARG FA 113 -11.02 -29.82 -10.78
C ARG FA 113 -11.47 -30.76 -9.67
N ILE FA 114 -12.12 -31.85 -10.06
CA ILE FA 114 -12.62 -32.88 -9.15
C ILE FA 114 -11.92 -34.19 -9.46
N PRO FA 115 -10.92 -34.57 -8.68
CA PRO FA 115 -10.38 -35.93 -8.79
C PRO FA 115 -11.23 -36.92 -8.01
N LEU FA 116 -11.33 -38.15 -8.54
CA LEU FA 116 -12.02 -39.23 -7.87
C LEU FA 116 -11.35 -40.55 -8.21
N LEU FA 117 -11.53 -41.54 -7.31
CA LEU FA 117 -11.07 -42.91 -7.55
C LEU FA 117 -12.27 -43.68 -8.07
N PHE FA 118 -12.47 -43.67 -9.39
CA PHE FA 118 -13.57 -44.41 -9.99
C PHE FA 118 -13.33 -45.89 -9.80
N THR FA 119 -14.26 -46.57 -9.12
CA THR FA 119 -13.94 -47.92 -8.68
C THR FA 119 -15.19 -48.75 -8.44
N VAL FA 120 -14.99 -50.08 -8.44
CA VAL FA 120 -15.96 -51.02 -7.88
C VAL FA 120 -15.26 -52.01 -6.95
N LYS FA 121 -14.26 -51.54 -6.19
CA LYS FA 121 -13.50 -52.41 -5.31
C LYS FA 121 -14.42 -53.12 -4.31
N ASN FA 122 -14.26 -54.43 -4.22
CA ASN FA 122 -15.01 -55.26 -3.27
C ASN FA 122 -16.51 -55.16 -3.54
N LEU FA 123 -16.89 -55.05 -4.81
CA LEU FA 123 -18.30 -54.98 -5.14
C LEU FA 123 -18.99 -56.29 -4.76
N VAL FA 124 -20.19 -56.17 -4.20
CA VAL FA 124 -21.11 -57.29 -4.07
C VAL FA 124 -22.43 -56.80 -4.63
N ALA FA 125 -22.91 -57.45 -5.70
CA ALA FA 125 -24.09 -56.97 -6.39
C ALA FA 125 -24.98 -58.14 -6.73
N SER FA 126 -26.28 -57.96 -6.56
CA SER FA 126 -27.24 -59.05 -6.66
C SER FA 126 -28.37 -58.70 -7.61
N THR FA 127 -28.95 -59.73 -8.22
CA THR FA 127 -30.09 -59.54 -9.09
C THR FA 127 -31.40 -59.66 -8.32
N GLN FA 128 -32.50 -59.58 -9.05
CA GLN FA 128 -33.82 -59.90 -8.53
C GLN FA 128 -33.92 -61.38 -8.21
N PRO FA 129 -34.91 -61.80 -7.42
CA PRO FA 129 -35.13 -63.23 -7.19
C PRO FA 129 -35.51 -63.94 -8.48
N ASN FA 130 -35.38 -65.27 -8.44
CA ASN FA 130 -35.89 -66.17 -9.49
C ASN FA 130 -35.27 -65.88 -10.86
N VAL FA 131 -33.95 -65.78 -10.90
CA VAL FA 131 -33.26 -65.59 -12.18
C VAL FA 131 -32.87 -66.99 -12.65
N THR FA 132 -33.85 -67.66 -13.28
CA THR FA 132 -33.58 -68.96 -13.88
C THR FA 132 -32.78 -68.84 -15.16
N SER FA 133 -32.86 -67.69 -15.83
CA SER FA 133 -32.02 -67.34 -16.97
C SER FA 133 -31.73 -65.85 -16.92
N ILE FA 134 -30.55 -65.47 -17.41
CA ILE FA 134 -30.19 -64.06 -17.55
C ILE FA 134 -30.76 -63.54 -18.86
N THR FA 135 -31.54 -62.46 -18.78
CA THR FA 135 -32.19 -61.86 -19.94
C THR FA 135 -31.94 -60.36 -19.92
N THR FA 136 -32.50 -59.68 -20.92
CA THR FA 136 -32.40 -58.22 -20.95
C THR FA 136 -33.21 -57.56 -19.85
N SER FA 137 -33.95 -58.34 -19.04
CA SER FA 137 -34.69 -57.82 -17.90
C SER FA 137 -33.93 -57.99 -16.60
N THR FA 138 -32.81 -58.71 -16.62
CA THR FA 138 -31.99 -58.88 -15.43
C THR FA 138 -31.25 -57.58 -15.09
N ASP FA 139 -31.22 -57.26 -13.81
CA ASP FA 139 -30.48 -56.12 -13.30
C ASP FA 139 -29.61 -56.57 -12.14
N PHE FA 140 -28.53 -55.85 -11.91
CA PHE FA 140 -27.67 -56.02 -10.76
C PHE FA 140 -27.65 -54.73 -9.95
N LYS FA 141 -27.81 -54.84 -8.64
CA LYS FA 141 -27.66 -53.72 -7.73
C LYS FA 141 -26.69 -54.11 -6.61
N GLY FA 142 -25.81 -53.20 -6.23
CA GLY FA 142 -24.84 -53.56 -5.21
C GLY FA 142 -24.11 -52.35 -4.67
N GLU FA 143 -23.28 -52.61 -3.66
CA GLU FA 143 -22.42 -51.61 -3.05
C GLU FA 143 -20.97 -52.03 -3.17
N PHE FA 144 -20.07 -51.05 -3.09
CA PHE FA 144 -18.63 -51.30 -3.19
C PHE FA 144 -17.92 -50.33 -2.26
N ASN FA 145 -16.63 -50.55 -2.07
CA ASN FA 145 -15.81 -49.68 -1.23
C ASN FA 145 -15.05 -48.64 -2.04
N VAL FA 146 -14.87 -47.47 -1.43
CA VAL FA 146 -14.13 -46.37 -2.02
C VAL FA 146 -13.04 -45.97 -1.04
N PRO FA 147 -11.84 -46.53 -1.18
CA PRO FA 147 -10.74 -46.13 -0.30
C PRO FA 147 -10.17 -44.78 -0.73
N SER FA 148 -9.31 -44.25 0.12
CA SER FA 148 -8.67 -42.97 -0.12
C SER FA 148 -8.05 -42.93 -1.51
N TYR FA 149 -8.25 -41.81 -2.19
CA TYR FA 149 -7.73 -41.61 -3.54
C TYR FA 149 -6.21 -41.70 -3.58
N ARG FA 150 -5.54 -41.07 -2.62
CA ARG FA 150 -4.11 -41.34 -2.39
C ARG FA 150 -4.01 -42.40 -1.31
N THR FA 151 -2.98 -43.26 -1.42
CA THR FA 151 -2.76 -44.22 -0.34
C THR FA 151 -1.76 -43.63 0.64
N ALA FA 152 -1.39 -44.43 1.65
CA ALA FA 152 -0.88 -43.87 2.91
C ALA FA 152 0.52 -43.25 2.79
N ASN FA 153 1.32 -43.65 1.80
CA ASN FA 153 2.65 -43.07 1.63
C ASN FA 153 2.64 -41.68 0.98
N PHE FA 154 1.52 -41.25 0.41
CA PHE FA 154 1.52 -40.03 -0.41
C PHE FA 154 1.89 -38.80 0.41
N LEU FA 155 2.85 -38.03 -0.11
CA LEU FA 155 3.34 -36.83 0.56
C LEU FA 155 2.80 -35.58 -0.12
N ASP FA 156 2.30 -34.62 0.68
CA ASP FA 156 1.80 -33.35 0.13
C ASP FA 156 2.99 -32.47 -0.26
N PRO FA 157 2.76 -31.32 -0.92
CA PRO FA 157 3.89 -30.53 -1.44
C PRO FA 157 4.83 -30.00 -0.37
N LYS FA 158 4.43 -30.03 0.90
CA LYS FA 158 5.34 -29.65 1.96
C LYS FA 158 5.90 -30.85 2.68
N GLY FA 159 5.74 -32.04 2.11
CA GLY FA 159 6.34 -33.23 2.68
C GLY FA 159 5.60 -33.87 3.83
N ARG FA 160 4.33 -33.50 4.05
CA ARG FA 160 3.52 -34.11 5.11
C ARG FA 160 2.76 -35.31 4.58
N GLY FA 161 2.63 -36.36 5.39
CA GLY FA 161 1.88 -37.53 4.96
C GLY FA 161 1.39 -38.32 6.15
N LEU FA 162 0.78 -39.48 5.85
CA LEU FA 162 0.17 -40.31 6.88
C LEU FA 162 1.12 -41.41 7.35
N ALA FA 163 1.46 -42.34 6.47
CA ALA FA 163 2.43 -43.40 6.77
C ALA FA 163 3.87 -42.97 6.52
N SER FA 164 4.08 -41.75 6.05
CA SER FA 164 5.42 -41.18 5.90
C SER FA 164 5.31 -39.66 6.03
N GLY FA 165 6.46 -38.99 6.06
CA GLY FA 165 6.47 -37.55 5.94
C GLY FA 165 6.48 -36.82 7.27
N TYR FA 166 6.60 -35.49 7.18
CA TYR FA 166 6.58 -34.62 8.35
C TYR FA 166 5.19 -34.61 8.98
N ASP FA 167 5.14 -34.27 10.26
CA ASP FA 167 3.89 -34.18 10.98
C ASP FA 167 3.50 -32.75 11.29
N SER FA 168 4.20 -31.77 10.71
CA SER FA 168 3.86 -30.38 10.93
C SER FA 168 4.27 -29.57 9.71
N ALA FA 169 3.92 -28.28 9.75
CA ALA FA 169 4.32 -27.32 8.73
C ALA FA 169 5.68 -26.78 9.13
N ILE FA 170 6.74 -27.45 8.66
CA ILE FA 170 8.10 -27.14 9.08
C ILE FA 170 8.60 -25.79 8.60
N ALA FA 171 7.98 -25.21 7.56
CA ALA FA 171 8.37 -23.87 7.11
C ALA FA 171 7.84 -22.76 8.02
N LEU FA 172 6.98 -23.09 8.98
CA LEU FA 172 6.42 -22.12 9.95
C LEU FA 172 6.77 -22.60 11.35
N PRO FA 173 8.06 -22.58 11.73
CA PRO FA 173 8.47 -23.33 12.94
C PRO FA 173 7.77 -22.90 14.22
N GLN FA 174 7.38 -21.65 14.36
CA GLN FA 174 6.76 -21.18 15.60
C GLN FA 174 5.31 -20.75 15.41
N ALA FA 175 4.64 -21.18 14.33
CA ALA FA 175 3.22 -20.90 14.21
C ALA FA 175 2.41 -21.80 15.16
N LYS FA 176 1.20 -21.36 15.47
CA LYS FA 176 0.34 -22.17 16.33
C LYS FA 176 -0.25 -23.35 15.54
N GLU FA 177 -0.23 -24.52 16.16
CA GLU FA 177 -0.52 -25.77 15.46
C GLU FA 177 -2.00 -26.02 15.23
N GLU FA 178 -2.86 -25.53 16.13
CA GLU FA 178 -4.28 -25.91 16.11
C GLU FA 178 -4.96 -25.51 14.81
N GLU FA 179 -4.69 -24.30 14.32
CA GLU FA 179 -5.33 -23.83 13.10
C GLU FA 179 -4.88 -24.62 11.86
N LEU FA 180 -3.78 -25.35 11.94
CA LEU FA 180 -3.26 -26.11 10.82
C LEU FA 180 -3.53 -27.61 10.95
N ALA FA 181 -4.28 -28.03 11.98
CA ALA FA 181 -4.38 -29.45 12.28
C ALA FA 181 -4.97 -30.23 11.11
N ARG FA 182 -6.01 -29.69 10.46
CA ARG FA 182 -6.65 -30.43 9.39
C ARG FA 182 -5.69 -30.66 8.22
N ALA FA 183 -4.76 -29.74 7.99
CA ALA FA 183 -3.77 -29.90 6.93
C ALA FA 183 -2.59 -30.74 7.38
N ASN FA 184 -2.24 -30.68 8.67
CA ASN FA 184 -1.08 -31.39 9.20
C ASN FA 184 -1.37 -32.86 9.47
N VAL FA 185 -2.58 -33.20 9.89
CA VAL FA 185 -2.90 -34.54 10.35
C VAL FA 185 -3.65 -35.24 9.22
N LYS FA 186 -2.95 -36.10 8.49
CA LYS FA 186 -3.55 -36.77 7.34
C LYS FA 186 -4.48 -37.89 7.79
N ARG FA 187 -5.61 -38.02 7.10
CA ARG FA 187 -6.61 -39.03 7.41
C ARG FA 187 -6.98 -39.84 6.17
N PHE FA 188 -7.27 -41.11 6.37
CA PHE FA 188 -7.46 -42.05 5.28
C PHE FA 188 -8.96 -42.33 5.15
N SER FA 189 -9.55 -41.89 4.06
CA SER FA 189 -10.99 -42.09 3.89
C SER FA 189 -11.30 -43.52 3.46
N LEU FA 190 -12.47 -44.00 3.88
CA LEU FA 190 -13.03 -45.24 3.35
C LEU FA 190 -14.54 -45.10 3.38
N THR FA 191 -15.18 -45.07 2.20
CA THR FA 191 -16.62 -44.86 2.11
C THR FA 191 -17.22 -45.88 1.16
N LYS FA 192 -18.54 -45.83 1.03
CA LYS FA 192 -19.31 -46.79 0.24
C LYS FA 192 -19.81 -46.12 -1.02
N GLY FA 193 -19.83 -46.86 -2.12
CA GLY FA 193 -20.54 -46.39 -3.29
C GLY FA 193 -21.60 -47.41 -3.69
N GLN FA 194 -22.53 -47.03 -4.56
CA GLN FA 194 -23.50 -48.00 -5.06
C GLN FA 194 -23.53 -47.95 -6.58
N ILE FA 195 -23.91 -49.07 -7.18
CA ILE FA 195 -23.94 -49.20 -8.64
C ILE FA 195 -25.13 -50.05 -9.05
N SER FA 196 -25.76 -49.68 -10.16
CA SER FA 196 -26.77 -50.49 -10.82
C SER FA 196 -26.27 -50.87 -12.20
N LEU FA 197 -26.48 -52.13 -12.59
CA LEU FA 197 -26.15 -52.62 -13.91
C LEU FA 197 -27.43 -53.07 -14.58
N ASN FA 198 -27.77 -52.44 -15.70
CA ASN FA 198 -28.96 -52.78 -16.48
C ASN FA 198 -28.52 -53.60 -17.68
N VAL FA 199 -28.88 -54.88 -17.69
CA VAL FA 199 -28.54 -55.72 -18.84
C VAL FA 199 -29.44 -55.35 -20.01
N ALA FA 200 -28.80 -55.05 -21.14
CA ALA FA 200 -29.53 -54.72 -22.36
C ALA FA 200 -29.36 -55.75 -23.45
N LYS FA 201 -28.29 -56.54 -23.42
CA LYS FA 201 -28.04 -57.53 -24.45
C LYS FA 201 -27.51 -58.79 -23.78
N VAL FA 202 -27.91 -59.96 -24.30
CA VAL FA 202 -27.45 -61.24 -23.79
C VAL FA 202 -27.21 -62.17 -24.97
N ASP FA 203 -26.02 -62.75 -25.04
CA ASP FA 203 -25.73 -63.82 -25.99
C ASP FA 203 -25.89 -65.12 -25.23
N GLY FA 204 -27.04 -65.77 -25.43
CA GLY FA 204 -27.34 -67.00 -24.70
C GLY FA 204 -26.33 -68.11 -24.94
N ARG FA 205 -25.75 -68.16 -26.15
CA ARG FA 205 -24.84 -69.25 -26.48
C ARG FA 205 -23.48 -69.07 -25.80
N THR FA 206 -22.99 -67.83 -25.72
CA THR FA 206 -21.62 -67.58 -25.30
C THR FA 206 -21.49 -67.18 -23.83
N GLY FA 207 -22.61 -66.93 -23.14
CA GLY FA 207 -22.53 -66.44 -21.78
C GLY FA 207 -22.13 -64.99 -21.64
N GLU FA 208 -22.04 -64.24 -22.74
CA GLU FA 208 -21.69 -62.84 -22.69
C GLU FA 208 -22.93 -61.98 -22.51
N ILE FA 209 -22.80 -60.92 -21.72
CA ILE FA 209 -23.86 -59.93 -21.56
C ILE FA 209 -23.24 -58.55 -21.61
N ALA FA 210 -24.10 -57.55 -21.87
CA ALA FA 210 -23.68 -56.16 -21.90
C ALA FA 210 -24.88 -55.28 -21.56
N GLY FA 211 -24.58 -54.06 -21.16
CA GLY FA 211 -25.63 -53.10 -20.86
C GLY FA 211 -25.09 -51.76 -20.43
N THR FA 212 -25.85 -51.04 -19.59
CA THR FA 212 -25.49 -49.74 -19.06
C THR FA 212 -25.40 -49.80 -17.55
N PHE FA 213 -24.63 -48.87 -16.97
CA PHE FA 213 -24.50 -48.80 -15.52
C PHE FA 213 -24.61 -47.36 -15.07
N GLU FA 214 -25.01 -47.20 -13.83
CA GLU FA 214 -24.93 -45.93 -13.12
C GLU FA 214 -24.36 -46.21 -11.74
N SER FA 215 -23.35 -45.44 -11.35
CA SER FA 215 -22.72 -45.60 -10.04
CA SER FA 215 -22.75 -45.60 -10.03
C SER FA 215 -22.64 -44.24 -9.36
N GLU FA 216 -22.71 -44.26 -8.03
CA GLU FA 216 -22.54 -43.05 -7.24
C GLU FA 216 -21.50 -43.29 -6.16
N GLN FA 217 -20.63 -42.31 -5.96
CA GLN FA 217 -19.54 -42.45 -4.99
C GLN FA 217 -19.01 -41.07 -4.67
N LEU FA 218 -18.19 -41.01 -3.62
CA LEU FA 218 -17.54 -39.75 -3.26
C LEU FA 218 -16.23 -39.60 -4.01
N SER FA 219 -15.80 -38.34 -4.17
CA SER FA 219 -14.55 -37.99 -4.84
C SER FA 219 -13.39 -37.87 -3.82
N ASP FA 220 -12.22 -37.48 -4.31
CA ASP FA 220 -11.04 -37.33 -3.47
C ASP FA 220 -11.28 -36.30 -2.37
N ASP FA 221 -10.89 -36.63 -1.14
CA ASP FA 221 -10.96 -35.66 -0.06
C ASP FA 221 -9.57 -35.14 0.33
N ASP FA 222 -8.54 -35.48 -0.46
CA ASP FA 222 -7.17 -35.02 -0.24
C ASP FA 222 -6.69 -35.38 1.17
N MET FA 223 -6.86 -36.65 1.52
CA MET FA 223 -6.45 -37.21 2.80
CA MET FA 223 -6.42 -37.19 2.80
C MET FA 223 -6.97 -36.37 3.97
N GLY FA 224 -8.25 -35.99 3.88
CA GLY FA 224 -8.92 -35.29 4.96
C GLY FA 224 -8.82 -33.78 4.95
N ALA FA 225 -8.19 -33.20 3.92
CA ALA FA 225 -7.99 -31.76 3.88
C ALA FA 225 -9.26 -30.99 3.53
N HIS FA 226 -10.18 -31.59 2.78
CA HIS FA 226 -11.40 -30.88 2.39
C HIS FA 226 -12.51 -31.90 2.19
N GLU FA 227 -13.75 -31.41 2.15
CA GLU FA 227 -14.90 -32.28 1.97
C GLU FA 227 -14.93 -32.83 0.55
N PRO FA 228 -15.25 -34.09 0.37
CA PRO FA 228 -15.40 -34.66 -0.97
C PRO FA 228 -16.73 -34.23 -1.61
N HIS FA 229 -16.85 -34.48 -2.92
CA HIS FA 229 -18.07 -34.24 -3.67
C HIS FA 229 -18.72 -35.57 -4.06
N GLU FA 230 -20.04 -35.53 -4.28
CA GLU FA 230 -20.72 -36.68 -4.83
C GLU FA 230 -20.59 -36.69 -6.35
N VAL FA 231 -20.28 -37.87 -6.89
CA VAL FA 231 -20.09 -38.04 -8.32
C VAL FA 231 -21.03 -39.13 -8.81
N LYS FA 232 -21.62 -38.91 -9.97
CA LYS FA 232 -22.43 -39.93 -10.63
C LYS FA 232 -21.73 -40.29 -11.93
N ILE FA 233 -21.52 -41.59 -12.14
CA ILE FA 233 -20.83 -42.11 -13.32
C ILE FA 233 -21.81 -42.96 -14.08
N GLN FA 234 -21.92 -42.71 -15.38
CA GLN FA 234 -22.76 -43.48 -16.27
C GLN FA 234 -21.92 -44.04 -17.40
N GLY FA 235 -22.28 -45.22 -17.87
CA GLY FA 235 -21.55 -45.80 -18.97
C GLY FA 235 -22.12 -47.12 -19.40
N VAL FA 236 -21.31 -47.89 -20.10
CA VAL FA 236 -21.68 -49.19 -20.62
C VAL FA 236 -20.81 -50.22 -19.92
N PHE FA 237 -21.29 -51.47 -19.90
CA PHE FA 237 -20.53 -52.56 -19.31
C PHE FA 237 -20.64 -53.81 -20.18
N TYR FA 238 -19.68 -54.70 -19.99
CA TYR FA 238 -19.63 -55.99 -20.63
C TYR FA 238 -19.20 -57.02 -19.60
N ALA FA 239 -19.77 -58.22 -19.69
CA ALA FA 239 -19.37 -59.28 -18.79
C ALA FA 239 -19.49 -60.61 -19.52
N SER FA 240 -18.55 -61.51 -19.26
CA SER FA 240 -18.62 -62.88 -19.70
C SER FA 240 -18.75 -63.80 -18.49
N ILE FA 241 -19.72 -64.70 -18.54
CA ILE FA 241 -20.03 -65.64 -17.45
C ILE FA 241 -19.58 -67.03 -17.85
N GLU FA 242 -18.93 -67.74 -16.93
CA GLU FA 242 -18.43 -69.08 -17.22
C GLU FA 242 -18.76 -70.05 -16.10
N PRO FA 243 -19.04 -71.30 -16.45
CA PRO FA 243 -19.04 -72.36 -15.45
C PRO FA 243 -17.70 -72.42 -14.73
N ALA FA 244 -17.75 -72.54 -13.41
CA ALA FA 244 -16.54 -72.61 -12.60
C ALA FA 244 -16.49 -73.97 -11.91
N FME GA 1 -3.15 -7.78 -6.67
CN FME GA 1 -3.48 -8.53 -7.72
O1 FME GA 1 -2.97 -8.33 -8.81
CA FME GA 1 -2.34 -6.60 -6.87
CB FME GA 1 -2.41 -5.72 -5.62
CG FME GA 1 -1.14 -5.75 -4.78
SD FME GA 1 -1.45 -5.26 -3.10
CE FME GA 1 -3.13 -4.75 -2.96
C FME GA 1 -0.91 -6.95 -7.23
O FME GA 1 -0.23 -6.14 -7.92
N GLU GA 2 -0.43 -8.13 -6.82
CA GLU GA 2 0.96 -8.47 -7.10
C GLU GA 2 1.03 -8.92 -8.58
N THR GA 3 0.04 -9.69 -9.05
CA THR GA 3 0.02 -10.06 -10.47
C THR GA 3 -0.02 -8.82 -11.36
N ILE GA 4 -0.85 -7.83 -11.02
CA ILE GA 4 -0.91 -6.58 -11.77
C ILE GA 4 0.45 -5.89 -11.80
N THR GA 5 1.13 -5.86 -10.65
CA THR GA 5 2.45 -5.23 -10.58
C THR GA 5 3.45 -5.93 -11.49
N TYR GA 6 3.50 -7.27 -11.42
CA TYR GA 6 4.44 -8.02 -12.27
C TYR GA 6 4.15 -7.78 -13.74
N VAL GA 7 2.87 -7.87 -14.14
CA VAL GA 7 2.53 -7.71 -15.55
C VAL GA 7 2.75 -6.27 -16.01
N PHE GA 8 2.50 -5.30 -15.13
CA PHE GA 8 2.76 -3.90 -15.48
C PHE GA 8 4.23 -3.67 -15.79
N ILE GA 9 5.12 -4.15 -14.92
CA ILE GA 9 6.55 -3.92 -15.12
C ILE GA 9 6.99 -4.60 -16.41
N PHE GA 10 6.56 -5.85 -16.62
CA PHE GA 10 6.86 -6.55 -17.85
C PHE GA 10 6.40 -5.74 -19.06
N ALA GA 11 5.15 -5.26 -19.02
CA ALA GA 11 4.61 -4.47 -20.13
C ALA GA 11 5.42 -3.20 -20.38
N CYS GA 12 5.87 -2.53 -19.31
CA CYS GA 12 6.72 -1.35 -19.50
C CYS GA 12 8.02 -1.72 -20.19
N ILE GA 13 8.58 -2.90 -19.87
CA ILE GA 13 9.83 -3.32 -20.51
C ILE GA 13 9.62 -3.57 -21.99
N ILE GA 14 8.52 -4.23 -22.38
CA ILE GA 14 8.26 -4.46 -23.80
C ILE GA 14 8.09 -3.12 -24.54
N ALA GA 15 7.39 -2.17 -23.92
CA ALA GA 15 7.25 -0.84 -24.52
C ALA GA 15 8.60 -0.17 -24.68
N LEU GA 16 9.46 -0.27 -23.66
CA LEU GA 16 10.81 0.27 -23.78
C LEU GA 16 11.56 -0.35 -24.96
N PHE GA 17 11.44 -1.68 -25.17
CA PHE GA 17 12.04 -2.32 -26.34
C PHE GA 17 11.58 -1.63 -27.62
N PHE GA 18 10.28 -1.35 -27.72
CA PHE GA 18 9.72 -0.73 -28.92
C PHE GA 18 10.31 0.65 -29.16
N PHE GA 19 10.41 1.47 -28.11
CA PHE GA 19 11.00 2.80 -28.30
C PHE GA 19 12.50 2.72 -28.53
N ALA GA 20 13.18 1.80 -27.85
CA ALA GA 20 14.63 1.70 -28.00
C ALA GA 20 15.03 1.29 -29.41
N ILE GA 21 14.18 0.50 -30.09
CA ILE GA 21 14.49 0.04 -31.44
C ILE GA 21 14.02 1.07 -32.44
N PHE GA 22 12.72 1.39 -32.40
CA PHE GA 22 12.16 2.20 -33.47
C PHE GA 22 12.31 3.70 -33.26
N PHE GA 23 12.49 4.16 -32.02
CA PHE GA 23 12.74 5.57 -31.77
C PHE GA 23 14.11 5.78 -31.15
N ARG GA 24 15.10 5.02 -31.63
CA ARG GA 24 16.45 5.21 -31.17
C ARG GA 24 16.99 6.54 -31.72
N GLU GA 25 18.00 7.06 -31.05
CA GLU GA 25 18.81 8.12 -31.60
C GLU GA 25 19.59 7.56 -32.80
N PRO GA 26 19.35 8.02 -34.02
CA PRO GA 26 19.92 7.36 -35.23
C PRO GA 26 21.43 7.47 -35.31
N PRO GA 27 22.13 6.39 -35.63
CA PRO GA 27 23.59 6.47 -35.81
C PRO GA 27 23.92 7.29 -37.05
N ARG GA 28 24.86 8.23 -36.89
CA ARG GA 28 25.25 9.15 -37.97
C ARG GA 28 26.77 9.19 -38.13
N ILE GA 29 27.25 9.04 -39.36
CA ILE GA 29 28.68 9.01 -39.62
C ILE GA 29 29.23 10.44 -39.67
N THR GA 30 30.45 10.62 -39.14
CA THR GA 30 31.13 11.91 -39.15
C THR GA 30 32.66 11.74 -39.19
N GLU HA 8 -9.83 -34.78 17.85
CA GLU HA 8 -10.58 -35.45 16.80
C GLU HA 8 -9.66 -35.93 15.67
N LEU HA 9 -8.69 -35.09 15.29
CA LEU HA 9 -7.75 -35.44 14.22
C LEU HA 9 -6.53 -36.14 14.80
N VAL HA 10 -6.34 -37.39 14.38
CA VAL HA 10 -5.32 -38.26 14.90
C VAL HA 10 -4.69 -38.98 13.71
N ASN HA 11 -3.36 -39.13 13.73
CA ASN HA 11 -2.68 -39.96 12.74
C ASN HA 11 -2.83 -41.41 13.19
N VAL HA 12 -3.58 -42.20 12.43
CA VAL HA 12 -3.87 -43.55 12.89
C VAL HA 12 -2.64 -44.43 12.83
N VAL HA 13 -1.66 -44.09 11.99
CA VAL HA 13 -0.45 -44.92 11.95
C VAL HA 13 0.43 -44.66 13.17
N ASP HA 14 0.60 -43.40 13.57
CA ASP HA 14 1.31 -43.13 14.81
C ASP HA 14 0.59 -43.75 16.01
N GLU HA 15 -0.74 -43.70 16.01
CA GLU HA 15 -1.49 -44.35 17.08
C GLU HA 15 -1.23 -45.85 17.09
N LYS HA 16 -1.22 -46.48 15.91
CA LYS HA 16 -0.97 -47.92 15.84
C LYS HA 16 0.40 -48.28 16.41
N LEU HA 17 1.39 -47.37 16.32
CA LEU HA 17 2.71 -47.63 16.90
C LEU HA 17 2.66 -47.72 18.43
N GLY HA 18 1.63 -47.19 19.07
CA GLY HA 18 1.48 -47.36 20.51
C GLY HA 18 0.80 -48.63 20.95
N THR HA 19 0.42 -49.50 20.02
CA THR HA 19 -0.17 -50.79 20.36
C THR HA 19 0.86 -51.88 20.15
N ALA HA 20 0.43 -53.13 20.32
CA ALA HA 20 1.32 -54.25 20.08
C ALA HA 20 1.87 -54.26 18.65
N TYR HA 21 1.21 -53.57 17.72
CA TYR HA 21 1.76 -53.42 16.37
C TYR HA 21 3.16 -52.80 16.39
N GLY HA 22 3.43 -51.91 17.33
CA GLY HA 22 4.76 -51.34 17.43
C GLY HA 22 5.79 -52.22 18.09
N GLU HA 23 5.42 -53.41 18.55
CA GLU HA 23 6.33 -54.30 19.26
C GLU HA 23 6.49 -55.66 18.63
N LYS HA 24 5.51 -56.14 17.88
CA LYS HA 24 5.53 -57.49 17.33
C LYS HA 24 5.05 -57.45 15.89
N ILE HA 25 5.14 -58.58 15.20
CA ILE HA 25 4.53 -58.68 13.87
C ILE HA 25 3.02 -58.84 14.05
N ASP HA 26 2.28 -57.85 13.56
CA ASP HA 26 0.82 -57.85 13.62
C ASP HA 26 0.31 -58.62 12.41
N LEU HA 27 -0.33 -59.76 12.67
CA LEU HA 27 -0.75 -60.64 11.58
C LEU HA 27 -1.80 -60.01 10.69
N ASN HA 28 -2.49 -58.97 11.16
CA ASN HA 28 -3.55 -58.31 10.41
C ASN HA 28 -3.09 -57.06 9.66
N ASN HA 29 -1.85 -56.58 9.85
CA ASN HA 29 -1.50 -55.26 9.37
C ASN HA 29 -0.07 -55.18 8.84
N THR HA 30 0.88 -55.86 9.48
CA THR HA 30 2.28 -55.60 9.21
C THR HA 30 2.66 -56.03 7.80
N ASN HA 31 3.50 -55.22 7.15
CA ASN HA 31 4.00 -55.54 5.82
C ASN HA 31 4.77 -56.85 5.83
N ILE HA 32 4.69 -57.58 4.71
CA ILE HA 32 5.14 -58.96 4.64
C ILE HA 32 6.64 -59.13 4.83
N ALA HA 33 7.44 -58.09 4.58
CA ALA HA 33 8.88 -58.25 4.73
C ALA HA 33 9.30 -58.40 6.20
N ALA HA 34 8.43 -58.04 7.14
CA ALA HA 34 8.81 -58.19 8.54
C ALA HA 34 8.98 -59.65 8.94
N PHE HA 35 8.36 -60.58 8.22
CA PHE HA 35 8.51 -61.99 8.56
C PHE HA 35 9.92 -62.52 8.32
N ILE HA 36 10.78 -61.75 7.67
CA ILE HA 36 12.17 -62.13 7.48
C ILE HA 36 12.94 -62.10 8.81
N GLN HA 37 12.42 -61.44 9.84
CA GLN HA 37 13.12 -61.33 11.11
C GLN HA 37 13.30 -62.68 11.82
N TYR HA 38 12.54 -63.72 11.46
CA TYR HA 38 12.60 -65.00 12.16
C TYR HA 38 12.71 -66.15 11.19
N ARG HA 39 13.37 -67.22 11.66
CA ARG HA 39 13.68 -68.38 10.84
C ARG HA 39 12.42 -69.06 10.32
N GLY HA 40 12.43 -69.39 9.04
CA GLY HA 40 11.45 -70.32 8.48
C GLY HA 40 10.13 -69.72 8.10
N LEU HA 41 9.94 -68.40 8.26
CA LEU HA 41 8.65 -67.76 8.01
C LEU HA 41 8.49 -67.18 6.60
N TYR HA 42 9.59 -66.88 5.90
CA TYR HA 42 9.51 -66.16 4.65
C TYR HA 42 10.13 -66.97 3.52
N PRO HA 43 9.48 -67.04 2.34
CA PRO HA 43 8.25 -66.34 1.99
C PRO HA 43 6.98 -67.21 2.08
N THR HA 44 7.11 -68.52 2.31
CA THR HA 44 5.99 -69.43 2.11
C THR HA 44 4.90 -69.20 3.16
N LEU HA 45 5.25 -69.31 4.44
CA LEU HA 45 4.28 -69.00 5.48
C LEU HA 45 3.86 -67.54 5.44
N ALA HA 46 4.82 -66.65 5.15
CA ALA HA 46 4.51 -65.23 5.12
C ALA HA 46 3.40 -64.93 4.12
N LYS HA 47 3.47 -65.56 2.95
CA LYS HA 47 2.41 -65.42 1.96
C LYS HA 47 1.08 -65.93 2.51
N LEU HA 48 1.08 -67.13 3.09
CA LEU HA 48 -0.15 -67.71 3.62
C LEU HA 48 -0.76 -66.83 4.71
N ILE HA 49 0.08 -66.26 5.57
CA ILE HA 49 -0.45 -65.45 6.67
C ILE HA 49 -1.14 -64.22 6.13
N VAL HA 50 -0.49 -63.49 5.22
CA VAL HA 50 -1.07 -62.26 4.70
C VAL HA 50 -2.32 -62.58 3.89
N LYS HA 51 -2.27 -63.63 3.07
CA LYS HA 51 -3.41 -64.00 2.22
C LYS HA 51 -4.66 -64.31 3.06
N ASN HA 52 -4.50 -64.94 4.22
CA ASN HA 52 -5.65 -65.39 4.99
C ASN HA 52 -6.02 -64.47 6.14
N ALA HA 53 -5.39 -63.30 6.25
CA ALA HA 53 -5.77 -62.33 7.26
C ALA HA 53 -7.17 -61.79 6.97
N PRO HA 54 -7.86 -61.21 7.98
CA PRO HA 54 -7.47 -61.00 9.37
C PRO HA 54 -7.79 -62.16 10.31
N TYR HA 55 -7.25 -62.10 11.52
CA TYR HA 55 -7.35 -63.14 12.53
C TYR HA 55 -7.90 -62.53 13.80
N GLU HA 56 -8.82 -63.26 14.46
CA GLU HA 56 -9.37 -62.81 15.73
C GLU HA 56 -8.33 -62.88 16.84
N SER HA 57 -7.44 -63.86 16.77
CA SER HA 57 -6.38 -63.99 17.75
C SER HA 57 -5.20 -64.60 17.03
N VAL HA 58 -4.04 -64.52 17.67
CA VAL HA 58 -2.81 -65.00 17.05
C VAL HA 58 -2.93 -66.49 16.74
N GLU HA 59 -3.51 -67.26 17.67
CA GLU HA 59 -3.57 -68.72 17.49
C GLU HA 59 -4.40 -69.11 16.28
N ASP HA 60 -5.27 -68.21 15.80
CA ASP HA 60 -6.05 -68.50 14.59
C ASP HA 60 -5.15 -68.71 13.38
N VAL HA 61 -3.93 -68.16 13.40
CA VAL HA 61 -3.02 -68.37 12.29
C VAL HA 61 -2.71 -69.85 12.10
N LEU HA 62 -2.85 -70.65 13.18
CA LEU HA 62 -2.63 -72.08 13.09
C LEU HA 62 -3.70 -72.79 12.28
N ASN HA 63 -4.82 -72.13 12.03
CA ASN HA 63 -5.96 -72.75 11.38
C ASN HA 63 -6.04 -72.49 9.87
N ILE HA 64 -5.07 -71.78 9.30
CA ILE HA 64 -5.01 -71.51 7.86
C ILE HA 64 -5.15 -72.83 7.13
N PRO HA 65 -6.11 -72.98 6.21
CA PRO HA 65 -6.29 -74.27 5.55
C PRO HA 65 -5.07 -74.61 4.71
N GLY HA 66 -4.73 -75.90 4.67
CA GLY HA 66 -3.64 -76.40 3.87
C GLY HA 66 -2.26 -76.41 4.50
N LEU HA 67 -2.09 -75.81 5.68
CA LEU HA 67 -0.81 -75.84 6.37
C LEU HA 67 -0.34 -77.27 6.59
N THR HA 68 0.94 -77.54 6.32
CA THR HA 68 1.52 -78.83 6.66
C THR HA 68 1.77 -78.91 8.16
N GLU HA 69 2.03 -80.14 8.63
CA GLU HA 69 2.28 -80.35 10.05
C GLU HA 69 3.53 -79.60 10.50
N ARG HA 70 4.58 -79.61 9.68
CA ARG HA 70 5.78 -78.87 9.99
C ARG HA 70 5.53 -77.36 10.03
N GLN HA 71 4.71 -76.86 9.10
CA GLN HA 71 4.39 -75.44 9.10
C GLN HA 71 3.67 -75.02 10.37
N LYS HA 72 2.71 -75.84 10.83
CA LYS HA 72 2.01 -75.52 12.08
C LYS HA 72 2.98 -75.51 13.25
N GLN HA 73 3.94 -76.44 13.24
CA GLN HA 73 4.96 -76.46 14.28
C GLN HA 73 5.80 -75.19 14.25
N ILE HA 74 6.20 -74.74 13.05
CA ILE HA 74 7.01 -73.53 12.95
C ILE HA 74 6.24 -72.32 13.41
N LEU HA 75 4.96 -72.24 13.04
CA LEU HA 75 4.13 -71.15 13.51
C LEU HA 75 4.04 -71.13 15.03
N ARG HA 76 3.91 -72.31 15.66
CA ARG HA 76 3.81 -72.37 17.11
C ARG HA 76 5.05 -71.81 17.78
N GLU HA 77 6.22 -72.09 17.20
CA GLU HA 77 7.48 -71.55 17.73
C GLU HA 77 7.53 -70.02 17.67
N ASN HA 78 6.79 -69.40 16.77
CA ASN HA 78 6.88 -67.97 16.56
C ASN HA 78 5.67 -67.18 17.04
N LEU HA 79 4.71 -67.85 17.70
CA LEU HA 79 3.56 -67.12 18.22
C LEU HA 79 3.99 -66.03 19.20
N GLU HA 80 5.05 -66.29 19.97
CA GLU HA 80 5.57 -65.27 20.88
C GLU HA 80 5.98 -63.99 20.16
N HIS HA 81 6.28 -64.05 18.85
CA HIS HA 81 6.65 -62.87 18.08
C HIS HA 81 5.49 -62.25 17.32
N PHE HA 82 4.28 -62.81 17.42
CA PHE HA 82 3.14 -62.32 16.68
C PHE HA 82 2.18 -61.59 17.62
N THR HA 83 1.37 -60.71 17.03
CA THR HA 83 0.24 -60.10 17.71
C THR HA 83 -0.87 -59.94 16.69
N VAL HA 84 -2.06 -59.56 17.16
CA VAL HA 84 -3.13 -59.11 16.28
C VAL HA 84 -3.70 -57.83 16.85
N THR HA 85 -3.93 -56.85 15.98
CA THR HA 85 -4.76 -55.70 16.34
C THR HA 85 -5.81 -55.53 15.26
N GLU HA 86 -6.76 -54.63 15.51
CA GLU HA 86 -7.78 -54.29 14.53
C GLU HA 86 -7.12 -53.94 13.19
N VAL HA 87 -7.71 -54.42 12.09
CA VAL HA 87 -7.26 -54.02 10.76
C VAL HA 87 -7.33 -52.51 10.62
N GLU HA 88 -6.23 -51.91 10.18
CA GLU HA 88 -6.16 -50.49 9.87
C GLU HA 88 -6.14 -50.32 8.36
N THR HA 89 -7.20 -49.70 7.82
CA THR HA 89 -7.37 -49.52 6.37
C THR HA 89 -6.12 -48.93 5.71
N ALA HA 90 -5.48 -47.95 6.36
CA ALA HA 90 -4.34 -47.26 5.77
C ALA HA 90 -3.11 -48.14 5.64
N LEU HA 91 -3.00 -49.21 6.41
CA LEU HA 91 -1.86 -50.13 6.31
C LEU HA 91 -2.09 -51.29 5.37
N VAL HA 92 -3.34 -51.59 5.01
CA VAL HA 92 -3.64 -52.75 4.18
C VAL HA 92 -4.17 -52.39 2.81
N GLU HA 93 -4.60 -51.15 2.58
CA GLU HA 93 -4.97 -50.75 1.23
C GLU HA 93 -3.74 -50.62 0.35
N GLY HA 94 -3.98 -50.44 -0.95
CA GLY HA 94 -2.90 -50.26 -1.90
C GLY HA 94 -1.99 -51.45 -2.08
N GLY HA 95 -2.41 -52.63 -1.61
CA GLY HA 95 -1.50 -53.76 -1.61
C GLY HA 95 -0.28 -53.53 -0.76
N ASP HA 96 -0.36 -52.62 0.22
CA ASP HA 96 0.83 -52.20 0.94
C ASP HA 96 1.42 -53.31 1.82
N ARG HA 97 0.62 -54.33 2.20
CA ARG HA 97 1.20 -55.45 2.93
C ARG HA 97 2.17 -56.27 2.10
N TYR HA 98 2.08 -56.20 0.77
CA TYR HA 98 3.03 -56.89 -0.10
C TYR HA 98 4.15 -56.00 -0.57
N ASN HA 99 3.94 -54.69 -0.61
CA ASN HA 99 4.97 -53.75 -1.01
C ASN HA 99 4.54 -52.39 -0.47
N ASN HA 100 5.23 -51.90 0.56
CA ASN HA 100 4.84 -50.66 1.22
C ASN HA 100 5.71 -49.48 0.80
N GLY HA 101 6.39 -49.60 -0.34
CA GLY HA 101 7.22 -48.52 -0.82
C GLY HA 101 8.55 -48.37 -0.11
N LEU HA 102 8.88 -49.25 0.84
CA LEU HA 102 10.20 -49.24 1.46
C LEU HA 102 11.07 -50.32 0.85
N TYR HA 103 12.26 -49.94 0.41
CA TYR HA 103 13.29 -50.90 0.06
C TYR HA 103 14.42 -50.69 1.06
N LYS HA 104 15.66 -50.77 0.62
CA LYS HA 104 16.73 -50.44 1.56
C LYS HA 104 16.76 -48.94 1.78
N ALA IA 1 45.09 -49.74 11.00
CA ALA IA 1 44.34 -50.99 10.95
C ALA IA 1 44.78 -51.84 9.76
N GLU IA 2 44.74 -53.15 9.92
CA GLU IA 2 45.23 -54.09 8.92
C GLU IA 2 44.23 -55.22 8.74
N LEU IA 3 44.33 -55.90 7.60
CA LEU IA 3 43.54 -57.10 7.35
C LEU IA 3 44.33 -58.28 7.94
N THR IA 4 44.03 -58.61 9.21
CA THR IA 4 44.79 -59.58 10.01
C THR IA 4 44.25 -60.99 9.83
N PRO IA 5 45.06 -62.01 10.19
CA PRO IA 5 44.54 -63.38 10.18
C PRO IA 5 43.28 -63.57 10.98
N GLU IA 6 43.15 -62.88 12.12
CA GLU IA 6 41.92 -62.96 12.90
C GLU IA 6 40.72 -62.46 12.10
N VAL IA 7 40.87 -61.33 11.39
CA VAL IA 7 39.79 -60.82 10.55
C VAL IA 7 39.42 -61.85 9.48
N LEU IA 8 40.41 -62.53 8.92
CA LEU IA 8 40.19 -63.50 7.85
C LEU IA 8 39.76 -64.88 8.35
N THR IA 9 39.48 -65.05 9.63
CA THR IA 9 39.03 -66.34 10.16
C THR IA 9 37.51 -66.33 10.24
N VAL IA 10 36.88 -67.26 9.52
CA VAL IA 10 35.42 -67.25 9.36
C VAL IA 10 34.90 -68.66 9.63
N PRO IA 11 33.62 -68.78 10.00
CA PRO IA 11 33.06 -70.12 10.27
C PRO IA 11 32.98 -70.95 9.01
N LEU IA 12 33.45 -72.19 9.10
CA LEU IA 12 33.38 -73.14 8.00
C LEU IA 12 32.02 -73.85 7.95
N ASN IA 13 31.43 -74.17 9.10
CA ASN IA 13 30.16 -74.89 9.11
C ASN IA 13 29.36 -74.49 10.33
N SER IA 14 28.16 -75.05 10.43
CA SER IA 14 27.27 -74.69 11.52
C SER IA 14 27.71 -75.26 12.86
N GLU IA 15 28.71 -76.13 12.87
CA GLU IA 15 29.18 -76.74 14.10
C GLU IA 15 30.26 -75.93 14.79
N GLY IA 16 30.78 -74.89 14.15
CA GLY IA 16 31.75 -74.01 14.78
C GLY IA 16 33.19 -74.19 14.33
N LYS IA 17 33.46 -75.09 13.39
CA LYS IA 17 34.78 -75.15 12.81
C LYS IA 17 35.03 -73.88 12.00
N THR IA 18 36.20 -73.29 12.16
CA THR IA 18 36.60 -72.10 11.41
C THR IA 18 37.60 -72.46 10.32
N ILE IA 19 37.84 -71.49 9.45
CA ILE IA 19 38.85 -71.58 8.41
C ILE IA 19 39.49 -70.21 8.30
N THR IA 20 40.81 -70.17 8.16
CA THR IA 20 41.55 -68.92 8.08
C THR IA 20 41.95 -68.69 6.63
N LEU IA 21 41.39 -67.66 6.03
CA LEU IA 21 41.66 -67.34 4.63
C LEU IA 21 43.01 -66.66 4.50
N THR IA 22 43.62 -66.83 3.34
CA THR IA 22 44.81 -66.05 3.00
C THR IA 22 44.39 -64.70 2.42
N GLU IA 23 45.31 -63.75 2.44
CA GLU IA 23 45.05 -62.49 1.76
C GLU IA 23 44.78 -62.72 0.28
N LYS IA 24 45.47 -63.69 -0.32
CA LYS IA 24 45.20 -64.04 -1.72
C LYS IA 24 43.76 -64.51 -1.91
N GLN IA 25 43.29 -65.38 -1.02
CA GLN IA 25 41.92 -65.89 -1.14
C GLN IA 25 40.91 -64.75 -1.06
N TYR IA 26 41.07 -63.86 -0.09
CA TYR IA 26 40.17 -62.74 0.05
C TYR IA 26 40.14 -61.89 -1.22
N LEU IA 27 41.31 -61.59 -1.77
CA LEU IA 27 41.35 -60.80 -3.00
C LEU IA 27 40.65 -61.52 -4.14
N GLU IA 28 40.94 -62.81 -4.31
CA GLU IA 28 40.26 -63.60 -5.34
C GLU IA 28 38.75 -63.63 -5.12
N GLY IA 29 38.31 -63.77 -3.86
CA GLY IA 29 36.88 -63.78 -3.60
C GLY IA 29 36.22 -62.46 -3.97
N LYS IA 30 36.87 -61.35 -3.64
CA LYS IA 30 36.35 -60.03 -4.00
C LYS IA 30 36.24 -59.89 -5.52
N ARG IA 31 37.28 -60.30 -6.24
CA ARG IA 31 37.26 -60.22 -7.69
C ARG IA 31 36.15 -61.07 -8.27
N LEU IA 32 36.01 -62.30 -7.78
CA LEU IA 32 35.00 -63.20 -8.32
C LEU IA 32 33.58 -62.73 -7.94
N PHE IA 33 33.43 -62.16 -6.74
CA PHE IA 33 32.15 -61.57 -6.36
C PHE IA 33 31.75 -60.43 -7.31
N GLN IA 34 32.70 -59.57 -7.64
CA GLN IA 34 32.44 -58.53 -8.65
C GLN IA 34 32.07 -59.15 -9.99
N TYR IA 35 32.85 -60.14 -10.42
CA TYR IA 35 32.65 -60.76 -11.73
C TYR IA 35 31.26 -61.35 -11.87
N ALA IA 36 30.79 -62.06 -10.84
CA ALA IA 36 29.61 -62.87 -10.99
C ALA IA 36 28.43 -62.47 -10.12
N CYS IA 37 28.59 -61.53 -9.17
CA CYS IA 37 27.53 -61.29 -8.18
C CYS IA 37 27.17 -59.82 -7.99
N ALA IA 38 28.17 -58.94 -8.09
CA ALA IA 38 27.97 -57.55 -7.65
C ALA IA 38 26.89 -56.82 -8.46
N SER IA 39 26.62 -57.25 -9.69
CA SER IA 39 25.59 -56.58 -10.47
C SER IA 39 24.25 -56.58 -9.75
N CYS IA 40 23.99 -57.58 -8.90
CA CYS IA 40 22.81 -57.54 -8.05
C CYS IA 40 23.09 -57.33 -6.56
N HIS IA 41 24.30 -57.69 -6.08
CA HIS IA 41 24.58 -57.70 -4.65
C HIS IA 41 25.63 -56.68 -4.20
N VAL IA 42 25.89 -55.63 -5.00
CA VAL IA 42 26.89 -54.62 -4.65
C VAL IA 42 26.68 -54.12 -3.22
N GLY IA 43 27.76 -54.13 -2.44
CA GLY IA 43 27.63 -53.63 -1.09
C GLY IA 43 26.80 -54.49 -0.15
N GLY IA 44 26.44 -55.71 -0.55
CA GLY IA 44 25.71 -56.60 0.33
C GLY IA 44 24.20 -56.50 0.30
N ILE IA 45 23.62 -55.71 -0.60
CA ILE IA 45 22.17 -55.65 -0.72
C ILE IA 45 21.76 -56.58 -1.87
N THR IA 46 20.52 -56.48 -2.34
CA THR IA 46 20.04 -57.29 -3.47
C THR IA 46 19.10 -56.42 -4.30
N LYS IA 47 19.56 -55.99 -5.47
CA LYS IA 47 18.81 -54.98 -6.22
C LYS IA 47 17.46 -55.50 -6.67
N THR IA 48 17.37 -56.78 -7.02
CA THR IA 48 16.11 -57.33 -7.53
C THR IA 48 15.23 -57.88 -6.42
N ASN IA 49 15.68 -57.81 -5.16
CA ASN IA 49 14.83 -58.15 -4.02
C ASN IA 49 15.43 -57.55 -2.75
N PRO IA 50 15.20 -56.26 -2.50
CA PRO IA 50 15.88 -55.59 -1.38
C PRO IA 50 15.53 -56.14 -0.01
N SER IA 51 14.49 -56.98 0.12
CA SER IA 51 14.13 -57.52 1.43
C SER IA 51 15.20 -58.46 1.99
N LEU IA 52 15.99 -59.10 1.12
CA LEU IA 52 16.99 -60.09 1.50
C LEU IA 52 18.38 -59.52 1.19
N ASP IA 53 19.23 -59.49 2.20
CA ASP IA 53 20.58 -58.96 2.03
C ASP IA 53 21.58 -60.05 2.39
N LEU IA 54 22.86 -59.68 2.35
CA LEU IA 54 23.95 -60.61 2.62
C LEU IA 54 24.60 -60.37 3.98
N ARG IA 55 23.89 -59.72 4.90
CA ARG IA 55 24.40 -59.56 6.25
C ARG IA 55 24.56 -60.92 6.90
N THR IA 56 25.58 -61.04 7.75
CA THR IA 56 25.84 -62.33 8.39
C THR IA 56 24.67 -62.75 9.27
N GLU IA 57 24.02 -61.80 9.95
CA GLU IA 57 22.88 -62.15 10.80
C GLU IA 57 21.68 -62.59 9.97
N THR IA 58 21.50 -62.01 8.77
CA THR IA 58 20.46 -62.49 7.86
C THR IA 58 20.78 -63.91 7.40
N LEU IA 59 22.02 -64.15 6.98
CA LEU IA 59 22.42 -65.47 6.55
C LEU IA 59 22.24 -66.50 7.67
N ALA IA 60 22.48 -66.10 8.91
CA ALA IA 60 22.35 -67.01 10.04
C ALA IA 60 20.92 -67.50 10.22
N LEU IA 61 19.93 -66.66 9.90
CA LEU IA 61 18.52 -66.99 10.05
C LEU IA 61 17.89 -67.60 8.81
N ALA IA 62 18.62 -67.70 7.70
CA ALA IA 62 18.14 -68.45 6.54
C ALA IA 62 18.08 -69.94 6.84
N THR IA 63 17.33 -70.67 6.03
CA THR IA 63 17.19 -72.12 6.13
C THR IA 63 17.63 -72.75 4.82
N PRO IA 64 18.61 -73.67 4.82
CA PRO IA 64 19.48 -74.01 5.95
C PRO IA 64 20.40 -72.82 6.22
N PRO IA 65 21.12 -72.80 7.35
CA PRO IA 65 21.91 -71.61 7.68
C PRO IA 65 22.98 -71.33 6.63
N ARG IA 66 23.14 -70.04 6.32
CA ARG IA 66 24.09 -69.63 5.28
C ARG IA 66 25.22 -68.79 5.84
N ASP IA 67 25.35 -68.71 7.16
CA ASP IA 67 26.35 -67.85 7.80
C ASP IA 67 27.69 -68.53 7.97
N ASN IA 68 28.07 -69.37 7.00
CA ASN IA 68 29.31 -70.14 7.06
C ASN IA 68 29.68 -70.56 5.65
N ILE IA 69 30.93 -71.02 5.49
CA ILE IA 69 31.48 -71.29 4.16
C ILE IA 69 30.66 -72.37 3.44
N GLU IA 70 30.46 -73.51 4.09
CA GLU IA 70 29.76 -74.63 3.47
C GLU IA 70 28.33 -74.25 3.11
N GLY IA 71 27.65 -73.50 4.00
CA GLY IA 71 26.31 -73.04 3.69
C GLY IA 71 26.29 -72.16 2.44
N LEU IA 72 27.22 -71.21 2.36
CA LEU IA 72 27.28 -70.31 1.21
C LEU IA 72 27.68 -71.06 -0.06
N VAL IA 73 28.60 -72.02 0.06
CA VAL IA 73 29.01 -72.83 -1.09
C VAL IA 73 27.84 -73.67 -1.59
N ASP IA 74 27.11 -74.30 -0.67
CA ASP IA 74 25.92 -75.05 -1.05
C ASP IA 74 24.90 -74.16 -1.75
N TYR IA 75 24.76 -72.92 -1.27
CA TYR IA 75 23.83 -71.98 -1.90
C TYR IA 75 24.24 -71.68 -3.34
N MET IA 76 25.53 -71.53 -3.60
CA MET IA 76 25.99 -71.22 -4.96
C MET IA 76 25.89 -72.42 -5.89
N LYS IA 77 25.65 -73.61 -5.35
CA LYS IA 77 25.39 -74.81 -6.14
C LYS IA 77 23.91 -75.06 -6.32
N ASN IA 78 23.12 -74.76 -5.30
CA ASN IA 78 21.70 -75.11 -5.28
C ASN IA 78 20.95 -74.11 -4.41
N PRO IA 79 20.71 -72.91 -4.92
CA PRO IA 79 20.09 -71.86 -4.10
C PRO IA 79 18.64 -72.17 -3.81
N THR IA 80 18.18 -71.69 -2.65
CA THR IA 80 16.83 -71.90 -2.18
C THR IA 80 16.23 -70.58 -1.73
N THR IA 81 14.91 -70.60 -1.53
CA THR IA 81 14.26 -69.49 -0.85
C THR IA 81 14.77 -69.41 0.59
N TYR IA 82 14.47 -68.28 1.24
CA TYR IA 82 14.99 -68.02 2.57
C TYR IA 82 14.58 -69.08 3.59
N ASP IA 83 13.40 -69.67 3.40
CA ASP IA 83 12.92 -70.73 4.27
C ASP IA 83 13.32 -72.11 3.79
N GLY IA 84 14.15 -72.19 2.75
CA GLY IA 84 14.56 -73.47 2.21
C GLY IA 84 13.50 -74.26 1.51
N GLU IA 85 12.28 -73.74 1.37
CA GLU IA 85 11.18 -74.52 0.82
C GLU IA 85 11.31 -74.75 -0.68
N GLN IA 86 11.90 -73.81 -1.41
CA GLN IA 86 11.88 -73.88 -2.87
C GLN IA 86 13.28 -73.70 -3.43
N GLU IA 87 13.62 -74.51 -4.42
CA GLU IA 87 14.88 -74.40 -5.14
C GLU IA 87 14.72 -73.38 -6.27
N ILE IA 88 15.62 -72.39 -6.32
CA ILE IA 88 15.42 -71.25 -7.20
C ILE IA 88 16.53 -71.12 -8.25
N ALA IA 89 17.21 -72.23 -8.59
CA ALA IA 89 18.31 -72.17 -9.54
C ALA IA 89 17.86 -71.63 -10.90
N GLU IA 90 16.59 -71.81 -11.25
CA GLU IA 90 16.08 -71.36 -12.55
C GLU IA 90 16.10 -69.84 -12.68
N VAL IA 91 16.17 -69.10 -11.57
CA VAL IA 91 16.20 -67.64 -11.60
C VAL IA 91 17.35 -67.06 -10.78
N HIS IA 92 18.20 -67.90 -10.17
CA HIS IA 92 19.34 -67.40 -9.42
C HIS IA 92 20.57 -68.12 -9.94
N PRO IA 93 21.66 -67.40 -10.21
CA PRO IA 93 22.87 -68.05 -10.74
C PRO IA 93 23.41 -69.09 -9.77
N SER IA 94 23.83 -70.22 -10.33
CA SER IA 94 24.34 -71.33 -9.53
C SER IA 94 25.03 -72.30 -10.47
N LEU IA 95 25.85 -73.19 -9.89
CA LEU IA 95 26.45 -74.26 -10.69
C LEU IA 95 25.38 -75.13 -11.32
N ARG IA 96 24.27 -75.35 -10.61
CA ARG IA 96 23.18 -76.14 -11.15
C ARG IA 96 22.54 -75.47 -12.37
N SER IA 97 22.56 -74.14 -12.45
CA SER IA 97 21.98 -73.42 -13.58
C SER IA 97 23.03 -72.69 -14.42
N ALA IA 98 24.26 -73.20 -14.47
CA ALA IA 98 25.32 -72.54 -15.24
C ALA IA 98 25.09 -72.56 -16.75
N ASP IA 99 24.21 -73.42 -17.25
CA ASP IA 99 23.86 -73.38 -18.66
C ASP IA 99 23.12 -72.08 -19.00
N ILE IA 100 22.31 -71.56 -18.08
CA ILE IA 100 21.58 -70.32 -18.32
C ILE IA 100 22.19 -69.13 -17.60
N PHE IA 101 23.12 -69.34 -16.66
CA PHE IA 101 23.89 -68.27 -16.02
C PHE IA 101 25.35 -68.53 -16.35
N PRO IA 102 25.81 -68.15 -17.55
CA PRO IA 102 27.11 -68.65 -18.04
C PRO IA 102 28.30 -68.20 -17.22
N LYS IA 103 28.21 -67.11 -16.47
CA LYS IA 103 29.35 -66.71 -15.64
C LYS IA 103 29.65 -67.73 -14.54
N MET IA 104 28.73 -68.66 -14.25
CA MET IA 104 29.01 -69.72 -13.29
C MET IA 104 29.74 -70.92 -13.90
N ARG IA 105 29.88 -70.98 -15.22
CA ARG IA 105 30.38 -72.19 -15.88
C ARG IA 105 31.80 -72.57 -15.47
N ASN IA 106 32.63 -71.60 -15.09
CA ASN IA 106 34.04 -71.89 -14.84
C ASN IA 106 34.43 -71.74 -13.38
N LEU IA 107 33.48 -71.83 -12.46
CA LEU IA 107 33.77 -71.70 -11.04
C LEU IA 107 34.15 -73.06 -10.45
N THR IA 108 35.32 -73.12 -9.83
CA THR IA 108 35.77 -74.31 -9.12
C THR IA 108 35.33 -74.23 -7.66
N GLU IA 109 35.44 -75.37 -6.97
CA GLU IA 109 35.18 -75.41 -5.53
C GLU IA 109 35.96 -74.33 -4.80
N LYS IA 110 37.23 -74.15 -5.17
CA LYS IA 110 38.03 -73.10 -4.54
C LYS IA 110 37.45 -71.72 -4.79
N ASP IA 111 36.95 -71.48 -6.01
CA ASP IA 111 36.36 -70.18 -6.32
C ASP IA 111 35.12 -69.92 -5.47
N LEU IA 112 34.25 -70.93 -5.36
CA LEU IA 112 33.06 -70.78 -4.52
C LEU IA 112 33.44 -70.51 -3.07
N VAL IA 113 34.48 -71.20 -2.58
CA VAL IA 113 34.95 -70.95 -1.21
C VAL IA 113 35.46 -69.52 -1.08
N ALA IA 114 36.20 -69.04 -2.08
CA ALA IA 114 36.71 -67.68 -2.04
C ALA IA 114 35.58 -66.66 -2.04
N ILE IA 115 34.57 -66.86 -2.90
CA ILE IA 115 33.42 -65.96 -2.89
C ILE IA 115 32.74 -65.97 -1.53
N ALA IA 116 32.56 -67.17 -0.94
CA ALA IA 116 31.92 -67.27 0.37
C ALA IA 116 32.71 -66.51 1.43
N GLY IA 117 34.04 -66.66 1.41
CA GLY IA 117 34.86 -65.98 2.40
C GLY IA 117 34.77 -64.47 2.29
N HIS IA 118 34.65 -63.95 1.06
CA HIS IA 118 34.43 -62.52 0.86
C HIS IA 118 33.11 -62.07 1.51
N ILE IA 119 32.03 -62.82 1.25
CA ILE IA 119 30.74 -62.46 1.81
C ILE IA 119 30.80 -62.44 3.34
N LEU IA 120 31.59 -63.33 3.93
CA LEU IA 120 31.64 -63.38 5.39
C LEU IA 120 32.62 -62.36 5.97
N VAL IA 121 33.69 -62.04 5.24
CA VAL IA 121 34.71 -61.14 5.78
C VAL IA 121 34.27 -59.69 5.68
N GLU IA 122 33.61 -59.32 4.57
CA GLU IA 122 33.31 -57.92 4.30
C GLU IA 122 32.55 -57.22 5.44
N PRO IA 123 31.48 -57.80 6.02
CA PRO IA 123 30.87 -57.15 7.20
C PRO IA 123 31.82 -57.03 8.39
N LYS IA 124 32.82 -57.91 8.52
CA LYS IA 124 33.78 -57.72 9.61
C LYS IA 124 34.60 -56.44 9.39
N ILE IA 125 34.74 -56.03 8.14
CA ILE IA 125 35.46 -54.80 7.82
C ILE IA 125 34.50 -53.62 7.86
N LEU IA 126 33.42 -53.71 7.08
CA LEU IA 126 32.55 -52.57 6.81
C LEU IA 126 31.43 -52.41 7.83
N GLY IA 127 31.18 -53.43 8.66
CA GLY IA 127 30.09 -53.32 9.64
C GLY IA 127 28.75 -53.14 8.97
N ASP IA 128 27.91 -52.29 9.58
CA ASP IA 128 26.56 -52.07 9.10
C ASP IA 128 26.51 -51.51 7.69
N LYS IA 129 27.61 -50.96 7.18
CA LYS IA 129 27.61 -50.49 5.80
CA LYS IA 129 27.63 -50.49 5.81
C LYS IA 129 27.35 -51.62 4.82
N TRP IA 130 27.84 -52.82 5.12
CA TRP IA 130 27.58 -54.00 4.31
C TRP IA 130 26.11 -54.40 4.47
N GLY IA 131 25.38 -54.43 3.36
CA GLY IA 131 23.95 -54.67 3.37
C GLY IA 131 23.10 -53.50 3.83
N GLY IA 132 23.71 -52.34 4.06
CA GLY IA 132 22.96 -51.19 4.56
C GLY IA 132 22.32 -50.32 3.48
N GLY IA 133 22.85 -50.40 2.26
CA GLY IA 133 22.36 -49.57 1.17
C GLY IA 133 22.80 -48.11 1.28
N LYS IA 134 22.13 -47.26 0.49
CA LYS IA 134 22.59 -45.89 0.29
C LYS IA 134 22.58 -45.07 1.58
N VAL IA 135 21.76 -45.43 2.58
CA VAL IA 135 21.81 -44.73 3.87
C VAL IA 135 23.24 -44.72 4.41
N TYR IA 136 24.00 -45.77 4.15
CA TYR IA 136 25.34 -45.95 4.70
C TYR IA 136 26.45 -45.60 3.71
N TYR IA 137 26.13 -45.08 2.53
CA TYR IA 137 27.20 -44.75 1.56
C TYR IA 137 28.15 -43.69 2.07
N GLU JA 1 54.58 -59.34 -20.38
CA GLU JA 1 53.58 -58.67 -19.55
C GLU JA 1 53.50 -57.17 -19.88
N VAL JA 2 53.51 -56.34 -18.84
CA VAL JA 2 53.56 -54.90 -19.05
C VAL JA 2 54.89 -54.50 -19.70
N ILE JA 3 55.94 -55.30 -19.49
CA ILE JA 3 57.23 -55.03 -20.13
C ILE JA 3 57.11 -55.18 -21.64
N ALA JA 4 56.39 -56.20 -22.10
CA ALA JA 4 56.23 -56.42 -23.54
C ALA JA 4 55.41 -55.31 -24.17
N GLN JA 5 54.28 -54.94 -23.54
CA GLN JA 5 53.42 -53.90 -24.10
C GLN JA 5 54.16 -52.56 -24.19
N LEU JA 6 54.95 -52.23 -23.18
CA LEU JA 6 55.66 -50.95 -23.18
C LEU JA 6 56.74 -50.91 -24.25
N THR JA 7 57.39 -52.04 -24.52
CA THR JA 7 58.42 -52.09 -25.57
C THR JA 7 57.82 -51.91 -26.95
N MET JA 8 56.66 -52.52 -27.20
CA MET JA 8 55.98 -52.34 -28.48
C MET JA 8 55.61 -50.87 -28.68
N ILE JA 9 54.97 -50.26 -27.66
CA ILE JA 9 54.56 -48.87 -27.77
C ILE JA 9 55.75 -47.94 -27.98
N ALA JA 10 56.91 -48.31 -27.42
CA ALA JA 10 58.12 -47.51 -27.65
C ALA JA 10 58.62 -47.63 -29.08
N MET JA 11 58.60 -48.84 -29.64
CA MET JA 11 59.09 -49.02 -31.01
C MET JA 11 58.13 -48.42 -32.02
N ILE JA 12 56.83 -48.71 -31.87
CA ILE JA 12 55.82 -48.11 -32.72
C ILE JA 12 55.84 -46.59 -32.57
N GLY JA 13 55.94 -46.11 -31.33
CA GLY JA 13 55.87 -44.67 -31.11
C GLY JA 13 57.07 -43.93 -31.64
N ILE JA 14 58.26 -44.54 -31.53
CA ILE JA 14 59.46 -43.90 -32.02
C ILE JA 14 59.53 -43.89 -33.55
N ALA JA 15 58.81 -44.80 -34.22
CA ALA JA 15 58.87 -44.92 -35.67
C ALA JA 15 58.52 -43.61 -36.37
N GLY JA 16 57.50 -42.90 -35.88
CA GLY JA 16 57.03 -41.68 -36.49
C GLY JA 16 58.07 -40.58 -36.50
N PRO JA 17 58.51 -40.15 -35.32
CA PRO JA 17 59.60 -39.17 -35.27
C PRO JA 17 60.87 -39.64 -35.94
N MET JA 18 61.08 -40.95 -36.05
CA MET JA 18 62.27 -41.46 -36.71
C MET JA 18 62.26 -41.17 -38.21
N ILE JA 19 61.08 -41.27 -38.84
CA ILE JA 19 60.97 -40.91 -40.27
C ILE JA 19 61.30 -39.44 -40.47
N ILE JA 20 60.75 -38.56 -39.63
CA ILE JA 20 61.02 -37.13 -39.77
C ILE JA 20 62.51 -36.85 -39.62
N PHE JA 21 63.13 -37.42 -38.59
CA PHE JA 21 64.56 -37.17 -38.34
C PHE JA 21 65.41 -37.68 -39.49
N LEU JA 22 65.11 -38.88 -39.99
CA LEU JA 22 65.88 -39.41 -41.11
C LEU JA 22 65.80 -38.51 -42.34
N LEU JA 23 64.61 -37.97 -42.61
CA LEU JA 23 64.48 -37.09 -43.77
C LEU JA 23 65.17 -35.75 -43.55
N ALA JA 24 65.07 -35.20 -42.33
CA ALA JA 24 65.75 -33.93 -42.03
C ALA JA 24 67.27 -34.08 -42.19
N VAL JA 25 67.82 -35.22 -41.81
CA VAL JA 25 69.26 -35.42 -41.94
C VAL JA 25 69.63 -35.56 -43.42
N ARG JA 26 68.88 -36.35 -44.17
CA ARG JA 26 69.10 -36.52 -45.60
C ARG JA 26 68.61 -35.33 -46.43
N ARG JA 27 68.24 -34.23 -45.78
CA ARG JA 27 67.71 -33.05 -46.47
C ARG JA 27 66.60 -33.44 -47.45
N GLY JA 28 65.72 -34.32 -47.01
CA GLY JA 28 64.71 -34.87 -47.89
C GLY JA 28 63.52 -33.95 -48.08
N ASN JA 29 62.56 -34.46 -48.85
CA ASN JA 29 61.43 -33.66 -49.31
C ASN JA 29 60.34 -33.58 -48.23
N LEU JA 30 60.73 -33.02 -47.08
CA LEU JA 30 59.76 -32.75 -46.02
C LEU JA 30 58.80 -31.64 -46.43
N THR KA 1 55.48 -11.51 34.02
CA THR KA 1 54.80 -12.74 33.67
C THR KA 1 54.60 -12.86 32.15
N ILE KA 2 55.38 -13.73 31.51
CA ILE KA 2 55.35 -13.91 30.06
C ILE KA 2 54.70 -15.26 29.76
N THR KA 3 53.52 -15.23 29.14
CA THR KA 3 52.81 -16.45 28.82
C THR KA 3 53.44 -17.12 27.60
N PRO KA 4 53.15 -18.40 27.36
CA PRO KA 4 53.66 -19.06 26.15
C PRO KA 4 53.23 -18.36 24.86
N SER KA 5 52.00 -17.83 24.81
CA SER KA 5 51.56 -17.19 23.57
C SER KA 5 52.19 -15.82 23.37
N LEU KA 6 52.54 -15.13 24.46
CA LEU KA 6 53.29 -13.89 24.30
C LEU KA 6 54.68 -14.17 23.76
N LYS KA 7 55.32 -15.24 24.25
CA LYS KA 7 56.59 -15.67 23.69
C LYS KA 7 56.46 -15.99 22.21
N GLY KA 8 55.41 -16.73 21.84
CA GLY KA 8 55.17 -16.99 20.43
C GLY KA 8 54.94 -15.73 19.62
N PHE KA 9 54.22 -14.76 20.19
CA PHE KA 9 54.02 -13.48 19.53
C PHE KA 9 55.36 -12.81 19.21
N PHE KA 10 56.27 -12.79 20.18
CA PHE KA 10 57.57 -12.19 19.94
C PHE KA 10 58.34 -12.96 18.87
N ILE KA 11 58.20 -14.29 18.86
CA ILE KA 11 58.83 -15.09 17.83
C ILE KA 11 58.29 -14.73 16.46
N GLY KA 12 56.98 -14.52 16.37
CA GLY KA 12 56.41 -14.05 15.12
C GLY KA 12 56.94 -12.68 14.73
N LEU KA 13 56.96 -11.76 15.69
CA LEU KA 13 57.41 -10.40 15.41
C LEU KA 13 58.86 -10.40 14.91
N LEU KA 14 59.76 -10.97 15.71
CA LEU KA 14 61.16 -11.03 15.30
CA LEU KA 14 61.16 -11.02 15.29
C LEU KA 14 61.31 -11.76 13.96
N SER KA 15 60.50 -12.80 13.74
CA SER KA 15 60.59 -13.56 12.49
C SER KA 15 60.20 -12.68 11.30
N GLY KA 16 59.08 -11.98 11.40
CA GLY KA 16 58.69 -11.08 10.32
C GLY KA 16 59.69 -9.96 10.12
N ALA KA 17 60.19 -9.39 11.22
CA ALA KA 17 61.18 -8.32 11.11
C ALA KA 17 62.42 -8.82 10.37
N VAL KA 18 62.82 -10.06 10.61
CA VAL KA 18 64.03 -10.58 9.97
C VAL KA 18 63.79 -10.77 8.47
N VAL KA 19 62.67 -11.40 8.11
CA VAL KA 19 62.36 -11.59 6.70
C VAL KA 19 62.33 -10.26 5.96
N LEU KA 20 61.69 -9.24 6.54
CA LEU KA 20 61.64 -7.93 5.90
C LEU KA 20 63.01 -7.27 5.87
N GLY KA 21 63.76 -7.33 6.98
CA GLY KA 21 65.07 -6.70 7.02
C GLY KA 21 66.01 -7.28 5.98
N LEU KA 22 66.07 -8.61 5.88
CA LEU KA 22 66.91 -9.23 4.87
C LEU KA 22 66.44 -8.85 3.46
N THR KA 23 65.13 -8.84 3.24
CA THR KA 23 64.62 -8.51 1.90
C THR KA 23 65.11 -7.13 1.47
N PHE KA 24 64.90 -6.12 2.31
CA PHE KA 24 65.30 -4.77 1.92
C PHE KA 24 66.82 -4.61 1.89
N ALA KA 25 67.54 -5.28 2.81
CA ALA KA 25 68.99 -5.17 2.79
C ALA KA 25 69.56 -5.77 1.51
N VAL KA 26 69.07 -6.95 1.11
CA VAL KA 26 69.53 -7.57 -0.13
C VAL KA 26 69.13 -6.72 -1.33
N LEU KA 27 67.88 -6.24 -1.35
CA LEU KA 27 67.45 -5.42 -2.48
C LEU KA 27 68.28 -4.15 -2.60
N ILE KA 28 68.54 -3.47 -1.47
CA ILE KA 28 69.34 -2.26 -1.52
C ILE KA 28 70.76 -2.57 -2.01
N ALA KA 29 71.34 -3.67 -1.53
CA ALA KA 29 72.70 -4.01 -1.95
C ALA KA 29 72.75 -4.28 -3.45
N ILE KA 30 71.78 -5.05 -3.96
CA ILE KA 30 71.72 -5.30 -5.40
C ILE KA 30 71.57 -4.00 -6.17
N SER KA 31 70.68 -3.11 -5.70
CA SER KA 31 70.45 -1.85 -6.40
C SER KA 31 71.68 -0.95 -6.39
N GLN KA 32 72.48 -1.02 -5.33
CA GLN KA 32 73.70 -0.23 -5.28
C GLN KA 32 74.74 -0.78 -6.24
N ILE KA 33 74.79 -2.10 -6.40
CA ILE KA 33 75.73 -2.73 -7.32
C ILE KA 33 75.33 -2.43 -8.75
N ASP KA 34 74.07 -2.74 -9.09
CA ASP KA 34 73.60 -2.66 -10.46
C ASP KA 34 72.96 -1.31 -10.72
N LYS KA 35 73.80 -0.27 -10.71
CA LYS KA 35 73.32 1.09 -10.97
C LYS KA 35 73.19 1.33 -12.46
N FME LA 1 55.93 -77.13 -36.91
CN FME LA 1 55.88 -77.99 -35.89
O1 FME LA 1 56.45 -77.72 -34.84
CA FME LA 1 54.74 -76.43 -37.38
CB FME LA 1 53.58 -77.40 -37.57
CG FME LA 1 52.84 -77.13 -38.88
SD FME LA 1 53.88 -77.39 -40.28
CE FME LA 1 52.93 -78.01 -41.64
C FME LA 1 54.34 -75.33 -36.43
O FME LA 1 54.42 -74.15 -36.80
N THR LA 2 53.89 -75.68 -35.22
CA THR LA 2 53.47 -74.69 -34.23
C THR LA 2 54.56 -73.65 -33.99
N ILE LA 3 55.81 -74.10 -33.94
CA ILE LA 3 56.93 -73.17 -33.83
C ILE LA 3 57.21 -72.50 -35.16
N LEU LA 4 57.09 -73.25 -36.26
CA LEU LA 4 57.35 -72.72 -37.59
C LEU LA 4 56.39 -71.59 -37.95
N PHE LA 5 55.11 -71.75 -37.63
CA PHE LA 5 54.13 -70.70 -37.87
C PHE LA 5 54.55 -69.43 -37.16
N GLN LA 6 54.94 -69.55 -35.89
CA GLN LA 6 55.38 -68.39 -35.11
C GLN LA 6 56.52 -67.64 -35.79
N LEU LA 7 57.36 -68.34 -36.56
CA LEU LA 7 58.46 -67.68 -37.26
C LEU LA 7 57.98 -66.86 -38.45
N ALA LA 8 57.10 -67.43 -39.28
CA ALA LA 8 56.66 -66.73 -40.49
C ALA LA 8 55.84 -65.48 -40.14
N LEU LA 9 55.04 -65.56 -39.08
CA LEU LA 9 54.28 -64.38 -38.64
C LEU LA 9 55.20 -63.28 -38.12
N ALA LA 10 56.23 -63.66 -37.36
CA ALA LA 10 57.22 -62.69 -36.90
C ALA LA 10 57.97 -62.07 -38.06
N ALA LA 11 58.23 -62.85 -39.11
CA ALA LA 11 58.86 -62.29 -40.30
C ALA LA 11 58.00 -61.19 -40.90
N LEU LA 12 56.71 -61.46 -41.07
CA LEU LA 12 55.79 -60.45 -41.59
C LEU LA 12 55.77 -59.21 -40.68
N VAL LA 13 55.78 -59.41 -39.36
CA VAL LA 13 55.78 -58.29 -38.45
C VAL LA 13 57.05 -57.44 -38.61
N ILE LA 14 58.20 -58.11 -38.75
CA ILE LA 14 59.46 -57.40 -38.93
C ILE LA 14 59.46 -56.65 -40.25
N LEU LA 15 59.15 -57.36 -41.35
CA LEU LA 15 59.13 -56.72 -42.66
C LEU LA 15 58.17 -55.54 -42.66
N SER LA 16 57.01 -55.68 -42.00
CA SER LA 16 56.06 -54.59 -41.91
C SER LA 16 56.70 -53.36 -41.27
N PHE LA 17 57.39 -53.55 -40.14
CA PHE LA 17 58.01 -52.43 -39.46
C PHE LA 17 59.08 -51.78 -40.32
N VAL LA 18 59.82 -52.58 -41.09
CA VAL LA 18 60.82 -52.05 -42.00
C VAL LA 18 60.14 -51.24 -43.11
N MET LA 19 59.05 -51.78 -43.65
CA MET LA 19 58.33 -51.06 -44.71
C MET LA 19 57.70 -49.79 -44.20
N VAL LA 20 57.19 -49.81 -42.96
CA VAL LA 20 56.50 -48.64 -42.42
C VAL LA 20 57.45 -47.45 -42.36
N ILE LA 21 58.70 -47.69 -42.00
CA ILE LA 21 59.67 -46.61 -41.98
C ILE LA 21 60.32 -46.40 -43.34
N GLY LA 22 60.63 -47.48 -44.04
CA GLY LA 22 61.47 -47.37 -45.23
C GLY LA 22 60.75 -46.74 -46.42
N VAL LA 23 59.47 -47.04 -46.57
CA VAL LA 23 58.71 -46.59 -47.74
C VAL LA 23 58.53 -45.07 -47.74
N PRO LA 24 58.09 -44.42 -46.67
CA PRO LA 24 58.03 -42.94 -46.71
C PRO LA 24 59.39 -42.29 -46.91
N VAL LA 25 60.45 -42.83 -46.32
CA VAL LA 25 61.77 -42.22 -46.48
C VAL LA 25 62.22 -42.32 -47.93
N ALA LA 26 62.12 -43.52 -48.52
CA ALA LA 26 62.52 -43.69 -49.92
C ALA LA 26 61.71 -42.76 -50.82
N TYR LA 27 60.39 -42.71 -50.63
CA TYR LA 27 59.57 -41.86 -51.48
C TYR LA 27 59.99 -40.40 -51.39
N ALA LA 28 60.54 -39.98 -50.26
CA ALA LA 28 60.89 -38.57 -50.05
C ALA LA 28 62.40 -38.33 -50.10
N SER LA 29 63.20 -39.34 -50.44
CA SER LA 29 64.65 -39.17 -50.42
C SER LA 29 65.18 -38.75 -51.78
N PRO LA 30 66.12 -37.80 -51.78
CA PRO LA 30 66.68 -37.32 -53.04
C PRO LA 30 67.46 -38.38 -53.82
N GLN LA 31 68.47 -38.99 -53.22
CA GLN LA 31 69.34 -39.88 -53.96
C GLN LA 31 68.89 -41.34 -53.82
N ASP LA 32 69.57 -42.22 -54.56
CA ASP LA 32 69.36 -43.67 -54.51
C ASP LA 32 67.92 -44.08 -54.78
N TRP LA 33 67.17 -43.27 -55.52
CA TRP LA 33 65.76 -43.61 -55.76
C TRP LA 33 65.62 -44.86 -56.62
N ASP LA 34 66.49 -45.04 -57.60
CA ASP LA 34 66.40 -46.21 -58.47
C ASP LA 34 66.59 -47.50 -57.68
N ARG LA 35 67.56 -47.51 -56.75
CA ARG LA 35 67.67 -48.62 -55.83
C ARG LA 35 66.47 -48.67 -54.88
N SER LA 36 65.97 -47.50 -54.48
CA SER LA 36 64.81 -47.46 -53.58
C SER LA 36 63.60 -48.11 -54.21
N LYS LA 37 63.28 -47.73 -55.46
CA LYS LA 37 62.09 -48.24 -56.12
C LYS LA 37 62.12 -49.77 -56.25
N GLN LA 38 63.29 -50.33 -56.54
CA GLN LA 38 63.38 -51.79 -56.64
C GLN LA 38 63.22 -52.46 -55.28
N LEU LA 39 63.82 -51.88 -54.23
CA LEU LA 39 63.65 -52.45 -52.90
C LEU LA 39 62.20 -52.40 -52.45
N ILE LA 40 61.51 -51.28 -52.69
CA ILE LA 40 60.10 -51.19 -52.35
C ILE LA 40 59.29 -52.22 -53.12
N PHE LA 41 59.64 -52.45 -54.39
CA PHE LA 41 59.02 -53.51 -55.17
C PHE LA 41 59.22 -54.86 -54.49
N LEU LA 42 60.46 -55.18 -54.15
CA LEU LA 42 60.76 -56.47 -53.52
C LEU LA 42 60.11 -56.55 -52.14
N GLY LA 43 60.24 -55.49 -51.34
CA GLY LA 43 59.56 -55.47 -50.05
C GLY LA 43 58.09 -55.75 -50.17
N SER LA 44 57.42 -55.08 -51.12
CA SER LA 44 55.98 -55.24 -51.29
C SER LA 44 55.62 -56.68 -51.64
N GLY LA 45 56.30 -57.23 -52.66
CA GLY LA 45 56.00 -58.60 -53.05
C GLY LA 45 56.25 -59.59 -51.93
N LEU LA 46 57.34 -59.42 -51.18
CA LEU LA 46 57.61 -60.31 -50.06
C LEU LA 46 56.54 -60.18 -48.98
N TRP LA 47 56.06 -58.96 -48.75
CA TRP LA 47 54.99 -58.76 -47.77
C TRP LA 47 53.74 -59.54 -48.16
N ILE LA 48 53.31 -59.40 -49.42
CA ILE LA 48 52.14 -60.12 -49.89
C ILE LA 48 52.33 -61.63 -49.74
N ALA LA 49 53.52 -62.14 -50.08
CA ALA LA 49 53.77 -63.56 -49.95
C ALA LA 49 53.63 -64.03 -48.50
N LEU LA 50 54.11 -63.23 -47.55
CA LEU LA 50 54.08 -63.64 -46.15
C LEU LA 50 52.65 -63.65 -45.60
N VAL LA 51 51.81 -62.70 -46.01
CA VAL LA 51 50.41 -62.73 -45.60
C VAL LA 51 49.75 -64.01 -46.10
N LEU LA 52 50.04 -64.39 -47.35
CA LEU LA 52 49.51 -65.63 -47.89
C LEU LA 52 50.07 -66.84 -47.15
N VAL LA 53 51.35 -66.79 -46.78
CA VAL LA 53 51.95 -67.89 -46.02
C VAL LA 53 51.30 -68.02 -44.65
N VAL LA 54 51.22 -66.90 -43.91
CA VAL LA 54 50.61 -66.94 -42.59
C VAL LA 54 49.15 -67.36 -42.69
N GLY LA 55 48.45 -66.89 -43.74
CA GLY LA 55 47.05 -67.25 -43.90
C GLY LA 55 46.85 -68.74 -44.10
N VAL LA 56 47.71 -69.37 -44.90
CA VAL LA 56 47.59 -70.81 -45.12
C VAL LA 56 48.01 -71.56 -43.86
N LEU LA 57 49.19 -71.23 -43.31
CA LEU LA 57 49.70 -71.94 -42.14
C LEU LA 57 48.77 -71.83 -40.95
N ASN LA 58 47.95 -70.77 -40.89
CA ASN LA 58 46.99 -70.60 -39.82
C ASN LA 58 46.18 -71.88 -39.58
N PHE LA 59 45.80 -72.56 -40.65
CA PHE LA 59 44.91 -73.69 -40.54
C PHE LA 59 45.62 -74.98 -40.15
N PHE LA 60 46.89 -74.89 -39.71
CA PHE LA 60 47.59 -76.03 -39.12
C PHE LA 60 47.99 -75.77 -37.66
N VAL LA 61 47.57 -74.65 -37.08
CA VAL LA 61 47.90 -74.36 -35.69
C VAL LA 61 46.71 -73.77 -34.93
O1 OEX MA . -24.63 25.49 25.99
CA1 OEX MA . -22.39 26.37 25.55
MN1 OEX MA . -24.88 23.89 25.18
O2 OEX MA . -22.32 24.99 27.61
MN2 OEX MA . -24.26 24.76 27.84
O3 OEX MA . -24.21 23.11 26.69
MN3 OEX MA . -22.13 23.17 26.81
O4 OEX MA . -20.15 23.48 26.91
MN4 OEX MA . -19.90 23.55 24.87
O5 OEX MA . -22.34 24.06 24.68
FE FE2 NA . -8.06 45.51 -10.07
CL CL OA . -21.32 18.22 21.04
CL CL PA . -26.35 21.42 34.10
MG CLA QA . -22.13 30.55 8.70
CHA CLA QA . -19.50 32.06 10.42
CHB CLA QA . -20.85 32.05 5.85
CHC CLA QA . -23.95 28.31 6.84
CHD CLA QA . -23.02 28.70 11.69
NA CLA QA . -20.40 31.82 8.18
C1A CLA QA . -19.58 32.39 8.97
C2A CLA QA . -18.61 33.33 8.34
C3A CLA QA . -19.12 33.39 6.93
C4A CLA QA . -20.20 32.34 6.98
CMA CLA QA . -19.89 34.69 6.86
CAA CLA QA . -17.36 32.44 8.22
CBA CLA QA . -16.21 33.04 7.41
CGA CLA QA . -15.44 33.90 8.38
O1A CLA QA . -15.57 33.78 9.59
O2A CLA QA . -14.54 34.91 7.91
NB CLA QA . -22.36 30.23 6.66
C1B CLA QA . -21.89 31.00 5.67
C2B CLA QA . -22.38 30.58 4.32
C3B CLA QA . -23.28 29.45 4.63
C4B CLA QA . -23.18 29.34 6.11
CMB CLA QA . -22.04 31.22 3.00
CAB CLA QA . -24.14 28.59 3.78
CBB CLA QA . -24.04 28.58 2.47
NC CLA QA . -23.24 28.79 9.18
C1C CLA QA . -23.95 28.08 8.28
C2C CLA QA . -24.78 26.99 8.88
C3C CLA QA . -24.49 27.11 10.34
C4C CLA QA . -23.54 28.25 10.38
CMC CLA QA . -25.69 26.00 8.20
CAC CLA QA . -25.03 26.29 11.50
CBC CLA QA . -24.49 24.87 11.37
ND CLA QA . -21.50 30.35 10.53
C1D CLA QA . -21.90 29.64 11.72
C2D CLA QA . -21.11 29.95 12.94
C3D CLA QA . -20.12 30.92 12.38
C4D CLA QA . -20.42 31.08 11.03
CMD CLA QA . -21.16 29.49 14.37
CAD CLA QA . -18.96 31.80 12.70
OBD CLA QA . -18.38 31.92 13.85
CBD CLA QA . -18.54 32.50 11.46
CGD CLA QA . -18.48 33.96 11.73
O1D CLA QA . -19.38 34.72 11.46
O2D CLA QA . -17.30 34.46 12.38
CED CLA QA . -17.26 35.83 12.77
C1 CLA QA . -13.76 35.60 8.89
C2 CLA QA . -12.29 35.26 8.74
C3 CLA QA . -11.67 34.47 9.63
C4 CLA QA . -12.43 33.88 10.79
C5 CLA QA . -10.20 34.14 9.46
C6 CLA QA . -9.27 34.75 10.51
C7 CLA QA . -7.82 34.53 10.05
C8 CLA QA . -6.77 34.93 11.09
C9 CLA QA . -6.85 36.43 11.37
C10 CLA QA . -5.39 34.54 10.55
C11 CLA QA . -5.22 33.02 10.51
C12 CLA QA . -3.89 32.61 9.87
C13 CLA QA . -3.72 31.09 9.69
C14 CLA QA . -3.69 30.32 11.00
C15 CLA QA . -2.45 30.79 8.92
C16 CLA QA . -2.60 31.15 7.45
C17 CLA QA . -1.71 30.29 6.54
C18 CLA QA . -0.23 30.58 6.71
C19 CLA QA . 0.06 32.08 6.75
C20 CLA QA . 0.55 29.94 5.57
MG CLA RA . -12.34 27.36 8.98
CHA CLA RA . -12.54 25.39 6.18
CHB CLA RA . -8.93 27.55 8.43
CHC CLA RA . -12.21 30.00 11.18
CHD CLA RA . -15.96 27.56 9.11
NA CLA RA . -10.92 26.62 7.50
C1A CLA RA . -11.15 25.84 6.53
C2A CLA RA . -9.96 25.41 5.74
C3A CLA RA . -8.83 26.00 6.55
C4A CLA RA . -9.61 26.77 7.57
CMA CLA RA . -8.26 24.78 7.29
CAA CLA RA . -9.98 26.26 4.43
CBA CLA RA . -10.15 27.77 4.67
CGA CLA RA . -9.96 28.75 3.51
O1A CLA RA . -9.58 28.40 2.41
O2A CLA RA . -10.24 30.17 3.69
NB CLA RA . -10.79 28.61 9.67
C1B CLA RA . -9.48 28.44 9.48
C2B CLA RA . -8.62 29.31 10.33
C3B CLA RA . -9.63 30.05 11.14
C4B CLA RA . -10.93 29.52 10.63
CMB CLA RA . -7.12 29.39 10.34
CAB CLA RA . -9.53 31.05 12.24
CBB CLA RA . -8.44 31.78 12.44
NC CLA RA . -13.82 28.60 9.92
C1C CLA RA . -13.54 29.53 10.84
C2C CLA RA . -14.73 30.07 11.55
C3C CLA RA . -15.83 29.33 10.92
C4C CLA RA . -15.14 28.46 9.95
CMC CLA RA . -14.79 31.12 12.64
CAC CLA RA . -17.29 29.35 11.22
CBC CLA RA . -17.25 28.80 12.64
ND CLA RA . -13.86 26.78 7.97
C1D CLA RA . -15.29 26.74 8.11
C2D CLA RA . -16.04 25.82 7.22
C3D CLA RA . -14.89 25.27 6.46
C4D CLA RA . -13.72 25.88 6.92
CMD CLA RA . -17.49 25.47 7.06
CAD CLA RA . -14.48 24.34 5.37
OBD CLA RA . -15.29 23.59 4.70
CBD CLA RA . -13.00 24.39 5.20
CGD CLA RA . -12.44 23.04 5.53
O1D CLA RA . -12.80 22.45 6.52
O2D CLA RA . -11.47 22.43 4.65
CED CLA RA . -10.70 21.29 5.07
C1 CLA RA . -9.80 31.18 2.77
C2 CLA RA . -8.40 31.57 3.17
C3 CLA RA . -7.33 31.32 2.39
C4 CLA RA . -7.46 30.61 1.08
C5 CLA RA . -5.95 31.72 2.89
C6 CLA RA . -5.16 30.51 3.38
C7 CLA RA . -5.77 29.88 4.64
C8 CLA RA . -5.12 28.56 5.00
C9 CLA RA . -5.61 27.45 4.07
C10 CLA RA . -5.41 28.16 6.45
C11 CLA RA . -4.50 27.07 7.00
C12 CLA RA . -4.77 26.76 8.48
C13 CLA RA . -3.81 25.73 9.08
C14 CLA RA . -4.33 25.17 10.41
C15 CLA RA . -2.44 26.36 9.29
C16 CLA RA . -1.40 25.31 9.65
C17 CLA RA . -0.04 25.81 9.20
C18 CLA RA . 0.42 26.84 10.22
C19 CLA RA . 1.80 27.40 9.88
C20 CLA RA . 0.42 26.19 11.59
MG CLA SA . -29.56 32.58 -0.80
CHA CLA SA . -28.93 34.78 1.76
CHB CLA SA . -30.85 35.18 -2.53
CHC CLA SA . -29.78 30.45 -3.43
CHD CLA SA . -27.58 30.00 1.04
NA CLA SA . -29.80 34.68 -0.48
C1A CLA SA . -29.56 35.38 0.54
C2A CLA SA . -29.89 36.85 0.47
C3A CLA SA . -30.59 36.91 -0.86
C4A CLA SA . -30.42 35.49 -1.32
CMA CLA SA . -32.07 37.10 -0.52
CAA CLA SA . -28.58 37.64 0.25
CBA CLA SA . -27.70 37.03 -0.89
CGA CLA SA . -26.41 37.74 -1.29
O1A CLA SA . -25.99 38.76 -0.77
O2A CLA SA . -25.61 37.18 -2.36
NB CLA SA . -30.20 32.79 -2.68
C1B CLA SA . -30.76 33.87 -3.21
C2B CLA SA . -31.26 33.69 -4.60
C3B CLA SA . -30.92 32.29 -4.87
C4B CLA SA . -30.28 31.82 -3.60
CMB CLA SA . -31.93 34.67 -5.52
CAB CLA SA . -31.21 31.55 -6.13
CBB CLA SA . -31.71 30.34 -6.11
NC CLA SA . -28.80 30.60 -1.12
C1C CLA SA . -29.02 29.93 -2.26
C2C CLA SA . -28.45 28.56 -2.29
C3C CLA SA . -27.81 28.45 -0.95
C4C CLA SA . -28.09 29.76 -0.33
CMC CLA SA . -28.50 27.54 -3.39
CAC CLA SA . -27.07 27.31 -0.35
CBC CLA SA . -28.17 26.33 0.03
ND CLA SA . -28.47 32.36 0.86
C1D CLA SA . -27.83 31.32 1.62
C2D CLA SA . -27.49 31.68 3.02
C3D CLA SA . -27.98 33.09 3.06
C4D CLA SA . -28.50 33.38 1.82
CMD CLA SA . -26.86 30.96 4.19
CAD CLA SA . -28.12 34.31 3.90
OBD CLA SA . -27.75 34.42 5.14
CBD CLA SA . -28.73 35.40 3.10
CGD CLA SA . -30.06 35.74 3.72
O1D CLA SA . -30.90 34.89 3.95
O2D CLA SA . -30.34 37.13 4.04
CED CLA SA . -31.58 37.50 4.67
C1 CLA SA . -24.56 37.99 -2.91
C2 CLA SA . -25.11 38.72 -4.10
C3 CLA SA . -24.97 40.05 -4.23
C4 CLA SA . -24.25 40.83 -3.18
C5 CLA SA . -25.56 40.74 -5.43
C6 CLA SA . -26.97 41.31 -5.18
C7 CLA SA . -28.01 40.26 -4.78
C8 CLA SA . -29.41 40.82 -4.58
C9 CLA SA . -30.17 39.97 -3.58
C10 CLA SA . -30.15 40.89 -5.93
C11 CLA SA . -30.97 42.18 -6.09
C12 CLA SA . -31.75 42.15 -7.41
C13 CLA SA . -32.97 43.07 -7.40
C14 CLA SA . -33.75 42.98 -6.09
C15 CLA SA . -33.88 42.73 -8.58
C16 CLA SA . -34.70 43.94 -9.04
C17 CLA SA . -33.82 45.17 -9.27
C18 CLA SA . -34.37 46.11 -10.33
C19 CLA SA . -33.71 45.88 -11.68
C20 CLA SA . -34.23 47.57 -9.90
CHA PHO TA . -5.05 38.15 5.42
CHB PHO TA . -6.44 33.60 6.47
CHC PHO TA . -11.12 34.83 5.46
CHD PHO TA . -9.77 39.43 4.19
NA PHO TA . -6.01 35.90 5.80
C1A PHO TA . -4.95 36.71 5.79
C2A PHO TA . -3.64 36.06 6.17
C3A PHO TA . -4.09 34.60 6.19
C4A PHO TA . -5.59 34.75 6.14
CMA PHO TA . -3.62 33.83 4.95
CAA PHO TA . -3.14 36.51 7.53
CBA PHO TA . -1.80 35.83 7.77
CGA PHO TA . -1.31 35.99 9.19
O1A PHO TA . -2.00 36.51 10.09
O2A PHO TA . 0.03 35.51 9.45
NB PHO TA . -8.67 34.49 5.88
C1B PHO TA . -7.92 33.49 6.35
C2B PHO TA . -8.68 32.28 6.74
C3B PHO TA . -10.08 32.69 6.41
C4B PHO TA . -9.94 34.06 5.91
CMB PHO TA . -8.16 30.99 7.29
CAB PHO TA . -11.38 31.98 6.54
CBB PHO TA . -11.50 30.97 7.38
NC PHO TA . -10.08 37.07 4.89
C1C PHO TA . -11.11 36.22 4.94
C2C PHO TA . -12.41 36.80 4.51
C3C PHO TA . -12.06 38.19 4.14
C4C PHO TA . -10.59 38.23 4.41
CMC PHO TA . -13.74 36.10 4.47
CAC PHO TA . -12.94 39.29 3.63
CBC PHO TA . -12.95 40.45 4.61
ND PHO TA . -7.70 38.26 4.88
C1D PHO TA . -8.33 39.38 4.48
C2D PHO TA . -7.51 40.62 4.33
C3D PHO TA . -6.20 40.05 4.73
C4D PHO TA . -6.38 38.72 5.02
CMD PHO TA . -7.81 42.03 3.93
CAD PHO TA . -4.75 40.41 4.92
OBD PHO TA . -4.24 41.56 4.75
CBD PHO TA . -4.01 39.22 5.40
CGD PHO TA . -2.87 38.85 4.51
O1D PHO TA . -1.71 39.10 4.84
O2D PHO TA . -3.15 38.17 3.27
CED PHO TA . -2.04 37.95 2.36
C1 PHO TA . 0.51 35.29 10.76
C2 PHO TA . 0.33 33.82 11.12
C3 PHO TA . 1.12 32.84 10.66
C4 PHO TA . 2.25 33.13 9.71
C5 PHO TA . 0.85 31.43 11.07
C6 PHO TA . -0.07 31.35 12.29
C7 PHO TA . -0.32 29.90 12.68
C8 PHO TA . -1.18 29.74 13.94
C9 PHO TA . -0.39 30.20 15.16
C10 PHO TA . -1.62 28.27 14.07
C11 PHO TA . -2.43 27.96 15.33
C12 PHO TA . -3.67 28.83 15.53
C13 PHO TA . -4.70 28.75 14.40
C14 PHO TA . -5.83 29.75 14.64
C15 PHO TA . -5.22 27.32 14.22
C16 PHO TA . -6.26 27.20 13.09
C17 PHO TA . -6.93 25.83 13.04
C18 PHO TA . -8.01 25.76 11.95
C19 PHO TA . -9.29 26.50 12.39
C20 PHO TA . -8.32 24.32 11.55
CHA PHO UA . -23.89 37.89 -11.79
CHB PHO UA . -26.75 37.11 -7.94
CHC PHO UA . -23.31 34.18 -5.96
CHD PHO UA . -20.25 35.09 -9.78
NA PHO UA . -25.15 37.25 -9.76
C1A PHO UA . -25.08 37.90 -10.91
C2A PHO UA . -26.31 38.67 -11.28
C3A PHO UA . -27.06 38.62 -9.96
C4A PHO UA . -26.24 37.60 -9.20
CMA PHO UA . -27.01 39.97 -9.27
CAA PHO UA . -27.06 37.85 -12.33
CBA PHO UA . -28.21 38.68 -12.87
CGA PHO UA . -29.22 37.81 -13.57
O1A PHO UA . -29.03 36.62 -13.80
O2A PHO UA . -30.46 38.42 -13.97
NB PHO UA . -24.88 35.69 -7.16
C1B PHO UA . -26.10 36.20 -6.97
C2B PHO UA . -26.75 35.77 -5.70
C3B PHO UA . -25.70 34.89 -5.12
C4B PHO UA . -24.59 34.91 -6.12
CMB PHO UA . -28.11 36.15 -5.17
CAB PHO UA . -25.69 34.13 -3.84
CBB PHO UA . -26.80 33.77 -3.23
NC PHO UA . -22.02 34.90 -8.03
C1C PHO UA . -22.10 34.33 -6.81
C2C PHO UA . -20.84 33.69 -6.37
C3C PHO UA . -19.91 33.90 -7.51
C4C PHO UA . -20.76 34.67 -8.46
CMC PHO UA . -20.60 32.99 -5.07
CAC PHO UA . -18.47 33.48 -7.66
CBC PHO UA . -18.31 32.48 -8.79
ND PHO UA . -22.33 36.30 -10.32
C1D PHO UA . -21.10 35.91 -10.65
C2D PHO UA . -20.54 36.47 -11.90
C3D PHO UA . -21.71 37.26 -12.34
C4D PHO UA . -22.69 37.10 -11.38
CMD PHO UA . -19.22 36.31 -12.62
CAD PHO UA . -22.23 38.14 -13.42
OBD PHO UA . -21.60 38.50 -14.47
CBD PHO UA . -23.61 38.56 -13.07
CGD PHO UA . -23.60 40.03 -12.83
O1D PHO UA . -23.98 40.83 -13.67
O2D PHO UA . -23.13 40.54 -11.55
CED PHO UA . -23.23 41.94 -11.30
C1 PHO UA . -31.41 37.62 -14.63
C2 PHO UA . -32.38 37.05 -13.61
C3 PHO UA . -32.72 35.78 -13.83
C4 PHO UA . -32.10 35.09 -15.02
C5 PHO UA . -33.67 35.04 -12.92
C6 PHO UA . -32.94 34.03 -12.06
C7 PHO UA . -33.96 33.32 -11.16
C8 PHO UA . -33.32 32.39 -10.15
C9 PHO UA . -32.28 31.49 -10.84
C10 PHO UA . -34.39 31.59 -9.41
C11 PHO UA . -35.47 32.48 -8.79
C12 PHO UA . -34.99 33.25 -7.56
C13 PHO UA . -36.11 34.08 -6.92
C14 PHO UA . -36.59 35.20 -7.86
C15 PHO UA . -35.66 34.67 -5.58
C16 PHO UA . -35.48 33.60 -4.51
C17 PHO UA . -34.90 34.16 -3.21
C18 PHO UA . -34.97 33.16 -2.05
C19 PHO UA . -34.61 33.83 -0.72
C20 PHO UA . -34.09 31.93 -2.28
MG CLA VA . 4.80 33.34 25.92
CHA CLA VA . 2.59 32.10 28.27
CHB CLA VA . 3.02 36.29 26.05
CHC CLA VA . 7.33 34.77 24.14
CHD CLA VA . 6.94 30.36 26.38
NA CLA VA . 3.09 34.11 27.04
C1A CLA VA . 2.32 33.49 27.82
C2A CLA VA . 1.07 34.20 28.26
C3A CLA VA . 1.20 35.48 27.45
C4A CLA VA . 2.52 35.29 26.79
CMA CLA VA . 0.23 35.21 26.30
CAA CLA VA . 1.26 34.64 29.71
CBA CLA VA . 2.50 35.51 29.90
CGA CLA VA . 2.59 36.13 31.26
O1A CLA VA . 1.78 35.96 32.17
O2A CLA VA . 3.73 36.98 31.54
NB CLA VA . 5.10 35.21 25.21
C1B CLA VA . 4.30 36.29 25.33
C2B CLA VA . 4.85 37.54 24.72
C3B CLA VA . 6.15 37.07 24.18
C4B CLA VA . 6.17 35.62 24.52
CMB CLA VA . 4.24 38.91 24.73
CAB CLA VA . 7.22 37.78 23.43
CBB CLA VA . 6.89 38.62 22.47
NC CLA VA . 6.81 32.67 25.40
C1C CLA VA . 7.61 33.39 24.59
C2C CLA VA . 8.86 32.69 24.19
C3C CLA VA . 8.72 31.38 24.86
C4C CLA VA . 7.42 31.50 25.56
CMC CLA VA . 9.96 33.20 23.31
CAC CLA VA . 9.66 30.21 24.87
CBC CLA VA . 10.59 30.51 26.03
ND CLA VA . 4.89 31.72 27.03
C1D CLA VA . 5.66 30.50 27.10
C2D CLA VA . 5.06 29.41 27.90
C3D CLA VA . 3.82 30.08 28.36
C4D CLA VA . 3.82 31.37 27.85
CMD CLA VA . 5.46 28.00 28.26
CAD CLA VA . 2.59 29.93 29.19
OBD CLA VA . 2.25 28.86 29.82
CBD CLA VA . 1.79 31.18 29.13
CGD CLA VA . 0.44 30.89 28.55
O1D CLA VA . 0.26 30.76 27.35
O2D CLA VA . -0.65 30.59 29.44
CED CLA VA . -1.84 30.08 28.84
C1 CLA VA . 3.76 37.77 32.70
C2 CLA VA . 4.83 38.83 32.56
C3 CLA VA . 4.58 40.08 32.95
C4 CLA VA . 3.24 40.42 33.52
C5 CLA VA . 5.67 41.13 32.82
C6 CLA VA . 5.48 42.11 31.67
C7 CLA VA . 6.03 43.45 32.16
C8 CLA VA . 5.67 44.57 31.19
C9 CLA VA . 6.75 45.65 31.21
C10 CLA VA . 4.36 45.16 31.70
C11 CLA VA . 3.36 45.53 30.62
C12 CLA VA . 1.95 45.16 31.08
C13 CLA VA . 0.82 45.83 30.30
C14 CLA VA . 0.00 44.79 29.56
C15 CLA VA . 1.35 46.93 29.37
C16 CLA VA . 1.46 46.53 27.90
C17 CLA VA . 2.11 47.68 27.13
C18 CLA VA . 1.90 47.59 25.63
C19 CLA VA . 2.52 48.79 24.95
C20 CLA VA . 0.43 47.47 25.26
C1 BCR WA . 13.29 39.46 16.86
C2 BCR WA . 13.74 40.89 17.12
C3 BCR WA . 13.89 41.15 18.60
C4 BCR WA . 15.06 40.30 19.09
C5 BCR WA . 14.79 38.85 18.78
C6 BCR WA . 13.99 38.46 17.77
C7 BCR WA . 13.77 37.00 17.51
C8 BCR WA . 12.98 36.26 18.31
C9 BCR WA . 12.72 34.83 18.06
C10 BCR WA . 12.02 34.14 18.99
C11 BCR WA . 11.67 32.72 18.89
C33 BCR WA . 15.48 37.83 19.66
C31 BCR WA . 13.64 39.05 15.42
C32 BCR WA . 11.78 39.44 17.04
C34 BCR WA . 13.23 34.16 16.81
C12 BCR WA . 10.89 32.20 19.85
C13 BCR WA . 10.45 30.80 19.85
C14 BCR WA . 9.54 30.42 20.77
C15 BCR WA . 8.97 29.08 20.89
C16 BCR WA . 8.13 28.74 21.89
C17 BCR WA . 7.56 27.39 21.89
C18 BCR WA . 6.66 26.91 22.76
C19 BCR WA . 6.18 25.51 22.61
C20 BCR WA . 5.57 24.84 23.59
C21 BCR WA . 5.13 23.47 23.36
C22 BCR WA . 4.77 22.61 24.32
C23 BCR WA . 4.35 21.23 23.94
C24 BCR WA . 3.92 20.30 24.82
C25 BCR WA . 3.53 18.93 24.39
C26 BCR WA . 2.45 18.72 23.62
C27 BCR WA . 1.99 17.34 23.17
C28 BCR WA . 3.07 16.27 23.36
C29 BCR WA . 3.67 16.43 24.74
C30 BCR WA . 4.36 17.77 24.90
C35 BCR WA . 11.03 29.83 18.85
C36 BCR WA . 6.15 27.73 23.92
C37 BCR WA . 4.82 23.01 25.77
C38 BCR WA . 1.60 19.86 23.16
C39 BCR WA . 5.70 17.74 24.17
C40 BCR WA . 4.60 17.97 26.40
O6 SQD XA . -18.13 57.60 -4.69
C44 SQD XA . -17.37 57.80 -3.50
C45 SQD XA . -17.17 56.46 -2.83
C46 SQD XA . -16.96 56.71 -1.34
O47 SQD XA . -18.35 55.68 -3.03
C7 SQD XA . -18.09 54.44 -3.73
O49 SQD XA . -16.96 54.23 -4.13
C8 SQD XA . -19.19 53.43 -3.98
C9 SQD XA . -20.08 53.26 -2.74
C10 SQD XA . -19.51 52.27 -1.73
C11 SQD XA . -20.64 51.61 -0.92
C12 SQD XA . -20.12 50.77 0.24
C13 SQD XA . -19.51 51.66 1.32
C14 SQD XA . -20.40 51.76 2.55
O48 SQD XA . -18.12 57.38 -0.86
C23 SQD XA . -18.97 56.68 0.08
O10 SQD XA . -18.59 55.59 0.47
C24 SQD XA . -20.29 57.29 0.53
C25 SQD XA . -20.94 56.38 1.57
C26 SQD XA . -22.20 57.02 2.14
C27 SQD XA . -23.00 56.04 2.99
C28 SQD XA . -24.17 56.76 3.65
C29 SQD XA . -25.11 55.83 4.41
C30 SQD XA . -26.01 56.66 5.32
C31 SQD XA . -27.16 55.85 5.92
C32 SQD XA . -28.07 56.75 6.76
C33 SQD XA . -29.26 57.28 5.94
C34 SQD XA . -30.00 58.41 6.66
C35 SQD XA . -31.26 58.81 5.91
C36 SQD XA . -32.05 57.58 5.47
C37 SQD XA . -33.54 57.81 5.51
C38 SQD XA . -34.25 56.52 5.13
C1 SQD XA . -17.54 58.35 -5.73
C2 SQD XA . -18.08 58.04 -7.12
O2 SQD XA . -18.24 56.64 -7.34
C3 SQD XA . -17.02 58.58 -8.04
O3 SQD XA . -17.36 58.27 -9.40
C4 SQD XA . -16.88 60.09 -7.81
O4 SQD XA . -15.72 60.54 -8.52
C5 SQD XA . -16.72 60.44 -6.33
C6 SQD XA . -16.84 61.93 -6.08
O5 SQD XA . -17.67 59.75 -5.51
S SQD XA . -16.62 62.25 -4.46
O7 SQD XA . -16.30 63.68 -4.29
O8 SQD XA . -17.85 61.93 -3.70
O9 SQD XA . -15.49 61.46 -3.92
C1 LMG YA . -1.25 34.71 36.65
O1 LMG YA . -0.93 35.87 35.89
C2 LMG YA . 0.00 33.93 37.02
O2 LMG YA . 0.69 33.61 35.80
C3 LMG YA . -0.41 32.67 37.77
O3 LMG YA . 0.75 31.95 38.25
C4 LMG YA . -1.32 33.02 38.96
O4 LMG YA . -0.53 33.50 40.05
C5 LMG YA . -2.42 34.02 38.59
O5 LMG YA . -4.19 35.47 39.30
C6 LMG YA . -3.19 34.57 39.79
O6 LMG YA . -1.93 35.13 37.82
C7 LMG YA . -2.04 36.18 35.08
C8 LMG YA . -1.88 37.58 34.53
C9 LMG YA . -1.13 38.41 35.58
O7 LMG YA . -1.15 37.54 33.31
C10 LMG YA . -2.05 37.75 32.19
O9 LMG YA . -2.99 38.52 32.34
C11 LMG YA . -1.83 37.09 30.85
C12 LMG YA . -1.83 38.17 29.77
C13 LMG YA . -1.86 37.61 28.36
C14 LMG YA . -3.27 37.23 27.93
C15 LMG YA . -3.46 37.44 26.43
C16 LMG YA . -4.87 37.03 25.99
C17 LMG YA . -5.10 37.31 24.51
C18 LMG YA . -5.00 38.81 24.27
C19 LMG YA . -4.88 39.19 22.81
C20 LMG YA . -4.91 40.70 22.69
C21 LMG YA . -6.18 41.27 23.32
C22 LMG YA . -6.03 42.74 23.67
C23 LMG YA . -5.50 43.53 22.48
C24 LMG YA . -6.64 44.12 21.65
C25 LMG YA . -6.27 45.51 21.21
O8 LMG YA . -1.71 39.72 35.58
C28 LMG YA . -1.37 40.71 36.59
O10 LMG YA . -1.01 40.35 37.70
C29 LMG YA . -1.48 42.17 36.23
C30 LMG YA . -2.61 42.36 35.22
C31 LMG YA . -2.96 43.84 35.09
C32 LMG YA . -4.39 44.00 34.61
C33 LMG YA . -4.52 44.70 33.27
C34 LMG YA . -5.86 44.34 32.64
C35 LMG YA . -6.28 45.28 31.53
C36 LMG YA . -7.46 44.67 30.77
C37 LMG YA . -8.26 45.70 29.97
C38 LMG YA . -7.84 45.71 28.50
C39 LMG YA . -9.03 45.75 27.55
C40 LMG YA . -8.81 46.79 26.47
C41 LMG YA . -8.84 46.22 25.06
C42 LMG YA . -8.75 47.35 24.04
C43 LMG YA . -9.11 46.88 22.64
C1B LMT ZA . -2.38 5.53 20.63
C2B LMT ZA . -3.13 5.67 21.94
C3B LMT ZA . -4.29 4.70 22.10
C4B LMT ZA . -5.12 4.65 20.83
C5B LMT ZA . -4.31 4.41 19.56
C6B LMT ZA . -4.75 5.33 18.42
O1B LMT ZA . -1.04 5.15 20.89
O2B LMT ZA . -2.24 5.40 23.03
O3B LMT ZA . -5.10 5.13 23.21
O4' LMT ZA . -5.98 3.51 20.99
O5B LMT ZA . -2.90 4.49 19.77
O6B LMT ZA . -4.15 4.87 17.19
C1' LMT ZA . 2.50 7.46 20.93
C2' LMT ZA . 1.35 7.79 21.87
C3' LMT ZA . 0.47 6.58 22.07
C4' LMT ZA . -0.09 6.20 20.72
C5' LMT ZA . 1.11 5.70 19.93
C6' LMT ZA . 0.69 5.12 18.57
O1' LMT ZA . 3.15 8.67 20.55
O2' LMT ZA . 1.83 8.19 23.13
O3' LMT ZA . -0.54 6.86 23.03
O5' LMT ZA . 2.07 6.75 19.75
O6' LMT ZA . 0.07 6.10 17.73
C1 LMT ZA . 4.21 9.05 21.43
C2 LMT ZA . 5.52 8.91 20.66
C3 LMT ZA . 6.53 9.98 21.04
C4 LMT ZA . 6.86 10.87 19.85
C5 LMT ZA . 6.00 10.54 18.64
C6 LMT ZA . 6.22 11.50 17.48
C7 LMT ZA . 5.86 12.94 17.85
C8 LMT ZA . 6.28 13.92 16.76
C9 LMT ZA . 6.07 15.36 17.21
C10 LMT ZA . 7.04 16.28 16.48
C1 GOL AB . 5.16 14.01 28.48
O1 GOL AB . 4.57 14.64 29.59
C2 GOL AB . 4.22 12.84 28.16
O2 GOL AB . 3.69 12.30 29.33
C3 GOL AB . 3.12 13.49 27.28
O3 GOL AB . 2.08 12.55 27.06
C4 UNL BB . 23.17 45.11 11.28
C5 UNL BB . 22.56 44.48 12.53
C6 UNL BB . 22.18 43.03 12.25
O6 UNL BB . 22.99 46.53 11.29
O7 UNL BB . 23.52 44.52 13.60
O8 UNL BB . 21.07 42.73 13.11
O9 UNL BB . 23.03 46.01 15.29
C10 UNL BB . 22.31 42.67 17.97
C23 UNL BB . 20.59 41.37 13.33
C24 UNL BB . 19.40 41.17 14.25
C25 UNL BB . 19.63 40.13 15.33
C26 UNL BB . 18.32 39.44 15.69
C27 UNL BB . 18.54 38.36 16.74
C28 UNL BB . 17.90 37.03 16.40
C29 UNL BB . 18.22 36.01 17.50
C30 UNL BB . 17.38 34.73 17.43
C31 UNL BB . 17.23 34.12 18.83
C32 UNL BB . 16.49 32.78 18.83
C33 UNL BB . 15.42 32.74 19.93
C34 UNL BB . 15.39 31.41 20.68
C35 UNL BB . 14.01 30.77 20.68
C36 UNL BB . 13.37 30.74 22.07
C37 UNL BB . 13.63 29.42 22.78
C38 UNL BB . 12.81 28.31 22.18
C7 UNL BB . 22.93 44.87 14.88
C8 UNL BB . 22.24 43.83 15.74
C9 UNL BB . 23.07 43.56 17.00
O10 UNL BB . 21.14 40.43 12.78
C1 GOL CB . 4.93 36.40 -16.09
O1 GOL CB . 5.83 36.14 -15.05
C2 GOL CB . 5.43 35.66 -17.35
O2 GOL CB . 5.96 34.41 -17.05
C3 GOL CB . 4.20 35.55 -18.26
O3 GOL CB . 3.71 34.26 -18.11
C2 JOX DB . -15.07 45.88 -12.66
C3 JOX DB . -16.34 45.79 -11.92
C4 JOX DB . -17.36 46.67 -12.25
C5 JOX DB . -17.18 47.61 -13.27
C1 JOX DB . -14.92 46.88 -13.73
C JOX DB . -15.99 47.73 -14.01
O JOX DB . -14.14 45.11 -12.39
O1 JOX DB . -18.14 48.37 -13.52
CL JOX DB . -16.49 44.55 -10.63
CL1 JOX DB . -13.34 46.90 -14.59
C2 JOX EB . -22.26 45.13 2.78
C3 JOX EB . -23.35 44.20 2.93
C4 JOX EB . -24.68 44.63 2.82
C5 JOX EB . -24.90 45.99 2.55
C1 JOX EB . -22.52 46.52 2.51
C JOX EB . -23.86 46.92 2.41
O JOX EB . -21.10 44.71 2.89
O1 JOX EB . -26.08 46.41 2.43
CL JOX EB . -22.65 42.59 3.24
CL1 JOX EB . -21.02 47.49 2.36
O1B LMT FB . 8.93 17.95 39.52
C1' LMT FB . 8.49 19.54 36.11
C2' LMT FB . 9.26 20.26 37.22
C3' LMT FB . 8.58 20.16 38.59
C4' LMT FB . 7.97 18.80 38.89
C5' LMT FB . 7.41 18.10 37.65
C6' LMT FB . 6.10 17.39 37.96
O1' LMT FB . 8.24 20.44 35.05
O2' LMT FB . 10.59 19.72 37.31
O3' LMT FB . 7.59 21.20 38.73
O5' LMT FB . 7.23 19.02 36.58
O6' LMT FB . 5.88 16.39 36.96
C1 LMT FB . 9.43 21.05 34.59
C2 LMT FB . 9.01 22.15 33.64
C3 LMT FB . 7.93 21.56 32.74
C4 LMT FB . 8.46 21.49 31.32
C5 LMT FB . 8.56 22.88 30.74
C6 LMT FB . 8.42 22.81 29.23
C7 LMT FB . 8.14 24.20 28.66
C8 LMT FB . 8.68 24.35 27.25
C9 LMT FB . 8.45 25.77 26.77
C10 LMT FB . 9.03 25.96 25.39
C11 LMT FB . 10.54 26.19 25.46
C12 LMT FB . 11.12 25.98 24.08
C BCT GB . -6.61 46.94 -11.64
O1 BCT GB . -5.89 47.48 -12.50
O2 BCT GB . -7.85 46.80 -11.79
O3 BCT GB . -6.02 46.55 -10.52
C8 PL9 HB . -21.75 46.64 -9.04
C9 PL9 HB . -22.94 47.25 -8.92
C10 PL9 HB . -23.15 48.26 -7.83
C11 PL9 HB . -24.07 46.92 -9.88
C12 PL9 HB . -24.40 45.43 -9.78
C13 PL9 HB . -25.89 45.23 -9.99
C14 PL9 HB . -26.59 44.46 -9.14
C15 PL9 HB . -25.89 43.80 -7.99
C16 PL9 HB . -28.09 44.25 -9.32
C17 PL9 HB . -28.45 43.93 -10.76
C18 PL9 HB . -29.56 42.91 -10.80
C19 PL9 HB . -30.01 42.45 -11.97
C20 PL9 HB . -29.40 42.97 -13.24
C21 PL9 HB . -31.12 41.42 -12.04
C22 PL9 HB . -32.51 42.03 -12.03
C23 PL9 HB . -33.35 41.37 -13.10
C24 PL9 HB . -34.66 41.65 -13.23
C25 PL9 HB . -35.31 42.64 -12.33
C26 PL9 HB . -35.48 40.99 -14.33
C27 PL9 HB . -35.49 42.02 -15.44
C28 PL9 HB . -36.59 41.83 -16.47
C29 PL9 HB . -37.46 42.84 -16.65
C30 PL9 HB . -37.32 44.09 -15.82
C31 PL9 HB . -38.55 42.80 -17.68
C32 PL9 HB . -37.98 43.70 -18.77
C33 PL9 HB . -38.88 43.90 -19.98
C34 PL9 HB . -38.34 44.45 -21.08
C35 PL9 HB . -36.90 44.86 -21.12
C36 PL9 HB . -39.18 44.67 -22.32
C37 PL9 HB . -38.36 44.32 -23.55
C38 PL9 HB . -38.43 42.83 -23.77
C39 PL9 HB . -38.25 42.29 -24.99
C40 PL9 HB . -38.01 43.16 -26.18
C41 PL9 HB . -38.35 40.79 -25.16
C42 PL9 HB . -39.82 40.42 -25.05
C43 PL9 HB . -40.05 38.95 -25.33
C44 PL9 HB . -41.25 38.41 -25.06
C45 PL9 HB . -41.47 36.94 -25.33
C46 PL9 HB . -42.37 39.22 -24.49
C10 UNL IB . 10.18 20.80 15.95
C11 UNL IB . 10.80 22.17 16.19
C12 UNL IB . 10.68 22.63 17.64
C13 UNL IB . 11.44 23.93 17.84
C14 UNL IB . 11.51 24.32 19.31
C15 UNL IB . 12.18 25.68 19.52
C16 UNL IB . 13.20 25.99 18.43
C8 UNL IB . 8.07 21.06 14.64
C9 UNL IB . 8.66 20.91 16.03
S DMS JB . -8.65 8.76 27.15
O DMS JB . -8.17 9.81 28.53
C1 DMS JB . -8.06 7.08 27.49
C2 DMS JB . -10.44 8.51 27.11
S DMS KB . -22.06 52.95 -8.75
O DMS KB . -21.22 51.90 -9.94
C1 DMS KB . -22.53 54.52 -9.54
C2 DMS KB . -23.70 52.25 -8.41
S DMS LB . -46.17 19.69 10.05
O DMS LB . -47.50 20.13 11.19
C1 DMS LB . -46.81 18.75 8.64
C2 DMS LB . -45.59 21.18 9.19
S DMS MB . 3.56 28.50 40.07
O DMS MB . 3.09 30.21 40.36
C1 DMS MB . 5.07 28.09 40.99
C2 DMS MB . 2.36 27.41 40.88
S DMS NB . -0.26 23.23 41.39
O DMS NB . -0.63 24.98 41.62
C1 DMS NB . 1.51 22.95 41.68
C2 DMS NB . -0.95 22.26 42.75
S DMS OB . 17.22 37.61 0.26
O DMS OB . 16.51 36.02 -0.21
C1 DMS OB . 17.38 37.66 2.07
C2 DMS OB . 18.98 37.68 -0.21
S DMS PB . 15.51 51.86 5.90
O DMS PB . 17.18 51.28 5.50
C1 DMS PB . 15.35 52.12 7.68
C2 DMS PB . 15.28 53.56 5.30
CA CA QB . -14.02 -8.75 10.25
MG CLA RB . -44.65 7.12 -34.98
CHA CLA RB . -47.20 5.28 -36.46
CHB CLA RB . -42.76 6.38 -37.81
CHC CLA RB . -42.43 9.51 -33.95
CHD CLA RB . -46.94 8.15 -32.28
NA CLA RB . -44.94 5.99 -36.94
C1A CLA RB . -45.92 5.27 -37.26
C2A CLA RB . -45.76 4.50 -38.55
C3A CLA RB . -44.32 4.85 -38.93
C4A CLA RB . -43.98 5.80 -37.82
CMA CLA RB . -43.44 3.62 -38.82
CAA CLA RB . -46.71 5.07 -39.62
CBA CLA RB . -46.64 6.59 -39.75
CGA CLA RB . -47.66 7.15 -40.73
O1A CLA RB . -47.48 8.25 -41.25
O2A CLA RB . -48.87 6.40 -41.11
NB CLA RB . -42.86 7.85 -35.78
C1B CLA RB . -42.19 7.37 -36.85
C2B CLA RB . -40.85 7.97 -37.04
C3B CLA RB . -40.75 8.90 -35.88
C4B CLA RB . -42.07 8.75 -35.17
CMB CLA RB . -39.83 7.69 -38.11
CAB CLA RB . -39.63 9.79 -35.47
CBB CLA RB . -39.27 9.92 -34.21
NC CLA RB . -44.71 8.62 -33.36
C1C CLA RB . -43.66 9.42 -33.12
C2C CLA RB . -43.85 10.24 -31.89
C3C CLA RB . -45.20 9.83 -31.40
C4C CLA RB . -45.63 8.82 -32.40
CMC CLA RB . -42.90 11.25 -31.28
CAC CLA RB . -45.95 10.30 -30.18
CBC CLA RB . -45.69 9.23 -29.14
ND CLA RB . -46.53 6.86 -34.44
C1D CLA RB . -47.41 7.26 -33.36
C2D CLA RB . -48.79 6.67 -33.45
C3D CLA RB . -48.66 5.88 -34.71
C4D CLA RB . -47.37 6.05 -35.20
CMD CLA RB . -50.04 6.74 -32.64
CAD CLA RB . -49.40 5.00 -35.65
OBD CLA RB . -50.62 4.63 -35.50
CBD CLA RB . -48.49 4.60 -36.75
CGD CLA RB . -48.27 3.11 -36.69
O1D CLA RB . -48.00 2.46 -37.69
O2D CLA RB . -48.39 2.37 -35.44
CED CLA RB . -48.07 0.98 -35.43
C1 CLA RB . -50.13 7.09 -41.20
C2 CLA RB . -50.40 7.76 -39.88
C3 CLA RB . -51.16 7.19 -38.92
C4 CLA RB . -51.79 5.86 -39.15
C5 CLA RB . -51.39 7.91 -37.60
C6 CLA RB . -50.43 9.07 -37.31
C7 CLA RB . -49.00 8.64 -36.96
C8 CLA RB . -48.12 9.85 -36.62
C9 CLA RB . -48.58 11.11 -37.36
C10 CLA RB . -46.65 9.56 -36.91
C11 CLA RB . -45.79 10.82 -36.81
C12 CLA RB . -44.37 10.57 -37.31
C13 CLA RB . -43.59 11.87 -37.60
C14 CLA RB . -44.38 12.80 -38.52
C15 CLA RB . -42.22 11.52 -38.20
C16 CLA RB . -41.22 12.67 -38.25
C17 CLA RB . -39.84 12.17 -38.72
C18 CLA RB . -38.81 13.29 -38.84
C19 CLA RB . -39.27 14.38 -39.80
C20 CLA RB . -37.44 12.77 -39.26
MG CLA SB . -35.26 7.74 -30.98
CHA CLA SB . -34.43 8.55 -27.73
CHB CLA SB . -37.40 5.35 -29.61
CHC CLA SB . -36.72 7.41 -34.08
CHD CLA SB . -33.46 10.66 -32.22
NA CLA SB . -35.88 7.07 -28.94
C1A CLA SB . -35.35 7.38 -27.83
C2A CLA SB . -35.78 6.58 -26.64
C3A CLA SB . -36.63 5.52 -27.30
C4A CLA SB . -36.65 6.01 -28.70
CMA CLA SB . -35.73 4.29 -27.32
CAA CLA SB . -36.83 7.41 -25.88
CBA CLA SB . -37.16 6.85 -24.48
CGA CLA SB . -36.10 7.38 -23.54
O1A CLA SB . -35.43 6.65 -22.84
O2A CLA SB . -35.83 8.79 -23.46
NB CLA SB . -36.81 6.55 -31.72
C1B CLA SB . -37.54 5.64 -31.06
C2B CLA SB . -38.56 4.95 -31.91
C3B CLA SB . -38.34 5.58 -33.23
C4B CLA SB . -37.25 6.56 -32.99
CMB CLA SB . -39.55 3.88 -31.51
CAB CLA SB . -39.01 5.34 -34.55
CBB CLA SB . -40.33 5.28 -34.65
NC CLA SB . -35.13 8.88 -32.82
C1C CLA SB . -35.76 8.52 -33.95
C2C CLA SB . -35.38 9.33 -35.14
C3C CLA SB . -34.42 10.29 -34.58
C4C CLA SB . -34.34 9.91 -33.14
CMC CLA SB . -35.88 9.21 -36.56
CAC CLA SB . -33.67 11.40 -35.29
CBC CLA SB . -32.32 10.76 -35.62
ND CLA SB . -34.27 9.21 -30.28
C1D CLA SB . -33.52 10.34 -30.78
C2D CLA SB . -32.81 11.13 -29.74
C3D CLA SB . -33.20 10.37 -28.53
C4D CLA SB . -34.04 9.34 -28.91
CMD CLA SB . -31.89 12.33 -29.75
CAD CLA SB . -33.05 10.31 -27.06
OBD CLA SB . -32.36 11.14 -26.36
CBD CLA SB . -33.82 9.16 -26.52
CGD CLA SB . -32.83 8.23 -25.88
O1D CLA SB . -31.74 7.98 -26.38
O2D CLA SB . -33.15 7.60 -24.62
CED CLA SB . -32.16 6.78 -24.04
C1 CLA SB . -34.84 9.33 -22.57
C2 CLA SB . -34.42 10.66 -23.15
C3 CLA SB . -35.14 11.78 -23.03
C4 CLA SB . -36.45 11.77 -22.27
C5 CLA SB . -34.65 13.06 -23.64
C6 CLA SB . -34.27 14.11 -22.60
C7 CLA SB . -34.23 15.50 -23.24
C8 CLA SB . -33.44 16.46 -22.35
C9 CLA SB . -34.11 16.63 -20.97
C10 CLA SB . -33.29 17.80 -23.06
C11 CLA SB . -32.43 18.74 -22.23
C12 CLA SB . -30.99 18.22 -22.13
C13 CLA SB . -30.16 19.12 -21.23
C14 CLA SB . -28.69 19.03 -21.62
C15 CLA SB . -30.36 18.71 -19.78
C16 CLA SB . -29.68 19.68 -18.82
C17 CLA SB . -30.49 19.86 -17.53
C18 CLA SB . -30.43 18.61 -16.67
C19 CLA SB . -31.40 18.70 -15.52
C20 CLA SB . -29.01 18.40 -16.16
MG CLA TB . -27.63 3.78 -29.95
CHA CLA TB . -27.38 1.80 -27.08
CHB CLA TB . -29.74 5.79 -28.13
CHC CLA TB . -27.20 6.16 -32.40
CHD CLA TB . -24.89 1.88 -31.48
NA CLA TB . -28.43 3.83 -27.85
C1A CLA TB . -28.37 2.92 -26.98
C2A CLA TB . -29.19 3.13 -25.77
C3A CLA TB . -30.01 4.33 -26.16
C4A CLA TB . -29.37 4.68 -27.46
CMA CLA TB . -31.41 3.77 -26.45
CAA CLA TB . -28.19 3.66 -24.70
CBA CLA TB . -27.31 4.88 -25.05
CGA CLA TB . -27.96 6.27 -24.94
O1A CLA TB . -28.93 6.48 -24.23
O2A CLA TB . -27.45 7.41 -25.67
NB CLA TB . -28.37 5.66 -30.21
C1B CLA TB . -29.21 6.32 -29.40
C2B CLA TB . -29.52 7.71 -29.85
C3B CLA TB . -28.76 7.80 -31.12
C4B CLA TB . -28.09 6.48 -31.24
CMB CLA TB . -30.41 8.77 -29.24
CAB CLA TB . -28.67 8.92 -32.08
CBB CLA TB . -29.76 9.48 -32.56
NC CLA TB . -26.24 3.97 -31.69
C1C CLA TB . -26.22 5.05 -32.49
C2C CLA TB . -25.12 4.99 -33.51
C3C CLA TB . -24.46 3.70 -33.22
C4C CLA TB . -25.25 3.17 -32.08
CMC CLA TB . -24.76 5.99 -34.58
CAC CLA TB . -23.25 3.05 -33.88
CBC CLA TB . -22.09 3.44 -32.98
ND CLA TB . -26.44 2.31 -29.51
C1D CLA TB . -25.37 1.55 -30.14
C2D CLA TB . -24.83 0.44 -29.33
C3D CLA TB . -25.66 0.57 -28.11
C4D CLA TB . -26.51 1.65 -28.29
CMD CLA TB . -23.78 -0.61 -29.53
CAD CLA TB . -25.90 0.01 -26.76
OBD CLA TB . -25.30 -1.00 -26.27
CBD CLA TB . -26.99 0.76 -26.10
CGD CLA TB . -28.08 -0.25 -25.84
O1D CLA TB . -28.46 -0.48 -24.71
O2D CLA TB . -28.72 -1.03 -26.87
CED CLA TB . -29.48 -2.14 -26.39
C1 CLA TB . -28.07 8.70 -25.64
C2 CLA TB . -27.79 9.36 -26.97
C3 CLA TB . -28.08 10.64 -27.26
C4 CLA TB . -28.78 11.53 -26.28
C5 CLA TB . -27.73 11.13 -28.66
C6 CLA TB . -27.11 12.51 -28.76
C7 CLA TB . -26.91 12.93 -30.23
C8 CLA TB . -27.92 13.96 -30.71
C9 CLA TB . -28.26 13.70 -32.17
C10 CLA TB . -27.35 15.37 -30.55
C11 CLA TB . -28.41 16.39 -30.17
C12 CLA TB . -27.80 17.74 -29.83
C13 CLA TB . -28.85 18.85 -29.87
C14 CLA TB . -28.20 20.22 -29.71
C15 CLA TB . -29.92 18.64 -28.80
C16 CLA TB . -30.93 19.78 -28.73
C17 CLA TB . -31.83 19.89 -29.95
C18 CLA TB . -32.62 21.21 -29.98
C19 CLA TB . -33.66 21.29 -28.87
C20 CLA TB . -33.29 21.44 -31.32
MG CLA UB . -18.90 6.85 -20.26
CHA CLA UB . -21.16 4.86 -22.01
CHB CLA UB . -17.28 3.97 -19.33
CHC CLA UB . -16.21 8.82 -19.31
CHD CLA UB . -20.35 9.84 -21.84
NA CLA UB . -19.17 4.68 -20.65
C1A CLA UB . -20.14 4.09 -21.24
C2A CLA UB . -20.16 2.57 -21.09
C3A CLA UB . -18.89 2.34 -20.27
C4A CLA UB . -18.41 3.75 -20.06
CMA CLA UB . -19.12 1.59 -18.96
CAA CLA UB . -20.08 1.82 -22.40
CBA CLA UB . -19.16 2.47 -23.44
CGA CLA UB . -19.00 1.63 -24.68
O1A CLA UB . -19.28 0.44 -24.75
O2A CLA UB . -18.47 2.20 -25.88
NB CLA UB . -17.05 6.44 -19.44
C1B CLA UB . -16.58 5.25 -19.06
C2B CLA UB . -15.24 5.31 -18.39
C3B CLA UB . -14.95 6.78 -18.40
C4B CLA UB . -16.13 7.36 -19.08
CMB CLA UB . -14.41 4.20 -17.82
CAB CLA UB . -13.80 7.57 -17.89
CBB CLA UB . -13.08 7.13 -16.86
NC CLA UB . -18.39 8.98 -20.53
C1C CLA UB . -17.25 9.53 -20.07
C2C CLA UB . -17.10 10.98 -20.36
C3C CLA UB . -18.34 11.27 -21.12
C4C CLA UB . -19.05 9.96 -21.15
CMC CLA UB . -15.98 11.92 -20.02
CAC CLA UB . -18.79 12.58 -21.71
CBC CLA UB . -19.30 13.45 -20.56
ND CLA UB . -20.25 7.32 -21.56
C1D CLA UB . -20.87 8.51 -22.11
C2D CLA UB . -22.08 8.27 -22.93
C3D CLA UB . -22.14 6.79 -22.88
C4D CLA UB . -21.09 6.33 -22.10
CMD CLA UB . -23.05 9.11 -23.72
CAD CLA UB . -22.92 5.63 -23.39
OBD CLA UB . -23.96 5.69 -24.14
CBD CLA UB . -22.31 4.39 -22.88
CGD CLA UB . -23.44 3.61 -22.27
O1D CLA UB . -23.87 2.58 -22.81
O2D CLA UB . -24.07 4.11 -21.09
CED CLA UB . -25.25 3.43 -20.62
C1 CLA UB . -18.23 1.37 -26.99
C2 CLA UB . -17.36 2.08 -27.99
C3 CLA UB . -17.94 2.79 -28.97
C4 CLA UB . -19.42 2.86 -29.08
C5 CLA UB . -17.09 3.48 -30.01
C6 CLA UB . -17.70 3.24 -31.39
C7 CLA UB . -16.84 2.26 -32.20
C8 CLA UB . -17.46 1.98 -33.56
C9 CLA UB . -17.50 0.47 -33.82
C10 CLA UB . -16.71 2.72 -34.66
C11 CLA UB . -17.22 2.31 -36.04
C12 CLA UB . -16.51 3.06 -37.17
C13 CLA UB . -16.78 2.48 -38.55
C14 CLA UB . -15.71 2.91 -39.55
C15 CLA UB . -18.17 2.88 -39.04
C16 CLA UB . -18.56 2.24 -40.38
C17 CLA UB . -19.02 0.79 -40.22
C18 CLA UB . -19.64 0.25 -41.51
C19 CLA UB . -20.81 1.10 -41.93
C20 CLA UB . -20.08 -1.20 -41.37
MG CLA VB . -15.80 -1.90 -27.56
CHA CLA VB . -17.49 -2.10 -24.53
CHB CLA VB . -18.11 -4.15 -28.77
CHC CLA VB . -14.72 -1.09 -30.72
CHD CLA VB . -14.01 1.07 -26.30
NA CLA VB . -17.60 -2.95 -26.78
C1A CLA VB . -17.99 -3.04 -25.57
C2A CLA VB . -19.10 -4.00 -25.29
C3A CLA VB . -19.25 -4.67 -26.66
C4A CLA VB . -18.26 -3.87 -27.47
CMA CLA VB . -18.73 -6.10 -26.52
CAA CLA VB . -20.38 -3.17 -25.03
CBA CLA VB . -20.80 -2.23 -26.19
CGA CLA VB . -21.58 -1.00 -25.76
O1A CLA VB . -22.36 -0.95 -24.82
O2A CLA VB . -21.42 0.28 -26.43
NB CLA VB . -16.33 -2.54 -29.46
C1B CLA VB . -17.24 -3.48 -29.77
C2B CLA VB . -17.35 -3.76 -31.24
C3B CLA VB . -16.32 -2.84 -31.78
C4B CLA VB . -15.76 -2.14 -30.60
CMB CLA VB . -18.26 -4.71 -31.98
CAB CLA VB . -15.97 -2.62 -33.21
CBB CLA VB . -14.74 -2.68 -33.66
NC CLA VB . -14.58 -0.28 -28.35
C1C CLA VB . -14.27 -0.17 -29.65
C2C CLA VB . -13.38 0.99 -29.93
C3C CLA VB . -13.17 1.62 -28.62
C4C CLA VB . -13.96 0.75 -27.73
CMC CLA VB . -12.83 1.47 -31.24
CAC CLA VB . -12.37 2.85 -28.28
CBC CLA VB . -13.30 4.04 -28.36
ND CLA VB . -15.74 -0.76 -25.95
C1D CLA VB . -14.97 0.35 -25.44
C2D CLA VB . -15.21 0.71 -24.03
C3D CLA VB . -16.23 -0.30 -23.69
C4D CLA VB . -16.46 -1.08 -24.82
CMD CLA VB . -14.65 1.77 -23.11
CAD CLA VB . -17.10 -0.83 -22.59
OBD CLA VB . -17.12 -0.35 -21.41
CBD CLA VB . -17.89 -1.98 -23.10
CGD CLA VB . -17.39 -3.21 -22.38
O1D CLA VB . -18.10 -4.12 -21.98
O2D CLA VB . -15.97 -3.34 -22.23
CED CLA VB . -15.42 -4.60 -21.82
C1 CLA VB . -22.46 1.24 -26.34
C2 CLA VB . -22.36 2.16 -27.54
C3 CLA VB . -23.16 3.23 -27.65
C4 CLA VB . -24.21 3.53 -26.63
C5 CLA VB . -23.00 4.13 -28.85
C6 CLA VB . -23.34 5.57 -28.55
C7 CLA VB . -23.41 6.36 -29.85
C8 CLA VB . -23.78 7.82 -29.68
C9 CLA VB . -25.21 8.03 -29.22
C10 CLA VB . -23.52 8.37 -31.06
C11 CLA VB . -23.93 9.79 -31.36
C12 CLA VB . -23.07 10.18 -32.55
C13 CLA VB . -23.88 10.06 -33.84
C14 CLA VB . -23.06 10.61 -34.98
C15 CLA VB . -25.22 10.79 -33.72
C16 CLA VB . -26.01 10.73 -35.03
C17 CLA VB . -26.48 9.32 -35.31
C18 CLA VB . -27.35 9.21 -36.55
C19 CLA VB . -28.65 9.99 -36.41
C20 CLA VB . -27.65 7.74 -36.85
MG CLA WB . -22.98 -7.06 -32.97
CHA CLA WB . -21.75 -10.14 -31.86
CHB CLA WB . -21.44 -5.66 -30.25
CHC CLA WB . -23.32 -3.98 -34.58
CHD CLA WB . -24.01 -8.67 -36.14
NA CLA WB . -21.71 -7.79 -31.27
C1A CLA WB . -21.46 -8.99 -30.92
C2A CLA WB . -20.78 -9.14 -29.59
C3A CLA WB . -20.73 -7.70 -29.10
C4A CLA WB . -21.33 -7.01 -30.27
CMA CLA WB . -21.67 -7.51 -27.92
CAA CLA WB . -19.36 -9.68 -29.83
CBA CLA WB . -18.51 -8.88 -30.83
CGA CLA WB . -17.42 -8.05 -30.17
O1A CLA WB . -17.32 -7.92 -28.95
O2A CLA WB . -16.43 -7.39 -30.98
NB CLA WB . -22.49 -5.16 -32.47
C1B CLA WB . -21.93 -4.77 -31.32
C2B CLA WB . -21.71 -3.30 -31.24
C3B CLA WB . -22.26 -2.83 -32.53
C4B CLA WB . -22.70 -4.06 -33.22
CMB CLA WB . -21.10 -2.52 -30.10
CAB CLA WB . -22.38 -1.45 -33.08
CBB CLA WB . -21.35 -0.63 -33.09
NC CLA WB . -23.57 -6.45 -35.02
C1C CLA WB . -23.60 -5.16 -35.44
C2C CLA WB . -23.97 -5.02 -36.88
C3C CLA WB . -24.18 -6.42 -37.33
C4C CLA WB . -23.92 -7.20 -36.09
CMC CLA WB . -24.10 -3.76 -37.69
CAC CLA WB . -24.58 -6.92 -38.70
CBC CLA WB . -23.30 -7.04 -39.50
ND CLA WB . -22.92 -8.84 -33.84
C1D CLA WB . -23.39 -9.46 -35.06
C2D CLA WB . -23.18 -10.92 -35.15
C3D CLA WB . -22.50 -11.16 -33.85
C4D CLA WB . -22.39 -9.95 -33.19
CMD CLA WB . -23.46 -11.99 -36.18
CAD CLA WB . -21.88 -12.20 -33.01
OBD CLA WB . -21.83 -13.44 -33.33
CBD CLA WB . -21.40 -11.60 -31.74
CGD CLA WB . -22.09 -12.29 -30.59
O1D CLA WB . -23.26 -12.62 -30.65
O2D CLA WB . -21.38 -12.60 -29.37
CED CLA WB . -22.08 -13.30 -28.36
C1 CLA WB . -15.42 -6.51 -30.48
C2 CLA WB . -14.55 -6.18 -31.67
C3 CLA WB . -13.40 -5.48 -31.57
C4 CLA WB . -12.88 -4.98 -30.26
C5 CLA WB . -12.62 -5.22 -32.84
C6 CLA WB . -11.41 -6.16 -32.90
C7 CLA WB . -10.54 -5.84 -34.10
C8 CLA WB . -9.40 -6.85 -34.24
C9 CLA WB . -8.68 -6.67 -35.57
C10 CLA WB . -10.03 -8.21 -34.21
C11 CLA WB . -8.97 -9.29 -34.08
C12 CLA WB . -9.59 -10.65 -34.40
C13 CLA WB . -10.13 -11.31 -33.14
C14 CLA WB . -9.03 -11.34 -32.10
C15 CLA WB . -10.58 -12.70 -33.55
C16 CLA WB . -12.01 -12.74 -34.10
C17 CLA WB . -12.38 -14.15 -34.55
C18 CLA WB . -13.88 -14.29 -34.79
C19 CLA WB . -14.32 -15.75 -34.76
C20 CLA WB . -14.31 -13.59 -36.07
MG CLA XB . -14.06 0.90 -11.95
CHA CLA XB . -14.20 -1.13 -9.06
CHB CLA XB . -17.33 1.77 -11.27
CHC CLA XB . -13.68 3.49 -14.18
CHD CLA XB . -10.47 0.29 -12.14
NA CLA XB . -15.56 0.42 -10.34
C1A CLA XB . -15.50 -0.46 -9.42
C2A CLA XB . -16.78 -0.65 -8.63
C3A CLA XB . -17.76 0.21 -9.39
C4A CLA XB . -16.85 0.83 -10.42
CMA CLA XB . -18.78 -0.71 -10.07
CAA CLA XB . -16.60 0.16 -7.32
CBA CLA XB . -16.16 1.63 -7.55
CGA CLA XB . -15.60 2.42 -6.39
O1A CLA XB . -15.39 1.91 -5.30
O2A CLA XB . -15.31 3.83 -6.58
NB CLA XB . -15.32 2.38 -12.63
C1B CLA XB . -16.61 2.58 -12.29
C2B CLA XB . -17.19 3.82 -12.90
C3B CLA XB . -16.09 4.32 -13.74
C4B CLA XB . -14.99 3.35 -13.50
CMB CLA XB . -18.57 4.41 -12.73
CAB CLA XB . -15.98 5.51 -14.64
CBB CLA XB . -16.88 5.76 -15.56
NC CLA XB . -12.35 1.73 -12.99
C1C CLA XB . -12.43 2.78 -13.81
C2C CLA XB . -11.12 3.23 -14.35
C3C CLA XB . -10.17 2.27 -13.74
C4C CLA XB . -11.05 1.40 -12.91
CMC CLA XB . -10.84 4.37 -15.30
CAC CLA XB . -8.67 2.25 -13.90
CBC CLA XB . -8.21 3.09 -12.72
ND CLA XB . -12.67 -0.08 -10.95
C1D CLA XB . -11.26 -0.33 -11.08
C2D CLA XB . -10.66 -1.26 -10.10
C3D CLA XB . -11.88 -1.57 -9.29
C4D CLA XB . -12.95 -0.85 -9.83
CMD CLA XB . -9.28 -1.81 -9.88
CAD CLA XB . -12.39 -2.32 -8.11
OBD CLA XB . -11.68 -3.09 -7.37
CBD CLA XB . -13.86 -2.05 -7.94
CGD CLA XB . -14.55 -3.37 -8.03
O1D CLA XB . -15.39 -3.70 -7.21
O2D CLA XB . -14.21 -4.30 -9.09
CED CLA XB . -14.84 -5.58 -9.10
C1 CLA XB . -14.83 4.71 -5.55
C2 CLA XB . -14.87 6.15 -6.04
C3 CLA XB . -14.24 7.18 -5.43
C4 CLA XB . -13.45 6.97 -4.17
C5 CLA XB . -14.37 8.58 -5.98
C6 CLA XB . -13.06 9.23 -6.41
C7 CLA XB . -13.21 10.76 -6.56
C8 CLA XB . -11.88 11.44 -6.81
C9 CLA XB . -10.78 10.89 -5.91
C10 CLA XB . -12.00 12.94 -6.62
C11 CLA XB . -10.80 13.69 -7.23
C12 CLA XB . -10.96 15.21 -7.04
C13 CLA XB . -9.93 16.07 -7.77
C14 CLA XB . -8.53 15.84 -7.24
C15 CLA XB . -10.33 17.53 -7.58
C16 CLA XB . -9.49 18.47 -8.42
C17 CLA XB . -9.85 19.92 -8.10
C18 CLA XB . -9.10 20.87 -9.02
C19 CLA XB . -8.88 22.21 -8.33
C20 CLA XB . -9.87 21.07 -10.32
MG CLA YB . -24.44 26.02 -26.38
CHA CLA YB . -23.19 26.93 -29.47
CHB CLA YB . -23.62 29.22 -25.33
CHC CLA YB . -26.21 25.43 -23.49
CHD CLA YB . -25.85 22.99 -27.81
NA CLA YB . -23.59 27.86 -27.29
C1A CLA YB . -23.08 27.99 -28.45
C2A CLA YB . -22.34 29.27 -28.69
C3A CLA YB . -22.44 29.95 -27.35
C4A CLA YB . -23.27 28.94 -26.59
CMA CLA YB . -21.04 29.82 -26.76
CAA CLA YB . -23.07 30.16 -29.70
CBA CLA YB . -24.48 30.57 -29.23
CGA CLA YB . -25.56 29.51 -29.35
O1A CLA YB . -25.63 28.74 -30.29
O2A CLA YB . -26.57 29.36 -28.32
NB CLA YB . -24.85 27.17 -24.63
C1B CLA YB . -24.44 28.41 -24.37
C2B CLA YB . -24.87 28.92 -23.05
C3B CLA YB . -25.65 27.77 -22.51
C4B CLA YB . -25.56 26.75 -23.58
CMB CLA YB . -24.62 30.25 -22.41
CAB CLA YB . -26.36 27.64 -21.22
CBB CLA YB . -25.93 28.25 -20.13
NC CLA YB . -25.80 24.47 -25.79
C1C CLA YB . -26.38 24.43 -24.58
C2C CLA YB . -27.25 23.23 -24.39
C3C CLA YB . -27.12 22.51 -25.68
C4C CLA YB . -26.23 23.39 -26.46
CMC CLA YB . -28.03 22.83 -23.18
CAC CLA YB . -27.78 21.23 -26.14
CBC CLA YB . -26.88 20.10 -25.67
ND CLA YB . -24.64 25.21 -28.10
C1D CLA YB . -25.04 23.92 -28.61
C2D CLA YB . -24.61 23.60 -29.98
C3D CLA YB . -23.86 24.85 -30.30
C4D CLA YB . -23.94 25.69 -29.20
CMD CLA YB . -24.80 22.40 -30.84
CAD CLA YB . -23.05 25.53 -31.35
OBD CLA YB . -22.76 25.04 -32.49
CBD CLA YB . -22.65 26.88 -30.85
CGD CLA YB . -21.16 27.07 -30.96
O1D CLA YB . -20.38 26.53 -30.20
O2D CLA YB . -20.66 27.93 -31.99
CED CLA YB . -19.25 28.15 -32.02
C1 CLA YB . -27.56 28.34 -28.45
C2 CLA YB . -28.87 28.79 -27.84
C3 CLA YB . -29.30 28.34 -26.64
C4 CLA YB . -28.47 27.38 -25.84
C5 CLA YB . -30.63 28.80 -26.09
C6 CLA YB . -31.68 27.70 -26.24
C7 CLA YB . -33.11 28.15 -25.90
C8 CLA YB . -34.03 26.94 -25.90
C9 CLA YB . -34.31 26.53 -27.34
C10 CLA YB . -35.35 27.25 -25.17
C11 CLA YB . -36.18 25.97 -25.07
C12 CLA YB . -37.50 26.15 -24.33
C13 CLA YB . -38.19 24.80 -24.12
C14 CLA YB . -38.78 24.28 -25.42
C15 CLA YB . -39.28 24.94 -23.05
C16 CLA YB . -39.80 23.60 -22.51
C17 CLA YB . -38.92 23.02 -21.41
C18 CLA YB . -39.47 21.68 -20.91
C19 CLA YB . -40.88 21.82 -20.36
C20 CLA YB . -38.56 21.13 -19.81
MG CLA ZB . -27.97 18.82 -40.47
CHA CLA ZB . -27.28 22.01 -41.56
CHB CLA ZB . -25.50 19.29 -38.14
CHC CLA ZB . -29.17 15.99 -38.90
CHD CLA ZB . -31.03 18.76 -42.55
NA CLA ZB . -26.59 20.46 -39.88
C1A CLA ZB . -26.36 21.53 -40.51
C2A CLA ZB . -25.17 22.32 -40.10
C3A CLA ZB . -24.57 21.41 -39.02
C4A CLA ZB . -25.62 20.32 -38.99
CMA CLA ZB . -23.31 20.76 -39.61
CAA CLA ZB . -25.52 23.68 -39.46
CBA CLA ZB . -26.09 23.54 -38.05
CGA CLA ZB . -26.73 24.81 -37.50
O1A CLA ZB . -26.73 25.86 -38.12
O2A CLA ZB . -27.37 24.74 -36.19
NB CLA ZB . -27.41 17.80 -38.80
C1B CLA ZB . -26.41 18.11 -37.97
C2B CLA ZB . -26.29 17.18 -36.81
C3B CLA ZB . -27.39 16.22 -37.05
C4B CLA ZB . -28.00 16.69 -38.31
CMB CLA ZB . -25.35 17.16 -35.63
CAB CLA ZB . -27.77 15.06 -36.21
CBB CLA ZB . -27.32 13.85 -36.44
NC CLA ZB . -29.83 17.59 -40.71
C1C CLA ZB . -30.05 16.49 -39.98
C2C CLA ZB . -31.26 15.75 -40.38
C3C CLA ZB . -31.82 16.56 -41.50
C4C CLA ZB . -30.84 17.69 -41.57
CMC CLA ZB . -31.77 14.47 -39.79
CAC CLA ZB . -33.06 16.37 -42.34
CBC CLA ZB . -32.55 15.87 -43.68
ND CLA ZB . -28.95 19.96 -41.63
C1D CLA ZB . -30.12 19.91 -42.51
C2D CLA ZB . -30.32 21.09 -43.37
C3D CLA ZB . -29.14 21.91 -42.98
C4D CLA ZB . -28.46 21.21 -41.98
CMD CLA ZB . -31.31 21.51 -44.42
CAD CLA ZB . -28.43 23.21 -43.21
OBD CLA ZB . -28.81 24.10 -44.05
CBD CLA ZB . -27.22 23.26 -42.35
CGD CLA ZB . -26.04 23.08 -43.29
O1D CLA ZB . -25.05 23.76 -43.23
O2D CLA ZB . -26.10 22.01 -44.28
CED CLA ZB . -24.97 21.69 -45.10
C1 CLA ZB . -27.77 25.94 -35.50
C2 CLA ZB . -28.06 25.60 -34.05
C3 CLA ZB . -27.20 25.97 -33.09
C4 CLA ZB . -25.95 26.72 -33.47
C5 CLA ZB . -27.43 25.67 -31.63
C6 CLA ZB . -28.70 24.89 -31.25
C7 CLA ZB . -28.82 24.94 -29.73
C8 CLA ZB . -30.04 24.23 -29.13
C9 CLA ZB . -31.34 24.75 -29.73
C10 CLA ZB . -30.01 24.43 -27.61
C11 CLA ZB . -31.23 23.84 -26.91
C12 CLA ZB . -30.95 23.58 -25.44
C13 CLA ZB . -32.25 23.49 -24.61
C14 CLA ZB . -31.90 23.48 -23.12
C15 CLA ZB . -33.04 22.25 -25.00
C16 CLA ZB . -34.33 22.06 -24.19
C17 CLA ZB . -35.14 20.93 -24.79
C18 CLA ZB . -36.50 20.72 -24.13
C19 CLA ZB . -36.38 20.15 -22.72
C20 CLA ZB . -37.37 19.85 -25.00
MG CLA AC . -20.77 18.41 -35.45
CHA CLA AC . -19.51 15.23 -35.39
CHB CLA AC . -23.13 17.41 -33.16
CHC CLA AC . -22.37 21.40 -35.96
CHD CLA AC . -18.65 19.18 -38.40
NA CLA AC . -21.28 16.59 -34.43
C1A CLA AC . -20.63 15.48 -34.42
C2A CLA AC . -21.06 14.47 -33.40
C3A CLA AC . -22.23 15.19 -32.75
C4A CLA AC . -22.20 16.49 -33.49
CMA CLA AC . -23.51 14.51 -33.26
CAA CLA AC . -20.02 14.35 -32.30
CBA CLA AC . -20.40 13.20 -31.39
CGA CLA AC . -19.58 12.01 -31.85
O1A CLA AC . -18.83 12.08 -32.82
O2A CLA AC . -19.66 10.77 -31.13
NB CLA AC . -22.52 19.27 -34.65
C1B CLA AC . -23.34 18.74 -33.74
C2B CLA AC . -24.46 19.64 -33.34
C3B CLA AC . -24.22 20.81 -34.19
C4B CLA AC . -22.97 20.49 -34.94
CMB CLA AC . -25.60 19.43 -32.38
CAB CLA AC . -25.06 22.04 -34.24
CBB CLA AC . -24.54 23.24 -34.43
NC CLA AC . -20.55 19.99 -36.96
C1C CLA AC . -21.26 21.12 -36.88
C2C CLA AC . -20.82 22.15 -37.87
C3C CLA AC . -19.72 21.49 -38.62
C4C CLA AC . -19.62 20.18 -37.92
CMC CLA AC . -21.38 23.52 -38.10
CAC CLA AC . -18.90 22.05 -39.78
CBC CLA AC . -17.67 22.72 -39.24
ND CLA AC . -19.48 17.54 -36.65
C1D CLA AC . -18.60 17.86 -37.75
C2D CLA AC . -17.64 16.80 -38.14
C3D CLA AC . -18.04 15.73 -37.18
C4D CLA AC . -19.07 16.24 -36.39
CMD CLA AC . -16.56 16.64 -39.19
CAD CLA AC . -17.79 14.35 -36.73
OBD CLA AC . -16.90 13.59 -37.24
CBD CLA AC . -18.69 14.01 -35.59
CGD CLA AC . -19.58 12.91 -36.07
O1D CLA AC . -19.50 11.77 -35.64
O2D CLA AC . -20.57 13.15 -37.08
CED CLA AC . -21.34 12.05 -37.51
C1 CLA AC . -19.07 9.55 -31.58
C2 CLA AC . -19.66 9.00 -32.86
C3 CLA AC . -19.91 7.69 -32.92
C4 CLA AC . -19.68 6.84 -31.70
C5 CLA AC . -20.48 7.07 -34.18
C6 CLA AC . -19.51 6.09 -34.84
C7 CLA AC . -18.25 6.79 -35.32
C8 CLA AC . -18.56 7.72 -36.49
C9 CLA AC . -19.03 6.95 -37.72
C10 CLA AC . -17.35 8.58 -36.86
C11 CLA AC . -16.74 9.25 -35.63
C12 CLA AC . -15.92 10.42 -36.12
C13 CLA AC . -14.92 10.97 -35.12
C14 CLA AC . -15.62 11.61 -33.93
C15 CLA AC . -14.03 11.89 -35.94
C16 CLA AC . -13.93 13.32 -35.45
C17 CLA AC . -13.61 14.25 -36.62
C18 CLA AC . -12.95 15.50 -36.09
C19 CLA AC . -12.72 16.56 -37.15
C20 CLA AC . -11.62 15.09 -35.47
MG CLA BC . -10.61 21.60 -23.68
CHA CLA BC . -7.83 23.72 -23.70
CHB CLA BC . -9.07 19.92 -26.26
CHC CLA BC . -12.88 19.01 -23.25
CHD CLA BC . -11.64 22.94 -20.48
NA CLA BC . -8.63 21.76 -24.81
C1A CLA BC . -7.79 22.71 -24.80
C2A CLA BC . -6.73 22.69 -25.87
C3A CLA BC . -7.22 21.47 -26.67
C4A CLA BC . -8.38 21.01 -25.86
CMA CLA BC . -7.74 21.98 -28.01
CAA CLA BC . -5.39 22.29 -25.22
CBA CLA BC . -5.50 21.12 -24.23
CGA CLA BC . -4.15 20.85 -23.59
O1A CLA BC . -3.09 21.07 -24.16
O2A CLA BC . -4.10 20.24 -22.29
NB CLA BC . -10.92 19.73 -24.62
C1B CLA BC . -10.25 19.25 -25.67
C2B CLA BC . -10.79 17.98 -26.19
C3B CLA BC . -11.94 17.71 -25.29
C4B CLA BC . -11.91 18.85 -24.35
CMB CLA BC . -10.28 17.18 -27.38
CAB CLA BC . -12.90 16.59 -25.28
CBB CLA BC . -13.35 16.11 -26.43
NC CLA BC . -12.04 21.11 -22.14
C1C CLA BC . -12.79 19.99 -22.16
C2C CLA BC . -13.58 19.79 -20.92
C3C CLA BC . -13.22 20.96 -20.09
C4C CLA BC . -12.24 21.68 -20.95
CMC CLA BC . -14.52 18.68 -20.54
CAC CLA BC . -13.69 21.27 -18.70
CBC CLA BC . -12.87 20.36 -17.79
ND CLA BC . -9.97 22.86 -22.38
C1D CLA BC . -10.47 23.48 -21.17
C2D CLA BC . -9.73 24.66 -20.68
C3D CLA BC . -8.67 24.72 -21.73
C4D CLA BC . -8.88 23.68 -22.63
CMD CLA BC . -9.88 25.63 -19.52
CAD CLA BC . -7.49 25.48 -22.18
OBD CLA BC . -7.05 26.51 -21.56
CBD CLA BC . -6.93 24.87 -23.41
CGD CLA BC . -6.95 25.89 -24.51
O1D CLA BC . -7.99 26.39 -24.91
O2D CLA BC . -5.73 26.35 -25.10
CED CLA BC . -5.79 27.36 -26.12
C1 CLA BC . -2.90 19.82 -21.65
C2 CLA BC . -3.30 19.03 -20.42
C3 CLA BC . -2.37 18.58 -19.55
C4 CLA BC . -0.90 18.78 -19.84
C5 CLA BC . -2.76 17.75 -18.33
C6 CLA BC . -4.22 17.86 -17.86
C7 CLA BC . -4.37 16.98 -16.63
C8 CLA BC . -5.83 16.82 -16.19
C9 CLA BC . -6.35 18.14 -15.64
C10 CLA BC . -5.95 15.76 -15.11
C11 CLA BC . -5.75 14.36 -15.71
C12 CLA BC . -6.80 14.09 -16.78
C13 CLA BC . -7.06 12.60 -17.05
C14 CLA BC . -5.85 11.94 -17.71
C15 CLA BC . -8.28 12.50 -17.96
C16 CLA BC . -8.90 11.11 -18.08
C17 CLA BC . -10.03 11.13 -19.09
C18 CLA BC . -11.30 11.68 -18.49
C19 CLA BC . -11.86 10.69 -17.48
C20 CLA BC . -12.33 12.05 -19.55
MG CLA CC . -9.52 15.73 -30.19
CHA CLA CC . -12.83 14.64 -30.53
CHB CLA CC . -9.06 13.10 -28.02
CHC CLA CC . -6.60 17.23 -29.21
CHD CLA CC . -10.33 18.69 -32.11
NA CLA CC . -10.76 14.13 -29.35
C1A CLA CC . -11.96 13.81 -29.65
C2A CLA CC . -12.47 12.52 -29.12
C3A CLA CC . -11.27 12.07 -28.27
C4A CLA CC . -10.29 13.17 -28.55
CMA CLA CC . -11.70 12.23 -26.81
CAA CLA CC . -12.65 11.58 -30.32
CBA CLA CC . -11.37 11.38 -31.14
CGA CLA CC . -11.67 10.45 -32.30
O1A CLA CC . -11.91 10.87 -33.42
O2A CLA CC . -11.66 9.02 -32.09
NB CLA CC . -8.06 15.26 -28.78
C1B CLA CC . -7.93 14.09 -28.15
C2B CLA CC . -6.56 13.86 -27.60
C3B CLA CC . -5.85 15.13 -27.97
C4B CLA CC . -6.89 15.90 -28.67
CMB CLA CC . -6.06 12.66 -26.83
CAB CLA CC . -4.46 15.62 -27.77
CBB CLA CC . -3.55 14.97 -27.07
NC CLA CC . -8.64 17.66 -30.58
C1C CLA CC . -7.45 18.03 -30.13
C2C CLA CC . -6.99 19.35 -30.66
C3C CLA CC . -8.12 19.78 -31.50
C4C CLA CC . -9.05 18.63 -31.39
CMC CLA CC . -5.74 20.12 -30.38
CAC CLA CC . -8.28 21.03 -32.33
CBC CLA CC . -9.21 21.94 -31.54
ND CLA CC . -11.06 16.53 -31.04
C1D CLA CC . -11.35 17.67 -31.85
C2D CLA CC . -12.71 17.73 -32.42
C3D CLA CC . -13.28 16.49 -31.87
C4D CLA CC . -12.30 15.89 -31.09
CMD CLA CC . -13.42 18.71 -33.32
CAD CLA CC . -14.52 15.66 -31.81
OBD CLA CC . -15.63 15.95 -32.40
CBD CLA CC . -14.25 14.48 -30.97
CGD CLA CC . -15.28 14.41 -29.87
O1D CLA CC . -15.97 13.43 -29.66
O2D CLA CC . -15.48 15.57 -29.01
CED CLA CC . -16.36 15.42 -27.88
C1 CLA CC . -12.29 8.21 -33.07
C2 CLA CC . -13.75 8.24 -32.73
C3 CLA CC . -14.36 7.23 -32.11
C4 CLA CC . -13.61 5.97 -31.77
C5 CLA CC . -15.84 7.34 -31.77
C6 CLA CC . -16.10 7.37 -30.27
C7 CLA CC . -15.15 8.32 -29.55
C8 CLA CC . -15.37 8.31 -28.02
C9 CLA CC . -14.82 9.58 -27.39
C10 CLA CC . -14.72 7.11 -27.37
C11 CLA CC . -15.29 6.85 -25.97
C12 CLA CC . -16.64 6.15 -26.09
C13 CLA CC . -17.50 6.32 -24.84
C14 CLA CC . -16.89 5.60 -23.65
C15 CLA CC . -18.95 5.83 -25.04
C16 CLA CC . -19.73 6.60 -26.09
C17 CLA CC . -19.76 8.11 -25.83
C18 CLA CC . -20.66 8.79 -26.86
C19 CLA CC . -20.14 8.69 -28.28
C20 CLA CC . -20.91 10.26 -26.52
MG CLA DC . -10.53 10.33 -22.73
CHA CLA DC . -7.66 12.30 -22.30
CHB CLA DC . -12.16 13.19 -23.63
CHC CLA DC . -13.45 8.54 -22.51
CHD CLA DC . -8.82 7.57 -21.03
NA CLA DC . -9.99 12.46 -22.91
C1A CLA DC . -8.84 13.01 -22.87
C2A CLA DC . -8.77 14.47 -23.24
C3A CLA DC . -10.23 14.71 -23.61
C4A CLA DC . -10.85 13.37 -23.37
CMA CLA DC . -10.81 15.61 -22.52
CAA CLA DC . -7.92 14.66 -24.49
CBA CLA DC . -7.96 16.09 -25.04
CGA CLA DC . -7.26 17.09 -24.14
O1A CLA DC . -6.14 17.50 -24.39
O2A CLA DC . -7.90 17.58 -22.93
NB CLA DC . -12.50 10.83 -23.00
C1B CLA DC . -12.99 11.97 -23.48
C2B CLA DC . -14.42 11.88 -23.89
C3B CLA DC . -14.77 10.49 -23.53
C4B CLA DC . -13.51 9.94 -23.00
CMB CLA DC . -15.28 12.96 -24.48
CAB CLA DC . -16.04 9.71 -23.63
CBB CLA DC . -17.15 10.21 -24.14
NC CLA DC . -11.05 8.39 -21.88
C1C CLA DC . -12.26 7.85 -21.98
C2C CLA DC . -12.33 6.45 -21.46
C3C CLA DC . -10.94 6.19 -21.02
C4C CLA DC . -10.26 7.46 -21.34
CMC CLA DC . -13.52 5.52 -21.39
CAC CLA DC . -10.32 4.97 -20.40
CBC CLA DC . -10.39 5.18 -18.89
ND CLA DC . -8.81 9.95 -21.87
C1D CLA DC . -8.13 8.83 -21.27
C2D CLA DC . -6.70 9.03 -20.93
C3D CLA DC . -6.55 10.44 -21.35
C4D CLA DC . -7.77 10.87 -21.90
CMD CLA DC . -5.61 8.18 -20.31
CAD CLA DC . -5.58 11.55 -21.48
OBD CLA DC . -4.37 11.48 -21.05
CBD CLA DC . -6.23 12.73 -22.14
CGD CLA DC . -5.97 13.95 -21.31
O1D CLA DC . -6.71 14.38 -20.45
O2D CLA DC . -4.70 14.62 -21.63
CED CLA DC . -4.18 15.66 -20.82
C1 CLA DC . -7.16 18.32 -21.97
C2 CLA DC . -7.61 17.93 -20.57
C3 CLA DC . -8.77 18.34 -20.05
C4 CLA DC . -9.71 19.21 -20.82
C5 CLA DC . -9.10 17.87 -18.66
C6 CLA DC . -10.32 16.95 -18.57
C7 CLA DC . -10.71 16.82 -17.10
C8 CLA DC . -11.57 15.59 -16.84
C9 CLA DC . -12.89 15.75 -17.59
C10 CLA DC . -11.78 15.42 -15.33
C11 CLA DC . -10.45 15.06 -14.67
C12 CLA DC . -10.52 14.79 -13.16
C13 CLA DC . -9.78 15.83 -12.29
C14 CLA DC . -9.85 17.22 -12.92
C15 CLA DC . -8.33 15.49 -12.02
C16 CLA DC . -7.97 14.01 -12.05
C17 CLA DC . -8.13 13.35 -10.68
C18 CLA DC . -7.15 12.19 -10.51
C19 CLA DC . -7.47 11.03 -11.44
C20 CLA DC . -7.15 11.72 -9.06
MG CLA EC . 0.29 15.16 -24.25
CHA CLA EC . 2.98 16.76 -25.80
CHB CLA EC . -0.28 13.54 -27.22
CHC CLA EC . -1.75 12.90 -22.55
CHD CLA EC . 1.42 16.47 -21.02
NA CLA EC . 1.23 15.13 -26.24
C1A CLA EC . 2.16 15.89 -26.68
C2A CLA EC . 2.47 15.77 -28.14
C3A CLA EC . 1.37 14.80 -28.57
C4A CLA EC . 0.71 14.47 -27.26
CMA CLA EC . 0.37 15.62 -29.38
CAA CLA EC . 3.83 15.04 -28.29
CBA CLA EC . 3.98 13.77 -27.41
CGA CLA EC . 4.49 14.00 -25.97
O1A CLA EC . 5.52 14.60 -25.71
O2A CLA EC . 3.75 13.49 -24.83
NB CLA EC . -0.85 13.44 -24.82
C1B CLA EC . -1.05 13.01 -26.06
C2B CLA EC . -2.06 11.91 -26.16
C3B CLA EC . -2.46 11.74 -24.75
C4B CLA EC . -1.66 12.75 -24.03
CMB CLA EC . -2.54 11.16 -27.38
CAB CLA EC . -3.45 10.85 -24.09
CBB CLA EC . -4.48 10.37 -24.76
NC CLA EC . -0.07 14.78 -22.19
C1C CLA EC . -0.94 13.85 -21.74
C2C CLA EC . -1.09 13.83 -20.27
C3C CLA EC . -0.15 14.89 -19.82
C4C CLA EC . 0.40 15.41 -21.10
CMC CLA EC . -1.97 12.95 -19.42
CAC CLA EC . 0.17 15.33 -18.42
CBC CLA EC . 1.29 14.41 -17.98
ND CLA EC . 1.73 16.28 -23.52
C1D CLA EC . 2.15 16.81 -22.25
C2D CLA EC . 3.32 17.72 -22.28
C3D CLA EC . 3.63 17.68 -23.73
C4D CLA EC . 2.71 16.84 -24.33
CMD CLA EC . 4.10 18.51 -21.26
CAD CLA EC . 4.58 18.13 -24.77
OBD CLA EC . 5.56 18.93 -24.53
CBD CLA EC . 4.19 17.59 -26.11
CGD CLA EC . 3.99 18.73 -27.07
O1D CLA EC . 4.19 18.64 -28.25
O2D CLA EC . 3.82 20.08 -26.59
CED CLA EC . 3.95 21.16 -27.52
C1 CLA EC . 4.25 13.64 -23.49
C2 CLA EC . 3.27 13.07 -22.48
C3 CLA EC . 3.42 11.87 -21.89
C4 CLA EC . 4.60 11.01 -22.22
C5 CLA EC . 2.40 11.37 -20.89
C6 CLA EC . 3.08 10.49 -19.84
C7 CLA EC . 2.25 9.29 -19.41
C8 CLA EC . 1.41 9.56 -18.16
C9 CLA EC . 2.24 10.13 -17.02
C10 CLA EC . 0.78 8.25 -17.72
C11 CLA EC . 1.85 7.20 -17.43
C12 CLA EC . 1.35 5.82 -17.84
C13 CLA EC . 2.20 4.70 -17.25
C14 CLA EC . 2.88 3.91 -18.37
C15 CLA EC . 1.30 3.82 -16.39
C16 CLA EC . 0.91 4.43 -15.04
C17 CLA EC . 0.13 3.41 -14.19
C18 CLA EC . 0.33 3.58 -12.68
C19 CLA EC . 1.72 3.14 -12.24
C20 CLA EC . -0.73 2.80 -11.90
MG CLA FC . -12.72 10.27 -41.44
CHA CLA FC . -11.54 9.85 -38.19
CHB CLA FC . -13.79 6.97 -41.25
CHC CLA FC . -13.09 10.29 -44.85
CHD CLA FC . -10.88 13.41 -41.69
NA CLA FC . -12.67 8.60 -39.91
C1A CLA FC . -12.33 8.67 -38.69
C2A CLA FC . -12.62 7.45 -37.84
C3A CLA FC . -13.35 6.56 -38.87
C4A CLA FC . -13.29 7.44 -40.10
CMA CLA FC . -12.57 5.27 -39.14
CAA CLA FC . -13.49 7.73 -36.62
CBA CLA FC . -13.93 6.37 -36.07
CGA CLA FC . -12.86 5.52 -35.40
O1A CLA FC . -11.68 5.82 -35.32
O2A CLA FC . -13.29 4.29 -34.78
NB CLA FC . -13.36 8.84 -42.83
C1B CLA FC . -13.79 7.59 -42.60
C2B CLA FC . -14.21 6.86 -43.85
C3B CLA FC . -13.98 7.88 -44.88
C4B CLA FC . -13.49 9.06 -44.13
CMB CLA FC . -14.71 5.44 -44.01
CAB CLA FC . -14.18 7.90 -46.37
CBB CLA FC . -14.27 6.78 -47.07
NC CLA FC . -12.07 11.60 -42.96
C1C CLA FC . -12.35 11.43 -44.26
C2C CLA FC . -11.87 12.52 -45.13
C3C CLA FC . -11.20 13.43 -44.19
C4C CLA FC . -11.44 12.78 -42.88
CMC CLA FC . -11.96 12.68 -46.63
CAC CLA FC . -10.48 14.73 -44.47
CBC CLA FC . -9.05 14.29 -44.77
ND CLA FC . -11.58 11.39 -40.35
C1D CLA FC . -10.88 12.64 -40.45
C2D CLA FC . -10.18 13.09 -39.25
C3D CLA FC . -10.46 11.95 -38.35
C4D CLA FC . -11.26 11.03 -39.04
CMD CLA FC . -9.35 14.30 -38.90
CAD CLA FC . -10.21 11.40 -37.00
OBD CLA FC . -9.51 11.99 -36.10
CBD CLA FC . -10.89 10.09 -36.87
CGD CLA FC . -9.88 9.02 -36.53
O1D CLA FC . -9.07 8.57 -37.31
O2D CLA FC . -9.79 8.55 -35.16
CED CLA FC . -8.71 7.73 -34.71
C1 CLA FC . -12.34 3.34 -34.28
C2 CLA FC . -11.61 2.63 -35.41
C3 CLA FC . -11.89 1.37 -35.75
C4 CLA FC . -12.95 0.61 -35.01
C5 CLA FC . -11.10 0.71 -36.86
C6 CLA FC . -11.89 0.47 -38.15
C7 CLA FC . -11.04 -0.11 -39.27
C8 CLA FC . -10.17 0.95 -39.93
C9 CLA FC . -11.06 1.94 -40.67
C10 CLA FC . -9.13 0.32 -40.86
C11 CLA FC . -8.80 1.30 -42.00
C12 CLA FC . -8.05 0.65 -43.15
C13 CLA FC . -7.50 1.69 -44.14
C14 CLA FC . -6.36 1.13 -44.99
C15 CLA FC . -7.10 2.98 -43.43
C16 CLA FC . -7.84 4.17 -44.04
C17 CLA FC . -8.80 4.83 -43.05
C18 CLA FC . -9.49 6.04 -43.65
C19 CLA FC . -10.44 6.64 -42.61
C20 CLA FC . -10.25 5.73 -44.94
MG CLA GC . -4.73 5.90 -41.99
CHA CLA GC . -2.52 4.64 -44.33
CHB CLA GC . -4.40 2.85 -40.34
CHC CLA GC . -7.42 6.81 -40.07
CHD CLA GC . -5.49 8.75 -44.20
NA CLA GC . -3.61 3.97 -42.30
C1A CLA GC . -2.71 3.73 -43.16
C2A CLA GC . -1.92 2.48 -42.96
C3A CLA GC . -2.58 1.91 -41.72
C4A CLA GC . -3.59 2.99 -41.42
CMA CLA GC . -3.38 0.69 -42.13
CAA CLA GC . -0.49 2.88 -42.58
CBA CLA GC . 0.28 1.65 -42.12
CGA CLA GC . 0.73 0.85 -43.31
O1A CLA GC . 0.69 1.31 -44.44
O2A CLA GC . 1.21 -0.50 -43.16
NB CLA GC . -5.72 4.98 -40.47
C1B CLA GC . -5.49 3.78 -39.92
C2B CLA GC . -6.42 3.42 -38.82
C3B CLA GC . -7.32 4.62 -38.78
C4B CLA GC . -6.75 5.52 -39.80
CMB CLA GC . -6.46 2.17 -38.00
CAB CLA GC . -8.48 4.98 -37.94
CBB CLA GC . -8.90 4.19 -36.97
NC CLA GC . -6.21 7.52 -42.13
C1C CLA GC . -7.15 7.70 -41.21
C2C CLA GC . -7.97 8.90 -41.44
C3C CLA GC . -7.41 9.48 -42.68
C4C CLA GC . -6.33 8.52 -43.01
CMC CLA GC . -9.12 9.39 -40.61
CAC CLA GC . -7.83 10.70 -43.43
CBC CLA GC . -8.88 10.16 -44.37
ND CLA GC . -4.27 6.57 -43.72
C1D CLA GC . -4.53 7.71 -44.56
C2D CLA GC . -3.75 7.78 -45.81
C3D CLA GC . -2.96 6.52 -45.68
C4D CLA GC . -3.31 5.90 -44.49
CMD CLA GC . -3.65 8.74 -46.97
CAD CLA GC . -1.93 5.68 -46.34
OBD CLA GC . -1.40 5.96 -47.47
CBD CLA GC . -1.62 4.49 -45.52
CGD CLA GC . -1.88 3.24 -46.33
O1D CLA GC . -0.96 2.50 -46.62
O2D CLA GC . -3.21 2.85 -46.74
CED CLA GC . -3.40 1.61 -47.42
C1 CLA GC . 1.49 -1.27 -44.31
C2 CLA GC . 0.20 -1.76 -44.90
C3 CLA GC . -0.22 -3.02 -44.74
C4 CLA GC . 0.59 -4.03 -43.97
C5 CLA GC . -1.54 -3.40 -45.37
C6 CLA GC . -2.50 -2.23 -45.30
C7 CLA GC . -3.94 -2.69 -45.20
C8 CLA GC . -4.53 -2.61 -43.79
C9 CLA GC . -3.68 -3.28 -42.72
C10 CLA GC . -5.89 -3.27 -43.85
C11 CLA GC . -6.68 -3.05 -42.56
C12 CLA GC . -8.16 -3.12 -42.88
C13 CLA GC . -8.82 -4.43 -42.44
C14 CLA GC . -8.37 -5.64 -43.27
C15 CLA GC . -10.36 -4.30 -42.47
C16 CLA GC . -10.88 -3.23 -43.44
C17 CLA GC . -10.85 -3.66 -44.91
C18 CLA GC . -11.16 -2.49 -45.85
C19 CLA GC . -10.85 -2.87 -47.29
C20 CLA GC . -10.40 -1.24 -45.45
C1 BCR HC . -6.89 2.47 -7.85
C2 BCR HC . -6.96 2.37 -6.33
C3 BCR HC . -6.10 3.44 -5.67
C4 BCR HC . -4.62 3.18 -5.98
C5 BCR HC . -4.42 2.82 -7.43
C6 BCR HC . -5.42 2.49 -8.29
C7 BCR HC . -5.06 2.14 -9.69
C8 BCR HC . -4.93 3.05 -10.67
C9 BCR HC . -4.55 2.65 -12.05
C10 BCR HC . -4.27 3.60 -12.94
C11 BCR HC . -3.87 3.41 -14.34
C33 BCR HC . -3.00 2.81 -7.91
C31 BCR HC . -7.58 3.75 -8.34
C32 BCR HC . -7.61 1.26 -8.43
C34 BCR HC . -4.51 1.19 -12.43
C12 BCR HC . -3.75 4.50 -15.12
C13 BCR HC . -3.30 4.41 -16.53
C14 BCR HC . -3.12 5.54 -17.25
C15 BCR HC . -2.63 5.58 -18.63
C16 BCR HC . -2.26 6.74 -19.20
C17 BCR HC . -1.72 6.79 -20.57
C18 BCR HC . -1.34 7.93 -21.22
C19 BCR HC . -0.80 7.84 -22.59
C20 BCR HC . -0.13 8.81 -23.23
C21 BCR HC . 0.33 8.51 -24.60
C22 BCR HC . 1.02 9.31 -25.42
C23 BCR HC . 1.36 8.81 -26.78
C24 BCR HC . 2.25 9.45 -27.55
C25 BCR HC . 2.62 9.01 -28.92
C26 BCR HC . 3.31 7.85 -29.13
C27 BCR HC . 3.69 7.39 -30.53
C28 BCR HC . 3.56 8.50 -31.56
C29 BCR HC . 2.22 9.19 -31.39
C30 BCR HC . 2.21 9.92 -30.06
C35 BCR HC . -3.00 3.03 -17.07
C36 BCR HC . -1.49 9.28 -20.57
C37 BCR HC . 1.43 10.70 -25.03
C38 BCR HC . 3.75 6.92 -28.01
C39 BCR HC . 0.81 10.48 -29.84
C40 BCR HC . 3.19 11.10 -30.13
C1 BCR IC . -10.67 8.49 -12.62
C2 BCR IC . -11.03 8.92 -11.19
C3 BCR IC . -10.67 7.82 -10.20
C4 BCR IC . -9.15 7.70 -10.18
C5 BCR IC . -8.57 7.58 -11.57
C6 BCR IC . -9.25 7.93 -12.68
C7 BCR IC . -8.69 7.81 -14.07
C8 BCR IC . -8.31 6.62 -14.58
C9 BCR IC . -7.78 6.45 -15.94
C10 BCR IC . -7.32 5.24 -16.32
C11 BCR IC . -6.81 4.91 -17.66
C33 BCR IC . -7.16 7.04 -11.63
C31 BCR IC . -10.69 9.71 -13.53
C32 BCR IC . -11.70 7.47 -13.09
C34 BCR IC . -7.83 7.64 -16.87
C12 BCR IC . -6.52 3.63 -17.93
C13 BCR IC . -6.03 3.18 -19.25
C14 BCR IC . -5.64 1.89 -19.43
C15 BCR IC . -5.15 1.33 -20.71
C16 BCR IC . -4.64 0.07 -20.80
C17 BCR IC . -4.14 -0.44 -22.10
C18 BCR IC . -3.58 -1.66 -22.30
C19 BCR IC . -3.14 -2.03 -23.67
C20 BCR IC . -2.45 -3.14 -23.99
C21 BCR IC . -2.11 -3.38 -25.41
C22 BCR IC . -1.36 -4.43 -25.83
C23 BCR IC . -1.10 -4.60 -27.28
C24 BCR IC . -0.18 -5.43 -27.80
C25 BCR IC . 0.04 -5.56 -29.28
C26 BCR IC . 0.68 -4.60 -29.99
C27 BCR IC . 0.89 -4.71 -31.49
C28 BCR IC . -0.08 -5.67 -32.13
C29 BCR IC . 0.02 -6.97 -31.37
C30 BCR IC . -0.50 -6.82 -29.94
C35 BCR IC . -5.99 4.18 -20.38
C36 BCR IC . -3.37 -2.64 -21.16
C37 BCR IC . -0.82 -5.45 -24.84
C38 BCR IC . 1.21 -3.36 -29.34
C39 BCR IC . -0.05 -8.03 -29.13
C40 BCR IC . -2.02 -6.75 -29.94
C1 BCR JC . -15.14 -7.59 -36.36
C2 BCR JC . -16.04 -8.74 -36.77
C3 BCR JC . -15.58 -9.35 -38.07
C4 BCR JC . -15.80 -8.27 -39.13
C5 BCR JC . -14.96 -7.07 -38.81
C6 BCR JC . -14.65 -6.75 -37.53
C7 BCR JC . -13.82 -5.56 -37.15
C8 BCR JC . -12.61 -5.27 -37.64
C9 BCR JC . -11.82 -4.10 -37.19
C10 BCR JC . -10.57 -3.96 -37.69
C11 BCR JC . -9.59 -2.93 -37.32
C33 BCR JC . -14.52 -6.26 -40.01
C31 BCR JC . -13.96 -8.17 -35.57
C32 BCR JC . -15.96 -6.70 -35.44
C34 BCR JC . -12.39 -3.12 -36.19
C12 BCR JC . -8.40 -2.98 -37.95
C13 BCR JC . -7.28 -2.07 -37.67
C14 BCR JC . -6.12 -2.24 -38.35
C15 BCR JC . -4.87 -1.50 -38.13
C16 BCR JC . -3.79 -1.65 -38.92
C17 BCR JC . -2.56 -0.93 -38.59
C18 BCR JC . -1.39 -0.98 -39.25
C19 BCR JC . -0.24 -0.21 -38.73
C20 BCR JC . 0.95 -0.16 -39.36
C21 BCR JC . 2.01 0.65 -38.75
C22 BCR JC . 3.25 0.81 -39.26
C23 BCR JC . 4.19 1.65 -38.49
C24 BCR JC . 5.52 1.64 -38.70
C25 BCR JC . 6.46 2.47 -37.89
C26 BCR JC . 6.65 2.20 -36.58
C27 BCR JC . 7.58 3.00 -35.68
C28 BCR JC . 7.92 4.34 -36.30
C29 BCR JC . 8.35 4.08 -37.73
C30 BCR JC . 7.17 3.63 -38.57
C35 BCR JC . -7.41 -1.05 -36.57
C36 BCR JC . -1.21 -1.78 -40.52
C37 BCR JC . 3.70 0.19 -40.54
C38 BCR JC . 5.95 1.06 -35.89
C39 BCR JC . 7.69 3.19 -39.94
C40 BCR JC . 6.17 4.78 -38.72
O6 SQD KC . 11.47 10.69 -32.39
C44 SQD KC . 10.05 10.93 -32.35
C45 SQD KC . 9.39 10.40 -31.08
C46 SQD KC . 10.07 11.01 -29.86
O47 SQD KC . 8.02 10.80 -31.08
C7 SQD KC . 7.41 10.94 -29.76
O49 SQD KC . 7.17 12.07 -29.36
C8 SQD KC . 7.04 9.76 -28.90
C9 SQD KC . 7.09 10.15 -27.43
C10 SQD KC . 5.95 9.49 -26.66
C11 SQD KC . 6.34 9.08 -25.23
C12 SQD KC . 5.27 8.14 -24.71
C13 SQD KC . 5.58 7.56 -23.34
C14 SQD KC . 4.44 6.69 -22.86
C15 SQD KC . 4.01 5.69 -23.94
C16 SQD KC . 2.98 4.70 -23.41
C17 SQD KC . 2.32 3.91 -24.53
C18 SQD KC . 1.32 2.93 -23.96
C19 SQD KC . 0.32 2.48 -25.02
C20 SQD KC . -0.88 1.79 -24.39
C21 SQD KC . -1.90 1.45 -25.47
C22 SQD KC . -1.35 0.43 -26.43
O48 SQD KC . 11.02 10.09 -29.30
C23 SQD KC . 11.90 10.62 -28.28
O10 SQD KC . 12.27 11.79 -28.34
C24 SQD KC . 12.35 9.71 -27.16
C25 SQD KC . 11.15 8.88 -26.75
C26 SQD KC . 11.30 8.45 -25.31
C27 SQD KC . 10.45 7.23 -25.01
C28 SQD KC . 10.71 6.82 -23.57
C29 SQD KC . 9.49 6.19 -22.93
C30 SQD KC . 9.60 4.67 -22.90
C31 SQD KC . 9.26 4.19 -21.51
C32 SQD KC . 8.40 2.95 -21.47
C33 SQD KC . 7.63 2.92 -20.15
C34 SQD KC . 8.57 3.21 -18.98
C35 SQD KC . 7.81 3.67 -17.74
C36 SQD KC . 8.77 3.99 -16.59
C37 SQD KC . 8.00 4.42 -15.34
C38 SQD KC . 7.49 5.85 -15.49
C1 SQD KC . 12.24 11.91 -32.31
C2 SQD KC . 13.16 12.04 -33.52
O2 SQD KC . 14.18 11.04 -33.43
C3 SQD KC . 13.84 13.41 -33.54
O3 SQD KC . 14.37 13.65 -34.86
C4 SQD KC . 12.92 14.57 -33.15
O4 SQD KC . 13.48 15.22 -32.00
C5 SQD KC . 11.46 14.21 -32.84
C6 SQD KC . 10.50 14.20 -34.04
O5 SQD KC . 11.34 12.99 -32.08
S SQD KC . 9.04 14.88 -33.60
O7 SQD KC . 9.14 15.53 -32.28
O8 SQD KC . 8.64 15.88 -34.62
O9 SQD KC . 7.99 13.84 -33.53
C1 LMG LC . -11.53 -2.03 -3.50
O1 LMG LC . -12.12 -0.91 -4.15
C2 LMG LC . -11.85 -1.87 -2.01
O2 LMG LC . -11.15 -0.74 -1.47
C3 LMG LC . -11.43 -3.09 -1.23
O3 LMG LC . -11.83 -2.92 0.13
C4 LMG LC . -12.08 -4.32 -1.85
O4 LMG LC . -13.49 -4.23 -1.70
C5 LMG LC . -11.74 -4.43 -3.35
O5 LMG LC . -12.28 -5.52 -5.43
C6 LMG LC . -12.39 -5.64 -4.00
O6 LMG LC . -12.07 -3.22 -4.07
C7 LMG LC . -11.40 -0.48 -5.30
C8 LMG LC . -11.24 1.03 -5.17
C9 LMG LC . -10.22 1.24 -4.06
O7 LMG LC . -10.70 1.60 -6.36
C10 LMG LC . -11.66 1.88 -7.42
O9 LMG LC . -12.81 1.51 -7.31
C11 LMG LC . -11.20 2.62 -8.65
C12 LMG LC . -12.37 2.91 -9.59
C13 LMG LC . -12.69 4.41 -9.60
C14 LMG LC . -14.13 4.62 -10.05
C15 LMG LC . -14.53 6.08 -9.95
C16 LMG LC . -15.98 6.26 -10.41
C17 LMG LC . -16.45 7.70 -10.27
C18 LMG LC . -15.32 8.71 -10.43
C19 LMG LC . -15.78 10.05 -10.99
C20 LMG LC . -15.03 11.16 -10.26
C21 LMG LC . -15.01 12.47 -11.03
C22 LMG LC . -14.29 13.52 -10.18
C23 LMG LC . -14.01 14.81 -10.94
C24 LMG LC . -13.50 15.87 -9.98
C25 LMG LC . -12.82 16.99 -10.73
O8 LMG LC . -10.20 2.63 -3.74
C28 LMG LC . -9.32 3.14 -2.69
O10 LMG LC . -8.35 2.50 -2.38
C29 LMG LC . -9.63 4.45 -2.02
C30 LMG LC . -9.02 5.60 -2.80
C31 LMG LC . -9.35 5.49 -4.27
C32 LMG LC . -9.76 6.84 -4.82
C33 LMG LC . -9.00 7.16 -6.11
C34 LMG LC . -7.56 7.53 -5.80
C35 LMG LC . -7.12 8.69 -6.66
C36 LMG LC . -5.60 8.68 -6.81
C37 LMG LC . -5.15 7.47 -7.61
C38 LMG LC . -3.67 7.57 -8.00
C39 LMG LC . -3.45 8.11 -9.41
C40 LMG LC . -2.65 7.12 -10.25
C41 LMG LC . -2.24 7.73 -11.59
C42 LMG LC . -1.49 6.70 -12.43
C43 LMG LC . -1.13 7.26 -13.79
C1B LMT MC . -23.05 42.24 -40.39
C2B LMT MC . -22.39 43.16 -39.38
C3B LMT MC . -23.48 43.92 -38.66
C4B LMT MC . -24.14 44.85 -39.67
C5B LMT MC . -24.70 44.09 -40.87
C6B LMT MC . -24.78 45.03 -42.08
O1B LMT MC . -23.69 41.22 -39.62
O2B LMT MC . -21.66 42.37 -38.43
O3B LMT MC . -22.93 44.69 -37.58
O4' LMT MC . -25.22 45.54 -39.03
O5B LMT MC . -23.98 42.88 -41.27
O6B LMT MC . -25.86 44.63 -42.92
C1' LMT MC . -25.08 37.46 -40.19
C2' LMT MC . -24.41 38.03 -41.44
C3' LMT MC . -23.61 39.27 -41.08
C4' LMT MC . -24.49 40.27 -40.33
C5' LMT MC . -25.35 39.65 -39.23
C6' LMT MC . -26.40 40.65 -38.74
O1' LMT MC . -25.86 36.32 -40.53
O2' LMT MC . -23.53 37.06 -42.03
O3' LMT MC . -23.11 39.82 -42.31
O5' LMT MC . -25.98 38.43 -39.64
O6' LMT MC . -27.40 40.90 -39.75
C1 LMT MC . -26.44 35.83 -39.32
C2 LMT MC . -25.87 34.45 -39.01
C3 LMT MC . -26.98 33.44 -38.83
C4 LMT MC . -27.27 33.22 -37.35
C5 LMT MC . -28.65 32.60 -37.17
C6 LMT MC . -28.81 31.37 -38.05
C7 LMT MC . -30.18 30.73 -37.84
C8 LMT MC . -30.18 29.87 -36.58
C9 LMT MC . -31.18 28.72 -36.69
C10 LMT MC . -32.50 29.02 -35.98
C11 LMT MC . -33.35 27.76 -35.89
C12 LMT MC . -34.75 28.04 -35.39
C1 HTG NC . -28.12 -11.54 11.00
C1 HTG NC . -27.44 -12.11 11.34
S1 HTG NC . -29.89 -11.68 11.11
S1 HTG NC . -29.20 -12.22 11.45
C2 HTG NC . -27.56 -12.52 9.96
C2 HTG NC . -26.97 -13.04 10.22
O2 HTG NC . -27.55 -13.83 10.55
O2 HTG NC . -26.95 -14.39 10.72
C3 HTG NC . -26.15 -12.24 9.48
C3 HTG NC . -25.59 -12.72 9.66
O3 HTG NC . -25.95 -12.93 8.23
O3 HTG NC . -25.47 -13.37 8.41
C4 HTG NC . -25.89 -10.76 9.32
C4 HTG NC . -25.42 -11.24 9.42
O4 HTG NC . -24.49 -10.51 9.10
O4 HTG NC . -24.05 -10.97 9.10
C5 HTG NC . -26.29 -10.07 10.60
C5 HTG NC . -25.80 -10.40 10.62
O5 HTG NC . -27.71 -10.18 10.76
O5 HTG NC . -27.08 -10.73 11.17
C6 HTG NC . -25.83 -8.62 10.56
C6 HTG NC . -25.83 -8.96 10.13
O6 HTG NC . -25.91 -8.07 11.89
O6 HTG NC . -26.51 -8.95 8.87
C1' HTG NC . -30.28 -11.14 12.76
C1' HTG NC . -29.77 -11.12 12.71
C2' HTG NC . -29.92 -12.26 13.73
C2' HTG NC . -30.03 -11.93 13.98
C3' HTG NC . -28.69 -11.92 14.56
C3' HTG NC . -28.75 -12.09 14.79
C4' HTG NC . -28.26 -13.12 15.41
C4' HTG NC . -28.70 -13.44 15.51
C5' HTG NC . -29.45 -13.67 16.20
C5' HTG NC . -30.01 -13.71 16.25
C6' HTG NC . -29.93 -12.69 17.25
C6' HTG NC . -30.21 -12.75 17.42
C7' HTG NC . -28.82 -12.37 18.24
C7' HTG NC . -29.17 -12.96 18.50
C1 HTG OC . -43.56 -1.46 -41.18
S1 HTG OC . -41.91 -0.90 -40.81
C2 HTG OC . -43.55 -2.99 -40.99
O2 HTG OC . -43.30 -3.61 -42.25
C3 HTG OC . -44.82 -3.60 -40.43
O3 HTG OC . -44.52 -4.88 -39.86
C4 HTG OC . -45.41 -2.69 -39.36
O4 HTG OC . -46.60 -3.26 -38.79
C5 HTG OC . -45.74 -1.37 -40.04
O5 HTG OC . -44.52 -0.71 -40.40
C6 HTG OC . -46.55 -0.51 -39.10
O6 HTG OC . -47.74 -1.21 -38.74
C1' HTG OC . -41.79 0.86 -40.80
C2' HTG OC . -40.32 1.27 -40.72
C3' HTG OC . -40.20 2.76 -40.39
C4' HTG OC . -38.88 3.37 -40.83
C5' HTG OC . -39.00 4.89 -40.84
C6' HTG OC . -37.69 5.58 -41.21
C7' HTG OC . -37.90 7.04 -41.58
C1 HTG PC . -12.44 -21.03 -27.41
S1 HTG PC . -11.03 -20.44 -28.30
C2 HTG PC . -13.41 -21.65 -28.40
O2 HTG PC . -13.74 -20.66 -29.37
C3 HTG PC . -14.67 -22.11 -27.68
O3 HTG PC . -15.52 -22.82 -28.60
C4 HTG PC . -14.32 -23.02 -26.51
O4 HTG PC . -15.47 -23.19 -25.68
C5 HTG PC . -13.18 -22.48 -25.64
O5 HTG PC . -12.07 -22.00 -26.42
C6 HTG PC . -12.72 -23.53 -24.63
O6 HTG PC . -13.01 -24.85 -25.10
C1' HTG PC . -9.80 -19.79 -27.20
C2' HTG PC . -8.72 -19.11 -28.02
C3' HTG PC . -7.59 -18.57 -27.14
C4' HTG PC . -6.32 -18.35 -27.96
C5' HTG PC . -5.56 -17.12 -27.50
C6' HTG PC . -4.37 -16.91 -28.43
C7' HTG PC . -3.85 -15.50 -28.36
C1 HTG QC . -14.93 -20.96 -33.01
S1 HTG QC . -13.33 -20.86 -32.27
C2 HTG QC . -15.76 -22.05 -32.32
O2 HTG QC . -15.16 -23.35 -32.48
C3 HTG QC . -17.20 -22.07 -32.82
O3 HTG QC . -17.97 -22.96 -32.00
C4 HTG QC . -17.81 -20.67 -32.78
O4 HTG QC . -19.08 -20.70 -33.45
C5 HTG QC . -16.92 -19.61 -33.42
O5 HTG QC . -15.57 -19.68 -32.94
C6 HTG QC . -17.48 -18.23 -33.08
O6 HTG QC . -17.22 -17.31 -34.14
C1' HTG QC . -12.36 -19.67 -33.16
C2' HTG QC . -11.02 -19.46 -32.46
C3' HTG QC . -10.25 -18.31 -33.11
C4' HTG QC . -9.10 -17.86 -32.22
C5' HTG QC . -8.67 -16.44 -32.57
C6' HTG QC . -7.31 -16.10 -32.00
C7' HTG QC . -7.20 -14.61 -31.70
O8 UNL RC . -29.42 -14.39 -42.18
C23 UNL RC . -29.27 -13.07 -42.78
C24 UNL RC . -27.88 -12.56 -43.10
C25 UNL RC . -27.93 -11.08 -43.48
C26 UNL RC . -26.71 -10.37 -42.92
C27 UNL RC . -26.43 -9.08 -43.67
C28 UNL RC . -25.24 -8.35 -43.08
C29 UNL RC . -25.26 -6.88 -43.49
C30 UNL RC . -24.03 -6.14 -43.00
C31 UNL RC . -24.48 -4.93 -42.18
C32 UNL RC . -23.48 -3.78 -42.17
C33 UNL RC . -24.18 -2.48 -41.79
C34 UNL RC . -24.79 -1.82 -43.03
C35 UNL RC . -26.19 -2.32 -43.38
C36 UNL RC . -26.62 -1.91 -44.78
C37 UNL RC . -26.59 -3.09 -45.76
C38 UNL RC . -27.91 -3.83 -45.80
O10 UNL RC . -30.26 -12.41 -43.04
C10 UNL SC . -31.27 21.91 -52.50
C11 UNL SC . -31.65 21.50 -51.09
C12 UNL SC . -32.29 20.11 -51.02
C13 UNL SC . -32.47 19.70 -49.57
C14 UNL SC . -32.91 18.25 -49.45
C15 UNL SC . -33.17 17.85 -47.99
C16 UNL SC . -33.16 16.33 -47.83
C17 UNL SC . -34.57 15.74 -47.76
C18 UNL SC . -35.05 15.65 -46.32
C19 UNL SC . -35.52 14.24 -45.96
C20 UNL SC . -35.68 14.07 -44.45
C21 UNL SC . -36.06 12.64 -44.07
C22 UNL SC . -35.88 12.43 -42.59
C8 UNL SC . -29.04 23.07 -52.55
C9 UNL SC . -30.55 23.25 -52.50
C1 GOL TC . -49.39 -2.38 7.38
O1 GOL TC . -48.38 -1.41 7.33
C2 GOL TC . -49.61 -2.93 5.93
O2 GOL TC . -48.42 -3.36 5.35
C3 GOL TC . -50.64 -4.08 6.10
O3 GOL TC . -51.86 -3.50 6.46
C4 UNL UC . -17.97 -14.45 -35.59
C5 UNL UC . -19.19 -13.62 -35.99
C6 UNL UC . -18.70 -12.18 -36.25
O6 UNL UC . -17.19 -14.78 -36.75
O7 UNL UC . -19.83 -14.15 -37.16
O8 UNL UC . -19.78 -11.22 -36.29
O9 UNL UC . -20.62 -15.93 -35.88
C10 UNL UC . -20.23 -14.92 -40.15
C11 UNL UC . -18.77 -14.53 -40.23
C12 UNL UC . -18.58 -13.20 -40.96
C13 UNL UC . -19.36 -12.08 -40.28
C14 UNL UC . -18.93 -10.70 -40.78
C15 UNL UC . -19.93 -9.64 -40.38
C16 UNL UC . -19.30 -8.25 -40.24
C17 UNL UC . -19.86 -7.27 -41.26
C18 UNL UC . -19.87 -5.84 -40.74
C19 UNL UC . -18.52 -5.44 -40.13
C23 UNL UC . -19.64 -10.05 -35.44
C24 UNL UC . -20.13 -8.68 -35.84
C25 UNL UC . -19.57 -7.71 -34.80
C26 UNL UC . -20.30 -6.36 -34.77
C27 UNL UC . -20.13 -5.53 -36.02
C28 UNL UC . -18.89 -4.64 -35.87
C29 UNL UC . -19.19 -3.15 -36.05
C30 UNL UC . -18.70 -2.65 -37.41
C31 UNL UC . -17.25 -2.15 -37.40
C32 UNL UC . -16.67 -2.20 -38.81
C33 UNL UC . -15.25 -1.68 -38.90
C7 UNL UC . -20.58 -15.39 -36.97
C8 UNL UC . -21.33 -16.00 -38.13
C9 UNL UC . -20.41 -16.20 -39.34
O10 UNL UC . -19.11 -10.21 -34.33
C1 GOL VC . -44.39 7.76 33.27
O1 GOL VC . -43.92 7.92 34.58
C2 GOL VC . -44.99 9.11 32.79
O2 GOL VC . -46.35 9.19 33.06
C3 GOL VC . -44.70 9.17 31.27
O3 GOL VC . -44.68 10.51 30.89
C1 BCR WC . 9.65 -5.37 -31.01
C2 BCR WC . 10.77 -5.89 -31.90
C3 BCR WC . 10.22 -6.82 -32.97
C4 BCR WC . 9.39 -5.95 -33.91
C5 BCR WC . 8.30 -5.26 -33.12
C6 BCR WC . 8.40 -4.99 -31.81
C7 BCR WC . 7.21 -4.29 -31.21
C8 BCR WC . 6.90 -4.25 -29.92
C9 BCR WC . 5.68 -3.55 -29.44
C10 BCR WC . 5.51 -3.30 -28.13
C11 BCR WC . 4.31 -2.64 -27.61
C33 BCR WC . 7.05 -4.85 -33.85
C31 BCR WC . 10.19 -4.14 -30.28
C32 BCR WC . 9.31 -6.46 -30.01
C34 BCR WC . 4.65 -3.11 -30.45
C12 BCR WC . 4.22 -2.37 -26.30
C13 BCR WC . 3.04 -1.75 -25.64
C14 BCR WC . 2.86 -2.13 -24.36
C15 BCR WC . 1.81 -1.82 -23.38
C16 BCR WC . 1.98 -1.28 -22.16
C17 BCR WC . 0.78 -1.19 -21.32
C18 BCR WC . 0.72 -0.84 -20.02
C19 BCR WC . -0.60 -0.92 -19.35
C20 BCR WC . -0.85 -0.69 -18.05
C21 BCR WC . -2.21 -0.95 -17.59
C22 BCR WC . -2.65 -0.92 -16.31
C23 BCR WC . -4.06 -1.30 -16.08
C24 BCR WC . -4.67 -1.25 -14.89
C25 BCR WC . -6.07 -1.68 -14.72
C26 BCR WC . -7.09 -1.16 -15.45
C27 BCR WC . -8.53 -1.60 -15.26
C28 BCR WC . -8.61 -2.96 -14.61
C29 BCR WC . -7.79 -2.90 -13.33
C30 BCR WC . -6.31 -2.77 -13.66
C35 BCR WC . 2.15 -0.77 -26.36
C36 BCR WC . 1.95 -0.48 -19.24
C37 BCR WC . -1.76 -0.56 -15.15
C38 BCR WC . -6.90 -0.06 -16.46
C39 BCR WC . -5.73 -4.10 -14.13
C40 BCR WC . -5.59 -2.41 -12.37
C1B LMT XC . -9.00 -12.93 -3.19
C2B LMT XC . -8.68 -14.06 -2.22
C3B LMT XC . -9.64 -15.21 -2.43
C4B LMT XC . -11.05 -14.71 -2.18
C5B LMT XC . -11.36 -13.56 -3.14
C6B LMT XC . -12.76 -13.02 -2.91
O1B LMT XC . -8.77 -13.32 -4.55
O2B LMT XC . -7.32 -14.49 -2.40
O3B LMT XC . -9.33 -16.29 -1.54
O4' LMT XC . -12.00 -15.75 -2.38
O5B LMT XC . -10.37 -12.51 -3.04
O6B LMT XC . -13.13 -12.13 -3.97
C1' LMT XC . -6.86 -11.47 -7.84
C2' LMT XC . -6.01 -11.75 -6.58
C3' LMT XC . -6.67 -12.79 -5.67
C4' LMT XC . -8.09 -12.34 -5.33
C5' LMT XC . -8.84 -12.15 -6.64
C6' LMT XC . -10.26 -11.69 -6.35
O1' LMT XC . -6.33 -10.34 -8.57
O2' LMT XC . -4.72 -12.23 -6.94
O3' LMT XC . -5.90 -12.96 -4.48
O5' LMT XC . -8.19 -11.17 -7.46
O6' LMT XC . -11.15 -12.80 -6.39
C1 LMT XC . -6.26 -10.62 -9.98
C2 LMT XC . -5.66 -9.47 -10.79
C3 LMT XC . -6.00 -9.66 -12.28
C4 LMT XC . -5.09 -8.93 -13.28
C5 LMT XC . -5.54 -9.23 -14.71
C6 LMT XC . -4.55 -8.75 -15.76
C7 LMT XC . -4.67 -7.25 -16.06
C8 LMT XC . -3.82 -6.84 -17.25
C9 LMT XC . -3.40 -5.36 -17.24
C10 LMT XC . -2.26 -5.09 -18.23
C11 LMT XC . -1.12 -4.30 -17.57
C12 LMT XC . -1.25 -4.31 -16.06
S DMS YC . -38.57 -11.76 -20.76
O DMS YC . -39.52 -10.44 -21.51
C1 DMS YC . -39.55 -12.57 -19.45
C2 DMS YC . -38.43 -13.14 -21.94
S DMS ZC . -39.32 3.12 1.62
O DMS ZC . -38.78 4.82 1.89
C1 DMS ZC . -39.32 2.33 3.24
C2 DMS ZC . -41.10 3.04 1.27
S DMS AD . -50.72 -1.21 23.10
O DMS AD . -51.74 -0.38 21.87
C1 DMS AD . -50.82 -0.27 24.64
C2 DMS AD . -51.52 -2.76 23.62
S DMS BD . -41.55 1.82 33.51
O DMS BD . -43.13 2.66 33.34
C1 DMS BD . -40.50 2.45 32.18
C2 DMS BD . -40.64 2.53 34.89
S DMS CD . -7.33 22.32 -40.82
O DMS CD . -8.46 23.32 -41.82
C1 DMS CD . -5.90 23.31 -40.32
C2 DMS CD . -8.07 21.99 -39.19
S DMS DD . -30.85 -17.03 -13.25
O DMS DD . -31.31 -15.82 -12.00
C1 DMS DD . -30.79 -18.67 -12.48
C2 DMS DD . -32.23 -17.26 -14.42
S DMS ED . -39.03 -21.50 -5.25
O DMS ED . -37.94 -20.63 -6.40
C1 DMS ED . -39.05 -20.62 -3.66
C2 DMS ED . -40.75 -21.30 -5.77
S DMS FD . -35.90 -18.32 21.85
O DMS FD . -36.59 -16.67 21.66
C1 DMS FD . -34.10 -18.18 21.95
C2 DMS FD . -36.29 -18.98 23.50
S DMS GD . -39.47 -14.97 27.28
O DMS GD . -38.07 -15.94 26.69
C1 DMS GD . -40.35 -15.89 28.57
C2 DMS GD . -38.88 -13.55 28.25
S DMS HD . 6.72 13.43 -42.68
O DMS HD . 5.51 12.99 -43.95
C1 DMS HD . 8.14 12.33 -42.83
C2 DMS HD . 7.52 14.99 -43.11
S DMS ID . -57.46 -10.94 -6.14
O DMS ID . -57.79 -9.23 -6.59
C1 DMS ID . -58.28 -11.31 -4.56
C2 DMS ID . -58.38 -12.07 -7.24
S DMS JD . -37.37 -22.37 17.31
O DMS JD . -39.17 -22.55 17.40
C1 DMS JD . -36.70 -21.62 18.82
C2 DMS JD . -36.60 -24.01 17.36
S DMS KD . -12.48 -16.75 -9.79
O DMS KD . -12.06 -16.27 -11.47
C1 DMS KD . -11.87 -18.43 -9.47
C2 DMS KD . -11.51 -15.78 -8.60
C1 GOL LD . -35.41 -5.40 -17.87
O1 GOL LD . -35.43 -3.99 -17.93
C2 GOL LD . -35.54 -5.84 -16.36
O2 GOL LD . -34.59 -5.27 -15.54
C3 GOL LD . -36.97 -5.48 -15.93
O3 GOL LD . -37.01 -5.67 -14.54
C4 UNL MD . -21.09 65.12 -6.68
C5 UNL MD . -22.10 63.97 -6.75
C6 UNL MD . -21.35 62.65 -6.85
O6 UNL MD . -21.65 66.31 -7.25
O7 UNL MD . -22.85 63.96 -5.53
O8 UNL MD . -21.12 62.17 -5.53
O9 UNL MD . -25.10 63.98 -6.10
C10 UNL MD . -25.38 60.50 -3.31
C11 UNL MD . -26.04 60.41 -1.94
C12 UNL MD . -26.50 58.98 -1.67
C13 UNL MD . -26.95 58.71 -0.23
C14 UNL MD . -27.48 57.29 -0.11
C15 UNL MD . -27.92 56.89 1.29
C16 UNL MD . -28.63 55.52 1.26
C17 UNL MD . -29.33 55.17 2.58
C18 UNL MD . -30.44 54.16 2.37
C19 UNL MD . -31.83 54.78 2.54
C20 UNL MD . -32.92 54.02 1.80
C21 UNL MD . -34.22 54.81 1.72
C22 UNL MD . -35.26 54.24 2.66
C23 UNL MD . -21.16 60.73 -5.25
C24 UNL MD . -21.42 60.24 -3.85
C25 UNL MD . -20.84 58.85 -3.62
C26 UNL MD . -21.65 57.73 -4.26
C27 UNL MD . -22.85 57.37 -3.42
C28 UNL MD . -22.49 56.42 -2.28
C29 UNL MD . -23.75 55.93 -1.59
C30 UNL MD . -23.46 54.80 -0.61
C31 UNL MD . -24.72 54.39 0.13
C32 UNL MD . -24.55 52.99 0.75
C33 UNL MD . -25.90 52.26 0.83
C34 UNL MD . -25.72 50.80 1.25
C35 UNL MD . -27.06 50.08 1.28
C36 UNL MD . -27.91 50.65 2.41
C37 UNL MD . -29.24 49.92 2.56
C38 UNL MD . -30.11 50.57 3.62
C7 UNL MD . -24.17 63.34 -5.64
C8 UNL MD . -24.39 61.93 -5.12
C9 UNL MD . -25.24 61.92 -3.85
O10 UNL MD . -21.00 59.97 -6.19
MG CLA ND . -17.37 56.03 37.85
CHA CLA ND . -20.45 54.56 38.38
CHB CLA ND . -16.09 52.84 37.39
CHC CLA ND . -14.43 57.50 36.78
CHD CLA ND . -18.94 59.38 37.76
NA CLA ND . -18.17 53.96 37.84
C1A CLA ND . -19.33 53.58 38.17
C2A CLA ND . -19.54 52.08 38.24
C3A CLA ND . -18.12 51.57 37.95
C4A CLA ND . -17.41 52.88 37.71
CMA CLA ND . -17.55 50.91 39.21
CAA CLA ND . -20.46 51.59 37.11
CBA CLA ND . -20.25 52.25 35.73
CGA CLA ND . -19.24 51.52 34.86
O1A CLA ND . -19.37 50.33 34.52
O2A CLA ND . -18.07 52.22 34.38
NB CLA ND . -15.52 55.25 37.15
C1B CLA ND . -15.15 53.97 37.12
C2B CLA ND . -13.72 53.78 36.79
C3B CLA ND . -13.23 55.16 36.62
C4B CLA ND . -14.44 56.00 36.86
CMB CLA ND . -12.90 52.53 36.67
CAB CLA ND . -11.84 55.56 36.28
CBB CLA ND . -11.61 56.57 35.46
NC CLA ND . -16.78 58.15 37.38
C1C CLA ND . -15.58 58.44 36.86
C2C CLA ND . -15.49 59.84 36.38
C3C CLA ND . -16.83 60.39 36.67
C4C CLA ND . -17.53 59.25 37.30
CMC CLA ND . -14.30 60.53 35.73
CAC CLA ND . -17.41 61.77 36.41
CBC CLA ND . -18.06 61.65 35.05
ND CLA ND . -19.13 56.83 37.96
C1D CLA ND . -19.73 58.15 38.02
C2D CLA ND . -21.18 58.15 38.35
C3D CLA ND . -21.43 56.70 38.51
C4D CLA ND . -20.23 56.03 38.26
CMD CLA ND . -22.26 59.18 38.54
CAD CLA ND . -22.48 55.67 38.78
OBD CLA ND . -23.71 55.93 39.06
CBD CLA ND . -21.87 54.32 38.75
CGD CLA ND . -21.93 53.79 40.15
O1D CLA ND . -20.93 53.73 40.84
O2D CLA ND . -23.16 53.35 40.77
CED CLA ND . -23.16 53.10 42.18
C1 CLA ND . -16.98 51.52 33.76
C2 CLA ND . -15.78 52.44 33.76
C3 CLA ND . -15.03 52.64 32.66
C4 CLA ND . -15.34 51.93 31.37
C5 CLA ND . -13.84 53.56 32.73
C6 CLA ND . -12.52 52.81 32.66
C7 CLA ND . -11.39 53.83 32.69
C8 CLA ND . -10.06 53.15 32.43
C9 CLA ND . -9.80 52.11 33.52
C10 CLA ND . -8.97 54.22 32.38
C11 CLA ND . -8.89 54.87 31.00
C12 CLA ND . -7.72 55.85 30.89
C13 CLA ND . -7.76 56.64 29.59
C14 CLA ND . -7.35 55.81 28.38
C15 CLA ND . -6.92 57.91 29.69
C16 CLA ND . -5.40 57.68 29.80
C17 CLA ND . -4.67 59.00 29.57
C18 CLA ND . -3.17 58.95 29.88
C19 CLA ND . -2.35 59.50 28.73
C20 CLA ND . -2.68 57.57 30.27
MG CLA OD . -22.71 54.05 26.17
CHA CLA OD . -22.76 53.40 29.60
CHB CLA OD . -26.07 54.87 26.50
CHC CLA OD . -22.63 55.15 22.91
CHD CLA OD . -19.08 53.90 26.17
NA CLA OD . -24.24 54.17 27.85
C1A CLA OD . -24.11 53.78 29.06
C2A CLA OD . -25.35 53.85 29.91
C3A CLA OD . -26.41 54.29 28.87
C4A CLA OD . -25.52 54.47 27.66
CMA CLA OD . -27.40 53.16 28.59
CAA CLA OD . -25.21 54.94 30.98
CBA CLA OD . -24.63 56.24 30.43
CGA CLA OD . -24.04 57.16 31.49
O1A CLA OD . -24.55 57.29 32.59
O2A CLA OD . -22.84 57.93 31.21
NB CLA OD . -24.15 54.91 24.89
C1B CLA OD . -25.44 55.12 25.16
C2B CLA OD . -26.23 55.60 24.00
C3B CLA OD . -25.19 55.68 22.93
C4B CLA OD . -23.94 55.25 23.61
CMB CLA OD . -27.70 55.92 23.91
CAB CLA OD . -25.34 56.08 21.51
CBB CLA OD . -26.10 55.37 20.72
NC CLA OD . -21.11 54.48 24.80
C1C CLA OD . -21.33 54.84 23.52
C2C CLA OD . -20.07 54.93 22.72
C3C CLA OD . -19.02 54.54 23.70
C4C CLA OD . -19.79 54.32 24.94
CMC CLA OD . -19.95 55.31 21.28
CAC CLA OD . -17.53 54.41 23.52
CBC CLA OD . -17.32 53.00 22.96
ND CLA OD . -21.28 53.83 27.43
C1D CLA OD . -19.86 53.67 27.40
C2D CLA OD . -19.23 53.20 28.66
C3D CLA OD . -20.44 53.08 29.52
C4D CLA OD . -21.54 53.44 28.75
CMD CLA OD . -17.82 52.88 29.06
CAD CLA OD . -20.92 52.73 30.89
OBD CLA OD . -20.17 52.32 31.85
CBD CLA OD . -22.40 52.90 30.95
CGD CLA OD . -23.01 51.50 31.09
O1D CLA OD . -24.07 51.30 31.62
O2D CLA OD . -22.36 50.33 30.55
CED CLA OD . -23.09 49.11 30.43
C1 CLA OD . -22.29 58.84 32.17
C2 CLA OD . -22.86 60.25 32.16
C3 CLA OD . -22.02 61.30 32.15
C4 CLA OD . -20.54 61.10 32.11
C5 CLA OD . -22.53 62.72 32.18
C6 CLA OD . -22.27 63.35 33.55
C7 CLA OD . -22.81 62.48 34.68
C8 CLA OD . -22.70 63.10 36.07
C9 CLA OD . -21.24 63.11 36.51
C10 CLA OD . -23.57 62.29 37.02
C11 CLA OD . -23.57 62.79 38.47
C12 CLA OD . -24.58 61.97 39.26
C13 CLA OD . -24.52 62.23 40.76
C14 CLA OD . -25.20 61.13 41.56
C15 CLA OD . -25.12 63.57 41.12
C16 CLA OD . -25.29 63.70 42.63
C17 CLA OD . -25.46 65.14 43.06
C18 CLA OD . -25.59 65.22 44.57
C19 CLA OD . -27.03 64.97 45.00
C20 CLA OD . -25.09 66.57 45.07
MG CLA PD . -26.49 63.16 33.05
CHA CLA PD . -27.32 59.76 33.14
CHB CLA PD . -26.88 63.17 36.46
CHC CLA PD . -24.96 66.21 32.96
CHD CLA PD . -25.48 62.71 29.49
NA CLA PD . -27.00 61.64 34.64
C1A CLA PD . -27.37 60.44 34.48
C2A CLA PD . -27.88 59.73 35.72
C3A CLA PD . -27.70 60.85 36.78
C4A CLA PD . -27.16 61.97 35.92
CMA CLA PD . -28.99 61.28 37.46
CAA CLA PD . -27.03 58.48 36.03
CBA CLA PD . -25.50 58.66 35.95
CGA CLA PD . -24.83 57.31 35.83
O1A CLA PD . -25.37 56.26 36.15
O2A CLA PD . -23.52 57.23 35.22
NB CLA PD . -26.01 64.48 34.50
C1B CLA PD . -26.29 64.39 35.81
C2B CLA PD . -25.89 65.61 36.58
C3B CLA PD . -25.33 66.48 35.52
C4B CLA PD . -25.45 65.68 34.27
CMB CLA PD . -26.04 65.90 38.05
CAB CLA PD . -24.74 67.84 35.62
CBB CLA PD . -25.49 68.91 35.82
NC CLA PD . -25.41 64.29 31.46
C1C CLA PD . -24.83 65.47 31.69
C2C CLA PD . -24.05 65.97 30.51
C3C CLA PD . -24.21 64.90 29.51
C4C CLA PD . -25.12 63.95 30.19
CMC CLA PD . -23.22 67.23 30.37
CAC CLA PD . -23.66 64.77 28.11
CBC CLA PD . -22.45 63.85 28.29
ND CLA PD . -26.32 61.72 31.67
C1D CLA PD . -26.06 61.61 30.25
C2D CLA PD . -26.39 60.31 29.63
C3D CLA PD . -26.90 59.58 30.82
C4D CLA PD . -26.82 60.44 31.91
CMD CLA PD . -26.29 59.72 28.24
CAD CLA PD . -27.43 58.29 31.29
OBD CLA PD . -27.66 57.27 30.57
CBD CLA PD . -27.71 58.38 32.72
CGD CLA PD . -29.17 58.20 32.93
O1D CLA PD . -29.60 57.34 33.69
O2D CLA PD . -30.07 59.14 32.33
CED CLA PD . -31.37 59.27 32.89
C1 CLA PD . -22.78 56.01 35.10
C2 CLA PD . -21.29 56.29 35.22
C3 CLA PD . -20.48 56.09 34.16
C4 CLA PD . -21.04 55.54 32.87
C5 CLA PD . -19.00 56.37 34.26
C6 CLA PD . -18.62 57.69 33.59
C7 CLA PD . -17.10 57.88 33.52
C8 CLA PD . -16.39 56.84 32.63
C9 CLA PD . -14.90 57.14 32.61
C10 CLA PD . -17.03 56.81 31.24
C11 CLA PD . -17.04 58.18 30.55
C12 CLA PD . -18.14 58.33 29.50
C13 CLA PD . -18.20 57.19 28.48
C14 CLA PD . -16.94 57.10 27.60
C15 CLA PD . -19.47 57.28 27.65
C16 CLA PD . -20.74 57.12 28.49
C17 CLA PD . -22.05 57.32 27.73
C18 CLA PD . -22.17 58.62 26.93
C19 CLA PD . -22.42 59.78 27.86
C20 CLA PD . -23.30 58.52 25.92
MG CLA QD . -33.37 51.84 23.42
CHA CLA QD . -36.36 50.09 23.64
CHB CLA QD . -31.79 49.06 24.64
CHC CLA QD . -30.40 53.27 22.51
CHD CLA QD . -35.13 54.56 21.63
NA CLA QD . -33.98 49.83 24.02
C1A CLA QD . -35.15 49.37 24.12
C2A CLA QD . -35.23 47.98 24.70
C3A CLA QD . -33.77 47.69 25.06
C4A CLA QD . -33.13 48.94 24.55
CMA CLA QD . -33.58 47.71 26.57
CAA CLA QD . -35.60 46.96 23.60
CBA CLA QD . -34.62 47.06 22.39
CGA CLA QD . -35.03 46.43 21.06
O1A CLA QD . -36.01 45.71 20.88
O2A CLA QD . -34.20 46.69 19.92
NB CLA QD . -31.36 51.23 23.55
C1B CLA QD . -30.91 50.14 24.16
C2B CLA QD . -29.43 50.07 24.21
C3B CLA QD . -29.01 51.34 23.56
C4B CLA QD . -30.31 51.97 23.21
CMB CLA QD . -28.54 49.01 24.80
CAB CLA QD . -27.62 51.83 23.34
CBB CLA QD . -26.87 52.23 24.33
NC CLA QD . -32.87 53.67 22.29
C1C CLA QD . -31.60 53.94 21.95
C2C CLA QD . -31.47 55.00 20.92
C3C CLA QD . -32.89 55.37 20.67
C4C CLA QD . -33.65 54.49 21.59
CMC CLA QD . -30.22 55.57 20.29
CAC CLA QD . -33.44 56.39 19.72
CBC CLA QD . -33.89 55.56 18.54
ND CLA QD . -35.18 52.29 22.75
C1D CLA QD . -35.87 53.38 22.12
C2D CLA QD . -37.34 53.22 22.00
C3D CLA QD . -37.50 51.89 22.63
C4D CLA QD . -36.25 51.44 23.01
CMD CLA QD . -38.48 54.05 21.43
CAD CLA QD . -38.48 50.83 22.99
OBD CLA QD . -39.73 50.94 22.76
CBD CLA QD . -37.79 49.68 23.65
CGD CLA QD . -38.30 49.50 25.06
O1D CLA QD . -38.61 48.40 25.50
O2D CLA QD . -38.48 50.64 25.94
CED CLA QD . -38.87 50.41 27.29
C1 CLA QD . -34.44 46.14 18.63
C2 CLA QD . -33.15 46.07 17.84
C3 CLA QD . -32.93 46.81 16.73
C4 CLA QD . -33.94 47.80 16.23
C5 CLA QD . -31.63 46.66 15.99
C6 CLA QD . -30.57 47.73 16.22
C7 CLA QD . -29.46 47.48 15.21
C8 CLA QD . -28.64 48.75 14.91
C9 CLA QD . -28.89 49.20 13.48
C10 CLA QD . -27.17 48.46 15.17
C11 CLA QD . -26.26 49.54 14.61
C12 CLA QD . -24.86 48.97 14.36
C13 CLA QD . -23.80 50.07 14.30
C14 CLA QD . -24.24 51.33 15.05
C15 CLA QD . -23.50 50.32 12.83
C16 CLA QD . -22.64 51.55 12.54
C17 CLA QD . -22.45 51.65 11.02
C18 CLA QD . -21.26 50.81 10.57
C19 CLA QD . -19.98 51.33 11.20
C20 CLA QD . -21.18 50.71 9.06
MG CLA RD . -3.16 52.64 18.77
CHA CLA RD . -0.89 55.06 17.78
CHB CLA RD . -2.10 50.83 16.04
CHC CLA RD . -4.91 49.99 20.05
CHD CLA RD . -3.85 54.48 21.88
NA CLA RD . -1.65 52.91 17.09
C1A CLA RD . -1.00 53.95 16.79
C2A CLA RD . -0.32 53.94 15.44
C3A CLA RD . -0.76 52.56 14.92
C4A CLA RD . -1.55 52.06 16.09
CMA CLA RD . -1.79 52.77 13.81
CAA CLA RD . 1.21 54.02 15.57
CBA CLA RD . 1.86 52.83 16.26
CGA CLA RD . 1.78 52.92 17.78
O1A CLA RD . 2.39 53.78 18.40
O2A CLA RD . 0.89 52.05 18.53
NB CLA RD . -3.46 50.71 18.13
C1B CLA RD . -2.94 50.12 17.05
C2B CLA RD . -3.26 48.66 16.94
C3B CLA RD . -4.09 48.44 18.16
C4B CLA RD . -4.16 49.77 18.80
CMB CLA RD . -2.84 47.66 15.90
CAB CLA RD . -4.73 47.22 18.67
CBB CLA RD . -5.40 46.38 17.89
NC CLA RD . -4.18 52.30 20.70
C1C CLA RD . -4.91 51.20 20.92
C2C CLA RD . -5.69 51.24 22.19
C3C CLA RD . -5.39 52.58 22.74
C4C CLA RD . -4.42 53.13 21.74
CMC CLA RD . -6.60 50.17 22.72
CAC CLA RD . -5.91 53.22 24.01
CBC CLA RD . -4.94 52.94 25.12
ND CLA RD . -2.60 54.24 19.65
C1D CLA RD . -2.86 54.94 20.89
C2D CLA RD . -2.08 56.19 21.03
C3D CLA RD . -1.30 56.22 19.78
C4D CLA RD . -1.62 55.06 19.08
CMD CLA RD . -1.97 57.27 22.05
CAD CLA RD . -0.27 56.97 19.03
OBD CLA RD . 0.27 58.08 19.38
CBD CLA RD . -0.02 56.26 17.76
CGD CLA RD . -0.30 57.18 16.62
O1D CLA RD . 0.52 57.34 15.74
O2D CLA RD . -1.56 57.91 16.54
CED CLA RD . -1.75 58.87 15.50
C1 CLA RD . 1.04 51.93 19.95
C2 CLA RD . 0.41 50.64 20.42
C3 CLA RD . -0.62 50.63 21.28
C4 CLA RD . -1.11 51.92 21.90
C5 CLA RD . -1.23 49.32 21.70
C6 CLA RD . -0.98 48.18 20.72
C7 CLA RD . -1.66 46.90 21.21
C8 CLA RD . -1.24 45.65 20.45
C9 CLA RD . -2.23 44.51 20.68
C10 CLA RD . 0.14 45.20 20.92
C11 CLA RD . 0.17 44.79 22.39
C12 CLA RD . 1.53 44.18 22.70
C13 CLA RD . 1.85 44.07 24.19
C14 CLA RD . 3.24 44.62 24.43
C15 CLA RD . 1.78 42.62 24.65
C16 CLA RD . 1.66 42.44 26.16
C17 CLA RD . 1.34 40.99 26.52
C18 CLA RD . 1.32 40.72 28.03
C19 CLA RD . 2.43 41.47 28.74
C20 CLA RD . 1.44 39.23 28.32
MG CLA SD . -1.38 63.75 31.82
CHA CLA SD . 1.91 63.94 30.91
CHB CLA SD . -2.12 63.46 28.46
CHC CLA SD . -4.58 62.84 32.72
CHD CLA SD . -0.44 63.56 35.35
NA CLA SD . -0.26 63.66 29.91
C1A CLA SD . 0.96 63.90 29.74
C2A CLA SD . 1.44 64.02 28.32
C3A CLA SD . 0.11 63.90 27.56
C4A CLA SD . -0.82 63.67 28.71
CMA CLA SD . -0.23 65.25 26.93
CAA CLA SD . 2.25 62.78 27.93
CBA CLA SD . 1.31 61.56 27.84
CGA CLA SD . 1.90 60.20 27.66
O1A CLA SD . 2.66 59.95 26.73
O2A CLA SD . 1.64 59.12 28.60
NB CLA SD . -3.09 63.27 30.75
C1B CLA SD . -3.20 63.18 29.42
C2B CLA SD . -4.52 62.69 28.96
C3B CLA SD . -5.25 62.49 30.23
C4B CLA SD . -4.27 62.89 31.28
CMB CLA SD . -4.99 62.47 27.57
CAB CLA SD . -6.65 62.03 30.42
CBB CLA SD . -7.63 62.49 29.65
NC CLA SD . -2.34 63.24 33.74
C1C CLA SD . -3.64 62.98 33.86
C2C CLA SD . -4.10 62.84 35.27
C3C CLA SD . -2.84 63.06 36.04
C4C CLA SD . -1.85 63.31 34.98
CMC CLA SD . -5.47 62.54 35.80
CAC CLA SD . -2.59 63.04 37.53
CBC CLA SD . -1.95 61.69 37.76
ND CLA SD . 0.18 63.72 32.89
C1D CLA SD . 0.57 63.69 34.29
C2D CLA SD . 2.02 63.79 34.55
C3D CLA SD . 2.52 63.88 33.16
C4D CLA SD . 1.44 63.82 32.31
CMD CLA SD . 2.94 63.81 35.75
CAD CLA SD . 3.75 64.00 32.34
OBD CLA SD . 4.94 64.08 32.82
CBD CLA SD . 3.39 64.06 30.91
CGD CLA SD . 3.75 65.45 30.46
O1D CLA SD . 4.26 65.69 29.39
O2D CLA SD . 3.45 66.55 31.37
CED CLA SD . 3.57 67.91 30.95
C1 CLA SD . 1.77 57.82 28.06
C2 CLA SD . 1.60 56.76 29.11
C3 CLA SD . 2.71 56.04 29.32
C4 CLA SD . 3.95 56.38 28.53
C5 CLA SD . 2.74 54.92 30.34
C6 CLA SD . 3.90 53.94 30.13
C7 CLA SD . 3.74 53.03 28.93
C8 CLA SD . 3.10 51.69 29.26
C9 CLA SD . 3.47 50.68 28.20
C10 CLA SD . 1.59 51.84 29.41
C11 CLA SD . 0.92 50.57 29.95
C12 CLA SD . -0.53 50.83 30.31
C13 CLA SD . -1.36 49.56 30.18
C14 CLA SD . -2.23 49.62 28.92
C15 CLA SD . -2.19 49.33 31.45
C16 CLA SD . -3.65 49.75 31.32
C17 CLA SD . -4.36 49.97 32.67
C18 CLA SD . -3.44 49.77 33.88
C19 CLA SD . -3.66 48.44 34.56
C20 CLA SD . -3.58 50.92 34.87
MG CLA TD . -6.20 63.06 24.53
CHA CLA TD . -9.30 64.27 25.80
CHB CLA TD . -7.24 59.99 25.65
CHC CLA TD . -2.98 62.10 24.06
CHD CLA TD . -5.17 66.52 23.89
NA CLA TD . -8.05 62.21 25.63
C1A CLA TD . -9.15 62.78 25.95
C2A CLA TD . -10.23 61.87 26.54
C3A CLA TD . -9.54 60.50 26.42
C4A CLA TD . -8.20 60.90 25.83
CMA CLA TD . -9.37 59.75 27.73
CAA CLA TD . -11.55 61.94 25.80
CBA CLA TD . -12.56 61.02 26.50
CGA CLA TD . -12.63 61.20 28.00
O1A CLA TD . -12.53 62.29 28.54
O2A CLA TD . -12.83 60.03 28.86
NB CLA TD . -5.30 61.37 24.79
C1B CLA TD . -5.85 60.19 25.18
C2B CLA TD . -4.88 59.05 25.19
C3B CLA TD . -3.63 59.73 24.74
C4B CLA TD . -4.01 61.13 24.50
CMB CLA TD . -5.07 57.61 25.57
CAB CLA TD . -2.28 59.19 24.53
CBB CLA TD . -1.72 58.39 25.42
NC CLA TD . -4.38 64.14 24.06
C1C CLA TD . -3.20 63.54 23.87
C2C CLA TD . -2.10 64.48 23.49
C3C CLA TD . -2.78 65.79 23.45
C4C CLA TD . -4.18 65.44 23.78
CMC CLA TD . -0.67 64.16 23.23
CAC CLA TD . -2.24 67.16 23.13
CBC CLA TD . -2.06 67.83 24.47
ND CLA TD . -6.89 64.87 24.78
C1D CLA TD . -6.50 66.21 24.45
C2D CLA TD . -7.51 67.27 24.66
C3D CLA TD . -8.61 66.43 25.22
C4D CLA TD . -8.19 65.11 25.25
CMD CLA TD . -7.58 68.76 24.47
CAD CLA TD . -10.00 66.52 25.71
OBD CLA TD . -10.65 67.63 25.81
CBD CLA TD . -10.46 65.17 26.10
CGD CLA TD . -10.76 65.20 27.57
O1D CLA TD . -11.84 65.58 27.96
O2D CLA TD . -9.85 64.68 28.56
CED CLA TD . -10.22 64.71 29.95
C1 CLA TD . -12.92 60.18 30.28
C2 CLA TD . -11.58 60.49 30.90
C3 CLA TD . -10.90 59.52 31.52
C4 CLA TD . -11.47 58.14 31.53
C5 CLA TD . -9.56 59.78 32.16
C6 CLA TD . -9.60 59.94 33.67
C7 CLA TD . -8.20 60.14 34.23
C8 CLA TD . -7.42 58.83 34.32
C9 CLA TD . -8.21 57.86 35.18
C10 CLA TD . -6.03 59.05 34.93
C11 CLA TD . -4.85 58.66 34.04
C12 CLA TD . -3.54 59.24 34.58
C13 CLA TD . -2.26 58.61 34.03
C14 CLA TD . -1.89 57.36 34.82
C15 CLA TD . -1.07 59.58 34.02
C16 CLA TD . -0.06 59.37 32.88
C17 CLA TD . 1.14 60.31 33.07
C18 CLA TD . 2.52 59.67 32.99
C19 CLA TD . 3.58 60.49 33.72
C20 CLA TD . 2.96 59.52 31.56
MG CLA UD . -14.37 59.24 11.71
CHA CLA UD . -13.89 60.44 8.55
CHB CLA UD . -14.84 62.53 12.76
CHC CLA UD . -15.54 58.05 14.76
CHD CLA UD . -14.60 55.83 10.41
NA CLA UD . -14.39 61.20 10.79
C1A CLA UD . -14.08 61.49 9.59
C2A CLA UD . -14.08 62.94 9.26
C3A CLA UD . -14.32 63.59 10.61
C4A CLA UD . -14.50 62.36 11.46
CMA CLA UD . -13.06 64.31 11.05
CAA CLA UD . -15.32 63.28 8.42
CBA CLA UD . -16.56 62.54 8.97
CGA CLA UD . -17.89 62.89 8.33
O1A CLA UD . -18.15 64.02 7.95
O2A CLA UD . -18.91 61.86 8.15
NB CLA UD . -15.09 60.17 13.51
C1B CLA UD . -15.13 61.48 13.78
C2B CLA UD . -15.50 61.79 15.19
C3B CLA UD . -15.74 60.44 15.77
C4B CLA UD . -15.41 59.51 14.64
CMB CLA UD . -15.65 63.13 15.86
CAB CLA UD . -16.12 60.03 17.15
CBB CLA UD . -15.80 60.73 18.23
NC CLA UD . -14.98 57.26 12.43
C1C CLA UD . -15.36 57.03 13.71
C2C CLA UD . -15.62 55.59 13.99
C3C CLA UD . -15.35 54.93 12.69
C4C CLA UD . -14.93 56.07 11.83
CMC CLA UD . -16.09 54.97 15.30
CAC CLA UD . -15.42 53.44 12.35
CBC CLA UD . -16.69 53.19 11.57
ND CLA UD . -14.33 58.31 10.02
C1D CLA UD . -14.32 56.97 9.52
C2D CLA UD . -13.99 56.80 8.08
C3D CLA UD . -13.81 58.24 7.70
C4D CLA UD . -14.01 59.00 8.85
CMD CLA UD . -13.87 55.60 7.18
CAD CLA UD . -13.49 59.19 6.60
OBD CLA UD . -13.22 58.87 5.38
CBD CLA UD . -13.50 60.58 7.13
CGD CLA UD . -12.07 61.08 7.11
O1D CLA UD . -11.12 60.31 7.02
O2D CLA UD . -11.76 62.49 7.22
CED CLA UD . -10.40 62.88 7.37
C1 CLA UD . -20.14 62.16 7.49
C2 CLA UD . -21.23 61.28 8.05
C3 CLA UD . -21.81 60.33 7.27
C4 CLA UD . -21.40 60.19 5.85
C5 CLA UD . -22.90 59.44 7.80
C6 CLA UD . -22.47 57.99 7.90
C7 CLA UD . -23.66 57.08 8.19
C8 CLA UD . -23.32 55.97 9.17
C9 CLA UD . -22.15 55.13 8.69
C10 CLA UD . -24.56 55.10 9.38
C11 CLA UD . -24.76 54.83 10.86
C12 CLA UD . -26.08 54.11 11.13
C13 CLA UD . -26.60 54.53 12.50
C14 CLA UD . -25.51 54.42 13.57
C15 CLA UD . -27.84 53.71 12.88
C16 CLA UD . -28.88 53.63 11.77
C17 CLA UD . -29.61 54.94 11.58
C18 CLA UD . -30.66 54.84 10.48
C19 CLA UD . -31.34 56.17 10.23
C20 CLA UD . -31.69 53.76 10.81
MG CLA VD . -15.25 65.86 17.86
CHA CLA VD . -14.55 64.20 20.87
CHB CLA VD . -18.53 64.94 18.32
CHC CLA VD . -15.84 66.78 14.63
CHD CLA VD . -11.67 66.36 17.28
NA CLA VD . -16.41 64.68 19.38
C1A CLA VD . -16.01 64.18 20.49
C2A CLA VD . -17.08 63.63 21.38
C3A CLA VD . -18.33 63.85 20.52
C4A CLA VD . -17.73 64.55 19.33
CMA CLA VD . -18.87 62.50 20.10
CAA CLA VD . -17.22 64.44 22.67
CBA CLA VD . -18.43 63.93 23.47
CGA CLA VD . -18.16 62.61 24.16
O1A CLA VD . -17.15 61.97 23.94
O2A CLA VD . -19.09 62.08 25.15
NB CLA VD . -16.95 65.82 16.64
C1B CLA VD . -18.21 65.61 17.04
C2B CLA VD . -19.24 66.09 16.06
C3B CLA VD . -18.39 66.64 14.97
C4B CLA VD . -17.01 66.38 15.43
CMB CLA VD . -20.74 66.03 16.18
CAB CLA VD . -18.74 67.30 13.67
CBB CLA VD . -19.96 67.26 13.16
NC CLA VD . -13.95 66.44 16.22
C1C CLA VD . -14.42 66.79 15.03
C2C CLA VD . -13.36 67.27 14.08
C3C CLA VD . -12.12 67.13 14.88
C4C CLA VD . -12.62 66.64 16.20
CMC CLA VD . -13.51 67.76 12.66
CAC CLA VD . -10.69 67.45 14.50
CBC CLA VD . -10.13 66.23 13.81
ND CLA VD . -13.57 65.41 18.70
C1D CLA VD . -12.17 65.72 18.51
C2D CLA VD . -11.28 65.31 19.62
C3D CLA VD . -12.27 64.70 20.54
C4D CLA VD . -13.53 64.80 19.96
CMD CLA VD . -9.79 65.40 19.90
CAD CLA VD . -12.42 64.06 21.87
OBD CLA VD . -11.44 63.80 22.66
CBD CLA VD . -13.85 63.70 22.09
CGD CLA VD . -13.87 62.19 22.13
O1D CLA VD . -13.78 61.58 23.18
O2D CLA VD . -13.97 61.39 20.93
CED CLA VD . -13.82 59.97 21.06
C1 CLA VD . -18.80 60.90 25.89
C2 CLA VD . -17.65 61.11 26.84
C3 CLA VD . -17.80 61.86 27.93
C4 CLA VD . -19.11 62.52 28.23
C5 CLA VD . -16.67 62.10 28.90
C6 CLA VD . -16.29 63.58 28.90
C7 CLA VD . -15.89 63.96 27.47
C8 CLA VD . -15.16 65.28 27.35
C9 CLA VD . -16.03 66.47 27.73
C10 CLA VD . -14.72 65.38 25.90
C11 CLA VD . -14.48 66.81 25.42
C12 CLA VD . -13.62 66.71 24.18
C13 CLA VD . -13.77 67.94 23.28
C14 CLA VD . -15.11 67.89 22.57
C15 CLA VD . -12.62 67.94 22.28
C16 CLA VD . -12.51 69.31 21.65
C17 CLA VD . -11.06 69.79 21.66
C18 CLA VD . -11.04 71.31 21.75
C19 CLA VD . -11.89 71.93 20.65
C20 CLA VD . -9.62 71.85 21.70
MG CLA WD . -23.24 60.74 18.48
CHA CLA WD . -23.05 61.43 15.09
CHB CLA WD . -19.86 59.86 18.28
CHC CLA WD . -23.47 59.36 21.62
CHD CLA WD . -26.86 61.01 18.37
NA CLA WD . -21.66 60.63 16.89
C1A CLA WD . -21.74 61.04 15.70
C2A CLA WD . -20.45 61.08 14.92
C3A CLA WD . -19.47 60.54 15.95
C4A CLA WD . -20.38 60.32 17.13
CMA CLA WD . -19.05 59.14 15.50
CAA CLA WD . -20.10 62.54 14.61
CBA CLA WD . -18.67 62.72 14.10
CGA CLA WD . -18.65 62.22 12.68
O1A CLA WD . -18.78 62.96 11.71
O2A CLA WD . -18.45 60.82 12.51
NB CLA WD . -21.85 59.70 19.75
C1B CLA WD . -20.54 59.59 19.58
C2B CLA WD . -19.83 59.22 20.84
C3B CLA WD . -20.92 59.07 21.82
C4B CLA WD . -22.12 59.38 21.03
CMB CLA WD . -18.35 59.02 21.07
CAB CLA WD . -20.89 58.70 23.27
CBB CLA WD . -19.95 57.93 23.80
NC CLA WD . -24.92 60.23 19.77
C1C CLA WD . -24.76 59.76 21.01
C2C CLA WD . -26.05 59.66 21.77
C3C CLA WD . -27.06 60.14 20.78
C4C CLA WD . -26.22 60.47 19.60
CMC CLA WD . -26.29 59.18 23.17
CAC CLA WD . -28.55 60.30 20.92
CBC CLA WD . -29.03 58.95 20.44
ND CLA WD . -24.62 61.05 17.20
C1D CLA WD . -26.04 61.24 17.19
C2D CLA WD . -26.61 61.70 15.91
C3D CLA WD . -25.38 61.76 15.06
C4D CLA WD . -24.32 61.39 15.87
CMD CLA WD . -28.01 62.03 15.46
CAD CLA WD . -24.84 62.12 13.71
OBD CLA WD . -25.50 62.50 12.69
CBD CLA WD . -23.37 61.91 13.72
CGD CLA WD . -23.05 60.88 12.67
O1D CLA WD . -22.47 61.21 11.65
O2D CLA WD . -23.45 59.50 12.82
CED CLA WD . -23.17 58.61 11.74
C1 CLA WD . -18.59 60.14 11.27
C2 CLA WD . -19.11 58.76 11.63
C3 CLA WD . -18.67 57.70 10.97
C4 CLA WD . -17.71 57.91 9.85
C5 CLA WD . -19.17 56.32 11.33
C6 CLA WD . -19.58 56.12 12.78
C7 CLA WD . -19.85 54.65 13.12
C8 CLA WD . -20.50 54.49 14.49
C9 CLA WD . -20.28 53.07 14.99
C10 CLA WD . -22.01 54.83 14.50
C11 CLA WD . -22.43 55.19 15.93
C12 CLA WD . -22.54 56.70 16.04
C13 CLA WD . -23.04 57.21 17.39
C14 CLA WD . -22.16 56.68 18.53
C15 CLA WD . -24.51 56.89 17.64
C16 CLA WD . -25.41 57.35 16.50
C17 CLA WD . -26.87 57.21 16.91
C18 CLA WD . -27.76 58.11 16.07
C19 CLA WD . -29.14 58.23 16.69
C20 CLA WD . -27.85 57.56 14.66
MG CLA XD . -21.94 68.14 9.45
CHA CLA XD . -20.92 71.09 7.86
CHB CLA XD . -22.42 70.10 12.29
CHC CLA XD . -23.54 65.51 10.89
CHD CLA XD . -21.95 66.41 6.25
NA CLA XD . -21.73 70.37 10.01
C1A CLA XD . -21.27 71.32 9.31
C2A CLA XD . -21.11 72.66 10.02
C3A CLA XD . -21.65 72.30 11.42
C4A CLA XD . -21.95 70.83 11.24
CMA CLA XD . -20.76 72.66 12.62
CAA CLA XD . -21.94 73.75 9.33
CBA CLA XD . -23.37 73.38 9.01
CGA CLA XD . -23.96 74.39 8.05
O1A CLA XD . -23.34 75.36 7.67
O2A CLA XD . -25.29 74.17 7.50
NB CLA XD . -22.86 67.85 11.33
C1B CLA XD . -22.87 68.68 12.37
C2B CLA XD . -23.43 68.09 13.62
C3B CLA XD . -23.76 66.71 13.18
C4B CLA XD . -23.38 66.70 11.74
CMB CLA XD . -23.59 68.72 14.97
CAB CLA XD . -24.36 65.54 13.90
CBB CLA XD . -24.21 65.33 15.19
NC CLA XD . -22.64 66.31 8.68
C1C CLA XD . -23.26 65.40 9.45
C2C CLA XD . -23.64 64.16 8.71
C3C CLA XD . -23.17 64.43 7.33
C4C CLA XD . -22.55 65.78 7.45
CMC CLA XD . -24.35 62.95 9.25
CAC CLA XD . -23.29 63.55 6.10
CBC CLA XD . -24.59 63.99 5.44
ND CLA XD . -21.61 68.54 7.57
C1D CLA XD . -21.52 67.81 6.32
C2D CLA XD . -20.96 68.57 5.18
C3D CLA XD . -20.73 69.89 5.83
C4D CLA XD . -21.11 69.78 7.17
CMD CLA XD . -20.69 68.27 3.74
CAD CLA XD . -20.26 71.28 5.60
OBD CLA XD . -19.80 71.76 4.50
CBD CLA XD . -20.35 72.04 6.87
CGD CLA XD . -18.99 72.55 7.22
O1D CLA XD . -18.10 71.84 7.65
O2D CLA XD . -18.75 73.96 6.99
CED CLA XD . -17.52 74.53 7.37
C1 CLA XD . -26.22 75.18 7.13
C2 CLA XD . -27.56 74.52 7.36
C3 CLA XD . -28.66 75.21 7.66
C4 CLA XD . -28.59 76.70 7.83
C5 CLA XD . -29.97 74.49 7.88
C6 CLA XD . -30.38 74.45 9.36
C7 CLA XD . -29.29 73.79 10.20
C8 CLA XD . -29.59 73.86 11.68
C9 CLA XD . -28.34 73.57 12.51
C10 CLA XD . -30.70 72.87 12.05
C11 CLA XD . -31.16 73.09 13.48
C12 CLA XD . -32.27 72.11 13.81
C13 CLA XD . -32.70 72.17 15.28
C14 CLA XD . -33.95 71.33 15.49
C15 CLA XD . -32.92 73.61 15.77
C16 CLA XD . -33.25 73.66 17.26
C17 CLA XD . -33.48 75.10 17.67
C18 CLA XD . -33.87 75.23 19.14
C19 CLA XD . -34.13 76.68 19.48
C20 CLA XD . -32.82 74.65 20.08
MG CLA YD . -14.62 73.05 27.43
CHA CLA YD . -17.18 70.86 26.74
CHB CLA YD . -15.86 73.10 30.72
CHC CLA YD . -12.64 75.86 28.12
CHD CLA YD . -13.96 73.54 23.89
NA CLA YD . -16.34 72.11 28.59
C1A CLA YD . -17.13 71.22 28.19
C2A CLA YD . -18.02 70.62 29.24
C3A CLA YD . -17.56 71.38 30.50
C4A CLA YD . -16.50 72.25 29.90
CMA CLA YD . -18.68 72.32 30.94
CAA CLA YD . -17.87 69.12 29.44
CBA CLA YD . -19.26 68.64 29.83
CGA CLA YD . -19.31 67.22 30.34
O1A CLA YD . -19.55 66.28 29.60
O2A CLA YD . -18.98 66.99 31.74
NB CLA YD . -14.31 74.32 29.18
C1B CLA YD . -14.81 74.10 30.41
C2B CLA YD . -14.19 74.97 31.47
C3B CLA YD . -13.24 75.78 30.69
C4B CLA YD . -13.39 75.30 29.27
CMB CLA YD . -14.47 75.03 32.95
CAB CLA YD . -12.33 76.84 31.18
CBB CLA YD . -12.84 77.89 31.80
NC CLA YD . -13.52 74.49 26.18
C1C CLA YD . -12.75 75.47 26.68
C2C CLA YD . -11.96 76.17 25.63
C3C CLA YD . -12.37 75.48 24.36
C4C CLA YD . -13.30 74.44 24.86
CMC CLA YD . -11.01 77.32 25.77
CAC CLA YD . -11.94 75.70 22.93
CBC CLA YD . -13.05 76.53 22.33
ND CLA YD . -15.32 72.50 25.78
C1D CLA YD . -14.98 72.60 24.38
C2D CLA YD . -15.72 71.70 23.47
C3D CLA YD . -16.60 71.02 24.46
C4D CLA YD . -16.31 71.52 25.72
CMD CLA YD . -15.72 71.42 22.00
CAD CLA YD . -17.67 69.99 24.60
OBD CLA YD . -18.14 69.33 23.62
CBD CLA YD . -18.04 69.87 26.04
CGD CLA YD . -19.50 70.12 26.26
O1D CLA YD . -20.19 69.24 26.75
O2D CLA YD . -20.12 71.38 25.94
CED CLA YD . -21.44 71.63 26.42
C1 CLA YD . -19.43 65.84 32.44
C2 CLA YD . -19.23 66.11 33.91
C3 CLA YD . -20.25 66.50 34.69
C4 CLA YD . -21.61 66.74 34.08
C5 CLA YD . -20.06 66.72 36.18
C6 CLA YD . -20.33 68.12 36.75
C7 CLA YD . -19.41 69.14 36.08
C8 CLA YD . -19.71 70.55 36.57
C9 CLA YD . -21.07 71.03 36.05
C10 CLA YD . -18.59 71.49 36.12
C11 CLA YD . -18.72 72.84 36.81
C12 CLA YD . -17.69 73.84 36.30
C13 CLA YD . -16.39 73.84 37.09
C14 CLA YD . -16.62 74.28 38.53
C15 CLA YD . -15.44 74.81 36.40
C16 CLA YD . -13.98 74.69 36.82
C17 CLA YD . -13.19 75.86 36.24
C18 CLA YD . -11.69 75.65 36.30
C19 CLA YD . -10.97 76.78 35.58
C20 CLA YD . -11.34 74.31 35.67
MG CLA ZD . -20.93 79.93 23.69
CHA CLA ZD . -20.50 83.22 22.88
CHB CLA ZD . -17.54 79.69 24.19
CHC CLA ZD . -21.46 76.80 25.13
CHD CLA ZD . -24.60 80.43 23.72
NA CLA ZD . -19.27 81.26 23.61
C1A CLA ZD . -19.25 82.47 23.24
C2A CLA ZD . -17.92 83.13 23.14
C3A CLA ZD . -16.99 81.99 23.52
C4A CLA ZD . -18.00 80.89 23.78
CMA CLA ZD . -16.15 81.60 22.31
CAA CLA ZD . -17.89 84.20 24.25
CBA CLA ZD . -17.66 83.52 25.60
CGA CLA ZD . -17.40 84.46 26.76
O1A CLA ZD . -16.75 85.47 26.63
O2A CLA ZD . -17.98 84.14 28.05
NB CLA ZD . -19.66 78.46 24.56
C1B CLA ZD . -18.33 78.48 24.57
C2B CLA ZD . -17.70 77.21 25.02
C3B CLA ZD . -18.89 76.37 25.29
C4B CLA ZD . -20.06 77.24 24.96
CMB CLA ZD . -16.24 76.83 25.17
CAB CLA ZD . -18.94 74.97 25.77
CBB CLA ZD . -18.64 73.98 24.97
NC CLA ZD . -22.76 78.81 24.30
C1C CLA ZD . -22.70 77.60 24.90
C2C CLA ZD . -24.05 77.09 25.30
C3C CLA ZD . -24.96 78.18 24.88
C4C CLA ZD . -24.05 79.16 24.24
CMC CLA ZD . -24.38 75.80 26.00
CAC CLA ZD . -26.45 78.29 25.02
CBC CLA ZD . -26.67 79.22 26.19
ND CLA ZD . -22.24 81.36 23.48
C1D CLA ZD . -23.68 81.51 23.33
C2D CLA ZD . -24.11 82.82 22.78
C3D CLA ZD . -22.80 83.48 22.60
C4D CLA ZD . -21.82 82.60 23.02
CMD CLA ZD . -25.41 83.48 22.42
CAD CLA ZD . -22.13 84.73 22.15
OBD CLA ZD . -22.75 85.76 21.69
CBD CLA ZD . -20.67 84.59 22.31
CGD CLA ZD . -19.98 84.79 20.99
O1D CLA ZD . -19.68 83.86 20.25
O2D CLA ZD . -19.64 86.14 20.57
CED CLA ZD . -19.19 86.40 19.25
C1 CLA ZD . -17.51 84.84 29.20
C2 CLA ZD . -17.76 83.99 30.42
C3 CLA ZD . -18.99 83.91 30.95
C4 CLA ZD . -20.13 84.67 30.33
C5 CLA ZD . -19.22 83.06 32.18
C6 CLA ZD . -20.34 82.04 32.01
C7 CLA ZD . -20.33 81.03 33.15
C8 CLA ZD . -21.16 79.78 32.84
C9 CLA ZD . -22.59 80.16 32.46
C10 CLA ZD . -21.13 78.84 34.04
C11 CLA ZD . -21.84 77.54 33.68
C12 CLA ZD . -21.67 76.47 34.77
C13 CLA ZD . -21.07 75.19 34.19
C14 CLA ZD . -19.64 75.39 33.70
C15 CLA ZD . -21.97 74.68 33.06
C16 CLA ZD . -22.07 73.15 33.04
C17 CLA ZD . -22.73 72.71 31.74
C18 CLA ZD . -22.84 71.19 31.67
C19 CLA ZD . -23.51 70.78 30.36
C20 CLA ZD . -23.58 70.64 32.87
C1 BCR AE . -39.77 69.84 37.71
C2 BCR AE . -41.16 69.21 37.73
C3 BCR AE . -41.51 68.73 36.33
C4 BCR AE . -41.70 69.95 35.44
C5 BCR AE . -40.49 70.86 35.53
C6 BCR AE . -39.62 70.81 36.55
C7 BCR AE . -38.45 71.74 36.59
C8 BCR AE . -37.34 71.47 35.91
C9 BCR AE . -36.18 72.37 35.94
C10 BCR AE . -35.25 72.32 34.97
C11 BCR AE . -34.08 73.19 34.95
C33 BCR AE . -40.32 71.86 34.42
C31 BCR AE . -38.73 68.74 37.54
C32 BCR AE . -39.61 70.61 39.02
C34 BCR AE . -36.04 73.33 37.08
C12 BCR AE . -33.17 73.04 33.97
C13 BCR AE . -31.95 73.88 33.90
C14 BCR AE . -31.04 73.63 32.94
C15 BCR AE . -29.79 74.38 32.75
C16 BCR AE . -28.91 74.05 31.78
C17 BCR AE . -27.68 74.82 31.61
C18 BCR AE . -26.71 74.51 30.70
C19 BCR AE . -25.49 75.36 30.65
C20 BCR AE . -24.45 75.16 29.82
C21 BCR AE . -23.29 76.05 29.91
C22 BCR AE . -22.10 75.78 29.34
C23 BCR AE . -20.99 76.75 29.51
C24 BCR AE . -19.96 76.87 28.66
C25 BCR AE . -18.89 77.88 28.89
C26 BCR AE . -19.06 79.17 28.52
C27 BCR AE . -18.02 80.25 28.73
C28 BCR AE . -16.87 79.81 29.62
C29 BCR AE . -16.46 78.40 29.23
C30 BCR AE . -17.60 77.44 29.55
C35 BCR AE . -31.79 75.00 34.88
C36 BCR AE . -26.84 73.33 29.79
C37 BCR AE . -21.90 74.51 28.56
C38 BCR AE . -20.34 79.59 27.87
C39 BCR AE . -17.83 77.37 31.05
C40 BCR AE . -17.21 76.07 29.01
C1 BCR BE . 2.98 55.78 22.83
C2 BCR BE . 4.36 55.77 22.17
C3 BCR BE . 5.33 54.79 22.81
C4 BCR BE . 4.75 53.39 22.86
C5 BCR BE . 3.38 53.41 23.50
C6 BCR BE . 2.58 54.48 23.49
C7 BCR BE . 1.25 54.36 24.15
C8 BCR BE . 1.01 54.58 25.44
C9 BCR BE . -0.36 54.37 25.97
C10 BCR BE . -0.57 54.40 27.31
C11 BCR BE . -1.88 54.18 27.93
C33 BCR BE . 2.94 52.13 24.16
C31 BCR BE . 1.95 56.06 21.73
C32 BCR BE . 3.00 56.88 23.88
C34 BCR BE . -1.49 54.11 25.02
C12 BCR BE . -1.95 54.22 29.27
C13 BCR BE . -3.17 53.99 30.05
C14 BCR BE . -3.20 54.29 31.36
C15 BCR BE . -4.38 54.07 32.22
C16 BCR BE . -4.37 54.37 33.53
C17 BCR BE . -5.55 54.11 34.38
C18 BCR BE . -5.64 54.43 35.70
C19 BCR BE . -6.88 54.06 36.43
C20 BCR BE . -7.12 54.29 37.72
C21 BCR BE . -8.41 53.80 38.22
C22 BCR BE . -8.82 53.75 39.50
C23 BCR BE . -10.16 53.16 39.77
C24 BCR BE . -10.69 53.07 40.99
C25 BCR BE . -12.03 52.45 41.21
C26 BCR BE . -13.18 53.10 40.91
C27 BCR BE . -14.56 52.49 41.13
C28 BCR BE . -14.47 50.98 41.26
C29 BCR BE . -13.40 50.63 42.29
C30 BCR BE . -12.03 51.05 41.79
C35 BCR BE . -4.40 53.43 29.37
C36 BCR BE . -4.51 55.13 36.42
C37 BCR BE . -7.97 54.26 40.62
C38 BCR BE . -13.16 54.50 40.34
C39 BCR BE . -11.53 50.08 40.72
C40 BCR BE . -11.05 51.03 42.96
C1A DGD CE . -11.76 38.67 30.22
C2A DGD CE . -10.67 39.11 29.26
C3A DGD CE . -9.38 38.32 29.45
C4A DGD CE . -8.35 38.74 28.40
C5A DGD CE . -8.25 40.25 28.28
C6A DGD CE . -7.14 40.70 27.33
C7A DGD CE . -5.95 41.17 28.15
C8A DGD CE . -4.93 41.93 27.32
C9A DGD CE . -3.57 41.92 28.01
CAA DGD CE . -2.77 43.17 27.67
CBA DGD CE . -2.60 43.32 26.16
CCA DGD CE . -2.17 44.75 25.81
CDA DGD CE . -3.37 45.66 25.54
CEA DGD CE . -3.05 47.10 25.90
CFA DGD CE . -4.00 48.09 25.24
CGA DGD CE . -3.69 49.51 25.68
O1A DGD CE . -12.03 37.50 30.52
C1B DGD CE . -12.28 42.50 32.59
C2B DGD CE . -12.20 43.75 31.73
C3B DGD CE . -11.22 43.53 30.57
C4B DGD CE . -11.81 43.90 29.20
C5B DGD CE . -11.42 42.94 28.06
C6B DGD CE . -12.16 43.20 26.75
C7B DGD CE . -11.71 42.30 25.60
C8B DGD CE . -11.17 43.07 24.39
C9B DGD CE . -11.48 42.36 23.06
CAB DGD CE . -10.88 43.02 21.81
CBB DGD CE . -11.54 42.49 20.51
CCB DGD CE . -10.99 43.12 19.24
CDB DGD CE . -9.47 43.08 19.15
CEB DGD CE . -8.95 43.30 17.71
CFB DGD CE . -10.08 43.16 16.69
CGB DGD CE . -9.57 43.39 15.27
O1B DGD CE . -11.47 42.22 33.45
O1G DGD CE . -12.57 39.69 30.82
C1G DGD CE . -13.41 39.29 31.90
C2G DGD CE . -13.14 40.31 32.97
O2G DGD CE . -13.35 41.56 32.35
C3G DGD CE . -14.11 40.05 34.11
O3G DGD CE . -13.79 38.73 34.54
C1D DGD CE . -14.74 38.13 35.39
C2D DGD CE . -14.22 36.73 35.70
O2D DGD CE . -14.20 35.94 34.49
C3D DGD CE . -15.13 36.08 36.74
O3D DGD CE . -14.60 34.82 37.13
C4D DGD CE . -15.24 36.99 37.96
O4D DGD CE . -13.95 37.11 38.58
C5D DGD CE . -15.75 38.36 37.51
O5D DGD CE . -17.22 39.12 39.24
C6D DGD CE . -15.95 39.36 38.64
O6D DGD CE . -14.83 38.89 36.58
C1E DGD CE . -17.17 38.74 40.62
C2E DGD CE . -18.20 37.65 40.84
O2E DGD CE . -17.85 36.49 40.07
C3E DGD CE . -19.55 38.21 40.41
O3E DGD CE . -20.59 37.23 40.47
C4E DGD CE . -19.90 39.42 41.27
O4E DGD CE . -20.10 39.03 42.63
C5E DGD CE . -18.77 40.45 41.17
O6E DGD CE . -17.48 39.87 41.42
C6E DGD CE . -18.95 41.62 42.14
O5E DGD CE . -20.25 42.18 41.98
C1A DGD DE . -38.56 47.99 16.04
C2A DGD DE . -39.21 48.41 14.73
C3A DGD DE . -38.26 49.27 13.90
C4A DGD DE . -37.27 48.42 13.12
C5A DGD DE . -36.08 49.27 12.69
C6A DGD DE . -35.01 48.41 12.04
C7A DGD DE . -33.62 49.05 12.11
C8A DGD DE . -33.24 49.62 10.75
C9A DGD DE . -31.75 49.41 10.46
CAA DGD DE . -31.31 50.08 9.16
CBA DGD DE . -32.42 50.29 8.11
CCA DGD DE . -32.64 49.16 7.10
CDA DGD DE . -33.09 47.81 7.69
CEA DGD DE . -34.59 47.80 7.96
CFA DGD DE . -35.09 46.40 8.32
CGA DGD DE . -35.05 45.46 7.12
O1A DGD DE . -37.35 47.96 16.23
C1B DGD DE . -37.19 49.68 19.84
C2B DGD DE . -36.37 50.91 19.42
C3B DGD DE . -35.07 50.53 18.68
C4B DGD DE . -33.80 50.84 19.48
C5B DGD DE . -32.55 50.11 18.98
C6B DGD DE . -31.90 49.40 20.17
C7B DGD DE . -30.49 49.86 20.46
C8B DGD DE . -29.66 48.74 21.07
C9B DGD DE . -29.42 47.67 20.01
CAB DGD DE . -28.33 46.68 20.44
CBB DGD DE . -27.87 46.03 19.14
CCB DGD DE . -26.68 45.10 19.30
CDB DGD DE . -26.60 44.24 18.05
CEB DGD DE . -27.99 43.82 17.63
CFB DGD DE . -27.98 42.95 16.39
CGB DGD DE . -29.06 43.43 15.42
O1B DGD DE . -36.88 48.99 20.78
O1G DGD DE . -39.40 47.66 17.16
C1G DGD DE . -38.75 47.12 18.30
C2G DGD DE . -39.01 48.08 19.44
O2G DGD DE . -38.35 49.30 19.08
C3G DGD DE . -40.50 48.44 19.49
O3G DGD DE . -41.40 47.35 19.68
C1D DGD DE . -41.49 46.82 21.01
C2D DGD DE . -42.77 46.01 21.15
O2D DGD DE . -43.91 46.88 21.02
C3D DGD DE . -42.82 45.30 22.51
O3D DGD DE . -43.98 44.47 22.53
C4D DGD DE . -41.56 44.47 22.76
O4D DGD DE . -41.50 43.30 21.95
C5D DGD DE . -40.35 45.37 22.52
O5D DGD DE . -38.92 44.10 23.99
C6D DGD DE . -39.02 44.63 22.67
O6D DGD DE . -40.37 45.97 21.23
C1E DGD DE . -38.58 44.99 25.04
C2E DGD DE . -37.62 44.24 25.95
O2E DGD DE . -36.49 43.73 25.21
C3E DGD DE . -38.31 43.03 26.58
O3E DGD DE . -37.44 42.39 27.51
C4E DGD DE . -39.59 43.45 27.30
O4E DGD DE . -39.26 44.33 28.39
C5E DGD DE . -40.50 44.23 26.36
O6E DGD DE . -39.81 45.33 25.72
C6E DGD DE . -41.81 44.69 27.03
O5E DGD DE . -41.51 45.68 28.00
C1A DGD EE . -39.44 41.08 10.79
C2A DGD EE . -38.49 40.64 9.70
C3A DGD EE . -37.67 41.78 9.13
C4A DGD EE . -36.41 41.14 8.53
C5A DGD EE . -35.19 42.04 8.55
C6A DGD EE . -34.07 41.34 7.78
C7A DGD EE . -32.88 42.27 7.54
C8A DGD EE . -31.81 41.55 6.74
C9A DGD EE . -30.45 41.96 7.26
CAA DGD EE . -29.37 41.31 6.42
CBA DGD EE . -29.62 41.49 4.93
CCA DGD EE . -28.61 40.65 4.17
CDA DGD EE . -28.97 40.59 2.69
CEA DGD EE . -28.51 41.88 2.01
CFA DGD EE . -28.36 41.61 0.51
CGA DGD EE . -27.64 42.72 -0.23
O1A DGD EE . -40.54 41.44 10.44
C1B DGD EE . -38.14 43.31 15.55
C2B DGD EE . -37.51 44.67 15.79
C3B DGD EE . -36.01 44.52 15.56
C4B DGD EE . -35.64 44.26 14.10
C5B DGD EE . -34.18 44.57 13.83
C6B DGD EE . -33.84 44.49 12.33
C7B DGD EE . -32.38 44.10 12.13
C8B DGD EE . -31.67 44.92 11.05
C9B DGD EE . -30.19 45.02 11.42
CAB DGD EE . -29.28 45.35 10.24
CBB DGD EE . -29.23 46.84 9.96
CCB DGD EE . -27.89 47.25 9.32
O1B DGD EE . -37.79 42.36 16.22
O1G DGD EE . -39.12 41.14 12.22
C1G DGD EE . -40.17 41.52 13.13
C2G DGD EE . -39.68 41.76 14.56
O2G DGD EE . -39.19 43.10 14.56
C3G DGD EE . -40.83 41.52 15.53
O3G DGD EE . -41.28 40.18 15.34
C1D DGD EE . -42.35 39.78 16.20
C2D DGD EE . -43.03 38.55 15.58
O2D DGD EE . -43.63 38.91 14.33
C3D DGD EE . -44.09 38.00 16.54
O3D DGD EE . -44.66 36.79 16.02
C4D DGD EE . -43.47 37.73 17.91
O4D DGD EE . -42.53 36.64 17.69
C5D DGD EE . -42.71 38.95 18.42
O5D DGD EE . -42.98 38.11 20.60
C6D DGD EE . -41.98 38.63 19.73
O6D DGD EE . -41.76 39.39 17.43
C1E DGD EE . -42.74 38.27 22.00
C2E DGD EE . -43.47 37.17 22.75
O2E DGD EE . -42.98 35.86 22.39
C3E DGD EE . -44.97 37.26 22.51
O3E DGD EE . -45.68 36.37 23.38
C4E DGD EE . -45.50 38.67 22.75
O4E DGD EE . -45.36 39.04 24.11
C5E DGD EE . -44.70 39.68 21.95
O6E DGD EE . -43.32 39.55 22.30
C6E DGD EE . -45.18 41.11 22.22
O5E DGD EE . -44.15 41.99 21.73
C1 LMG FE . -43.39 49.44 23.75
O1 LMG FE . -43.14 50.63 23.00
C2 LMG FE . -42.15 49.16 24.60
O2 LMG FE . -41.05 48.84 23.72
C3 LMG FE . -42.36 48.00 25.57
O3 LMG FE . -41.24 47.86 26.45
C4 LMG FE . -43.65 48.14 26.37
O4 LMG FE . -43.50 49.10 27.45
C5 LMG FE . -44.81 48.50 25.45
O5 LMG FE . -47.18 48.88 25.32
C6 LMG FE . -46.10 48.75 26.25
O6 LMG FE . -44.53 49.62 24.58
C7 LMG FE . -44.09 50.85 21.96
C8 LMG FE . -43.63 51.98 21.03
C9 LMG FE . -42.37 51.57 20.28
O7 LMG FE . -44.66 52.20 20.07
C10 LMG FE . -45.15 53.55 20.06
O9 LMG FE . -45.07 54.21 21.08
C11 LMG FE . -45.77 54.12 18.80
C12 LMG FE . -44.94 55.32 18.32
C13 LMG FE . -44.41 55.14 16.91
C14 LMG FE . -43.06 55.84 16.79
C15 LMG FE . -42.52 55.85 15.36
C16 LMG FE . -41.29 56.73 15.26
C17 LMG FE . -40.95 57.08 13.82
C18 LMG FE . -40.26 55.92 13.10
C19 LMG FE . -38.77 56.22 12.88
C20 LMG FE . -38.58 57.50 12.06
C21 LMG FE . -37.14 57.62 11.59
C22 LMG FE . -36.77 56.44 10.70
C23 LMG FE . -35.31 56.52 10.27
C24 LMG FE . -34.99 55.43 9.24
C25 LMG FE . -35.10 54.05 9.84
O8 LMG FE . -41.80 52.67 19.58
C28 LMG FE . -41.05 52.41 18.36
O10 LMG FE . -41.31 51.40 17.75
C29 LMG FE . -39.98 53.36 17.83
C30 LMG FE . -39.06 52.61 16.88
C31 LMG FE . -37.98 53.50 16.26
C32 LMG FE . -36.89 52.64 15.62
C33 LMG FE . -35.87 53.42 14.80
C34 LMG FE . -34.45 53.15 15.31
C35 LMG FE . -33.44 52.94 14.17
C36 LMG FE . -32.02 53.41 14.53
C37 LMG FE . -31.47 52.76 15.81
C38 LMG FE . -30.04 53.18 16.09
C39 LMG FE . -29.63 52.82 17.52
C40 LMG FE . -28.17 52.37 17.61
C41 LMG FE . -27.71 52.30 19.07
C42 LMG FE . -26.83 51.08 19.33
C43 LMG FE . -25.67 51.04 18.36
C1 HTG GE . -31.64 64.13 48.50
S1 HTG GE . -30.86 64.69 47.02
C2 HTG GE . -32.05 62.66 48.36
O2 HTG GE . -33.04 62.56 47.34
C3 HTG GE . -32.61 62.15 49.67
O3 HTG GE . -32.90 60.75 49.56
C4 HTG GE . -31.61 62.39 50.78
O4 HTG GE . -32.15 61.93 52.03
C5 HTG GE . -31.28 63.87 50.87
O5 HTG GE . -30.78 64.36 49.62
C6 HTG GE . -30.22 64.08 51.95
O6 HTG GE . -30.15 65.48 52.25
C1' HTG GE . -30.61 66.43 47.21
C2' HTG GE . -30.99 67.21 45.95
C3' HTG GE . -29.80 67.28 44.99
C4' HTG GE . -30.16 68.01 43.69
C5' HTG GE . -28.96 67.99 42.74
C6' HTG GE . -29.26 68.66 41.41
C7' HTG GE . -28.03 68.68 40.53
C1 HTG HE . -13.44 59.78 56.05
S1 HTG HE . -14.20 60.05 54.48
C2 HTG HE . -14.54 59.74 57.13
O2 HTG HE . -14.97 61.08 57.43
C3 HTG HE . -14.10 59.05 58.41
O3 HTG HE . -15.21 58.95 59.31
C4 HTG HE . -13.61 57.66 58.06
O4 HTG HE . -13.20 56.99 59.26
C5 HTG HE . -12.42 57.75 57.11
O5 HTG HE . -12.67 58.57 55.95
C6 HTG HE . -12.02 56.35 56.66
O6 HTG HE . -13.09 55.67 55.99
C1' HTG HE . -13.63 61.45 53.56
C2' HTG HE . -14.71 61.72 52.50
C3' HTG HE . -14.58 63.04 51.73
C4' HTG HE . -15.87 63.34 51.00
C5' HTG HE . -15.74 64.32 49.83
C6' HTG HE . -17.09 64.48 49.12
C7' HTG HE . -17.07 65.50 47.99
C10 UNL IE . -15.27 80.98 32.99
C11 UNL IE . -13.94 81.46 32.39
C12 UNL IE . -14.16 82.61 31.43
C13 UNL IE . -12.84 83.10 30.86
C14 UNL IE . -13.06 84.26 29.89
C15 UNL IE . -11.74 84.84 29.43
C16 UNL IE . -11.96 86.09 28.57
C17 UNL IE . -10.65 86.79 28.25
C8 UNL IE . -16.36 79.44 34.65
C9 UNL IE . -15.06 79.78 33.91
C1 GOL JE . -4.41 53.91 54.32
O1 GOL JE . -3.24 53.66 55.03
C2 GOL JE . -5.16 55.02 55.08
O2 GOL JE . -6.32 54.55 55.70
C3 GOL JE . -5.47 56.11 54.02
O3 GOL JE . -4.34 56.25 53.22
C1 HTG KE . -19.19 88.43 24.53
S1 HTG KE . -20.76 87.80 25.05
C2 HTG KE . -19.44 89.37 23.36
O2 HTG KE . -19.89 88.60 22.22
C3 HTG KE . -18.20 90.15 22.99
O3 HTG KE . -18.49 91.03 21.88
C4 HTG KE . -17.79 90.95 24.21
O4 HTG KE . -16.65 91.78 23.92
C5 HTG KE . -17.46 90.00 25.36
O5 HTG KE . -18.53 89.07 25.64
C6 HTG KE . -17.16 90.81 26.62
O6 HTG KE . -17.06 89.92 27.74
C1' HTG KE . -20.56 86.30 25.96
C2' HTG KE . -21.89 85.58 25.99
C3' HTG KE . -21.76 84.23 26.70
C4' HTG KE . -23.08 83.48 26.74
C5' HTG KE . -23.01 82.35 27.75
C6' HTG KE . -24.23 81.44 27.69
C7' HTG KE . -23.97 80.17 28.48
C1 GOL LE . -34.88 29.32 28.95
O1 GOL LE . -36.01 28.57 28.60
C2 GOL LE . -35.40 30.41 29.92
O2 GOL LE . -36.48 29.95 30.60
C3 GOL LE . -34.18 30.70 30.86
O3 GOL LE . -34.56 31.62 31.85
C1 LMG ME . -41.62 65.17 46.24
O1 LMG ME . -40.53 65.50 47.09
C2 LMG ME . -42.08 63.76 46.54
O2 LMG ME . -40.94 62.88 46.57
C3 LMG ME . -43.01 63.35 45.42
O3 LMG ME . -43.46 62.02 45.62
C4 LMG ME . -44.20 64.31 45.37
O4 LMG ME . -45.16 63.90 46.36
C5 LMG ME . -43.86 65.79 45.58
O5 LMG ME . -46.10 66.59 45.14
C6 LMG ME . -45.07 66.55 46.13
O6 LMG ME . -42.72 66.06 46.42
C7 LMG ME . -39.87 66.67 46.61
C8 LMG ME . -38.54 66.31 45.95
C9 LMG ME . -37.86 67.62 45.56
O7 LMG ME . -37.70 65.62 46.86
C10 LMG ME . -36.98 64.47 46.31
O9 LMG ME . -36.54 63.62 47.07
C11 LMG ME . -36.71 64.32 44.83
C12 LMG ME . -35.21 64.15 44.62
C13 LMG ME . -34.88 63.90 43.15
C14 LMG ME . -33.49 64.39 42.83
C15 LMG ME . -33.22 64.28 41.34
C16 LMG ME . -32.06 65.18 40.91
C17 LMG ME . -31.64 64.88 39.47
C18 LMG ME . -30.68 65.93 38.94
C19 LMG ME . -30.35 65.67 37.47
C20 LMG ME . -29.64 66.86 36.82
C21 LMG ME . -29.34 66.58 35.35
C22 LMG ME . -28.65 67.77 34.70
C23 LMG ME . -28.44 67.55 33.21
C24 LMG ME . -27.65 68.72 32.65
C25 LMG ME . -27.13 68.49 31.25
O8 LMG ME . -38.16 67.98 44.21
C28 LMG ME . -37.09 68.62 43.46
O10 LMG ME . -35.97 68.56 43.90
C29 LMG ME . -37.34 69.31 42.13
C30 LMG ME . -36.06 70.05 41.75
C31 LMG ME . -35.93 70.28 40.26
C32 LMG ME . -34.57 70.84 39.88
C33 LMG ME . -33.42 70.01 40.47
C34 LMG ME . -32.19 70.01 39.58
C35 LMG ME . -31.69 71.41 39.26
C36 LMG ME . -31.63 71.68 37.76
C37 LMG ME . -30.24 72.09 37.28
C38 LMG ME . -29.33 70.88 37.09
C39 LMG ME . -28.05 71.23 36.33
C40 LMG ME . -28.35 71.76 34.93
C41 LMG ME . -27.07 71.83 34.10
C42 LMG ME . -25.97 72.57 34.85
C43 LMG ME . -26.16 74.06 34.75
S DMS NE . -10.89 41.87 45.43
O DMS NE . -12.69 41.82 45.43
C1 DMS NE . -10.33 42.97 46.77
C2 DMS NE . -10.22 40.28 46.01
S DMS OE . -38.19 43.50 41.97
O DMS OE . -39.70 43.45 42.94
C1 DMS OE . -36.84 44.18 42.98
C2 DMS OE . -37.56 41.82 41.77
S DMS PE . -40.22 43.09 47.22
O DMS PE . -39.87 41.63 46.23
C1 DMS PE . -40.62 42.58 48.92
C2 DMS PE . -38.68 44.00 47.52
S DMS QE . -34.81 38.81 52.44
O DMS QE . -33.08 38.66 52.93
C1 DMS QE . -35.58 40.21 53.31
C2 DMS QE . -34.86 39.42 50.73
S DMS RE . -14.53 34.60 43.38
O DMS RE . -15.40 33.45 44.44
C1 DMS RE . -15.16 36.29 43.54
C2 DMS RE . -12.83 34.81 44.00
S DMS SE . -18.81 38.57 48.10
O DMS SE . -17.61 38.59 46.77
C1 DMS SE . -17.90 38.39 49.66
C2 DMS SE . -19.43 40.26 48.37
S DMS TE . -21.48 82.83 9.42
O DMS TE . -20.74 83.67 10.84
C1 DMS TE . -22.74 83.90 8.68
C2 DMS TE . -20.27 82.75 8.07
S DMS UE . -45.13 53.55 43.30
O DMS UE . -44.82 53.60 45.07
C1 DMS UE . -46.70 52.71 42.98
C2 DMS UE . -45.53 55.23 42.71
S DMS VE . -7.64 71.74 -1.50
O DMS VE . -8.87 71.18 -2.70
C1 DMS VE . -7.09 70.33 -0.50
C2 DMS VE . -6.11 72.12 -2.37
S DMS WE . -6.71 88.37 20.08
O DMS WE . -8.27 89.28 20.17
C1 DMS WE . -5.94 88.63 18.46
C2 DMS WE . -5.48 89.17 21.16
C1 GOL XE . -45.61 10.17 27.79
O1 GOL XE . -44.93 11.16 28.51
C2 GOL XE . -46.29 10.82 26.54
O2 GOL XE . -46.49 9.91 25.52
C3 GOL XE . -47.64 11.40 27.05
O3 GOL XE . -48.17 12.24 26.05
O6 SQD YE . -22.27 40.59 -34.74
C44 SQD YE . -22.28 39.65 -33.65
C45 SQD YE . -23.06 38.39 -34.03
C46 SQD YE . -24.04 38.77 -35.15
O47 SQD YE . -22.09 37.42 -34.45
C7 SQD YE . -22.52 36.03 -34.58
O49 SQD YE . -22.49 35.53 -35.70
C8 SQD YE . -22.97 35.17 -33.43
C9 SQD YE . -23.52 33.88 -34.04
C10 SQD YE . -23.37 32.67 -33.14
C11 SQD YE . -24.32 31.57 -33.57
C12 SQD YE . -25.68 31.80 -32.92
C13 SQD YE . -26.66 30.67 -33.22
C14 SQD YE . -27.84 30.74 -32.27
C15 SQD YE . -28.86 29.64 -32.55
C16 SQD YE . -30.03 29.73 -31.56
C17 SQD YE . -31.10 28.67 -31.83
C18 SQD YE . -32.39 29.04 -31.11
C19 SQD YE . -33.23 27.79 -30.80
C20 SQD YE . -34.45 27.66 -31.71
C21 SQD YE . -35.18 26.33 -31.47
C22 SQD YE . -36.33 26.16 -32.44
O48 SQD YE . -24.67 37.60 -35.66
C23 SQD YE . -26.11 37.59 -35.86
O10 SQD YE . -26.64 38.55 -36.39
C24 SQD YE . -26.90 36.38 -35.42
C25 SQD YE . -26.39 35.93 -34.05
C26 SQD YE . -27.55 35.52 -33.16
C27 SQD YE . -28.54 34.69 -33.96
C28 SQD YE . -29.84 34.54 -33.20
C29 SQD YE . -30.84 33.70 -33.97
C30 SQD YE . -32.02 33.38 -33.06
C31 SQD YE . -33.12 32.61 -33.80
C32 SQD YE . -34.18 32.12 -32.80
C33 SQD YE . -35.38 31.51 -33.50
C34 SQD YE . -36.39 31.06 -32.44
C35 SQD YE . -37.49 30.15 -33.00
C36 SQD YE . -38.53 30.93 -33.78
C37 SQD YE . -39.94 30.43 -33.44
C38 SQD YE . -40.99 31.09 -34.32
C1 SQD YE . -21.07 40.53 -35.53
C2 SQD YE . -19.83 40.83 -34.69
O2 SQD YE . -19.82 42.21 -34.33
C3 SQD YE . -18.57 40.49 -35.46
O3 SQD YE . -17.41 40.78 -34.69
C4 SQD YE . -18.62 39.01 -35.81
O4 SQD YE . -17.40 38.65 -36.48
C5 SQD YE . -19.80 38.71 -36.72
C6 SQD YE . -20.01 37.21 -36.88
O5 SQD YE . -21.04 39.27 -36.22
S SQD YE . -21.01 36.86 -38.17
O7 SQD YE . -20.41 37.35 -39.43
O8 SQD YE . -21.21 35.41 -38.28
O9 SQD YE . -22.34 37.48 -37.96
MG CLA ZE . -22.08 25.79 2.30
CHA CLA ZE . -23.65 25.48 -0.78
CHB CLA ZE . -20.12 28.22 0.93
CHC CLA ZE . -21.10 26.52 5.50
CHD CLA ZE . -24.74 23.66 3.72
NA CLA ZE . -21.93 26.75 0.38
C1A CLA ZE . -22.46 26.40 -0.73
C2A CLA ZE . -21.95 27.06 -1.96
C3A CLA ZE . -20.78 27.87 -1.41
C4A CLA ZE . -20.95 27.60 0.06
CMA CLA ZE . -19.51 27.14 -1.83
CAA CLA ZE . -23.00 28.09 -2.39
CBA CLA ZE . -22.57 28.92 -3.59
CGA CLA ZE . -23.61 29.96 -3.97
O1A CLA ZE . -23.35 31.15 -4.00
O2A CLA ZE . -24.98 29.59 -4.30
NB CLA ZE . -20.81 27.15 3.07
C1B CLA ZE . -20.11 28.08 2.41
C2B CLA ZE . -19.29 28.96 3.29
C3B CLA ZE . -19.59 28.42 4.65
C4B CLA ZE . -20.53 27.31 4.38
CMB CLA ZE . -18.38 30.08 2.93
CAB CLA ZE . -19.10 28.86 5.97
CBB CLA ZE . -17.82 29.03 6.24
NC CLA ZE . -22.86 25.25 4.26
C1C CLA ZE . -22.18 25.51 5.39
C2C CLA ZE . -22.58 24.69 6.56
C3C CLA ZE . -23.67 23.84 6.00
C4C CLA ZE . -23.74 24.29 4.59
CMC CLA ZE . -22.03 24.71 7.96
CAC CLA ZE . -24.52 22.77 6.63
CBC CLA ZE . -24.00 21.45 6.04
ND CLA ZE . -23.78 24.85 1.75
C1D CLA ZE . -24.78 23.99 2.31
C2D CLA ZE . -25.80 23.46 1.37
C3D CLA ZE . -25.32 24.09 0.12
C4D CLA ZE . -24.21 24.86 0.43
CMD CLA ZE . -27.00 22.55 1.49
CAD CLA ZE . -25.57 24.26 -1.34
OBD CLA ZE . -26.52 23.71 -2.00
CBD CLA ZE . -24.53 25.12 -1.93
CGD CLA ZE . -23.80 24.29 -2.98
O1D CLA ZE . -22.87 23.56 -2.75
O2D CLA ZE . -24.20 24.32 -4.36
CED CLA ZE . -23.50 23.47 -5.24
C1 CLA ZE . -25.94 30.63 -4.54
C2 CLA ZE . -26.83 30.29 -5.72
C3 CLA ZE . -26.38 30.44 -6.98
C4 CLA ZE . -25.00 30.94 -7.22
C5 CLA ZE . -27.25 30.11 -8.17
C6 CLA ZE . -27.39 31.26 -9.17
C7 CLA ZE . -28.14 32.43 -8.49
C8 CLA ZE . -28.68 33.47 -9.46
C9 CLA ZE . -27.59 34.08 -10.33
C10 CLA ZE . -29.33 34.56 -8.62
C11 CLA ZE . -30.06 35.59 -9.48
C12 CLA ZE . -30.97 36.43 -8.58
C13 CLA ZE . -31.86 37.39 -9.37
C14 CLA ZE . -31.13 38.67 -9.77
C15 CLA ZE . -33.10 37.66 -8.52
C16 CLA ZE . -32.87 38.33 -7.17
C17 CLA ZE . -34.22 38.61 -6.49
C18 CLA ZE . -34.08 39.13 -5.05
C19 CLA ZE . -33.65 38.02 -4.11
C20 CLA ZE . -35.40 39.71 -4.56
MG CLA AF . -43.37 30.11 -19.98
CHA CLA AF . -44.67 27.16 -18.60
CHB CLA AF . -40.72 28.26 -21.08
CHC CLA AF . -42.46 32.82 -21.91
CHD CLA AF . -46.57 31.75 -19.25
NA CLA AF . -42.81 28.04 -19.91
C1A CLA AF . -43.35 27.05 -19.29
C2A CLA AF . -42.60 25.75 -19.29
C3A CLA AF . -41.34 26.15 -20.03
C4A CLA AF . -41.64 27.58 -20.36
CMA CLA AF . -40.19 26.18 -19.02
CAA CLA AF . -43.30 24.74 -20.23
CBA CLA AF . -43.55 25.31 -21.64
CGA CLA AF . -43.98 24.33 -22.72
O1A CLA AF . -44.05 23.12 -22.56
O2A CLA AF . -44.36 24.83 -24.03
NB CLA AF . -41.81 30.47 -21.33
C1B CLA AF . -40.77 29.67 -21.56
C2B CLA AF . -39.70 30.30 -22.38
C3B CLA AF . -40.24 31.66 -22.62
C4B CLA AF . -41.55 31.65 -21.93
CMB CLA AF . -38.39 29.70 -22.83
CAB CLA AF . -39.66 32.82 -23.36
CBB CLA AF . -39.16 32.69 -24.56
NC CLA AF . -44.36 31.95 -20.49
C1C CLA AF . -43.80 32.89 -21.29
C2C CLA AF . -44.68 34.07 -21.49
C3C CLA AF . -45.90 33.72 -20.68
C4C CLA AF . -45.56 32.41 -20.13
CMC CLA AF . -44.43 35.31 -22.31
CAC CLA AF . -47.18 34.49 -20.45
CBC CLA AF . -48.09 34.21 -21.64
ND CLA AF . -45.20 29.67 -19.22
C1D CLA AF . -46.39 30.36 -18.84
C2D CLA AF . -47.36 29.59 -18.01
C3D CLA AF . -46.63 28.28 -17.93
C4D CLA AF . -45.44 28.42 -18.63
CMD CLA AF . -48.69 29.89 -17.39
CAD CLA AF . -46.66 26.88 -17.39
OBD CLA AF . -47.61 26.39 -16.68
CBD CLA AF . -45.42 26.16 -17.78
CGD CLA AF . -44.66 25.85 -16.52
O1D CLA AF . -43.73 26.54 -16.13
O2D CLA AF . -45.00 24.73 -15.68
CED CLA AF . -44.32 24.59 -14.44
C1 CLA AF . -44.33 24.00 -25.19
C2 CLA AF . -44.38 24.93 -26.38
C3 CLA AF . -43.32 25.01 -27.20
C4 CLA AF . -42.11 24.18 -26.93
C5 CLA AF . -43.34 25.92 -28.39
C6 CLA AF . -42.42 25.40 -29.48
C7 CLA AF . -43.15 25.23 -30.81
C8 CLA AF . -42.19 24.74 -31.88
C9 CLA AF . -40.93 25.61 -31.93
C10 CLA AF . -42.93 24.76 -33.21
C11 CLA AF . -44.17 23.89 -33.09
C12 CLA AF . -45.42 24.64 -33.50
C13 CLA AF . -46.67 23.78 -33.36
C14 CLA AF . -46.56 22.55 -34.27
C15 CLA AF . -47.90 24.61 -33.71
C16 CLA AF . -49.15 23.76 -33.91
C17 CLA AF . -49.71 23.25 -32.59
C18 CLA AF . -50.78 22.20 -32.84
C19 CLA AF . -51.79 22.15 -31.70
C20 CLA AF . -50.15 20.83 -33.09
C1 BCR BF . -48.25 34.91 -14.99
C2 BCR BF . -48.75 33.50 -15.27
C3 BCR BF . -49.26 32.83 -14.03
C4 BCR BF . -48.10 32.63 -13.05
C5 BCR BF . -47.36 33.93 -12.86
C6 BCR BF . -47.42 34.97 -13.72
C7 BCR BF . -46.60 36.19 -13.44
C8 BCR BF . -46.95 37.21 -12.65
C9 BCR BF . -46.00 38.34 -12.46
C10 BCR BF . -46.03 39.03 -11.30
C11 BCR BF . -45.12 40.13 -10.95
C33 BCR BF . -46.50 34.01 -11.62
C31 BCR BF . -49.39 35.92 -14.91
C32 BCR BF . -47.36 35.24 -16.19
C34 BCR BF . -45.05 38.73 -13.54
C12 BCR BF . -45.24 40.65 -9.72
C13 BCR BF . -44.36 41.70 -9.19
C14 BCR BF . -44.51 42.06 -7.89
C15 BCR BF . -43.66 43.02 -7.20
C16 BCR BF . -43.73 43.20 -5.86
C17 BCR BF . -42.76 44.10 -5.21
C18 BCR BF . -42.65 44.25 -3.87
C19 BCR BF . -41.57 45.11 -3.34
C20 BCR BF . -41.37 45.32 -2.02
C21 BCR BF . -40.21 46.12 -1.60
C22 BCR BF . -39.85 46.38 -0.32
C23 BCR BF . -38.61 47.15 -0.11
C24 BCR BF . -37.81 46.83 0.92
C25 BCR BF . -36.50 47.50 1.22
C26 BCR BF . -35.37 47.01 0.67
C27 BCR BF . -34.00 47.60 0.92
C28 BCR BF . -33.98 48.65 2.01
C29 BCR BF . -35.22 49.51 1.88
C30 BCR BF . -36.43 48.66 2.18
C35 BCR BF . -43.31 42.31 -10.10
C36 BCR BF . -43.57 43.51 -2.94
C37 BCR BF . -40.67 45.92 0.87
C38 BCR BF . -35.45 45.85 -0.27
C39 BCR BF . -37.65 49.53 1.98
C40 BCR BF . -36.37 48.10 3.59
C2 PL9 CF . -2.74 42.31 -3.43
C3 PL9 CF . -1.57 41.61 -3.11
C4 PL9 CF . -0.32 41.91 -3.86
C5 PL9 CF . -0.34 42.95 -4.93
C6 PL9 CF . -1.62 43.65 -5.22
C1 PL9 CF . -2.81 43.28 -4.44
C7 PL9 CF . -1.49 40.57 -2.01
C8 PL9 CF . -2.31 39.34 -2.30
C9 PL9 CF . -1.78 38.11 -2.23
C10 PL9 CF . -0.33 37.91 -1.85
C11 PL9 CF . -2.65 36.90 -2.52
C12 PL9 CF . -2.78 36.01 -1.29
C13 PL9 CF . -3.94 35.06 -1.50
C14 PL9 CF . -4.40 34.27 -0.51
C15 PL9 CF . -3.78 34.29 0.86
C16 PL9 CF . -5.58 33.35 -0.78
C17 PL9 CF . -5.81 33.04 -2.27
C18 PL9 CF . -6.97 32.06 -2.38
C19 PL9 CF . -6.75 30.72 -2.46
C20 PL9 CF . -5.35 30.17 -2.40
C21 PL9 CF . -7.90 29.75 -2.55
C22 PL9 CF . -7.86 28.82 -3.77
C23 PL9 CF . -9.17 28.04 -3.76
C24 PL9 CF . -9.63 27.42 -4.86
C25 PL9 CF . -8.82 27.43 -6.13
C26 PL9 CF . -10.95 26.67 -4.80
C27 PL9 CF . -10.68 25.16 -4.92
C28 PL9 CF . -10.04 24.67 -3.66
C29 PL9 CF . -8.92 23.92 -3.66
C30 PL9 CF . -8.26 23.53 -4.94
C31 PL9 CF . -8.33 23.45 -2.35
C32 PL9 CF . -8.95 24.12 -1.13
C33 PL9 CF . -8.26 23.44 0.03
C34 PL9 CF . -8.86 22.95 1.13
C35 PL9 CF . -10.35 23.01 1.32
C36 PL9 CF . -8.00 22.26 2.16
C37 PL9 CF . -7.51 23.13 3.30
C38 PL9 CF . -7.01 22.15 4.34
C39 PL9 CF . -5.87 22.36 4.98
C40 PL9 CF . -5.10 23.61 4.64
C41 PL9 CF . -5.36 21.38 6.03
C42 PL9 CF . -5.05 22.19 7.28
C43 PL9 CF . -4.01 21.58 8.21
C44 PL9 CF . -4.33 21.23 9.46
C45 PL9 CF . -5.74 21.37 9.98
C46 PL9 CF . -3.28 20.65 10.40
C47 PL9 CF . -1.93 20.46 9.68
C48 PL9 CF . -0.90 20.20 10.75
C49 PL9 CF . -0.27 19.02 10.80
C50 PL9 CF . 0.74 18.79 11.88
C51 PL9 CF . -0.59 17.94 9.81
C52 PL9 CF . 0.91 43.27 -5.71
C53 PL9 CF . -1.70 44.70 -6.30
O1 PL9 CF . 0.72 41.28 -3.57
O2 PL9 CF . -3.89 43.86 -4.69
C1A DGD DF . -56.29 33.99 -12.82
C2A DGD DF . -55.61 35.10 -12.07
C3A DGD DF . -54.13 35.17 -12.48
C4A DGD DF . -53.33 36.14 -11.61
C5A DGD DF . -51.82 35.99 -11.80
C6A DGD DF . -51.01 36.83 -10.82
C7A DGD DF . -50.73 38.23 -11.36
C8A DGD DF . -50.51 39.27 -10.25
C9A DGD DF . -51.57 39.24 -9.14
CAA DGD DF . -52.82 40.08 -9.42
CBA DGD DF . -53.78 39.36 -10.36
CCA DGD DF . -55.26 39.66 -10.17
CDA DGD DF . -56.06 38.53 -10.83
CEA DGD DF . -57.56 38.81 -10.86
CFA DGD DF . -58.29 37.63 -11.51
CGA DGD DF . -59.80 37.80 -11.44
O1A DGD DF . -55.81 33.58 -13.87
C1B DGD DF . -59.21 28.98 -11.86
C2B DGD DF . -59.74 28.15 -13.00
C3B DGD DF . -58.81 28.19 -14.21
C4B DGD DF . -59.36 29.15 -15.27
C5B DGD DF . -58.92 28.75 -16.67
C6B DGD DF . -57.91 29.74 -17.27
C7B DGD DF . -56.69 29.94 -16.38
C8B DGD DF . -55.54 30.58 -17.15
C9B DGD DF . -54.62 31.37 -16.24
CAB DGD DF . -53.40 31.90 -17.01
CBB DGD DF . -52.81 33.13 -16.35
CCB DGD DF . -53.85 34.24 -16.13
CDB DGD DF . -54.44 34.83 -17.40
CEB DGD DF . -55.54 35.85 -17.09
CFB DGD DF . -56.80 35.64 -17.92
CGB DGD DF . -57.89 34.93 -17.12
O1B DGD DF . -59.51 28.71 -10.71
O1G DGD DF . -57.51 33.34 -12.35
C1G DGD DF . -58.07 32.30 -13.15
C2G DGD DF . -58.96 31.35 -12.35
O2G DGD DF . -58.30 30.10 -12.10
C3G DGD DF . -59.33 32.01 -11.02
O3G DGD DF . -60.47 31.34 -10.49
C1D DGD DF . -60.98 31.91 -9.29
C2D DGD DF . -62.02 32.95 -9.65
O2D DGD DF . -61.46 34.08 -10.34
C3D DGD DF . -62.71 33.47 -8.40
O3D DGD DF . -63.72 34.42 -8.77
C4D DGD DF . -63.35 32.32 -7.65
O4D DGD DF . -64.51 31.86 -8.36
C5D DGD DF . -62.38 31.15 -7.43
O5D DGD DF . -63.30 29.93 -5.60
C6D DGD DF . -63.18 29.91 -7.02
O6D DGD DF . -61.56 30.83 -8.55
C1E DGD DF . -64.66 29.83 -5.17
O6E DGD DF . -64.75 30.32 -3.84
O6 SQD EF . -40.38 54.35 -30.07
C44 SQD EF . -40.47 53.01 -29.58
C45 SQD EF . -41.39 52.18 -30.46
C46 SQD EF . -41.20 50.70 -30.14
O47 SQD EF . -42.76 52.57 -30.28
C7 SQD EF . -43.73 51.70 -30.92
O49 SQD EF . -43.78 51.67 -32.14
C8 SQD EF . -44.70 50.88 -30.10
C9 SQD EF . -45.50 49.93 -31.00
C10 SQD EF . -46.45 49.07 -30.19
C11 SQD EF . -45.72 48.18 -29.18
C12 SQD EF . -46.69 47.27 -28.43
C13 SQD EF . -45.95 46.40 -27.42
O48 SQD EF . -40.59 50.52 -28.87
C23 SQD EF . -41.27 49.69 -27.89
O10 SQD EF . -42.02 50.23 -27.10
C24 SQD EF . -41.04 48.20 -27.84
C25 SQD EF . -41.88 47.57 -26.72
C26 SQD EF . -42.33 46.15 -27.04
C27 SQD EF . -41.17 45.16 -27.05
C28 SQD EF . -41.63 43.74 -26.69
C29 SQD EF . -42.76 43.25 -27.59
C30 SQD EF . -43.31 41.88 -27.19
C31 SQD EF . -44.77 41.74 -27.62
C32 SQD EF . -45.27 40.30 -27.70
C33 SQD EF . -45.43 39.68 -26.32
C34 SQD EF . -46.50 38.58 -26.32
C35 SQD EF . -46.47 37.78 -25.01
C36 SQD EF . -47.86 37.33 -24.60
C37 SQD EF . -48.59 36.62 -25.74
C38 SQD EF . -49.98 36.20 -25.32
C1 SQD EF . -39.03 54.61 -30.46
C2 SQD EF . -38.83 56.03 -30.97
O2 SQD EF . -39.78 56.33 -32.00
C3 SQD EF . -37.42 56.12 -31.51
O3 SQD EF . -37.15 57.43 -32.03
C4 SQD EF . -36.44 55.78 -30.39
O4 SQD EF . -35.11 55.75 -30.92
C5 SQD EF . -36.75 54.42 -29.76
C6 SQD EF . -35.93 54.17 -28.51
O5 SQD EF . -38.13 54.33 -29.40
S SQD EF . -36.14 52.58 -28.05
O7 SQD EF . -36.45 51.72 -29.21
O8 SQD EF . -34.89 52.09 -27.41
O9 SQD EF . -37.23 52.48 -27.06
O1 LHG FF . -3.39 33.96 -16.07
C1 LHG FF . -3.39 32.54 -16.29
C2 LHG FF . -3.50 32.24 -17.78
O2 LHG FF . -2.66 33.15 -18.51
C3 LHG FF . -4.93 32.37 -18.28
O3 LHG FF . -5.01 31.77 -19.58
P LHG FF . -6.36 31.77 -20.45
O4 LHG FF . -6.92 33.16 -20.39
O5 LHG FF . -6.16 31.09 -21.77
O6 LHG FF . -7.24 30.80 -19.50
C4 LHG FF . -7.11 29.40 -19.54
C5 LHG FF . -7.68 28.89 -18.24
C6 LHG FF . -9.13 29.32 -18.07
O7 LHG FF . -7.67 27.47 -18.25
C7 LHG FF . -6.72 26.93 -17.31
O9 LHG FF . -6.23 27.70 -16.50
C8 LHG FF . -6.38 25.46 -17.36
C9 LHG FF . -5.78 25.02 -16.03
C10 LHG FF . -6.84 24.72 -14.99
O8 LHG FF . -9.60 28.84 -16.81
C23 LHG FF . -10.93 29.19 -16.35
O10 LHG FF . -11.62 29.76 -17.17
C24 LHG FF . -11.47 28.85 -14.95
C11 LHG FF . -6.43 23.46 -14.22
C12 LHG FF . -6.74 23.51 -12.75
C13 LHG FF . -5.86 22.54 -11.98
C14 LHG FF . -6.21 21.07 -12.18
C15 LHG FF . -5.45 20.25 -11.14
C16 LHG FF . -5.84 18.78 -11.10
C17 LHG FF . -4.94 17.97 -10.16
C18 LHG FF . -5.25 16.50 -10.36
C19 LHG FF . -4.20 15.59 -9.71
C20 LHG FF . -3.96 14.37 -10.61
C21 LHG FF . -3.34 13.22 -9.83
C22 LHG FF . -3.25 11.96 -10.66
C25 LHG FF . -11.56 27.34 -14.75
C26 LHG FF . -12.69 26.91 -13.81
C27 LHG FF . -13.56 25.81 -14.44
C28 LHG FF . -13.89 24.66 -13.51
C29 LHG FF . -14.01 23.34 -14.28
C30 LHG FF . -13.87 22.11 -13.38
C31 LHG FF . -12.43 21.77 -13.03
C32 LHG FF . -11.78 20.81 -14.02
C33 LHG FF . -10.25 20.96 -14.06
C34 LHG FF . -9.63 20.42 -15.35
C35 LHG FF . -9.24 21.55 -16.31
C36 LHG FF . -7.98 21.19 -17.11
C37 LHG FF . -7.94 22.02 -18.39
C38 LHG FF . -6.65 21.87 -19.17
O1 LHG GF . 3.39 33.18 -14.21
C1 LHG GF . 2.73 33.48 -12.98
C2 LHG GF . 2.50 34.99 -12.95
O2 LHG GF . 2.59 35.47 -14.29
C3 LHG GF . 3.57 35.70 -12.13
O3 LHG GF . 3.29 35.47 -10.77
P LHG GF . 3.37 36.65 -9.68
O4 LHG GF . 4.82 37.05 -9.44
O5 LHG GF . 2.36 37.69 -10.08
O6 LHG GF . 2.81 35.90 -8.39
C4 LHG GF . 3.72 35.31 -7.47
C5 LHG GF . 2.99 34.16 -6.81
C6 LHG GF . 3.97 33.27 -6.07
O7 LHG GF . 2.07 34.71 -5.87
C7 LHG GF . 0.68 34.46 -6.20
O9 LHG GF . 0.41 33.88 -7.24
C8 LHG GF . -0.36 34.93 -5.19
C9 LHG GF . -1.60 34.06 -5.24
C10 LHG GF . -1.34 32.68 -4.62
O8 LHG GF . 3.19 32.19 -5.56
C23 LHG GF . 3.84 31.05 -4.98
O10 LHG GF . 5.05 31.12 -4.85
C24 LHG GF . 3.02 29.83 -4.61
C11 LHG GF . -1.09 32.80 -3.12
C12 LHG GF . -1.17 31.44 -2.44
C13 LHG GF . -1.38 31.61 -0.94
C14 LHG GF . -1.25 30.28 -0.23
C15 LHG GF . -1.58 30.39 1.26
C16 LHG GF . -1.32 29.06 1.97
C17 LHG GF . -2.43 28.09 1.65
C18 LHG GF . -2.10 26.64 2.02
C19 LHG GF . -1.66 26.49 3.46
C20 LHG GF . -1.79 25.03 3.88
C21 LHG GF . -1.48 24.85 5.37
C22 LHG GF . -1.00 23.44 5.65
C25 LHG GF . 3.50 29.20 -3.31
C26 LHG GF . 3.19 30.10 -2.13
C27 LHG GF . 3.61 29.47 -0.81
C28 LHG GF . 3.83 30.54 0.26
C29 LHG GF . 2.51 31.06 0.82
C30 LHG GF . 2.77 32.07 1.93
C31 LHG GF . 3.32 31.43 3.20
C32 LHG GF . 3.44 32.52 4.26
C33 LHG GF . 4.40 32.17 5.37
C34 LHG GF . 4.16 33.09 6.55
C35 LHG GF . 4.88 34.43 6.45
C36 LHG GF . 4.50 35.36 7.61
C37 LHG GF . 5.70 36.20 8.00
C38 LHG GF . 5.35 37.06 9.19
O1 LHG HF . -11.20 62.09 2.26
C1 LHG HF . -11.47 61.44 3.51
C2 LHG HF . -10.46 60.31 3.77
O2 LHG HF . -9.14 60.76 3.42
C3 LHG HF . -10.84 59.05 3.00
O3 LHG HF . -10.92 59.29 1.59
P LHG HF . -9.69 58.81 0.64
O4 LHG HF . -9.97 59.23 -0.79
O5 LHG HF . -8.42 59.21 1.33
O6 LHG HF . -9.85 57.22 0.71
C4 LHG HF . -10.78 56.55 -0.14
C5 LHG HF . -11.29 55.30 0.56
C6 LHG HF . -10.10 54.45 0.96
O7 LHG HF . -11.94 55.57 1.80
C7 LHG HF . -13.30 56.03 1.67
O9 LHG HF . -13.78 56.10 0.55
C8 LHG HF . -14.04 56.39 2.93
C9 LHG HF . -15.54 56.30 2.74
C10 LHG HF . -16.31 57.02 3.85
O8 LHG HF . -10.64 53.31 1.62
C23 LHG HF . -9.78 52.17 1.83
O10 LHG HF . -8.59 52.41 1.93
C24 LHG HF . -10.35 50.78 1.98
C11 LHG HF . -17.81 56.79 3.70
C12 LHG HF . -18.64 57.57 4.72
C13 LHG HF . -18.39 57.11 6.14
C14 LHG HF . -18.86 55.68 6.33
C15 LHG HF . -18.62 55.23 7.78
C25 LHG HF . -9.98 50.31 3.37
C26 LHG HF . -10.51 48.92 3.73
C27 LHG HF . -12.04 48.88 3.84
C28 LHG HF . -12.63 50.05 4.60
C29 LHG HF . -14.05 49.67 4.97
C30 LHG HF . -15.05 50.75 4.61
C31 LHG HF . -14.89 51.97 5.51
C32 LHG HF . -16.03 52.93 5.23
C33 LHG HF . -17.25 52.46 5.99
C34 LHG HF . -16.87 52.21 7.45
C35 LHG HF . -18.06 51.78 8.31
C1 LMG IF . -45.58 41.00 7.26
O1 LMG IF . -44.88 42.16 6.85
C2 LMG IF . -45.42 40.87 8.77
O2 LMG IF . -44.04 40.65 9.06
C3 LMG IF . -46.25 39.72 9.29
O3 LMG IF . -46.18 39.73 10.71
C4 LMG IF . -47.70 39.88 8.86
O4 LMG IF . -48.27 41.05 9.45
C5 LMG IF . -47.78 40.07 7.33
O5 LMG IF . -49.99 39.23 7.18
C6 LMG IF . -49.20 40.39 6.92
O6 LMG IF . -46.95 41.14 6.88
C7 LMG IF . -44.81 42.21 5.43
C8 LMG IF . -43.38 42.05 4.96
C9 LMG IF . -43.36 42.33 3.47
O7 LMG IF . -42.61 43.10 5.52
C10 LMG IF . -41.51 42.72 6.37
O9 LMG IF . -41.16 41.55 6.50
C11 LMG IF . -40.83 43.88 7.06
C12 LMG IF . -39.38 43.95 6.65
C13 LMG IF . -39.19 44.02 5.14
C14 LMG IF . -37.69 44.13 4.90
C15 LMG IF . -37.24 43.46 3.61
C16 LMG IF . -35.72 43.33 3.58
C17 LMG IF . -35.29 43.14 2.14
C18 LMG IF . -33.88 42.60 2.00
C19 LMG IF . -33.50 42.64 0.53
C20 LMG IF . -32.44 41.60 0.19
C21 LMG IF . -32.28 41.49 -1.33
O8 LMG IF . -42.03 42.11 3.02
C28 LMG IF . -41.70 42.43 1.65
O10 LMG IF . -42.60 42.84 0.92
C29 LMG IF . -40.25 42.27 1.21
C30 LMG IF . -40.03 42.21 -0.29
C31 LMG IF . -38.52 42.21 -0.56
C32 LMG IF . -38.13 41.83 -1.99
C33 LMG IF . -38.27 43.00 -2.94
C34 LMG IF . -37.69 42.71 -4.34
C35 LMG IF . -38.32 43.64 -5.36
C36 LMG IF . -37.92 43.31 -6.80
C37 LMG IF . -38.94 43.87 -7.80
C38 LMG IF . -38.50 45.20 -8.40
C39 LMG IF . -39.09 46.41 -7.66
C40 LMG IF . -38.82 47.69 -8.45
C41 LMG IF . -39.66 48.86 -7.95
C42 LMG IF . -39.42 50.12 -8.79
C43 LMG IF . -40.45 51.18 -8.47
C11 UNL JF . -40.96 41.04 -19.79
C12 UNL JF . -41.76 40.65 -21.03
C13 UNL JF . -42.67 39.45 -20.77
C14 UNL JF . -43.78 39.76 -19.78
C15 UNL JF . -44.96 38.79 -19.90
C16 UNL JF . -45.93 38.87 -18.73
C17 UNL JF . -47.37 39.14 -19.20
C18 UNL JF . -48.36 39.17 -18.04
C19 UNL JF . -47.88 40.03 -16.88
C20 UNL JF . -48.87 40.04 -15.72
C21 UNL JF . -48.24 40.58 -14.43
C22 UNL JF . -49.30 40.80 -13.37
O8 UNL KF . -56.05 23.09 -20.02
C23 UNL KF . -56.92 24.27 -20.03
C24 UNL KF . -56.36 25.61 -19.64
C25 UNL KF . -54.91 25.67 -20.06
C26 UNL KF . -54.33 27.07 -19.90
C27 UNL KF . -53.10 27.21 -20.78
C28 UNL KF . -52.48 28.59 -20.70
C29 UNL KF . -51.06 28.55 -21.26
C30 UNL KF . -50.43 29.93 -21.32
C31 UNL KF . -48.91 29.80 -21.20
C32 UNL KF . -48.21 29.86 -22.55
C33 UNL KF . -46.86 29.13 -22.46
C34 UNL KF . -45.83 29.73 -23.40
C35 UNL KF . -44.57 28.87 -23.44
C36 UNL KF . -43.52 29.48 -24.36
C37 UNL KF . -42.37 28.53 -24.59
C38 UNL KF . -41.40 29.07 -25.61
O10 UNL KF . -58.10 24.15 -20.34
O7 UNL LF . -22.11 35.98 -30.48
O9 UNL LF . -22.68 34.86 -28.53
C10 UNL LF . -26.80 35.07 -29.07
C11 UNL LF . -27.61 33.79 -29.23
C12 UNL LF . -29.04 34.03 -28.75
C13 UNL LF . -29.98 32.88 -29.09
C14 UNL LF . -31.35 33.21 -28.51
C15 UNL LF . -32.43 32.21 -28.91
C16 UNL LF . -33.71 32.52 -28.15
C17 UNL LF . -34.93 31.82 -28.73
C18 UNL LF . -35.86 31.33 -27.62
C19 UNL LF . -37.29 31.16 -28.10
C20 UNL LF . -37.81 29.74 -27.90
C21 UNL LF . -37.43 28.83 -29.07
C22 UNL LF . -38.12 27.48 -28.97
C7 UNL LF . -23.05 35.27 -29.61
C8 UNL LF . -24.48 35.04 -30.04
C9 UNL LF . -25.32 34.76 -28.81
S DMS MF . -45.32 11.45 19.26
O DMS MF . -46.20 10.24 20.28
C1 DMS MF . -46.48 12.74 18.73
C2 DMS MF . -44.22 12.42 20.32
S DMS NF . -16.16 -4.96 13.46
O DMS NF . -14.48 -5.62 13.37
C1 DMS NF . -17.27 -6.19 14.21
C2 DMS NF . -16.21 -3.64 14.71
S DMS OF . -11.92 32.67 -24.38
O DMS OF . -12.29 33.41 -25.96
C1 DMS OF . -10.13 32.46 -24.19
C2 DMS OF . -12.21 33.95 -23.16
S DMS PF . -6.20 51.97 -21.80
O DMS PF . -6.10 52.99 -23.29
C1 DMS PF . -4.53 51.80 -21.08
C2 DMS PF . -7.03 52.88 -20.49
S DMS QF . -2.28 61.25 -14.40
O DMS QF . -0.67 61.55 -13.65
C1 DMS QF . -3.52 62.33 -13.65
C2 DMS QF . -2.26 61.92 -16.09
O1 LHG RF . -30.44 57.86 -21.14
C1 LHG RF . -30.50 57.49 -19.77
C2 LHG RF . -30.95 58.68 -18.93
O2 LHG RF . -30.09 59.80 -19.22
C3 LHG RF . -30.82 58.32 -17.45
O3 LHG RF . -31.34 59.36 -16.62
P LHG RF . -30.51 59.83 -15.32
O4 LHG RF . -31.36 60.81 -14.56
O5 LHG RF . -29.11 60.19 -15.75
O6 LHG RF . -30.43 58.47 -14.45
C4 LHG RF . -29.20 57.76 -14.37
C5 LHG RF . -29.06 56.96 -13.08
C6 LHG RF . -28.15 57.75 -12.14
O7 LHG RF . -30.33 56.73 -12.49
C7 LHG RF . -30.79 55.37 -12.75
O9 LHG RF . -30.36 54.77 -13.72
C8 LHG RF . -31.81 54.72 -11.84
C9 LHG RF . -31.98 53.26 -12.23
C10 LHG RF . -33.20 53.02 -13.11
O8 LHG RF . -28.28 57.29 -10.79
C23 LHG RF . -27.42 56.22 -10.29
O10 LHG RF . -26.23 56.44 -10.09
C24 LHG RF . -28.03 54.88 -9.97
C11 LHG RF . -33.11 51.66 -13.77
C12 LHG RF . -34.48 51.14 -14.22
C13 LHG RF . -34.28 49.86 -15.03
C14 LHG RF . -35.54 49.01 -15.12
C15 LHG RF . -35.24 47.72 -15.88
C16 LHG RF . -33.93 47.08 -15.44
C17 LHG RF . -33.97 45.57 -15.64
C18 LHG RF . -32.62 44.90 -15.42
C19 LHG RF . -31.69 45.10 -16.62
C20 LHG RF . -30.43 44.24 -16.47
C21 LHG RF . -30.76 42.75 -16.55
C22 LHG RF . -30.81 42.30 -17.99
C25 LHG RF . -27.18 53.76 -10.56
C26 LHG RF . -27.77 52.39 -10.27
C27 LHG RF . -27.63 52.00 -8.80
C28 LHG RF . -27.88 50.52 -8.59
C29 LHG RF . -26.57 49.78 -8.34
C15 UNL SF . -53.41 56.35 0.26
C16 UNL SF . -52.65 55.73 -0.90
C17 UNL SF . -51.20 56.22 -0.95
C18 UNL SF . -50.32 55.32 -1.81
C19 UNL SF . -48.91 55.89 -1.91
C20 UNL SF . -47.93 54.85 -2.46
C10 UNL TF . -59.17 51.04 3.57
C11 UNL TF . -59.92 51.04 2.24
C12 UNL TF . -58.99 50.83 1.05
C13 UNL TF . -58.13 52.05 0.77
C14 UNL TF . -56.64 51.78 0.82
C15 UNL TF . -56.08 52.26 2.16
C16 UNL TF . -54.69 52.86 1.96
C8 UNL TF . -61.37 50.59 4.78
C9 UNL TF . -60.08 51.42 4.73
C1 GOL UF . -58.45 49.97 -11.02
O1 GOL UF . -57.25 49.71 -11.67
C2 GOL UF . -59.60 49.70 -12.03
O2 GOL UF . -60.83 50.12 -11.55
C3 GOL UF . -59.56 48.15 -12.32
O3 GOL UF . -59.57 47.47 -11.09
CHA HEM VF . -43.42 57.49 -17.11
CHB HEM VF . -48.09 56.20 -17.32
CHC HEM VF . -47.54 53.70 -13.23
CHD HEM VF . -43.04 55.44 -12.69
C1A HEM VF . -44.75 57.47 -17.46
C2A HEM VF . -45.42 58.30 -18.44
C3A HEM VF . -46.71 57.95 -18.49
C4A HEM VF . -46.90 56.86 -17.57
CMA HEM VF . -47.79 58.58 -19.39
CAA HEM VF . -44.80 59.45 -19.26
CBA HEM VF . -44.56 60.58 -18.27
CGA HEM VF . -44.11 61.83 -19.00
O1A HEM VF . -43.93 62.88 -18.32
O2A HEM VF . -43.96 61.79 -20.25
C1B HEM VF . -48.32 55.35 -16.27
C2B HEM VF . -49.52 54.58 -16.05
C3B HEM VF . -49.37 53.90 -14.91
C4B HEM VF . -48.07 54.21 -14.38
CMB HEM VF . -50.73 54.62 -17.02
CAB HEM VF . -50.33 52.90 -14.20
CBB HEM VF . -51.38 52.35 -14.80
C1C HEM VF . -46.31 54.03 -12.69
C2C HEM VF . -45.86 53.68 -11.37
C3C HEM VF . -44.61 54.16 -11.20
C4C HEM VF . -44.24 54.82 -12.44
CMC HEM VF . -46.75 52.90 -10.37
CAC HEM VF . -43.65 54.10 -9.99
CBC HEM VF . -44.02 53.81 -8.74
C1D HEM VF . -42.67 56.01 -13.87
C2D HEM VF . -41.32 56.25 -14.30
C3D HEM VF . -41.44 56.88 -15.69
C4D HEM VF . -42.84 56.96 -15.96
CMD HEM VF . -40.03 55.91 -13.52
CAD HEM VF . -40.30 57.32 -16.64
CBD HEM VF . -40.16 56.08 -17.55
CGD HEM VF . -39.11 56.16 -18.62
O1D HEM VF . -38.34 55.17 -18.75
O2D HEM VF . -39.01 57.20 -19.33
NA HEM VF . -45.69 56.60 -16.95
NB HEM VF . -47.45 55.11 -15.23
NC HEM VF . -45.30 54.73 -13.32
ND HEM VF . -43.54 56.43 -14.86
FE HEM VF . -45.50 55.72 -15.10
O1B LMT WF . -60.43 46.23 10.45
C1' LMT WF . -58.24 49.32 8.58
C2' LMT WF . -58.74 49.53 10.00
C3' LMT WF . -59.05 48.20 10.67
C4' LMT WF . -60.11 47.48 9.85
C5' LMT WF . -59.58 47.28 8.43
C6' LMT WF . -60.67 46.65 7.57
O1' LMT WF . -58.18 50.59 7.94
O2' LMT WF . -57.78 50.24 10.80
O3' LMT WF . -59.52 48.41 12.01
O5' LMT WF . -59.17 48.52 7.84
O6' LMT WF . -61.02 45.36 8.10
C1 LMT WF . -56.89 51.22 7.96
C2 LMT WF . -56.96 52.48 7.12
C3 LMT WF . -55.65 52.88 6.43
C4 LMT WF . -54.44 52.63 7.31
C5 LMT WF . -53.21 53.41 6.84
C6 LMT WF . -52.70 53.01 5.46
C7 LMT WF . -51.29 53.58 5.28
C8 LMT WF . -50.75 53.48 3.85
C9 LMT WF . -49.44 54.25 3.75
C10 LMT WF . -48.95 54.44 2.32
C11 LMT WF . -47.91 55.56 2.26
C12 LMT WF . -46.98 55.38 1.08
C1 HTG XF . -33.83 34.66 -45.26
S1 HTG XF . -34.47 33.58 -44.02
C2 HTG XF . -34.31 34.17 -46.62
O2 HTG XF . -33.78 32.86 -46.87
C3 HTG XF . -33.83 35.14 -47.70
O3 HTG XF . -34.26 34.67 -48.98
C4 HTG XF . -34.39 36.54 -47.45
O4 HTG XF . -33.39 37.52 -47.76
C5 HTG XF . -34.92 36.73 -46.02
O5 HTG XF . -34.17 36.03 -45.00
C1' HTG XF . -33.37 33.55 -42.65
C2' HTG XF . -33.53 32.19 -41.98
C3' HTG XF . -32.87 32.16 -40.60
C4' HTG XF . -33.51 33.15 -39.65
C5' HTG XF . -33.41 32.67 -38.21
C6' HTG XF . -34.80 32.47 -37.59
C7' HTG XF . -35.66 31.56 -38.43
C1 RRX YF . -29.63 19.20 -34.91
C2 RRX YF . -28.51 20.20 -35.20
O2 RRX YF . -54.02 7.72 -31.34
C3 RRX YF . -29.10 21.44 -35.86
C40 RRX YF . -51.97 10.52 -33.87
C30 RRX YF . -52.39 10.93 -32.45
C39 RRX YF . -52.89 12.37 -32.44
C29 RRX YF . -53.50 10.00 -31.97
C28 RRX YF . -52.95 8.63 -31.63
C27 RRX YF . -52.06 8.79 -30.40
C26 RRX YF . -51.02 9.86 -30.64
C38 RRX YF . -49.80 9.80 -29.77
C25 RRX YF . -51.16 10.83 -31.56
C24 RRX YF . -50.14 11.88 -31.78
C23 RRX YF . -48.97 11.67 -32.42
C22 RRX YF . -47.99 12.78 -32.59
C37 RRX YF . -48.37 14.18 -32.22
C21 RRX YF . -46.79 12.51 -33.10
C20 RRX YF . -45.76 13.53 -33.32
C19 RRX YF . -44.57 13.12 -33.72
C18 RRX YF . -43.45 14.04 -34.00
C36 RRX YF . -43.64 15.51 -33.82
C17 RRX YF . -42.28 13.53 -34.43
C16 RRX YF . -41.12 14.36 -34.75
C15 RRX YF . -39.95 13.79 -35.08
C14 RRX YF . -38.80 14.63 -35.40
C13 RRX YF . -37.55 14.18 -35.66
C35 RRX YF . -37.20 12.71 -35.58
C12 RRX YF . -36.50 15.17 -35.94
C11 RRX YF . -35.26 14.92 -36.36
C10 RRX YF . -34.45 16.14 -36.50
C9 RRX YF . -33.12 16.19 -36.31
C34 RRX YF . -32.30 15.00 -35.93
C8 RRX YF . -32.47 17.50 -36.41
C7 RRX YF . -31.16 17.62 -36.16
C6 RRX YF . -30.42 18.91 -36.18
C32 RRX YF . -29.02 17.92 -34.36
C31 RRX YF . -30.58 19.78 -33.85
C5 RRX YF . -30.44 19.78 -37.22
C33 RRX YF . -31.22 19.54 -38.48
C4 RRX YF . -29.69 21.10 -37.23
C1A DGD ZF . -37.19 14.18 -15.22
C2A DGD ZF . -37.48 15.58 -15.75
C3A DGD ZF . -36.21 16.23 -16.31
C4A DGD ZF . -36.45 17.70 -16.65
C5A DGD ZF . -35.21 18.43 -17.18
C6A DGD ZF . -35.48 19.92 -17.49
C7A DGD ZF . -34.27 20.53 -18.21
C8A DGD ZF . -34.34 22.03 -18.54
C9A DGD ZF . -32.95 22.55 -18.95
CAA DGD ZF . -32.63 23.88 -18.27
CBA DGD ZF . -31.17 24.18 -17.93
CCA DGD ZF . -30.04 23.58 -18.78
CDA DGD ZF . -28.73 24.27 -18.36
CEA DGD ZF . -27.49 23.83 -19.14
CFA DGD ZF . -26.93 22.49 -18.65
CGA DGD ZF . -25.74 22.65 -17.71
O1A DGD ZF . -36.11 13.67 -15.35
C1B DGD ZF . -37.48 11.53 -17.14
C2B DGD ZF . -36.42 11.48 -18.21
C3B DGD ZF . -35.20 10.73 -17.66
C4B DGD ZF . -34.21 10.50 -18.78
C5B DGD ZF . -33.71 11.82 -19.35
C6B DGD ZF . -33.04 12.68 -18.30
C7B DGD ZF . -32.24 13.80 -18.97
C8B DGD ZF . -32.22 15.06 -18.10
C9B DGD ZF . -31.87 14.71 -16.65
CAB DGD ZF . -30.37 14.72 -16.41
CBB DGD ZF . -30.04 14.61 -14.93
CCB DGD ZF . -30.02 13.17 -14.45
CDB DGD ZF . -30.10 13.11 -12.94
CEB DGD ZF . -29.64 11.77 -12.40
CFB DGD ZF . -29.23 11.89 -10.94
CGB DGD ZF . -27.80 12.41 -10.80
O1B DGD ZF . -38.51 12.20 -17.29
O1G DGD ZF . -38.23 13.40 -14.56
C1G DGD ZF . -37.91 12.11 -14.01
C2G DGD ZF . -38.38 11.07 -15.02
O2G DGD ZF . -37.31 10.80 -15.91
C3G DGD ZF . -38.71 9.76 -14.31
O3G DGD ZF . -39.89 9.93 -13.51
C1D DGD ZF . -39.64 9.30 -12.26
C2D DGD ZF . -40.71 9.74 -11.26
O2D DGD ZF . -40.64 11.16 -11.20
C3D DGD ZF . -40.48 9.11 -9.90
O3D DGD ZF . -41.59 9.41 -9.04
C4D DGD ZF . -40.29 7.59 -10.02
O4D DGD ZF . -41.56 6.97 -10.28
C5D DGD ZF . -39.29 7.25 -11.14
O5D DGD ZF . -40.32 5.21 -11.85
C6D DGD ZF . -39.10 5.75 -11.36
O6D DGD ZF . -39.64 7.88 -12.38
C1E DGD ZF . -40.22 3.87 -12.29
C2E DGD ZF . -41.46 3.52 -13.10
O2E DGD ZF . -41.69 4.53 -14.09
C3E DGD ZF . -42.69 3.43 -12.20
O3E DGD ZF . -43.86 3.13 -12.98
C4E DGD ZF . -42.44 2.39 -11.11
O4E DGD ZF . -42.13 1.11 -11.69
C5E DGD ZF . -41.26 2.91 -10.30
O6E DGD ZF . -40.08 3.03 -11.12
C6E DGD ZF . -40.94 2.05 -9.07
O5E DGD ZF . -40.39 0.82 -9.51
S DMS AG . -17.74 29.47 -52.43
O DMS AG . -17.73 28.74 -54.07
C1 DMS AG . -16.03 29.64 -51.81
C2 DMS AG . -18.19 31.22 -52.58
C1 HTG BG . 13.82 22.87 36.49
S1 HTG BG . 12.73 23.84 35.49
C2 HTG BG . 14.91 23.77 37.07
O2 HTG BG . 15.98 23.90 36.14
C3 HTG BG . 15.45 23.18 38.36
O3 HTG BG . 16.53 23.99 38.82
C4 HTG BG . 14.35 23.15 39.41
O4 HTG BG . 14.72 22.22 40.45
C5 HTG BG . 12.98 22.73 38.85
O5 HTG BG . 13.04 22.20 37.49
C6 HTG BG . 11.95 23.86 38.95
O6 HTG BG . 11.66 24.17 40.31
C1' HTG BG . 13.26 23.86 33.81
C2' HTG BG . 12.26 24.66 32.98
C3' HTG BG . 12.96 25.78 32.21
C4' HTG BG . 12.22 26.06 30.91
C5' HTG BG . 12.94 27.09 30.05
C6' HTG BG . 12.31 27.13 28.66
C7' HTG BG . 13.34 27.45 27.60
C4 UNL CG . 14.52 29.00 41.82
C5 UNL CG . 15.55 29.15 40.72
C6 UNL CG . 16.01 27.78 40.23
O6 UNL CG . 14.85 27.89 42.68
O7 UNL CG . 14.92 29.88 39.65
O8 UNL CG . 16.66 27.89 38.95
O9 UNL CG . 15.92 31.97 39.78
C10 UNL CG . 15.98 31.14 35.34
C11 UNL CG . 15.80 32.40 34.49
C12 UNL CG . 16.27 32.17 33.06
C13 UNL CG . 15.96 33.41 32.24
C14 UNL CG . 16.43 33.26 30.80
C15 UNL CG . 15.89 34.40 29.96
C16 UNL CG . 16.53 34.41 28.58
C17 UNL CG . 15.76 35.32 27.65
C18 UNL CG . 16.12 36.80 27.86
C19 UNL CG . 15.20 37.70 27.05
C20 UNL CG . 14.95 37.13 25.66
C21 UNL CG . 16.12 37.43 24.74
C22 UNL CG . 15.79 37.07 23.32
C23 UNL CG . 17.74 26.98 38.60
C24 UNL CG . 17.94 26.59 37.15
C25 UNL CG . 17.91 27.82 36.26
C26 UNL CG . 18.23 27.42 34.82
C27 UNL CG . 17.48 28.29 33.82
C28 UNL CG . 17.27 27.49 32.53
C29 UNL CG . 16.19 28.11 31.65
C30 UNL CG . 16.77 29.13 30.69
C31 UNL CG . 15.84 29.29 29.49
C32 UNL CG . 16.25 30.43 28.56
C33 UNL CG . 15.31 30.47 27.35
C34 UNL CG . 15.46 31.77 26.57
C35 UNL CG . 14.69 31.67 25.26
C36 UNL CG . 14.07 33.02 24.86
C37 UNL CG . 14.72 33.61 23.63
C38 UNL CG . 13.68 34.25 22.73
C7 UNL CG . 15.76 30.94 39.13
C8 UNL CG . 16.39 30.78 37.78
C9 UNL CG . 15.46 31.39 36.74
O10 UNL CG . 18.48 26.54 39.47
C1 GOL DG . -56.03 38.60 16.85
O1 GOL DG . -55.31 38.29 15.68
C2 GOL DG . -55.00 38.76 18.02
O2 GOL DG . -55.23 37.85 19.06
C3 GOL DG . -53.58 38.59 17.36
O3 GOL DG . -52.85 39.75 17.58
MG MG EG . -49.70 40.95 11.34
O1B LMT FG . -51.08 46.89 21.47
C1' LMT FG . -47.54 46.96 19.34
C2' LMT FG . -47.43 46.45 20.78
C3' LMT FG . -48.80 46.08 21.30
C4' LMT FG . -49.71 47.31 21.35
C5' LMT FG . -49.56 48.18 20.10
C6' LMT FG . -48.96 49.56 20.42
O1' LMT FG . -46.54 47.94 19.05
O2' LMT FG . -46.55 45.31 20.86
O3' LMT FG . -48.67 45.53 22.61
O5' LMT FG . -48.82 47.54 19.04
O6' LMT FG . -48.35 50.14 19.26
C1 LMT FG . -45.62 47.52 18.04
C2 LMT FG . -44.66 48.67 17.74
C3 LMT FG . -43.99 48.53 16.39
C4 LMT FG . -43.54 49.90 15.89
C5 LMT FG . -42.77 49.82 14.57
C6 LMT FG . -42.15 51.17 14.20
C7 LMT FG . -41.42 51.08 12.87
C8 LMT FG . -40.45 52.25 12.67
C9 LMT FG . -40.02 52.42 11.22
C10 LMT FG . -38.86 51.54 10.80
C11 LMT FG . -38.32 51.99 9.45
C12 LMT FG . -37.23 51.09 8.93
C18 UNL GG . -47.50 52.94 11.85
C19 UNL GG . -46.28 53.19 10.97
C20 UNL GG . -45.33 54.22 11.60
C21 UNL GG . -44.20 54.57 10.65
C22 UNL GG . -43.37 55.73 11.18
C1 BCR HG . -43.14 67.28 28.46
C2 BCR HG . -43.78 66.53 29.62
C3 BCR HG . -42.87 66.53 30.82
C4 BCR HG . -42.80 67.97 31.31
C5 BCR HG . -42.29 68.86 30.20
C6 BCR HG . -42.45 68.56 28.91
C7 BCR HG . -41.94 69.45 27.83
C8 BCR HG . -40.64 69.61 27.59
C9 BCR HG . -40.14 70.45 26.47
C10 BCR HG . -38.87 70.30 26.08
C11 BCR HG . -38.26 70.99 24.94
C33 BCR HG . -41.63 70.13 30.66
C31 BCR HG . -44.26 67.61 27.48
C32 BCR HG . -42.10 66.38 27.78
C34 BCR HG . -41.06 71.41 25.77
C12 BCR HG . -37.05 70.53 24.55
C13 BCR HG . -36.31 71.01 23.37
C14 BCR HG . -35.08 70.51 23.09
C15 BCR HG . -34.30 70.86 21.89
C16 BCR HG . -33.11 70.29 21.64
C17 BCR HG . -32.38 70.59 20.41
C18 BCR HG . -31.17 70.07 20.07
C19 BCR HG . -30.61 70.42 18.74
C20 BCR HG . -29.49 69.87 18.24
C21 BCR HG . -29.08 70.29 16.90
C22 BCR HG . -28.19 69.62 16.13
C23 BCR HG . -27.88 70.10 14.77
C24 BCR HG . -27.08 69.42 13.96
C25 BCR HG . -26.74 69.85 12.56
C26 BCR HG . -26.00 70.95 12.33
C27 BCR HG . -25.64 71.41 10.93
C28 BCR HG . -26.49 70.74 9.85
C29 BCR HG . -26.55 69.26 10.14
C30 BCR HG . -27.28 68.99 11.44
C35 BCR HG . -37.01 71.97 22.45
C36 BCR HG . -30.43 69.12 20.97
C37 BCR HG . -27.48 68.39 16.64
C38 BCR HG . -25.45 71.80 13.44
C39 BCR HG . -27.05 67.52 11.77
C40 BCR HG . -28.77 69.29 11.28
MG MG IG . -48.37 55.77 25.96
O1 LHG JG . 3.17 26.88 -17.95
C1 LHG JG . 2.92 28.10 -17.21
C2 LHG JG . 3.75 29.28 -17.73
O2 LHG JG . 5.09 29.19 -17.27
C3 LHG JG . 3.14 30.60 -17.25
O3 LHG JG . 1.86 30.71 -17.85
P LHG JG . 0.66 31.57 -17.21
O4 LHG JG . 1.23 32.74 -16.44
O5 LHG JG . -0.32 31.74 -18.33
O6 LHG JG . 0.03 30.52 -16.17
C4 LHG JG . 0.26 30.59 -14.77
C5 LHG JG . -0.24 29.27 -14.20
C6 LHG JG . 0.32 29.07 -12.78
O7 LHG JG . -1.65 29.40 -14.19
C7 LHG JG . -2.39 28.21 -14.51
O9 LHG JG . -1.76 27.20 -14.83
C8 LHG JG . -3.91 28.26 -14.39
C9 LHG JG . -4.37 27.30 -13.30
C10 LHG JG . -4.47 28.00 -11.94
O8 LHG JG . -0.31 27.97 -12.12
C23 LHG JG . 0.15 26.62 -12.42
O10 LHG JG . 0.87 26.51 -13.39
C24 LHG JG . -0.28 25.41 -11.62
C11 LHG JG . -3.86 27.16 -10.81
C12 LHG JG . -4.26 27.65 -9.45
C13 LHG JG . -3.21 27.52 -8.34
C14 LHG JG . -3.95 27.27 -7.04
C15 LHG JG . -3.39 28.07 -5.85
C16 LHG JG . -3.12 27.25 -4.59
C17 LHG JG . -4.30 26.37 -4.20
C18 LHG JG . -3.94 25.54 -2.97
C19 LHG JG . -4.05 26.33 -1.67
C20 LHG JG . -5.50 26.40 -1.23
C21 LHG JG . -5.63 26.77 0.24
C22 LHG JG . -7.07 26.71 0.70
C25 LHG JG . -0.62 24.27 -12.58
C26 LHG JG . -0.89 22.95 -11.84
C27 LHG JG . -1.34 21.88 -12.82
C28 LHG JG . -1.34 20.45 -12.26
C29 LHG JG . -1.63 19.49 -13.41
C30 LHG JG . -1.34 18.03 -13.08
C31 LHG JG . -1.24 17.17 -14.34
C32 LHG JG . -0.80 15.74 -14.03
C33 LHG JG . -1.70 14.75 -14.76
C34 LHG JG . -1.27 13.31 -14.51
C35 LHG JG . -1.87 12.35 -15.53
C36 LHG JG . -2.83 11.38 -14.87
C37 LHG JG . -3.19 10.24 -15.80
C38 LHG JG . -4.18 9.28 -15.15
C1B LMT KG . -8.20 -8.08 -0.95
C2B LMT KG . -8.04 -7.36 0.40
C3B LMT KG . -6.77 -7.76 1.12
C4B LMT KG . -6.75 -9.27 1.29
C5B LMT KG . -6.83 -9.93 -0.08
C6B LMT KG . -6.85 -11.46 0.05
O1B LMT KG . -7.34 -7.57 -1.97
O2B LMT KG . -8.10 -5.93 0.26
O3B LMT KG . -6.71 -7.13 2.40
O4' LMT KG . -5.55 -9.68 1.96
O5B LMT KG . -7.97 -9.50 -0.84
O6B LMT KG . -5.57 -11.95 0.49
C1' LMT KG . -7.10 -4.96 -4.98
C2' LMT KG . -8.27 -4.66 -4.07
C3' LMT KG . -7.97 -5.38 -2.78
C4' LMT KG . -8.06 -6.88 -3.01
C5' LMT KG . -7.53 -7.35 -4.38
C6' LMT KG . -8.56 -8.25 -5.06
O1' LMT KG . -7.16 -4.12 -6.13
O2' LMT KG . -8.42 -3.26 -3.85
O3' LMT KG . -8.89 -4.98 -1.76
O5' LMT KG . -7.14 -6.35 -5.35
O6' LMT KG . -8.09 -8.59 -6.36
C1 LMT KG . -5.86 -4.03 -6.72
C2 LMT KG . -5.51 -2.60 -7.12
C3 LMT KG . -4.36 -2.65 -8.10
C4 LMT KG . -3.35 -1.52 -7.94
C5 LMT KG . -2.23 -1.70 -8.96
C6 LMT KG . -1.15 -0.64 -8.85
C7 LMT KG . -0.04 -0.88 -9.87
C8 LMT KG . 1.28 -0.28 -9.39
C9 LMT KG . 2.39 -0.52 -10.41
C10 LMT KG . 3.73 -0.63 -9.70
C11 LMT KG . 4.79 0.21 -10.41
C12 LMT KG . 4.40 1.67 -10.42
C1B LMT LG . 21.72 26.33 -17.47
C2B LMT LG . 21.24 27.76 -17.76
C3B LMT LG . 20.51 27.82 -19.10
C4B LMT LG . 21.39 27.23 -20.19
C5B LMT LG . 21.82 25.82 -19.80
C6B LMT LG . 22.69 25.15 -20.87
O1B LMT LG . 20.64 25.43 -17.29
O2B LMT LG . 20.40 28.23 -16.70
O3B LMT LG . 20.17 29.18 -19.41
O4' LMT LG . 20.65 27.20 -21.42
O5B LMT LG . 22.50 25.81 -18.55
O6B LMT LG . 24.02 25.68 -20.80
C1' LMT LG . 19.47 22.51 -14.58
C2' LMT LG . 19.31 23.97 -14.11
C3' LMT LG . 19.54 24.99 -15.22
C4' LMT LG . 20.71 24.64 -16.11
C5' LMT LG . 20.59 23.18 -16.51
C6' LMT LG . 21.74 22.73 -17.41
O1' LMT LG . 19.65 21.69 -13.43
O2' LMT LG . 18.00 24.17 -13.57
O3' LMT LG . 19.78 26.29 -14.64
O5' LMT LG . 20.64 22.36 -15.35
O6' LMT LG . 21.75 21.30 -17.39
C1 LMT LG . 18.99 20.43 -13.54
C2 LMT LG . 18.50 20.05 -12.16
C3 LMT LG . 18.20 18.56 -12.00
C4 LMT LG . 17.36 18.35 -10.76
C5 LMT LG . 17.01 16.89 -10.57
C6 LMT LG . 15.90 16.70 -9.54
C7 LMT LG . 15.58 15.23 -9.32
C8 LMT LG . 14.30 15.11 -8.52
C9 LMT LG . 13.82 13.68 -8.38
C10 LMT LG . 12.38 13.71 -7.87
C11 LMT LG . 11.78 12.31 -7.78
C12 LMT LG . 10.49 12.35 -7.03
CA CA MG . -1.68 4.89 65.91
C1 GOL NG . -11.16 23.16 58.88
O1 GOL NG . -11.22 23.76 60.16
C2 GOL NG . -10.17 24.00 58.00
O2 GOL NG . -10.45 25.37 58.01
C3 GOL NG . -8.74 23.62 58.49
O3 GOL NG . -8.13 22.89 57.45
C1 GOL OG . -23.67 -6.81 39.66
O1 GOL OG . -23.71 -6.50 38.30
C2 GOL OG . -22.37 -6.20 40.22
O2 GOL OG . -22.04 -6.76 41.44
C3 GOL OG . -21.29 -6.47 39.18
O3 GOL OG . -20.08 -6.18 39.79
C1 GOL PG . -7.65 1.13 30.01
O1 GOL PG . -8.64 2.12 29.99
C2 GOL PG . -8.36 -0.25 29.92
O2 GOL PG . -8.59 -0.65 28.60
C3 GOL PG . -7.46 -1.23 30.73
O3 GOL PG . -7.99 -2.52 30.59
C1 GOL QG . -24.97 7.80 51.21
O1 GOL QG . -23.88 7.27 50.49
C2 GOL QG . -26.27 7.47 50.40
O2 GOL QG . -26.37 6.12 50.10
C3 GOL QG . -27.45 7.95 51.28
O3 GOL QG . -28.57 7.18 50.91
S DMS RG . -15.97 -7.37 34.55
O DMS RG . -15.99 -5.74 33.79
C1 DMS RG . -15.09 -7.31 36.13
C2 DMS RG . -17.64 -7.77 35.14
S DMS SG . -20.38 -2.67 53.08
O DMS SG . -19.85 -1.80 54.57
C1 DMS SG . -20.26 -4.45 53.38
C2 DMS SG . -22.15 -2.45 52.85
S DMS TG . -17.40 -5.64 65.28
O DMS TG . -17.63 -6.28 66.94
C1 DMS TG . -16.58 -6.89 64.24
C2 DMS TG . -19.01 -5.54 64.44
S DMS UG . -16.51 -3.89 60.48
O DMS UG . -18.11 -4.10 61.26
C1 DMS UG . -15.43 -5.28 60.94
C2 DMS UG . -16.65 -4.15 58.69
S DMS VG . -1.30 13.89 44.84
O DMS VG . -1.02 12.13 44.59
C1 DMS VG . -0.77 14.37 46.50
C2 DMS VG . -0.13 14.85 43.84
S DMS WG . 5.00 0.48 32.28
O DMS WG . 4.64 1.31 30.72
C1 DMS WG . 6.52 1.16 33.00
C2 DMS WG . 3.78 0.98 33.54
S DMS XG . -6.47 -1.75 54.15
O DMS XG . -4.77 -1.68 54.74
C1 DMS XG . -6.49 -2.38 52.45
C2 DMS XG . -7.38 -3.08 54.97
S DMS YG . 1.24 9.79 54.62
O DMS YG . -0.08 8.55 54.57
C1 DMS YG . 0.58 11.42 54.18
C2 DMS YG . 1.73 10.10 56.35
S DMS ZG . -9.31 -4.26 64.21
O DMS ZG . -7.61 -4.70 63.82
C1 DMS ZG . -9.53 -2.47 64.01
C2 DMS ZG . -10.43 -4.88 62.93
S DMS AH . -23.58 -1.30 74.23
O DMS AH . -23.08 -1.86 75.86
C1 DMS AH . -24.49 -2.61 73.36
C2 DMS AH . -24.88 -0.05 74.40
S DMS BH . -2.46 25.72 44.55
O DMS BH . -4.24 25.60 44.76
C1 DMS BH . -1.90 27.36 45.09
C2 DMS BH . -1.65 24.65 45.77
S DMS CH . -1.43 4.94 26.08
O DMS CH . -0.98 6.65 26.40
C1 DMS CH . -0.81 3.88 27.41
C2 DMS CH . -3.22 4.71 26.29
S DMS DH . 5.28 8.50 36.47
O DMS DH . 4.22 7.21 37.14
C1 DMS DH . 4.35 9.48 35.24
C2 DMS DH . 5.56 9.77 37.74
S DMS EH . -14.74 21.31 66.89
O DMS EH . -13.47 21.45 68.16
C1 DMS EH . -15.90 19.99 67.33
C2 DMS EH . -15.85 22.73 66.97
C10 UNL FH . 9.01 15.98 12.68
C11 UNL FH . 8.71 17.33 13.33
C12 UNL FH . 7.28 17.79 13.06
C13 UNL FH . 7.08 18.30 11.63
C14 UNL FH . 7.97 19.51 11.38
C15 UNL FH . 7.64 20.19 10.07
C16 UNL FH . 8.23 21.59 10.06
C17 UNL FH . 7.67 22.42 11.20
C18 UNL FH . 8.26 23.82 11.23
C19 UNL FH . 7.36 24.82 11.96
C20 UNL FH . 7.64 26.25 11.49
C21 UNL FH . 9.10 26.65 11.72
C22 UNL FH . 9.50 27.85 10.90
C1 BCR GH . 9.01 30.85 6.64
C2 BCR GH . 8.56 32.32 6.66
C3 BCR GH . 8.92 32.98 7.97
C4 BCR GH . 10.43 33.06 8.03
C5 BCR GH . 11.02 31.67 7.90
C6 BCR GH . 10.38 30.67 7.28
C7 BCR GH . 11.11 29.37 7.26
C8 BCR GH . 10.62 28.16 7.05
C9 BCR GH . 11.51 26.98 7.09
C10 BCR GH . 11.07 25.78 6.66
C11 BCR GH . 11.89 24.57 6.69
C33 BCR GH . 12.38 31.42 8.49
C31 BCR GH . 9.08 30.45 5.17
C32 BCR GH . 7.94 30.04 7.38
C34 BCR GH . 12.92 27.14 7.60
C12 BCR GH . 11.37 23.45 6.20
C13 BCR GH . 12.04 22.12 6.20
C14 BCR GH . 11.19 21.11 6.31
C15 BCR GH . 11.40 19.66 6.41
C16 BCR GH . 10.94 18.72 5.59
C17 BCR GH . 11.24 17.34 6.02
C18 BCR GH . 10.74 16.24 5.44
C19 BCR GH . 11.05 14.93 6.05
C20 BCR GH . 10.61 13.74 5.63
C21 BCR GH . 10.96 12.59 6.45
C22 BCR GH . 10.50 11.34 6.29
C23 BCR GH . 10.92 10.33 7.30
C24 BCR GH . 10.63 9.02 7.27
C25 BCR GH . 11.09 8.09 8.35
C26 BCR GH . 12.40 7.99 8.69
C27 BCR GH . 12.88 7.06 9.78
C28 BCR GH . 11.76 6.69 10.74
C29 BCR GH . 10.61 6.15 9.90
C30 BCR GH . 10.01 7.28 9.07
C35 BCR GH . 13.54 21.96 6.05
C36 BCR GH . 9.82 16.36 4.25
C37 BCR GH . 9.59 10.96 5.16
C38 BCR GH . 13.49 8.75 7.99
C39 BCR GH . 9.22 8.22 9.98
C40 BCR GH . 9.05 6.65 8.05
O1B LMT HH . -1.14 1.20 16.17
C1' LMT HH . 1.69 4.01 14.78
C2' LMT HH . 0.26 4.06 14.20
C3' LMT HH . -0.73 3.33 15.09
C4' LMT HH . -0.21 1.93 15.37
C5' LMT HH . 1.13 2.08 16.08
C6' LMT HH . 1.67 0.73 16.55
O1' LMT HH . 2.67 4.49 13.85
O2' LMT HH . -0.18 5.41 14.02
O3' LMT HH . -2.03 3.25 14.49
O5' LMT HH . 2.05 2.67 15.17
O6' LMT HH . 1.21 0.50 17.88
C1 LMT HH . 3.23 5.73 14.34
C2 LMT HH . 4.19 6.41 13.37
C3 LMT HH . 4.86 7.59 14.08
C4 LMT HH . 5.32 8.74 13.18
C5 LMT HH . 6.01 9.82 14.01
C6 LMT HH . 6.40 11.07 13.21
C7 LMT HH . 7.72 10.87 12.44
C8 LMT HH . 8.36 12.20 11.99
C9 LMT HH . 8.71 12.22 10.51
C10 LMT HH . 8.89 13.64 9.97
C11 LMT HH . 8.50 13.78 8.49
C12 LMT HH . 7.63 12.62 8.02
S DMS IH . 8.99 38.29 -13.09
O DMS IH . 9.71 39.86 -12.62
C1 DMS IH . 10.20 37.27 -13.99
C2 DMS IH . 8.78 37.27 -11.60
S DMS JH . 18.81 33.55 -3.50
O DMS JH . 17.30 34.00 -4.38
C1 DMS JH . 20.27 34.25 -4.33
C2 DMS JH . 18.88 34.46 -1.93
C1 GOL KH . -45.79 3.59 35.31
O1 GOL KH . -45.12 3.25 36.50
C2 GOL KH . -47.11 2.78 35.26
O2 GOL KH . -48.00 3.19 36.24
C3 GOL KH . -47.68 3.00 33.82
O3 GOL KH . -46.73 2.48 32.93
C1 GOL LH . -38.06 -9.02 46.15
O1 GOL LH . -39.39 -8.94 45.73
C2 GOL LH . -37.76 -7.65 46.80
O2 GOL LH . -38.72 -7.32 47.68
C3 GOL LH . -36.36 -7.78 47.48
O3 GOL LH . -36.56 -7.63 48.85
S DMS MH . -44.48 13.16 35.26
O DMS MH . -46.10 12.44 35.56
C1 DMS MH . -43.31 11.88 34.75
C2 DMS MH . -44.54 14.16 33.74
S DMS NH . -57.80 4.27 40.84
O DMS NH . -56.77 3.79 42.23
C1 DMS NH . -58.78 5.75 41.26
C2 DMS NH . -56.78 4.94 39.49
S DMS OH . -33.91 4.24 48.10
O DMS OH . -35.21 3.27 47.33
C1 DMS OH . -32.58 3.15 48.66
C2 DMS OH . -32.99 5.20 46.84
FE HEC PH . -47.21 27.82 39.21
CHA HEC PH . -47.59 24.57 40.22
CHB HEC PH . -50.55 27.93 38.40
CHC HEC PH . -46.96 31.19 38.52
CHD HEC PH . -43.81 27.61 39.57
NA HEC PH . -48.76 26.49 39.28
C1A HEC PH . -48.71 25.19 39.75
C2A HEC PH . -50.04 24.63 39.68
C3A HEC PH . -50.85 25.57 39.18
C4A HEC PH . -50.07 26.75 38.91
CMA HEC PH . -52.37 25.40 38.94
CAA HEC PH . -50.43 23.21 40.11
CBA HEC PH . -50.04 22.25 38.97
CGA HEC PH . -50.71 20.90 39.09
O1A HEC PH . -51.46 20.67 40.07
O2A HEC PH . -50.51 20.04 38.20
NB HEC PH . -48.51 29.30 38.57
C1B HEC PH . -49.86 29.12 38.31
C2B HEC PH . -50.43 30.41 37.96
C3B HEC PH . -49.45 31.33 37.94
C4B HEC PH . -48.22 30.65 38.36
CMB HEC PH . -51.90 30.61 37.57
CAB HEC PH . -49.62 32.85 37.64
CBB HEC PH . -50.60 33.51 38.31
NC HEC PH . -45.68 29.16 39.10
C1C HEC PH . -45.77 30.49 38.72
C2C HEC PH . -44.40 31.01 38.60
C3C HEC PH . -43.54 30.00 38.87
C4C HEC PH . -44.33 28.83 39.22
CMC HEC PH . -44.04 32.44 38.16
CAC HEC PH . -41.98 30.05 38.87
CBC HEC PH . -41.31 30.96 39.59
ND HEC PH . -45.91 26.30 39.76
C1D HEC PH . -44.54 26.50 39.96
C2D HEC PH . -44.00 25.34 40.68
C3D HEC PH . -45.19 24.40 40.85
C4D HEC PH . -46.32 25.08 40.26
CMD HEC PH . -42.54 25.10 41.13
CAD HEC PH . -45.17 23.06 41.58
CBD HEC PH . -45.19 23.44 43.06
CGD HEC PH . -45.27 22.20 43.95
O1D HEC PH . -46.25 21.43 43.83
O2D HEC PH . -44.35 21.98 44.79
S DMS QH . -52.68 44.38 35.42
O DMS QH . -53.43 43.37 34.13
C1 DMS QH . -52.40 43.39 36.91
C2 DMS QH . -50.97 44.75 34.95
C1 GOL RH . -55.60 30.97 56.90
O1 GOL RH . -55.72 32.32 56.55
C2 GOL RH . -54.09 30.64 56.83
O2 GOL RH . -53.40 31.15 57.92
C3 GOL RH . -54.00 29.08 56.72
O3 GOL RH . -54.99 28.64 55.83
C1 HTG SH . -44.74 35.10 55.65
S1 HTG SH . -44.05 34.35 57.10
C2 HTG SH . -43.70 35.76 54.75
O2 HTG SH . -42.72 36.49 55.49
C3 HTG SH . -44.53 36.68 53.85
O3 HTG SH . -43.72 37.54 53.06
C4 HTG SH . -45.41 35.79 52.97
O4 HTG SH . -46.35 36.59 52.28
C5 HTG SH . -46.18 34.75 53.78
O5 HTG SH . -45.41 34.14 54.82
C6 HTG SH . -46.69 33.67 52.82
O6 HTG SH . -48.01 33.26 53.24
C1' HTG SH . -44.31 35.37 58.51
C2' HTG SH . -44.16 34.55 59.79
C3' HTG SH . -45.36 33.63 60.00
C4' HTG SH . -46.60 34.42 60.36
C5' HTG SH . -47.80 33.97 59.53
C6' HTG SH . -47.65 34.37 58.06
C7' HTG SH . -48.87 33.99 57.25
S DMS TH . -39.23 37.70 42.70
O DMS TH . -37.83 37.39 43.81
C1 DMS TH . -40.59 36.68 43.26
C2 DMS TH . -39.94 39.34 42.98
S DMS UH . -74.42 24.96 33.15
O DMS UH . -73.51 23.55 33.80
C1 DMS UH . -76.17 24.78 33.60
C2 DMS UH . -74.10 26.48 34.10
S DMS VH . -63.15 35.23 15.06
O DMS VH . -62.85 34.76 16.77
C1 DMS VH . -64.85 35.89 14.93
C2 DMS VH . -62.20 36.71 14.63
S DMS WH . -66.95 31.83 16.57
O DMS WH . -66.88 32.44 14.88
C1 DMS WH . -67.08 33.23 17.73
C2 DMS WH . -68.54 31.00 16.85
S DMS XH . -58.61 35.47 18.35
O DMS XH . -57.65 36.75 19.19
C1 DMS XH . -59.37 34.41 19.60
C2 DMS XH . -60.04 36.23 17.55
S DMS YH . -64.91 18.08 36.87
O DMS YH . -64.49 19.56 37.78
C1 DMS YH . -66.73 17.96 36.74
C2 DMS YH . -64.46 18.25 35.13
S DMS ZH . -64.43 27.03 10.85
O DMS ZH . -65.05 28.04 9.49
C1 DMS ZH . -65.64 27.04 12.23
C2 DMS ZH . -64.51 25.28 10.38
S DMS AI . -54.00 15.01 20.78
O DMS AI . -52.93 16.46 20.83
C1 DMS AI . -52.99 13.52 20.63
C2 DMS AI . -54.77 14.74 22.41
S DMS BI . -57.18 18.90 20.16
O DMS BI . -58.79 19.34 19.49
C1 DMS BI . -57.37 17.47 21.27
C2 DMS BI . -56.15 18.16 18.86
C11 UNL CI . -35.40 80.89 -4.94
C12 UNL CI . -36.43 79.80 -5.20
C13 UNL CI . -36.05 78.48 -4.53
C14 UNL CI . -37.27 77.56 -4.49
C15 UNL CI . -36.99 76.20 -3.87
C16 UNL CI . -38.30 75.41 -3.73
C17 UNL CI . -39.12 75.56 -5.01
C18 UNL CI . -40.62 75.38 -4.76
C19 UNL CI . -41.03 73.96 -5.09
C20 UNL CI . -42.28 73.57 -4.31
C21 UNL CI . -42.50 72.06 -4.36
C22 UNL CI . -43.40 71.62 -3.22
C1 BCR DI . -40.98 69.81 20.69
C2 BCR DI . -41.84 70.17 21.90
C3 BCR DI . -42.07 68.93 22.73
C4 BCR DI . -40.76 68.52 23.37
C5 BCR DI . -39.63 68.53 22.35
C6 BCR DI . -39.70 69.12 21.14
C7 BCR DI . -38.49 69.04 20.26
C8 BCR DI . -38.54 68.79 18.94
C9 BCR DI . -37.37 68.67 18.05
C10 BCR DI . -37.61 68.30 16.76
C11 BCR DI . -36.62 68.07 15.72
C33 BCR DI . -38.36 67.86 22.77
C31 BCR DI . -40.71 71.12 19.95
C32 BCR DI . -41.77 68.85 19.81
C34 BCR DI . -35.97 68.93 18.53
C12 BCR DI . -37.10 67.54 14.59
C13 BCR DI . -36.29 67.14 13.42
C14 BCR DI . -36.90 66.61 12.34
C15 BCR DI . -36.11 66.13 11.19
C16 BCR DI . -36.68 65.37 10.26
C17 BCR DI . -35.90 64.86 9.13
C18 BCR DI . -36.42 64.06 8.17
C19 BCR DI . -35.53 63.57 7.07
C20 BCR DI . -35.82 62.55 6.25
C21 BCR DI . -34.83 62.21 5.21
C22 BCR DI . -35.00 61.37 4.17
C23 BCR DI . -33.86 61.22 3.23
C24 BCR DI . -33.98 61.00 1.91
C25 BCR DI . -32.81 60.92 0.97
C26 BCR DI . -32.24 62.05 0.56
C27 BCR DI . -31.06 62.11 -0.40
C28 BCR DI . -30.38 60.76 -0.55
C29 BCR DI . -31.47 59.74 -0.77
C30 BCR DI . -32.30 59.58 0.50
C35 BCR DI . -34.78 67.20 13.44
C36 BCR DI . -37.88 63.73 8.17
C37 BCR DI . -36.30 60.65 3.97
C38 BCR DI . -32.78 63.38 1.03
C39 BCR DI . -31.49 58.96 1.62
C40 BCR DI . -33.50 58.70 0.14
S DMS EI . -54.45 6.20 -35.23
O DMS EI . -53.27 5.46 -34.08
C1 DMS EI . -56.13 6.08 -34.55
C2 DMS EI . -54.25 8.00 -35.24
C1B LMT FI . -25.01 88.22 18.82
C2B LMT FI . -25.34 88.02 17.33
C3B LMT FI . -24.33 88.68 16.40
C4B LMT FI . -23.65 89.85 17.10
C5B LMT FI . -22.86 89.30 18.29
C6B LMT FI . -22.45 90.43 19.24
O1B LMT FI . -25.45 87.09 19.57
O2B LMT FI . -25.38 86.61 17.05
O3B LMT FI . -25.00 89.14 15.22
O4' LMT FI . -22.78 90.51 16.19
O5B LMT FI . -23.59 88.31 19.02
O6B LMT FI . -21.04 90.69 19.11
C1' LMT FI . -28.70 85.43 21.52
C2' LMT FI . -28.96 85.82 20.07
C3' LMT FI . -27.67 86.12 19.34
C4' LMT FI . -26.79 87.12 20.09
C5' LMT FI . -26.67 86.72 21.56
C6' LMT FI . -25.97 87.83 22.35
O1' LMT FI . -29.95 85.27 22.21
O2' LMT FI . -29.63 84.75 19.38
O3' LMT FI . -28.02 86.63 18.05
O5' LMT FI . -27.94 86.45 22.16
O6' LMT FI . -25.68 87.39 23.67
C1 LMT FI . -29.72 84.86 23.56
C2 LMT FI . -30.54 83.63 23.92
C3 LMT FI . -29.82 82.79 24.97
C4 LMT FI . -30.38 81.38 25.05
C5 LMT FI . -30.63 80.97 26.50
C6 LMT FI . -31.43 79.67 26.56
C7 LMT FI . -32.73 79.77 25.79
C8 LMT FI . -33.29 78.39 25.48
C9 LMT FI . -34.30 78.43 24.35
C10 LMT FI . -34.88 77.04 24.08
C11 LMT FI . -36.10 77.11 23.17
C12 LMT FI . -36.52 75.74 22.72
C10 UNL GI . 5.39 -9.50 -27.36
C11 UNL GI . 4.51 -9.62 -26.11
C12 UNL GI . 3.23 -10.38 -26.44
C13 UNL GI . 2.05 -9.89 -25.59
C14 UNL GI . 0.91 -10.89 -25.65
C15 UNL GI . -0.36 -10.33 -25.00
C16 UNL GI . -1.49 -11.36 -25.04
C17 UNL GI . -2.57 -10.97 -26.03
C18 UNL GI . -2.05 -10.86 -27.47
C19 UNL GI . -2.80 -11.80 -28.40
C20 UNL GI . -2.29 -11.71 -29.83
C21 UNL GI . -2.86 -12.84 -30.69
C22 UNL GI . -2.53 -12.58 -32.15
C8 UNL GI . 5.57 -8.44 -29.63
C9 UNL GI . 4.62 -8.91 -28.53
C1 GOL HI . -10.12 -21.79 -21.09
O1 GOL HI . -10.42 -23.09 -21.55
C2 GOL HI . -10.23 -21.90 -19.56
O2 GOL HI . -10.92 -23.05 -19.19
C3 GOL HI . -8.76 -21.94 -19.06
O3 GOL HI . -8.74 -22.58 -17.81
O6 SQD II . 8.32 -1.15 -42.54
C44 SQD II . 8.97 -0.57 -41.42
C45 SQD II . 9.74 -1.66 -40.69
C46 SQD II . 9.43 -1.61 -39.20
O47 SQD II . 9.38 -2.94 -41.20
C7 SQD II . 10.50 -3.90 -41.21
O49 SQD II . 11.58 -3.55 -40.77
C8 SQD II . 10.32 -5.30 -41.77
C9 SQD II . 9.37 -6.13 -40.92
C10 SQD II . 9.93 -6.43 -39.53
C11 SQD II . 9.00 -7.36 -38.75
C12 SQD II . 9.65 -7.74 -37.43
C13 SQD II . 8.79 -8.64 -36.55
C14 SQD II . 9.71 -9.25 -35.49
C15 SQD II . 9.05 -10.25 -34.55
C16 SQD II . 10.10 -11.23 -34.07
C17 SQD II . 9.70 -11.93 -32.77
C18 SQD II . 9.76 -10.99 -31.58
C19 SQD II . 9.16 -11.65 -30.35
C20 SQD II . 8.66 -10.64 -29.32
C21 SQD II . 9.79 -9.84 -28.68
C22 SQD II . 9.22 -8.95 -27.60
O48 SQD II . 8.01 -1.58 -39.03
C23 SQD II . 7.37 -2.32 -37.95
O10 SQD II . 8.03 -3.09 -37.28
C24 SQD II . 5.90 -2.12 -37.69
C25 SQD II . 5.20 -3.47 -37.68
C26 SQD II . 3.69 -3.26 -37.67
C27 SQD II . 3.01 -4.10 -38.74
C28 SQD II . 1.56 -4.35 -38.38
C29 SQD II . 1.00 -5.48 -39.22
C30 SQD II . -0.32 -5.99 -38.65
C31 SQD II . -0.12 -6.48 -37.22
C32 SQD II . 0.51 -7.87 -37.20
C33 SQD II . 0.24 -8.59 -35.89
C34 SQD II . 1.55 -8.95 -35.19
C35 SQD II . 2.49 -7.74 -35.16
C36 SQD II . 3.95 -8.15 -35.20
C37 SQD II . 4.68 -7.67 -33.96
C38 SQD II . 3.88 -8.00 -32.72
C1 SQD II . 8.66 -0.51 -43.77
C2 SQD II . 8.96 -1.60 -44.81
O2 SQD II . 10.01 -2.45 -44.31
C3 SQD II . 9.36 -0.93 -46.10
O3 SQD II . 9.68 -1.91 -47.09
C4 SQD II . 8.18 -0.08 -46.59
O4 SQD II . 8.56 0.61 -47.79
C5 SQD II . 7.72 0.91 -45.52
C6 SQD II . 6.37 1.49 -45.93
O5 SQD II . 7.58 0.31 -44.22
S SQD II . 5.68 2.30 -44.66
O7 SQD II . 6.71 2.76 -43.69
O8 SQD II . 4.96 3.48 -45.19
O9 SQD II . 4.72 1.40 -43.99
O1 OEX JI . 15.08 -39.70 -12.84
CA1 OEX JI . 14.50 -38.07 -14.62
MN1 OEX JI . 14.68 -38.82 -11.29
O2 OEX JI . 12.45 -39.44 -14.12
MN2 OEX JI . 13.33 -40.64 -12.93
O3 OEX JI . 12.86 -39.33 -11.42
MN3 OEX JI . 11.76 -38.31 -12.71
O4 OEX JI . 10.70 -37.22 -14.07
MN4 OEX JI . 11.83 -35.59 -13.66
O5 OEX JI . 13.65 -36.89 -12.62
FE FE2 KI . 37.65 -4.79 -28.97
CL CL LI . 11.60 -32.50 -7.76
CL CL MI . 9.09 -46.25 -10.56
C BCT NI . 38.46 -3.05 -30.65
O1 BCT NI . 38.83 -2.05 -31.32
O2 BCT NI . 39.14 -3.52 -29.71
O3 BCT NI . 37.29 -3.59 -30.96
MG CLA OI . 26.34 -25.34 -14.01
CHA CLA OI . 24.76 -25.36 -17.05
CHB CLA OI . 28.07 -22.54 -15.12
CHC CLA OI . 27.13 -24.61 -10.72
CHD CLA OI . 24.07 -27.92 -12.77
NA CLA OI . 26.38 -24.09 -15.80
C1A CLA OI . 25.82 -24.33 -16.91
C2A CLA OI . 26.14 -23.41 -18.02
C3A CLA OI . 27.26 -22.58 -17.44
C4A CLA OI . 27.25 -23.09 -16.02
CMA CLA OI . 28.53 -23.16 -18.08
CAA CLA OI . 24.96 -22.44 -17.98
CBA CLA OI . 25.11 -21.26 -18.94
CGA CLA OI . 24.62 -21.67 -20.30
O1A CLA OI . 23.95 -22.67 -20.48
O2A CLA OI . 24.89 -20.88 -21.46
NB CLA OI . 27.46 -23.81 -13.07
C1B CLA OI . 28.17 -22.85 -13.67
C2B CLA OI . 28.97 -22.01 -12.72
C3B CLA OI . 28.67 -22.65 -11.41
C4B CLA OI . 27.72 -23.74 -11.76
CMB CLA OI . 29.86 -20.85 -13.08
CAB CLA OI . 29.12 -22.34 -10.02
CBB CLA OI . 29.78 -21.22 -9.72
NC CLA OI . 25.68 -26.13 -12.06
C1C CLA OI . 26.17 -25.71 -10.89
C2C CLA OI . 25.63 -26.46 -9.71
C3C CLA OI . 24.71 -27.43 -10.35
C4C CLA OI . 24.82 -27.12 -11.78
CMC CLA OI . 25.91 -26.28 -8.24
CAC CLA OI . 23.87 -28.51 -9.68
CBC CLA OI . 22.83 -27.83 -8.81
ND CLA OI . 24.86 -26.35 -14.61
C1D CLA OI . 24.00 -27.41 -14.14
C2D CLA OI . 23.02 -27.93 -15.12
C3D CLA OI . 23.35 -27.09 -16.29
C4D CLA OI . 24.38 -26.24 -15.91
CMD CLA OI . 21.97 -28.99 -15.11
CAD CLA OI . 22.99 -26.79 -17.70
OBD CLA OI . 22.06 -27.35 -18.39
CBD CLA OI . 23.86 -25.69 -18.19
CGD CLA OI . 24.52 -26.12 -19.43
O1D CLA OI . 25.63 -26.61 -19.48
O2D CLA OI . 23.74 -26.00 -20.62
CED CLA OI . 24.22 -26.61 -21.81
C1 CLA OI . 24.37 -21.35 -22.69
C2 CLA OI . 23.38 -20.35 -23.22
C3 CLA OI . 22.05 -20.54 -23.15
C4 CLA OI . 21.45 -21.76 -22.50
C5 CLA OI . 21.14 -19.49 -23.70
C6 CLA OI . 20.33 -19.91 -24.91
C7 CLA OI . 19.73 -18.62 -25.49
C8 CLA OI . 18.74 -18.86 -26.62
C9 CLA OI . 19.45 -19.44 -27.85
C10 CLA OI . 18.04 -17.54 -26.96
C11 CLA OI . 17.19 -17.04 -25.77
C12 CLA OI . 16.35 -15.81 -26.11
C13 CLA OI . 15.44 -15.36 -24.95
C14 CLA OI . 14.27 -16.30 -24.71
C15 CLA OI . 14.89 -13.96 -25.24
C16 CLA OI . 15.94 -12.87 -25.14
C17 CLA OI . 15.26 -11.56 -24.80
C18 CLA OI . 15.39 -10.49 -25.87
C19 CLA OI . 14.32 -9.41 -25.66
C20 CLA OI . 15.33 -11.05 -27.29
MG CLA PI . 37.11 -22.57 -8.94
CHA CLA PI . 36.66 -24.56 -11.73
CHB CLA PI . 40.43 -22.33 -9.86
CHC CLA PI . 37.51 -20.18 -6.51
CHD CLA PI . 33.52 -22.33 -8.55
NA CLA PI . 38.37 -23.28 -10.60
C1A CLA PI . 38.06 -24.08 -11.54
C2A CLA PI . 39.16 -24.46 -12.48
C3A CLA PI . 40.35 -23.82 -11.80
C4A CLA PI . 39.69 -23.10 -10.67
CMA CLA PI . 41.17 -24.94 -11.19
CAA CLA PI . 38.91 -23.64 -13.78
CBA CLA PI . 38.76 -22.12 -13.54
CGA CLA PI . 38.67 -21.18 -14.75
O1A CLA PI . 38.78 -21.56 -15.89
O2A CLA PI . 38.46 -19.75 -14.57
NB CLA PI . 38.74 -21.42 -8.29
C1B CLA PI . 40.00 -21.50 -8.71
C2B CLA PI . 40.96 -20.64 -7.95
C3B CLA PI . 40.08 -20.02 -6.96
C4B CLA PI . 38.72 -20.56 -7.27
CMB CLA PI . 42.43 -20.48 -8.13
CAB CLA PI . 40.47 -19.05 -5.89
CBB CLA PI . 40.17 -19.33 -4.64
NC CLA PI . 35.73 -21.42 -7.77
C1C CLA PI . 36.12 -20.55 -6.83
C2C CLA PI . 34.98 -19.98 -6.05
C3C CLA PI . 33.80 -20.62 -6.68
C4C CLA PI . 34.41 -21.49 -7.72
CMC CLA PI . 35.02 -18.98 -4.95
CAC CLA PI . 32.34 -20.47 -6.36
CBC CLA PI . 32.13 -21.26 -5.07
ND CLA PI . 35.50 -23.14 -9.86
C1D CLA PI . 34.08 -23.20 -9.58
C2D CLA PI . 33.29 -24.16 -10.39
C3D CLA PI . 34.37 -24.71 -11.25
C4D CLA PI . 35.56 -24.09 -10.88
CMD CLA PI . 31.83 -24.56 -10.45
CAD CLA PI . 34.70 -25.67 -12.35
OBD CLA PI . 33.84 -26.43 -12.90
CBD CLA PI . 36.15 -25.60 -12.68
CGD CLA PI . 36.74 -26.95 -12.36
O1D CLA PI . 36.74 -27.41 -11.22
O2D CLA PI . 37.42 -27.64 -13.42
CED CLA PI . 38.10 -28.89 -13.20
C1 CLA PI . 38.63 -18.93 -15.73
C2 CLA PI . 40.02 -18.37 -15.67
C3 CLA PI . 40.84 -18.41 -16.73
C4 CLA PI . 40.36 -19.01 -18.03
C5 CLA PI . 42.24 -17.86 -16.62
C6 CLA PI . 43.27 -18.99 -16.41
C7 CLA PI . 43.01 -19.67 -15.06
C8 CLA PI . 44.02 -20.74 -14.62
C9 CLA PI . 43.30 -21.91 -13.96
C10 CLA PI . 45.12 -20.20 -13.70
C11 CLA PI . 46.42 -20.92 -14.08
C12 CLA PI . 47.69 -20.05 -14.06
C13 CLA PI . 48.96 -20.91 -14.08
C14 CLA PI . 48.74 -22.32 -13.54
C15 CLA PI . 50.12 -20.23 -13.34
C16 CLA PI . 51.44 -20.52 -14.06
C17 CLA PI . 52.66 -19.97 -13.33
C18 CLA PI . 53.88 -19.89 -14.26
C19 CLA PI . 53.93 -18.55 -14.99
C20 CLA PI . 53.94 -21.05 -15.26
CHA PHO QI . 22.79 -13.97 -28.73
CHB PHO QI . 20.32 -14.84 -24.60
CHC PHO QI . 24.41 -16.88 -22.67
CHD PHO QI . 26.99 -15.99 -26.80
NA PHO QI . 21.82 -14.43 -26.49
C1A PHO QI . 21.69 -13.95 -27.73
C2A PHO QI . 20.34 -13.36 -28.04
C3A PHO QI . 19.69 -13.45 -26.65
C4A PHO QI . 20.70 -14.28 -25.90
CMA PHO QI . 19.55 -12.09 -25.95
CAA PHO QI . 19.57 -14.16 -29.08
CBA PHO QI . 18.27 -13.42 -29.33
CGA PHO QI . 17.26 -14.29 -30.03
O1A PHO QI . 17.40 -15.50 -30.22
O2A PHO QI . 16.08 -13.62 -30.48
NB PHO QI . 22.51 -15.79 -23.89
C1B PHO QI . 21.20 -15.56 -23.66
C2B PHO QI . 20.74 -16.09 -22.36
C3B PHO QI . 21.99 -16.69 -21.81
C4B PHO QI . 23.00 -16.44 -22.84
CMB PHO QI . 19.35 -16.03 -21.76
CAB PHO QI . 22.25 -17.40 -20.53
CBB PHO QI . 21.29 -18.11 -19.95
NC PHO QI . 25.39 -16.29 -24.91
C1C PHO QI . 25.48 -16.79 -23.68
C2C PHO QI . 26.83 -17.30 -23.30
C3C PHO QI . 27.62 -17.04 -24.51
C4C PHO QI . 26.63 -16.42 -25.43
CMC PHO QI . 27.26 -17.91 -22.00
CAC PHO QI . 29.08 -17.32 -24.79
CBC PHO QI . 29.21 -18.42 -25.82
ND PHO QI . 24.70 -15.10 -27.22
C1D PHO QI . 25.96 -15.37 -27.66
C2D PHO QI . 26.27 -14.99 -29.07
C3D PHO QI . 24.95 -14.42 -29.46
C4D PHO QI . 24.12 -14.52 -28.35
CMD PHO QI . 27.47 -15.06 -29.96
CAD PHO QI . 24.22 -13.79 -30.59
OBD PHO QI . 24.70 -13.56 -31.75
CBD PHO QI . 22.83 -13.51 -30.15
CGD PHO QI . 22.52 -12.04 -30.25
O1D PHO QI . 21.88 -11.61 -31.20
O2D PHO QI . 22.95 -11.12 -29.22
CED PHO QI . 22.67 -9.74 -29.48
C1 PHO QI . 14.93 -14.33 -30.89
C2 PHO QI . 14.02 -14.51 -29.70
C3 PHO QI . 13.22 -13.53 -29.27
C4 PHO QI . 13.19 -12.19 -29.97
C5 PHO QI . 12.33 -13.78 -28.07
C6 PHO QI . 11.99 -15.26 -27.85
C7 PHO QI . 11.07 -15.39 -26.62
C8 PHO QI . 10.73 -16.84 -26.26
C9 PHO QI . 9.85 -17.44 -27.35
C10 PHO QI . 10.06 -16.87 -24.87
C11 PHO QI . 9.57 -18.26 -24.42
C12 PHO QI . 10.60 -19.40 -24.54
C13 PHO QI . 11.86 -19.20 -23.69
C14 PHO QI . 12.90 -20.28 -24.03
C15 PHO QI . 11.48 -19.22 -22.21
C16 PHO QI . 12.68 -19.11 -21.27
C17 PHO QI . 12.23 -18.92 -19.81
C18 PHO QI . 13.46 -18.74 -18.92
C19 PHO QI . 14.37 -19.97 -18.95
C20 PHO QI . 13.04 -18.40 -17.49
CHA PHO RI . 43.22 -11.41 -13.60
CHB PHO RI . 42.24 -16.01 -12.36
CHC PHO RI . 37.44 -15.00 -12.46
CHD PHO RI . 38.33 -10.37 -13.95
NA PHO RI . 42.43 -13.64 -12.88
C1A PHO RI . 43.42 -12.82 -13.16
C2A PHO RI . 44.78 -13.37 -12.97
C3A PHO RI . 44.45 -14.85 -12.89
C4A PHO RI . 42.96 -14.78 -12.71
CMA PHO RI . 44.76 -15.52 -14.21
CAA PHO RI . 45.30 -12.88 -11.62
CBA PHO RI . 46.79 -13.20 -11.54
CGA PHO RI . 47.23 -13.08 -10.09
O1A PHO RI . 46.53 -12.60 -9.20
O2A PHO RI . 48.55 -13.58 -9.77
NB PHO RI . 39.91 -15.20 -12.48
C1B PHO RI . 40.80 -16.19 -12.26
C2B PHO RI . 40.20 -17.50 -11.91
C3B PHO RI . 38.75 -17.17 -11.93
C4B PHO RI . 38.70 -15.73 -12.30
CMB PHO RI . 40.92 -18.79 -11.59
CAB PHO RI . 37.56 -18.02 -11.68
CBB PHO RI . 37.70 -19.15 -11.00
NC PHO RI . 38.26 -12.70 -13.13
C1C PHO RI . 37.29 -13.61 -12.92
C2C PHO RI . 35.92 -13.14 -13.27
C3C PHO RI . 36.15 -11.75 -13.73
C4C PHO RI . 37.61 -11.61 -13.60
CMC PHO RI . 34.64 -13.92 -13.13
CAC PHO RI . 35.14 -10.74 -14.25
CBC PHO RI . 35.04 -9.50 -13.38
ND PHO RI . 40.56 -11.42 -13.58
C1D PHO RI . 39.80 -10.34 -13.88
C2D PHO RI . 40.52 -9.11 -14.34
C3D PHO RI . 41.90 -9.61 -14.19
C4D PHO RI . 41.84 -10.92 -13.75
CMD PHO RI . 40.08 -7.74 -14.79
CAD PHO RI . 43.33 -9.21 -14.33
OBD PHO RI . 43.74 -8.06 -14.71
CBD PHO RI . 44.19 -10.35 -13.97
CGD PHO RI . 44.97 -10.80 -15.19
O1D PHO RI . 46.10 -10.42 -15.44
O2D PHO RI . 44.35 -11.71 -16.12
CED PHO RI . 45.00 -12.02 -17.35
C1 PHO RI . 49.00 -13.49 -8.44
C2 PHO RI . 48.64 -14.77 -7.72
C3 PHO RI . 48.17 -14.65 -6.49
C4 PHO RI . 48.02 -13.26 -5.92
C5 PHO RI . 47.78 -15.88 -5.69
C6 PHO RI . 46.29 -15.87 -5.33
C7 PHO RI . 45.93 -17.05 -4.42
C8 PHO RI . 44.44 -17.32 -4.39
C9 PHO RI . 43.67 -16.04 -4.16
C10 PHO RI . 44.11 -18.40 -3.34
C11 PHO RI . 44.90 -19.69 -3.57
C12 PHO RI . 44.43 -20.49 -4.79
C13 PHO RI . 45.18 -21.83 -4.92
C14 PHO RI . 46.66 -21.64 -5.27
C15 PHO RI . 44.49 -22.73 -5.96
C16 PHO RI . 43.15 -23.28 -5.46
C17 PHO RI . 42.46 -24.08 -6.57
C18 PHO RI . 41.24 -24.84 -6.06
C19 PHO RI . 40.76 -25.79 -7.16
C20 PHO RI . 40.12 -23.91 -5.63
MG CLA SI . 2.75 -23.49 -35.51
CHA CLA SI . 1.97 -26.42 -33.83
CHB CLA SI . 5.43 -25.07 -36.88
CHC CLA SI . 3.07 -20.81 -37.62
CHD CLA SI . -0.49 -22.07 -34.39
NA CLA SI . 3.55 -25.46 -35.42
C1A CLA SI . 3.20 -26.43 -34.67
C2A CLA SI . 4.12 -27.62 -34.68
C3A CLA SI . 5.23 -27.13 -35.59
C4A CLA SI . 4.70 -25.80 -36.00
CMA CLA SI . 6.31 -26.85 -34.56
CAA CLA SI . 3.47 -28.78 -35.43
CBA CLA SI . 2.93 -28.36 -36.80
CGA CLA SI . 2.57 -29.55 -37.64
O1A CLA SI . 2.37 -30.65 -37.14
O2A CLA SI . 2.44 -29.43 -39.07
NB CLA SI . 4.08 -23.01 -37.01
C1B CLA SI . 5.11 -23.73 -37.44
C2B CLA SI . 5.87 -23.10 -38.56
C3B CLA SI . 5.13 -21.83 -38.76
C4B CLA SI . 4.05 -21.89 -37.75
CMB CLA SI . 7.07 -23.61 -39.31
CAB CLA SI . 5.36 -20.72 -39.73
CBB CLA SI . 6.57 -20.35 -40.13
NC CLA SI . 1.48 -21.75 -35.94
C1C CLA SI . 1.85 -20.79 -36.78
C2C CLA SI . 0.94 -19.63 -36.83
C3C CLA SI . -0.11 -20.03 -35.84
C4C CLA SI . 0.33 -21.35 -35.39
CMC CLA SI . 1.05 -18.38 -37.66
CAC CLA SI . -1.36 -19.30 -35.43
CBC CLA SI . -2.36 -19.78 -36.48
ND CLA SI . 1.13 -24.02 -34.49
C1D CLA SI . -0.07 -23.41 -33.98
C2D CLA SI . -0.84 -24.21 -33.01
C3D CLA SI . 0.02 -25.44 -32.96
C4D CLA SI . 1.07 -25.24 -33.84
CMD CLA SI . -2.12 -23.98 -32.25
CAD CLA SI . 0.17 -26.79 -32.37
OBD CLA SI . -0.64 -27.30 -31.51
CBD CLA SI . 1.41 -27.44 -32.90
CGD CLA SI . 2.34 -27.67 -31.74
O1D CLA SI . 3.11 -26.80 -31.36
O2D CLA SI . 2.34 -28.96 -31.07
CED CLA SI . 3.26 -29.14 -30.00
C1 CLA SI . 2.81 -30.56 -39.86
C2 CLA SI . 2.86 -30.17 -41.31
C3 CLA SI . 2.99 -31.11 -42.24
C4 CLA SI . 3.10 -32.56 -41.84
C5 CLA SI . 3.03 -30.71 -43.69
C6 CLA SI . 4.07 -29.63 -43.97
C7 CLA SI . 4.39 -29.52 -45.45
C8 CLA SI . 5.89 -29.73 -45.71
C9 CLA SI . 6.20 -29.53 -47.19
C10 CLA SI . 6.29 -31.12 -45.24
C11 CLA SI . 7.77 -31.41 -45.47
C12 CLA SI . 8.66 -30.59 -44.54
C13 CLA SI . 9.81 -31.42 -43.98
C14 CLA SI . 9.38 -32.22 -42.77
C15 CLA SI . 10.98 -30.50 -43.64
C16 CLA SI . 11.24 -29.46 -44.73
C17 CLA SI . 12.42 -28.57 -44.35
C18 CLA SI . 12.98 -27.80 -45.54
C19 CLA SI . 13.05 -28.66 -46.79
C20 CLA SI . 14.35 -27.23 -45.20
C1 BCR TI . 6.56 -12.29 -42.83
C2 BCR TI . 7.04 -12.38 -44.26
C3 BCR TI . 6.42 -13.56 -44.99
C4 BCR TI . 4.91 -13.32 -45.07
C5 BCR TI . 4.31 -12.96 -43.72
C6 BCR TI . 5.06 -12.48 -42.70
C7 BCR TI . 4.42 -12.13 -41.40
C8 BCR TI . 4.11 -13.09 -40.51
C9 BCR TI . 3.49 -12.82 -39.18
C10 BCR TI . 3.00 -13.86 -38.47
C11 BCR TI . 2.38 -13.71 -37.14
C33 BCR TI . 2.83 -13.13 -43.56
C31 BCR TI . 6.96 -10.92 -42.28
C32 BCR TI . 7.23 -13.39 -42.03
C34 BCR TI . 3.44 -11.43 -38.61
C12 BCR TI . 2.08 -14.84 -36.48
C13 BCR TI . 1.45 -14.86 -35.13
C14 BCR TI . 1.23 -16.06 -34.54
C15 BCR TI . 0.63 -16.24 -33.21
C16 BCR TI . 0.38 -17.47 -32.71
C17 BCR TI . -0.17 -17.63 -31.35
C18 BCR TI . -0.40 -18.82 -30.74
C19 BCR TI . -0.94 -18.81 -29.35
C20 BCR TI . -1.40 -19.89 -28.69
C21 BCR TI . -1.88 -19.70 -27.31
C22 BCR TI . -2.77 -20.50 -26.67
C23 BCR TI . -3.15 -20.18 -25.27
C24 BCR TI . -3.93 -20.97 -24.50
C25 BCR TI . -4.30 -20.61 -23.10
C26 BCR TI . -3.39 -20.62 -22.10
C27 BCR TI . -3.72 -20.28 -20.66
C28 BCR TI . -5.07 -19.56 -20.52
C29 BCR TI . -6.12 -20.29 -21.34
C30 BCR TI . -5.75 -20.27 -22.82
C35 BCR TI . 1.08 -13.56 -34.46
C36 BCR TI . -0.15 -20.13 -31.43
C37 BCR TI . -3.37 -21.67 -27.37
C38 BCR TI . -1.94 -20.98 -22.35
C39 BCR TI . -6.05 -18.90 -23.40
C40 BCR TI . -6.65 -21.32 -23.48
O6 SQD UI . 47.58 -16.50 -34.36
C44 SQD UI . 46.72 -17.21 -35.26
C45 SQD UI . 45.46 -17.57 -34.51
C46 SQD UI . 44.73 -18.69 -35.22
O47 SQD UI . 45.82 -17.97 -33.20
C7 SQD UI . 45.35 -17.02 -32.21
O49 SQD UI . 44.69 -16.08 -32.61
C8 SQD UI . 45.69 -17.18 -30.75
C9 SQD UI . 45.27 -18.55 -30.24
C10 SQD UI . 43.75 -18.70 -30.31
C11 SQD UI . 43.31 -20.09 -29.82
C12 SQD UI . 43.61 -20.29 -28.34
C13 SQD UI . 43.16 -21.66 -27.86
C14 SQD UI . 43.41 -21.86 -26.36
C15 SQD UI . 44.87 -21.60 -25.99
C16 SQD UI . 45.05 -21.51 -24.47
C17 SQD UI . 44.91 -22.86 -23.80
O48 SQD UI . 45.56 -19.84 -35.22
C23 SQD UI . 45.18 -20.96 -34.38
O10 SQD UI . 44.25 -20.80 -33.61
C24 SQD UI . 45.91 -22.27 -34.49
C25 SQD UI . 45.54 -23.14 -33.29
C26 SQD UI . 45.50 -24.63 -33.64
C27 SQD UI . 45.45 -25.45 -32.36
C28 SQD UI . 45.34 -26.95 -32.62
C29 SQD UI . 46.08 -27.72 -31.53
C30 SQD UI . 45.62 -29.18 -31.49
C31 SQD UI . 46.70 -30.10 -30.93
C32 SQD UI . 46.16 -31.50 -30.66
C33 SQD UI . 47.17 -32.58 -31.03
C34 SQD UI . 48.53 -32.39 -30.37
C35 SQD UI . 49.14 -33.74 -30.03
C36 SQD UI . 50.48 -33.61 -29.30
C37 SQD UI . 50.74 -34.83 -28.42
C1 SQD UI . 48.38 -15.59 -35.09
C2 SQD UI . 49.34 -14.71 -34.31
O2 SQD UI . 48.80 -14.31 -33.04
C3 SQD UI . 49.55 -13.54 -35.25
O3 SQD UI . 50.41 -12.54 -34.68
C4 SQD UI . 50.14 -14.05 -36.56
O4 SQD UI . 50.07 -12.99 -37.53
C5 SQD UI . 49.41 -15.30 -37.09
C6 SQD UI . 50.17 -15.95 -38.24
O5 SQD UI . 49.17 -16.26 -36.06
S SQD UI . 49.26 -17.17 -38.95
O7 SQD UI . 49.80 -17.31 -40.32
O8 SQD UI . 49.42 -18.45 -38.23
O9 SQD UI . 47.83 -16.81 -39.05
C4 UNL VI . 8.25 -3.48 -51.70
C5 UNL VI . 6.97 -4.21 -51.29
C6 UNL VI . 6.65 -3.97 -49.81
O6 UNL VI . 8.95 -4.15 -52.76
O7 UNL VI . 5.88 -3.70 -52.05
O8 UNL VI . 5.55 -4.78 -49.42
O9 UNL VI . 3.64 -4.17 -52.31
C23 UNL VI . 5.42 -5.33 -48.08
C24 UNL VI . 4.61 -6.58 -47.83
C25 UNL VI . 5.22 -7.26 -46.62
C26 UNL VI . 4.77 -8.69 -46.41
C27 UNL VI . 3.41 -8.79 -45.73
C28 UNL VI . 3.50 -8.60 -44.22
C29 UNL VI . 2.14 -8.97 -43.63
C30 UNL VI . 2.11 -9.06 -42.10
C31 UNL VI . 0.67 -9.40 -41.67
C32 UNL VI . 0.62 -9.99 -40.26
C33 UNL VI . -0.50 -11.02 -40.11
C34 UNL VI . -0.41 -11.76 -38.78
C35 UNL VI . -1.45 -12.86 -38.68
C36 UNL VI . -1.49 -13.49 -37.27
C37 UNL VI . -2.46 -14.66 -37.19
C38 UNL VI . -2.59 -15.17 -35.76
C7 UNL VI . 4.77 -4.63 -52.27
C8 UNL VI . 5.00 -6.10 -52.51
C9 UNL VI . 4.38 -6.93 -51.39
O10 UNL VI . 5.95 -4.76 -47.14
C2 JOX WI . 38.39 -23.22 -23.89
C3 JOX WI . 39.56 -23.45 -24.69
C4 JOX WI . 40.64 -24.15 -24.16
C5 JOX WI . 40.54 -24.65 -22.84
C1 JOX WI . 38.33 -23.74 -22.55
C JOX WI . 39.40 -24.46 -22.02
O JOX WI . 37.42 -22.60 -24.36
O1 JOX WI . 41.51 -25.29 -22.37
CL JOX WI . 39.34 -22.69 -26.29
CL1 JOX WI . 36.76 -23.30 -21.85
C1 GOL XI . -3.42 -40.89 -34.80
O1 GOL XI . -3.15 -40.14 -35.94
C2 GOL XI . -3.64 -39.89 -33.63
O2 GOL XI . -4.26 -38.72 -34.06
C3 GOL XI . -4.48 -40.68 -32.61
O3 GOL XI . -4.73 -39.83 -31.53
C2 JOX YI . 43.37 -6.98 -24.58
C3 JOX YI . 44.54 -6.36 -25.21
C4 JOX YI . 45.76 -7.04 -25.26
C5 JOX YI . 45.86 -8.33 -24.72
C1 JOX YI . 43.53 -8.33 -24.02
C JOX YI . 44.77 -8.96 -24.11
O JOX YI . 42.27 -6.39 -24.52
O1 JOX YI . 46.96 -8.94 -24.78
CL JOX YI . 44.35 -4.71 -25.87
CL1 JOX YI . 42.11 -9.09 -23.26
S DMS ZI . 34.75 16.64 -29.73
O DMS ZI . 33.94 16.23 -28.17
C1 DMS ZI . 35.60 15.19 -30.42
C2 DMS ZI . 33.49 16.90 -31.01
S DMS AJ . -8.90 -36.94 -28.83
O DMS AJ . -7.34 -37.83 -28.72
C1 DMS AJ . -9.54 -37.14 -30.52
C2 DMS AJ . -10.17 -37.82 -27.90
S DMS BJ . 46.75 4.52 -32.58
O DMS BJ . 47.40 2.86 -32.34
C1 DMS BJ . 47.49 5.25 -34.06
C2 DMS BJ . 45.02 4.43 -33.13
S DMS CJ . -6.76 -34.97 -34.58
O DMS CJ . -8.26 -34.14 -35.10
C1 DMS CJ . -7.09 -35.98 -33.10
C2 DMS CJ . -6.34 -36.31 -35.74
S DMS DJ . 17.99 -4.73 -51.09
O DMS DJ . 17.09 -3.20 -51.43
C1 DMS DJ . 17.32 -6.13 -52.04
C2 DMS DJ . 19.66 -4.63 -51.78
O6 SQD EJ . 18.70 38.42 6.34
C44 SQD EJ . 17.69 38.76 5.41
C45 SQD EJ . 16.50 37.89 5.75
C46 SQD EJ . 16.92 36.45 5.49
O47 SQD EJ . 16.21 38.05 7.14
C7 SQD EJ . 15.02 38.85 7.36
O49 SQD EJ . 14.18 38.90 6.47
C8 SQD EJ . 14.82 39.60 8.65
C9 SQD EJ . 14.42 38.67 9.78
C10 SQD EJ . 13.18 37.87 9.42
C11 SQD EJ . 12.71 37.01 10.59
C12 SQD EJ . 11.69 35.98 10.09
C13 SQD EJ . 10.87 35.37 11.21
C14 SQD EJ . 9.42 35.26 10.74
C15 SQD EJ . 8.58 34.33 11.61
C16 SQD EJ . 7.10 34.53 11.29
C17 SQD EJ . 6.24 34.16 12.48
C18 SQD EJ . 6.06 32.65 12.53
C19 SQD EJ . 5.60 32.15 11.17
C20 SQD EJ . 5.49 30.63 11.17
C21 SQD EJ . 5.11 30.15 9.78
C22 SQD EJ . 5.44 28.69 9.60
O48 SQD EJ . 15.91 35.58 5.99
C23 SQD EJ . 16.22 34.74 7.13
O10 SQD EJ . 17.33 34.84 7.59
C24 SQD EJ . 15.18 33.80 7.68
C25 SQD EJ . 15.40 33.57 9.17
C26 SQD EJ . 16.23 32.33 9.45
C27 SQD EJ . 17.70 32.68 9.74
C28 SQD EJ . 17.99 32.90 11.23
C29 SQD EJ . 18.14 31.57 11.96
C30 SQD EJ . 18.76 31.76 13.35
C31 SQD EJ . 18.19 30.74 14.33
C32 SQD EJ . 16.67 30.84 14.41
C1 SQD EJ . 19.68 39.43 6.41
C2 SQD EJ . 20.04 39.66 7.86
O2 SQD EJ . 18.85 40.08 8.54
C3 SQD EJ . 21.11 40.73 7.99
O3 SQD EJ . 21.57 40.76 9.33
C4 SQD EJ . 22.30 40.45 7.08
O4 SQD EJ . 23.01 41.69 6.89
C5 SQD EJ . 21.97 39.86 5.71
C6 SQD EJ . 23.14 39.04 5.17
O5 SQD EJ . 20.82 39.01 5.66
S SQD EJ . 23.35 37.60 5.98
O7 SQD EJ . 24.76 37.53 6.44
O8 SQD EJ . 22.46 37.44 7.15
O9 SQD EJ . 23.09 36.50 5.02
C1 HTG FJ . 5.63 10.10 24.84
S1 HTG FJ . 6.49 11.61 25.20
C2 HTG FJ . 6.48 8.84 25.04
O2 HTG FJ . 7.52 8.77 24.04
C3 HTG FJ . 5.66 7.56 24.95
O3 HTG FJ . 6.42 6.47 25.49
C4 HTG FJ . 4.35 7.66 25.74
O4 HTG FJ . 3.54 6.54 25.40
C5 HTG FJ . 3.60 8.96 25.44
O5 HTG FJ . 4.43 10.10 25.64
C6 HTG FJ . 2.32 9.06 26.29
O6 HTG FJ . 2.62 9.41 27.65
C1' HTG FJ . 5.49 12.87 24.49
C2' HTG FJ . 6.34 13.75 23.60
C3' HTG FJ . 5.97 13.55 22.15
C4' HTG FJ . 6.50 14.72 21.33
C5' HTG FJ . 7.98 14.98 21.64
C6' HTG FJ . 8.58 15.97 20.66
C7' HTG FJ . 10.07 16.10 20.91
C1 HTG GJ . 10.53 17.66 30.33
S1 HTG GJ . 10.47 19.03 29.22
C2 HTG GJ . 11.32 18.12 31.54
O2 HTG GJ . 12.62 18.54 31.10
C3 HTG GJ . 11.43 17.03 32.58
O3 HTG GJ . 12.10 17.51 33.76
C4 HTG GJ . 10.03 16.61 32.98
O4 HTG GJ . 10.14 15.48 33.86
C5 HTG GJ . 9.18 16.22 31.77
O5 HTG GJ . 9.23 17.18 30.70
C6 HTG GJ . 7.75 16.05 32.27
O6 HTG GJ . 6.90 15.62 31.21
C1' HTG GJ . 9.32 18.86 27.89
C2' HTG GJ . 9.51 20.09 27.00
C3' HTG GJ . 8.77 20.04 25.67
C4' HTG GJ . 9.06 21.28 24.83
C5' HTG GJ . 8.72 21.07 23.37
C6' HTG GJ . 8.60 22.39 22.63
C7' HTG GJ . 9.95 22.97 22.27
C1 HTG HJ . 15.00 20.38 33.86
S1 HTG HJ . 13.85 20.49 32.53
C2 HTG HJ . 14.45 19.43 34.91
O2 HTG HJ . 13.12 19.81 35.30
C3 HTG HJ . 15.37 19.47 36.11
O3 HTG HJ . 14.86 18.59 37.12
C4 HTG HJ . 16.76 19.01 35.68
O4 HTG HJ . 17.68 19.34 36.74
C5 HTG HJ . 17.28 19.66 34.38
O5 HTG HJ . 16.27 19.92 33.39
C6 HTG HJ . 18.34 18.74 33.77
O6 HTG HJ . 18.63 19.11 32.42
C1' HTG HJ . 14.47 21.57 31.28
C2' HTG HJ . 13.39 21.77 30.22
C3' HTG HJ . 13.85 22.72 29.15
C4' HTG HJ . 12.88 22.75 27.98
C5' HTG HJ . 13.50 23.49 26.79
C6' HTG HJ . 12.86 23.06 25.48
C7' HTG HJ . 13.71 23.49 24.30
CA CA IJ . -2.49 -15.00 12.22
MG CLA JJ . 49.86 -0.20 28.33
CHA CLA JJ . 51.05 -0.22 31.60
CHB CLA JJ . 49.93 3.24 28.55
CHC CLA JJ . 49.41 -0.14 24.91
CHD CLA JJ . 50.34 -3.85 28.10
NA CLA JJ . 50.45 1.33 29.86
C1A CLA JJ . 50.75 1.15 31.08
C2A CLA JJ . 50.84 2.40 31.91
C3A CLA JJ . 50.46 3.48 30.91
C4A CLA JJ . 50.27 2.64 29.69
CMA CLA JJ . 49.12 4.12 31.28
CAA CLA JJ . 52.31 2.62 32.27
CBA CLA JJ . 53.18 2.80 31.03
CGA CLA JJ . 54.60 2.35 31.31
O1A CLA JJ . 55.49 2.54 30.51
O2A CLA JJ . 54.89 1.65 32.56
NB CLA JJ . 49.70 1.32 26.94
C1B CLA JJ . 49.71 2.64 27.20
C2B CLA JJ . 49.53 3.49 25.99
C3B CLA JJ . 49.38 2.49 24.91
C4B CLA JJ . 49.52 1.17 25.61
CMB CLA JJ . 49.48 4.99 25.89
CAB CLA JJ . 49.14 2.69 23.46
CBB CLA JJ . 48.10 2.13 22.84
NC CLA JJ . 49.90 -1.78 26.74
C1C CLA JJ . 49.64 -1.50 25.46
C2C CLA JJ . 49.61 -2.71 24.60
C3C CLA JJ . 49.88 -3.82 25.56
C4C CLA JJ . 50.06 -3.11 26.85
CMC CLA JJ . 49.34 -2.79 23.12
CAC CLA JJ . 49.98 -5.31 25.30
CBC CLA JJ . 48.64 -5.90 25.71
ND CLA JJ . 50.50 -1.68 29.44
C1D CLA JJ . 50.67 -3.11 29.35
C2D CLA JJ . 51.16 -3.75 30.59
C3D CLA JJ . 51.31 -2.56 31.48
C4D CLA JJ . 50.95 -1.44 30.75
CMD CLA JJ . 51.49 -5.16 31.04
CAD CLA JJ . 51.72 -2.11 32.84
OBD CLA JJ . 52.12 -2.88 33.78
CBD CLA JJ . 51.55 -0.63 32.94
CGD CLA JJ . 50.53 -0.35 34.02
O1D CLA JJ . 50.66 0.60 34.77
O2D CLA JJ . 49.39 -1.23 34.26
CED CLA JJ . 48.40 -0.83 35.21
C1 CLA JJ . 56.03 0.80 32.65
C2 CLA JJ . 55.71 -0.32 33.62
C3 CLA JJ . 55.73 -1.61 33.23
C4 CLA JJ . 55.41 -2.67 34.24
C5 CLA JJ . 56.05 -2.00 31.80
C6 CLA JJ . 54.88 -1.87 30.82
C7 CLA JJ . 55.23 -0.98 29.63
C8 CLA JJ . 54.06 -0.84 28.63
C9 CLA JJ . 53.78 -2.18 27.97
C10 CLA JJ . 54.31 0.26 27.59
C11 CLA JJ . 53.18 0.31 26.56
C12 CLA JJ . 53.06 1.67 25.85
C13 CLA JJ . 53.41 1.76 24.37
C14 CLA JJ . 54.89 1.55 24.08
C15 CLA JJ . 52.92 3.14 23.89
C16 CLA JJ . 53.17 3.52 22.44
C17 CLA JJ . 52.46 4.83 22.09
C18 CLA JJ . 52.70 5.30 20.66
C19 CLA JJ . 54.16 5.63 20.42
C20 CLA JJ . 51.83 6.49 20.29
MG CLA KJ . 42.70 2.02 21.56
CHA CLA KJ . 40.86 -0.11 19.58
CHB CLA KJ . 41.72 0.09 24.25
CHC CLA KJ . 45.09 3.62 23.41
CHD CLA KJ . 44.06 3.67 18.56
NA CLA KJ . 41.48 0.20 21.88
C1A CLA KJ . 40.75 -0.39 21.04
C2A CLA KJ . 39.84 -1.46 21.61
C3A CLA KJ . 40.09 -1.33 23.11
C4A CLA KJ . 41.17 -0.28 23.08
CMA CLA KJ . 38.87 -0.61 23.68
CAA CLA KJ . 40.40 -2.82 21.18
CBA CLA KJ . 39.50 -3.98 21.59
CGA CLA KJ . 38.67 -4.27 20.36
O1A CLA KJ . 37.49 -4.50 20.45
O2A CLA KJ . 39.28 -4.17 19.05
NB CLA KJ . 43.31 1.87 23.53
C1B CLA KJ . 42.81 1.08 24.48
C2B CLA KJ . 43.48 1.21 25.81
C3B CLA KJ . 44.49 2.27 25.53
C4B CLA KJ . 44.29 2.57 24.09
CMB CLA KJ . 43.18 0.48 27.09
CAB CLA KJ . 45.49 2.91 26.41
CBB CLA KJ . 46.32 2.23 27.17
NC CLA KJ . 44.34 3.42 21.04
C1C CLA KJ . 45.12 3.96 21.97
C2C CLA KJ . 46.09 4.94 21.42
C3C CLA KJ . 45.77 4.98 19.97
C4C CLA KJ . 44.69 3.97 19.86
CMC CLA KJ . 47.10 5.75 22.18
CAC CLA KJ . 46.44 5.79 18.87
CBC CLA KJ . 45.47 6.87 18.42
ND CLA KJ . 42.59 1.88 19.63
C1D CLA KJ . 43.11 2.54 18.45
C2D CLA KJ . 42.60 2.03 17.16
C3D CLA KJ . 41.70 0.94 17.65
C4D CLA KJ . 41.77 0.92 19.03
CMD CLA KJ . 42.82 2.38 15.71
CAD CLA KJ . 40.76 -0.12 17.23
OBD CLA KJ . 40.46 -0.40 16.02
CBD CLA KJ . 40.21 -0.80 18.45
CGD CLA KJ . 38.72 -0.58 18.52
O1D CLA KJ . 38.21 0.50 18.27
O2D CLA KJ . 37.80 -1.66 18.85
CED CLA KJ . 36.40 -1.39 18.81
C1 CLA KJ . 38.62 -4.54 17.84
C2 CLA KJ . 39.54 -4.06 16.73
C3 CLA KJ . 40.55 -4.83 16.29
C4 CLA KJ . 40.77 -6.19 16.89
C5 CLA KJ . 41.47 -4.32 15.21
C6 CLA KJ . 41.19 -4.95 13.86
C7 CLA KJ . 42.25 -4.50 12.86
C8 CLA KJ . 41.92 -5.01 11.45
C9 CLA KJ . 41.74 -6.53 11.46
C10 CLA KJ . 43.03 -4.57 10.48
C11 CLA KJ . 42.64 -4.82 9.02
C12 CLA KJ . 41.30 -4.17 8.70
C13 CLA KJ . 41.11 -3.98 7.20
C14 CLA KJ . 39.98 -3.01 6.90
C15 CLA KJ . 40.90 -5.35 6.57
C16 CLA KJ . 39.52 -5.94 6.77
C17 CLA KJ . 39.47 -7.30 6.08
C18 CLA KJ . 38.23 -8.10 6.49
C19 CLA KJ . 38.42 -9.60 6.32
C20 CLA KJ . 37.02 -7.66 5.70
MG CLA LJ . 35.32 6.44 20.03
CHA CLA LJ . 32.37 4.71 20.73
CHB CLA LJ . 36.68 3.40 19.24
CHC CLA LJ . 37.86 8.21 18.59
CHD CLA LJ . 33.50 9.62 20.45
NA CLA LJ . 34.62 4.32 19.95
C1A CLA LJ . 33.54 3.83 20.38
C2A CLA LJ . 33.43 2.35 20.38
C3A CLA LJ . 34.84 1.93 20.00
C4A CLA LJ . 35.44 3.30 19.72
CMA CLA LJ . 35.48 1.40 21.28
CAA CLA LJ . 32.59 2.00 19.10
CBA CLA LJ . 33.03 2.65 17.76
CGA CLA LJ . 34.18 1.94 17.00
O1A CLA LJ . 34.42 0.76 17.12
O2A CLA LJ . 35.00 2.64 16.04
NB CLA LJ . 37.00 5.90 19.11
C1B CLA LJ . 37.40 4.64 18.86
C2B CLA LJ . 38.65 4.58 18.04
C3B CLA LJ . 38.99 6.00 17.84
C4B CLA LJ . 37.90 6.73 18.55
CMB CLA LJ . 39.39 3.37 17.53
CAB CLA LJ . 40.15 6.59 17.12
CBB CLA LJ . 41.39 6.18 17.35
NC CLA LJ . 35.63 8.59 19.62
C1C CLA LJ . 36.71 9.05 18.97
C2C CLA LJ . 36.65 10.51 18.66
C3C CLA LJ . 35.33 10.90 19.22
C4C CLA LJ . 34.82 9.64 19.80
CMC CLA LJ . 37.65 11.36 17.94
CAC CLA LJ . 34.65 12.25 19.25
CBC CLA LJ . 33.67 12.30 18.10
ND CLA LJ . 33.53 7.07 20.44
C1D CLA LJ . 32.83 8.32 20.61
C2D CLA LJ . 31.40 8.21 20.99
C3D CLA LJ . 31.25 6.73 21.02
C4D CLA LJ . 32.48 6.18 20.68
CMD CLA LJ . 30.29 9.17 21.28
CAD CLA LJ . 30.28 5.64 21.25
OBD CLA LJ . 29.04 5.79 21.57
CBD CLA LJ . 30.96 4.34 21.09
CGD CLA LJ . 30.85 3.62 22.41
O1D CLA LJ . 30.41 2.48 22.48
O2D CLA LJ . 31.26 4.25 23.64
CED CLA LJ . 31.03 3.58 24.87
C1 CLA LJ . 36.20 2.05 15.52
C2 CLA LJ . 36.96 3.17 14.86
C3 CLA LJ . 38.05 3.05 14.08
C4 CLA LJ . 38.70 1.73 13.79
C5 CLA LJ . 38.63 4.34 13.53
C6 CLA LJ . 39.99 4.21 12.92
C7 CLA LJ . 40.68 5.55 12.76
C8 CLA LJ . 42.15 5.26 12.41
C9 CLA LJ . 43.05 6.41 12.82
C10 CLA LJ . 42.30 4.93 10.93
C11 CLA LJ . 43.64 4.27 10.60
C12 CLA LJ . 43.74 3.92 9.13
C13 CLA LJ . 44.97 3.10 8.74
C14 CLA LJ . 45.17 3.11 7.23
C15 CLA LJ . 44.89 1.68 9.28
C16 CLA LJ . 46.16 0.86 9.02
C17 CLA LJ . 47.42 1.47 9.66
C18 CLA LJ . 48.69 0.72 9.23
C19 CLA LJ . 48.66 -0.75 9.65
C20 CLA LJ . 49.94 1.41 9.75
MG CLA MJ . 26.75 3.49 10.33
CHA CLA MJ . 27.80 3.87 13.59
CHB CLA MJ . 23.57 4.21 11.45
CHC CLA MJ . 25.80 3.95 7.00
CHD CLA MJ . 30.21 3.35 9.13
NA CLA MJ . 25.79 4.01 12.30
C1A CLA MJ . 26.32 4.00 13.45
C2A CLA MJ . 25.36 4.13 14.63
C3A CLA MJ . 24.01 4.30 13.88
C4A CLA MJ . 24.48 4.15 12.45
CMA CLA MJ . 22.90 3.33 14.30
CAA CLA MJ . 25.72 5.37 15.44
CBA CLA MJ . 25.73 6.67 14.66
CGA CLA MJ . 25.99 7.79 15.64
O1A CLA MJ . 25.51 7.78 16.77
O2A CLA MJ . 26.86 8.88 15.27
NB CLA MJ . 24.95 3.99 9.39
C1B CLA MJ . 23.76 4.19 9.97
C2B CLA MJ . 22.66 4.46 9.00
C3B CLA MJ . 23.38 4.37 7.70
C4B CLA MJ . 24.77 4.09 8.07
CMB CLA MJ . 21.20 4.74 9.23
CAB CLA MJ . 22.90 4.53 6.31
CBB CLA MJ . 21.69 4.17 5.91
NC CLA MJ . 27.86 3.64 8.36
C1C CLA MJ . 27.25 3.82 7.19
C2C CLA MJ . 28.20 3.88 6.03
C3C CLA MJ . 29.52 3.70 6.68
C4C CLA MJ . 29.17 3.53 8.11
CMC CLA MJ . 27.90 4.07 4.56
CAC CLA MJ . 30.87 3.65 6.01
CBC CLA MJ . 31.02 2.29 5.36
ND CLA MJ . 28.48 3.60 11.01
C1D CLA MJ . 29.84 3.49 10.54
C2D CLA MJ . 30.89 3.48 11.58
C3D CLA MJ . 30.04 3.63 12.79
C4D CLA MJ . 28.70 3.71 12.39
CMD CLA MJ . 32.37 3.35 11.60
CAD CLA MJ . 30.10 3.76 14.26
OBD CLA MJ . 31.17 3.72 14.97
CBD CLA MJ . 28.71 3.91 14.78
CGD CLA MJ . 28.53 2.90 15.86
O1D CLA MJ . 28.61 3.23 17.03
O2D CLA MJ . 28.42 1.49 15.53
CED CLA MJ . 28.58 0.56 16.60
C1 CLA MJ . 27.15 9.90 16.21
C2 CLA MJ . 27.49 11.18 15.49
C3 CLA MJ . 28.79 11.49 15.42
C4 CLA MJ . 29.80 10.60 16.07
C5 CLA MJ . 29.29 12.75 14.77
C6 CLA MJ . 29.76 13.66 15.89
C7 CLA MJ . 30.05 15.06 15.38
C8 CLA MJ . 30.73 15.86 16.47
C9 CLA MJ . 29.74 16.24 17.56
C10 CLA MJ . 31.36 17.09 15.82
C11 CLA MJ . 32.11 17.97 16.82
C12 CLA MJ . 32.66 19.17 16.07
C13 CLA MJ . 33.47 20.12 16.94
C14 CLA MJ . 33.84 21.38 16.19
C15 CLA MJ . 34.72 19.41 17.46
C16 CLA MJ . 35.38 20.20 18.59
C17 CLA MJ . 34.66 19.95 19.91
C18 CLA MJ . 35.31 20.72 21.05
C19 CLA MJ . 36.75 20.27 21.23
C20 CLA MJ . 34.52 20.57 22.36
MG CLA NJ . 23.82 12.49 17.29
CHA CLA NJ . 22.97 9.14 17.64
CHB CLA NJ . 24.54 12.49 20.64
CHC CLA NJ . 25.51 15.43 16.79
CHD CLA NJ . 23.75 12.07 13.65
NA CLA NJ . 23.81 10.99 18.92
C1A CLA NJ . 23.32 9.82 18.92
C2A CLA NJ . 23.24 9.11 20.26
C3A CLA NJ . 23.71 10.24 21.18
C4A CLA NJ . 24.05 11.32 20.19
CMA CLA NJ . 22.49 10.77 21.92
CAA CLA NJ . 24.29 7.98 20.22
CBA CLA NJ . 25.68 8.53 19.89
CGA CLA NJ . 26.66 7.49 19.38
O1A CLA NJ . 26.50 6.29 19.45
O2A CLA NJ . 27.87 7.94 18.73
NB CLA NJ . 24.84 13.75 18.52
C1B CLA NJ . 24.97 13.66 19.86
C2B CLA NJ . 25.69 14.81 20.49
C3B CLA NJ . 25.96 15.67 19.31
C4B CLA NJ . 25.41 14.89 18.16
CMB CLA NJ . 26.01 15.03 21.94
CAB CLA NJ . 26.62 16.99 19.12
CBB CLA NJ . 26.68 17.88 20.08
NC CLA NJ . 24.52 13.56 15.50
C1C CLA NJ . 25.17 14.73 15.54
C2C CLA NJ . 25.48 15.28 14.21
C3C CLA NJ . 24.92 14.26 13.29
C4C CLA NJ . 24.36 13.26 14.22
CMC CLA NJ . 26.18 16.57 13.84
CAC CLA NJ . 24.90 14.19 11.79
CBC CLA NJ . 26.27 13.66 11.42
ND CLA NJ . 23.52 11.10 15.96
C1D CLA NJ . 23.42 10.96 14.53
C2D CLA NJ . 22.97 9.66 14.01
C3D CLA NJ . 22.79 8.95 15.30
C4D CLA NJ . 23.13 9.82 16.33
CMD CLA NJ . 22.73 9.08 12.64
CAD CLA NJ . 22.40 7.66 15.92
OBD CLA NJ . 22.02 6.64 15.26
CBD CLA NJ . 22.47 7.76 17.41
CGD CLA NJ . 21.03 7.77 17.91
O1D CLA NJ . 20.65 7.13 18.88
O2D CLA NJ . 20.01 8.57 17.26
CED CLA NJ . 18.73 8.71 17.91
C1 CLA NJ . 28.90 7.01 18.42
C2 CLA NJ . 30.08 7.82 17.98
C3 CLA NJ . 31.18 7.27 17.45
C4 CLA NJ . 31.29 5.78 17.32
C5 CLA NJ . 32.32 8.17 17.04
C6 CLA NJ . 33.20 7.59 15.94
C7 CLA NJ . 34.41 8.49 15.77
C8 CLA NJ . 35.34 8.02 14.67
C9 CLA NJ . 35.94 6.67 15.02
C10 CLA NJ . 36.45 9.05 14.53
C11 CLA NJ . 37.45 8.68 13.44
C12 CLA NJ . 38.11 9.97 12.95
C13 CLA NJ . 39.07 10.61 13.95
C14 CLA NJ . 39.51 11.98 13.45
C15 CLA NJ . 40.29 9.71 14.13
C16 CLA NJ . 41.38 10.28 15.03
C17 CLA NJ . 40.99 10.24 16.49
C18 CLA NJ . 42.06 10.81 17.40
C19 CLA NJ . 43.25 9.86 17.46
C20 CLA NJ . 41.50 11.01 18.80
MG CLA OJ . 27.88 13.46 26.82
CHA CLA OJ . 24.74 13.81 28.24
CHB CLA OJ . 26.31 12.02 24.10
CHC CLA OJ . 30.80 14.02 24.92
CHD CLA OJ . 29.35 15.62 29.39
NA CLA OJ . 25.80 12.99 26.23
C1A CLA OJ . 24.74 13.08 26.93
C2A CLA OJ . 23.50 12.44 26.37
C3A CLA OJ . 24.05 11.85 25.06
C4A CLA OJ . 25.48 12.30 25.13
CMA CLA OJ . 24.03 10.33 25.14
CAA CLA OJ . 22.44 13.51 26.06
CBA CLA OJ . 22.93 14.72 25.24
CGA CLA OJ . 22.54 14.70 23.77
O1A CLA OJ . 21.97 13.76 23.24
O2A CLA OJ . 22.81 15.85 22.93
NB CLA OJ . 28.46 13.07 24.83
C1B CLA OJ . 27.73 12.42 23.92
C2B CLA OJ . 28.44 12.19 22.63
C3B CLA OJ . 29.77 12.80 22.90
C4B CLA OJ . 29.67 13.29 24.29
CMB CLA OJ . 27.93 11.53 21.40
CAB CLA OJ . 30.98 12.90 22.02
CBB CLA OJ . 30.87 13.47 20.84
NC CLA OJ . 29.76 14.63 27.12
C1C CLA OJ . 30.78 14.67 26.25
C2C CLA OJ . 31.93 15.47 26.73
C3C CLA OJ . 31.49 15.96 28.06
C4C CLA OJ . 30.15 15.33 28.19
CMC CLA OJ . 33.23 15.78 26.05
CAC CLA OJ . 32.21 16.82 29.07
CBC CLA OJ . 31.63 18.22 28.87
ND CLA OJ . 27.32 14.46 28.32
C1D CLA OJ . 27.91 15.27 29.37
C2D CLA OJ . 27.00 15.69 30.45
C3D CLA OJ . 25.73 15.08 29.95
C4D CLA OJ . 25.99 14.44 28.75
CMD CLA OJ . 27.13 16.50 31.71
CAD CLA OJ . 24.29 14.96 30.25
OBD CLA OJ . 23.70 15.43 31.28
CBD CLA OJ . 23.63 14.15 29.20
CGD CLA OJ . 23.00 12.97 29.88
O1D CLA OJ . 23.44 12.52 30.91
O2D CLA OJ . 21.81 12.36 29.32
CED CLA OJ . 21.22 11.27 30.01
C1 CLA OJ . 22.65 15.79 21.51
C2 CLA OJ . 23.04 17.15 20.99
C3 CLA OJ . 22.61 17.62 19.80
C4 CLA OJ . 21.82 16.76 18.87
C5 CLA OJ . 23.04 19.00 19.39
C6 CLA OJ . 21.83 19.94 19.39
C7 CLA OJ . 22.26 21.41 19.44
C8 CLA OJ . 21.11 22.34 19.11
C9 CLA OJ . 21.58 23.80 19.09
C10 CLA OJ . 19.98 22.19 20.13
C11 CLA OJ . 20.31 23.04 21.36
C12 CLA OJ . 19.54 22.80 22.66
C13 CLA OJ . 18.43 21.75 22.70
C14 CLA OJ . 17.16 22.20 22.01
C15 CLA OJ . 18.09 21.49 24.17
C16 CLA OJ . 19.09 22.04 25.19
C17 CLA OJ . 18.95 21.25 26.48
C18 CLA OJ . 19.41 22.05 27.71
C19 CLA OJ . 20.83 21.71 28.12
C20 CLA OJ . 18.43 21.85 28.85
MG CLA PJ . 15.69 0.81 10.14
CHA CLA PJ . 13.00 -1.20 11.05
CHB CLA PJ . 17.76 -1.82 11.08
CHC CLA PJ . 18.29 2.34 8.46
CHD CLA PJ . 13.41 3.18 8.60
NA CLA PJ . 15.43 -1.25 10.94
C1A CLA PJ . 14.35 -1.78 11.33
C2A CLA PJ . 14.52 -3.12 11.99
C3A CLA PJ . 16.02 -3.28 12.08
C4A CLA PJ . 16.44 -2.03 11.35
CMA CLA PJ . 16.39 -3.07 13.55
CAA CLA PJ . 14.05 -4.15 10.93
CBA CLA PJ . 14.90 -4.08 9.65
CGA CLA PJ . 14.41 -4.78 8.39
O1A CLA PJ . 13.37 -5.42 8.32
O2A CLA PJ . 15.17 -4.60 7.19
NB CLA PJ . 17.73 0.34 9.85
C1B CLA PJ . 18.39 -0.73 10.32
C2B CLA PJ . 19.81 -0.79 9.86
C3B CLA PJ . 19.95 0.45 9.06
C4B CLA PJ . 18.59 1.06 9.13
CMB CLA PJ . 20.85 -1.86 10.14
CAB CLA PJ . 21.10 1.03 8.32
CBB CLA PJ . 22.33 1.02 8.80
NC CLA PJ . 15.81 2.48 8.77
C1C CLA PJ . 16.96 2.91 8.20
C2C CLA PJ . 16.76 4.04 7.25
C3C CLA PJ . 15.30 4.27 7.32
C4C CLA PJ . 14.84 3.25 8.28
CMC CLA PJ . 17.77 4.80 6.42
CAC CLA PJ . 14.41 5.27 6.60
CBC CLA PJ . 14.07 4.57 5.28
ND CLA PJ . 13.78 1.01 9.84
C1D CLA PJ . 12.88 1.98 9.27
C2D CLA PJ . 11.44 1.72 9.45
C3D CLA PJ . 11.52 0.42 10.16
C4D CLA PJ . 12.86 0.09 10.33
CMD CLA PJ . 10.17 2.45 9.07
CAD CLA PJ . 10.71 -0.66 10.77
OBD CLA PJ . 9.43 -0.69 10.83
CBD CLA PJ . 11.61 -1.71 11.33
CGD CLA PJ . 11.23 -1.88 12.76
O1D CLA PJ . 11.03 -2.99 13.24
O2D CLA PJ . 11.07 -0.72 13.60
CED CLA PJ . 10.68 -0.88 14.97
C1 CLA PJ . 14.81 -5.26 5.97
C2 CLA PJ . 15.96 -5.13 5.00
C3 CLA PJ . 15.82 -5.42 3.70
C4 CLA PJ . 14.49 -5.85 3.17
C5 CLA PJ . 17.00 -5.35 2.74
C6 CLA PJ . 16.75 -4.48 1.51
C7 CLA PJ . 17.84 -4.70 0.46
C8 CLA PJ . 17.73 -3.70 -0.69
C9 CLA PJ . 16.36 -3.74 -1.37
C10 CLA PJ . 18.85 -3.94 -1.70
C11 CLA PJ . 18.72 -3.10 -2.97
C12 CLA PJ . 19.48 -3.70 -4.16
C13 CLA PJ . 19.82 -2.64 -5.20
C14 CLA PJ . 18.53 -2.08 -5.78
C15 CLA PJ . 20.74 -3.21 -6.27
C16 CLA PJ . 21.42 -2.17 -7.17
C17 CLA PJ . 22.18 -2.88 -8.28
C18 CLA PJ . 22.94 -1.96 -9.23
C19 CLA PJ . 23.21 -2.67 -10.54
C20 CLA PJ . 24.28 -1.49 -8.69
MG CLA QJ . 44.72 1.76 -0.23
CHA CLA QJ . 46.27 4.79 -0.83
CHB CLA QJ . 45.57 0.90 -3.48
CHC CLA QJ . 43.75 -1.47 0.46
CHD CLA QJ . 44.60 2.49 3.33
NA CLA QJ . 45.82 2.69 -1.91
C1A CLA QJ . 46.26 3.88 -2.01
C2A CLA QJ . 46.76 4.30 -3.36
C3A CLA QJ . 46.45 3.08 -4.19
C4A CLA QJ . 45.91 2.15 -3.13
CMA CLA QJ . 45.24 3.50 -5.02
CAA CLA QJ . 48.30 4.42 -3.32
CBA CLA QJ . 49.07 3.13 -2.99
CGA CLA QJ . 49.04 2.76 -1.51
O1A CLA QJ . 49.20 3.60 -0.64
O2A CLA QJ . 48.84 1.40 -1.06
NB CLA QJ . 44.68 -0.01 -1.35
C1B CLA QJ . 45.01 -0.18 -2.63
C2B CLA QJ . 44.78 -1.56 -3.14
C3B CLA QJ . 44.22 -2.23 -1.95
C4B CLA QJ . 44.23 -1.19 -0.91
CMB CLA QJ . 45.04 -2.10 -4.53
CAB CLA QJ . 43.77 -3.63 -1.73
CBB CLA QJ . 43.53 -4.45 -2.73
NC CLA QJ . 44.28 0.69 1.61
C1C CLA QJ . 43.86 -0.58 1.63
C2C CLA QJ . 43.50 -1.05 3.00
C3C CLA QJ . 43.78 0.12 3.85
C4C CLA QJ . 44.21 1.14 2.88
CMC CLA QJ . 43.02 -2.42 3.42
CAC CLA QJ . 43.61 0.26 5.34
CBC CLA QJ . 42.25 0.91 5.49
ND CLA QJ . 45.32 3.11 0.98
C1D CLA QJ . 45.10 3.47 2.36
C2D CLA QJ . 45.41 4.88 2.72
C3D CLA QJ . 45.88 5.38 1.40
C4D CLA QJ . 45.81 4.32 0.50
CMD CLA QJ . 45.35 5.72 3.96
CAD CLA QJ . 46.41 6.56 0.69
OBD CLA QJ . 46.58 7.71 1.24
CBD CLA QJ . 46.70 6.21 -0.73
CGD CLA QJ . 46.00 7.11 -1.69
O1D CLA QJ . 44.82 7.01 -1.90
O2D CLA QJ . 46.78 8.11 -2.38
CED CLA QJ . 46.13 9.10 -3.19
C1 CLA QJ . 49.03 1.10 0.31
C2 CLA QJ . 49.71 -0.23 0.56
C3 CLA QJ . 48.98 -1.32 0.87
C4 CLA QJ . 47.48 -1.27 0.92
C5 CLA QJ . 49.66 -2.64 1.14
C6 CLA QJ . 49.83 -2.91 2.63
C7 CLA QJ . 50.50 -4.26 2.87
C8 CLA QJ . 50.63 -4.50 4.38
C9 CLA QJ . 51.59 -3.52 5.01
C10 CLA QJ . 51.05 -5.94 4.68
C11 CLA QJ . 50.81 -6.21 6.16
C12 CLA QJ . 51.20 -7.62 6.62
C13 CLA QJ . 50.49 -7.92 7.92
C14 CLA QJ . 51.01 -7.04 9.04
C15 CLA QJ . 50.65 -9.40 8.28
C16 CLA QJ . 49.76 -9.82 9.45
C17 CLA QJ . 48.37 -10.27 8.99
C18 CLA QJ . 47.45 -10.59 10.18
C19 CLA QJ . 47.98 -11.78 10.96
C20 CLA QJ . 46.01 -10.85 9.74
MG CLA RJ . 50.50 11.90 11.17
CHA CLA RJ . 52.56 12.73 8.50
CHB CLA RJ . 48.02 11.48 8.82
CHC CLA RJ . 48.67 10.37 13.64
CHD CLA RJ . 53.46 11.67 13.36
NA CLA RJ . 50.31 12.05 8.92
C1A CLA RJ . 51.15 12.52 8.10
C2A CLA RJ . 50.66 12.75 6.69
C3A CLA RJ . 49.18 12.39 6.84
C4A CLA RJ . 49.16 11.95 8.28
CMA CLA RJ . 48.36 13.68 6.76
CAA CLA RJ . 51.34 11.78 5.70
CBA CLA RJ . 50.92 10.31 5.86
CGA CLA RJ . 51.66 9.31 4.98
O1A CLA RJ . 52.55 9.63 4.20
O2A CLA RJ . 51.38 7.88 5.13
NB CLA RJ . 48.63 11.06 11.22
C1B CLA RJ . 47.76 10.99 10.21
C2B CLA RJ . 46.47 10.33 10.58
C3B CLA RJ . 46.69 10.00 12.00
C4B CLA RJ . 48.04 10.54 12.31
CMB CLA RJ . 45.24 10.04 9.76
CAB CLA RJ . 45.74 9.34 12.93
CBB CLA RJ . 45.14 10.05 13.86
NC CLA RJ . 51.01 11.11 13.18
C1C CLA RJ . 50.07 10.64 14.01
C2C CLA RJ . 50.58 10.42 15.40
C3C CLA RJ . 52.01 10.81 15.30
C4C CLA RJ . 52.14 11.23 13.88
CMC CLA RJ . 49.83 9.91 16.59
CAC CLA RJ . 53.07 10.85 16.37
CBC CLA RJ . 52.96 12.25 16.92
ND CLA RJ . 52.47 12.06 11.06
C1D CLA RJ . 53.61 12.07 11.95
C2D CLA RJ . 54.90 12.52 11.32
C3D CLA RJ . 54.44 12.78 9.93
C4D CLA RJ . 53.07 12.49 9.88
CMD CLA RJ . 56.32 12.71 11.78
CAD CLA RJ . 54.87 13.26 8.58
OBD CLA RJ . 56.05 13.61 8.22
CBD CLA RJ . 53.68 13.25 7.69
CGD CLA RJ . 53.40 14.69 7.35
O1D CLA RJ . 53.13 15.09 6.23
O2D CLA RJ . 53.48 15.64 8.46
CED CLA RJ . 53.08 17.00 8.31
C1 CLA RJ . 51.76 6.90 4.17
C2 CLA RJ . 50.73 5.79 4.15
C3 CLA RJ . 49.95 5.48 3.11
C4 CLA RJ . 50.05 6.27 1.84
C5 CLA RJ . 48.95 4.35 3.19
C6 CLA RJ . 49.30 3.21 4.15
C7 CLA RJ . 48.45 1.97 3.85
C8 CLA RJ . 48.38 0.97 5.01
C9 CLA RJ . 49.77 0.50 5.43
C10 CLA RJ . 47.44 -0.16 4.61
C11 CLA RJ . 47.52 -1.39 5.51
C12 CLA RJ . 46.51 -2.45 5.04
C13 CLA RJ . 46.69 -3.82 5.68
C14 CLA RJ . 45.58 -4.77 5.23
C15 CLA RJ . 46.75 -3.69 7.20
C16 CLA RJ . 46.65 -5.04 7.92
C17 CLA RJ . 46.74 -4.87 9.44
C18 CLA RJ . 47.23 -6.14 10.13
C19 CLA RJ . 46.16 -7.21 10.04
C20 CLA RJ . 47.58 -5.88 11.59
MG CLA SJ . 43.22 12.37 6.08
CHA CLA SJ . 40.55 13.55 7.93
CHB CLA SJ . 42.68 9.32 7.63
CHC CLA SJ . 46.21 11.30 4.78
CHD CLA SJ . 44.10 15.80 5.12
NA CLA SJ . 41.81 11.54 7.59
C1A CLA SJ . 40.80 12.08 8.11
C2A CLA SJ . 39.87 11.18 8.88
C3A CLA SJ . 40.62 9.86 8.80
C4A CLA SJ . 41.77 10.25 7.93
CMA CLA SJ . 41.24 9.63 10.17
CAA CLA SJ . 38.59 10.97 8.08
CBA CLA SJ . 37.54 10.22 8.89
CGA CLA SJ . 36.64 11.26 9.51
O1A CLA SJ . 36.76 12.44 9.22
O2A CLA SJ . 35.65 10.90 10.49
NB CLA SJ . 44.29 10.55 6.20
C1B CLA SJ . 43.93 9.43 6.83
C2B CLA SJ . 44.88 8.30 6.67
C3B CLA SJ . 45.94 8.90 5.82
C4B CLA SJ . 45.45 10.30 5.57
CMB CLA SJ . 44.78 6.91 7.25
CAB CLA SJ . 47.18 8.26 5.31
CBB CLA SJ . 47.66 8.53 4.11
NC CLA SJ . 44.89 13.41 5.15
C1C CLA SJ . 45.93 12.75 4.62
C2C CLA SJ . 46.83 13.63 3.84
C3C CLA SJ . 46.21 14.98 3.95
C4C CLA SJ . 45.00 14.68 4.76
CMC CLA SJ . 48.11 13.28 3.12
CAC CLA SJ . 46.65 16.30 3.38
CBC CLA SJ . 46.12 16.41 1.97
ND CLA SJ . 42.63 14.17 6.40
C1D CLA SJ . 42.92 15.51 5.94
C2D CLA SJ . 41.95 16.56 6.34
C3D CLA SJ . 41.02 15.72 7.13
C4D CLA SJ . 41.47 14.41 7.13
CMD CLA SJ . 41.79 18.05 6.13
CAD CLA SJ . 39.79 15.79 7.95
OBD CLA SJ . 39.11 16.86 8.16
CBD CLA SJ . 39.47 14.43 8.44
CGD CLA SJ . 39.57 14.49 9.93
O1D CLA SJ . 38.72 14.06 10.69
O2D CLA SJ . 40.83 14.91 10.48
CED CLA SJ . 41.00 14.77 11.89
C1 CLA SJ . 34.80 11.92 11.04
C2 CLA SJ . 35.45 12.66 12.19
C3 CLA SJ . 34.87 12.70 13.41
C4 CLA SJ . 33.55 12.02 13.64
C5 CLA SJ . 35.52 13.44 14.55
C6 CLA SJ . 35.00 14.88 14.77
C7 CLA SJ . 34.95 15.67 13.46
C8 CLA SJ . 36.27 16.40 13.17
C9 CLA SJ . 36.73 17.21 14.37
C10 CLA SJ . 36.10 17.29 11.94
C11 CLA SJ . 35.58 16.53 10.72
C12 CLA SJ . 36.10 17.06 9.39
C13 CLA SJ . 35.24 16.50 8.25
C14 CLA SJ . 35.10 14.99 8.38
C15 CLA SJ . 35.84 16.76 6.88
C16 CLA SJ . 35.76 18.18 6.34
C17 CLA SJ . 36.20 18.31 4.87
C18 CLA SJ . 37.69 18.10 4.64
C19 CLA SJ . 38.19 18.89 3.43
C20 CLA SJ . 38.07 16.64 4.43
MG CLA TJ . 32.55 8.59 -5.13
CHA CLA TJ . 32.28 9.82 -8.37
CHB CLA TJ . 32.13 11.85 -4.01
CHC CLA TJ . 32.08 7.35 -1.95
CHD CLA TJ . 32.15 5.17 -6.44
NA CLA TJ . 32.23 10.58 -6.07
C1A CLA TJ . 32.27 10.88 -7.30
C2A CLA TJ . 32.25 12.35 -7.60
C3A CLA TJ . 32.26 12.95 -6.19
C4A CLA TJ . 32.22 11.71 -5.35
CMA CLA TJ . 33.64 13.55 -5.92
CAA CLA TJ . 30.91 12.80 -8.21
CBA CLA TJ . 29.72 12.02 -7.63
CGA CLA TJ . 28.38 12.39 -8.23
O1A CLA TJ . 28.15 13.43 -8.82
O2A CLA TJ . 27.29 11.46 -8.05
NB CLA TJ . 32.12 9.47 -3.24
C1B CLA TJ . 32.10 10.78 -2.97
C2B CLA TJ . 32.11 11.07 -1.50
C3B CLA TJ . 32.10 9.70 -0.91
C4B CLA TJ . 32.14 8.81 -2.09
CMB CLA TJ . 32.09 12.41 -0.82
CAB CLA TJ . 32.09 9.23 0.50
CBB CLA TJ . 32.45 10.04 1.50
NC CLA TJ . 32.20 6.61 -4.35
C1C CLA TJ . 32.01 6.36 -3.05
C2C CLA TJ . 31.73 4.94 -2.75
C3C CLA TJ . 31.76 4.32 -4.08
C4C CLA TJ . 32.10 5.44 -4.98
CMC CLA TJ . 31.45 4.27 -1.43
CAC CLA TJ . 31.50 2.88 -4.44
CBC CLA TJ . 29.97 2.83 -4.41
ND CLA TJ . 32.23 7.68 -6.85
C1D CLA TJ . 32.21 6.32 -7.36
C2D CLA TJ . 32.26 6.18 -8.83
C3D CLA TJ . 32.29 7.63 -9.21
C4D CLA TJ . 32.27 8.38 -8.05
CMD CLA TJ . 32.26 5.03 -9.79
CAD CLA TJ . 32.31 8.57 -10.34
OBD CLA TJ . 32.33 8.21 -11.57
CBD CLA TJ . 32.32 9.97 -9.85
CGD CLA TJ . 33.53 10.65 -10.39
O1D CLA TJ . 34.67 10.31 -10.10
O2D CLA TJ . 33.35 11.81 -11.23
CED CLA TJ . 34.52 12.38 -11.81
C1 CLA TJ . 25.95 11.80 -8.39
C2 CLA TJ . 25.03 10.67 -7.98
C3 CLA TJ . 23.74 10.66 -8.35
C4 CLA TJ . 23.17 11.77 -9.18
C5 CLA TJ . 22.81 9.55 -7.95
C6 CLA TJ . 23.51 8.39 -7.25
C7 CLA TJ . 22.41 7.44 -6.77
C8 CLA TJ . 22.93 6.23 -6.01
C9 CLA TJ . 23.65 5.27 -6.96
C10 CLA TJ . 21.77 5.52 -5.33
C11 CLA TJ . 21.14 6.32 -4.19
C12 CLA TJ . 22.10 6.66 -3.05
C13 CLA TJ . 21.36 7.11 -1.78
C14 CLA TJ . 20.37 8.19 -2.17
C15 CLA TJ . 22.31 7.70 -0.75
C16 CLA TJ . 22.42 7.03 0.61
C17 CLA TJ . 23.88 6.64 0.80
C18 CLA TJ . 24.27 6.01 2.14
C19 CLA TJ . 25.77 5.70 2.12
C20 CLA TJ . 23.47 4.76 2.43
MG CLA UJ . 32.23 15.33 0.64
CHA CLA UJ . 33.69 13.79 3.37
CHB CLA UJ . 29.17 14.38 1.85
CHC CLA UJ . 30.91 16.12 -2.44
CHD CLA UJ . 35.55 15.92 -0.77
NA CLA UJ . 31.52 14.19 2.32
C1A CLA UJ . 32.19 13.76 3.32
C2A CLA UJ . 31.39 13.23 4.46
C3A CLA UJ . 29.97 13.38 3.93
C4A CLA UJ . 30.23 14.03 2.61
CMA CLA UJ . 29.44 11.99 3.60
CAA CLA UJ . 31.56 14.21 5.62
CBA CLA UJ . 31.17 15.64 5.24
CGA CLA UJ . 31.36 16.52 6.46
O1A CLA UJ . 32.35 17.21 6.59
O2A CLA UJ . 30.34 16.58 7.50
NB CLA UJ . 30.32 15.23 -0.17
C1B CLA UJ . 29.19 14.99 0.50
C2B CLA UJ . 27.96 15.31 -0.28
C3B CLA UJ . 28.52 15.83 -1.56
C4B CLA UJ . 29.98 15.67 -1.38
CMB CLA UJ . 26.52 15.20 0.16
CAB CLA UJ . 27.87 16.36 -2.80
CBB CLA UJ . 26.57 16.64 -2.86
NC CLA UJ . 33.10 15.91 -1.29
C1C CLA UJ . 32.39 16.17 -2.38
C2C CLA UJ . 33.22 16.57 -3.55
C3C CLA UJ . 34.61 16.50 -3.03
C4C CLA UJ . 34.38 16.10 -1.62
CMC CLA UJ . 32.83 16.95 -4.96
CAC CLA UJ . 35.93 16.80 -3.69
CBC CLA UJ . 36.48 15.49 -4.22
ND CLA UJ . 34.07 14.96 1.05
C1D CLA UJ . 35.38 15.27 0.53
C2D CLA UJ . 36.53 14.92 1.37
C3D CLA UJ . 35.83 14.30 2.53
C4D CLA UJ . 34.46 14.36 2.25
CMD CLA UJ . 38.01 15.07 1.21
CAD CLA UJ . 36.00 13.65 3.85
OBD CLA UJ . 37.15 13.44 4.40
CBD CLA UJ . 34.65 13.31 4.42
CGD CLA UJ . 34.56 11.85 4.69
O1D CLA UJ . 34.33 11.43 5.82
O2D CLA UJ . 34.83 10.89 3.64
CED CLA UJ . 34.77 9.49 3.91
C1 CLA UJ . 30.75 17.17 8.73
C2 CLA UJ . 31.51 16.05 9.40
C3 CLA UJ . 30.94 15.37 10.41
C4 CLA UJ . 29.59 15.72 10.94
C5 CLA UJ . 31.72 14.22 11.01
C6 CLA UJ . 30.95 12.92 10.79
C7 CLA UJ . 30.78 12.63 9.30
C8 CLA UJ . 30.01 11.34 9.08
C9 CLA UJ . 30.05 10.95 7.61
C10 CLA UJ . 28.56 11.49 9.53
C11 CLA UJ . 27.86 10.13 9.65
C12 CLA UJ . 28.14 9.52 11.03
C13 CLA UJ . 28.06 7.98 11.07
C14 CLA UJ . 26.62 7.50 10.99
C15 CLA UJ . 28.73 7.44 12.34
C16 CLA UJ . 30.23 7.76 12.43
C17 CLA UJ . 31.05 7.14 11.29
C18 CLA UJ . 32.55 7.30 11.54
C19 CLA UJ . 32.90 8.76 11.77
C20 CLA UJ . 33.41 6.76 10.40
MG CLA VJ . 25.36 9.81 3.47
CHA CLA VJ . 24.59 10.80 0.23
CHB CLA VJ . 28.49 9.05 2.36
CHC CLA VJ . 25.88 8.19 6.48
CHD CLA VJ . 21.76 9.95 4.32
NA CLA VJ . 26.41 9.88 1.54
C1A CLA VJ . 26.03 10.38 0.44
C2A CLA VJ . 27.06 10.49 -0.66
C3A CLA VJ . 28.27 9.89 0.05
C4A CLA VJ . 27.69 9.58 1.41
CMA CLA VJ . 28.57 8.54 -0.57
CAA CLA VJ . 27.37 11.95 -1.01
CBA CLA VJ . 28.62 12.08 -1.89
CGA CLA VJ . 28.29 11.62 -3.29
O1A CLA VJ . 27.99 12.40 -4.18
O2A CLA VJ . 28.32 10.22 -3.63
NB CLA VJ . 26.94 8.75 4.27
C1B CLA VJ . 28.17 8.65 3.76
C2B CLA VJ . 29.18 8.13 4.72
C3B CLA VJ . 28.36 7.87 5.93
C4B CLA VJ . 27.00 8.29 5.53
CMB CLA VJ . 30.66 7.90 4.54
CAB CLA VJ . 28.72 7.34 7.29
CBB CLA VJ . 29.96 7.23 7.72
NC CLA VJ . 24.01 9.14 5.12
C1C CLA VJ . 24.47 8.58 6.24
C2C CLA VJ . 23.42 8.34 7.27
C3C CLA VJ . 22.19 8.86 6.60
C4C CLA VJ . 22.70 9.33 5.29
CMC CLA VJ . 23.60 7.71 8.62
CAC CLA VJ . 20.77 8.92 7.11
CBC CLA VJ . 20.04 7.74 6.51
ND CLA VJ . 23.62 10.17 2.62
C1D CLA VJ . 22.24 10.33 2.98
C2D CLA VJ . 21.36 10.91 1.94
C3D CLA VJ . 22.35 11.09 0.85
C4D CLA VJ . 23.59 10.66 1.31
CMD CLA VJ . 19.90 11.29 1.83
CAD CLA VJ . 22.50 11.56 -0.55
OBD CLA VJ . 21.55 12.02 -1.27
CBD CLA VJ . 23.92 11.42 -0.94
CGD CLA VJ . 24.08 10.77 -2.30
O1D CLA VJ . 24.30 9.59 -2.48
O2D CLA VJ . 23.95 11.64 -3.45
CED CLA VJ . 23.87 11.04 -4.75
C1 CLA VJ . 27.86 9.79 -4.91
C2 CLA VJ . 27.00 8.57 -4.73
C3 CLA VJ . 27.56 7.35 -4.54
C4 CLA VJ . 29.05 7.20 -4.49
C5 CLA VJ . 26.70 6.14 -4.38
C6 CLA VJ . 26.89 5.46 -3.04
C7 CLA VJ . 26.07 4.17 -3.03
C8 CLA VJ . 25.88 3.67 -1.61
C9 CLA VJ . 27.24 3.38 -0.98
C10 CLA VJ . 25.04 2.41 -1.65
C11 CLA VJ . 23.73 2.65 -2.40
C12 CLA VJ . 23.49 1.47 -3.34
C13 CLA VJ . 22.03 1.28 -3.75
C14 CLA VJ . 21.75 1.86 -5.13
C15 CLA VJ . 21.09 1.88 -2.71
C16 CLA VJ . 19.65 1.68 -3.13
C17 CLA VJ . 18.72 2.43 -2.18
C18 CLA VJ . 17.32 2.51 -2.75
C19 CLA VJ . 16.51 3.55 -2.00
C20 CLA VJ . 16.65 1.14 -2.74
MG CLA WJ . 22.91 16.52 -6.05
CHA CLA WJ . 23.15 19.06 -8.40
CHB CLA WJ . 23.92 18.82 -3.71
CHC CLA WJ . 21.86 14.35 -3.57
CHD CLA WJ . 21.20 14.41 -8.49
NA CLA WJ . 23.42 18.64 -6.06
C1A CLA WJ . 23.61 19.40 -7.04
C2A CLA WJ . 24.18 20.76 -6.74
C3A CLA WJ . 24.47 20.63 -5.25
C4A CLA WJ . 23.90 19.27 -4.98
CMA CLA WJ . 26.00 20.49 -5.11
CAA CLA WJ . 23.01 21.78 -6.87
CBA CLA WJ . 21.68 21.40 -6.20
CGA CLA WJ . 20.74 20.56 -7.06
O1A CLA WJ . 20.42 20.87 -8.20
O2A CLA WJ . 20.19 19.31 -6.54
NB CLA WJ . 22.89 16.60 -3.94
C1B CLA WJ . 23.42 17.55 -3.17
C2B CLA WJ . 23.32 17.27 -1.70
C3B CLA WJ . 22.70 15.93 -1.70
C4B CLA WJ . 22.48 15.61 -3.13
CMB CLA WJ . 23.77 18.10 -0.54
CAB CLA WJ . 22.35 15.04 -0.55
CBB CLA WJ . 23.16 14.90 0.47
NC CLA WJ . 21.72 14.69 -6.06
C1C CLA WJ . 21.44 14.00 -4.94
C2C CLA WJ . 20.60 12.79 -5.19
C3C CLA WJ . 20.39 12.81 -6.65
C4C CLA WJ . 21.15 14.03 -7.08
CMC CLA WJ . 20.07 11.79 -4.19
CAC CLA WJ . 19.59 11.85 -7.50
CBC CLA WJ . 18.18 12.44 -7.53
ND CLA WJ . 22.30 16.61 -7.87
C1D CLA WJ . 21.65 15.76 -8.85
C2D CLA WJ . 21.53 16.33 -10.21
C3D CLA WJ . 22.14 17.65 -9.98
C4D CLA WJ . 22.53 17.74 -8.66
CMD CLA WJ . 20.98 15.91 -11.54
CAD CLA WJ . 22.44 18.94 -10.63
OBD CLA WJ . 22.19 19.17 -11.88
CBD CLA WJ . 23.09 19.85 -9.67
CGD CLA WJ . 24.44 20.32 -10.20
O1D CLA WJ . 25.02 21.30 -9.76
O2D CLA WJ . 25.08 19.65 -11.32
CED CLA WJ . 26.24 20.25 -11.92
C1 CLA WJ . 19.21 18.57 -7.28
C2 CLA WJ . 17.96 18.33 -6.44
C3 CLA WJ . 17.81 17.15 -5.82
C4 CLA WJ . 18.89 16.13 -5.97
C5 CLA WJ . 16.61 16.79 -4.99
C6 CLA WJ . 16.65 15.33 -4.54
C7 CLA WJ . 15.26 14.82 -4.16
C8 CLA WJ . 15.29 13.50 -3.38
C9 CLA WJ . 15.94 12.39 -4.20
C10 CLA WJ . 13.87 13.12 -2.98
C11 CLA WJ . 13.40 13.85 -1.72
C12 CLA WJ . 11.87 14.00 -1.69
C13 CLA WJ . 11.31 13.97 -0.27
C14 CLA WJ . 12.04 14.94 0.66
C15 CLA WJ . 11.36 12.55 0.29
C16 CLA WJ . 10.56 11.52 -0.50
C17 CLA WJ . 10.17 10.36 0.42
C18 CLA WJ . 9.10 9.43 -0.17
C19 CLA WJ . 7.89 10.19 -0.70
C20 CLA WJ . 8.67 8.42 0.89
MG CLA XJ . 37.11 23.19 9.54
CHA CLA XJ . 34.39 21.39 8.31
CHB CLA XJ . 35.62 22.94 12.66
CHC CLA XJ . 39.33 25.57 10.67
CHD CLA XJ . 38.11 24.01 6.09
NA CLA XJ . 35.22 22.32 10.38
C1A CLA XJ . 34.41 21.52 9.82
C2A CLA XJ . 33.37 20.88 10.72
C3A CLA XJ . 33.80 21.42 12.09
C4A CLA XJ . 34.96 22.27 11.69
CMA CLA XJ . 32.74 22.34 12.63
CAA CLA XJ . 33.30 19.36 10.68
CBA CLA XJ . 32.48 18.82 11.85
CGA CLA XJ . 31.00 19.13 11.78
O1A CLA XJ . 30.48 19.70 10.84
O2A CLA XJ . 30.16 18.72 12.89
NB CLA XJ . 37.45 24.10 11.40
C1B CLA XJ . 36.74 23.90 12.52
C2B CLA XJ . 37.12 24.82 13.64
C3B CLA XJ . 38.22 25.61 13.04
C4B CLA XJ . 38.35 25.07 11.65
CMB CLA XJ . 36.56 24.93 15.04
CAB CLA XJ . 39.02 26.68 13.68
CBB CLA XJ . 40.32 26.60 13.85
NC CLA XJ . 38.50 24.54 8.52
C1C CLA XJ . 39.25 25.43 9.19
C2C CLA XJ . 40.06 26.30 8.30
C3C CLA XJ . 39.70 25.83 6.94
C4C CLA XJ . 38.73 24.74 7.21
CMC CLA XJ . 41.01 27.39 8.67
CAC CLA XJ . 40.20 26.35 5.61
CBC CLA XJ . 39.22 27.43 5.19
ND CLA XJ . 36.50 22.87 7.70
C1D CLA XJ . 36.94 23.18 6.36
C2D CLA XJ . 36.12 22.57 5.27
C3D CLA XJ . 35.09 21.86 6.10
C4D CLA XJ . 35.39 22.07 7.44
CMD CLA XJ . 36.21 22.60 3.77
CAD CLA XJ . 33.86 20.99 6.05
OBD CLA XJ . 33.32 20.59 4.97
CBD CLA XJ . 33.41 20.70 7.44
CGD CLA XJ . 32.00 21.17 7.64
O1D CLA XJ . 31.75 22.30 7.99
O2D CLA XJ . 30.91 20.24 7.40
CED CLA XJ . 29.54 20.60 7.59
C1 CLA XJ . 28.74 18.94 12.89
C2 CLA XJ . 28.48 20.37 13.26
C3 CLA XJ . 28.23 20.72 14.53
C4 CLA XJ . 28.22 19.71 15.63
C5 CLA XJ . 27.99 22.18 14.85
C6 CLA XJ . 29.10 22.61 15.79
C7 CLA XJ . 28.88 24.04 16.25
C8 CLA XJ . 29.21 24.95 15.08
C9 CLA XJ . 30.68 24.82 14.71
C10 CLA XJ . 28.88 26.40 15.45
C11 CLA XJ . 29.13 27.27 14.23
C12 CLA XJ . 29.11 28.74 14.61
C13 CLA XJ . 30.32 29.45 14.01
C14 CLA XJ . 30.27 30.92 14.39
C15 CLA XJ . 30.34 29.26 12.49
C16 CLA XJ . 31.73 29.19 11.92
C17 CLA XJ . 32.40 27.84 12.21
C18 CLA XJ . 33.84 27.83 11.73
C19 CLA XJ . 34.42 26.43 11.81
C20 CLA XJ . 34.71 28.78 12.54
MG CLA YJ . 30.28 29.03 8.66
CHA CLA YJ . 29.52 32.37 8.95
CHB CLA YJ . 27.37 28.43 10.44
CHC CLA YJ . 31.29 25.80 8.96
CHD CLA YJ . 33.64 29.86 7.47
NA CLA YJ . 28.64 30.26 9.63
C1A CLA YJ . 28.44 31.50 9.50
C2A CLA YJ . 27.12 32.02 9.98
C3A CLA YJ . 26.47 30.74 10.48
C4A CLA YJ . 27.55 29.74 10.16
CMA CLA YJ . 26.39 30.85 12.00
CAA CLA YJ . 26.35 32.55 8.76
CBA CLA YJ . 24.92 32.99 9.04
CGA CLA YJ . 24.88 34.28 9.84
O1A CLA YJ . 25.85 35.02 9.88
O2A CLA YJ . 23.70 34.68 10.57
NB CLA YJ . 29.45 27.38 9.56
C1B CLA YJ . 28.29 27.28 10.23
C2B CLA YJ . 28.00 25.90 10.73
C3B CLA YJ . 29.20 25.14 10.27
C4B CLA YJ . 30.01 26.17 9.58
CMB CLA YJ . 26.80 25.41 11.51
CAB CLA YJ . 29.61 23.72 10.38
CBB CLA YJ . 29.32 23.01 11.46
NC CLA YJ . 32.15 28.05 8.30
C1C CLA YJ . 32.30 26.73 8.45
C2C CLA YJ . 33.64 26.24 8.05
C3C CLA YJ . 34.34 27.45 7.59
C4C CLA YJ . 33.31 28.48 7.81
CMC CLA YJ . 34.13 24.84 8.10
CAC CLA YJ . 35.75 27.61 7.08
CBC CLA YJ . 36.59 27.70 8.33
ND CLA YJ . 31.34 30.54 8.34
C1D CLA YJ . 32.64 30.88 7.80
C2D CLA YJ . 32.92 32.31 7.59
C3D CLA YJ . 31.64 32.86 8.07
C4D CLA YJ . 30.82 31.83 8.47
CMD CLA YJ . 34.07 33.11 7.05
CAD CLA YJ . 30.91 34.13 8.26
OBD CLA YJ . 31.42 35.26 7.98
CBD CLA YJ . 29.57 33.85 8.83
CGD CLA YJ . 29.49 34.49 10.19
O1D CLA YJ . 28.90 35.53 10.34
O2D CLA YJ . 30.13 33.88 11.35
CED CLA YJ . 30.24 34.62 12.56
C1 CLA YJ . 23.85 35.46 11.75
C2 CLA YJ . 24.44 34.58 12.83
C3 CLA YJ . 25.61 34.88 13.41
C4 CLA YJ . 26.38 36.10 12.99
C5 CLA YJ . 26.17 33.99 14.48
C6 CLA YJ . 25.12 33.35 15.37
C7 CLA YJ . 25.29 31.83 15.43
C8 CLA YJ . 25.80 31.32 16.78
C9 CLA YJ . 26.86 32.26 17.38
C10 CLA YJ . 26.36 29.92 16.62
C11 CLA YJ . 25.77 28.93 17.61
C12 CLA YJ . 26.06 29.32 19.06
C13 CLA YJ . 26.01 28.12 20.00
C14 CLA YJ . 26.15 28.56 21.45
C15 CLA YJ . 27.08 27.10 19.62
C16 CLA YJ . 28.48 27.53 20.05
C17 CLA YJ . 29.33 27.97 18.88
C18 CLA YJ . 30.33 29.06 19.28
C19 CLA YJ . 31.17 29.48 18.08
C20 CLA YJ . 31.20 28.62 20.44
C1 BCR ZJ . 10.07 1.55 3.76
C2 BCR ZJ . 9.34 0.26 3.37
C3 BCR ZJ . 9.16 0.20 1.87
C4 BCR ZJ . 8.19 1.30 1.46
C5 BCR ZJ . 8.66 2.63 1.99
C6 BCR ZJ . 9.52 2.76 3.03
C7 BCR ZJ . 9.92 4.12 3.46
C8 BCR ZJ . 10.94 4.79 2.91
C9 BCR ZJ . 11.31 6.15 3.36
C10 BCR ZJ . 12.23 6.86 2.66
C11 BCR ZJ . 12.68 8.23 2.94
C33 BCR ZJ . 8.13 3.84 1.29
C31 BCR ZJ . 11.54 1.39 3.41
C32 BCR ZJ . 9.90 1.77 5.26
C34 BCR ZJ . 10.64 6.72 4.58
C12 BCR ZJ . 13.65 8.79 2.20
C13 BCR ZJ . 14.13 10.19 2.39
C14 BCR ZJ . 15.11 10.69 1.61
C15 BCR ZJ . 15.61 12.08 1.69
C16 BCR ZJ . 16.46 12.53 0.75
C17 BCR ZJ . 16.94 13.92 0.74
C18 BCR ZJ . 17.79 14.43 -0.19
C19 BCR ZJ . 18.16 15.88 -0.07
C20 BCR ZJ . 18.69 16.64 -1.05
C21 BCR ZJ . 18.99 18.02 -0.70
C22 BCR ZJ . 19.57 18.95 -1.49
C23 BCR ZJ . 19.81 20.30 -0.91
C24 BCR ZJ . 20.25 21.29 -1.68
C25 BCR ZJ . 20.54 22.66 -1.22
C26 BCR ZJ . 19.60 23.48 -0.70
C27 BCR ZJ . 19.91 24.90 -0.24
C28 BCR ZJ . 21.21 25.40 -0.85
C29 BCR ZJ . 22.26 24.35 -0.58
C30 BCR ZJ . 21.97 23.11 -1.41
C35 BCR ZJ . 13.48 11.05 3.43
C36 BCR ZJ . 18.39 13.57 -1.26
C37 BCR ZJ . 19.99 18.65 -2.91
C38 BCR ZJ . 18.18 23.05 -0.53
C39 BCR ZJ . 22.94 22.01 -0.98
C40 BCR ZJ . 22.18 23.41 -2.88
C1 BCR AK . 18.43 1.97 2.47
C2 BCR AK . 17.93 0.56 2.16
C3 BCR AK . 16.46 0.41 2.51
C4 BCR AK . 15.65 1.32 1.60
C5 BCR AK . 16.13 2.74 1.71
C6 BCR AK . 17.41 3.06 2.09
C7 BCR AK . 17.90 4.46 2.20
C8 BCR AK . 17.25 5.34 2.98
C9 BCR AK . 17.66 6.75 3.21
C10 BCR AK . 16.81 7.53 3.93
C11 BCR AK . 17.04 8.93 4.33
C33 BCR AK . 15.11 3.77 1.31
C31 BCR AK . 19.71 2.16 1.65
C32 BCR AK . 18.78 2.06 3.95
C34 BCR AK . 19.00 7.21 2.71
C12 BCR AK . 16.21 9.51 5.21
C13 BCR AK . 16.43 10.91 5.68
C14 BCR AK . 15.53 11.53 6.48
C15 BCR AK . 15.67 12.91 7.00
C16 BCR AK . 14.68 13.51 7.73
C17 BCR AK . 14.87 14.88 8.23
C18 BCR AK . 14.01 15.60 8.98
C19 BCR AK . 14.36 16.99 9.39
C20 BCR AK . 13.47 17.86 9.89
C21 BCR AK . 13.89 19.22 10.27
C22 BCR AK . 13.07 20.14 10.86
C23 BCR AK . 13.64 21.49 11.19
C24 BCR AK . 12.92 22.61 11.40
C25 BCR AK . 13.55 23.94 11.74
C26 BCR AK . 14.14 24.69 10.77
C27 BCR AK . 14.81 26.02 11.07
C28 BCR AK . 15.26 26.08 12.51
C29 BCR AK . 14.05 25.81 13.37
C30 BCR AK . 13.52 24.40 13.17
C35 BCR AK . 17.71 11.59 5.22
C36 BCR AK . 12.67 15.04 9.38
C37 BCR AK . 11.63 19.80 11.13
C38 BCR AK . 14.18 24.24 9.34
C39 BCR AK . 12.06 24.38 13.67
C40 BCR AK . 14.36 23.42 13.97
C1 BCR BK . 24.81 21.03 23.60
C2 BCR BK . 24.73 21.08 25.12
C3 BCR BK . 26.01 21.57 25.77
C4 BCR BK . 26.31 22.95 25.25
C5 BCR BK . 26.51 22.88 23.75
C6 BCR BK . 25.81 22.00 23.00
C7 BCR BK . 25.98 21.91 21.52
C8 BCR BK . 25.53 22.90 20.74
C9 BCR BK . 25.59 22.91 19.26
C10 BCR BK . 25.19 24.01 18.61
C11 BCR BK . 25.13 24.12 17.16
C33 BCR BK . 27.52 23.82 23.14
C31 BCR BK . 23.41 21.30 23.05
C32 BCR BK . 25.26 19.63 23.20
C34 BCR BK . 26.03 21.71 18.51
C12 BCR BK . 24.70 25.28 16.68
C13 BCR BK . 24.48 25.56 15.25
C14 BCR BK . 24.22 26.82 14.87
C15 BCR BK . 23.89 27.19 13.48
C16 BCR BK . 23.43 28.42 13.19
C17 BCR BK . 23.03 28.75 11.82
C18 BCR BK . 22.64 29.97 11.43
C19 BCR BK . 22.20 30.17 10.02
C20 BCR BK . 21.87 31.35 9.48
C21 BCR BK . 21.43 31.31 8.09
C22 BCR BK . 21.10 32.38 7.35
C23 BCR BK . 20.67 32.19 5.96
C24 BCR BK . 19.85 33.08 5.37
C25 BCR BK . 19.38 32.91 3.98
C26 BCR BK . 18.36 32.06 3.72
C27 BCR BK . 17.81 31.82 2.33
C28 BCR BK . 18.71 32.39 1.25
C29 BCR BK . 19.16 33.78 1.67
C30 BCR BK . 20.05 33.71 2.90
C35 BCR BK . 24.48 24.40 14.27
C36 BCR BK . 22.60 31.12 12.40
C37 BCR BK . 21.17 33.76 7.94
C38 BCR BK . 17.72 31.30 4.86
C39 BCR BK . 20.25 35.14 3.42
C40 BCR BK . 21.41 33.11 2.53
C1 HTG CK . 3.03 -23.31 22.08
S1 HTG CK . 3.85 -24.55 23.09
C2 HTG CK . 2.81 -21.96 22.81
O2 HTG CK . 1.81 -22.12 23.81
C3 HTG CK . 2.36 -20.81 21.92
O3 HTG CK . 2.63 -19.60 22.64
C4 HTG CK . 3.18 -20.75 20.64
O4 HTG CK . 2.63 -19.83 19.69
C5 HTG CK . 3.28 -22.12 19.98
O5 HTG CK . 3.78 -23.11 20.89
C6 HTG CK . 4.32 -21.96 18.91
O6 HTG CK . 5.37 -21.22 19.56
C1' HTG CK . 3.92 -26.03 22.14
C2' HTG CK . 3.06 -27.14 22.70
C3' HTG CK . 1.59 -26.73 22.74
C4' HTG CK . 0.73 -27.96 22.98
C5' HTG CK . -0.69 -27.68 22.51
C6' HTG CK . -1.66 -28.68 23.13
C7' HTG CK . -2.67 -27.97 24.02
C1 HTG DK . 48.78 5.74 36.14
S1 HTG DK . 47.48 6.43 35.17
C2 HTG DK . 48.32 4.35 36.59
O2 HTG DK . 47.32 4.50 37.60
C3 HTG DK . 49.44 3.49 37.14
O3 HTG DK . 49.02 2.13 37.08
C4 HTG DK . 50.74 3.62 36.34
O4 HTG DK . 51.81 3.05 37.11
C5 HTG DK . 51.08 5.08 36.03
O5 HTG DK . 49.98 5.72 35.37
C6 HTG DK . 52.30 5.15 35.13
O6 HTG DK . 53.49 5.24 35.94
C1' HTG DK . 48.15 7.41 33.87
C2' HTG DK . 47.24 7.29 32.65
C3' HTG DK . 47.67 8.26 31.57
C4' HTG DK . 47.47 7.66 30.19
C5' HTG DK . 47.97 8.61 29.10
C6' HTG DK . 48.35 7.81 27.86
C7' HTG DK . 48.99 8.70 26.82
C10 UNL EK . 35.03 19.71 27.20
C11 UNL EK . 35.60 20.11 28.56
C12 UNL EK . 34.49 20.28 29.60
C13 UNL EK . 35.03 20.55 31.00
C14 UNL EK . 34.33 19.66 32.01
C15 UNL EK . 34.37 20.27 33.41
C16 UNL EK . 33.61 19.41 34.41
C17 UNL EK . 33.95 19.82 35.84
C18 UNL EK . 33.64 18.70 36.84
C19 UNL EK . 32.45 19.07 37.72
C20 UNL EK . 32.18 18.02 38.79
C21 UNL EK . 31.19 18.52 39.83
C22 UNL EK . 29.95 19.11 39.18
C8 UNL EK . 37.28 18.86 26.50
C9 UNL EK . 36.08 19.71 26.10
C10 UNL FK . 61.17 18.58 13.54
C11 UNL FK . 59.90 18.48 14.36
C12 UNL FK . 59.81 17.11 15.03
C13 UNL FK . 58.51 16.98 15.83
C14 UNL FK . 58.37 15.58 16.42
C15 UNL FK . 57.35 15.61 17.56
C16 UNL FK . 56.21 14.63 17.29
C17 UNL FK . 55.14 14.82 18.37
C8 UNL FK . 62.40 19.82 11.75
C9 UNL FK . 61.08 19.70 12.50
C27 UNL GK . 58.24 24.43 16.72
C28 UNL GK . 58.65 23.43 15.64
C29 UNL GK . 58.54 21.99 16.14
C30 UNL GK . 57.17 21.71 16.74
C31 UNL GK . 56.97 20.24 17.08
C32 UNL GK . 55.69 20.06 17.89
C33 UNL GK . 55.41 18.62 18.27
C34 UNL GK . 54.11 18.52 19.06
C4 UNL HK . 24.22 17.84 33.87
C5 UNL HK . 22.96 18.70 33.80
C6 UNL HK . 22.97 19.52 32.51
O6 UNL HK . 24.36 17.24 35.17
O7 UNL HK . 21.78 17.89 33.83
O8 UNL HK . 24.07 19.08 31.68
C23 UNL HK . 23.93 19.06 30.23
C24 UNL HK . 25.17 18.97 29.37
C25 UNL HK . 24.99 18.18 28.08
C26 UNL HK . 26.39 17.89 27.55
C27 UNL HK . 26.45 17.21 26.18
C28 UNL HK . 27.94 17.14 25.80
C29 UNL HK . 28.16 16.85 24.31
C30 UNL HK . 29.57 17.28 23.92
C31 UNL HK . 29.74 17.37 22.41
C32 UNL HK . 30.14 18.79 22.00
C33 UNL HK . 30.44 18.88 20.50
C34 UNL HK . 29.98 20.21 19.89
C35 UNL HK . 30.54 21.42 20.64
C36 UNL HK . 29.99 22.72 20.06
O10 UNL HK . 22.80 19.11 29.74
C1 GOL IK . -1.56 -13.17 24.72
O1 GOL IK . -2.19 -14.39 24.46
C2 GOL IK . -2.61 -12.01 24.67
O2 GOL IK . -2.09 -10.83 25.23
C3 GOL IK . -2.97 -11.78 23.16
O3 GOL IK . -3.21 -13.01 22.55
C24 UNL JK . 20.91 31.35 16.65
C25 UNL JK . 22.06 30.34 16.67
C26 UNL JK . 21.67 29.05 17.39
C27 UNL JK . 21.69 29.23 18.90
C28 UNL JK . 21.38 27.93 19.63
C29 UNL JK . 22.45 27.65 20.69
C30 UNL JK . 22.18 26.35 21.45
C31 UNL JK . 23.43 25.92 22.22
C32 UNL JK . 23.33 26.28 23.70
C33 UNL JK . 22.33 25.37 24.41
S DMS KK . 23.92 -25.10 19.10
O DMS KK . 24.39 -25.46 17.43
C1 DMS KK . 22.51 -26.16 19.52
C2 DMS KK . 25.12 -25.84 20.25
S DMS LK . 6.95 -51.47 13.46
O DMS LK . 8.67 -51.99 13.39
C1 DMS LK . 6.94 -49.79 12.81
C2 DMS LK . 6.03 -52.25 12.11
S DMS MK . 2.88 2.89 22.65
O DMS MK . 3.81 4.44 22.57
C1 DMS MK . 3.46 1.77 21.35
C2 DMS MK . 3.33 1.95 24.13
S DMS NK . 13.16 -15.78 40.01
O DMS NK . 13.55 -14.39 38.93
C1 DMS NK . 13.82 -15.47 41.67
C2 DMS NK . 11.39 -15.77 40.39
S DMS OK . -1.40 -32.10 33.51
O DMS OK . -0.69 -33.05 34.87
C1 DMS OK . -2.09 -33.21 32.25
C2 DMS OK . -2.92 -31.25 34.08
S DMS PK . 36.29 19.92 -12.66
O DMS PK . 34.50 19.75 -12.75
C1 DMS PK . 36.82 21.32 -13.68
C2 DMS PK . 36.76 20.53 -11.02
S DMS QK . 40.89 23.97 -3.32
O DMS QK . 42.58 23.81 -2.74
C1 DMS QK . 40.83 23.62 -5.09
C2 DMS QK . 39.88 22.58 -2.72
S DMS RK . -2.24 -35.48 28.84
O DMS RK . -0.63 -35.52 28.05
C1 DMS RK . -3.42 -34.70 27.70
C2 DMS RK . -2.92 -37.15 28.98
S DMS SK . 28.70 35.08 -3.59
O DMS SK . 29.69 35.44 -2.13
C1 DMS SK . 27.14 36.01 -3.48
C2 DMS SK . 29.42 35.93 -5.02
S DMS TK . 53.76 -1.12 37.59
O DMS TK . 53.82 -0.14 36.09
C1 DMS TK . 53.13 -2.78 37.22
C2 DMS TK . 55.45 -1.53 38.10
S DMS UK . 49.55 30.64 12.13
O DMS UK . 49.18 28.95 11.62
C1 DMS UK . 50.64 30.61 13.58
C2 DMS UK . 50.66 31.44 10.92
C1 GOL VK . 27.24 -8.77 29.19
O1 GOL VK . 26.19 -9.59 28.77
C2 GOL VK . 26.94 -7.37 28.66
O2 GOL VK . 26.05 -7.42 27.58
C3 GOL VK . 28.36 -6.82 28.29
O3 GOL VK . 28.22 -5.53 27.80
C1 LMG WK . 1.18 -35.79 -35.82
O1 LMG WK . 2.14 -35.14 -36.66
C2 LMG WK . -0.19 -35.21 -36.05
O2 LMG WK . -0.18 -33.82 -35.69
C3 LMG WK . -1.24 -35.93 -35.21
O3 LMG WK . -2.55 -35.46 -35.57
C4 LMG WK . -1.14 -37.46 -35.32
O4 LMG WK . -1.79 -37.90 -36.52
C5 LMG WK . 0.32 -37.93 -35.29
O5 LMG WK . 1.92 -39.68 -35.46
C6 LMG WK . 0.51 -39.40 -35.62
O6 LMG WK . 1.16 -37.18 -36.16
C7 LMG WK . 3.47 -35.41 -36.22
C8 LMG WK . 4.45 -35.05 -37.33
C9 LMG WK . 3.92 -35.63 -38.66
O7 LMG WK . 4.59 -33.64 -37.40
C10 LMG WK . 5.95 -33.19 -37.18
O9 LMG WK . 6.83 -33.50 -37.99
C11 LMG WK . 6.32 -32.34 -35.99
C12 LMG WK . 7.19 -31.19 -36.48
C13 LMG WK . 7.63 -30.29 -35.32
C14 LMG WK . 9.08 -30.57 -34.94
C15 LMG WK . 9.57 -29.59 -33.89
C16 LMG WK . 11.06 -29.77 -33.67
C17 LMG WK . 11.71 -28.51 -33.12
C18 LMG WK . 13.20 -28.51 -33.40
C19 LMG WK . 13.45 -28.64 -34.91
C20 LMG WK . 14.94 -28.71 -35.23
C21 LMG WK . 15.19 -28.69 -36.74
C22 LMG WK . 16.68 -28.81 -37.02
C23 LMG WK . 17.47 -27.74 -36.29
C24 LMG WK . 18.90 -28.19 -35.98
C25 LMG WK . 19.58 -28.65 -37.25
O8 LMG WK . 5.00 -35.96 -39.55
C28 LMG WK . 4.78 -36.69 -40.79
O10 LMG WK . 3.68 -37.11 -41.07
C29 LMG WK . 5.98 -36.90 -41.70
C30 LMG WK . 7.21 -36.80 -40.81
C31 LMG WK . 8.51 -37.11 -41.54
C32 LMG WK . 9.62 -36.46 -40.72
C33 LMG WK . 10.98 -37.11 -40.90
C34 LMG WK . 11.88 -36.73 -39.74
C35 LMG WK . 13.34 -37.00 -40.12
C36 LMG WK . 14.30 -36.32 -39.15
C37 LMG WK . 15.72 -36.41 -39.70
C38 LMG WK . 16.74 -35.88 -38.71
C39 LMG WK . 17.11 -34.43 -39.03
C40 LMG WK . 18.28 -33.98 -38.17
C41 LMG WK . 18.67 -32.55 -38.46
C42 LMG WK . 19.66 -32.06 -37.41
C43 LMG WK . 21.01 -31.78 -38.04
C4 UNL XK . 54.20 -17.55 -36.13
C5 UNL XK . 53.53 -18.90 -35.84
C6 UNL XK . 52.11 -18.85 -36.39
O6 UNL XK . 53.49 -16.52 -35.42
O7 UNL XK . 54.27 -19.99 -36.39
O8 UNL XK . 51.30 -19.71 -35.60
O9 UNL XK . 55.89 -21.37 -35.48
C10 UNL XK . 52.73 -22.97 -32.85
C11 UNL XK . 52.23 -24.40 -32.76
C12 UNL XK . 51.30 -24.56 -31.55
C13 UNL XK . 50.75 -25.98 -31.37
C14 UNL XK . 49.95 -26.09 -30.07
C15 UNL XK . 49.59 -27.54 -29.72
C16 UNL XK . 49.19 -27.66 -28.24
C17 UNL XK . 49.85 -28.87 -27.59
C18 UNL XK . 49.51 -29.03 -26.10
C19 UNL XK . 49.72 -30.47 -25.61
C20 UNL XK . 51.10 -30.68 -24.97
C21 UNL XK . 51.25 -32.08 -24.36
C22 UNL XK . 51.69 -33.08 -25.41
C23 UNL XK . 50.90 -19.26 -34.28
C24 UNL XK . 50.00 -20.10 -33.41
C25 UNL XK . 49.73 -19.32 -32.13
C26 UNL XK . 49.73 -20.24 -30.92
C27 UNL XK . 48.67 -21.32 -31.09
C28 UNL XK . 48.60 -22.22 -29.87
C29 UNL XK . 47.27 -22.96 -29.87
C30 UNL XK . 47.19 -23.98 -28.73
C31 UNL XK . 45.82 -24.62 -28.70
C32 UNL XK . 45.58 -25.37 -27.39
C33 UNL XK . 44.11 -25.76 -27.23
C34 UNL XK . 43.86 -26.34 -25.85
C7 UNL XK . 54.78 -20.88 -35.36
C8 UNL XK . 53.93 -21.21 -34.14
C9 UNL XK . 53.58 -22.69 -34.09
O10 UNL XK . 51.30 -18.18 -33.87
CA CA YK . 56.89 -21.16 -51.24
MG CLA ZK . 22.27 -49.99 -43.95
CHA CLA ZK . 22.86 -51.94 -41.13
CHB CLA ZK . 19.89 -48.33 -42.00
CHC CLA ZK . 22.04 -47.69 -46.44
CHD CLA ZK . 25.23 -51.34 -45.49
NA CLA ZK . 21.49 -50.07 -41.82
C1A CLA ZK . 21.77 -50.94 -40.94
C2A CLA ZK . 20.98 -50.85 -39.66
C3A CLA ZK . 20.01 -49.71 -39.99
C4A CLA ZK . 20.48 -49.35 -41.36
CMA CLA ZK . 18.61 -50.31 -40.10
CAA CLA ZK . 21.94 -50.42 -38.55
CBA CLA ZK . 22.93 -49.30 -38.94
CGA CLA ZK . 22.37 -47.93 -38.59
O1A CLA ZK . 22.04 -47.62 -37.46
O2A CLA ZK . 22.26 -46.95 -39.66
NB CLA ZK . 21.14 -48.29 -44.18
C1B CLA ZK . 20.22 -47.77 -43.34
C2B CLA ZK . 19.54 -46.55 -43.87
C3B CLA ZK . 20.20 -46.37 -45.17
C4B CLA ZK . 21.14 -47.51 -45.27
CMB CLA ZK . 18.48 -45.70 -43.24
CAB CLA ZK . 19.99 -45.33 -46.21
CBB CLA ZK . 18.83 -45.18 -46.80
NC CLA ZK . 23.43 -49.61 -45.68
C1C CLA ZK . 23.19 -48.60 -46.52
C2C CLA ZK . 24.21 -48.47 -47.60
C3C CLA ZK . 25.14 -49.57 -47.30
C4C CLA ZK . 24.53 -50.20 -46.10
CMC CLA ZK . 24.28 -47.47 -48.72
CAC CLA ZK . 26.41 -49.98 -47.97
CBC CLA ZK . 27.47 -49.21 -47.21
ND CLA ZK . 23.71 -51.20 -43.51
C1D CLA ZK . 24.80 -51.82 -44.18
C2D CLA ZK . 25.45 -52.96 -43.49
C3D CLA ZK . 24.64 -52.99 -42.25
C4D CLA ZK . 23.69 -51.98 -42.35
CMD CLA ZK . 26.60 -53.88 -43.81
CAD CLA ZK . 24.45 -53.65 -40.93
OBD CLA ZK . 25.14 -54.65 -40.49
CBD CLA ZK . 23.30 -53.04 -40.21
CGD CLA ZK . 22.21 -54.09 -40.08
O1D CLA ZK . 21.14 -54.03 -40.64
O2D CLA ZK . 22.45 -55.25 -39.27
CED CLA ZK . 21.57 -56.37 -39.40
C1 CLA ZK . 21.62 -45.68 -39.51
C2 CLA ZK . 21.44 -45.16 -40.92
C3 CLA ZK . 21.76 -43.90 -41.27
C4 CLA ZK . 22.25 -42.92 -40.24
C5 CLA ZK . 21.55 -43.44 -42.69
C6 CLA ZK . 20.39 -42.46 -42.83
C7 CLA ZK . 20.22 -41.99 -44.27
C8 CLA ZK . 19.13 -40.93 -44.37
C9 CLA ZK . 17.76 -41.54 -44.07
C10 CLA ZK . 19.17 -40.25 -45.74
C11 CLA ZK . 20.41 -39.38 -45.94
C12 CLA ZK . 20.50 -38.90 -47.39
C13 CLA ZK . 21.61 -37.87 -47.63
C14 CLA ZK . 21.24 -36.54 -46.98
C15 CLA ZK . 21.81 -37.71 -49.13
C16 CLA ZK . 20.67 -37.00 -49.84
C17 CLA ZK . 21.10 -36.50 -51.22
C18 CLA ZK . 19.95 -35.80 -51.91
C19 CLA ZK . 20.22 -35.63 -53.40
C20 CLA ZK . 19.65 -34.46 -51.26
MG CLA AL . 30.75 -43.64 -36.39
CHA CLA AL . 28.47 -46.19 -36.74
CHB CLA AL . 32.98 -46.01 -35.21
CHC CLA AL . 33.22 -41.24 -36.55
CHD CLA AL . 28.57 -41.44 -38.38
NA CLA AL . 30.76 -45.83 -36.07
C1A CLA AL . 29.77 -46.62 -36.13
C2A CLA AL . 30.02 -48.03 -35.70
C3A CLA AL . 31.46 -47.95 -35.20
C4A CLA AL . 31.76 -46.50 -35.52
CMA CLA AL . 31.46 -48.15 -33.69
CAA CLA AL . 29.97 -48.99 -36.90
CBA CLA AL . 30.69 -48.39 -38.13
CGA CLA AL . 30.32 -49.12 -39.40
O1A CLA AL . 30.04 -50.31 -39.43
O2A CLA AL . 30.37 -48.45 -40.69
NB CLA AL . 32.80 -43.64 -35.95
C1B CLA AL . 33.52 -44.65 -35.43
C2B CLA AL . 34.93 -44.27 -35.12
C3B CLA AL . 34.98 -42.86 -35.53
C4B CLA AL . 33.61 -42.57 -36.04
CMB CLA AL . 36.03 -45.11 -34.53
CAB CLA AL . 36.11 -41.90 -35.46
CBB CLA AL . 36.54 -41.45 -34.30
NC CLA AL . 30.88 -41.68 -37.35
C1C CLA AL . 31.93 -40.86 -37.20
C2C CLA AL . 31.70 -39.49 -37.77
C3C CLA AL . 30.31 -39.57 -38.28
C4C CLA AL . 29.93 -40.99 -38.01
CMC CLA AL . 32.63 -38.31 -37.79
CAC CLA AL . 29.46 -38.54 -38.99
CBC CLA AL . 28.94 -37.56 -37.95
ND CLA AL . 29.07 -43.71 -37.38
C1D CLA AL . 28.17 -42.81 -38.07
C2D CLA AL . 26.84 -43.36 -38.38
C3D CLA AL . 26.97 -44.74 -37.81
C4D CLA AL . 28.24 -44.82 -37.26
CMD CLA AL . 25.62 -42.77 -39.05
CAD CLA AL . 26.29 -46.05 -37.57
OBD CLA AL . 25.08 -46.32 -37.92
CBD CLA AL . 27.21 -46.97 -36.86
CGD CLA AL . 26.66 -47.19 -35.47
O1D CLA AL . 26.67 -48.27 -34.91
O2D CLA AL . 25.90 -46.12 -34.84
CED CLA AL . 25.47 -46.22 -33.49
C1 CLA AL . 29.93 -49.18 -41.82
C2 CLA AL . 31.01 -49.55 -42.82
C3 CLA AL . 31.10 -49.04 -44.06
C4 CLA AL . 30.14 -48.01 -44.56
C5 CLA AL . 32.19 -49.52 -45.01
C6 CLA AL . 31.71 -50.62 -45.95
C7 CLA AL . 30.95 -51.74 -45.23
C8 CLA AL . 30.47 -52.89 -46.12
C9 CLA AL . 29.29 -52.47 -46.98
C10 CLA AL . 30.16 -54.09 -45.22
C11 CLA AL . 29.63 -55.36 -45.92
C12 CLA AL . 29.00 -56.28 -44.89
C13 CLA AL . 28.41 -57.61 -45.41
C14 CLA AL . 27.86 -58.44 -44.27
C15 CLA AL . 29.42 -58.44 -46.22
C16 CLA AL . 28.80 -59.77 -46.64
C17 CLA AL . 29.63 -60.54 -47.67
C18 CLA AL . 28.86 -61.75 -48.17
C19 CLA AL . 28.93 -62.91 -47.19
C20 CLA AL . 29.28 -62.19 -49.57
MG CLA BL . 34.36 -52.81 -43.15
CHA CLA BL . 32.73 -52.80 -40.04
CHB CLA BL . 32.69 -55.75 -43.77
CHC CLA BL . 35.32 -52.41 -46.39
CHD CLA BL . 35.49 -49.35 -42.49
NA CLA BL . 32.83 -54.12 -42.05
C1A CLA BL . 32.40 -54.02 -40.86
C2A CLA BL . 31.56 -55.17 -40.33
C3A CLA BL . 31.57 -56.09 -41.57
C4A CLA BL . 32.41 -55.29 -42.53
CMA CLA BL . 32.22 -57.45 -41.29
CAA CLA BL . 30.18 -54.64 -39.91
CBA CLA BL . 29.48 -53.77 -40.92
CGA CLA BL . 28.39 -52.97 -40.23
O1A CLA BL . 27.97 -53.23 -39.11
O2A CLA BL . 27.82 -51.82 -40.90
NB CLA BL . 34.04 -53.92 -44.81
C1B CLA BL . 33.45 -55.12 -44.90
C2B CLA BL . 33.55 -55.73 -46.25
C3B CLA BL . 34.32 -54.72 -47.00
C4B CLA BL . 34.58 -53.64 -46.01
CMB CLA BL . 33.05 -57.03 -46.80
CAB CLA BL . 34.77 -54.75 -48.41
CBB CLA BL . 35.75 -55.54 -48.75
NC CLA BL . 35.30 -51.14 -44.25
C1C CLA BL . 35.49 -51.19 -45.57
C2C CLA BL . 35.91 -49.88 -46.16
C3C CLA BL . 35.95 -48.98 -44.99
C4C CLA BL . 35.55 -49.87 -43.87
CMC CLA BL . 36.20 -49.55 -47.61
CAC CLA BL . 36.29 -47.50 -44.92
CBC CLA BL . 34.99 -46.72 -44.90
ND CLA BL . 34.15 -51.38 -41.77
C1D CLA BL . 34.73 -50.09 -41.48
C2D CLA BL . 34.48 -49.55 -40.13
C3D CLA BL . 33.68 -50.68 -39.58
C4D CLA BL . 33.54 -51.66 -40.56
CMD CLA BL . 34.85 -48.31 -39.37
CAD CLA BL . 32.97 -51.14 -38.36
OBD CLA BL . 32.92 -50.48 -37.27
CBD CLA BL . 32.37 -52.47 -38.63
CGD CLA BL . 32.97 -53.53 -37.76
O1D CLA BL . 32.30 -54.24 -37.03
O2D CLA BL . 34.38 -53.80 -37.85
CED CLA BL . 34.82 -54.99 -37.23
C1 CLA BL . 26.79 -51.07 -40.25
C2 CLA BL . 26.06 -50.27 -41.32
C3 CLA BL . 26.09 -48.94 -41.31
C4 CLA BL . 26.83 -48.20 -40.23
C5 CLA BL . 25.36 -48.15 -42.38
C6 CLA BL . 26.31 -47.71 -43.51
C7 CLA BL . 25.66 -46.72 -44.46
C8 CLA BL . 25.08 -45.52 -43.72
C9 CLA BL . 24.32 -44.61 -44.69
C10 CLA BL . 26.22 -44.78 -43.02
C11 CLA BL . 27.38 -44.45 -43.98
C12 CLA BL . 28.71 -44.33 -43.23
C13 CLA BL . 28.54 -43.43 -42.01
C14 CLA BL . 28.24 -42.00 -42.42
C15 CLA BL . 29.76 -43.47 -41.08
C16 CLA BL . 30.19 -44.88 -40.70
C17 CLA BL . 31.38 -44.86 -39.74
C18 CLA BL . 32.68 -44.74 -40.52
C19 CLA BL . 32.87 -45.93 -41.46
C20 CLA BL . 33.87 -44.65 -39.56
MG CLA CL . 37.12 -47.32 -28.06
CHA CLA CL . 37.61 -48.98 -25.04
CHB CLA CL . 33.84 -46.88 -27.09
CHC CLA CL . 36.79 -45.01 -30.59
CHD CLA CL . 40.71 -47.42 -28.65
NA CLA CL . 35.89 -47.81 -26.28
C1A CLA CL . 36.21 -48.53 -25.28
C2A CLA CL . 35.11 -48.79 -24.29
C3A CLA CL . 33.91 -48.15 -24.99
C4A CLA CL . 34.58 -47.58 -26.21
CMA CLA CL . 32.95 -49.24 -25.41
CAA CLA CL . 35.43 -47.97 -23.02
CBA CLA CL . 35.52 -46.48 -23.38
CGA CLA CL . 36.19 -45.57 -22.36
O1A CLA CL . 36.44 -45.87 -21.21
O2A CLA CL . 36.49 -44.22 -22.75
NB CLA CL . 35.55 -46.12 -28.71
C1B CLA CL . 34.27 -46.17 -28.31
C2B CLA CL . 33.35 -45.33 -29.14
C3B CLA CL . 34.26 -44.78 -30.17
C4B CLA CL . 35.59 -45.33 -29.80
CMB CLA CL . 31.87 -45.12 -29.00
CAB CLA CL . 33.98 -43.89 -31.32
CBB CLA CL . 32.95 -44.12 -32.11
NC CLA CL . 38.51 -46.42 -29.39
C1C CLA CL . 38.17 -45.45 -30.26
C2C CLA CL . 39.33 -44.84 -30.96
C3C CLA CL . 40.48 -45.55 -30.38
C4C CLA CL . 39.85 -46.53 -29.45
CMC CLA CL . 39.31 -43.72 -31.99
CAC CLA CL . 41.95 -45.39 -30.63
CBC CLA CL . 42.37 -44.45 -29.52
ND CLA CL . 38.75 -47.94 -27.19
C1D CLA CL . 40.15 -48.06 -27.47
C2D CLA CL . 40.97 -48.82 -26.49
C3D CLA CL . 39.92 -49.19 -25.52
C4D CLA CL . 38.71 -48.65 -25.98
CMD CLA CL . 42.42 -49.20 -26.38
CAD CLA CL . 39.64 -49.89 -24.24
OBD CLA CL . 40.52 -50.50 -23.53
CBD CLA CL . 38.19 -49.76 -23.90
CGD CLA CL . 37.58 -51.14 -23.80
O1D CLA CL . 36.83 -51.42 -22.89
O2D CLA CL . 37.87 -52.16 -24.79
CED CLA CL . 37.36 -53.48 -24.59
C1 CLA CL . 36.99 -43.29 -21.80
C2 CLA CL . 36.56 -41.92 -22.25
C3 CLA CL . 37.40 -41.00 -22.71
C4 CLA CL . 38.87 -41.27 -22.89
C5 CLA CL . 36.82 -39.66 -23.12
C6 CLA CL . 37.46 -39.06 -24.36
C7 CLA CL . 36.87 -37.69 -24.65
C8 CLA CL . 37.26 -37.19 -26.04
C9 CLA CL . 38.75 -36.88 -26.14
C10 CLA CL . 36.43 -35.95 -26.37
C11 CLA CL . 36.52 -35.63 -27.85
C12 CLA CL . 35.54 -34.53 -28.21
C13 CLA CL . 35.80 -33.91 -29.58
C14 CLA CL . 36.44 -34.94 -30.51
C15 CLA CL . 36.66 -32.65 -29.39
C16 CLA CL . 36.58 -31.66 -30.54
C17 CLA CL . 37.18 -30.32 -30.11
C18 CLA CL . 37.20 -29.27 -31.20
C19 CLA CL . 37.35 -27.86 -30.62
C20 CLA CL . 35.94 -29.34 -32.06
MG CLA DL . 22.69 -25.95 -44.51
CHA CLA DL . 23.33 -24.27 -47.47
CHB CLA DL . 22.51 -22.87 -43.02
CHC CLA DL . 21.39 -27.52 -41.77
CHD CLA DL . 22.37 -29.10 -46.34
NA CLA DL . 22.87 -23.81 -45.17
C1A CLA DL . 23.28 -23.36 -46.29
C2A CLA DL . 23.63 -21.88 -46.36
C3A CLA DL . 23.36 -21.50 -44.90
C4A CLA DL . 22.87 -22.81 -44.31
CMA CLA DL . 24.67 -21.14 -44.21
CAA CLA DL . 22.75 -21.12 -47.38
CBA CLA DL . 21.27 -21.01 -46.96
CGA CLA DL . 20.57 -22.30 -47.33
O1A CLA DL . 20.41 -22.64 -48.48
O2A CLA DL . 20.01 -23.15 -46.30
NB CLA DL . 22.06 -25.29 -42.67
C1B CLA DL . 22.01 -24.02 -42.23
C2B CLA DL . 21.39 -23.87 -40.88
C3B CLA DL . 21.07 -25.27 -40.55
C4B CLA DL . 21.52 -26.05 -41.71
CMB CLA DL . 21.12 -22.62 -40.06
CAB CLA DL . 20.42 -25.85 -39.33
CBB CLA DL . 20.79 -25.48 -38.12
NC CLA DL . 21.93 -27.98 -44.15
C1C CLA DL . 21.62 -28.41 -42.93
C2C CLA DL . 21.49 -29.89 -42.82
C3C CLA DL . 21.79 -30.35 -44.19
C4C CLA DL . 22.02 -29.08 -44.91
CMC CLA DL . 21.16 -30.69 -41.59
CAC CLA DL . 21.84 -31.75 -44.77
CBC CLA DL . 20.52 -31.95 -45.49
ND CLA DL . 22.77 -26.59 -46.30
C1D CLA DL . 22.65 -27.83 -47.02
C2D CLA DL . 22.86 -27.74 -48.48
C3D CLA DL . 23.12 -26.29 -48.63
C4D CLA DL . 23.02 -25.72 -47.37
CMD CLA DL . 22.85 -28.70 -49.64
CAD CLA DL . 23.41 -25.23 -49.61
OBD CLA DL . 23.56 -25.39 -50.87
CBD CLA DL . 23.55 -23.93 -48.91
CGD CLA DL . 24.93 -23.43 -49.15
O1D CLA DL . 25.09 -22.26 -49.46
O2D CLA DL . 26.09 -24.27 -49.11
CED CLA DL . 27.38 -23.69 -49.30
C1 CLA DL . 19.00 -24.11 -46.60
C2 CLA DL . 18.59 -24.79 -45.30
C3 CLA DL . 18.69 -26.10 -45.00
C4 CLA DL . 19.16 -27.12 -45.97
C5 CLA DL . 18.21 -26.56 -43.64
C6 CLA DL . 17.84 -25.38 -42.74
C7 CLA DL . 17.20 -25.88 -41.44
C8 CLA DL . 16.82 -24.70 -40.55
C9 CLA DL . 16.65 -25.16 -39.11
C10 CLA DL . 15.53 -24.11 -41.07
C11 CLA DL . 14.42 -25.16 -41.07
C12 CLA DL . 13.05 -24.54 -41.32
C13 CLA DL . 12.07 -25.53 -41.94
C14 CLA DL . 11.76 -25.13 -43.37
C15 CLA DL . 10.78 -25.54 -41.11
C16 CLA DL . 10.29 -26.94 -40.75
C17 CLA DL . 8.82 -26.92 -40.33
C18 CLA DL . 8.25 -28.31 -40.11
C19 CLA DL . 7.42 -28.79 -41.30
C20 CLA DL . 7.36 -28.34 -38.87
MG CLA EL . 20.90 -37.13 -57.57
CHA CLA EL . 19.65 -34.48 -59.32
CHB CLA EL . 23.03 -34.88 -56.02
CHC CLA EL . 21.68 -39.60 -55.27
CHD CLA EL . 18.20 -39.29 -58.79
NA CLA EL . 21.29 -34.95 -57.64
C1A CLA EL . 20.81 -34.12 -58.46
C2A CLA EL . 21.40 -32.74 -58.42
C3A CLA EL . 22.51 -32.92 -57.38
C4A CLA EL . 22.28 -34.35 -57.00
CMA CLA EL . 23.87 -32.79 -58.08
CAA CLA EL . 20.44 -31.73 -57.78
CBA CLA EL . 19.52 -32.41 -56.76
CGA CLA EL . 18.88 -31.50 -55.73
O1A CLA EL . 18.49 -30.38 -55.98
O2A CLA EL . 18.66 -31.95 -54.37
NB CLA EL . 22.18 -37.23 -55.93
C1B CLA EL . 22.94 -36.24 -55.45
C2B CLA EL . 23.69 -36.60 -54.23
C3B CLA EL . 23.26 -38.01 -53.98
C4B CLA EL . 22.37 -38.30 -55.14
CMB CLA EL . 24.60 -35.74 -53.41
CAB CLA EL . 23.65 -38.96 -52.89
CBB CLA EL . 24.88 -39.07 -52.42
NC CLA EL . 20.02 -39.12 -57.08
C1C CLA EL . 20.60 -39.95 -56.21
C2C CLA EL . 20.02 -41.31 -56.23
C3C CLA EL . 18.98 -41.23 -57.28
C4C CLA EL . 19.09 -39.82 -57.74
CMC CLA EL . 20.42 -42.49 -55.39
CAC CLA EL . 18.03 -42.28 -57.78
CBC CLA EL . 16.75 -41.99 -57.01
ND CLA EL . 19.36 -37.02 -58.67
C1D CLA EL . 18.32 -37.88 -59.19
C2D CLA EL . 17.43 -37.24 -60.20
C3D CLA EL . 18.00 -35.86 -60.21
C4D CLA EL . 19.06 -35.83 -59.32
CMD CLA EL . 16.24 -37.66 -61.02
CAD CLA EL . 17.87 -34.51 -60.80
OBD CLA EL . 16.98 -34.16 -61.66
CBD CLA EL . 18.93 -33.61 -60.27
CGD CLA EL . 19.79 -33.37 -61.49
O1D CLA EL . 19.76 -32.31 -62.10
O2D CLA EL . 20.54 -34.47 -62.08
CED CLA EL . 21.11 -34.32 -63.38
C1 CLA EL . 18.12 -30.98 -53.48
C2 CLA EL . 16.91 -31.41 -52.71
C3 CLA EL . 15.66 -31.00 -53.01
C4 CLA EL . 15.44 -30.10 -54.19
C5 CLA EL . 14.49 -31.46 -52.17
C6 CLA EL . 14.15 -30.36 -51.14
C7 CLA EL . 12.96 -30.61 -50.21
C8 CLA EL . 12.95 -31.96 -49.49
C9 CLA EL . 11.52 -32.34 -49.13
C10 CLA EL . 13.87 -32.01 -48.26
C11 CLA EL . 13.42 -33.09 -47.26
C12 CLA EL . 14.51 -33.52 -46.27
C13 CLA EL . 13.92 -34.26 -45.07
C14 CLA EL . 13.46 -33.29 -43.99
C15 CLA EL . 14.89 -35.32 -44.54
C16 CLA EL . 14.55 -36.58 -45.31
C17 CLA EL . 13.30 -37.22 -44.69
C18 CLA EL . 12.31 -37.61 -45.78
C19 CLA EL . 10.92 -37.78 -45.17
C20 CLA EL . 12.73 -38.81 -46.63
MG CLA FL . 27.42 -34.17 -52.50
CHA CLA FL . 29.22 -37.13 -52.01
CHB CLA FL . 25.58 -35.00 -49.74
CHC CLA FL . 25.20 -31.73 -53.45
CHD CLA FL . 29.18 -33.60 -55.64
NA CLA FL . 27.37 -35.89 -51.06
C1A CLA FL . 28.17 -36.87 -50.95
C2A CLA FL . 27.92 -37.78 -49.77
C3A CLA FL . 26.78 -37.02 -49.04
C4A CLA FL . 26.58 -35.87 -49.99
CMA CLA FL . 25.47 -37.78 -48.83
CAA CLA FL . 29.15 -38.03 -48.91
CBA CLA FL . 28.80 -39.05 -47.83
CGA CLA FL . 28.05 -40.30 -48.29
O1A CLA FL . 28.27 -40.88 -49.36
O2A CLA FL . 27.01 -40.83 -47.43
NB CLA FL . 25.70 -33.47 -51.69
C1B CLA FL . 25.10 -33.86 -50.55
C2B CLA FL . 23.83 -33.13 -50.25
C3B CLA FL . 23.76 -32.20 -51.40
C4B CLA FL . 24.96 -32.49 -52.19
CMB CLA FL . 22.86 -33.29 -49.10
CAB CLA FL . 22.81 -31.13 -51.80
CBB CLA FL . 21.51 -31.30 -51.64
NC CLA FL . 27.22 -32.89 -54.28
C1C CLA FL . 26.28 -31.95 -54.41
C2C CLA FL . 26.40 -31.12 -55.63
C3C CLA FL . 27.60 -31.69 -56.29
C4C CLA FL . 28.02 -32.75 -55.33
CMC CLA FL . 25.52 -30.00 -56.11
CAC CLA FL . 28.25 -31.29 -57.59
CBC CLA FL . 27.69 -32.29 -58.58
ND CLA FL . 28.74 -35.03 -53.58
C1D CLA FL . 29.46 -34.76 -54.80
C2D CLA FL . 30.52 -35.73 -55.14
C3D CLA FL . 30.38 -36.68 -54.01
C4D CLA FL . 29.37 -36.22 -53.18
CMD CLA FL . 31.52 -35.89 -56.25
CAD CLA FL . 30.96 -37.91 -53.42
OBD CLA FL . 31.92 -38.60 -53.97
CBD CLA FL . 30.24 -38.24 -52.15
CGD CLA FL . 29.58 -39.57 -52.33
O1D CLA FL . 30.26 -40.59 -52.28
O2D CLA FL . 28.17 -39.74 -52.55
CED CLA FL . 27.70 -41.07 -52.82
C1 CLA FL . 26.37 -42.07 -47.74
C2 CLA FL . 25.52 -41.96 -48.99
C3 CLA FL . 24.18 -41.99 -48.90
C4 CLA FL . 23.52 -42.12 -47.56
C5 CLA FL . 23.37 -41.87 -50.16
C6 CLA FL . 21.89 -42.19 -49.95
C7 CLA FL . 21.13 -42.08 -51.25
C8 CLA FL . 19.77 -41.44 -50.99
C9 CLA FL . 18.94 -42.26 -50.01
C10 CLA FL . 19.00 -41.25 -52.28
C11 CLA FL . 18.30 -39.90 -52.30
C12 CLA FL . 17.70 -39.68 -53.69
C13 CLA FL . 17.58 -38.18 -53.98
C14 CLA FL . 16.79 -37.52 -52.86
C15 CLA FL . 16.91 -37.96 -55.33
C16 CLA FL . 16.24 -36.60 -55.42
C17 CLA FL . 16.04 -36.17 -56.87
C18 CLA FL . 15.35 -34.82 -56.93
C19 CLA FL . 15.08 -34.39 -58.37
C20 CLA FL . 16.18 -33.77 -56.20
MG CLA GL . 37.06 -28.18 -41.76
CHA CLA GL . 39.29 -25.67 -42.20
CHB CLA GL . 38.61 -29.89 -44.28
CHC CLA GL . 35.26 -31.08 -40.87
CHD CLA GL . 35.90 -26.71 -38.61
NA CLA GL . 38.77 -27.86 -43.05
C1A CLA GL . 39.46 -26.81 -43.17
C2A CLA GL . 40.50 -26.81 -44.24
C3A CLA GL . 40.24 -28.15 -44.92
C4A CLA GL . 39.12 -28.67 -44.03
CMA CLA GL . 39.74 -27.88 -46.33
CAA CLA GL . 41.90 -26.95 -43.61
CBA CLA GL . 41.86 -27.78 -42.31
CGA CLA GL . 43.20 -28.17 -41.72
O1A CLA GL . 44.26 -28.14 -42.36
O2A CLA GL . 43.22 -28.65 -40.36
NB CLA GL . 36.97 -30.22 -42.49
C1B CLA GL . 37.59 -30.68 -43.57
C2B CLA GL . 37.20 -32.06 -43.95
C3B CLA GL . 36.19 -32.40 -42.91
C4B CLA GL . 36.16 -31.18 -42.05
CMB CLA GL . 37.69 -32.87 -45.12
CAB CLA GL . 35.36 -33.62 -42.67
CBB CLA GL . 35.15 -34.54 -43.59
NC CLA GL . 35.82 -28.79 -39.99
C1C CLA GL . 35.18 -29.97 -39.90
C2C CLA GL . 34.32 -30.06 -38.69
C3C CLA GL . 34.51 -28.75 -38.01
C4C CLA GL . 35.43 -28.06 -38.93
CMC CLA GL . 33.47 -31.24 -38.26
CAC CLA GL . 33.90 -28.19 -36.73
CBC CLA GL . 34.94 -28.24 -35.62
ND CLA GL . 37.46 -26.74 -40.65
C1D CLA GL . 36.91 -26.08 -39.49
C2D CLA GL . 37.42 -24.72 -39.22
C3D CLA GL . 38.39 -24.57 -40.34
C4D CLA GL . 38.33 -25.74 -41.09
CMD CLA GL . 37.13 -23.72 -38.13
CAD CLA GL . 39.39 -23.68 -41.00
OBD CLA GL . 39.70 -22.50 -40.61
CBD CLA GL . 39.94 -24.35 -42.20
CGD CLA GL . 39.40 -23.56 -43.37
O1D CLA GL . 38.43 -22.81 -43.28
O2D CLA GL . 40.00 -23.67 -44.67
CED CLA GL . 39.39 -23.02 -45.78
C1 CLA GL . 44.45 -28.93 -39.68
C2 CLA GL . 44.22 -29.77 -38.44
C3 CLA GL . 44.48 -29.30 -37.22
C4 CLA GL . 45.00 -27.89 -37.04
C5 CLA GL . 44.25 -30.18 -36.00
C6 CLA GL . 43.21 -29.66 -35.04
C7 CLA GL . 42.87 -30.63 -33.90
C8 CLA GL . 41.56 -30.20 -33.24
C9 CLA GL . 41.69 -28.79 -32.68
C10 CLA GL . 41.03 -31.17 -32.18
C11 CLA GL . 41.40 -32.63 -32.33
C12 CLA GL . 41.17 -33.42 -31.04
C13 CLA GL . 41.03 -34.93 -31.33
C14 CLA GL . 39.75 -35.22 -32.10
C15 CLA GL . 41.09 -35.77 -30.05
C16 CLA GL . 42.19 -35.38 -29.07
C17 CLA GL . 43.60 -35.70 -29.59
C18 CLA GL . 44.56 -36.03 -28.46
C19 CLA GL . 44.59 -34.93 -27.41
C20 CLA GL . 45.96 -36.28 -29.00
MG CLA HL . 37.95 -34.70 -47.93
CHA CLA HL . 34.90 -36.34 -47.78
CHB CLA HL . 39.07 -36.85 -45.47
CHC CLA HL . 40.68 -32.68 -47.63
CHD CLA HL . 36.49 -32.22 -50.23
NA CLA HL . 37.08 -36.38 -46.74
C1A CLA HL . 35.93 -36.91 -46.85
C2A CLA HL . 35.70 -38.16 -46.01
C3A CLA HL . 37.04 -38.28 -45.28
C4A CLA HL . 37.79 -37.11 -45.87
CMA CLA HL . 36.84 -38.09 -43.79
CAA CLA HL . 35.52 -39.40 -46.88
CBA CLA HL . 35.53 -40.67 -46.01
CGA CLA HL . 34.18 -40.87 -45.36
O1A CLA HL . 33.32 -40.00 -45.33
O2A CLA HL . 33.87 -42.14 -44.73
NB CLA HL . 39.59 -34.73 -46.68
C1B CLA HL . 39.99 -35.75 -45.89
C2B CLA HL . 41.44 -35.66 -45.50
C3B CLA HL . 41.88 -34.42 -46.17
C4B CLA HL . 40.65 -33.91 -46.84
CMB CLA HL . 42.26 -36.62 -44.67
CAB CLA HL . 43.21 -33.74 -46.23
CBB CLA HL . 44.11 -33.87 -45.27
NC CLA HL . 38.48 -32.74 -48.79
C1C CLA HL . 39.64 -32.14 -48.53
C2C CLA HL . 39.82 -30.84 -49.26
C3C CLA HL . 38.56 -30.72 -50.04
C4C CLA HL . 37.83 -31.95 -49.66
CMC CLA HL . 40.96 -29.87 -49.23
CAC CLA HL . 38.14 -29.60 -50.97
CBC CLA HL . 37.46 -28.57 -50.10
ND CLA HL . 36.26 -34.29 -48.75
C1D CLA HL . 35.72 -33.36 -49.72
C2D CLA HL . 34.34 -33.61 -50.17
C3D CLA HL . 34.04 -34.83 -49.37
C4D CLA HL . 35.16 -35.13 -48.61
CMD CLA HL . 33.39 -32.96 -51.13
CAD CLA HL . 32.98 -35.83 -49.08
OBD CLA HL . 31.81 -35.86 -49.60
CBD CLA HL . 33.49 -36.78 -48.06
CGD CLA HL . 32.61 -36.61 -46.84
O1D CLA HL . 31.78 -37.41 -46.51
O2D CLA HL . 32.77 -35.43 -46.01
CED CLA HL . 31.92 -35.24 -44.88
C1 CLA HL . 32.62 -42.33 -44.06
C2 CLA HL . 31.52 -42.37 -45.11
C3 CLA HL . 31.36 -43.46 -45.88
C4 CLA HL . 32.26 -44.63 -45.68
C5 CLA HL . 30.29 -43.54 -46.94
C6 CLA HL . 30.90 -43.55 -48.35
C7 CLA HL . 31.96 -42.47 -48.47
C8 CLA HL . 32.46 -42.21 -49.89
C9 CLA HL . 32.51 -43.48 -50.74
C10 CLA HL . 33.84 -41.57 -49.74
C11 CLA HL . 34.38 -40.80 -50.95
C12 CLA HL . 34.21 -39.29 -50.77
C13 CLA HL . 35.05 -38.57 -51.82
C14 CLA HL . 36.48 -38.58 -51.31
C15 CLA HL . 34.57 -37.14 -52.06
C16 CLA HL . 34.88 -36.70 -53.50
C17 CLA HL . 36.20 -35.95 -53.60
C18 CLA HL . 36.79 -36.03 -55.01
C19 CLA HL . 38.24 -35.57 -54.98
C20 CLA HL . 36.00 -35.23 -56.06
MG CLA IL . 39.20 -39.05 -39.53
CHA CLA IL . 41.46 -36.45 -39.41
CHB CLA IL . 36.89 -36.75 -40.73
CHC CLA IL . 36.75 -41.44 -39.13
CHD CLA IL . 41.50 -41.21 -37.68
NA CLA IL . 39.16 -36.87 -40.01
C1A CLA IL . 40.14 -36.06 -40.00
C2A CLA IL . 39.87 -34.71 -40.56
C3A CLA IL . 38.40 -34.82 -40.95
C4A CLA IL . 38.13 -36.24 -40.53
CMA CLA IL . 37.62 -33.93 -39.99
CAA CLA IL . 40.71 -34.51 -41.83
CBA CLA IL . 40.28 -33.31 -42.65
CGA CLA IL . 40.72 -32.04 -41.96
O1A CLA IL . 41.74 -31.46 -42.26
O2A CLA IL . 39.90 -31.47 -40.91
NB CLA IL . 37.09 -39.07 -39.83
C1B CLA IL . 36.38 -38.12 -40.44
C2B CLA IL . 35.02 -38.58 -40.85
C3B CLA IL . 35.00 -39.99 -40.38
C4B CLA IL . 36.34 -40.16 -39.76
CMB CLA IL . 33.97 -37.81 -41.60
CAB CLA IL . 33.94 -41.06 -40.45
CBB CLA IL . 32.65 -40.76 -40.47
NC CLA IL . 39.15 -40.98 -38.51
C1C CLA IL . 38.07 -41.80 -38.57
C2C CLA IL . 38.33 -43.15 -38.06
C3C CLA IL . 39.75 -43.09 -37.62
C4C CLA IL . 40.14 -41.70 -37.98
CMC CLA IL . 37.41 -44.33 -37.96
CAC CLA IL . 40.62 -44.14 -36.99
CBC CLA IL . 40.40 -43.87 -35.52
ND CLA IL . 40.91 -38.96 -38.73
C1D CLA IL . 41.85 -39.83 -38.05
C2D CLA IL . 43.18 -39.24 -37.79
C3D CLA IL . 42.99 -37.87 -38.35
C4D CLA IL . 41.70 -37.81 -38.86
CMD CLA IL . 44.45 -39.70 -37.15
CAD CLA IL . 43.65 -36.55 -38.57
OBD CLA IL . 44.86 -36.24 -38.23
CBD CLA IL . 42.69 -35.64 -39.25
CGD CLA IL . 42.44 -34.47 -38.37
O1D CLA IL . 42.58 -33.32 -38.79
O2D CLA IL . 42.01 -34.69 -37.01
CED CLA IL . 41.87 -33.59 -36.10
C1 CLA IL . 40.44 -30.70 -39.83
C2 CLA IL . 39.59 -30.91 -38.58
C3 CLA IL . 39.02 -29.88 -37.92
C4 CLA IL . 39.25 -28.48 -38.39
C5 CLA IL . 38.18 -30.12 -36.67
C6 CLA IL . 37.73 -31.56 -36.51
C7 CLA IL . 36.64 -31.72 -35.42
C8 CLA IL . 36.15 -33.16 -35.42
C9 CLA IL . 34.83 -33.25 -34.67
C10 CLA IL . 37.19 -34.07 -34.79
C11 CLA IL . 36.86 -35.51 -35.12
C12 CLA IL . 37.75 -35.96 -36.28
C13 CLA IL . 37.55 -37.43 -36.66
C14 CLA IL . 36.09 -37.75 -36.93
C15 CLA IL . 38.10 -38.37 -35.60
C16 CLA IL . 39.62 -38.40 -35.52
C17 CLA IL . 40.04 -39.49 -34.54
C18 CLA IL . 41.54 -39.60 -34.44
C19 CLA IL . 41.96 -40.74 -33.52
C20 CLA IL . 42.10 -38.28 -33.93
MG CLA JL . 47.90 -32.43 -43.97
CHA CLA JL . 50.01 -31.14 -46.47
CHB CLA JL . 47.79 -35.34 -45.89
CHC CLA JL . 46.48 -34.02 -41.30
CHD CLA JL . 48.78 -29.62 -41.82
NA CLA JL . 48.81 -33.18 -45.92
C1A CLA JL . 49.50 -32.52 -46.78
C2A CLA JL . 49.80 -33.23 -48.08
C3A CLA JL . 49.10 -34.59 -47.86
C4A CLA JL . 48.50 -34.36 -46.47
CMA CLA JL . 48.13 -35.04 -48.94
CAA CLA JL . 51.31 -33.37 -48.31
CBA CLA JL . 52.09 -33.90 -47.11
CGA CLA JL . 53.59 -33.76 -47.29
O1A CLA JL . 54.10 -33.29 -48.29
O2A CLA JL . 54.49 -34.20 -46.23
NB CLA JL . 47.23 -34.39 -43.65
C1B CLA JL . 47.19 -35.40 -44.54
C2B CLA JL . 46.53 -36.63 -44.01
C3B CLA JL . 46.16 -36.24 -42.62
C4B CLA JL . 46.61 -34.81 -42.54
CMB CLA JL . 46.30 -37.96 -44.68
CAB CLA JL . 45.48 -37.04 -41.57
CBB CLA JL . 44.30 -37.64 -41.72
NC CLA JL . 47.71 -31.91 -41.91
C1C CLA JL . 47.06 -32.68 -41.03
C2C CLA JL . 46.92 -32.05 -39.69
C3C CLA JL . 47.60 -30.76 -39.85
C4C CLA JL . 48.03 -30.77 -41.27
CMC CLA JL . 46.26 -32.62 -38.45
CAC CLA JL . 47.83 -29.67 -38.85
CBC CLA JL . 49.20 -30.02 -38.28
ND CLA JL . 49.08 -30.84 -44.01
C1D CLA JL . 49.31 -29.68 -43.19
C2D CLA JL . 50.09 -28.59 -43.83
C3D CLA JL . 50.36 -29.20 -45.17
C4D CLA JL . 49.75 -30.46 -45.17
CMD CLA JL . 50.55 -27.23 -43.40
CAD CLA JL . 51.02 -28.99 -46.49
OBD CLA JL . 51.66 -27.94 -46.85
CBD CLA JL . 50.81 -30.19 -47.31
CGD CLA JL . 50.14 -29.81 -48.59
O1D CLA JL . 49.00 -29.38 -48.67
O2D CLA JL . 50.91 -29.91 -49.80
CED CLA JL . 50.43 -29.25 -50.95
C1 CLA JL . 55.90 -34.34 -46.34
C2 CLA JL . 56.27 -35.18 -45.14
C3 CLA JL . 56.88 -36.36 -45.25
C4 CLA JL . 57.30 -36.87 -46.61
C5 CLA JL . 57.16 -37.16 -44.00
C6 CLA JL . 56.53 -38.54 -44.13
C7 CLA JL . 55.02 -38.47 -44.35
C8 CLA JL . 54.45 -39.86 -44.66
C9 CLA JL . 53.15 -39.74 -45.45
C10 CLA JL . 54.28 -40.67 -43.38
C11 CLA JL . 53.96 -42.13 -43.67
C12 CLA JL . 53.74 -42.85 -42.35
C13 CLA JL . 53.26 -44.30 -42.47
C14 CLA JL . 53.41 -45.03 -41.13
C15 CLA JL . 53.94 -45.04 -43.62
C16 CLA JL . 53.27 -46.39 -43.89
C17 CLA JL . 54.07 -47.21 -44.90
C18 CLA JL . 53.35 -48.46 -45.42
C19 CLA JL . 54.12 -49.12 -46.56
C20 CLA JL . 51.92 -48.15 -45.83
MG CLA KL . 36.53 -43.18 -56.26
CHA CLA KL . 37.16 -43.65 -52.93
CHB CLA KL . 35.46 -46.50 -56.35
CHC CLA KL . 36.59 -43.07 -59.73
CHD CLA KL . 38.35 -40.00 -56.21
NA CLA KL . 36.36 -44.89 -54.83
C1A CLA KL . 36.51 -44.84 -53.58
C2A CLA KL . 36.16 -46.10 -52.84
C3A CLA KL . 35.64 -46.97 -53.98
C4A CLA KL . 35.81 -46.05 -55.14
CMA CLA KL . 36.69 -48.05 -54.22
CAA CLA KL . 35.03 -45.89 -51.84
CBA CLA KL . 34.66 -47.30 -51.40
CGA CLA KL . 33.70 -47.35 -50.24
O1A CLA KL . 33.83 -46.65 -49.25
O2A CLA KL . 32.59 -48.28 -50.37
NB CLA KL . 36.09 -44.61 -57.81
C1B CLA KL . 35.57 -45.84 -57.67
C2B CLA KL . 35.17 -46.47 -58.97
C3B CLA KL . 35.53 -45.42 -59.95
C4B CLA KL . 36.08 -44.32 -59.12
CMB CLA KL . 34.57 -47.82 -59.23
CAB CLA KL . 35.37 -45.42 -61.42
CBB CLA KL . 36.19 -46.13 -62.16
NC CLA KL . 37.37 -41.78 -57.71
C1C CLA KL . 37.22 -41.92 -59.03
C2C CLA KL . 37.73 -40.76 -59.81
C3C CLA KL . 38.26 -39.86 -58.75
C4C CLA KL . 37.94 -40.59 -57.51
CMC CLA KL . 37.74 -40.57 -61.31
CAC CLA KL . 38.93 -38.52 -58.88
CBC CLA KL . 40.40 -38.87 -58.74
ND CLA KL . 37.51 -42.12 -55.05
C1D CLA KL . 38.15 -40.82 -55.02
C2D CLA KL . 38.61 -40.36 -53.70
C3D CLA KL . 38.19 -41.53 -52.87
C4D CLA KL . 37.57 -42.46 -53.71
CMD CLA KL . 39.29 -39.12 -53.22
CAD CLA KL . 38.14 -42.08 -51.48
OBD CLA KL . 38.60 -41.48 -50.45
CBD CLA KL . 37.48 -43.42 -51.50
CGD CLA KL . 38.36 -44.49 -50.96
O1D CLA KL . 38.06 -45.06 -49.92
O2D CLA KL . 39.60 -44.88 -51.59
CED CLA KL . 40.25 -46.05 -51.10
C1 CLA KL . 31.72 -48.72 -49.34
C2 CLA KL . 31.13 -50.00 -49.88
C3 CLA KL . 31.81 -51.16 -49.90
C4 CLA KL . 33.20 -51.23 -49.35
C5 CLA KL . 31.16 -52.40 -50.47
C6 CLA KL . 31.98 -53.10 -51.56
C7 CLA KL . 32.30 -52.17 -52.73
C8 CLA KL . 32.78 -52.95 -53.96
C9 CLA KL . 33.98 -53.84 -53.62
C10 CLA KL . 33.16 -51.97 -55.07
C11 CLA KL . 33.51 -52.70 -56.37
C12 CLA KL . 33.71 -51.71 -57.53
C13 CLA KL . 32.80 -52.05 -58.72
C14 CLA KL . 33.05 -53.47 -59.22
C15 CLA KL . 32.96 -51.04 -59.85
C16 CLA KL . 31.61 -50.74 -60.48
C17 CLA KL . 31.69 -49.97 -61.80
C18 CLA KL . 31.99 -48.49 -61.63
C19 CLA KL . 31.11 -47.85 -60.55
C20 CLA KL . 31.83 -47.76 -62.97
MG CLA LL . 46.32 -45.12 -57.23
CHA CLA LL . 48.37 -44.80 -60.00
CHB CLA LL . 43.89 -43.49 -59.05
CHC CLA LL . 44.06 -46.04 -54.82
CHD CLA LL . 48.79 -47.36 -55.66
NA CLA LL . 46.12 -44.29 -59.29
C1A CLA LL . 47.02 -44.18 -60.17
C2A CLA LL . 46.63 -43.39 -61.39
C3A CLA LL . 45.23 -42.96 -61.04
C4A CLA LL . 45.06 -43.62 -59.70
CMA CLA LL . 45.20 -41.44 -60.83
CAA CLA LL . 46.52 -44.39 -62.55
CBA CLA LL . 45.80 -45.67 -62.15
CGA CLA LL . 45.25 -46.40 -63.36
O1A CLA LL . 44.99 -45.81 -64.39
O2A CLA LL . 45.03 -47.85 -63.32
NB CLA LL . 44.26 -44.85 -57.01
C1B CLA LL . 43.48 -44.03 -57.73
C2B CLA LL . 42.16 -43.73 -57.11
C3B CLA LL . 42.24 -44.51 -55.84
C4B CLA LL . 43.57 -45.16 -55.90
CMB CLA LL . 41.05 -42.87 -57.63
CAB CLA LL . 41.27 -44.66 -54.73
CBB CLA LL . 39.96 -44.74 -54.95
NC CLA LL . 46.44 -46.47 -55.51
C1C CLA LL . 45.37 -46.74 -54.73
C2C CLA LL . 45.63 -47.82 -53.74
C3C CLA LL . 47.03 -48.21 -54.00
C4C CLA LL . 47.42 -47.30 -55.11
CMC CLA LL . 44.68 -48.41 -52.72
CAC CLA LL . 47.86 -49.27 -53.32
CBC CLA LL . 47.66 -50.54 -54.12
ND CLA LL . 48.02 -45.96 -57.65
C1D CLA LL . 49.03 -46.73 -56.97
C2D CLA LL . 50.34 -46.84 -57.69
C3D CLA LL . 50.03 -46.04 -58.90
C4D CLA LL . 48.72 -45.59 -58.81
CMD CLA LL . 51.67 -47.50 -57.41
CAD CLA LL . 50.59 -45.56 -60.20
OBD CLA LL . 51.78 -45.78 -60.61
CBD CLA LL . 49.56 -44.77 -60.91
CGD CLA LL . 50.08 -43.38 -61.09
O1D CLA LL . 49.89 -42.50 -60.27
O2D CLA LL . 50.84 -43.07 -62.28
CED CLA LL . 51.73 -41.95 -62.27
C1 CLA LL . 43.94 -48.43 -64.02
C2 CLA LL . 43.37 -49.58 -63.22
C3 CLA LL . 43.20 -50.78 -63.79
C4 CLA LL . 43.55 -50.99 -65.24
C5 CLA LL . 42.62 -51.95 -63.00
C6 CLA LL . 42.57 -51.75 -61.49
C7 CLA LL . 41.24 -52.25 -60.94
C8 CLA LL . 41.19 -52.22 -59.42
C9 CLA LL . 42.43 -52.87 -58.80
C10 CLA LL . 39.93 -52.91 -58.93
C11 CLA LL . 39.93 -53.01 -57.41
C12 CLA LL . 38.79 -53.90 -56.93
C13 CLA LL . 37.87 -53.16 -55.96
C14 CLA LL . 37.35 -51.86 -56.56
C15 CLA LL . 38.63 -52.90 -54.66
C16 CLA LL . 37.74 -52.29 -53.58
C17 CLA LL . 38.52 -52.00 -52.31
C18 CLA LL . 37.64 -51.25 -51.33
C19 CLA LL . 38.41 -50.11 -50.66
C20 CLA LL . 37.05 -52.22 -50.31
C1 BCR ML . 18.75 -26.13 -51.38
C2 BCR ML . 18.45 -24.70 -51.84
C3 BCR ML . 16.95 -24.45 -51.95
C4 BCR ML . 16.36 -24.54 -50.55
C5 BCR ML . 16.72 -25.88 -49.93
C6 BCR ML . 17.79 -26.60 -50.30
C7 BCR ML . 18.06 -27.88 -49.62
C8 BCR ML . 17.72 -29.09 -50.08
C9 BCR ML . 18.03 -30.31 -49.28
C10 BCR ML . 17.34 -31.46 -49.50
C11 BCR ML . 17.53 -32.72 -48.78
C33 BCR ML . 15.82 -26.40 -48.83
C31 BCR ML . 20.13 -26.13 -50.76
C32 BCR ML . 18.65 -27.06 -52.57
C34 BCR ML . 19.11 -30.25 -48.25
C12 BCR ML . 16.91 -33.82 -49.22
C13 BCR ML . 17.02 -35.13 -48.53
C14 BCR ML . 16.45 -36.23 -49.06
C15 BCR ML . 16.52 -37.55 -48.40
C16 BCR ML . 16.09 -38.68 -49.00
C17 BCR ML . 16.16 -39.97 -48.30
C18 BCR ML . 15.69 -41.13 -48.81
C19 BCR ML . 15.81 -42.36 -47.99
C20 BCR ML . 15.44 -43.60 -48.38
C21 BCR ML . 15.61 -44.64 -47.37
C22 BCR ML . 15.12 -45.90 -47.41
C23 BCR ML . 15.40 -46.78 -46.24
C24 BCR ML . 14.87 -48.00 -46.09
C25 BCR ML . 15.14 -48.84 -44.89
C26 BCR ML . 16.35 -49.42 -44.71
C27 BCR ML . 16.67 -50.29 -43.50
C28 BCR ML . 15.68 -50.03 -42.37
C29 BCR ML . 14.27 -50.17 -42.92
C30 BCR ML . 14.01 -49.01 -43.88
C35 BCR ML . 17.77 -35.21 -47.23
C36 BCR ML . 14.99 -41.19 -50.14
C37 BCR ML . 14.31 -46.38 -48.57
C38 BCR ML . 17.45 -49.24 -45.72
C39 BCR ML . 13.87 -47.71 -43.09
C40 BCR ML . 12.70 -49.31 -44.58
C1A DGD NL . 12.97 -37.49 -31.58
C2A DGD NL . 13.28 -36.15 -32.23
C3A DGD NL . 12.10 -35.20 -32.19
C4A DGD NL . 12.44 -33.93 -32.97
C5A DGD NL . 12.75 -34.24 -34.42
C6A DGD NL . 12.99 -32.98 -35.27
C7A DGD NL . 12.73 -33.31 -36.74
C8A DGD NL . 13.02 -32.17 -37.72
C9A DGD NL . 12.01 -32.19 -38.88
CAA DGD NL . 12.28 -31.23 -40.04
CBA DGD NL . 13.07 -29.96 -39.74
CCA DGD NL . 14.57 -30.10 -39.97
CDA DGD NL . 14.96 -30.48 -41.40
CEA DGD NL . 16.49 -30.53 -41.54
CFA DGD NL . 16.94 -31.15 -42.86
CGA DGD NL . 16.55 -30.34 -44.09
O1A DGD NL . 12.20 -37.64 -30.65
C1B DGD NL . 14.37 -40.48 -34.71
C2B DGD NL . 15.56 -40.22 -35.61
C3B DGD NL . 15.76 -38.74 -35.95
C4B DGD NL . 15.85 -37.84 -34.72
C5B DGD NL . 16.51 -36.51 -35.10
C6B DGD NL . 17.65 -36.09 -34.15
C7B DGD NL . 17.43 -34.71 -33.51
C8B DGD NL . 18.77 -34.00 -33.30
C9B DGD NL . 18.78 -32.47 -33.50
CAB DGD NL . 20.13 -31.92 -32.99
CBB DGD NL . 20.20 -30.41 -32.73
CCB DGD NL . 21.54 -30.01 -32.08
CDB DGD NL . 21.83 -28.50 -32.12
CEB DGD NL . 21.46 -27.85 -33.45
CFB DGD NL . 21.71 -26.34 -33.55
CGB DGD NL . 22.96 -25.83 -32.81
O1B DGD NL . 13.22 -40.42 -35.09
O1G DGD NL . 13.74 -38.62 -32.05
C1G DGD NL . 13.55 -39.90 -31.48
C2G DGD NL . 13.34 -40.88 -32.61
O2G DGD NL . 14.57 -40.83 -33.32
C3G DGD NL . 13.07 -42.26 -32.04
O3G DGD NL . 11.80 -42.21 -31.41
C1D DGD NL . 11.57 -43.36 -30.62
C2D DGD NL . 10.26 -43.12 -29.88
O2D DGD NL . 10.41 -42.05 -28.93
C3D DGD NL . 9.82 -44.36 -29.13
O3D DGD NL . 8.53 -44.13 -28.56
C4D DGD NL . 9.80 -45.54 -30.09
O4D DGD NL . 8.75 -45.32 -31.04
C5D DGD NL . 11.13 -45.66 -30.84
O5D DGD NL . 11.33 -48.01 -31.04
C6D DGD NL . 11.13 -46.83 -31.82
O6D DGD NL . 11.38 -44.44 -31.51
C1E DGD NL . 10.35 -49.04 -31.15
C2E DGD NL . 10.18 -49.64 -29.74
O2E DGD NL . 9.71 -48.65 -28.82
C3E DGD NL . 11.53 -50.20 -29.28
O3E DGD NL . 11.40 -50.80 -27.98
C4E DGD NL . 12.01 -51.24 -30.27
O4E DGD NL . 11.13 -52.37 -30.24
C5E DGD NL . 12.07 -50.68 -31.69
O6E DGD NL . 10.85 -50.03 -32.06
C6E DGD NL . 12.35 -51.76 -32.73
O5E DGD NL . 13.49 -52.56 -32.36
C1A DGD OL . 41.86 -43.85 -20.37
C2A DGD OL . 43.05 -42.95 -20.16
C3A DGD OL . 42.96 -41.96 -21.31
C4A DGD OL . 43.39 -40.54 -20.99
C5A DGD OL . 42.52 -39.76 -21.96
C6A DGD OL . 42.69 -38.24 -22.03
C7A DGD OL . 41.90 -37.73 -23.23
C8A DGD OL . 41.99 -36.22 -23.32
C9A DGD OL . 43.16 -35.67 -24.15
CAA DGD OL . 43.23 -34.16 -23.95
CBA DGD OL . 43.09 -33.96 -22.44
CCA DGD OL . 43.01 -32.55 -21.87
CDA DGD OL . 42.52 -32.64 -20.43
CEA DGD OL . 43.57 -33.17 -19.45
CFA DGD OL . 43.35 -34.65 -19.13
CGA DGD OL . 44.23 -35.14 -17.98
O1A DGD OL . 41.01 -43.58 -21.21
C1B DGD OL . 40.17 -46.37 -23.18
C2B DGD OL . 40.57 -45.85 -24.55
C3B DGD OL . 39.83 -44.55 -24.82
C4B DGD OL . 39.14 -44.42 -26.18
C5B DGD OL . 38.04 -43.37 -25.97
C6B DGD OL . 37.10 -43.22 -27.15
C7B DGD OL . 35.65 -43.39 -26.71
C8B DGD OL . 34.97 -42.09 -26.29
C9B DGD OL . 33.47 -42.13 -26.61
CAB DGD OL . 32.64 -41.15 -25.78
CBB DGD OL . 32.75 -39.73 -26.33
CCB DGD OL . 31.52 -38.89 -26.04
CDB DGD OL . 31.40 -38.46 -24.58
CEB DGD OL . 32.71 -37.93 -24.00
CFB DGD OL . 32.38 -37.28 -22.65
CGB DGD OL . 33.64 -37.06 -21.81
O1B DGD OL . 39.03 -46.76 -22.94
O1G DGD OL . 41.67 -45.05 -19.60
C1G DGD OL . 40.45 -45.77 -19.82
C2G DGD OL . 40.59 -46.88 -20.86
O2G DGD OL . 41.11 -46.33 -22.07
C3G DGD OL . 41.57 -47.93 -20.33
O3G DGD OL . 41.24 -48.31 -18.98
C1D DGD OL . 40.27 -49.35 -18.86
C2D DGD OL . 40.45 -50.03 -17.52
O2D DGD OL . 41.70 -50.73 -17.50
C3D DGD OL . 39.32 -51.03 -17.27
O3D DGD OL . 39.40 -51.49 -15.91
C4D DGD OL . 37.93 -50.42 -17.48
O4D DGD OL . 37.64 -49.49 -16.43
C5D DGD OL . 37.89 -49.69 -18.82
O5D DGD OL . 35.47 -49.75 -18.91
C6D DGD OL . 36.61 -48.93 -19.11
O6D DGD OL . 38.97 -48.77 -18.93
C1E DGD OL . 35.13 -50.54 -20.06
C2E DGD OL . 33.62 -50.52 -20.27
O2E DGD OL . 33.14 -49.17 -20.41
C3E DGD OL . 32.93 -51.15 -19.08
O3E DGD OL . 31.53 -51.27 -19.39
C4E DGD OL . 33.55 -52.52 -18.80
O4E DGD OL . 33.20 -53.36 -19.91
C5E DGD OL . 35.07 -52.44 -18.67
O6E DGD OL . 35.63 -51.86 -19.85
C6E DGD OL . 35.72 -53.79 -18.41
O5E DGD OL . 35.54 -54.64 -19.54
C1A DGD PL . 41.48 -39.03 -13.04
C2A DGD PL . 41.05 -37.57 -13.01
C3A DGD PL . 41.41 -36.85 -14.29
C4A DGD PL . 41.02 -35.38 -14.19
C5A DGD PL . 40.66 -34.79 -15.55
C6A DGD PL . 40.07 -33.38 -15.40
C7A DGD PL . 39.64 -32.81 -16.74
C8A DGD PL . 39.08 -31.41 -16.58
C9A DGD PL . 38.82 -30.75 -17.94
CAA DGD PL . 38.26 -29.34 -17.79
CBA DGD PL . 39.17 -28.46 -16.93
CCA DGD PL . 38.92 -26.98 -17.16
CDA DGD PL . 40.13 -26.16 -16.72
CEA DGD PL . 40.49 -25.08 -17.74
CFA DGD PL . 41.47 -24.09 -17.13
CGA DGD PL . 42.09 -23.17 -18.17
O1A DGD PL . 42.51 -39.39 -12.52
C1B DGD PL . 39.47 -42.39 -16.46
C2B DGD PL . 40.05 -42.41 -17.86
C3B DGD PL . 39.02 -42.25 -18.97
C4B DGD PL . 38.33 -40.90 -18.98
C5B DGD PL . 39.25 -39.70 -19.12
C6B DGD PL . 38.38 -38.53 -19.55
C7B DGD PL . 39.12 -37.22 -19.77
C8B DGD PL . 38.16 -36.24 -20.41
C9B DGD PL . 38.73 -34.84 -20.62
CAB DGD PL . 38.37 -34.33 -22.01
CBB DGD PL . 38.64 -32.83 -22.15
CCB DGD PL . 39.30 -32.47 -23.48
CDB DGD PL . 38.55 -33.02 -24.68
CEB DGD PL . 39.00 -32.35 -25.99
CFB DGD PL . 40.38 -32.80 -26.43
CGB DGD PL . 40.86 -32.01 -27.65
O1B DGD PL . 38.28 -42.55 -16.22
O1G DGD PL . 40.67 -40.04 -13.69
C1G DGD PL . 40.70 -41.37 -13.20
C2G DGD PL . 39.83 -42.22 -14.10
O2G DGD PL . 40.40 -42.15 -15.38
C3G DGD PL . 39.81 -43.65 -13.60
O3G DGD PL . 39.34 -43.58 -12.27
C1D DGD PL . 39.25 -44.85 -11.63
C2D DGD PL . 39.26 -44.54 -10.14
O2D DGD PL . 40.54 -44.01 -9.80
C3D DGD PL . 38.94 -45.78 -9.31
O3D DGD PL . 38.81 -45.41 -7.92
C4D DGD PL . 37.66 -46.44 -9.81
O4D DGD PL . 36.55 -45.56 -9.54
C5D DGD PL . 37.75 -46.68 -11.31
O5D DGD PL . 36.04 -48.35 -10.99
C6D DGD PL . 36.47 -47.31 -11.86
O6D DGD PL . 38.01 -45.47 -12.00
C1E DGD PL . 35.28 -49.34 -11.67
C2E DGD PL . 34.58 -50.19 -10.63
O2E DGD PL . 33.75 -49.35 -9.82
C3E DGD PL . 35.63 -50.87 -9.74
O3E DGD PL . 34.99 -51.77 -8.84
C4E DGD PL . 36.65 -51.63 -10.57
O4E DGD PL . 36.04 -52.78 -11.15
C5E DGD PL . 37.23 -50.75 -11.69
O6E DGD PL . 36.17 -50.16 -12.44
C6E DGD PL . 38.18 -51.50 -12.63
O5E DGD PL . 38.58 -50.58 -13.67
C1 LMG QL . 41.14 -53.14 -20.43
O1 LMG QL . 42.16 -52.58 -21.25
C2 LMG QL . 39.82 -53.01 -21.20
O2 LMG QL . 39.54 -51.63 -21.44
C3 LMG QL . 38.70 -53.67 -20.39
O3 LMG QL . 37.46 -53.60 -21.12
C4 LMG QL . 39.06 -55.12 -20.16
O4 LMG QL . 39.15 -55.82 -21.41
C5 LMG QL . 40.39 -55.22 -19.46
O5 LMG QL . 41.86 -56.72 -18.42
C6 LMG QL . 40.78 -56.69 -19.35
O6 LMG QL . 41.43 -54.51 -20.14
C7 LMG QL . 43.41 -52.41 -20.58
C8 LMG QL . 44.36 -51.77 -21.58
C9 LMG QL . 44.17 -50.27 -21.54
O7 LMG QL . 45.71 -52.07 -21.24
C10 LMG QL . 46.47 -52.38 -22.42
O9 LMG QL . 46.01 -53.20 -23.21
C11 LMG QL . 47.79 -51.70 -22.66
C12 LMG QL . 47.64 -50.67 -23.76
C13 LMG QL . 48.59 -49.50 -23.50
C14 LMG QL . 48.60 -48.49 -24.64
C15 LMG QL . 49.04 -47.12 -24.14
C16 LMG QL . 49.41 -46.19 -25.30
C17 LMG QL . 49.20 -44.73 -24.92
C18 LMG QL . 49.62 -43.80 -26.05
C19 LMG QL . 48.92 -42.44 -25.94
C20 LMG QL . 49.37 -41.48 -27.04
C21 LMG QL . 48.36 -40.36 -27.25
C22 LMG QL . 47.94 -39.71 -25.93
C23 LMG QL . 47.15 -38.43 -26.16
O8 LMG QL . 44.40 -49.72 -22.84
C28 LMG QL . 44.74 -48.31 -22.94
O10 LMG QL . 45.00 -47.70 -21.93
C29 LMG QL . 44.77 -47.60 -24.26
C30 LMG QL . 44.92 -46.10 -23.99
C31 LMG QL . 44.50 -45.27 -25.19
C32 LMG QL . 44.63 -43.77 -24.89
C33 LMG QL . 43.64 -42.96 -25.70
C34 LMG QL . 44.21 -41.58 -26.01
C35 LMG QL . 43.12 -40.58 -26.36
C36 LMG QL . 42.53 -40.78 -27.75
C37 LMG QL . 41.38 -39.82 -28.01
C38 LMG QL . 40.56 -40.20 -29.23
C39 LMG QL . 39.08 -40.35 -28.86
C40 LMG QL . 38.16 -40.21 -30.06
C41 LMG QL . 36.70 -40.23 -29.61
C42 LMG QL . 35.76 -39.67 -30.66
C43 LMG QL . 34.50 -39.12 -30.02
C1 LMG RL . 37.00 -72.28 -38.77
O1 LMG RL . 36.09 -72.60 -39.82
C2 LMG RL . 36.40 -72.67 -37.43
O2 LMG RL . 35.28 -71.82 -37.19
C3 LMG RL . 37.45 -72.47 -36.37
O3 LMG RL . 36.89 -72.56 -35.06
C4 LMG RL . 38.52 -73.52 -36.57
O4 LMG RL . 38.02 -74.77 -36.07
C5 LMG RL . 38.93 -73.68 -38.05
O5 LMG RL . 38.92 -75.17 -39.94
C6 LMG RL . 38.80 -75.13 -38.51
O6 LMG RL . 38.30 -72.84 -39.01
C7 LMG RL . 36.63 -72.31 -41.11
C8 LMG RL . 36.57 -70.81 -41.43
C9 LMG RL . 37.42 -70.58 -42.68
O7 LMG RL . 35.23 -70.37 -41.68
C10 LMG RL . 34.99 -69.02 -41.15
O9 LMG RL . 35.94 -68.37 -40.76
C11 LMG RL . 33.60 -68.43 -41.13
C12 LMG RL . 33.68 -66.92 -40.89
C13 LMG RL . 33.84 -66.11 -42.18
C14 LMG RL . 33.88 -64.61 -41.89
C15 LMG RL . 34.24 -63.79 -43.13
C16 LMG RL . 34.51 -62.32 -42.77
C17 LMG RL . 34.95 -61.50 -43.98
C18 LMG RL . 35.34 -60.07 -43.57
C19 LMG RL . 35.77 -59.22 -44.76
C20 LMG RL . 36.25 -57.84 -44.32
C21 LMG RL . 36.79 -57.03 -45.50
C22 LMG RL . 37.40 -55.70 -45.08
C23 LMG RL . 38.15 -55.06 -46.25
C24 LMG RL . 38.53 -53.62 -45.95
C25 LMG RL . 38.87 -52.85 -47.21
O8 LMG RL . 37.08 -69.32 -43.24
C28 LMG RL . 38.10 -68.47 -43.84
O10 LMG RL . 39.27 -68.76 -43.68
C29 LMG RL . 37.69 -67.24 -44.61
C30 LMG RL . 38.93 -66.43 -45.05
C31 LMG RL . 38.41 -65.21 -45.80
C32 LMG RL . 39.51 -64.34 -46.40
C33 LMG RL . 38.84 -63.26 -47.25
C34 LMG RL . 39.79 -62.23 -47.83
C35 LMG RL . 38.99 -61.16 -48.58
C36 LMG RL . 39.78 -59.86 -48.70
C37 LMG RL . 38.89 -58.69 -49.11
C38 LMG RL . 39.68 -57.38 -49.07
C39 LMG RL . 38.95 -56.22 -49.74
C40 LMG RL . 38.39 -56.63 -51.08
C41 LMG RL . 37.60 -55.50 -51.73
C42 LMG RL . 37.06 -55.90 -53.10
C43 LMG RL . 36.05 -57.03 -52.98
C1 HTG SL . 29.30 -68.23 -45.17
S1 HTG SL . 29.89 -66.71 -45.84
C2 HTG SL . 28.85 -67.97 -43.74
O2 HTG SL . 29.94 -67.39 -43.01
C3 HTG SL . 28.42 -69.29 -43.12
O3 HTG SL . 28.06 -69.11 -41.75
C4 HTG SL . 27.24 -69.81 -43.92
O4 HTG SL . 26.85 -71.09 -43.40
C5 HTG SL . 27.59 -69.95 -45.40
O5 HTG SL . 28.23 -68.80 -45.95
C6 HTG SL . 26.29 -70.23 -46.16
O6 HTG SL . 26.58 -70.55 -47.52
C1' HTG SL . 31.46 -66.94 -46.61
C2' HTG SL . 32.11 -65.59 -46.86
C3' HTG SL . 33.62 -65.70 -47.03
C4' HTG SL . 34.30 -64.33 -46.90
C5' HTG SL . 33.78 -63.33 -47.92
C6' HTG SL . 34.60 -62.04 -47.91
C7' HTG SL . 34.17 -61.09 -49.01
C1 HTG TL . 11.41 -62.64 -53.72
S1 HTG TL . 13.11 -62.22 -53.43
C2 HTG TL . 11.17 -64.11 -53.37
O2 HTG TL . 11.90 -64.94 -54.29
C3 HTG TL . 9.69 -64.45 -53.49
O3 HTG TL . 9.47 -65.81 -53.08
C4 HTG TL . 8.89 -63.52 -52.58
O4 HTG TL . 7.49 -63.73 -52.81
C5 HTG TL . 9.20 -62.05 -52.86
O5 HTG TL . 10.61 -61.78 -52.89
C6 HTG TL . 8.58 -61.18 -51.77
O6 HTG TL . 9.21 -61.45 -50.51
C1' HTG TL . 13.58 -60.89 -54.47
C2' HTG TL . 14.80 -60.17 -53.88
C3' HTG TL . 16.12 -60.90 -54.13
C4' HTG TL . 17.27 -59.90 -54.04
C5' HTG TL . 18.66 -60.54 -54.15
C6' HTG TL . 19.73 -59.45 -54.11
C7' HTG TL . 21.12 -60.03 -53.97
C32 UNL UL . 40.73 -45.54 -67.42
C33 UNL UL . 40.87 -46.54 -66.28
C34 UNL UL . 39.50 -46.97 -65.75
C35 UNL UL . 39.64 -48.16 -64.81
C36 UNL UL . 38.35 -48.40 -64.04
C37 UNL UL . 38.41 -49.67 -63.18
C1 HTG VL . 50.45 -46.96 -65.18
S1 HTG VL . 49.31 -47.36 -63.91
C2 HTG VL . 49.70 -46.56 -66.46
O2 HTG VL . 48.87 -47.65 -66.88
C3 HTG VL . 50.70 -46.21 -67.56
O3 HTG VL . 50.00 -45.75 -68.72
C4 HTG VL . 51.64 -45.12 -67.07
O4 HTG VL . 52.65 -44.89 -68.05
C5 HTG VL . 52.30 -45.51 -65.74
O5 HTG VL . 51.34 -45.91 -64.76
C6 HTG VL . 53.11 -44.33 -65.21
O6 HTG VL . 53.87 -44.76 -64.06
C1' HTG VL . 50.05 -48.51 -62.79
C2' HTG VL . 48.97 -49.27 -62.02
C3' HTG VL . 48.56 -48.52 -60.75
C4' HTG VL . 47.25 -49.05 -60.19
C5' HTG VL . 47.46 -50.14 -59.14
C6' HTG VL . 46.20 -50.32 -58.29
C7' HTG VL . 46.22 -51.60 -57.50
C27 UNL WL . 22.35 -35.63 -72.43
C28 UNL WL . 21.09 -36.41 -72.03
C29 UNL WL . 21.27 -37.89 -72.30
C30 UNL WL . 20.08 -38.68 -71.75
C31 UNL WL . 20.50 -40.09 -71.34
C32 UNL WL . 19.62 -40.57 -70.19
C33 UNL WL . 20.35 -41.54 -69.27
C34 UNL WL . 19.51 -41.82 -68.03
C35 UNL WL . 20.00 -43.06 -67.30
C36 UNL WL . 19.09 -43.40 -66.13
C37 UNL WL . 19.42 -44.77 -65.56
C38 UNL WL . 18.46 -45.13 -64.45
C31 UNL XL . 14.37 -39.10 -64.35
C32 UNL XL . 15.09 -40.45 -64.25
C33 UNL XL . 15.57 -40.71 -62.83
C34 UNL XL . 16.42 -41.97 -62.75
C35 UNL XL . 17.25 -41.97 -61.46
C1 GOL YL . 2.39 -44.12 -43.58
O1 GOL YL . 2.39 -42.93 -42.85
C2 GOL YL . 2.02 -43.76 -45.05
O2 GOL YL . 0.78 -43.13 -45.14
C3 GOL YL . 2.04 -45.12 -45.81
O3 GOL YL . 2.09 -44.83 -47.18
C1 GOL ZL . 1.29 -40.75 -40.22
O1 GOL ZL . 1.21 -40.62 -41.62
C2 GOL ZL . 2.03 -39.49 -39.69
O2 GOL ZL . 1.16 -38.42 -39.46
C3 GOL ZL . 2.78 -39.91 -38.38
O3 GOL ZL . 3.01 -41.29 -38.42
C1 GOL AM . 3.94 -54.11 -54.23
O1 GOL AM . 4.11 -53.24 -55.31
C2 GOL AM . 4.67 -55.44 -54.59
O2 GOL AM . 4.46 -56.43 -53.62
C3 GOL AM . 6.17 -55.08 -54.73
O3 GOL AM . 6.38 -54.59 -56.02
S DMS BM . 14.26 -68.37 -23.75
O DMS BM . 13.18 -67.87 -25.12
C1 DMS BM . 14.15 -70.17 -23.46
C2 DMS BM . 16.02 -68.16 -24.19
S DMS CM . 7.00 -56.02 -31.97
O DMS CM . 7.26 -54.30 -32.41
C1 DMS CM . 5.46 -56.57 -32.76
C2 DMS CM . 8.15 -57.07 -32.91
S DMS DM . 22.06 -67.91 -23.22
O DMS DM . 23.64 -68.73 -22.98
C1 DMS DM . 20.94 -69.00 -24.13
C2 DMS DM . 21.19 -67.81 -21.63
S DMS EM . 24.43 -63.33 -23.35
O DMS EM . 23.66 -63.59 -24.95
C1 DMS EM . 23.16 -63.36 -22.07
C2 DMS EM . 25.40 -64.81 -22.93
S DMS FM . 4.77 -48.85 -29.85
O DMS FM . 4.23 -50.37 -29.06
C1 DMS FM . 6.24 -49.19 -30.86
C2 DMS FM . 3.55 -48.41 -31.12
S DMS GM . 6.01 -50.11 -38.82
O DMS GM . 4.61 -49.29 -38.03
C1 DMS GM . 6.98 -51.00 -37.57
C2 DMS GM . 5.44 -51.52 -39.81
S DMS HM . 10.06 -70.63 -36.69
O DMS HM . 10.85 -71.62 -35.42
C1 DMS HM . 11.24 -69.45 -37.39
C2 DMS HM . 9.73 -71.65 -38.16
S DMS IM . 55.96 -35.36 -56.03
O DMS IM . 54.78 -34.37 -56.95
C1 DMS IM . 57.05 -36.25 -57.18
C2 DMS IM . 57.17 -34.28 -55.23
S DMS JM . 5.63 -69.27 -1.68
O DMS JM . 4.26 -69.77 -2.75
C1 DMS JM . 7.09 -70.26 -2.06
C2 DMS JM . 6.21 -67.62 -2.17
S DMS KM . 24.62 4.73 -43.99
O DMS KM . 25.41 3.13 -44.22
C1 DMS KM . 24.85 5.32 -42.28
C2 DMS KM . 25.56 5.98 -44.91
S DMS LM . 13.65 -33.34 -63.07
O DMS LM . 13.63 -35.14 -63.00
C1 DMS LM . 12.67 -32.79 -64.50
C2 DMS LM . 12.68 -32.67 -61.71
S DMS MM . 45.93 -35.94 -70.77
O DMS MM . 44.83 -34.51 -70.76
C1 DMS MM . 44.96 -37.46 -70.95
C2 DMS MM . 46.86 -35.97 -72.32
S DMS NM . 33.65 -70.31 -28.12
O DMS NM . 35.03 -70.41 -29.29
C1 DMS NM . 32.76 -71.88 -28.11
C2 DMS NM . 34.28 -70.28 -26.42
S DMS OM . 20.74 -33.97 -68.45
O DMS OM . 22.22 -34.52 -69.31
C1 DMS OM . 20.57 -32.17 -68.60
C2 DMS OM . 19.27 -34.51 -69.36
S DMS PM . 14.60 -35.73 -69.28
O DMS PM . 16.29 -36.11 -69.79
C1 DMS PM . 14.38 -36.14 -67.51
C2 DMS PM . 14.37 -33.94 -69.22
S DMS QM . 4.11 -47.56 -42.38
O DMS QM . 4.93 -49.09 -41.90
C1 DMS QM . 2.70 -47.93 -43.47
C2 DMS QM . 3.24 -46.83 -40.97
S DMS RM . 38.18 -10.15 -54.50
O DMS RM . 38.36 -9.16 -53.01
C1 DMS RM . 39.32 -9.52 -55.77
C2 DMS RM . 38.88 -11.81 -54.25
S DMS SM . 34.83 -14.06 -56.89
O DMS SM . 33.93 -12.73 -57.73
C1 DMS SM . 35.08 -15.46 -58.03
C2 DMS SM . 36.55 -13.54 -56.62
C1B LMT TM . -6.71 -18.51 -8.02
C2B LMT TM . -7.31 -19.88 -7.66
C3B LMT TM . -6.28 -20.78 -6.96
C4B LMT TM . -4.93 -20.09 -6.95
C5B LMT TM . -5.08 -18.75 -6.23
C6B LMT TM . -3.75 -18.01 -6.11
O1B LMT TM . -7.74 -17.63 -8.48
O2B LMT TM . -8.47 -19.72 -6.83
O3B LMT TM . -6.21 -22.05 -7.64
O4' LMT TM . -3.94 -20.90 -6.31
O5B LMT TM . -6.06 -17.92 -6.89
O6B LMT TM . -4.00 -16.66 -5.69
C1' LMT TM . -8.53 -16.30 -12.40
C2' LMT TM . -8.36 -17.80 -12.15
C3' LMT TM . -8.53 -18.16 -10.69
C4' LMT TM . -7.59 -17.32 -9.85
C5' LMT TM . -7.96 -15.86 -10.10
C6' LMT TM . -7.20 -14.89 -9.19
O1' LMT TM . -8.13 -16.00 -13.74
O2' LMT TM . -9.34 -18.54 -12.89
O3' LMT TM . -8.32 -19.56 -10.50
O5' LMT TM . -7.75 -15.53 -11.48
O6' LMT TM . -5.80 -15.20 -9.10
C1 LMT TM . -9.24 -15.89 -14.63
C2 LMT TM . -8.73 -15.76 -16.06
C3 LMT TM . -9.19 -14.47 -16.70
C4 LMT TM . -8.23 -13.35 -16.32
C5 LMT TM . -6.88 -13.51 -17.01
C6 LMT TM . -6.17 -12.16 -17.03
C7 LMT TM . -4.83 -12.19 -17.80
C8 LMT TM . -4.93 -13.03 -19.07
C9 LMT TM . -3.72 -12.79 -19.98
C10 LMT TM . -3.60 -11.30 -20.36
C11 LMT TM . -3.05 -11.10 -21.76
C12 LMT TM . -4.15 -10.84 -22.78
MG CLA UM . 18.60 -19.24 -16.99
CHA CLA UM . 19.18 -16.77 -14.65
CHB CLA UM . 17.06 -16.81 -18.95
CHC CLA UM . 18.84 -21.33 -19.76
CHD CLA UM . 20.71 -21.54 -15.15
NA CLA UM . 18.22 -17.09 -16.85
C1A CLA UM . 18.43 -16.31 -15.86
C2A CLA UM . 17.94 -14.91 -16.01
C3A CLA UM . 17.17 -15.00 -17.31
C4A CLA UM . 17.49 -16.40 -17.74
CMA CLA UM . 15.71 -15.05 -16.84
CAA CLA UM . 19.17 -14.04 -16.40
CBA CLA UM . 20.05 -14.66 -17.51
CGA CLA UM . 21.17 -13.82 -18.11
O1A CLA UM . 21.38 -12.64 -17.85
O2A CLA UM . 22.09 -14.41 -19.06
NB CLA UM . 18.03 -19.07 -19.06
C1B CLA UM . 17.29 -18.12 -19.62
C2B CLA UM . 16.88 -18.43 -21.03
C3B CLA UM . 17.42 -19.79 -21.22
C4B CLA UM . 18.11 -20.07 -19.95
CMB CLA UM . 16.07 -17.59 -21.99
CAB CLA UM . 17.36 -20.75 -22.36
CBB CLA UM . 16.79 -20.45 -23.50
NC CLA UM . 19.64 -21.06 -17.38
C1C CLA UM . 19.52 -21.76 -18.51
C2C CLA UM . 20.11 -23.11 -18.46
C3C CLA UM . 20.65 -23.16 -17.09
C4C CLA UM . 20.31 -21.85 -16.53
CMC CLA UM . 20.15 -24.13 -19.57
CAC CLA UM . 21.37 -24.27 -16.36
CBC CLA UM . 20.28 -25.32 -16.32
ND CLA UM . 19.72 -19.23 -15.43
C1D CLA UM . 20.43 -20.19 -14.63
C2D CLA UM . 20.84 -19.75 -13.28
C3D CLA UM . 20.30 -18.35 -13.30
C4D CLA UM . 19.72 -18.15 -14.56
CMD CLA UM . 21.56 -20.42 -12.14
CAD CLA UM . 20.15 -17.09 -12.51
OBD CLA UM . 20.57 -16.92 -11.31
CBD CLA UM . 19.43 -16.08 -13.35
CGD CLA UM . 18.11 -15.74 -12.70
O1D CLA UM . 17.37 -16.59 -12.27
O2D CLA UM . 17.71 -14.35 -12.61
CED CLA UM . 16.37 -14.01 -12.22
C1 CLA UM . 22.94 -13.56 -19.84
C2 CLA UM . 22.14 -13.12 -21.04
C3 CLA UM . 21.89 -11.82 -21.24
C4 CLA UM . 22.36 -10.75 -20.31
C5 CLA UM . 21.07 -11.40 -22.44
C6 CLA UM . 19.65 -11.06 -21.97
C7 CLA UM . 18.83 -12.32 -21.65
C8 CLA UM . 17.46 -11.97 -21.05
C9 CLA UM . 17.64 -11.38 -19.66
C10 CLA UM . 16.58 -13.22 -20.95
C11 CLA UM . 15.09 -12.91 -20.68
C12 CLA UM . 14.23 -14.17 -20.78
C13 CLA UM . 12.73 -13.88 -20.66
C14 CLA UM . 11.96 -15.10 -20.18
C15 CLA UM . 12.15 -13.40 -21.99
C16 CLA UM . 10.86 -12.60 -21.81
C17 CLA UM . 10.67 -11.63 -22.99
C18 CLA UM . 10.16 -12.44 -24.15
C19 CLA UM . 9.87 -11.58 -25.36
C20 CLA UM . 8.90 -13.20 -23.74
O1 LHG VM . 42.22 -19.26 -43.48
C1 LHG VM . 41.32 -20.31 -43.11
C2 LHG VM . 39.93 -19.77 -42.78
O2 LHG VM . 39.54 -18.77 -43.74
C3 LHG VM . 39.88 -19.19 -41.37
O3 LHG VM . 40.83 -18.12 -41.22
P LHG VM . 40.35 -16.60 -41.40
O4 LHG VM . 41.57 -15.71 -41.24
O5 LHG VM . 39.48 -16.47 -42.62
O6 LHG VM . 39.42 -16.37 -40.09
C4 LHG VM . 40.03 -16.27 -38.81
C5 LHG VM . 39.15 -16.91 -37.72
C6 LHG VM . 37.74 -16.37 -37.80
O7 LHG VM . 39.08 -18.32 -37.88
C7 LHG VM . 40.18 -19.05 -37.29
O9 LHG VM . 41.14 -18.45 -36.81
C8 LHG VM . 40.11 -20.57 -37.30
C9 LHG VM . 41.25 -21.19 -36.50
C10 LHG VM . 41.28 -22.70 -36.69
O8 LHG VM . 37.05 -16.83 -36.64
C23 LHG VM . 35.72 -16.34 -36.34
O10 LHG VM . 35.13 -15.74 -37.24
C24 LHG VM . 35.10 -16.57 -34.98
C11 LHG VM . 42.32 -23.34 -35.75
C12 LHG VM . 42.76 -24.73 -36.22
C13 LHG VM . 41.59 -25.70 -36.40
C14 LHG VM . 40.78 -25.86 -35.12
C15 LHG VM . 39.43 -26.47 -35.44
C16 LHG VM . 38.41 -26.19 -34.33
C25 LHG VM . 33.84 -17.44 -35.06
C26 LHG VM . 33.26 -17.76 -33.68
C27 LHG VM . 34.20 -18.65 -32.86
C28 LHG VM . 34.34 -20.04 -33.50
C29 LHG VM . 35.47 -20.87 -32.88
C30 LHG VM . 35.79 -22.04 -33.83
C31 LHG VM . 37.29 -22.27 -33.97
C32 LHG VM . 37.84 -23.04 -32.76
C33 LHG VM . 39.37 -23.01 -32.75
C34 LHG VM . 39.92 -24.03 -31.75
C35 LHG VM . 40.98 -23.46 -30.83
C36 LHG VM . 41.05 -24.28 -29.54
C37 LHG VM . 40.72 -25.76 -29.80
C38 LHG VM . 40.63 -26.54 -28.51
C1B LMT WM . 58.56 11.21 -10.22
O1B LMT WM . 59.05 10.34 -9.21
C1' LMT WM . 59.67 10.01 -6.10
C2' LMT WM . 60.08 11.47 -6.25
C3' LMT WM . 60.15 11.93 -7.71
C4' LMT WM . 60.32 10.76 -8.69
C5' LMT WM . 61.06 9.56 -8.09
C6' LMT WM . 62.58 9.78 -8.08
O1' LMT WM . 59.69 9.68 -4.71
O2' LMT WM . 59.18 12.33 -5.51
O3' LMT WM . 61.23 12.85 -7.86
O5' LMT WM . 60.60 9.16 -6.78
O6' LMT WM . 63.23 8.58 -7.66
C1 LMT WM . 58.38 9.50 -4.16
C2 LMT WM . 58.53 9.09 -2.70
C3 LMT WM . 57.35 8.26 -2.20
C4 LMT WM . 57.69 7.67 -0.84
C5 LMT WM . 56.47 7.15 -0.08
C6 LMT WM . 56.91 6.66 1.29
C7 LMT WM . 55.72 6.26 2.16
C8 LMT WM . 56.12 6.03 3.61
C9 LMT WM . 56.57 4.59 3.88
C10 LMT WM . 56.46 4.27 5.38
C11 LMT WM . 56.75 2.80 5.67
C12 LMT WM . 56.82 2.52 7.15
C4 UNL XM . 57.55 7.31 -10.46
C5 UNL XM . 56.74 7.71 -9.23
C6 UNL XM . 55.46 8.40 -9.69
O6 UNL XM . 58.81 6.74 -10.07
O7 UNL XM . 56.39 6.53 -8.48
O8 UNL XM . 54.78 8.93 -8.56
O9 UNL XM . 58.11 6.82 -6.95
C10 UNL XM . 55.97 4.13 -4.26
C11 UNL XM . 56.92 3.87 -3.10
C12 UNL XM . 56.40 2.81 -2.14
C13 UNL XM . 57.39 2.59 -1.00
C14 UNL XM . 56.90 1.54 -0.02
C15 UNL XM . 57.94 1.19 1.05
C16 UNL XM . 57.34 0.20 2.03
C17 UNL XM . 58.36 -0.38 3.01
C18 UNL XM . 57.66 -1.13 4.15
C19 UNL XM . 58.65 -1.54 5.24
C23 UNL XM . 53.85 8.08 -7.82
C24 UNL XM . 53.40 8.46 -6.43
C25 UNL XM . 52.65 7.27 -5.85
C26 UNL XM . 53.05 7.10 -4.39
C27 UNL XM . 52.07 6.25 -3.60
C28 UNL XM . 52.63 6.03 -2.20
C29 UNL XM . 52.03 4.79 -1.56
C30 UNL XM . 52.54 4.60 -0.13
C31 UNL XM . 53.12 3.22 0.14
C32 UNL XM . 53.00 2.92 1.63
C33 UNL XM . 53.12 1.45 1.97
C34 UNL XM . 53.25 1.29 3.48
C35 UNL XM . 53.45 -0.16 3.88
C36 UNL XM . 53.22 -0.34 5.38
C37 UNL XM . 54.41 0.09 6.22
C38 UNL XM . 54.11 -0.06 7.70
C7 UNL XM . 56.96 6.49 -7.14
C8 UNL XM . 56.10 5.99 -5.98
C9 UNL XM . 56.74 4.72 -5.43
O10 UNL XM . 53.46 7.05 -8.34
O7 UNL YM . 52.09 4.60 -7.85
O9 UNL YM . 50.21 3.25 -7.86
C10 UNL YM . 53.14 1.33 -4.94
C11 UNL YM . 52.71 0.12 -4.11
C12 UNL YM . 53.52 -0.02 -2.83
C13 UNL YM . 53.25 -1.37 -2.18
C14 UNL YM . 54.13 -1.62 -0.96
C15 UNL YM . 54.55 -3.09 -0.93
C16 UNL YM . 55.65 -3.37 0.08
C17 UNL YM . 55.07 -3.97 1.36
C18 UNL YM . 56.10 -4.84 2.07
C19 UNL YM . 55.54 -5.44 3.36
C20 UNL YM . 55.65 -4.49 4.55
C21 UNL YM . 55.03 -5.08 5.80
C22 UNL YM . 55.30 -4.25 7.02
C7 UNL YM . 51.21 3.60 -7.26
C8 UNL YM . 51.55 2.99 -5.92
C9 UNL YM . 52.18 1.61 -6.08
C1 HTG ZM . 65.51 8.93 3.59
S1 HTG ZM . 63.78 8.99 4.00
C2 HTG ZM . 65.59 8.65 2.09
O2 HTG ZM . 65.00 7.38 1.80
C3 HTG ZM . 67.02 8.70 1.61
O3 HTG ZM . 67.06 8.44 0.20
C4 HTG ZM . 67.54 10.10 1.90
O4 HTG ZM . 68.90 10.21 1.46
C5 HTG ZM . 67.44 10.45 3.38
O5 HTG ZM . 66.14 10.16 3.95
C6 HTG ZM . 67.76 11.94 3.54
O6 HTG ZM . 67.11 12.47 4.70
C1' HTG ZM . 63.19 7.39 4.39
C2' HTG ZM . 61.90 7.18 3.62
C3' HTG ZM . 61.44 5.74 3.71
C4' HTG ZM . 61.16 5.35 5.16
C5' HTG ZM . 61.02 3.84 5.29
C6' HTG ZM . 60.13 3.28 4.19
C7' HTG ZM . 60.81 2.11 3.50
MG CLA AN . 27.05 -19.45 -8.55
CHA CLA AN . 29.57 -17.86 -6.73
CHB CLA AN . 28.17 -17.64 -11.24
CHC CLA AN . 25.16 -21.51 -10.52
CHD CLA AN . 26.61 -21.81 -5.84
NA CLA AN . 28.68 -17.99 -8.95
C1A CLA AN . 29.40 -17.36 -8.10
C2A CLA AN . 30.19 -16.19 -8.62
C3A CLA AN . 29.67 -16.09 -10.04
C4A CLA AN . 28.78 -17.32 -10.09
CMA CLA AN . 28.74 -14.86 -10.00
CAA CLA AN . 31.65 -16.64 -8.79
CBA CLA AN . 32.57 -15.57 -9.38
CGA CLA AN . 33.99 -16.08 -9.58
O1A CLA AN . 34.55 -16.00 -10.67
O2A CLA AN . 34.74 -16.63 -8.46
NB CLA AN . 26.71 -19.54 -10.56
C1B CLA AN . 27.23 -18.77 -11.52
C2B CLA AN . 26.80 -19.16 -12.90
C3B CLA AN . 25.92 -20.32 -12.64
C4B CLA AN . 25.94 -20.46 -11.17
CMB CLA AN . 27.16 -18.56 -14.24
CAB CLA AN . 25.15 -21.18 -13.59
CBB CLA AN . 24.37 -20.63 -14.50
NC CLA AN . 26.09 -21.41 -8.22
C1C CLA AN . 25.22 -21.90 -9.09
C2C CLA AN . 24.30 -22.93 -8.54
C3C CLA AN . 24.75 -23.01 -7.13
C4C CLA AN . 25.86 -22.03 -7.08
CMC CLA AN . 23.21 -23.66 -9.26
CAC CLA AN . 24.20 -23.85 -6.00
CBC CLA AN . 23.42 -22.88 -5.11
ND CLA AN . 27.82 -19.85 -6.82
C1D CLA AN . 27.58 -20.74 -5.73
C2D CLA AN . 28.37 -20.49 -4.50
C3D CLA AN . 29.17 -19.32 -4.95
C4D CLA AN . 28.81 -19.05 -6.26
CMD CLA AN . 28.47 -21.12 -3.14
CAD CLA AN . 30.20 -18.34 -4.53
OBD CLA AN . 30.76 -18.31 -3.38
CBD CLA AN . 30.48 -17.40 -5.65
CGD CLA AN . 30.07 -16.03 -5.18
O1D CLA AN . 28.92 -15.61 -5.25
O2D CLA AN . 31.07 -15.15 -4.65
CED CLA AN . 30.70 -13.84 -4.27
C1 CLA AN . 36.05 -17.20 -8.67
C2 CLA AN . 36.99 -16.76 -7.56
C3 CLA AN . 37.51 -15.52 -7.60
C4 CLA AN . 37.16 -14.62 -8.75
C5 CLA AN . 38.43 -15.00 -6.53
C6 CLA AN . 39.76 -14.47 -7.10
C7 CLA AN . 40.54 -15.61 -7.74
C8 CLA AN . 42.00 -15.24 -8.00
C9 CLA AN . 42.15 -14.00 -8.88
C10 CLA AN . 42.60 -16.46 -8.68
C11 CLA AN . 44.12 -16.38 -8.88
C12 CLA AN . 44.57 -17.80 -9.22
C13 CLA AN . 46.08 -17.90 -9.31
C14 CLA AN . 46.56 -17.46 -10.67
C15 CLA AN . 46.50 -19.32 -8.99
C16 CLA AN . 45.97 -20.38 -9.95
C17 CLA AN . 46.58 -21.72 -9.56
C18 CLA AN . 46.05 -22.93 -10.33
C19 CLA AN . 44.68 -23.37 -9.87
C20 CLA AN . 47.05 -24.08 -10.27
MG CLA BN . 54.40 -15.06 5.52
CHA CLA BN . 52.62 -16.34 8.20
CHB CLA BN . 52.42 -12.27 5.74
CHC CLA BN . 56.59 -13.47 3.36
CHD CLA BN . 56.82 -17.78 5.82
NA CLA BN . 52.75 -14.36 6.83
C1A CLA BN . 52.13 -15.00 7.73
C2A CLA BN . 50.92 -14.33 8.32
C3A CLA BN . 50.86 -13.08 7.47
C4A CLA BN . 52.10 -13.24 6.62
CMA CLA BN . 49.65 -13.23 6.57
CAA CLA BN . 51.20 -13.91 9.76
CBA CLA BN . 52.51 -13.09 9.81
CGA CLA BN . 52.78 -12.40 11.13
O1A CLA BN . 52.00 -12.37 12.07
O2A CLA BN . 54.06 -11.75 11.31
NB CLA BN . 54.50 -13.14 4.71
C1B CLA BN . 53.56 -12.19 4.80
C2B CLA BN . 53.78 -11.03 3.88
C3B CLA BN . 55.04 -11.42 3.19
C4B CLA BN . 55.38 -12.73 3.80
CMB CLA BN . 52.94 -9.80 3.72
CAB CLA BN . 55.83 -10.74 2.13
CBB CLA BN . 56.17 -9.46 2.24
NC CLA BN . 56.41 -15.55 4.74
C1C CLA BN . 57.07 -14.77 3.87
C2C CLA BN . 58.38 -15.33 3.43
C3C CLA BN . 58.43 -16.63 4.17
C4C CLA BN . 57.17 -16.63 4.96
CMC CLA BN . 59.39 -14.75 2.47
CAC CLA BN . 59.50 -17.68 4.17
CBC CLA BN . 60.58 -17.19 5.12
ND CLA BN . 54.75 -16.58 6.66
C1D CLA BN . 55.64 -17.71 6.70
C2D CLA BN . 55.28 -18.78 7.65
C3D CLA BN . 54.04 -18.19 8.24
C4D CLA BN . 53.83 -16.96 7.64
CMD CLA BN . 55.85 -20.13 8.05
CAD CLA BN . 52.95 -18.43 9.22
OBD CLA BN . 52.82 -19.46 9.97
CBD CLA BN . 52.03 -17.27 9.20
CGD CLA BN . 50.70 -17.79 8.71
O1D CLA BN . 50.32 -17.66 7.56
O2D CLA BN . 49.82 -18.49 9.63
CED CLA BN . 48.62 -19.06 9.12
C1 CLA BN . 54.21 -10.76 12.32
C2 CLA BN . 55.50 -10.02 12.08
C3 CLA BN . 55.52 -8.72 11.85
C4 CLA BN . 54.24 -7.94 11.79
C5 CLA BN . 56.85 -8.04 11.62
C6 CLA BN . 56.78 -6.62 12.17
C7 CLA BN . 57.45 -5.58 11.28
C8 CLA BN . 57.26 -4.21 11.93
C9 CLA BN . 56.85 -3.16 10.91
C10 CLA BN . 58.54 -3.82 12.66
C11 CLA BN . 58.35 -2.49 13.36
C12 CLA BN . 58.74 -2.58 14.83
C13 CLA BN . 58.53 -1.25 15.56
C14 CLA BN . 59.35 -0.13 14.91
C15 CLA BN . 58.85 -1.41 17.04
C16 CLA BN . 58.04 -2.50 17.74
C17 CLA BN . 58.63 -2.86 19.10
C18 CLA BN . 57.98 -4.13 19.66
C19 CLA BN . 56.59 -3.86 20.19
C20 CLA BN . 58.85 -4.76 20.74
C1 BCR CN . 57.17 -22.61 3.29
C2 BCR CN . 56.73 -22.42 4.74
C3 BCR CN . 55.95 -23.62 5.26
C4 BCR CN . 54.65 -23.74 4.47
C5 BCR CN . 54.93 -23.68 2.98
C6 BCR CN . 56.05 -23.18 2.43
C7 BCR CN . 56.14 -23.16 0.95
C8 BCR CN . 56.53 -24.15 0.14
C9 BCR CN . 56.51 -23.96 -1.32
C10 BCR CN . 56.34 -25.05 -2.13
C11 BCR CN . 56.24 -24.99 -3.59
C33 BCR CN . 53.83 -24.21 2.08
C31 BCR CN . 58.37 -23.55 3.23
C32 BCR CN . 57.57 -21.25 2.77
C34 BCR CN . 56.69 -22.59 -1.89
C12 BCR CN . 55.97 -26.12 -4.26
C13 BCR CN . 55.78 -26.17 -5.73
C14 BCR CN . 55.35 -27.32 -6.29
C15 BCR CN . 55.01 -27.50 -7.70
C16 BCR CN . 54.38 -28.62 -8.11
C17 BCR CN . 53.95 -28.79 -9.50
C18 BCR CN . 53.20 -29.83 -9.96
C19 BCR CN . 52.79 -29.83 -11.38
C20 BCR CN . 52.11 -30.81 -12.01
C21 BCR CN . 51.71 -30.54 -13.40
C22 BCR CN . 50.99 -31.35 -14.21
C23 BCR CN . 50.64 -30.81 -15.54
C24 BCR CN . 49.43 -31.13 -16.04
C25 BCR CN . 48.84 -30.66 -17.33
C26 BCR CN . 48.08 -29.54 -17.34
C27 BCR CN . 47.42 -28.98 -18.59
C28 BCR CN . 47.54 -29.91 -19.78
C29 BCR CN . 48.92 -30.53 -19.80
C30 BCR CN . 49.05 -31.45 -18.60
C35 BCR CN . 55.99 -24.92 -6.56
C36 BCR CN . 52.73 -30.94 -9.05
C37 BCR CN . 50.55 -32.73 -13.80
C38 BCR CN . 47.88 -28.78 -16.06
C39 BCR CN . 50.45 -32.03 -18.61
C40 BCR CN . 48.00 -32.55 -18.63
C2 PL9 DN . 29.03 -6.34 -31.11
C3 PL9 DN . 27.76 -5.79 -31.29
C4 PL9 DN . 27.61 -4.52 -32.05
C5 PL9 DN . 28.80 -3.84 -32.63
C6 PL9 DN . 30.12 -4.45 -32.38
C1 PL9 DN . 30.19 -5.71 -31.61
C7 PL9 DN . 26.48 -6.42 -30.79
C8 PL9 DN . 26.38 -6.50 -29.29
C9 PL9 DN . 25.31 -6.00 -28.66
C10 PL9 DN . 24.19 -5.32 -29.40
C11 PL9 DN . 25.25 -6.10 -27.17
C12 PL9 DN . 24.06 -6.97 -26.72
C13 PL9 DN . 24.26 -7.30 -25.26
C14 PL9 DN . 23.50 -8.18 -24.60
C15 PL9 DN . 22.38 -8.89 -25.32
C16 PL9 DN . 23.78 -8.47 -23.13
C17 PL9 DN . 24.51 -7.34 -22.38
C18 PL9 DN . 24.64 -7.80 -20.94
C19 PL9 DN . 23.77 -7.44 -19.95
C20 PL9 DN . 22.58 -6.56 -20.25
C21 PL9 DN . 23.97 -7.95 -18.53
C22 PL9 DN . 24.07 -6.83 -17.49
C23 PL9 DN . 24.42 -7.44 -16.15
C24 PL9 DN . 24.91 -6.71 -15.13
C25 PL9 DN . 25.11 -5.23 -15.30
C26 PL9 DN . 25.23 -7.36 -13.80
C27 PL9 DN . 24.25 -6.88 -12.71
C28 PL9 DN . 22.88 -7.45 -12.97
C29 PL9 DN . 21.79 -6.65 -12.98
C30 PL9 DN . 21.91 -5.17 -12.73
C31 PL9 DN . 20.41 -7.20 -13.27
C32 PL9 DN . 20.41 -8.63 -13.80
C33 PL9 DN . 18.95 -9.00 -13.96
C34 PL9 DN . 18.40 -10.14 -13.51
C35 PL9 DN . 19.20 -11.17 -12.78
C36 PL9 DN . 16.92 -10.37 -13.70
C37 PL9 DN . 16.56 -11.16 -14.95
C38 PL9 DN . 15.10 -11.51 -14.72
C39 PL9 DN . 14.22 -11.38 -15.74
C40 PL9 DN . 14.75 -10.87 -17.06
C41 PL9 DN . 12.75 -11.70 -15.57
C42 PL9 DN . 12.34 -12.65 -16.69
C43 PL9 DN . 10.87 -12.61 -17.03
C44 PL9 DN . 10.13 -13.73 -16.86
C45 PL9 DN . 10.73 -14.97 -16.26
C46 PL9 DN . 8.67 -13.76 -17.21
C47 PL9 DN . 8.11 -12.42 -17.66
C48 PL9 DN . 6.72 -12.64 -18.23
C49 PL9 DN . 5.65 -12.08 -17.65
C50 PL9 DN . 4.29 -12.28 -18.22
C51 PL9 DN . 5.80 -11.23 -16.42
C52 PL9 DN . 28.68 -2.54 -33.41
C53 PL9 DN . 31.40 -3.82 -32.94
O1 PL9 DN . 26.46 -4.08 -32.19
O2 PL9 DN . 31.30 -6.23 -31.41
O1 LHG EN . 31.35 4.71 -20.82
C1 LHG EN . 30.75 5.15 -19.58
C2 LHG EN . 31.58 6.32 -19.07
O2 LHG EN . 32.03 7.04 -20.21
C3 LHG EN . 32.80 5.83 -18.31
O3 LHG EN . 33.04 6.80 -17.30
P LHG EN . 34.38 6.80 -16.38
O4 LHG EN . 35.55 6.22 -17.14
O5 LHG EN . 34.52 8.15 -15.76
O6 LHG EN . 33.92 5.72 -15.28
C4 LHG EN . 32.96 6.05 -14.29
C5 LHG EN . 32.19 4.78 -13.98
C6 LHG EN . 33.16 3.70 -13.51
O7 LHG EN . 31.31 5.04 -12.90
C7 LHG EN . 29.92 4.91 -13.22
O9 LHG EN . 29.58 4.49 -14.32
C8 LHG EN . 28.92 5.31 -12.15
C9 LHG EN . 27.52 4.76 -12.43
C10 LHG EN . 27.34 3.31 -11.95
O8 LHG EN . 32.45 2.47 -13.45
C23 LHG EN . 33.07 1.27 -12.90
O10 LHG EN . 34.25 1.37 -12.66
C24 LHG EN . 32.28 0.01 -12.60
C11 LHG EN . 25.86 3.13 -11.62
C12 LHG EN . 25.44 1.69 -11.38
C13 LHG EN . 23.91 1.62 -11.31
C14 LHG EN . 23.33 2.31 -10.07
C15 LHG EN . 21.80 2.24 -10.10
C16 LHG EN . 21.21 2.13 -8.71
C17 LHG EN . 19.69 1.88 -8.73
C18 LHG EN . 19.08 2.59 -7.52
C19 LHG EN . 17.56 2.46 -7.43
C20 LHG EN . 17.04 3.33 -6.29
C21 LHG EN . 15.54 3.17 -6.04
C22 LHG EN . 15.00 4.28 -5.17
C25 LHG EN . 31.99 -0.05 -11.10
C26 LHG EN . 31.31 -1.32 -10.57
C27 LHG EN . 31.46 -1.42 -9.04
C28 LHG EN . 30.18 -1.79 -8.30
C29 LHG EN . 29.97 -0.94 -7.05
C30 LHG EN . 28.59 -1.13 -6.39
C31 LHG EN . 27.40 -0.59 -7.19
C32 LHG EN . 26.97 0.85 -6.82
C33 LHG EN . 27.77 1.92 -7.56
C34 LHG EN . 27.14 3.32 -7.46
C35 LHG EN . 28.13 4.38 -7.96
C36 LHG EN . 27.47 5.72 -8.25
C37 LHG EN . 28.53 6.81 -8.29
C38 LHG EN . 28.04 8.07 -8.98
O1 LHG FN . 26.39 7.34 -24.15
C1 LHG FN . 25.78 6.34 -24.98
C2 LHG FN . 26.84 5.74 -25.91
O2 LHG FN . 27.96 6.62 -26.04
C3 LHG FN . 26.26 5.47 -27.28
O3 LHG FN . 25.55 4.24 -27.26
P LHG FN . 25.58 3.24 -28.52
O4 LHG FN . 24.82 3.84 -29.69
O5 LHG FN . 26.98 2.68 -28.69
O6 LHG FN . 24.70 2.03 -27.93
C4 LHG FN . 23.29 2.01 -28.15
C5 LHG FN . 22.70 1.23 -26.99
C6 LHG FN . 21.19 1.42 -26.96
O7 LHG FN . 22.95 -0.15 -27.18
C7 LHG FN . 23.85 -0.70 -26.18
O9 LHG FN . 24.25 0.02 -25.27
C8 LHG FN . 24.20 -2.15 -26.29
C9 LHG FN . 24.41 -2.75 -24.91
C10 LHG FN . 23.10 -2.91 -24.14
O8 LHG FN . 20.76 0.59 -25.89
C23 LHG FN . 19.42 0.73 -25.43
O10 LHG FN . 18.65 1.29 -26.19
C24 LHG FN . 19.05 0.17 -24.08
C11 LHG FN . 22.36 -4.17 -24.53
C12 LHG FN . 21.12 -4.38 -23.66
C13 LHG FN . 20.46 -5.71 -24.03
C14 LHG FN . 19.09 -5.87 -23.36
C15 LHG FN . 18.57 -7.31 -23.41
C16 LHG FN . 17.22 -7.49 -22.69
C17 LHG FN . 17.38 -7.57 -21.18
C18 LHG FN . 16.09 -7.46 -20.38
C19 LHG FN . 15.04 -8.50 -20.74
C20 LHG FN . 13.83 -8.44 -19.80
C21 LHG FN . 12.84 -9.56 -20.05
C22 LHG FN . 11.49 -9.33 -19.36
C25 LHG FN . 17.67 -0.44 -24.14
C26 LHG FN . 17.63 -1.60 -25.12
C27 LHG FN . 16.24 -2.23 -25.12
C28 LHG FN . 16.07 -3.22 -26.27
C29 LHG FN . 16.89 -4.47 -26.04
C30 LHG FN . 16.78 -5.40 -27.23
C31 LHG FN . 15.38 -6.01 -27.33
C32 LHG FN . 15.33 -6.75 -28.65
C33 LHG FN . 13.94 -7.27 -28.95
C34 LHG FN . 14.07 -8.47 -29.88
C35 LHG FN . 14.22 -8.08 -31.33
C36 LHG FN . 14.54 -9.31 -32.17
C37 LHG FN . 14.03 -9.12 -33.59
C38 LHG FN . 14.06 -10.44 -34.32
C1 LMG GN . 46.73 -39.80 -8.68
O1 LMG GN . 47.19 -39.27 -9.91
C2 LMG GN . 45.74 -40.92 -9.01
O2 LMG GN . 44.64 -40.35 -9.70
C3 LMG GN . 45.27 -41.58 -7.72
O3 LMG GN . 44.31 -42.62 -8.01
C4 LMG GN . 46.48 -42.12 -6.96
O4 LMG GN . 47.12 -43.09 -7.79
C5 LMG GN . 47.49 -40.99 -6.71
O5 LMG GN . 48.52 -41.90 -4.76
C6 LMG GN . 48.78 -41.53 -6.11
O6 LMG GN . 47.84 -40.29 -7.91
C7 LMG GN . 48.14 -38.22 -9.73
C8 LMG GN . 47.52 -36.91 -10.18
C9 LMG GN . 48.54 -35.81 -9.96
O7 LMG GN . 47.30 -36.95 -11.58
C10 LMG GN . 45.94 -36.97 -12.06
O9 LMG GN . 45.00 -36.64 -11.33
C11 LMG GN . 45.74 -37.35 -13.50
C12 LMG GN . 45.15 -36.17 -14.26
C13 LMG GN . 46.00 -34.92 -14.06
C14 LMG GN . 45.30 -33.75 -14.73
C15 LMG GN . 45.60 -32.44 -14.01
C16 LMG GN . 45.48 -31.25 -14.93
C17 LMG GN . 44.05 -31.07 -15.39
C18 LMG GN . 43.80 -29.62 -15.80
C19 LMG GN . 44.18 -28.66 -14.67
C20 LMG GN . 43.57 -27.27 -14.90
C21 LMG GN . 43.92 -26.34 -13.74
C22 LMG GN . 44.66 -25.11 -14.23
C23 LMG GN . 45.89 -25.52 -15.05
C24 LMG GN . 46.52 -24.32 -15.77
C25 LMG GN . 47.35 -24.77 -16.96
O8 LMG GN . 47.97 -34.63 -10.55
C28 LMG GN . 48.66 -33.36 -10.59
O10 LMG GN . 49.82 -33.31 -10.20
C29 LMG GN . 47.90 -32.17 -11.13
C30 LMG GN . 48.60 -30.82 -11.01
C31 LMG GN . 47.52 -29.74 -11.22
C32 LMG GN . 47.98 -28.45 -11.86
C33 LMG GN . 49.24 -27.91 -11.21
C34 LMG GN . 49.65 -26.61 -11.88
C35 LMG GN . 50.97 -26.06 -11.33
C36 LMG GN . 51.21 -24.63 -11.81
C37 LMG GN . 52.65 -24.19 -11.59
C38 LMG GN . 53.63 -25.20 -12.15
C39 LMG GN . 54.86 -24.54 -12.75
C40 LMG GN . 55.47 -25.42 -13.83
C41 LMG GN . 56.88 -25.00 -14.21
C42 LMG GN . 56.91 -23.75 -15.08
C43 LMG GN . 58.32 -23.33 -15.44
C1 HTG HN . 59.76 -32.98 12.27
S1 HTG HN . 59.70 -31.39 11.49
C2 HTG HN . 58.44 -33.23 13.00
O2 HTG HN . 58.24 -32.24 14.01
C3 HTG HN . 58.41 -34.63 13.61
O3 HTG HN . 57.10 -34.92 14.12
C4 HTG HN . 58.77 -35.66 12.55
O4 HTG HN . 58.88 -36.96 13.16
C5 HTG HN . 60.09 -35.32 11.87
O5 HTG HN . 60.07 -34.00 11.31
C6 HTG HN . 60.39 -36.32 10.77
O6 HTG HN . 61.75 -36.18 10.35
C1' HTG HN . 60.61 -31.35 9.99
C2' HTG HN . 60.43 -29.96 9.38
C3' HTG HN . 60.43 -30.00 7.86
C4' HTG HN . 59.85 -28.72 7.27
C5' HTG HN . 59.79 -28.80 5.75
C6' HTG HN . 58.90 -27.71 5.17
C7' HTG HN . 58.53 -28.00 3.72
C1 GOL IN . 59.69 -28.92 14.73
O1 GOL IN . 58.60 -29.29 13.92
C2 GOL IN . 59.89 -27.39 14.58
O2 GOL IN . 60.42 -27.03 13.35
C3 GOL IN . 60.78 -26.97 15.78
O3 GOL IN . 59.94 -26.81 16.88
O6 SQD JN . 72.06 -8.66 -12.45
C44 SQD JN . 71.59 -7.70 -11.49
C45 SQD JN . 71.44 -8.36 -10.13
C46 SQD JN . 70.47 -9.54 -10.17
O47 SQD JN . 72.71 -8.84 -9.70
C7 SQD JN . 72.62 -9.59 -8.44
O49 SQD JN . 73.62 -10.10 -7.99
O48 SQD JN . 69.34 -9.35 -9.32
C23 SQD JN . 68.64 -10.51 -8.78
O10 SQD JN . 69.13 -11.61 -8.94
C24 SQD JN . 67.35 -10.36 -8.02
C25 SQD JN . 66.93 -11.74 -7.51
C26 SQD JN . 65.76 -11.64 -6.54
C27 SQD JN . 66.09 -10.66 -5.42
C28 SQD JN . 65.13 -10.77 -4.24
C29 SQD JN . 65.60 -11.81 -3.24
C30 SQD JN . 65.43 -11.33 -1.80
C31 SQD JN . 65.77 -12.45 -0.82
C32 SQD JN . 65.95 -11.94 0.60
C33 SQD JN . 65.44 -12.95 1.63
C34 SQD JN . 63.92 -13.02 1.59
C35 SQD JN . 63.42 -14.42 1.94
C36 SQD JN . 63.69 -14.76 3.40
C37 SQD JN . 64.02 -16.24 3.58
C38 SQD JN . 65.41 -16.57 3.12
C1 SQD JN . 72.61 -8.07 -13.63
C5 SQD JN . 70.53 -7.86 -14.82
C6 SQD JN . 69.28 -7.07 -14.47
O5 SQD JN . 71.67 -7.19 -14.27
S SQD JN . 68.17 -7.96 -13.59
O7 SQD JN . 67.34 -7.00 -12.85
O8 SQD JN . 67.32 -8.81 -14.46
O9 SQD JN . 68.84 -8.84 -12.61
S DMS KN . 40.34 7.01 -13.26
O DMS KN . 39.47 7.17 -14.83
C1 DMS KN . 40.56 5.26 -12.86
C2 DMS KN . 42.04 7.59 -13.50
S DMS LN . 22.60 -44.10 11.45
O DMS LN . 21.99 -44.78 12.99
C1 DMS LN . 24.35 -44.50 11.24
C2 DMS LN . 21.88 -45.03 10.07
S DMS MN . 43.91 -5.48 -50.24
O DMS MN . 45.49 -6.34 -50.19
C1 DMS MN . 44.13 -3.77 -49.67
C2 DMS MN . 43.44 -5.17 -51.96
S DMS NN . 33.54 -38.72 7.85
O DMS NN . 31.91 -39.47 8.01
C1 DMS NN . 33.63 -37.72 6.34
C2 DMS NN . 33.74 -37.45 9.13
S DMS ON . 48.77 -21.68 25.37
O DMS ON . 50.19 -20.86 24.64
C1 DMS ON . 48.35 -23.18 24.43
C2 DMS ON . 49.28 -22.44 26.94
S DMS PN . 55.47 -20.87 21.71
O DMS PN . 55.73 -21.28 19.97
C1 DMS PN . 54.58 -22.21 22.53
C2 DMS PN . 57.06 -20.97 22.58
O1 LHG QN . 61.49 -11.97 -27.51
C1 LHG QN . 62.81 -12.19 -27.00
C2 LHG QN . 62.79 -12.29 -25.48
O2 LHG QN . 64.13 -12.21 -24.98
C3 LHG QN . 62.14 -13.60 -25.03
O3 LHG QN . 62.39 -14.60 -26.00
P LHG QN . 61.61 -16.00 -25.96
O4 LHG QN . 61.24 -16.31 -24.53
O5 LHG QN . 62.36 -17.02 -26.78
O6 LHG QN . 60.27 -15.61 -26.78
C4 LHG QN . 59.37 -16.58 -27.26
C5 LHG QN . 57.97 -16.13 -26.88
C6 LHG QN . 57.11 -15.95 -28.13
O7 LHG QN . 57.39 -17.08 -25.99
C7 LHG QN . 57.74 -16.86 -24.59
O9 LHG QN . 58.50 -15.95 -24.29
C8 LHG QN . 57.16 -17.74 -23.52
C9 LHG QN . 57.77 -17.41 -22.16
C10 LHG QN . 56.88 -17.97 -21.04
O8 LHG QN . 57.41 -14.68 -28.71
C23 LHG QN . 56.38 -13.87 -29.36
O10 LHG QN . 56.56 -12.67 -29.44
C24 LHG QN . 55.13 -14.48 -29.95
C11 LHG QN . 57.65 -18.34 -19.78
C12 LHG QN . 57.89 -17.16 -18.85
C13 LHG QN . 57.81 -17.59 -17.38
C14 LHG QN . 58.47 -16.58 -16.44
C15 LHG QN . 57.98 -16.73 -15.01
C16 LHG QN . 56.69 -15.96 -14.78
C17 LHG QN . 56.34 -15.84 -13.30
C18 LHG QN . 55.77 -14.46 -12.98
C19 LHG QN . 54.35 -14.28 -13.52
C20 LHG QN . 53.96 -12.81 -13.60
C21 LHG QN . 53.74 -12.19 -12.22
C22 LHG QN . 52.32 -12.37 -11.73
C25 LHG QN . 54.00 -13.45 -29.94
C26 LHG QN . 53.34 -13.35 -28.57
C27 LHG QN . 52.37 -14.50 -28.33
C28 LHG QN . 51.06 -14.30 -29.09
C29 LHG QN . 49.89 -14.88 -28.31
C10 UNL RN . 62.83 -38.40 -15.31
C11 UNL RN . 64.17 -39.00 -14.89
C12 UNL RN . 64.08 -40.53 -14.83
C13 UNL RN . 65.23 -41.14 -14.06
C14 UNL RN . 64.82 -42.52 -13.54
C15 UNL RN . 63.48 -42.38 -12.82
C16 UNL RN . 63.02 -43.69 -12.20
C17 UNL RN . 62.12 -43.38 -11.02
C18 UNL RN . 62.91 -42.71 -9.90
C19 UNL RN . 63.84 -43.70 -9.20
C20 UNL RN . 63.09 -44.74 -8.40
C21 UNL RN . 63.15 -46.17 -8.93
C22 UNL RN . 62.03 -46.53 -9.87
C8 UNL RN . 61.47 -36.29 -15.58
C9 UNL RN . 62.83 -36.87 -15.24
CHA HEM SN . 68.87 -21.99 -16.84
CHB HEM SN . 71.04 -24.28 -13.16
CHC HEM SN . 66.91 -26.79 -12.51
CHD HEM SN . 64.89 -24.81 -16.50
C1A HEM SN . 69.82 -22.47 -15.98
C2A HEM SN . 71.22 -22.18 -16.05
C3A HEM SN . 71.84 -22.82 -15.04
C4A HEM SN . 70.83 -23.51 -14.28
CMA HEM SN . 73.35 -22.81 -14.72
CAA HEM SN . 71.87 -21.32 -17.16
CBA HEM SN . 71.79 -22.19 -18.42
CGA HEM SN . 72.48 -21.56 -19.61
O1A HEM SN . 72.49 -22.20 -20.69
O2A HEM SN . 73.02 -20.43 -19.48
C1B HEM SN . 70.09 -25.12 -12.62
C2B HEM SN . 70.21 -25.87 -11.39
C3B HEM SN . 69.08 -26.58 -11.21
C4B HEM SN . 68.19 -26.28 -12.33
CMB HEM SN . 71.49 -25.83 -10.51
CAB HEM SN . 68.68 -27.54 -10.06
CBB HEM SN . 69.32 -27.61 -8.88
C1C HEM SN . 66.05 -26.53 -13.57
C2C HEM SN . 64.85 -27.27 -13.89
C3C HEM SN . 64.29 -26.72 -14.99
C4C HEM SN . 65.12 -25.62 -15.41
CMC HEM SN . 64.35 -28.48 -13.05
CAC HEM SN . 63.00 -27.14 -15.75
CBC HEM SN . 62.39 -28.32 -15.60
C1D HEM SN . 65.71 -23.76 -16.88
C2D HEM SN . 65.34 -22.64 -17.74
C3D HEM SN . 66.59 -21.77 -17.84
C4D HEM SN . 67.58 -22.43 -17.03
CMD HEM SN . 63.98 -22.37 -18.41
CAD HEM SN . 66.75 -20.42 -18.60
CBD HEM SN . 66.48 -19.40 -17.49
CGD HEM SN . 66.50 -17.96 -17.92
O1D HEM SN . 65.59 -17.18 -17.47
O2D HEM SN . 67.42 -17.57 -18.67
NA HEM SN . 69.60 -23.29 -14.88
NB HEM SN . 68.84 -25.39 -13.17
NC HEM SN . 66.17 -25.53 -14.52
ND HEM SN . 67.02 -23.59 -16.50
FE HEM SN . 67.86 -24.45 -14.76
O1B LMT TN . 56.70 -50.97 -3.32
C1' LMT TN . 57.85 -50.12 -7.30
C2' LMT TN . 57.52 -51.57 -6.93
C3' LMT TN . 56.68 -51.61 -5.66
C4' LMT TN . 57.46 -50.95 -4.53
C5' LMT TN . 57.79 -49.51 -4.93
C6' LMT TN . 58.67 -48.86 -3.87
O1' LMT TN . 58.79 -50.10 -8.36
O2' LMT TN . 56.82 -52.23 -7.99
O3' LMT TN . 56.37 -52.96 -5.30
O5' LMT TN . 58.46 -49.43 -6.19
O6' LMT TN . 59.05 -47.56 -4.33
C1 LMT TN . 58.19 -50.00 -9.66
C2 LMT TN . 59.28 -49.80 -10.71
C3 LMT TN . 58.75 -49.04 -11.91
C4 LMT TN . 59.69 -47.91 -12.34
C5 LMT TN . 58.94 -46.93 -13.24
C6 LMT TN . 59.68 -45.59 -13.35
C7 LMT TN . 58.78 -44.52 -13.96
C8 LMT TN . 59.59 -43.28 -14.31
C9 LMT TN . 58.77 -42.28 -15.12
C10 LMT TN . 59.67 -41.20 -15.70
C11 LMT TN . 59.00 -40.47 -16.86
C12 LMT TN . 59.58 -39.08 -17.06
C1 RRX UN . 48.48 6.66 9.99
C2 RRX UN . 48.62 7.39 8.66
O2 RRX UN . 53.45 -8.62 31.92
C3 RRX UN . 50.06 7.33 8.20
C40 RRX UN . 55.58 -6.07 29.22
C30 RRX UN . 55.23 -7.50 28.81
C39 RRX UN . 56.41 -8.10 28.04
C29 RRX UN . 54.97 -8.33 30.05
C28 RRX UN . 53.62 -7.97 30.65
C27 RRX UN . 52.55 -8.44 29.69
C26 RRX UN . 52.79 -7.87 28.30
C38 RRX UN . 51.60 -7.83 27.38
C25 RRX UN . 54.01 -7.45 27.89
C24 RRX UN . 54.17 -6.92 26.52
C23 RRX UN . 53.77 -5.68 26.18
C22 RRX UN . 53.92 -5.15 24.82
C37 RRX UN . 54.68 -5.95 23.79
C21 RRX UN . 53.37 -3.96 24.52
C20 RRX UN . 53.44 -3.32 23.20
C19 RRX UN . 52.76 -2.18 23.00
C18 RRX UN . 52.79 -1.46 21.71
C36 RRX UN . 53.60 -1.99 20.57
C17 RRX UN . 52.09 -0.32 21.56
C16 RRX UN . 52.10 0.44 20.31
C15 RRX UN . 51.34 1.52 20.16
C14 RRX UN . 51.36 2.26 18.90
C13 RRX UN . 50.54 3.31 18.63
C35 RRX UN . 49.50 3.77 19.62
C12 RRX UN . 50.66 3.96 17.31
C11 RRX UN . 50.03 5.08 16.91
C10 RRX UN . 50.31 5.48 15.53
C9 RRX UN . 49.44 6.10 14.72
C34 RRX UN . 48.06 6.46 15.20
C8 RRX UN . 49.86 6.38 13.34
C7 RRX UN . 49.06 6.96 12.44
C6 RRX UN . 49.46 7.22 11.02
C32 RRX UN . 47.06 6.82 10.52
C31 RRX UN . 48.78 5.16 9.78
C5 RRX UN . 50.58 7.86 10.63
C33 RRX UN . 51.57 8.42 11.61
C4 RRX UN . 50.95 8.09 9.17
C1A DGD VN . 38.72 -12.54 13.56
C2A DGD VN . 40.03 -12.51 12.77
C3A DGD VN . 40.02 -11.45 11.67
C4A DGD VN . 41.24 -11.59 10.75
C5A DGD VN . 41.22 -10.53 9.66
C6A DGD VN . 42.41 -10.63 8.70
C7A DGD VN . 42.48 -9.43 7.75
C8A DGD VN . 43.63 -9.52 6.75
C9A DGD VN . 43.45 -8.48 5.64
CAA DGD VN . 43.71 -9.12 4.28
CBA DGD VN . 42.88 -8.57 3.11
CCA DGD VN . 42.40 -7.13 3.19
CDA DGD VN . 41.81 -6.75 1.82
CEA DGD VN . 41.34 -5.30 1.72
CFA DGD VN . 39.98 -5.07 2.38
CGA DGD VN . 38.85 -5.06 1.37
O1A DGD VN . 37.82 -11.74 13.38
C1B DGD VN . 38.43 -10.72 16.26
C2B DGD VN . 38.37 -9.24 15.97
C3B DGD VN . 36.93 -8.83 15.75
C4B DGD VN . 36.87 -7.32 15.65
C5B DGD VN . 37.69 -6.81 14.46
C6B DGD VN . 37.17 -7.39 13.14
C7B DGD VN . 37.75 -6.61 11.98
C8B DGD VN . 37.98 -7.49 10.75
C9B DGD VN . 36.74 -8.35 10.49
CAB DGD VN . 35.76 -7.59 9.62
CBB DGD VN . 34.66 -8.53 9.15
CCB DGD VN . 33.60 -8.68 10.22
CDB DGD VN . 32.81 -9.94 9.89
CEB DGD VN . 31.46 -10.00 10.58
CFB DGD VN . 30.59 -10.98 9.81
CGB DGD VN . 29.96 -10.30 8.59
O1B DGD VN . 39.50 -11.29 16.36
O1G DGD VN . 38.50 -13.53 14.58
C1G DGD VN . 37.23 -13.53 15.24
C2G DGD VN . 37.41 -12.84 16.58
O2G DGD VN . 37.18 -11.45 16.42
C3G DGD VN . 36.40 -13.37 17.57
O3G DGD VN . 36.71 -14.73 17.87
C1D DGD VN . 35.49 -15.48 17.89
C2D DGD VN . 35.82 -16.96 17.91
O2D DGD VN . 36.56 -17.23 16.71
C3D DGD VN . 34.54 -17.80 17.96
O3D DGD VN . 34.84 -19.20 18.10
C4D DGD VN . 33.60 -17.33 19.08
O4D DGD VN . 34.06 -17.78 20.37
C5D DGD VN . 33.44 -15.80 19.05
O5D DGD VN . 33.30 -15.44 21.41
C6D DGD VN . 32.61 -15.23 20.19
O6D DGD VN . 34.70 -15.14 19.03
C1E DGD VN . 32.73 -14.74 22.50
C2E DGD VN . 33.75 -14.66 23.65
O2E DGD VN . 35.02 -14.22 23.16
C3E DGD VN . 33.91 -16.03 24.26
O3E DGD VN . 34.89 -16.00 25.31
C4E DGD VN . 32.56 -16.52 24.76
O4E DGD VN . 31.99 -15.60 25.69
C5E DGD VN . 31.65 -16.65 23.54
O6E DGD VN . 31.50 -15.38 22.89
C6E DGD VN . 30.28 -17.23 23.89
O5E DGD VN . 29.56 -16.28 24.67
C4 UNL WN . -14.17 -31.08 -41.64
C5 UNL WN . -14.12 -29.64 -41.18
C6 UNL WN . -13.91 -28.73 -42.39
O6 UNL WN . -13.48 -31.92 -40.70
O7 UNL WN . -15.32 -29.29 -40.50
O8 UNL WN . -13.59 -27.41 -41.96
C23 UNL WN . -12.67 -26.62 -42.77
C24 UNL WN . -12.21 -25.26 -42.31
C25 UNL WN . -10.88 -24.94 -43.00
C26 UNL WN . -10.37 -23.55 -42.63
C27 UNL WN . -9.09 -23.22 -43.40
C28 UNL WN . -8.68 -21.77 -43.19
C29 UNL WN . -7.31 -21.49 -43.84
C30 UNL WN . -6.80 -20.09 -43.57
C31 UNL WN . -5.31 -20.12 -43.20
C32 UNL WN . -4.57 -18.82 -43.51
C33 UNL WN . -3.78 -18.91 -44.81
C34 UNL WN . -2.46 -18.12 -44.76
O10 UNL WN . -12.29 -27.08 -43.83
C1 HTG XN . -15.06 -24.64 -35.51
S1 HTG XN . -13.69 -23.59 -35.05
C2 HTG XN . -15.30 -24.50 -37.01
O2 HTG XN . -15.55 -23.12 -37.34
C3 HTG XN . -16.48 -25.36 -37.47
O3 HTG XN . -16.11 -26.09 -38.64
C4 HTG XN . -17.02 -26.31 -36.39
O4 HTG XN . -18.09 -25.67 -35.68
C5 HTG XN . -15.98 -26.86 -35.38
O5 HTG XN . -14.84 -26.01 -35.17
C6 HTG XN . -15.56 -28.28 -35.75
O6 HTG XN . -14.23 -28.33 -36.31
C1' HTG XN . -12.24 -24.48 -34.64
C2' HTG XN . -11.12 -23.50 -34.30
C3' HTG XN . -10.66 -22.67 -35.50
C4' HTG XN . -9.21 -22.27 -35.30
C5' HTG XN . -8.82 -20.99 -36.00
C6' HTG XN . -7.44 -20.54 -35.52
C7' HTG XN . -6.96 -19.30 -36.25
O1B LMT YN . -16.25 -30.10 -28.87
C1' LMT YN . -14.14 -27.94 -29.98
C2' LMT YN . -15.03 -28.06 -31.22
C3' LMT YN . -16.06 -29.20 -31.09
C4' LMT YN . -15.63 -30.31 -30.13
C5' LMT YN . -14.11 -30.42 -29.96
C6' LMT YN . -13.41 -31.06 -31.14
O1' LMT YN . -13.08 -27.01 -30.25
O2' LMT YN . -15.71 -26.83 -31.49
O3' LMT YN . -16.31 -29.76 -32.39
O5' LMT YN . -13.49 -29.17 -29.62
O6' LMT YN . -13.65 -32.47 -31.14
C1 LMT YN . -13.29 -25.73 -29.68
C2 LMT YN . -11.93 -25.20 -29.22
C3 LMT YN . -10.86 -25.47 -30.27
C4 LMT YN . -10.31 -24.16 -30.82
C5 LMT YN . -9.02 -23.79 -30.09
C6 LMT YN . -8.30 -22.63 -30.78
C7 LMT YN . -6.98 -22.34 -30.09
C8 LMT YN . -6.34 -21.06 -30.64
C9 LMT YN . -5.23 -21.37 -31.63
C10 LMT YN . -4.89 -20.16 -32.51
C11 LMT YN . -4.09 -19.11 -31.75
C12 LMT YN . -3.87 -17.89 -32.64
C1B LMT ZN . 45.27 -56.25 -17.04
C2B LMT ZN . 44.46 -57.54 -17.06
C3B LMT ZN . 45.33 -58.70 -17.51
C4B LMT ZN . 45.88 -58.41 -18.90
C5B LMT ZN . 46.58 -57.04 -18.92
C6B LMT ZN . 45.94 -56.10 -19.94
O1B LMT ZN . 45.41 -55.81 -15.67
O2B LMT ZN . 43.87 -57.80 -15.78
O3B LMT ZN . 44.56 -59.91 -17.52
O4' LMT ZN . 46.82 -59.42 -19.27
O5B LMT ZN . 46.57 -56.46 -17.61
O6B LMT ZN . 45.68 -56.78 -21.17
C1' LMT ZN . 44.19 -51.94 -14.84
C2' LMT ZN . 43.05 -52.92 -15.15
C3' LMT ZN . 43.48 -54.38 -15.03
C4' LMT ZN . 44.94 -54.49 -15.45
C5' LMT ZN . 45.72 -53.83 -14.31
C6' LMT ZN . 47.22 -53.77 -14.57
O1' LMT ZN . 44.76 -51.40 -16.05
O2' LMT ZN . 41.92 -52.67 -14.30
O3' LMT ZN . 42.60 -55.20 -15.80
O5' LMT ZN . 45.23 -52.51 -14.01
O6' LMT ZN . 47.89 -53.46 -13.35
C1 LMT ZN . 44.81 -49.98 -16.05
C2 LMT ZN . 44.90 -49.42 -17.46
C3 LMT ZN . 45.44 -48.00 -17.43
C4 LMT ZN . 45.50 -47.35 -18.81
C5 LMT ZN . 46.17 -45.98 -18.75
C6 LMT ZN . 46.56 -45.44 -20.12
C8 LMT ZN . 47.78 -40.96 -22.25
C9 LMT ZN . 47.29 -39.63 -21.71
C10 LMT ZN . 47.82 -38.46 -22.54
C11 LMT ZN . 47.37 -37.13 -21.93
C12 LMT ZN . 48.13 -35.97 -22.55
C23 UNL AO . 54.66 -42.63 -27.08
C24 UNL AO . 53.82 -43.62 -26.32
C25 UNL AO . 53.51 -43.09 -24.91
C26 UNL AO . 52.67 -44.07 -24.07
C27 UNL AO . 52.71 -43.73 -22.59
C28 UNL AO . 52.11 -44.83 -21.72
C29 UNL AO . 52.60 -44.74 -20.26
C30 UNL AO . 51.91 -45.76 -19.35
C31 UNL AO . 52.76 -46.09 -18.12
C32 UNL AO . 52.29 -47.38 -17.45
C33 UNL AO . 53.32 -48.02 -16.51
C34 UNL AO . 52.75 -49.29 -15.87
C35 UNL AO . 53.73 -50.03 -14.96
C36 UNL AO . 53.06 -51.26 -14.34
C37 UNL AO . 54.01 -52.07 -13.45
C38 UNL AO . 53.28 -53.17 -12.70
MG MG BO . 46.99 -45.33 -7.20
C23 UNL CO . 62.62 -25.76 -37.96
C24 UNL CO . 63.91 -25.94 -38.73
C25 UNL CO . 63.71 -25.63 -40.20
C26 UNL CO . 63.11 -24.24 -40.41
C27 UNL CO . 64.07 -23.13 -40.01
C28 UNL CO . 63.30 -21.91 -39.49
C29 UNL CO . 62.99 -22.05 -38.00
C30 UNL CO . 61.87 -21.11 -37.57
C31 UNL CO . 61.30 -21.49 -36.21
C32 UNL CO . 60.99 -22.98 -36.13
C33 UNL CO . 59.93 -23.30 -35.07
C34 UNL CO . 59.88 -24.80 -34.80
C35 UNL CO . 58.62 -25.23 -34.04
C36 UNL CO . 58.67 -24.95 -32.55
C37 UNL CO . 57.45 -25.51 -31.84
C38 UNL CO . 57.32 -25.04 -30.41
C1 BCR DO . 48.91 -59.92 -36.13
C2 BCR DO . 48.16 -61.07 -35.45
C3 BCR DO . 46.95 -61.45 -36.27
C4 BCR DO . 47.47 -62.07 -37.56
C5 BCR DO . 48.35 -61.07 -38.29
C6 BCR DO . 49.01 -60.11 -37.63
C7 BCR DO . 49.88 -59.12 -38.32
C8 BCR DO . 49.36 -58.18 -39.11
C9 BCR DO . 50.17 -57.15 -39.76
C10 BCR DO . 49.53 -56.06 -40.23
C11 BCR DO . 50.22 -54.92 -40.85
C33 BCR DO . 48.47 -61.24 -39.78
C31 BCR DO . 50.34 -59.87 -35.62
C32 BCR DO . 48.16 -58.64 -35.79
C34 BCR DO . 51.66 -57.30 -39.86
C12 BCR DO . 49.50 -53.82 -41.06
C13 BCR DO . 50.07 -52.56 -41.57
C14 BCR DO . 49.24 -51.50 -41.79
C15 BCR DO . 49.70 -50.17 -42.22
C16 BCR DO . 48.84 -49.15 -42.35
C17 BCR DO . 49.32 -47.80 -42.72
C18 BCR DO . 48.50 -46.74 -42.87
C19 BCR DO . 49.07 -45.41 -43.16
C20 BCR DO . 48.37 -44.27 -43.22
C21 BCR DO . 49.13 -43.04 -43.48
C22 BCR DO . 48.66 -41.79 -43.25
C23 BCR DO . 49.54 -40.61 -43.49
C24 BCR DO . 49.12 -39.38 -43.18
C25 BCR DO . 49.94 -38.16 -43.36
C26 BCR DO . 50.30 -37.70 -44.59
C27 BCR DO . 51.15 -36.46 -44.79
C28 BCR DO . 51.83 -36.00 -43.50
C29 BCR DO . 50.82 -36.02 -42.35
C30 BCR DO . 50.36 -37.45 -42.07
C35 BCR DO . 51.54 -52.48 -41.78
C36 BCR DO . 47.01 -46.89 -42.72
C37 BCR DO . 47.28 -41.54 -42.69
C38 BCR DO . 49.87 -38.41 -45.84
C39 BCR DO . 49.17 -37.41 -41.11
C40 BCR DO . 51.48 -38.27 -41.42
MG MG EO . 46.74 -58.81 -23.03
O6 SQD FO . 18.49 30.64 -6.80
C44 SQD FO . 19.36 29.81 -6.03
C45 SQD FO . 18.80 28.43 -5.67
C46 SQD FO . 18.01 27.80 -6.82
O47 SQD FO . 19.88 27.55 -5.34
C7 SQD FO . 19.61 26.12 -5.47
O49 SQD FO . 20.16 25.50 -6.37
C8 SQD FO . 18.72 25.36 -4.50
C9 SQD FO . 18.31 24.04 -5.16
C10 SQD FO . 17.70 23.07 -4.15
C11 SQD FO . 16.36 22.55 -4.67
C12 SQD FO . 15.99 21.18 -4.13
C13 SQD FO . 15.71 21.16 -2.62
C14 SQD FO . 14.79 19.99 -2.25
C15 SQD FO . 15.22 19.28 -0.98
C16 SQD FO . 14.72 19.95 0.30
C17 SQD FO . 15.19 19.22 1.55
C18 SQD FO . 14.14 18.27 2.11
C19 SQD FO . 14.59 17.60 3.42
C20 SQD FO . 15.14 18.61 4.43
C21 SQD FO . 15.79 17.94 5.63
C22 SQD FO . 16.65 18.90 6.42
O48 SQD FO . 16.62 27.78 -6.55
C23 SQD FO . 15.77 27.22 -7.59
O10 SQD FO . 16.25 27.03 -8.70
C24 SQD FO . 14.34 26.89 -7.29
C25 SQD FO . 14.27 25.71 -6.33
C26 SQD FO . 13.00 24.91 -6.58
C27 SQD FO . 12.70 24.03 -5.39
C28 SQD FO . 11.38 23.30 -5.58
C29 SQD FO . 11.16 22.23 -4.51
C30 SQD FO . 10.42 22.76 -3.30
C31 SQD FO . 9.30 21.80 -2.89
C32 SQD FO . 9.63 20.97 -1.66
C33 SQD FO . 8.53 19.94 -1.41
C34 SQD FO . 8.02 19.29 -2.70
C35 SQD FO . 7.85 17.78 -2.58
C36 SQD FO . 6.96 17.22 -3.68
C37 SQD FO . 7.39 15.82 -4.11
C38 SQD FO . 7.40 14.86 -2.95
C1 SQD FO . 18.96 30.66 -8.15
C2 SQD FO . 18.50 31.77 -9.07
O2 SQD FO . 17.14 32.14 -8.82
C3 SQD FO . 18.65 31.15 -10.45
O3 SQD FO . 18.33 32.09 -11.48
C4 SQD FO . 20.06 30.57 -10.68
O4 SQD FO . 19.93 29.53 -11.66
C5 SQD FO . 20.78 29.99 -9.45
C6 SQD FO . 22.30 30.08 -9.54
O5 SQD FO . 20.37 30.59 -8.22
S SQD FO . 23.05 29.26 -8.30
O7 SQD FO . 22.22 28.13 -7.83
O8 SQD FO . 24.36 28.75 -8.77
O9 SQD FO . 23.33 30.20 -7.18
O8 UNL GO . 21.63 23.96 -10.70
C23 UNL GO . 20.91 24.71 -9.68
C24 UNL GO . 19.52 24.28 -9.28
C25 UNL GO . 18.65 24.38 -10.53
C26 UNL GO . 17.18 24.15 -10.22
C27 UNL GO . 16.93 22.71 -9.81
C28 UNL GO . 15.53 22.58 -9.24
C29 UNL GO . 15.14 21.13 -9.09
C30 UNL GO . 13.84 21.00 -8.31
C31 UNL GO . 13.58 19.54 -7.95
C32 UNL GO . 12.72 19.42 -6.71
C33 UNL GO . 12.51 17.96 -6.37
C34 UNL GO . 11.70 17.81 -5.08
C35 UNL GO . 11.81 16.39 -4.54
C36 UNL GO . 10.81 15.44 -5.20
O10 UNL GO . 21.44 25.70 -9.17
O1 LHG HO . 24.57 11.19 -18.41
C1 LHG HO . 25.06 10.27 -19.43
C2 LHG HO . 25.56 11.00 -20.68
O2 LHG HO . 24.44 11.33 -21.50
C3 LHG HO . 26.45 10.07 -21.50
O3 LHG HO . 27.59 9.78 -20.72
P LHG HO . 28.41 8.41 -20.92
O4 LHG HO . 28.32 7.93 -22.35
O5 LHG HO . 29.73 8.67 -20.26
O6 LHG HO . 27.59 7.39 -19.99
C4 LHG HO . 26.72 6.41 -20.54
C5 LHG HO . 25.91 5.82 -19.39
C6 LHG HO . 24.68 5.08 -19.93
O7 LHG HO . 26.76 4.92 -18.69
C7 LHG HO . 26.65 4.95 -17.27
O9 LHG HO . 25.93 5.80 -16.74
C8 LHG HO . 27.42 3.93 -16.48
C9 LHG HO . 26.43 3.03 -15.74
C10 LHG HO . 26.13 1.80 -16.59
O8 LHG HO . 24.00 4.41 -18.86
C23 LHG HO . 23.08 5.17 -18.05
O10 LHG HO . 23.09 6.39 -18.18
C24 LHG HO . 22.18 4.47 -17.04
C11 LHG HO . 24.65 1.46 -16.60
C12 LHG HO . 24.49 0.03 -17.09
C13 LHG HO . 23.21 -0.22 -17.88
C14 LHG HO . 22.76 -1.65 -17.58
C15 LHG HO . 22.23 -2.36 -18.81
C16 LHG HO . 20.87 -3.01 -18.52
C17 LHG HO . 20.87 -3.86 -17.27
C18 LHG HO . 19.46 -4.42 -17.03
C19 LHG HO . 19.23 -5.59 -17.97
C20 LHG HO . 19.92 -6.85 -17.45
C21 LHG HO . 19.37 -8.09 -18.15
C22 LHG HO . 19.91 -9.38 -17.54
C25 LHG HO . 22.20 5.22 -15.71
C26 LHG HO . 21.20 4.65 -14.70
C27 LHG HO . 21.37 5.36 -13.36
C28 LHG HO . 20.24 5.09 -12.37
C29 LHG HO . 20.48 6.03 -11.19
C30 LHG HO . 19.30 6.14 -10.26
C31 LHG HO . 19.41 7.39 -9.37
C32 LHG HO . 18.14 7.56 -8.55
C33 LHG HO . 18.44 7.89 -7.09
C34 LHG HO . 17.15 8.09 -6.32
C35 LHG HO . 17.36 8.86 -5.01
C36 LHG HO . 17.09 7.99 -3.79
C37 LHG HO . 16.97 8.87 -2.54
C38 LHG HO . 16.75 8.04 -1.29
S DMS IO . 25.75 27.25 -16.57
O DMS IO . 24.60 26.19 -15.68
C1 DMS IO . 25.64 26.93 -18.35
C2 DMS IO . 25.14 28.97 -16.54
O8 UNL JO . 9.20 16.75 -29.03
C23 UNL JO . 8.58 15.56 -28.44
C24 UNL JO . 8.60 15.37 -26.94
C25 UNL JO . 9.91 14.69 -26.52
C26 UNL JO . 9.63 13.34 -25.88
C27 UNL JO . 9.51 13.43 -24.36
C28 UNL JO . 9.10 12.08 -23.78
C29 UNL JO . 9.66 11.88 -22.38
C30 UNL JO . 9.45 10.46 -21.86
C31 UNL JO . 8.29 10.37 -20.88
C32 UNL JO . 7.99 8.92 -20.53
C33 UNL JO . 6.97 8.77 -19.40
C34 UNL JO . 6.31 7.40 -19.43
C35 UNL JO . 5.51 7.12 -18.16
O10 UNL JO . 8.06 14.74 -29.17
C1 LMG KO . 7.76 -3.88 8.66
O1 LMG KO . 9.12 -3.94 8.27
C2 LMG KO . 7.17 -5.23 8.28
O2 LMG KO . 7.12 -5.30 6.84
C3 LMG KO . 5.77 -5.40 8.84
O3 LMG KO . 5.30 -6.73 8.61
C4 LMG KO . 5.77 -5.09 10.34
O4 LMG KO . 6.44 -6.14 11.05
C5 LMG KO . 6.42 -3.75 10.66
O5 LMG KO . 6.92 -2.19 12.47
C6 LMG KO . 6.50 -3.52 12.17
O6 LMG KO . 7.72 -3.62 10.06
C7 LMG KO . 9.61 -2.68 7.84
C8 LMG KO . 10.32 -2.89 6.51
C9 LMG KO . 9.26 -3.23 5.45
O7 LMG KO . 10.98 -1.67 6.18
C10 LMG KO . 12.37 -1.58 6.61
O9 LMG KO . 12.74 -2.12 7.62
C11 LMG KO . 13.37 -0.79 5.78
C12 LMG KO . 14.57 -0.44 6.65
C13 LMG KO . 15.81 -1.05 6.03
C14 LMG KO . 16.99 -1.05 6.99
C15 LMG KO . 18.32 -1.22 6.27
C16 LMG KO . 18.77 -2.67 6.21
C17 LMG KO . 20.17 -2.80 5.61
C18 LMG KO . 20.19 -2.36 4.14
C19 LMG KO . 21.52 -2.62 3.45
C20 LMG KO . 21.42 -2.23 1.98
C21 LMG KO . 22.38 -2.99 1.07
C22 LMG KO . 22.75 -2.12 -0.14
C23 LMG KO . 22.95 -2.93 -1.43
C24 LMG KO . 23.45 -2.00 -2.53
C25 LMG KO . 23.91 -2.73 -3.77
O8 LMG KO . 9.88 -3.80 4.28
C28 LMG KO . 9.13 -4.19 3.10
O10 LMG KO . 7.93 -3.95 3.03
C29 LMG KO . 9.81 -4.91 1.95
C30 LMG KO . 10.72 -3.98 1.17
C31 LMG KO . 11.84 -3.40 2.04
C32 LMG KO . 12.95 -2.77 1.20
C33 LMG KO . 12.39 -2.13 -0.07
C34 LMG KO . 13.14 -0.83 -0.36
C35 LMG KO . 12.52 -0.12 -1.56
C36 LMG KO . 12.57 1.39 -1.36
C37 LMG KO . 11.59 2.08 -2.29
C38 LMG KO . 11.97 3.54 -2.42
C39 LMG KO . 11.93 4.20 -1.05
C40 LMG KO . 11.81 5.71 -1.15
C41 LMG KO . 13.08 6.30 -1.75
C42 LMG KO . 13.11 7.81 -1.52
C43 LMG KO . 11.92 8.48 -2.16
C1B LMT LO . 13.44 22.42 -28.42
C2B LMT LO . 14.80 22.26 -29.11
C3B LMT LO . 15.90 22.97 -28.32
C4B LMT LO . 15.52 24.43 -28.09
C5B LMT LO . 14.15 24.50 -27.42
C6B LMT LO . 13.71 25.95 -27.17
O1B LMT LO . 13.39 21.75 -27.16
O2B LMT LO . 15.13 20.87 -29.25
O3B LMT LO . 17.15 22.91 -29.03
O4' LMT LO . 16.50 25.06 -27.27
O5B LMT LO . 13.15 23.81 -28.20
O6B LMT LO . 13.29 26.53 -28.41
C1' LMT LO . 10.79 19.21 -25.10
C2' LMT LO . 11.52 18.59 -26.29
C3' LMT LO . 12.65 19.46 -26.86
C4' LMT LO . 12.24 20.92 -26.97
C5' LMT LO . 11.60 21.35 -25.66
C6' LMT LO . 11.14 22.78 -25.67
O1' LMT LO . 9.56 18.54 -24.89
O2' LMT LO . 12.06 17.33 -25.88
O3' LMT LO . 13.06 18.97 -28.14
O5' LMT LO . 10.44 20.56 -25.39
O6' LMT LO . 10.22 22.94 -24.58
C1 LMT LO . 9.27 18.39 -23.50
C2 LMT LO . 8.54 17.07 -23.30
C3 LMT LO . 7.80 17.04 -21.97
C4 LMT LO . 7.38 15.61 -21.61
C5 LMT LO . 6.64 15.59 -20.27
C6 LMT LO . 6.48 14.17 -19.77
C7 LMT LO . 5.71 14.10 -18.46
C8 LMT LO . 5.80 12.68 -17.93
C9 LMT LO . 5.14 12.50 -16.56
C10 LMT LO . 5.54 11.13 -16.03
C11 LMT LO . 5.01 10.84 -14.63
C12 LMT LO . 5.21 9.37 -14.28
C1B LMT MO . -0.39 -2.48 10.88
C2B LMT MO . -1.08 -2.75 9.53
C3B LMT MO . -2.38 -3.57 9.59
C4B LMT MO . -3.18 -3.39 10.87
C5B LMT MO . -2.68 -2.23 11.74
C6B LMT MO . -3.43 -2.19 13.07
O1B LMT MO . 0.36 -1.25 10.81
O2B LMT MO . -1.32 -1.52 8.83
O3B LMT MO . -2.05 -4.95 9.40
O4' LMT MO . -4.54 -3.11 10.53
O5B LMT MO . -1.28 -2.34 12.00
O6B LMT MO . -4.84 -2.24 12.82
C1' LMT MO . 3.77 0.10 9.08
C2' LMT MO . 3.64 -1.41 8.95
C3' LMT MO . 2.22 -1.83 9.32
C4' LMT MO . 1.79 -1.30 10.69
C5' LMT MO . 2.28 0.12 10.97
C6' LMT MO . 2.34 0.40 12.46
O1' LMT MO . 5.09 0.49 8.73
O2' LMT MO . 3.89 -1.81 7.60
O3' LMT MO . 2.17 -3.27 9.30
O5' LMT MO . 3.58 0.44 10.45
O6' LMT MO . 3.05 1.63 12.67
C1 LMT MO . 5.07 1.72 8.03
C2 LMT MO . 6.45 2.03 7.46
C3 LMT MO . 6.57 3.49 7.03
C4 LMT MO . 5.59 3.87 5.93
C5 LMT MO . 6.14 5.05 5.15
C6 LMT MO . 5.18 5.56 4.08
C7 LMT MO . 5.91 6.39 3.02
C8 LMT MO . 6.10 7.85 3.42
C9 LMT MO . 4.91 8.71 3.03
C10 LMT MO . 4.83 8.92 1.52
C11 LMT MO . 3.60 9.73 1.15
C12 LMT MO . 3.79 10.46 -0.16
C1 HTG NO . -10.91 -18.22 -17.26
S1 HTG NO . -10.71 -18.16 -19.02
C2 HTG NO . -12.26 -17.63 -16.82
O2 HTG NO . -12.29 -16.25 -17.16
C3 HTG NO . -12.44 -17.75 -15.32
O3 HTG NO . -13.78 -17.37 -14.97
C4 HTG NO . -12.17 -19.18 -14.86
O4 HTG NO . -12.21 -19.21 -13.42
C5 HTG NO . -10.81 -19.66 -15.34
O5 HTG NO . -10.68 -19.54 -16.77
C6 HTG NO . -10.53 -21.11 -14.88
O6 HTG NO . -11.05 -22.08 -15.80
C1' HTG NO . -9.00 -18.46 -19.37
C2' HTG NO . -8.47 -17.52 -20.45
C3' HTG NO . -8.06 -16.20 -19.82
C4' HTG NO . -7.01 -15.49 -20.67
C5' HTG NO . -7.65 -14.69 -21.79
C6' HTG NO . -6.60 -13.75 -22.35
C7' HTG NO . -6.93 -13.30 -23.76
CA CA OO . -32.74 -54.18 -19.46
C1 GOL PO . -8.89 -56.90 -2.70
O1 GOL PO . -7.84 -57.28 -1.85
C2 GOL PO . -8.33 -56.78 -4.16
O2 GOL PO . -7.66 -57.94 -4.57
C3 GOL PO . -9.59 -56.47 -5.05
O3 GOL PO . -10.01 -55.18 -4.76
S DMS QO . -4.76 -28.17 -9.01
O DMS QO . -5.31 -29.36 -10.22
C1 DMS QO . -6.18 -27.77 -7.95
C2 DMS QO . -3.69 -29.02 -7.81
S DMS RO . -20.55 -34.66 0.55
O DMS RO . -21.58 -36.03 1.10
C1 DMS RO . -21.62 -33.30 0.00
C2 DMS RO . -19.77 -33.87 1.98
S DMS SO . -19.94 -22.84 -11.15
O DMS SO . -20.71 -22.53 -12.75
C1 DMS SO . -19.47 -24.60 -11.04
C2 DMS SO . -18.32 -22.02 -11.08
S DMS TO . -16.30 -38.61 -21.62
O DMS TO . -16.89 -36.97 -21.18
C1 DMS TO . -14.76 -38.48 -22.58
C2 DMS TO . -15.68 -39.38 -20.10
S DMS UO . -20.69 -70.56 -21.34
O DMS UO . -21.19 -70.06 -23.00
C1 DMS UO . -20.59 -72.37 -21.27
C2 DMS UO . -18.94 -70.14 -21.09
S DMS VO . -25.85 -50.95 -24.38
O DMS VO . -24.08 -51.05 -24.12
C1 DMS VO . -26.34 -49.21 -24.59
C2 DMS VO . -26.28 -51.58 -26.03
S DMS WO . -28.86 -72.93 -3.69
O DMS WO . -28.69 -72.92 -5.48
C1 DMS WO . -30.15 -74.13 -3.21
C2 DMS WO . -27.40 -73.73 -2.95
S DMS XO . -12.83 -43.41 7.56
O DMS XO . -13.58 -42.37 6.27
C1 DMS XO . -11.59 -42.44 8.48
C2 DMS XO . -14.02 -43.73 8.89
S DMS YO . -19.14 -53.95 -0.06
O DMS YO . -19.43 -52.28 0.51
C1 DMS YO . -18.07 -54.82 1.13
C2 DMS YO . -20.68 -54.91 0.10
S DMS ZO . -27.47 -46.38 -8.69
O DMS ZO . -28.12 -47.20 -7.22
C1 DMS ZO . -28.85 -45.90 -9.76
C2 DMS ZO . -26.80 -44.74 -8.27
S DMS AP . -22.36 -41.52 -1.99
O DMS AP . -23.53 -42.90 -2.02
C1 DMS AP . -22.40 -40.69 -3.61
C2 DMS AP . -23.02 -40.19 -0.94
S DMS BP . -11.00 -22.36 -9.73
O DMS BP . -10.40 -22.92 -11.33
C1 DMS BP . -12.77 -21.98 -9.84
C2 DMS BP . -11.04 -23.73 -8.54
S DMS CP . -20.89 -43.24 1.77
O DMS CP . -20.32 -44.36 3.06
C1 DMS CP . -22.61 -43.65 1.36
C2 DMS CP . -21.10 -41.56 2.44
C11 UNL DP . -3.13 -7.52 -20.94
C12 UNL DP . -1.75 -8.03 -20.53
C13 UNL DP . -0.76 -8.01 -21.69
C14 UNL DP . 0.66 -8.17 -21.19
C15 UNL DP . 1.69 -8.23 -22.33
C16 UNL DP . 1.98 -6.87 -22.94
C17 UNL DP . 3.11 -6.97 -23.95
C18 UNL DP . 3.00 -5.90 -25.03
S DMS EP . 25.21 8.68 -32.84
O DMS EP . 25.97 8.02 -34.33
C1 DMS EP . 24.29 10.20 -33.26
C2 DMS EP . 23.85 7.62 -32.30
C1 GOL FP . -8.44 -55.47 1.00
O1 GOL FP . -8.99 -55.11 -0.23
C2 GOL FP . -8.33 -54.17 1.87
O2 GOL FP . -7.52 -53.23 1.27
C3 GOL FP . -9.82 -53.66 2.09
O3 GOL FP . -9.85 -52.88 3.26
S DMS GP . 14.16 -56.23 6.33
O DMS GP . 12.67 -56.85 5.55
C1 DMS GP . 15.05 -57.62 7.10
C2 DMS GP . 15.36 -55.74 5.06
S DMS HP . -4.64 -58.97 3.65
O DMS HP . -4.03 -58.64 5.30
C1 DMS HP . -6.35 -59.60 3.72
C2 DMS HP . -4.88 -57.39 2.78
S DMS IP . -8.63 -57.39 17.38
O DMS IP . -8.01 -58.57 16.17
C1 DMS IP . -9.98 -58.17 18.32
C2 DMS IP . -7.41 -57.15 18.72
FE HEC JP . 22.05 -63.72 -5.15
CHA HEC JP . 19.80 -64.19 -2.61
CHB HEC JP . 24.54 -65.04 -3.07
CHC HEC JP . 24.27 -63.50 -7.66
CHD HEC JP . 19.74 -61.93 -6.97
NA HEC JP . 22.17 -64.44 -3.20
C1A HEC JP . 21.10 -64.56 -2.35
C2A HEC JP . 21.58 -65.20 -1.12
C3A HEC JP . 22.88 -65.43 -1.26
C4A HEC JP . 23.28 -64.96 -2.56
CMA HEC JP . 23.81 -66.10 -0.22
CAA HEC JP . 20.73 -65.52 0.12
CBA HEC JP . 20.57 -64.23 0.92
CGA HEC JP . 20.06 -64.56 2.31
O1A HEC JP . 19.80 -65.75 2.60
O2A HEC JP . 19.89 -63.64 3.15
NB HEC JP . 24.03 -64.17 -5.30
C1B HEC JP . 24.86 -64.73 -4.37
C2B HEC JP . 26.15 -64.96 -4.97
C3B HEC JP . 26.10 -64.52 -6.24
C4B HEC JP . 24.76 -64.03 -6.47
CMB HEC JP . 27.35 -65.58 -4.23
CAB HEC JP . 27.23 -64.59 -7.30
CBB HEC JP . 27.86 -65.76 -7.50
NC HEC JP . 22.00 -62.88 -6.98
C1C HEC JP . 23.06 -62.87 -7.86
C2C HEC JP . 22.68 -62.10 -9.04
C3C HEC JP . 21.44 -61.64 -8.84
C4C HEC JP . 20.98 -62.15 -7.55
CMC HEC JP . 23.60 -61.84 -10.26
CAC HEC JP . 20.58 -60.79 -9.81
CBC HEC JP . 20.36 -61.24 -11.06
ND HEC JP . 20.09 -63.08 -4.82
C1D HEC JP . 19.29 -62.50 -5.80
C2D HEC JP . 17.89 -62.57 -5.38
C3D HEC JP . 17.94 -63.27 -4.02
C4D HEC JP . 19.33 -63.56 -3.75
CMD HEC JP . 16.62 -62.06 -6.10
CAD HEC JP . 16.74 -63.64 -3.15
CBD HEC JP . 16.12 -64.89 -3.80
CGD HEC JP . 14.97 -65.39 -2.95
O1D HEC JP . 15.21 -65.80 -1.79
O2D HEC JP . 13.82 -65.41 -3.45
C1 GOL KP . 25.77 -80.58 6.92
O1 GOL KP . 25.66 -81.79 6.25
C2 GOL KP . 26.96 -80.73 7.92
O2 GOL KP . 27.42 -79.49 8.35
C3 GOL KP . 26.41 -81.60 9.10
O3 GOL KP . 26.85 -82.90 8.90
C1 GOL LP . 24.61 -75.52 6.46
O1 GOL LP . 25.20 -74.87 7.53
C2 GOL LP . 25.75 -76.18 5.60
O2 GOL LP . 26.31 -77.34 6.20
C3 GOL LP . 25.04 -76.50 4.25
O3 GOL LP . 25.78 -77.49 3.61
C1 GOL MP . 21.05 -54.90 11.36
O1 GOL MP . 20.28 -55.82 12.09
C2 GOL MP . 20.26 -53.56 11.34
O2 GOL MP . 19.30 -53.52 10.31
C3 GOL MP . 21.32 -52.43 11.20
O3 GOL MP . 20.62 -51.22 11.17
S DMS NP . 21.59 -63.70 -18.19
O DMS NP . 19.79 -63.81 -18.36
C1 DMS NP . 22.09 -64.18 -16.51
C2 DMS NP . 22.33 -65.07 -19.11
S DMS OP . 11.60 -70.15 -10.13
O DMS OP . 10.33 -69.00 -10.66
C1 DMS OP . 11.42 -70.48 -8.35
C2 DMS OP . 11.27 -71.80 -10.79
S DMS PP . 28.16 -70.42 13.60
O DMS PP . 27.95 -70.83 11.86
C1 DMS PP . 29.26 -68.99 13.75
C2 DMS PP . 26.62 -69.67 14.22
S DMS QP . 36.69 -66.14 -14.16
O DMS QP . 38.29 -65.92 -13.36
C1 DMS QP . 36.72 -65.32 -15.78
C2 DMS QP . 36.48 -67.86 -14.65
S DMS RP . 45.54 -55.21 -0.16
O DMS RP . 44.66 -55.60 1.37
C1 DMS RP . 46.81 -56.49 -0.46
C2 DMS RP . 44.48 -55.47 -1.60
S DMS SP . 48.46 -58.58 8.32
O DMS SP . 49.68 -57.47 7.60
C1 DMS SP . 48.44 -60.14 7.38
C2 DMS SP . 49.02 -59.19 9.93
S DMS TP . 29.19 -50.58 13.10
O DMS TP . 28.77 -50.53 11.35
C1 DMS TP . 29.23 -48.89 13.74
C2 DMS TP . 27.80 -51.27 14.06
S DMS UP . 49.72 -55.03 3.75
O DMS UP . 48.04 -55.66 3.96
C1 DMS UP . 50.91 -56.34 4.18
C2 DMS UP . 50.09 -54.82 1.98
S DMS VP . 33.40 -53.27 12.24
O DMS VP . 33.15 -51.60 12.86
C1 DMS VP . 34.95 -53.93 12.92
C2 DMS VP . 32.19 -54.36 13.02
S DMS WP . 43.35 -66.41 14.82
O DMS WP . 44.55 -66.57 13.49
C1 DMS WP . 43.49 -67.82 15.96
C2 DMS WP . 43.84 -65.07 15.93
C1 BCR XP . 53.47 -52.97 -37.32
C2 BCR XP . 53.45 -54.50 -37.41
C3 BCR XP . 52.41 -55.04 -36.45
C4 BCR XP . 51.03 -54.65 -36.98
C5 BCR XP . 51.00 -53.19 -37.39
C6 BCR XP . 52.08 -52.41 -37.57
C7 BCR XP . 51.87 -50.97 -37.96
C8 BCR XP . 52.54 -49.93 -37.42
C9 BCR XP . 52.33 -48.49 -37.74
C10 BCR XP . 52.99 -47.58 -37.01
C11 BCR XP . 52.85 -46.13 -37.15
C33 BCR XP . 49.62 -52.62 -37.62
C31 BCR XP . 54.47 -52.48 -38.37
C32 BCR XP . 53.88 -52.57 -35.90
C34 BCR XP . 51.38 -48.04 -38.81
C12 BCR XP . 53.43 -45.37 -36.22
C13 BCR XP . 53.36 -43.90 -36.10
C14 BCR XP . 53.98 -43.27 -35.07
C15 BCR XP . 53.89 -41.82 -34.82
C16 BCR XP . 54.29 -41.27 -33.66
C17 BCR XP . 54.15 -39.82 -33.41
C18 BCR XP . 54.54 -39.23 -32.25
C19 BCR XP . 54.38 -37.78 -32.07
C20 BCR XP . 54.43 -37.11 -30.89
C21 BCR XP . 54.25 -35.66 -30.99
C22 BCR XP . 54.43 -34.76 -29.99
C23 BCR XP . 54.20 -33.35 -30.32
C24 BCR XP . 54.89 -32.36 -29.73
C25 BCR XP . 54.68 -30.94 -30.11
C26 BCR XP . 55.27 -30.48 -31.24
C27 BCR XP . 55.13 -29.04 -31.72
C28 BCR XP . 54.00 -28.33 -31.01
C29 BCR XP . 54.12 -28.59 -29.52
C30 BCR XP . 53.82 -30.05 -29.24
C35 BCR XP . 52.50 -43.12 -37.06
C36 BCR XP . 55.16 -40.05 -31.16
C37 BCR XP . 54.82 -35.16 -28.60
C38 BCR XP . 56.13 -31.37 -32.07
C39 BCR XP . 52.35 -30.32 -29.55
C40 BCR XP . 54.12 -30.36 -27.77
C8 PL9 YP . 44.92 -13.37 -22.75
C9 PL9 YP . 45.86 -14.27 -22.44
C10 PL9 YP . 45.93 -15.59 -23.14
C11 PL9 YP . 46.87 -13.95 -21.35
C12 PL9 YP . 46.35 -14.50 -20.03
C13 PL9 YP . 47.50 -14.94 -19.15
C14 PL9 YP . 47.33 -15.93 -18.26
C15 PL9 YP . 45.99 -16.61 -18.15
C16 PL9 YP . 48.46 -16.39 -17.37
C17 PL9 YP . 48.84 -15.37 -16.30
C18 PL9 YP . 49.23 -16.13 -15.05
C19 PL9 YP . 49.69 -15.54 -13.93
C20 PL9 YP . 49.85 -14.05 -13.85
C21 PL9 YP . 50.04 -16.42 -12.75
C22 PL9 YP . 51.09 -15.80 -11.84
C23 PL9 YP . 51.18 -16.67 -10.60
C24 PL9 YP . 52.18 -16.70 -9.72
C25 PL9 YP . 52.06 -17.64 -8.55
C26 PL9 YP . 53.43 -15.85 -9.81
C27 PL9 YP . 54.60 -16.74 -9.41
C28 PL9 YP . 55.61 -16.04 -8.51
C29 PL9 YP . 56.92 -16.34 -8.68
C30 PL9 YP . 57.33 -17.32 -9.75
C31 PL9 YP . 58.01 -15.73 -7.84
C32 PL9 YP . 58.88 -14.84 -8.73
C33 PL9 YP . 60.05 -14.31 -7.94
C34 PL9 YP . 60.75 -13.26 -8.40
C35 PL9 YP . 60.37 -12.61 -9.69
C36 PL9 YP . 61.93 -12.73 -7.61
C37 PL9 YP . 61.75 -11.23 -7.35
C38 PL9 YP . 61.19 -11.01 -5.96
C39 PL9 YP . 61.41 -9.86 -5.32
C40 PL9 YP . 62.21 -8.77 -5.96
C41 PL9 YP . 60.86 -9.64 -3.93
C42 PL9 YP . 61.48 -10.68 -3.00
C43 PL9 YP . 60.87 -10.56 -1.62
C44 PL9 YP . 61.00 -11.58 -0.75
C45 PL9 YP . 60.39 -11.46 0.62
C46 PL9 YP . 61.72 -12.84 -1.15
O8 UNL ZP . 57.80 -21.68 18.09
C23 UNL ZP . 59.02 -22.26 17.52
C24 UNL ZP . 59.52 -21.76 16.19
C25 UNL ZP . 58.44 -21.96 15.14
C26 UNL ZP . 58.90 -21.57 13.75
C27 UNL ZP . 58.76 -20.08 13.52
C28 UNL ZP . 59.09 -19.72 12.07
C29 UNL ZP . 58.67 -18.29 11.75
C30 UNL ZP . 59.10 -17.87 10.35
C31 UNL ZP . 57.93 -17.17 9.66
C32 UNL ZP . 58.31 -15.86 9.01
C33 UNL ZP . 57.03 -15.06 8.73
C34 UNL ZP . 57.31 -13.89 7.81
C35 UNL ZP . 56.19 -12.87 7.93
C36 UNL ZP . 56.49 -11.62 7.11
C37 UNL ZP . 55.41 -10.56 7.30
C38 UNL ZP . 55.85 -9.28 6.62
O10 UNL ZP . 59.61 -23.15 18.11
C1 BCR AQ . 43.22 -65.66 -42.14
C2 BCR AQ . 43.33 -66.03 -40.66
C3 BCR AQ . 44.75 -66.20 -40.18
C4 BCR AQ . 45.59 -64.97 -40.46
C5 BCR AQ . 45.50 -64.59 -41.90
C6 BCR AQ . 44.42 -64.89 -42.66
C7 BCR AQ . 44.40 -64.47 -44.10
C8 BCR AQ . 44.18 -63.19 -44.43
C9 BCR AQ . 44.16 -62.70 -45.83
C10 BCR AQ . 43.79 -61.44 -46.05
C11 BCR AQ . 43.72 -60.82 -47.38
C33 BCR AQ . 46.68 -63.84 -42.46
C31 BCR AQ . 41.97 -64.81 -42.32
C32 BCR AQ . 43.08 -66.95 -42.93
C34 BCR AQ . 44.55 -63.60 -46.97
C12 BCR AQ . 43.37 -59.54 -47.47
C13 BCR AQ . 43.25 -58.82 -48.75
C14 BCR AQ . 43.15 -57.47 -48.79
C15 BCR AQ . 43.02 -56.76 -50.07
C16 BCR AQ . 42.83 -55.43 -50.10
C17 BCR AQ . 42.69 -54.72 -51.38
C18 BCR AQ . 42.51 -53.39 -51.45
C19 BCR AQ . 42.37 -52.75 -52.77
C20 BCR AQ . 42.12 -51.45 -52.95
C21 BCR AQ . 42.00 -50.95 -54.32
C22 BCR AQ . 41.56 -49.72 -54.63
C23 BCR AQ . 41.46 -49.35 -56.06
C24 BCR AQ . 41.12 -48.12 -56.52
C25 BCR AQ . 41.03 -47.83 -57.98
C26 BCR AQ . 42.14 -47.70 -58.75
C27 BCR AQ . 42.08 -47.39 -60.23
C28 BCR AQ . 40.71 -47.73 -60.81
C29 BCR AQ . 39.65 -47.07 -59.95
C30 BCR AQ . 39.64 -47.69 -58.56
C35 BCR AQ . 43.21 -59.60 -50.03
C36 BCR AQ . 42.45 -52.55 -50.21
C37 BCR AQ . 41.15 -48.77 -53.54
C38 BCR AQ . 43.51 -47.84 -58.17
C39 BCR AQ . 38.97 -49.06 -58.60
C40 BCR AQ . 38.83 -46.76 -57.66
C1B LMT BQ . 57.19 -44.86 -61.33
C2B LMT BQ . 58.51 -44.09 -61.14
C3B LMT BQ . 58.28 -42.61 -60.81
C4B LMT BQ . 56.91 -42.12 -61.28
C5B LMT BQ . 56.39 -42.88 -62.53
C6B LMT BQ . 57.09 -42.44 -63.82
O1B LMT BQ . 56.31 -44.94 -60.19
O2B LMT BQ . 59.36 -44.68 -60.14
O3B LMT BQ . 59.32 -41.84 -61.43
O4' LMT BQ . 55.95 -42.20 -60.21
O5B LMT BQ . 56.45 -44.31 -62.41
O6B LMT BQ . 57.86 -43.53 -64.33
C1' LMT BQ . 55.41 -48.16 -57.55
C2' LMT BQ . 56.60 -47.25 -57.26
C3' LMT BQ . 56.46 -45.92 -58.00
C4' LMT BQ . 56.34 -46.19 -59.48
C5' LMT BQ . 55.06 -47.00 -59.68
C6' LMT BQ . 54.82 -47.36 -61.15
O1' LMT BQ . 55.74 -49.48 -57.10
O2' LMT BQ . 56.71 -46.99 -55.85
O3' LMT BQ . 57.57 -45.06 -57.73
O5' LMT BQ . 55.12 -48.23 -58.95
O6' LMT BQ . 54.34 -46.21 -61.86
C1 LMT BQ . 55.40 -49.75 -55.75
C2 LMT BQ . 55.78 -51.19 -55.42
C4 LMT BQ . 51.70 -52.39 -53.27
C5 LMT BQ . 50.87 -52.78 -52.06
C6 LMT BQ . 51.69 -53.61 -51.07
C7 LMT BQ . 51.39 -53.24 -49.62
C8 LMT BQ . 52.42 -53.88 -48.70
C9 LMT BQ . 52.99 -52.88 -47.71
C10 LMT BQ . 52.71 -53.30 -46.28
C11 LMT BQ . 53.75 -52.79 -45.30
#